data_1F52
#
_entry.id   1F52
#
_cell.length_a   230.600
_cell.length_b   132.500
_cell.length_c   195.900
_cell.angle_alpha   90.00
_cell.angle_beta   102.40
_cell.angle_gamma   90.00
#
_symmetry.space_group_name_H-M   'C 1 2 1'
#
loop_
_entity.id
_entity.type
_entity.pdbx_description
1 polymer 'GLUTAMINE SYNTHETASE'
2 non-polymer 'MANGANESE (II) ION'
3 non-polymer "ADENOSINE-5'-DIPHOSPHATE"
4 non-polymer (4S)-2-METHYL-2,4-PENTANEDIOL
5 water water
#
_entity_poly.entity_id   1
_entity_poly.type   'polypeptide(L)'
_entity_poly.pdbx_seq_one_letter_code
;SAEHVLTMLNEHEVKFVDLRFTDTKGKEQHVTIPAHQVNAEFFEEGKMFDGSSIGGWKGINESDMVLMPDASTAVIDPFF
ADSTLIIRCDILEPGTLQGYDRDPRSIAKRAEDYLRATGIADTVLFGPEPEFFLFDDIRFGASISGSHVAIDDIEGAWNS
STKYEGGNKGHRPGVKGGYFPVPPVDSAQDIRSEMCLVMEQMGLVVEAHHHEVATAGQNEVATRFNTMTKKADEIQIYKY
VVHNVAHRFGKTATFMPKPMFGDNGSGMHCHMSLAKNGTNLFSGDKYAGLSEQALYYIGGVIKHAKAINALANPTTNSYK
RLVPGYEAPVMLAYSARNRSASIRIPVVASPKARRIEVRFPDPAANPYLCFAALLMAGLDGIKNKIHPGEPMDKNLYDLP
PEEAKEIPQVAGSLEEALNALDLDREFLKAGGVFTDEAIDAYIALRREEDDRVRMTPHPVEFELYYSV
;
_entity_poly.pdbx_strand_id   A,B,C,D,E,F,G,H,I,J,K,L
#
# COMPACT_ATOMS: atom_id res chain seq x y z
N SER A 1 -41.57 48.80 -11.14
CA SER A 1 -41.40 49.81 -10.13
C SER A 1 -39.99 49.78 -9.56
N ALA A 2 -39.39 50.96 -9.67
CA ALA A 2 -38.08 51.19 -9.17
C ALA A 2 -38.17 51.51 -7.67
N GLU A 3 -39.36 51.85 -7.20
CA GLU A 3 -39.59 52.17 -5.78
C GLU A 3 -39.76 50.92 -4.96
N HIS A 4 -40.39 49.93 -5.59
CA HIS A 4 -40.64 48.64 -4.97
C HIS A 4 -39.27 48.01 -4.71
N VAL A 5 -38.36 48.24 -5.63
CA VAL A 5 -37.01 47.73 -5.51
C VAL A 5 -36.31 48.39 -4.33
N LEU A 6 -36.39 49.71 -4.25
CA LEU A 6 -35.72 50.42 -3.16
C LEU A 6 -36.27 50.03 -1.78
N THR A 7 -37.49 49.50 -1.74
CA THR A 7 -38.06 49.07 -0.45
C THR A 7 -37.64 47.64 -0.15
N MET A 8 -37.45 46.84 -1.20
CA MET A 8 -37.00 45.45 -1.05
C MET A 8 -35.58 45.47 -0.51
N LEU A 9 -34.83 46.52 -0.86
CA LEU A 9 -33.46 46.68 -0.39
C LEU A 9 -33.42 46.87 1.12
N ASN A 10 -34.38 47.61 1.65
CA ASN A 10 -34.44 47.85 3.09
C ASN A 10 -35.09 46.74 3.88
N GLU A 11 -36.13 46.16 3.27
CA GLU A 11 -36.91 45.09 3.86
C GLU A 11 -36.09 43.84 4.10
N HIS A 12 -35.18 43.55 3.16
CA HIS A 12 -34.32 42.37 3.26
C HIS A 12 -32.87 42.73 3.66
N GLU A 13 -32.63 44.00 3.99
CA GLU A 13 -31.30 44.47 4.39
C GLU A 13 -30.25 43.97 3.39
N VAL A 14 -30.52 44.22 2.12
CA VAL A 14 -29.68 43.81 1.03
C VAL A 14 -28.33 44.50 1.03
N LYS A 15 -27.28 43.71 0.84
CA LYS A 15 -25.92 44.23 0.81
C LYS A 15 -25.43 44.30 -0.64
N PHE A 16 -25.98 43.44 -1.51
CA PHE A 16 -25.57 43.44 -2.92
C PHE A 16 -26.69 43.25 -3.89
N VAL A 17 -26.43 43.67 -5.13
CA VAL A 17 -27.38 43.53 -6.21
C VAL A 17 -26.64 42.78 -7.28
N ASP A 18 -27.21 41.66 -7.67
CA ASP A 18 -26.62 40.80 -8.68
C ASP A 18 -27.35 41.01 -9.99
N LEU A 19 -26.66 41.67 -10.92
CA LEU A 19 -27.18 41.99 -12.23
C LEU A 19 -27.04 40.81 -13.15
N ARG A 20 -28.15 40.31 -13.68
CA ARG A 20 -28.08 39.16 -14.57
C ARG A 20 -28.58 39.33 -15.99
N PHE A 21 -27.95 38.56 -16.87
CA PHE A 21 -28.32 38.56 -18.25
C PHE A 21 -27.90 37.26 -18.92
N THR A 22 -28.33 37.05 -20.16
CA THR A 22 -28.02 35.82 -20.89
C THR A 22 -27.23 36.07 -22.15
N ASP A 23 -26.32 35.17 -22.48
CA ASP A 23 -25.53 35.35 -23.68
C ASP A 23 -26.21 34.64 -24.83
N THR A 24 -25.60 34.71 -25.99
CA THR A 24 -26.18 34.09 -27.16
C THR A 24 -26.41 32.59 -27.00
N LYS A 25 -25.48 31.88 -26.36
CA LYS A 25 -25.63 30.44 -26.17
C LYS A 25 -26.77 30.09 -25.23
N GLY A 26 -27.14 31.03 -24.38
CA GLY A 26 -28.26 30.80 -23.48
C GLY A 26 -27.88 30.73 -22.02
N LYS A 27 -26.61 31.00 -21.75
CA LYS A 27 -26.09 30.91 -20.41
C LYS A 27 -26.22 32.19 -19.63
N GLU A 28 -26.85 32.11 -18.46
CA GLU A 28 -27.05 33.26 -17.60
C GLU A 28 -25.69 33.76 -17.12
N GLN A 29 -25.51 35.08 -17.13
CA GLN A 29 -24.27 35.72 -16.72
C GLN A 29 -24.60 36.70 -15.63
N HIS A 30 -23.58 37.16 -14.89
CA HIS A 30 -23.84 38.11 -13.82
C HIS A 30 -22.64 38.92 -13.41
N VAL A 31 -22.95 40.03 -12.75
CA VAL A 31 -21.96 40.94 -12.21
C VAL A 31 -22.66 41.54 -10.98
N THR A 32 -21.90 41.84 -9.95
CA THR A 32 -22.47 42.31 -8.70
C THR A 32 -22.00 43.70 -8.30
N ILE A 33 -22.92 44.47 -7.72
CA ILE A 33 -22.58 45.81 -7.22
C ILE A 33 -23.19 45.93 -5.84
N PRO A 34 -22.55 46.71 -4.96
CA PRO A 34 -23.03 46.90 -3.59
C PRO A 34 -24.40 47.56 -3.69
N ALA A 35 -25.28 47.29 -2.73
CA ALA A 35 -26.60 47.89 -2.77
C ALA A 35 -26.53 49.42 -2.83
N HIS A 36 -25.54 49.99 -2.14
CA HIS A 36 -25.38 51.44 -2.11
C HIS A 36 -25.06 52.09 -3.46
N GLN A 37 -24.89 51.28 -4.50
CA GLN A 37 -24.61 51.80 -5.83
C GLN A 37 -25.91 51.94 -6.63
N VAL A 38 -27.00 51.53 -6.01
CA VAL A 38 -28.33 51.61 -6.62
C VAL A 38 -28.99 52.93 -6.27
N ASN A 39 -29.15 53.76 -7.28
CA ASN A 39 -29.73 55.08 -7.15
C ASN A 39 -30.73 55.32 -8.27
N ALA A 40 -31.23 56.54 -8.36
CA ALA A 40 -32.20 56.90 -9.38
C ALA A 40 -31.60 56.73 -10.78
N GLU A 41 -30.38 57.19 -10.95
CA GLU A 41 -29.67 57.09 -12.23
C GLU A 41 -29.67 55.67 -12.76
N PHE A 42 -29.22 54.76 -11.92
CA PHE A 42 -29.16 53.34 -12.18
C PHE A 42 -30.32 52.82 -13.04
N PHE A 43 -31.55 53.14 -12.65
CA PHE A 43 -32.71 52.70 -13.40
C PHE A 43 -32.98 53.36 -14.73
N GLU A 44 -32.62 54.63 -14.87
CA GLU A 44 -32.88 55.33 -16.10
C GLU A 44 -31.78 55.19 -17.11
N GLU A 45 -30.53 55.11 -16.64
CA GLU A 45 -29.42 54.97 -17.56
C GLU A 45 -28.58 53.70 -17.46
N GLY A 46 -28.92 52.82 -16.51
CA GLY A 46 -28.20 51.58 -16.33
C GLY A 46 -26.73 51.73 -15.97
N LYS A 47 -25.96 50.67 -16.18
CA LYS A 47 -24.52 50.66 -15.89
C LYS A 47 -23.78 50.21 -17.14
N MET A 48 -22.56 50.71 -17.31
CA MET A 48 -21.72 50.39 -18.45
C MET A 48 -20.87 49.15 -18.26
N PHE A 49 -20.67 48.41 -19.35
CA PHE A 49 -19.81 47.23 -19.31
C PHE A 49 -19.25 46.92 -20.67
N ASP A 50 -18.18 46.14 -20.66
CA ASP A 50 -17.47 45.74 -21.86
C ASP A 50 -18.21 44.68 -22.68
N GLY A 51 -18.60 45.06 -23.88
CA GLY A 51 -19.30 44.14 -24.75
C GLY A 51 -18.40 43.05 -25.29
N SER A 52 -17.21 43.42 -25.78
CA SER A 52 -16.25 42.49 -26.36
C SER A 52 -15.92 41.21 -25.59
N SER A 53 -16.29 41.17 -24.32
CA SER A 53 -16.01 40.02 -23.45
C SER A 53 -16.91 38.79 -23.61
N ILE A 54 -18.15 39.02 -24.06
CA ILE A 54 -19.12 37.95 -24.30
C ILE A 54 -18.96 37.38 -25.70
N GLY A 55 -19.04 36.06 -25.83
CA GLY A 55 -18.88 35.45 -27.13
C GLY A 55 -19.93 35.85 -28.14
N GLY A 56 -19.51 36.20 -29.35
CA GLY A 56 -20.42 36.56 -30.42
C GLY A 56 -21.04 37.94 -30.29
N TRP A 57 -20.44 38.82 -29.48
CA TRP A 57 -21.02 40.13 -29.34
C TRP A 57 -20.18 41.17 -30.08
N LYS A 58 -19.98 42.36 -29.48
CA LYS A 58 -19.21 43.42 -30.15
C LYS A 58 -17.76 42.99 -30.42
N GLY A 59 -17.19 43.45 -31.51
CA GLY A 59 -15.83 43.09 -31.85
C GLY A 59 -14.79 44.09 -31.36
N ILE A 60 -13.75 44.23 -32.19
CA ILE A 60 -12.59 45.10 -31.94
C ILE A 60 -12.86 46.57 -31.65
N ASN A 61 -13.87 47.16 -32.23
CA ASN A 61 -13.97 48.61 -32.10
C ASN A 61 -15.00 49.20 -31.20
N GLU A 62 -16.14 48.55 -31.13
CA GLU A 62 -17.32 49.04 -30.39
C GLU A 62 -17.62 48.33 -29.10
N SER A 63 -16.64 48.14 -28.26
CA SER A 63 -16.84 47.37 -27.03
C SER A 63 -17.95 47.79 -26.07
N ASP A 64 -17.97 49.06 -25.69
CA ASP A 64 -18.92 49.44 -24.64
C ASP A 64 -20.42 49.49 -24.94
N MET A 65 -21.14 48.91 -23.97
CA MET A 65 -22.58 48.75 -23.99
C MET A 65 -23.25 48.97 -22.64
N VAL A 66 -24.59 48.99 -22.65
CA VAL A 66 -25.37 49.24 -21.44
C VAL A 66 -26.18 48.09 -20.83
N LEU A 67 -26.10 47.97 -19.52
CA LEU A 67 -26.84 46.97 -18.75
C LEU A 67 -28.04 47.71 -18.17
N MET A 68 -29.23 47.43 -18.68
CA MET A 68 -30.41 48.12 -18.21
C MET A 68 -31.24 47.29 -17.26
N PRO A 69 -31.20 47.61 -15.97
CA PRO A 69 -31.98 46.85 -14.99
C PRO A 69 -33.47 46.91 -15.27
N ASP A 70 -34.10 45.75 -15.20
CA ASP A 70 -35.54 45.64 -15.39
C ASP A 70 -36.09 45.42 -13.99
N ALA A 71 -36.57 46.51 -13.39
CA ALA A 71 -37.10 46.49 -12.05
C ALA A 71 -38.22 45.50 -11.75
N SER A 72 -38.86 44.98 -12.79
CA SER A 72 -39.93 44.02 -12.56
C SER A 72 -39.41 42.64 -12.15
N THR A 73 -38.15 42.38 -12.46
CA THR A 73 -37.50 41.10 -12.19
C THR A 73 -36.85 40.91 -10.83
N ALA A 74 -36.87 41.93 -9.98
CA ALA A 74 -36.22 41.83 -8.69
C ALA A 74 -36.64 40.64 -7.80
N VAL A 75 -35.65 39.84 -7.43
CA VAL A 75 -35.87 38.69 -6.57
C VAL A 75 -34.61 38.38 -5.81
N ILE A 76 -34.79 37.99 -4.55
CA ILE A 76 -33.70 37.65 -3.64
C ILE A 76 -33.01 36.35 -4.02
N ASP A 77 -31.69 36.30 -3.92
CA ASP A 77 -30.96 35.09 -4.21
C ASP A 77 -31.01 34.25 -2.94
N PRO A 78 -31.48 33.00 -3.06
CA PRO A 78 -31.61 32.10 -1.92
C PRO A 78 -30.40 31.31 -1.52
N PHE A 79 -29.30 31.49 -2.26
CA PHE A 79 -28.07 30.76 -1.98
C PHE A 79 -26.91 31.57 -1.46
N PHE A 80 -26.72 32.77 -1.99
CA PHE A 80 -25.60 33.63 -1.56
C PHE A 80 -25.63 33.85 -0.05
N ALA A 81 -24.45 33.94 0.55
CA ALA A 81 -24.31 34.12 2.00
C ALA A 81 -24.75 35.45 2.57
N ASP A 82 -24.51 36.50 1.81
CA ASP A 82 -24.85 37.87 2.16
C ASP A 82 -26.10 38.21 1.39
N SER A 83 -27.05 38.90 2.01
CA SER A 83 -28.31 39.26 1.35
C SER A 83 -28.11 39.96 0.03
N THR A 84 -28.58 39.33 -1.05
CA THR A 84 -28.40 39.97 -2.34
C THR A 84 -29.61 39.84 -3.24
N LEU A 85 -29.87 40.91 -3.95
CA LEU A 85 -31.01 41.01 -4.81
C LEU A 85 -30.63 40.86 -6.25
N ILE A 86 -31.33 39.97 -6.92
CA ILE A 86 -31.09 39.72 -8.33
C ILE A 86 -31.98 40.61 -9.17
N ILE A 87 -31.42 41.23 -10.19
CA ILE A 87 -32.16 42.07 -11.11
C ILE A 87 -31.69 41.73 -12.50
N ARG A 88 -32.62 41.20 -13.29
CA ARG A 88 -32.35 40.82 -14.66
C ARG A 88 -32.19 42.12 -15.43
N CYS A 89 -31.36 42.13 -16.46
CA CYS A 89 -31.11 43.34 -17.23
C CYS A 89 -31.21 43.10 -18.70
N ASP A 90 -31.46 44.13 -19.49
CA ASP A 90 -31.47 43.97 -20.96
C ASP A 90 -30.17 44.65 -21.37
N ILE A 91 -29.70 44.33 -22.56
CA ILE A 91 -28.48 44.92 -23.07
C ILE A 91 -28.87 45.94 -24.12
N LEU A 92 -28.58 47.21 -23.85
CA LEU A 92 -28.94 48.28 -24.76
C LEU A 92 -27.72 48.89 -25.41
N GLU A 93 -27.94 49.43 -26.60
CA GLU A 93 -26.89 50.11 -27.37
C GLU A 93 -26.73 51.45 -26.63
N PRO A 94 -25.48 51.92 -26.40
CA PRO A 94 -25.27 53.19 -25.69
C PRO A 94 -25.81 54.42 -26.43
N GLY A 95 -26.30 55.38 -25.68
CA GLY A 95 -26.84 56.59 -26.27
C GLY A 95 -28.24 56.34 -26.79
N THR A 96 -28.33 55.55 -27.86
CA THR A 96 -29.62 55.20 -28.44
C THR A 96 -30.49 54.47 -27.42
N LEU A 97 -29.85 53.72 -26.53
CA LEU A 97 -30.54 52.93 -25.50
C LEU A 97 -31.62 52.08 -26.15
N GLN A 98 -31.29 51.54 -27.31
CA GLN A 98 -32.28 50.80 -28.08
C GLN A 98 -32.55 49.36 -27.69
N GLY A 99 -31.53 48.56 -27.65
CA GLY A 99 -31.71 47.15 -27.40
C GLY A 99 -30.88 46.48 -28.45
N TYR A 100 -29.76 45.95 -27.97
CA TYR A 100 -28.77 45.30 -28.78
C TYR A 100 -29.36 44.21 -29.68
N ASP A 101 -28.98 44.25 -30.95
CA ASP A 101 -29.45 43.29 -31.93
C ASP A 101 -29.18 41.86 -31.52
N ARG A 102 -28.04 41.67 -30.86
CA ARG A 102 -27.63 40.35 -30.42
C ARG A 102 -28.05 39.96 -29.00
N ASP A 103 -28.76 40.84 -28.29
CA ASP A 103 -29.24 40.53 -26.94
C ASP A 103 -30.50 39.66 -27.07
N PRO A 104 -30.40 38.39 -26.64
CA PRO A 104 -31.50 37.44 -26.71
C PRO A 104 -32.74 37.87 -25.97
N ARG A 105 -32.61 38.67 -24.94
CA ARG A 105 -33.82 39.07 -24.24
C ARG A 105 -34.50 40.16 -25.02
N SER A 106 -33.70 41.05 -25.62
CA SER A 106 -34.25 42.13 -26.43
C SER A 106 -34.98 41.52 -27.63
N ILE A 107 -34.36 40.50 -28.21
CA ILE A 107 -34.93 39.80 -29.35
C ILE A 107 -36.26 39.16 -29.02
N ALA A 108 -36.35 38.59 -27.84
CA ALA A 108 -37.58 37.95 -27.42
C ALA A 108 -38.64 39.00 -27.18
N LYS A 109 -38.24 40.15 -26.64
CA LYS A 109 -39.20 41.22 -26.38
C LYS A 109 -39.71 41.75 -27.73
N ARG A 110 -38.80 41.94 -28.68
CA ARG A 110 -39.15 42.42 -30.01
C ARG A 110 -40.19 41.51 -30.65
N ALA A 111 -40.04 40.22 -30.42
CA ALA A 111 -40.95 39.24 -30.98
C ALA A 111 -42.32 39.33 -30.34
N GLU A 112 -42.39 39.68 -29.06
CA GLU A 112 -43.69 39.79 -28.40
C GLU A 112 -44.36 41.06 -28.92
N ASP A 113 -43.55 42.07 -29.21
CA ASP A 113 -44.04 43.34 -29.75
C ASP A 113 -44.67 43.08 -31.11
N TYR A 114 -43.88 42.50 -32.02
CA TYR A 114 -44.35 42.18 -33.36
C TYR A 114 -45.65 41.38 -33.38
N LEU A 115 -45.87 40.59 -32.34
CA LEU A 115 -47.10 39.79 -32.23
C LEU A 115 -48.26 40.76 -32.10
N ARG A 116 -48.16 41.65 -31.11
CA ARG A 116 -49.19 42.65 -30.88
C ARG A 116 -49.39 43.54 -32.11
N ALA A 117 -48.28 43.91 -32.74
CA ALA A 117 -48.31 44.75 -33.94
C ALA A 117 -49.13 44.16 -35.08
N THR A 118 -48.89 42.90 -35.43
CA THR A 118 -49.63 42.25 -36.52
C THR A 118 -51.09 42.16 -36.12
N GLY A 119 -51.34 42.37 -34.83
CA GLY A 119 -52.69 42.28 -34.32
C GLY A 119 -53.24 40.87 -34.29
N ILE A 120 -52.41 39.88 -34.62
CA ILE A 120 -52.85 38.49 -34.60
C ILE A 120 -53.31 38.04 -33.22
N ALA A 121 -52.65 38.56 -32.18
CA ALA A 121 -52.97 38.26 -30.78
C ALA A 121 -52.25 39.28 -29.93
N ASP A 122 -52.54 39.33 -28.63
CA ASP A 122 -51.85 40.31 -27.79
C ASP A 122 -50.84 39.73 -26.79
N THR A 123 -50.86 38.40 -26.61
CA THR A 123 -49.92 37.71 -25.72
C THR A 123 -49.69 36.27 -26.18
N VAL A 124 -48.46 35.78 -26.00
CA VAL A 124 -48.08 34.41 -26.35
C VAL A 124 -47.86 33.62 -25.07
N LEU A 125 -48.34 32.39 -25.02
CA LEU A 125 -48.17 31.58 -23.84
C LEU A 125 -47.25 30.40 -24.03
N PHE A 126 -46.21 30.32 -23.20
CA PHE A 126 -45.23 29.24 -23.25
C PHE A 126 -45.19 28.43 -21.98
N GLY A 127 -45.27 27.12 -22.16
CA GLY A 127 -45.19 26.20 -21.04
C GLY A 127 -44.16 25.14 -21.36
N PRO A 128 -42.87 25.44 -21.20
CA PRO A 128 -41.81 24.47 -21.49
C PRO A 128 -41.64 23.47 -20.34
N GLU A 129 -41.19 22.27 -20.67
CA GLU A 129 -41.02 21.21 -19.67
C GLU A 129 -39.59 20.71 -19.69
N PRO A 130 -38.67 21.49 -19.13
CA PRO A 130 -37.30 21.01 -19.15
C PRO A 130 -37.06 19.88 -18.16
N GLU A 131 -36.34 18.87 -18.64
CA GLU A 131 -35.97 17.70 -17.85
C GLU A 131 -34.47 17.84 -17.56
N PHE A 132 -33.97 17.11 -16.56
CA PHE A 132 -32.54 17.20 -16.27
C PHE A 132 -32.03 15.97 -15.54
N PHE A 133 -30.71 15.89 -15.39
CA PHE A 133 -30.09 14.78 -14.68
C PHE A 133 -29.33 15.25 -13.47
N LEU A 134 -29.36 14.42 -12.43
CA LEU A 134 -28.63 14.69 -11.19
C LEU A 134 -27.61 13.59 -10.96
N PHE A 135 -26.33 13.93 -11.01
CA PHE A 135 -25.26 12.94 -10.82
C PHE A 135 -24.46 13.24 -9.57
N ASP A 136 -23.54 12.34 -9.26
CA ASP A 136 -22.65 12.48 -8.12
C ASP A 136 -21.26 12.85 -8.62
N ASP A 137 -20.89 12.31 -9.77
CA ASP A 137 -19.55 12.51 -10.33
C ASP A 137 -19.64 12.60 -11.83
N ILE A 138 -18.97 13.60 -12.40
CA ILE A 138 -18.90 13.79 -13.83
C ILE A 138 -17.46 14.15 -14.14
N ARG A 139 -16.84 13.36 -14.99
CA ARG A 139 -15.44 13.53 -15.37
C ARG A 139 -15.31 13.45 -16.85
N PHE A 140 -14.51 14.32 -17.45
CA PHE A 140 -14.29 14.25 -18.88
C PHE A 140 -13.05 15.03 -19.26
N GLY A 141 -12.58 14.78 -20.47
CA GLY A 141 -11.40 15.46 -20.96
C GLY A 141 -11.11 15.03 -22.37
N ALA A 142 -10.19 15.74 -23.01
CA ALA A 142 -9.78 15.44 -24.37
C ALA A 142 -8.48 16.14 -24.61
N SER A 143 -7.51 15.37 -25.06
CA SER A 143 -6.19 15.90 -25.36
C SER A 143 -5.71 15.12 -26.56
N ILE A 144 -4.47 15.38 -26.96
CA ILE A 144 -3.96 14.72 -28.14
C ILE A 144 -3.97 13.19 -28.03
N SER A 145 -3.70 12.67 -26.85
CA SER A 145 -3.61 11.22 -26.68
C SER A 145 -4.91 10.51 -26.37
N GLY A 146 -6.02 11.22 -26.40
CA GLY A 146 -7.29 10.54 -26.16
C GLY A 146 -8.37 11.44 -25.65
N SER A 147 -9.40 10.85 -25.12
CA SER A 147 -10.54 11.61 -24.58
C SER A 147 -11.44 10.65 -23.82
N HIS A 148 -12.29 11.20 -22.98
CA HIS A 148 -13.18 10.35 -22.23
C HIS A 148 -14.26 11.11 -21.51
N VAL A 149 -15.26 10.36 -21.05
CA VAL A 149 -16.34 10.89 -20.23
C VAL A 149 -16.81 9.76 -19.36
N ALA A 150 -16.90 10.08 -18.09
CA ALA A 150 -17.34 9.11 -17.11
C ALA A 150 -18.43 9.67 -16.25
N ILE A 151 -19.58 9.02 -16.19
CA ILE A 151 -20.70 9.52 -15.40
C ILE A 151 -20.91 8.63 -14.21
N ASP A 152 -21.30 9.21 -13.08
CA ASP A 152 -21.57 8.35 -11.95
C ASP A 152 -22.61 8.92 -11.03
N ASP A 153 -23.50 8.05 -10.58
CA ASP A 153 -24.54 8.43 -9.66
C ASP A 153 -24.95 7.23 -8.85
N ILE A 154 -25.38 7.50 -7.63
CA ILE A 154 -25.79 6.42 -6.76
C ILE A 154 -26.97 5.64 -7.30
N GLU A 155 -27.71 6.24 -8.22
CA GLU A 155 -28.87 5.58 -8.81
C GLU A 155 -28.51 4.79 -10.05
N GLY A 156 -27.37 5.06 -10.63
CA GLY A 156 -27.00 4.35 -11.84
C GLY A 156 -27.12 2.85 -11.71
N ALA A 157 -27.80 2.23 -12.67
CA ALA A 157 -27.99 0.79 -12.60
C ALA A 157 -26.67 0.03 -12.54
N TRP A 158 -25.63 0.60 -13.15
CA TRP A 158 -24.32 -0.04 -13.17
C TRP A 158 -23.72 -0.22 -11.80
N ASN A 159 -24.20 0.54 -10.83
CA ASN A 159 -23.68 0.44 -9.48
C ASN A 159 -24.29 -0.69 -8.67
N SER A 160 -25.08 -1.52 -9.33
CA SER A 160 -25.68 -2.65 -8.62
C SER A 160 -24.57 -3.57 -8.10
N SER A 161 -23.40 -3.49 -8.73
CA SER A 161 -22.26 -4.31 -8.36
C SER A 161 -21.15 -3.60 -7.58
N THR A 162 -21.29 -2.28 -7.41
CA THR A 162 -20.27 -1.49 -6.73
C THR A 162 -20.14 -1.70 -5.24
N LYS A 163 -18.90 -1.77 -4.76
CA LYS A 163 -18.68 -1.93 -3.32
C LYS A 163 -18.69 -0.53 -2.72
N TYR A 164 -19.45 -0.37 -1.65
CA TYR A 164 -19.55 0.91 -0.97
C TYR A 164 -19.03 0.76 0.45
N GLU A 165 -18.50 1.86 0.97
CA GLU A 165 -17.95 1.92 2.32
C GLU A 165 -18.90 1.31 3.34
N GLY A 166 -20.12 1.82 3.40
CA GLY A 166 -21.08 1.31 4.36
C GLY A 166 -22.03 0.26 3.82
N GLY A 167 -21.63 -0.39 2.73
CA GLY A 167 -22.46 -1.41 2.11
C GLY A 167 -23.32 -0.84 0.99
N ASN A 168 -23.56 -1.64 -0.04
CA ASN A 168 -24.40 -1.26 -1.17
C ASN A 168 -25.83 -1.55 -0.74
N LYS A 169 -26.68 -0.53 -0.67
CA LYS A 169 -28.07 -0.68 -0.22
C LYS A 169 -29.05 -1.07 -1.32
N GLY A 170 -28.45 -1.17 -2.46
CA GLY A 170 -29.01 -1.50 -3.71
C GLY A 170 -30.52 -1.43 -3.98
N HIS A 171 -31.12 -0.24 -4.07
CA HIS A 171 -32.49 -0.12 -4.62
C HIS A 171 -32.39 0.94 -5.67
N ARG A 172 -32.09 0.52 -6.88
CA ARG A 172 -31.84 1.46 -7.94
C ARG A 172 -32.77 1.29 -9.12
N PRO A 173 -33.03 2.39 -9.82
CA PRO A 173 -33.89 2.38 -11.00
C PRO A 173 -33.08 1.72 -12.10
N GLY A 174 -33.65 0.71 -12.73
CA GLY A 174 -32.94 0.05 -13.82
C GLY A 174 -32.94 0.94 -15.05
N VAL A 175 -32.32 0.49 -16.13
CA VAL A 175 -32.28 1.29 -17.35
C VAL A 175 -33.71 1.50 -17.85
N LYS A 176 -34.05 2.76 -18.14
CA LYS A 176 -35.41 3.14 -18.59
C LYS A 176 -36.46 2.78 -17.53
N GLY A 177 -36.03 2.56 -16.29
CA GLY A 177 -36.98 2.14 -15.25
C GLY A 177 -37.19 3.19 -14.13
N GLY A 178 -36.99 4.46 -14.45
CA GLY A 178 -37.13 5.50 -13.46
C GLY A 178 -38.54 6.04 -13.31
N TYR A 179 -39.45 5.69 -14.24
CA TYR A 179 -40.80 6.27 -14.12
C TYR A 179 -41.63 5.73 -12.95
N PHE A 180 -41.38 6.43 -11.82
CA PHE A 180 -42.13 6.52 -10.53
C PHE A 180 -41.90 5.48 -9.42
N PRO A 181 -40.99 4.51 -9.48
CA PRO A 181 -40.84 3.74 -8.26
C PRO A 181 -40.73 4.60 -7.04
N VAL A 182 -41.50 4.34 -6.00
CA VAL A 182 -41.38 5.17 -4.79
C VAL A 182 -40.04 4.96 -4.12
N PRO A 183 -39.64 5.89 -3.24
CA PRO A 183 -38.37 5.73 -2.53
C PRO A 183 -38.41 4.40 -1.79
N PRO A 184 -37.25 3.84 -1.49
CA PRO A 184 -35.92 4.35 -1.81
C PRO A 184 -35.39 4.20 -3.22
N VAL A 185 -36.13 3.55 -4.12
CA VAL A 185 -35.64 3.43 -5.50
C VAL A 185 -35.42 4.83 -6.04
N ASP A 186 -36.39 5.71 -5.79
CA ASP A 186 -36.29 7.10 -6.20
C ASP A 186 -35.57 7.77 -5.04
N SER A 187 -34.34 8.22 -5.28
CA SER A 187 -33.54 8.83 -4.23
C SER A 187 -33.65 10.33 -4.18
N ALA A 188 -34.46 10.93 -5.05
CA ALA A 188 -34.51 12.38 -5.12
C ALA A 188 -35.76 13.13 -4.70
N GLN A 189 -36.56 12.54 -3.81
CA GLN A 189 -37.76 13.22 -3.40
C GLN A 189 -37.46 14.51 -2.66
N ASP A 190 -36.65 14.43 -1.60
CA ASP A 190 -36.33 15.63 -0.83
C ASP A 190 -35.72 16.73 -1.68
N ILE A 191 -34.84 16.34 -2.60
CA ILE A 191 -34.19 17.35 -3.41
C ILE A 191 -35.15 17.98 -4.42
N ARG A 192 -36.01 17.17 -5.04
CA ARG A 192 -36.96 17.74 -5.99
C ARG A 192 -37.86 18.74 -5.26
N SER A 193 -38.25 18.46 -4.03
CA SER A 193 -39.07 19.44 -3.35
C SER A 193 -38.39 20.71 -2.95
N GLU A 194 -37.12 20.63 -2.54
CA GLU A 194 -36.38 21.84 -2.20
C GLU A 194 -36.36 22.68 -3.46
N MET A 195 -36.10 22.04 -4.60
CA MET A 195 -36.05 22.79 -5.85
C MET A 195 -37.38 23.49 -6.07
N CYS A 196 -38.47 22.79 -5.75
CA CYS A 196 -39.80 23.38 -5.91
C CYS A 196 -39.99 24.58 -4.99
N LEU A 197 -39.75 24.38 -3.71
CA LEU A 197 -39.91 25.46 -2.77
C LEU A 197 -39.09 26.67 -3.16
N VAL A 198 -37.84 26.43 -3.53
CA VAL A 198 -36.96 27.54 -3.90
C VAL A 198 -37.43 28.19 -5.18
N MET A 199 -37.88 27.39 -6.14
CA MET A 199 -38.36 27.96 -7.40
C MET A 199 -39.51 28.90 -7.12
N GLU A 200 -40.39 28.50 -6.21
CA GLU A 200 -41.51 29.35 -5.88
C GLU A 200 -41.10 30.59 -5.10
N GLN A 201 -40.09 30.46 -4.25
CA GLN A 201 -39.61 31.63 -3.53
C GLN A 201 -39.06 32.62 -4.55
N MET A 202 -38.74 32.12 -5.73
CA MET A 202 -38.21 32.98 -6.77
C MET A 202 -39.23 33.38 -7.83
N GLY A 203 -40.51 33.17 -7.53
CA GLY A 203 -41.56 33.58 -8.45
C GLY A 203 -42.15 32.59 -9.41
N LEU A 204 -41.60 31.39 -9.44
CA LEU A 204 -42.14 30.40 -10.33
C LEU A 204 -43.32 29.73 -9.64
N VAL A 205 -44.17 29.08 -10.42
CA VAL A 205 -45.30 28.37 -9.85
C VAL A 205 -45.15 26.94 -10.30
N VAL A 206 -45.03 26.07 -9.32
CA VAL A 206 -44.81 24.66 -9.58
C VAL A 206 -46.08 23.86 -9.69
N GLU A 207 -46.15 23.00 -10.69
CA GLU A 207 -47.31 22.16 -10.88
C GLU A 207 -47.07 20.72 -10.43
N ALA A 208 -45.84 20.24 -10.61
CA ALA A 208 -45.52 18.89 -10.19
C ALA A 208 -44.04 18.58 -10.28
N HIS A 209 -43.64 17.50 -9.63
CA HIS A 209 -42.27 17.05 -9.70
C HIS A 209 -42.24 15.54 -9.60
N HIS A 210 -41.33 14.97 -10.36
CA HIS A 210 -41.24 13.52 -10.39
C HIS A 210 -39.92 13.06 -10.98
N HIS A 211 -39.61 11.82 -10.75
CA HIS A 211 -38.42 11.20 -11.30
C HIS A 211 -38.74 10.97 -12.76
N GLU A 212 -37.75 11.02 -13.65
CA GLU A 212 -38.05 10.76 -15.05
C GLU A 212 -37.67 9.33 -15.40
N VAL A 213 -37.65 8.99 -16.70
CA VAL A 213 -37.42 7.62 -17.13
C VAL A 213 -36.04 7.03 -16.90
N ALA A 214 -35.00 7.77 -17.22
CA ALA A 214 -33.65 7.21 -17.16
C ALA A 214 -33.14 6.86 -15.78
N THR A 215 -32.26 5.86 -15.73
CA THR A 215 -31.61 5.46 -14.50
C THR A 215 -30.64 6.60 -14.20
N ALA A 216 -29.96 6.55 -13.08
CA ALA A 216 -28.96 7.54 -12.80
C ALA A 216 -29.44 8.99 -12.64
N GLY A 217 -30.62 9.20 -12.05
CA GLY A 217 -31.05 10.55 -11.71
C GLY A 217 -31.72 11.47 -12.72
N GLN A 218 -32.49 10.95 -13.65
CA GLN A 218 -33.20 11.90 -14.50
C GLN A 218 -34.39 12.36 -13.70
N ASN A 219 -34.63 13.67 -13.68
CA ASN A 219 -35.73 14.21 -12.89
C ASN A 219 -36.41 15.34 -13.62
N GLU A 220 -37.57 15.77 -13.12
CA GLU A 220 -38.30 16.88 -13.73
C GLU A 220 -39.16 17.66 -12.75
N VAL A 221 -39.11 18.98 -12.86
CA VAL A 221 -39.95 19.90 -12.10
C VAL A 221 -40.78 20.63 -13.12
N ALA A 222 -42.09 20.43 -13.05
CA ALA A 222 -43.01 21.07 -13.97
C ALA A 222 -43.53 22.36 -13.40
N THR A 223 -43.37 23.42 -14.17
CA THR A 223 -43.81 24.74 -13.74
C THR A 223 -44.94 25.29 -14.64
N ARG A 224 -45.76 26.18 -14.09
CA ARG A 224 -46.85 26.80 -14.84
C ARG A 224 -46.30 27.71 -15.92
N PHE A 225 -47.05 27.73 -17.03
CA PHE A 225 -46.69 28.53 -18.19
C PHE A 225 -46.71 29.99 -17.77
N ASN A 226 -46.37 30.87 -18.70
CA ASN A 226 -46.33 32.30 -18.49
C ASN A 226 -46.15 32.93 -19.87
N THR A 227 -46.18 34.25 -19.94
CA THR A 227 -46.00 34.91 -21.22
C THR A 227 -44.59 34.63 -21.68
N MET A 228 -44.40 34.51 -22.98
CA MET A 228 -43.11 34.14 -23.57
C MET A 228 -41.85 34.68 -22.87
N THR A 229 -41.60 36.00 -22.94
CA THR A 229 -40.37 36.50 -22.33
C THR A 229 -40.25 36.23 -20.82
N LYS A 230 -41.35 36.33 -20.08
CA LYS A 230 -41.27 36.06 -18.65
C LYS A 230 -40.95 34.58 -18.41
N LYS A 231 -41.36 33.72 -19.33
CA LYS A 231 -41.11 32.29 -19.16
C LYS A 231 -39.66 31.95 -19.40
N ALA A 232 -39.04 32.59 -20.39
CA ALA A 232 -37.64 32.37 -20.67
C ALA A 232 -36.84 32.82 -19.44
N ASP A 233 -37.30 33.90 -18.81
CA ASP A 233 -36.66 34.38 -17.60
C ASP A 233 -36.79 33.24 -16.59
N GLU A 234 -38.00 32.70 -16.47
CA GLU A 234 -38.25 31.60 -15.54
C GLU A 234 -37.38 30.38 -15.81
N ILE A 235 -37.09 30.11 -17.08
CA ILE A 235 -36.25 28.97 -17.44
C ILE A 235 -34.86 29.18 -16.86
N GLN A 236 -34.33 30.39 -17.03
CA GLN A 236 -33.02 30.73 -16.50
C GLN A 236 -32.94 30.54 -14.98
N ILE A 237 -34.01 30.97 -14.30
CA ILE A 237 -34.11 30.87 -12.85
C ILE A 237 -34.23 29.40 -12.49
N TYR A 238 -35.03 28.73 -13.26
CA TYR A 238 -35.26 27.31 -13.08
C TYR A 238 -33.93 26.56 -13.10
N LYS A 239 -33.15 26.80 -14.15
CA LYS A 239 -31.85 26.16 -14.28
C LYS A 239 -30.95 26.53 -13.12
N TYR A 240 -30.99 27.80 -12.76
CA TYR A 240 -30.18 28.28 -11.67
C TYR A 240 -30.51 27.55 -10.39
N VAL A 241 -31.80 27.42 -10.10
CA VAL A 241 -32.21 26.74 -8.89
C VAL A 241 -31.78 25.28 -8.94
N VAL A 242 -32.04 24.63 -10.06
CA VAL A 242 -31.68 23.22 -10.20
C VAL A 242 -30.18 23.03 -9.98
N HIS A 243 -29.37 23.82 -10.69
CA HIS A 243 -27.93 23.70 -10.58
C HIS A 243 -27.42 23.93 -9.18
N ASN A 244 -27.94 24.96 -8.53
CA ASN A 244 -27.48 25.28 -7.20
C ASN A 244 -28.02 24.44 -6.06
N VAL A 245 -29.26 23.97 -6.18
CA VAL A 245 -29.77 23.12 -5.11
C VAL A 245 -29.01 21.81 -5.20
N ALA A 246 -28.77 21.36 -6.43
CA ALA A 246 -28.02 20.12 -6.62
C ALA A 246 -26.64 20.26 -5.98
N HIS A 247 -25.96 21.35 -6.27
CA HIS A 247 -24.63 21.62 -5.73
C HIS A 247 -24.69 21.60 -4.22
N ARG A 248 -25.68 22.23 -3.63
CA ARG A 248 -25.81 22.25 -2.18
C ARG A 248 -26.08 20.88 -1.60
N PHE A 249 -26.65 19.98 -2.39
CA PHE A 249 -26.95 18.63 -1.91
C PHE A 249 -25.84 17.66 -2.21
N GLY A 250 -24.73 18.15 -2.76
CA GLY A 250 -23.64 17.27 -3.07
C GLY A 250 -23.81 16.58 -4.42
N LYS A 251 -24.66 17.14 -5.27
CA LYS A 251 -24.83 16.55 -6.58
C LYS A 251 -24.38 17.55 -7.65
N THR A 252 -24.59 17.19 -8.90
CA THR A 252 -24.23 18.06 -10.00
C THR A 252 -25.29 17.81 -11.04
N ALA A 253 -25.96 18.86 -11.49
CA ALA A 253 -27.02 18.70 -12.48
C ALA A 253 -26.63 19.13 -13.85
N THR A 254 -27.20 18.47 -14.85
CA THR A 254 -26.94 18.88 -16.22
C THR A 254 -28.22 18.88 -17.07
N PHE A 255 -28.31 19.88 -17.94
CA PHE A 255 -29.43 19.98 -18.84
C PHE A 255 -29.03 19.51 -20.24
N MET A 256 -27.89 18.82 -20.36
CA MET A 256 -27.45 18.29 -21.65
C MET A 256 -28.58 17.41 -22.15
N PRO A 257 -28.81 17.40 -23.45
CA PRO A 257 -29.89 16.55 -23.94
C PRO A 257 -29.70 15.04 -23.93
N LYS A 258 -28.49 14.55 -24.20
CA LYS A 258 -28.27 13.10 -24.19
C LYS A 258 -26.94 12.76 -23.54
N PRO A 259 -26.90 12.66 -22.21
CA PRO A 259 -25.62 12.34 -21.59
C PRO A 259 -25.27 10.85 -21.70
N MET A 260 -26.28 10.01 -21.89
CA MET A 260 -26.02 8.58 -21.98
C MET A 260 -26.65 7.88 -23.16
N PHE A 261 -25.84 7.05 -23.78
CA PHE A 261 -26.35 6.26 -24.88
C PHE A 261 -27.09 5.08 -24.25
N GLY A 262 -28.31 4.77 -24.68
CA GLY A 262 -28.97 3.61 -24.11
C GLY A 262 -30.08 3.89 -23.14
N ASP A 263 -30.24 5.16 -22.78
CA ASP A 263 -31.33 5.52 -21.90
C ASP A 263 -31.80 6.89 -22.35
N ASN A 264 -32.95 7.27 -21.82
CA ASN A 264 -33.60 8.53 -22.13
C ASN A 264 -32.71 9.75 -22.18
N GLY A 265 -33.06 10.67 -23.07
CA GLY A 265 -32.34 11.91 -23.14
C GLY A 265 -33.24 12.89 -22.38
N SER A 266 -32.88 14.16 -22.34
CA SER A 266 -33.71 15.12 -21.66
C SER A 266 -34.27 16.06 -22.71
N GLY A 267 -35.59 16.24 -22.71
CA GLY A 267 -36.20 17.11 -23.67
C GLY A 267 -36.83 18.30 -22.99
N MET A 268 -37.29 19.25 -23.79
CA MET A 268 -37.94 20.42 -23.24
C MET A 268 -39.15 20.72 -24.12
N HIS A 269 -40.20 19.93 -23.95
CA HIS A 269 -41.42 20.13 -24.71
C HIS A 269 -41.91 21.53 -24.49
N CYS A 270 -42.46 22.13 -25.54
CA CYS A 270 -43.00 23.47 -25.41
C CYS A 270 -44.47 23.56 -25.78
N HIS A 271 -45.29 23.84 -24.76
CA HIS A 271 -46.71 24.02 -24.94
C HIS A 271 -46.89 25.49 -25.30
N MET A 272 -47.68 25.75 -26.33
CA MET A 272 -47.92 27.11 -26.77
C MET A 272 -49.38 27.37 -27.13
N SER A 273 -49.78 28.63 -27.07
CA SER A 273 -51.12 29.07 -27.41
C SER A 273 -51.08 30.58 -27.48
N LEU A 274 -52.02 31.17 -28.22
CA LEU A 274 -52.08 32.62 -28.36
C LEU A 274 -53.35 33.14 -27.72
N ALA A 275 -53.37 34.43 -27.40
CA ALA A 275 -54.55 35.01 -26.80
C ALA A 275 -54.74 36.49 -27.11
N LYS A 276 -55.99 36.91 -27.04
CA LYS A 276 -56.38 38.30 -27.27
C LYS A 276 -57.54 38.60 -26.33
N ASN A 277 -57.42 39.71 -25.61
CA ASN A 277 -58.42 40.18 -24.65
C ASN A 277 -58.99 39.01 -23.86
N GLY A 278 -58.09 38.25 -23.25
CA GLY A 278 -58.50 37.12 -22.44
C GLY A 278 -59.08 35.86 -23.07
N THR A 279 -59.27 35.84 -24.39
CA THR A 279 -59.81 34.63 -25.01
C THR A 279 -58.71 33.82 -25.69
N ASN A 280 -58.82 32.50 -25.63
CA ASN A 280 -57.83 31.62 -26.22
C ASN A 280 -58.00 31.44 -27.73
N LEU A 281 -57.21 32.18 -28.50
CA LEU A 281 -57.27 32.12 -29.95
C LEU A 281 -57.00 30.75 -30.58
N PHE A 282 -56.70 29.74 -29.75
CA PHE A 282 -56.42 28.41 -30.27
C PHE A 282 -57.58 27.42 -30.15
N SER A 283 -58.64 27.76 -29.44
CA SER A 283 -59.79 26.85 -29.32
C SER A 283 -60.72 27.08 -30.51
N GLY A 284 -61.30 25.99 -31.00
CA GLY A 284 -62.20 26.09 -32.15
C GLY A 284 -62.99 24.81 -32.40
N ASP A 285 -63.57 24.71 -33.59
CA ASP A 285 -64.38 23.56 -33.97
C ASP A 285 -63.61 22.55 -34.83
N LYS A 286 -62.42 22.94 -35.28
CA LYS A 286 -61.56 22.07 -36.10
C LYS A 286 -60.98 20.92 -35.26
N TYR A 287 -60.06 20.16 -35.84
CA TYR A 287 -59.42 19.01 -35.16
C TYR A 287 -59.08 19.15 -33.68
N ALA A 288 -59.49 18.16 -32.90
CA ALA A 288 -59.22 18.12 -31.47
C ALA A 288 -59.53 19.38 -30.64
N GLY A 289 -60.42 20.23 -31.14
CA GLY A 289 -60.79 21.43 -30.40
C GLY A 289 -59.99 22.66 -30.77
N LEU A 290 -59.28 22.58 -31.90
CA LEU A 290 -58.43 23.67 -32.37
C LEU A 290 -59.08 24.71 -33.26
N SER A 291 -58.51 25.91 -33.27
CA SER A 291 -58.97 27.01 -34.12
C SER A 291 -58.18 26.84 -35.42
N GLU A 292 -58.60 27.48 -36.50
CA GLU A 292 -57.84 27.31 -37.73
C GLU A 292 -56.54 28.08 -37.61
N GLN A 293 -56.50 29.00 -36.65
CA GLN A 293 -55.31 29.80 -36.39
C GLN A 293 -54.20 28.89 -35.85
N ALA A 294 -54.59 28.00 -34.95
CA ALA A 294 -53.68 27.03 -34.34
C ALA A 294 -53.05 26.18 -35.43
N LEU A 295 -53.87 25.73 -36.36
CA LEU A 295 -53.40 24.91 -37.46
C LEU A 295 -52.40 25.63 -38.34
N TYR A 296 -52.62 26.91 -38.60
CA TYR A 296 -51.68 27.66 -39.43
C TYR A 296 -50.38 27.79 -38.67
N TYR A 297 -50.50 27.98 -37.36
CA TYR A 297 -49.35 28.11 -36.48
C TYR A 297 -48.54 26.82 -36.62
N ILE A 298 -49.22 25.68 -36.46
CA ILE A 298 -48.57 24.38 -36.59
C ILE A 298 -47.88 24.26 -37.94
N GLY A 299 -48.57 24.71 -38.97
CA GLY A 299 -48.02 24.64 -40.31
C GLY A 299 -46.73 25.42 -40.37
N GLY A 300 -46.72 26.57 -39.71
CA GLY A 300 -45.53 27.41 -39.69
C GLY A 300 -44.37 26.69 -39.03
N VAL A 301 -44.63 26.13 -37.86
CA VAL A 301 -43.63 25.39 -37.09
C VAL A 301 -43.07 24.26 -37.95
N ILE A 302 -43.96 23.56 -38.63
CA ILE A 302 -43.51 22.45 -39.48
C ILE A 302 -42.71 22.95 -40.67
N LYS A 303 -43.13 24.06 -41.27
CA LYS A 303 -42.42 24.57 -42.42
C LYS A 303 -41.00 24.96 -42.06
N HIS A 304 -40.84 25.62 -40.92
CA HIS A 304 -39.53 26.10 -40.47
C HIS A 304 -38.84 25.26 -39.38
N ALA A 305 -39.27 24.01 -39.21
CA ALA A 305 -38.71 23.13 -38.20
C ALA A 305 -37.19 23.07 -38.20
N LYS A 306 -36.60 22.72 -39.33
CA LYS A 306 -35.14 22.62 -39.39
C LYS A 306 -34.42 23.91 -38.94
N ALA A 307 -35.00 25.07 -39.21
CA ALA A 307 -34.35 26.29 -38.80
C ALA A 307 -34.55 26.48 -37.31
N ILE A 308 -35.73 26.12 -36.82
CA ILE A 308 -36.01 26.25 -35.39
C ILE A 308 -35.05 25.37 -34.60
N ASN A 309 -34.74 24.22 -35.19
CA ASN A 309 -33.82 23.26 -34.57
C ASN A 309 -32.51 23.91 -34.15
N ALA A 310 -32.01 24.82 -34.99
CA ALA A 310 -30.76 25.50 -34.71
C ALA A 310 -30.81 26.29 -33.42
N LEU A 311 -32.01 26.51 -32.90
CA LEU A 311 -32.17 27.25 -31.65
C LEU A 311 -32.75 26.40 -30.54
N ALA A 312 -33.56 25.42 -30.92
CA ALA A 312 -34.21 24.55 -29.96
C ALA A 312 -33.41 23.29 -29.66
N ASN A 313 -32.41 23.03 -30.49
CA ASN A 313 -31.54 21.85 -30.36
C ASN A 313 -30.22 22.39 -30.88
N PRO A 314 -29.62 23.32 -30.14
CA PRO A 314 -28.35 23.97 -30.51
C PRO A 314 -27.05 23.30 -30.23
N THR A 315 -27.08 22.00 -29.95
CA THR A 315 -25.84 21.30 -29.63
C THR A 315 -25.75 20.04 -30.47
N THR A 316 -24.53 19.57 -30.75
CA THR A 316 -24.39 18.34 -31.51
C THR A 316 -25.03 17.22 -30.70
N ASN A 317 -24.92 17.32 -29.38
CA ASN A 317 -25.47 16.34 -28.46
C ASN A 317 -26.98 16.23 -28.63
N SER A 318 -27.61 17.35 -28.97
CA SER A 318 -29.07 17.39 -29.14
C SER A 318 -29.54 16.32 -30.11
N TYR A 319 -28.71 16.06 -31.14
CA TYR A 319 -29.05 15.12 -32.19
C TYR A 319 -28.76 13.69 -31.76
N LYS A 320 -28.31 13.48 -30.56
CA LYS A 320 -28.12 12.12 -30.14
C LYS A 320 -29.39 11.65 -29.43
N ARG A 321 -30.28 12.61 -29.19
CA ARG A 321 -31.60 12.38 -28.60
C ARG A 321 -32.63 12.22 -29.73
N LEU A 322 -32.45 13.03 -30.76
CA LEU A 322 -33.31 13.03 -31.93
C LEU A 322 -32.73 12.06 -32.95
N VAL A 323 -32.97 10.78 -32.71
CA VAL A 323 -32.49 9.75 -33.61
C VAL A 323 -33.62 8.79 -33.85
N PRO A 324 -33.60 8.18 -35.05
CA PRO A 324 -34.64 7.20 -35.33
C PRO A 324 -34.84 6.22 -34.21
N GLY A 325 -35.68 6.61 -33.26
CA GLY A 325 -36.04 5.77 -32.14
C GLY A 325 -37.54 5.67 -32.13
N TYR A 326 -38.11 4.95 -31.18
CA TYR A 326 -39.59 4.83 -31.22
C TYR A 326 -40.30 6.10 -30.78
N GLU A 327 -39.95 6.57 -29.59
CA GLU A 327 -40.55 7.74 -28.99
C GLU A 327 -39.86 9.04 -29.42
N ALA A 328 -38.89 8.93 -30.31
CA ALA A 328 -38.16 10.10 -30.81
C ALA A 328 -39.14 11.05 -31.49
N PRO A 329 -39.29 12.26 -30.92
CA PRO A 329 -40.17 13.33 -31.40
C PRO A 329 -39.62 13.92 -32.67
N VAL A 330 -39.33 13.07 -33.65
CA VAL A 330 -38.74 13.57 -34.90
C VAL A 330 -39.62 13.71 -36.14
N MET A 331 -40.82 13.15 -36.11
CA MET A 331 -41.71 13.24 -37.27
C MET A 331 -42.45 14.56 -37.25
N LEU A 332 -42.24 15.37 -38.28
CA LEU A 332 -42.89 16.68 -38.40
C LEU A 332 -44.39 16.55 -38.72
N ALA A 333 -45.16 16.27 -37.68
CA ALA A 333 -46.60 16.11 -37.84
C ALA A 333 -47.31 16.36 -36.53
N TYR A 334 -48.64 16.43 -36.58
CA TYR A 334 -49.40 16.62 -35.36
C TYR A 334 -50.38 15.50 -35.15
N SER A 335 -50.79 15.33 -33.90
CA SER A 335 -51.73 14.29 -33.50
C SER A 335 -52.01 14.47 -32.04
N ALA A 336 -53.12 13.91 -31.59
CA ALA A 336 -53.52 14.01 -30.20
C ALA A 336 -53.16 12.74 -29.47
N ARG A 337 -52.64 11.76 -30.22
CA ARG A 337 -52.28 10.49 -29.65
C ARG A 337 -50.88 10.02 -30.05
N ASN A 338 -50.68 9.80 -31.35
CA ASN A 338 -49.41 9.33 -31.87
C ASN A 338 -48.19 10.06 -31.29
N ARG A 339 -47.53 9.44 -30.31
CA ARG A 339 -46.36 10.05 -29.71
C ARG A 339 -45.09 9.76 -30.50
N SER A 340 -45.24 9.87 -31.81
CA SER A 340 -44.17 9.71 -32.79
C SER A 340 -44.06 11.11 -33.38
N ALA A 341 -45.21 11.78 -33.31
CA ALA A 341 -45.39 13.13 -33.80
C ALA A 341 -44.70 14.14 -32.88
N SER A 342 -43.90 15.01 -33.48
CA SER A 342 -43.20 16.04 -32.73
C SER A 342 -44.14 17.13 -32.24
N ILE A 343 -45.39 17.08 -32.69
CA ILE A 343 -46.38 18.05 -32.25
C ILE A 343 -47.60 17.31 -31.70
N ARG A 344 -47.74 17.31 -30.37
CA ARG A 344 -48.89 16.66 -29.73
C ARG A 344 -49.97 17.68 -29.47
N ILE A 345 -51.19 17.22 -29.54
CA ILE A 345 -52.31 18.09 -29.22
C ILE A 345 -52.92 17.51 -27.97
N PRO A 346 -52.72 18.19 -26.85
CA PRO A 346 -53.23 17.79 -25.54
C PRO A 346 -54.74 17.72 -25.64
N VAL A 347 -55.33 16.66 -25.13
CA VAL A 347 -56.78 16.57 -25.17
C VAL A 347 -57.19 17.05 -23.79
N VAL A 348 -57.87 18.19 -23.76
CA VAL A 348 -58.32 18.79 -22.52
C VAL A 348 -59.78 19.25 -22.69
N ALA A 349 -60.52 19.33 -21.58
CA ALA A 349 -61.91 19.73 -21.61
C ALA A 349 -62.14 21.21 -21.85
N SER A 350 -61.72 22.05 -20.91
CA SER A 350 -61.89 23.49 -21.03
C SER A 350 -61.24 24.04 -22.29
N PRO A 351 -62.02 24.70 -23.14
CA PRO A 351 -61.43 25.26 -24.37
C PRO A 351 -60.45 26.38 -24.01
N LYS A 352 -60.51 26.83 -22.76
CA LYS A 352 -59.61 27.88 -22.29
C LYS A 352 -58.18 27.39 -22.22
N ALA A 353 -58.02 26.06 -22.16
CA ALA A 353 -56.71 25.43 -22.06
C ALA A 353 -56.24 24.72 -23.34
N ARG A 354 -56.89 24.98 -24.47
CA ARG A 354 -56.50 24.37 -25.74
C ARG A 354 -55.15 24.95 -26.17
N ARG A 355 -54.24 24.10 -26.64
CA ARG A 355 -52.90 24.52 -27.04
C ARG A 355 -52.16 23.43 -27.82
N ILE A 356 -50.95 23.72 -28.29
CA ILE A 356 -50.15 22.70 -28.99
C ILE A 356 -48.88 22.42 -28.21
N GLU A 357 -48.33 21.21 -28.35
CA GLU A 357 -47.10 20.86 -27.68
C GLU A 357 -46.02 20.46 -28.68
N VAL A 358 -45.05 21.34 -28.88
CA VAL A 358 -43.94 21.03 -29.79
C VAL A 358 -42.91 20.28 -28.95
N ARG A 359 -42.72 19.03 -29.26
CA ARG A 359 -41.89 18.14 -28.49
C ARG A 359 -40.37 18.07 -28.75
N PHE A 360 -39.85 18.59 -29.88
CA PHE A 360 -38.41 18.35 -30.15
C PHE A 360 -37.37 19.23 -29.43
N PRO A 361 -37.76 20.39 -28.98
CA PRO A 361 -36.79 21.21 -28.19
C PRO A 361 -36.07 20.49 -27.07
N ASP A 362 -34.86 20.89 -26.69
CA ASP A 362 -34.20 20.29 -25.54
C ASP A 362 -33.77 21.41 -24.61
N PRO A 363 -33.46 21.11 -23.36
CA PRO A 363 -33.06 22.14 -22.40
C PRO A 363 -31.81 22.92 -22.69
N ALA A 364 -31.04 22.52 -23.68
CA ALA A 364 -29.81 23.25 -24.01
C ALA A 364 -30.14 24.53 -24.76
N ALA A 365 -31.36 24.58 -25.27
CA ALA A 365 -31.79 25.72 -26.04
C ALA A 365 -31.83 27.02 -25.27
N ASN A 366 -31.41 28.09 -25.93
CA ASN A 366 -31.50 29.44 -25.39
C ASN A 366 -33.01 29.73 -25.22
N PRO A 367 -33.47 30.05 -23.98
CA PRO A 367 -34.93 30.27 -23.84
C PRO A 367 -35.52 31.20 -24.87
N TYR A 368 -34.93 32.35 -24.76
CA TYR A 368 -35.29 33.47 -25.57
C TYR A 368 -35.33 33.18 -27.05
N LEU A 369 -34.18 32.78 -27.59
CA LEU A 369 -34.14 32.54 -29.02
C LEU A 369 -35.00 31.36 -29.46
N CYS A 370 -35.10 30.35 -28.61
CA CYS A 370 -35.88 29.17 -28.97
C CYS A 370 -37.35 29.53 -29.01
N PHE A 371 -37.82 30.17 -27.96
CA PHE A 371 -39.22 30.57 -27.91
C PHE A 371 -39.55 31.52 -29.06
N ALA A 372 -38.70 32.52 -29.25
CA ALA A 372 -38.91 33.49 -30.32
C ALA A 372 -39.04 32.83 -31.68
N ALA A 373 -38.11 31.94 -32.01
CA ALA A 373 -38.13 31.25 -33.29
C ALA A 373 -39.40 30.42 -33.45
N LEU A 374 -39.89 29.87 -32.35
CA LEU A 374 -41.10 29.08 -32.38
C LEU A 374 -42.28 29.98 -32.76
N LEU A 375 -42.33 31.17 -32.15
CA LEU A 375 -43.38 32.15 -32.39
C LEU A 375 -43.38 32.63 -33.83
N MET A 376 -42.25 33.20 -34.25
CA MET A 376 -42.10 33.70 -35.60
C MET A 376 -42.49 32.69 -36.66
N ALA A 377 -42.16 31.42 -36.43
CA ALA A 377 -42.53 30.38 -37.39
C ALA A 377 -44.04 30.21 -37.37
N GLY A 378 -44.63 30.31 -36.18
CA GLY A 378 -46.06 30.17 -36.04
C GLY A 378 -46.80 31.29 -36.74
N LEU A 379 -46.34 32.52 -36.52
CA LEU A 379 -46.93 33.71 -37.13
C LEU A 379 -46.84 33.65 -38.64
N ASP A 380 -45.68 33.25 -39.15
CA ASP A 380 -45.51 33.15 -40.59
C ASP A 380 -46.43 32.06 -41.11
N GLY A 381 -46.84 31.14 -40.25
CA GLY A 381 -47.72 30.08 -40.66
C GLY A 381 -49.13 30.63 -40.79
N ILE A 382 -49.42 31.62 -39.95
CA ILE A 382 -50.71 32.28 -39.95
C ILE A 382 -50.81 33.29 -41.09
N LYS A 383 -49.93 34.29 -41.07
CA LYS A 383 -49.90 35.31 -42.10
C LYS A 383 -50.05 34.68 -43.48
N ASN A 384 -49.40 33.54 -43.69
CA ASN A 384 -49.46 32.87 -44.99
C ASN A 384 -50.38 31.65 -45.04
N LYS A 385 -51.31 31.57 -44.09
CA LYS A 385 -52.30 30.48 -44.02
C LYS A 385 -51.75 29.12 -44.47
N ILE A 386 -50.61 28.75 -43.89
CA ILE A 386 -49.95 27.51 -44.22
C ILE A 386 -50.68 26.33 -43.61
N HIS A 387 -51.37 25.57 -44.45
CA HIS A 387 -52.09 24.45 -43.93
C HIS A 387 -51.16 23.28 -43.68
N PRO A 388 -51.35 22.78 -42.45
CA PRO A 388 -50.78 21.56 -41.81
C PRO A 388 -50.86 20.23 -42.53
N GLY A 389 -51.93 20.08 -43.28
CA GLY A 389 -52.21 18.86 -43.95
C GLY A 389 -53.00 18.09 -42.92
N GLU A 390 -53.11 16.76 -43.09
CA GLU A 390 -53.86 15.95 -42.15
C GLU A 390 -52.95 15.37 -41.04
N PRO A 391 -53.55 15.12 -39.85
CA PRO A 391 -52.84 14.60 -38.67
C PRO A 391 -52.37 13.16 -38.88
N MET A 392 -51.18 12.84 -38.35
CA MET A 392 -50.65 11.48 -38.44
C MET A 392 -51.11 10.74 -37.20
N ASP A 393 -51.88 9.67 -37.40
CA ASP A 393 -52.36 8.88 -36.28
C ASP A 393 -51.92 7.41 -36.42
N LYS A 394 -51.10 7.15 -37.44
CA LYS A 394 -50.59 5.80 -37.74
C LYS A 394 -49.49 5.33 -36.77
N ASN A 395 -48.23 5.52 -37.16
CA ASN A 395 -47.09 5.12 -36.32
C ASN A 395 -45.82 5.95 -36.64
N LEU A 396 -44.73 5.62 -35.92
CA LEU A 396 -43.50 6.44 -35.89
C LEU A 396 -42.58 6.17 -37.10
N TYR A 397 -41.34 6.03 -36.76
CA TYR A 397 -40.33 5.83 -37.80
C TYR A 397 -40.09 4.39 -38.12
N ASP A 398 -40.51 3.46 -37.33
CA ASP A 398 -40.12 2.13 -37.76
C ASP A 398 -41.43 1.50 -38.14
N LEU A 399 -41.51 0.85 -39.28
CA LEU A 399 -42.81 0.35 -39.51
C LEU A 399 -43.78 1.28 -38.89
N PRO A 400 -44.16 2.32 -39.54
CA PRO A 400 -44.22 2.55 -40.96
C PRO A 400 -43.18 1.81 -41.84
N PRO A 401 -42.01 2.42 -42.26
CA PRO A 401 -41.03 2.03 -43.24
C PRO A 401 -41.63 1.44 -44.54
N GLU A 402 -42.88 1.73 -44.83
CA GLU A 402 -43.69 1.29 -45.99
C GLU A 402 -43.25 2.01 -47.26
N GLU A 403 -43.56 3.31 -47.31
CA GLU A 403 -43.23 4.20 -48.41
C GLU A 403 -41.84 4.82 -48.10
N ALA A 404 -41.01 4.05 -47.37
CA ALA A 404 -39.68 4.45 -46.90
C ALA A 404 -39.92 5.56 -45.86
N LYS A 405 -41.22 5.81 -45.62
CA LYS A 405 -41.78 6.80 -44.71
C LYS A 405 -41.07 8.16 -44.66
N GLU A 406 -40.68 8.66 -45.83
CA GLU A 406 -40.02 9.94 -45.89
C GLU A 406 -41.02 11.10 -45.88
N ILE A 407 -41.57 11.34 -44.68
CA ILE A 407 -42.48 12.45 -44.45
C ILE A 407 -41.57 13.52 -43.81
N PRO A 408 -42.09 14.68 -43.47
CA PRO A 408 -41.25 15.68 -42.80
C PRO A 408 -40.33 15.28 -41.67
N GLN A 409 -39.10 15.66 -41.63
CA GLN A 409 -38.49 15.41 -40.33
C GLN A 409 -37.58 16.54 -39.84
N VAL A 410 -37.34 16.57 -38.53
CA VAL A 410 -36.46 17.58 -37.93
C VAL A 410 -35.04 17.35 -38.44
N ALA A 411 -34.19 18.34 -38.29
CA ALA A 411 -32.81 18.25 -38.74
C ALA A 411 -32.13 17.03 -38.12
N GLY A 412 -31.22 16.39 -38.84
CA GLY A 412 -30.56 15.22 -38.30
C GLY A 412 -29.18 15.44 -37.73
N SER A 413 -28.73 16.70 -37.78
CA SER A 413 -27.42 17.07 -37.27
C SER A 413 -27.44 18.55 -37.04
N LEU A 414 -26.53 19.05 -36.21
CA LEU A 414 -26.48 20.48 -35.93
C LEU A 414 -26.18 21.30 -37.18
N GLU A 415 -25.22 20.84 -37.98
CA GLU A 415 -24.81 21.56 -39.18
C GLU A 415 -25.98 21.76 -40.10
N GLU A 416 -26.75 20.71 -40.28
CA GLU A 416 -27.92 20.72 -41.13
C GLU A 416 -28.89 21.78 -40.61
N ALA A 417 -29.06 21.83 -39.30
CA ALA A 417 -29.96 22.79 -38.68
C ALA A 417 -29.44 24.20 -38.86
N LEU A 418 -28.13 24.36 -38.72
CA LEU A 418 -27.54 25.68 -38.86
C LEU A 418 -27.71 26.13 -40.29
N ASN A 419 -27.50 25.21 -41.23
CA ASN A 419 -27.65 25.56 -42.63
C ASN A 419 -29.09 25.97 -42.95
N ALA A 420 -30.05 25.25 -42.37
CA ALA A 420 -31.46 25.57 -42.57
C ALA A 420 -31.72 26.99 -42.06
N LEU A 421 -31.21 27.28 -40.88
CA LEU A 421 -31.38 28.58 -40.28
C LEU A 421 -30.80 29.62 -41.22
N ASP A 422 -29.68 29.30 -41.85
CA ASP A 422 -29.02 30.24 -42.77
C ASP A 422 -29.97 30.61 -43.90
N LEU A 423 -30.40 29.60 -44.63
CA LEU A 423 -31.27 29.76 -45.78
C LEU A 423 -32.68 30.24 -45.47
N ASP A 424 -33.29 29.61 -44.48
CA ASP A 424 -34.66 29.92 -44.09
C ASP A 424 -34.81 30.99 -43.02
N ARG A 425 -34.02 32.05 -43.14
CA ARG A 425 -34.06 33.13 -42.15
C ARG A 425 -35.10 34.22 -42.29
N GLU A 426 -35.77 34.32 -43.44
CA GLU A 426 -36.74 35.39 -43.60
C GLU A 426 -37.79 35.49 -42.51
N PHE A 427 -38.44 34.39 -42.19
CA PHE A 427 -39.49 34.41 -41.18
C PHE A 427 -39.04 34.95 -39.83
N LEU A 428 -37.73 34.93 -39.58
CA LEU A 428 -37.17 35.43 -38.33
C LEU A 428 -36.86 36.92 -38.40
N LYS A 429 -36.49 37.38 -39.59
CA LYS A 429 -36.16 38.80 -39.82
C LYS A 429 -37.42 39.68 -39.85
N ALA A 430 -38.57 39.03 -40.03
CA ALA A 430 -39.85 39.71 -40.06
C ALA A 430 -39.97 40.62 -38.85
N GLY A 431 -40.51 41.81 -39.06
CA GLY A 431 -40.67 42.74 -37.96
C GLY A 431 -39.35 43.25 -37.41
N GLY A 432 -38.24 42.92 -38.06
CA GLY A 432 -36.94 43.37 -37.59
C GLY A 432 -36.51 42.76 -36.26
N VAL A 433 -37.12 41.62 -35.91
CA VAL A 433 -36.85 40.88 -34.67
C VAL A 433 -35.43 40.34 -34.68
N PHE A 434 -35.11 39.54 -35.69
CA PHE A 434 -33.76 38.99 -35.86
C PHE A 434 -33.05 39.70 -37.00
N THR A 435 -31.82 40.15 -36.78
CA THR A 435 -31.06 40.78 -37.85
C THR A 435 -30.16 39.71 -38.47
N ASP A 436 -29.69 39.95 -39.69
CA ASP A 436 -28.80 39.00 -40.35
C ASP A 436 -27.55 38.83 -39.52
N GLU A 437 -27.01 39.94 -39.02
CA GLU A 437 -25.80 39.93 -38.22
C GLU A 437 -25.94 39.03 -37.00
N ALA A 438 -27.06 39.13 -36.31
CA ALA A 438 -27.32 38.32 -35.14
C ALA A 438 -27.30 36.85 -35.54
N ILE A 439 -28.10 36.54 -36.56
CA ILE A 439 -28.18 35.18 -37.05
C ILE A 439 -26.84 34.62 -37.49
N ASP A 440 -26.08 35.40 -38.25
CA ASP A 440 -24.79 34.94 -38.74
C ASP A 440 -23.79 34.71 -37.59
N ALA A 441 -23.91 35.53 -36.55
CA ALA A 441 -23.02 35.45 -35.39
C ALA A 441 -23.33 34.19 -34.60
N TYR A 442 -24.62 33.92 -34.43
CA TYR A 442 -25.08 32.75 -33.71
C TYR A 442 -24.57 31.51 -34.42
N ILE A 443 -24.77 31.49 -35.73
CA ILE A 443 -24.33 30.36 -36.54
C ILE A 443 -22.83 30.14 -36.42
N ALA A 444 -22.08 31.24 -36.38
CA ALA A 444 -20.65 31.11 -36.28
C ALA A 444 -20.22 30.54 -34.94
N LEU A 445 -20.92 30.92 -33.88
CA LEU A 445 -20.60 30.41 -32.56
C LEU A 445 -20.81 28.91 -32.50
N ARG A 446 -21.93 28.46 -33.06
CA ARG A 446 -22.24 27.04 -33.06
C ARG A 446 -21.39 26.22 -34.00
N ARG A 447 -20.91 26.82 -35.08
CA ARG A 447 -20.12 26.05 -36.03
C ARG A 447 -18.77 25.67 -35.47
N GLU A 448 -18.31 26.52 -34.58
CA GLU A 448 -17.04 26.37 -33.88
C GLU A 448 -17.21 25.18 -32.95
N GLU A 449 -18.38 25.08 -32.32
CA GLU A 449 -18.69 23.97 -31.43
C GLU A 449 -18.84 22.71 -32.27
N ASP A 450 -19.60 22.80 -33.35
CA ASP A 450 -19.80 21.65 -34.22
C ASP A 450 -18.45 21.09 -34.70
N ASP A 451 -17.49 21.98 -34.91
CA ASP A 451 -16.18 21.57 -35.39
C ASP A 451 -15.38 20.73 -34.42
N ARG A 452 -15.47 21.08 -33.14
CA ARG A 452 -14.74 20.35 -32.12
C ARG A 452 -15.18 18.91 -32.15
N VAL A 453 -16.48 18.71 -32.22
CA VAL A 453 -17.00 17.36 -32.24
C VAL A 453 -16.69 16.65 -33.55
N ARG A 454 -16.76 17.35 -34.67
CA ARG A 454 -16.49 16.71 -35.95
C ARG A 454 -15.03 16.34 -36.13
N MET A 455 -14.16 17.15 -35.57
CA MET A 455 -12.73 16.94 -35.73
C MET A 455 -12.03 16.07 -34.70
N THR A 456 -12.63 15.85 -33.53
CA THR A 456 -11.99 15.05 -32.49
C THR A 456 -12.36 13.58 -32.58
N PRO A 457 -11.36 12.69 -32.67
CA PRO A 457 -11.66 11.26 -32.76
C PRO A 457 -12.59 10.84 -31.64
N HIS A 458 -13.53 9.98 -31.97
CA HIS A 458 -14.51 9.49 -31.02
C HIS A 458 -14.11 8.11 -30.50
N PRO A 459 -14.23 7.87 -29.20
CA PRO A 459 -13.87 6.58 -28.62
C PRO A 459 -14.41 5.40 -29.41
N VAL A 460 -15.65 5.51 -29.87
CA VAL A 460 -16.28 4.43 -30.64
C VAL A 460 -15.58 4.16 -31.97
N GLU A 461 -14.90 5.18 -32.49
CA GLU A 461 -14.20 4.99 -33.75
C GLU A 461 -13.07 4.01 -33.59
N PHE A 462 -12.54 3.91 -32.36
CA PHE A 462 -11.45 2.95 -32.08
C PHE A 462 -12.00 1.53 -32.04
N GLU A 463 -13.15 1.39 -31.41
CA GLU A 463 -13.81 0.12 -31.33
C GLU A 463 -14.09 -0.38 -32.73
N LEU A 464 -14.64 0.51 -33.54
CA LEU A 464 -15.02 0.23 -34.93
C LEU A 464 -13.87 0.13 -35.91
N TYR A 465 -12.82 0.98 -35.80
CA TYR A 465 -11.79 0.96 -36.82
C TYR A 465 -10.34 0.78 -36.35
N TYR A 466 -10.01 0.56 -35.08
CA TYR A 466 -8.60 0.45 -34.74
C TYR A 466 -7.88 -0.71 -35.49
N SER A 467 -8.59 -1.82 -35.65
CA SER A 467 -8.04 -3.02 -36.31
C SER A 467 -8.26 -3.07 -37.81
N VAL A 468 -8.58 -1.93 -38.37
CA VAL A 468 -8.84 -1.82 -39.79
C VAL A 468 -7.63 -2.19 -40.63
N SER B 1 -64.02 11.59 2.08
CA SER B 1 -64.24 13.01 2.27
C SER B 1 -63.06 13.81 1.72
N ALA B 2 -63.47 14.70 0.82
CA ALA B 2 -62.55 15.61 0.20
C ALA B 2 -62.33 16.81 1.13
N GLU B 3 -63.23 16.99 2.09
CA GLU B 3 -63.13 18.10 3.06
C GLU B 3 -62.18 17.77 4.18
N HIS B 4 -62.16 16.49 4.55
CA HIS B 4 -61.29 15.98 5.59
C HIS B 4 -59.86 16.17 5.10
N VAL B 5 -59.68 15.98 3.80
CA VAL B 5 -58.39 16.14 3.18
C VAL B 5 -57.95 17.60 3.26
N LEU B 6 -58.84 18.51 2.86
CA LEU B 6 -58.50 19.91 2.89
C LEU B 6 -58.18 20.43 4.30
N THR B 7 -58.67 19.73 5.33
CA THR B 7 -58.35 20.15 6.69
C THR B 7 -57.04 19.54 7.15
N MET B 8 -56.73 18.34 6.63
CA MET B 8 -55.46 17.68 6.95
C MET B 8 -54.32 18.49 6.37
N LEU B 9 -54.60 19.18 5.25
CA LEU B 9 -53.62 20.03 4.60
C LEU B 9 -53.23 21.21 5.49
N ASN B 10 -54.20 21.75 6.21
CA ASN B 10 -53.94 22.88 7.10
C ASN B 10 -53.41 22.47 8.46
N GLU B 11 -53.93 21.36 8.95
CA GLU B 11 -53.59 20.81 10.25
C GLU B 11 -52.13 20.39 10.33
N HIS B 12 -51.62 19.85 9.23
CA HIS B 12 -50.23 19.40 9.17
C HIS B 12 -49.34 20.35 8.34
N GLU B 13 -49.90 21.50 7.93
CA GLU B 13 -49.16 22.50 7.14
C GLU B 13 -48.43 21.81 5.98
N VAL B 14 -49.19 21.02 5.24
CA VAL B 14 -48.69 20.27 4.11
C VAL B 14 -48.22 21.14 2.97
N LYS B 15 -47.03 20.82 2.46
CA LYS B 15 -46.46 21.56 1.35
C LYS B 15 -46.62 20.77 0.05
N PHE B 16 -46.72 19.45 0.15
CA PHE B 16 -46.89 18.61 -1.04
C PHE B 16 -47.86 17.46 -0.88
N VAL B 17 -48.34 16.99 -2.02
CA VAL B 17 -49.26 15.87 -2.04
C VAL B 17 -48.60 14.86 -2.97
N ASP B 18 -48.38 13.66 -2.42
CA ASP B 18 -47.74 12.61 -3.16
C ASP B 18 -48.80 11.62 -3.63
N LEU B 19 -49.05 11.64 -4.93
CA LEU B 19 -50.04 10.79 -5.57
C LEU B 19 -49.46 9.43 -5.83
N ARG B 20 -50.07 8.40 -5.27
CA ARG B 20 -49.57 7.04 -5.47
C ARG B 20 -50.48 6.04 -6.14
N PHE B 21 -49.83 5.12 -6.84
CA PHE B 21 -50.52 4.06 -7.52
C PHE B 21 -49.60 2.88 -7.75
N THR B 22 -50.16 1.76 -8.21
CA THR B 22 -49.38 0.54 -8.44
C THR B 22 -49.40 0.10 -9.88
N ASP B 23 -48.29 -0.45 -10.36
CA ASP B 23 -48.25 -0.90 -11.72
C ASP B 23 -48.62 -2.36 -11.78
N THR B 24 -48.63 -2.93 -12.97
CA THR B 24 -49.00 -4.31 -13.13
C THR B 24 -48.12 -5.26 -12.31
N LYS B 25 -46.82 -5.01 -12.24
CA LYS B 25 -45.93 -5.89 -11.49
C LYS B 25 -46.17 -5.83 -9.99
N GLY B 26 -46.78 -4.73 -9.54
CA GLY B 26 -47.10 -4.63 -8.13
C GLY B 26 -46.33 -3.56 -7.38
N LYS B 27 -45.55 -2.81 -8.15
CA LYS B 27 -44.70 -1.78 -7.57
C LYS B 27 -45.37 -0.44 -7.44
N GLU B 28 -45.37 0.09 -6.23
CA GLU B 28 -45.98 1.39 -5.95
C GLU B 28 -45.22 2.46 -6.72
N GLN B 29 -45.97 3.39 -7.33
CA GLN B 29 -45.39 4.48 -8.11
C GLN B 29 -45.91 5.78 -7.54
N HIS B 30 -45.28 6.89 -7.90
CA HIS B 30 -45.72 8.18 -7.38
C HIS B 30 -45.30 9.37 -8.20
N VAL B 31 -46.02 10.46 -7.96
CA VAL B 31 -45.76 11.74 -8.59
C VAL B 31 -46.24 12.75 -7.54
N THR B 32 -45.57 13.89 -7.48
CA THR B 32 -45.88 14.88 -6.46
C THR B 32 -46.33 16.21 -7.01
N ILE B 33 -47.28 16.84 -6.32
CA ILE B 33 -47.76 18.17 -6.70
C ILE B 33 -47.82 18.99 -5.44
N PRO B 34 -47.59 20.31 -5.58
CA PRO B 34 -47.62 21.22 -4.43
C PRO B 34 -49.01 21.18 -3.85
N ALA B 35 -49.14 21.37 -2.54
CA ALA B 35 -50.46 21.33 -1.91
C ALA B 35 -51.42 22.34 -2.57
N HIS B 36 -50.90 23.49 -2.97
CA HIS B 36 -51.71 24.51 -3.60
C HIS B 36 -52.35 24.12 -4.92
N GLN B 37 -52.04 22.94 -5.43
CA GLN B 37 -52.61 22.45 -6.67
C GLN B 37 -53.85 21.60 -6.40
N VAL B 38 -54.14 21.41 -5.11
CA VAL B 38 -55.29 20.64 -4.67
C VAL B 38 -56.50 21.55 -4.50
N ASN B 39 -57.47 21.36 -5.38
CA ASN B 39 -58.69 22.15 -5.40
C ASN B 39 -59.89 21.23 -5.56
N ALA B 40 -61.06 21.82 -5.74
CA ALA B 40 -62.28 21.07 -5.92
C ALA B 40 -62.21 20.19 -7.16
N GLU B 41 -61.73 20.75 -8.24
CA GLU B 41 -61.58 20.03 -9.51
C GLU B 41 -60.83 18.72 -9.34
N PHE B 42 -59.65 18.85 -8.74
CA PHE B 42 -58.77 17.74 -8.43
C PHE B 42 -59.50 16.45 -8.04
N PHE B 43 -60.44 16.55 -7.10
CA PHE B 43 -61.20 15.38 -6.67
C PHE B 43 -62.24 14.83 -7.61
N GLU B 44 -62.87 15.69 -8.40
CA GLU B 44 -63.90 15.24 -9.31
C GLU B 44 -63.36 14.79 -10.64
N GLU B 45 -62.31 15.45 -11.11
CA GLU B 45 -61.74 15.07 -12.40
C GLU B 45 -60.30 14.55 -12.42
N GLY B 46 -59.67 14.51 -11.24
CA GLY B 46 -58.30 14.05 -11.14
C GLY B 46 -57.27 14.84 -11.91
N LYS B 47 -56.11 14.23 -12.17
CA LYS B 47 -55.03 14.87 -12.93
C LYS B 47 -54.62 13.94 -14.07
N MET B 48 -54.17 14.55 -15.16
CA MET B 48 -53.75 13.81 -16.36
C MET B 48 -52.30 13.38 -16.33
N PHE B 49 -52.02 12.22 -16.89
CA PHE B 49 -50.66 11.74 -16.99
C PHE B 49 -50.50 10.76 -18.15
N ASP B 50 -49.25 10.58 -18.55
CA ASP B 50 -48.89 9.73 -19.66
C ASP B 50 -48.97 8.24 -19.33
N GLY B 51 -49.88 7.54 -20.00
CA GLY B 51 -50.04 6.12 -19.77
C GLY B 51 -48.88 5.31 -20.31
N SER B 52 -48.47 5.59 -21.55
CA SER B 52 -47.38 4.88 -22.23
C SER B 52 -46.07 4.67 -21.46
N SER B 53 -45.89 5.38 -20.37
CA SER B 53 -44.68 5.30 -19.55
C SER B 53 -44.55 4.09 -18.62
N ILE B 54 -45.69 3.56 -18.18
CA ILE B 54 -45.74 2.39 -17.30
C ILE B 54 -45.70 1.11 -18.13
N GLY B 55 -44.95 0.12 -17.66
CA GLY B 55 -44.86 -1.13 -18.40
C GLY B 55 -46.17 -1.87 -18.52
N GLY B 56 -46.48 -2.34 -19.73
CA GLY B 56 -47.68 -3.10 -19.96
C GLY B 56 -48.97 -2.29 -19.98
N TRP B 57 -48.86 -0.98 -20.16
CA TRP B 57 -50.08 -0.20 -20.17
C TRP B 57 -50.42 0.26 -21.60
N LYS B 58 -50.86 1.51 -21.78
CA LYS B 58 -51.24 2.00 -23.11
C LYS B 58 -50.04 1.97 -24.09
N GLY B 59 -50.31 1.71 -25.35
CA GLY B 59 -49.24 1.66 -26.33
C GLY B 59 -49.02 2.99 -27.06
N ILE B 60 -48.66 2.84 -28.34
CA ILE B 60 -48.35 3.93 -29.26
C ILE B 60 -49.40 5.02 -29.43
N ASN B 61 -50.67 4.71 -29.37
CA ASN B 61 -51.64 5.73 -29.76
C ASN B 61 -52.44 6.42 -28.70
N GLU B 62 -52.79 5.67 -27.67
CA GLU B 62 -53.68 6.15 -26.59
C GLU B 62 -53.00 6.47 -25.27
N SER B 63 -51.94 7.20 -25.29
CA SER B 63 -51.18 7.47 -24.07
C SER B 63 -51.92 8.06 -22.88
N ASP B 64 -52.63 9.15 -23.08
CA ASP B 64 -53.18 9.83 -21.90
C ASP B 64 -54.35 9.19 -21.14
N MET B 65 -54.16 9.25 -19.81
CA MET B 65 -55.05 8.68 -18.82
C MET B 65 -55.22 9.54 -17.57
N VAL B 66 -56.15 9.14 -16.71
CA VAL B 66 -56.47 9.88 -15.48
C VAL B 66 -56.08 9.28 -14.13
N LEU B 67 -55.52 10.13 -13.27
CA LEU B 67 -55.14 9.76 -11.92
C LEU B 67 -56.26 10.27 -11.02
N MET B 68 -57.06 9.36 -10.48
CA MET B 68 -58.17 9.79 -9.65
C MET B 68 -57.90 9.62 -8.16
N PRO B 69 -57.67 10.73 -7.47
CA PRO B 69 -57.39 10.65 -6.03
C PRO B 69 -58.55 10.04 -5.26
N ASP B 70 -58.21 9.12 -4.36
CA ASP B 70 -59.17 8.46 -3.51
C ASP B 70 -58.98 9.11 -2.15
N ALA B 71 -59.81 10.08 -1.84
CA ALA B 71 -59.74 10.83 -0.61
C ALA B 71 -59.77 10.04 0.69
N SER B 72 -60.20 8.79 0.62
CA SER B 72 -60.24 7.97 1.83
C SER B 72 -58.85 7.50 2.28
N THR B 73 -57.91 7.50 1.33
CA THR B 73 -56.55 7.04 1.57
C THR B 73 -55.53 8.04 2.10
N ALA B 74 -55.94 9.28 2.30
CA ALA B 74 -55.01 10.30 2.76
C ALA B 74 -54.25 9.99 4.05
N VAL B 75 -52.93 10.02 3.95
CA VAL B 75 -52.06 9.77 5.08
C VAL B 75 -50.74 10.48 4.86
N ILE B 76 -50.21 11.03 5.96
CA ILE B 76 -48.95 11.75 5.97
C ILE B 76 -47.74 10.85 5.74
N ASP B 77 -46.77 11.31 4.96
CA ASP B 77 -45.56 10.51 4.73
C ASP B 77 -44.65 10.81 5.91
N PRO B 78 -44.20 9.76 6.61
CA PRO B 78 -43.34 9.90 7.77
C PRO B 78 -41.86 10.03 7.53
N PHE B 79 -41.46 9.98 6.26
CA PHE B 79 -40.04 10.07 5.90
C PHE B 79 -39.61 11.33 5.19
N PHE B 80 -40.44 11.81 4.26
CA PHE B 80 -40.09 13.02 3.50
C PHE B 80 -39.77 14.19 4.43
N ALA B 81 -38.82 15.03 4.02
CA ALA B 81 -38.37 16.17 4.81
C ALA B 81 -39.36 17.31 4.98
N ASP B 82 -40.13 17.56 3.93
CA ASP B 82 -41.14 18.60 3.88
C ASP B 82 -42.47 17.91 4.08
N SER B 83 -43.37 18.49 4.86
CA SER B 83 -44.68 17.90 5.11
C SER B 83 -45.42 17.52 3.85
N THR B 84 -45.68 16.23 3.68
CA THR B 84 -46.39 15.81 2.49
C THR B 84 -47.42 14.75 2.74
N LEU B 85 -48.53 14.90 2.04
CA LEU B 85 -49.65 14.01 2.19
C LEU B 85 -49.76 13.06 1.04
N ILE B 86 -49.88 11.79 1.40
CA ILE B 86 -50.00 10.74 0.40
C ILE B 86 -51.46 10.48 0.11
N ILE B 87 -51.80 10.38 -1.17
CA ILE B 87 -53.16 10.07 -1.58
C ILE B 87 -53.06 9.04 -2.68
N ARG B 88 -53.60 7.87 -2.40
CA ARG B 88 -53.61 6.76 -3.34
C ARG B 88 -54.60 7.15 -4.43
N CYS B 89 -54.36 6.71 -5.66
CA CYS B 89 -55.23 7.08 -6.78
C CYS B 89 -55.60 5.88 -7.59
N ASP B 90 -56.71 5.93 -8.33
CA ASP B 90 -57.08 4.82 -9.22
C ASP B 90 -56.75 5.39 -10.59
N ILE B 91 -56.62 4.52 -11.57
CA ILE B 91 -56.32 4.94 -12.93
C ILE B 91 -57.59 4.78 -13.74
N LEU B 92 -58.12 5.89 -14.21
CA LEU B 92 -59.36 5.87 -14.98
C LEU B 92 -59.13 6.21 -16.42
N GLU B 93 -60.01 5.68 -17.27
CA GLU B 93 -59.98 5.95 -18.72
C GLU B 93 -60.51 7.39 -18.83
N PRO B 94 -59.88 8.24 -19.67
CA PRO B 94 -60.34 9.63 -19.80
C PRO B 94 -61.74 9.77 -20.40
N GLY B 95 -62.47 10.78 -19.94
CA GLY B 95 -63.82 11.01 -20.42
C GLY B 95 -64.79 10.05 -19.75
N THR B 96 -64.66 8.78 -20.09
CA THR B 96 -65.53 7.74 -19.51
C THR B 96 -65.32 7.69 -18.00
N LEU B 97 -64.10 7.99 -17.56
CA LEU B 97 -63.74 7.95 -16.13
C LEU B 97 -64.13 6.63 -15.53
N GLN B 98 -63.92 5.58 -16.32
CA GLN B 98 -64.36 4.25 -15.91
C GLN B 98 -63.49 3.47 -14.93
N GLY B 99 -62.25 3.29 -15.28
CA GLY B 99 -61.39 2.47 -14.48
C GLY B 99 -60.71 1.57 -15.46
N TYR B 100 -59.45 1.89 -15.68
CA TYR B 100 -58.60 1.22 -16.63
C TYR B 100 -58.58 -0.30 -16.43
N ASP B 101 -58.75 -1.03 -17.52
CA ASP B 101 -58.76 -2.48 -17.51
C ASP B 101 -57.51 -3.06 -16.89
N ARG B 102 -56.39 -2.39 -17.13
CA ARG B 102 -55.11 -2.83 -16.63
C ARG B 102 -54.70 -2.25 -15.27
N ASP B 103 -55.53 -1.41 -14.67
CA ASP B 103 -55.22 -0.84 -13.35
C ASP B 103 -55.56 -1.89 -12.28
N PRO B 104 -54.53 -2.42 -11.60
CA PRO B 104 -54.69 -3.43 -10.57
C PRO B 104 -55.58 -3.03 -9.43
N ARG B 105 -55.69 -1.74 -9.13
CA ARG B 105 -56.55 -1.38 -8.03
C ARG B 105 -57.98 -1.40 -8.50
N SER B 106 -58.21 -0.98 -9.74
CA SER B 106 -59.55 -0.99 -10.31
C SER B 106 -60.03 -2.43 -10.40
N ILE B 107 -59.13 -3.31 -10.82
CA ILE B 107 -59.43 -4.73 -10.94
C ILE B 107 -59.82 -5.34 -9.61
N ALA B 108 -59.14 -4.93 -8.55
CA ALA B 108 -59.43 -5.46 -7.24
C ALA B 108 -60.77 -4.93 -6.77
N LYS B 109 -61.07 -3.67 -7.10
CA LYS B 109 -62.34 -3.09 -6.70
C LYS B 109 -63.47 -3.82 -7.43
N ARG B 110 -63.26 -4.04 -8.73
CA ARG B 110 -64.25 -4.74 -9.55
C ARG B 110 -64.59 -6.11 -8.96
N ALA B 111 -63.57 -6.76 -8.42
CA ALA B 111 -63.73 -8.07 -7.84
C ALA B 111 -64.53 -8.00 -6.55
N GLU B 112 -64.39 -6.92 -5.79
CA GLU B 112 -65.15 -6.80 -4.56
C GLU B 112 -66.60 -6.52 -4.91
N ASP B 113 -66.79 -5.80 -6.01
CA ASP B 113 -68.13 -5.47 -6.51
C ASP B 113 -68.83 -6.77 -6.90
N TYR B 114 -68.20 -7.53 -7.79
CA TYR B 114 -68.75 -8.80 -8.27
C TYR B 114 -69.12 -9.74 -7.13
N LEU B 115 -68.44 -9.63 -6.00
CA LEU B 115 -68.71 -10.47 -4.83
C LEU B 115 -70.11 -10.09 -4.34
N ARG B 116 -70.31 -8.81 -4.08
CA ARG B 116 -71.59 -8.29 -3.61
C ARG B 116 -72.70 -8.60 -4.62
N ALA B 117 -72.38 -8.46 -5.91
CA ALA B 117 -73.34 -8.73 -6.98
C ALA B 117 -73.88 -10.15 -6.97
N THR B 118 -73.00 -11.15 -6.91
CA THR B 118 -73.43 -12.54 -6.89
C THR B 118 -74.25 -12.78 -5.64
N GLY B 119 -74.15 -11.85 -4.70
CA GLY B 119 -74.86 -11.96 -3.45
C GLY B 119 -74.30 -13.07 -2.54
N ILE B 120 -73.19 -13.68 -2.94
CA ILE B 120 -72.59 -14.74 -2.13
C ILE B 120 -72.16 -14.23 -0.75
N ALA B 121 -71.72 -12.97 -0.69
CA ALA B 121 -71.28 -12.31 0.55
C ALA B 121 -71.19 -10.83 0.24
N ASP B 122 -71.01 -10.00 1.27
CA ASP B 122 -70.90 -8.57 1.04
C ASP B 122 -69.51 -7.96 1.23
N THR B 123 -68.60 -8.72 1.84
CA THR B 123 -67.22 -8.28 2.08
C THR B 123 -66.26 -9.48 2.15
N VAL B 124 -65.05 -9.29 1.64
CA VAL B 124 -64.00 -10.33 1.68
C VAL B 124 -62.93 -9.90 2.66
N LEU B 125 -62.44 -10.84 3.46
CA LEU B 125 -61.42 -10.52 4.43
C LEU B 125 -60.07 -11.15 4.13
N PHE B 126 -59.05 -10.30 4.04
CA PHE B 126 -57.69 -10.76 3.75
C PHE B 126 -56.71 -10.42 4.85
N GLY B 127 -55.98 -11.44 5.27
CA GLY B 127 -54.97 -11.26 6.30
C GLY B 127 -53.67 -11.86 5.80
N PRO B 128 -52.92 -11.14 4.95
CA PRO B 128 -51.66 -11.65 4.42
C PRO B 128 -50.53 -11.48 5.43
N GLU B 129 -49.54 -12.37 5.38
CA GLU B 129 -48.40 -12.33 6.30
C GLU B 129 -47.11 -12.24 5.54
N PRO B 130 -46.79 -11.06 5.01
CA PRO B 130 -45.55 -10.95 4.28
C PRO B 130 -44.34 -10.96 5.19
N GLU B 131 -43.34 -11.73 4.78
CA GLU B 131 -42.07 -11.86 5.48
C GLU B 131 -41.03 -11.10 4.64
N PHE B 132 -39.90 -10.74 5.23
CA PHE B 132 -38.88 -10.05 4.46
C PHE B 132 -37.50 -10.21 5.05
N PHE B 133 -36.48 -9.75 4.32
CA PHE B 133 -35.09 -9.81 4.78
C PHE B 133 -34.51 -8.44 4.92
N LEU B 134 -33.65 -8.29 5.92
CA LEU B 134 -32.93 -7.03 6.16
C LEU B 134 -31.43 -7.29 6.04
N PHE B 135 -30.78 -6.71 5.04
CA PHE B 135 -29.35 -6.90 4.84
C PHE B 135 -28.59 -5.61 5.02
N ASP B 136 -27.27 -5.70 4.96
CA ASP B 136 -26.38 -4.55 5.06
C ASP B 136 -25.83 -4.21 3.69
N ASP B 137 -25.59 -5.25 2.88
CA ASP B 137 -24.98 -5.08 1.57
C ASP B 137 -25.58 -6.07 0.60
N ILE B 138 -25.96 -5.58 -0.58
CA ILE B 138 -26.49 -6.42 -1.63
C ILE B 138 -25.83 -5.95 -2.91
N ARG B 139 -25.17 -6.86 -3.59
CA ARG B 139 -24.43 -6.57 -4.82
C ARG B 139 -24.78 -7.59 -5.86
N PHE B 140 -24.97 -7.18 -7.10
CA PHE B 140 -25.23 -8.13 -8.16
C PHE B 140 -25.01 -7.49 -9.50
N GLY B 141 -24.91 -8.34 -10.52
CA GLY B 141 -24.71 -7.85 -11.86
C GLY B 141 -24.67 -9.01 -12.83
N ALA B 142 -24.72 -8.68 -14.12
CA ALA B 142 -24.67 -9.69 -15.16
C ALA B 142 -24.31 -8.98 -16.43
N SER B 143 -23.29 -9.50 -17.09
CA SER B 143 -22.83 -8.94 -18.34
C SER B 143 -22.37 -10.13 -19.16
N ILE B 144 -21.82 -9.85 -20.33
CA ILE B 144 -21.41 -10.94 -21.19
C ILE B 144 -20.39 -11.87 -20.55
N SER B 145 -19.47 -11.32 -19.77
CA SER B 145 -18.44 -12.15 -19.18
C SER B 145 -18.75 -12.82 -17.87
N GLY B 146 -19.99 -12.71 -17.41
CA GLY B 146 -20.34 -13.39 -16.17
C GLY B 146 -21.51 -12.77 -15.46
N SER B 147 -21.68 -13.12 -14.21
CA SER B 147 -22.76 -12.60 -13.39
C SER B 147 -22.52 -13.00 -11.95
N HIS B 148 -23.19 -12.33 -11.04
CA HIS B 148 -23.01 -12.65 -9.64
C HIS B 148 -24.01 -12.00 -8.74
N VAL B 149 -24.06 -12.48 -7.50
CA VAL B 149 -24.89 -11.90 -6.45
C VAL B 149 -24.20 -12.21 -5.16
N ALA B 150 -24.06 -11.16 -4.38
CA ALA B 150 -23.42 -11.27 -3.08
C ALA B 150 -24.27 -10.65 -2.02
N ILE B 151 -24.61 -11.40 -0.99
CA ILE B 151 -25.44 -10.87 0.09
C ILE B 151 -24.63 -10.71 1.34
N ASP B 152 -24.92 -9.69 2.13
CA ASP B 152 -24.18 -9.57 3.36
C ASP B 152 -24.98 -8.89 4.44
N ASP B 153 -24.88 -9.43 5.64
CA ASP B 153 -25.53 -8.87 6.79
C ASP B 153 -24.79 -9.24 8.03
N ILE B 154 -24.86 -8.37 9.03
CA ILE B 154 -24.15 -8.61 10.26
C ILE B 154 -24.62 -9.88 10.96
N GLU B 155 -25.83 -10.33 10.64
CA GLU B 155 -26.38 -11.53 11.24
C GLU B 155 -26.03 -12.78 10.48
N GLY B 156 -25.60 -12.65 9.25
CA GLY B 156 -25.27 -13.83 8.48
C GLY B 156 -24.34 -14.77 9.19
N ALA B 157 -24.70 -16.04 9.24
CA ALA B 157 -23.88 -17.02 9.93
C ALA B 157 -22.45 -17.06 9.40
N TRP B 158 -22.31 -16.79 8.11
CA TRP B 158 -21.00 -16.82 7.47
C TRP B 158 -20.02 -15.81 8.05
N ASN B 159 -20.53 -14.79 8.71
CA ASN B 159 -19.68 -13.77 9.30
C ASN B 159 -19.12 -14.17 10.65
N SER B 160 -19.32 -15.41 11.04
CA SER B 160 -18.78 -15.87 12.32
C SER B 160 -17.25 -15.77 12.26
N SER B 161 -16.70 -15.78 11.05
CA SER B 161 -15.25 -15.72 10.85
C SER B 161 -14.72 -14.38 10.37
N THR B 162 -15.60 -13.43 10.09
CA THR B 162 -15.21 -12.13 9.58
C THR B 162 -14.51 -11.21 10.56
N LYS B 163 -13.45 -10.54 10.08
CA LYS B 163 -12.72 -9.60 10.93
C LYS B 163 -13.45 -8.27 10.82
N TYR B 164 -13.74 -7.67 11.97
CA TYR B 164 -14.43 -6.39 12.01
C TYR B 164 -13.53 -5.36 12.66
N GLU B 165 -13.70 -4.11 12.25
CA GLU B 165 -12.93 -2.98 12.74
C GLU B 165 -12.85 -2.99 14.27
N GLY B 166 -14.01 -2.97 14.92
CA GLY B 166 -14.03 -2.96 16.37
C GLY B 166 -14.17 -4.33 17.03
N GLY B 167 -13.81 -5.37 16.29
CA GLY B 167 -13.92 -6.72 16.80
C GLY B 167 -15.25 -7.37 16.42
N ASN B 168 -15.22 -8.68 16.20
CA ASN B 168 -16.42 -9.46 15.86
C ASN B 168 -17.06 -9.81 17.20
N LYS B 169 -18.30 -9.34 17.42
CA LYS B 169 -19.00 -9.56 18.68
C LYS B 169 -19.78 -10.88 18.74
N GLY B 170 -19.67 -11.53 17.64
CA GLY B 170 -20.23 -12.79 17.31
C GLY B 170 -21.41 -13.39 18.10
N HIS B 171 -22.63 -12.85 17.99
CA HIS B 171 -23.83 -13.57 18.48
C HIS B 171 -24.78 -13.56 17.33
N ARG B 172 -24.69 -14.55 16.50
CA ARG B 172 -25.48 -14.58 15.29
C ARG B 172 -26.37 -15.79 15.19
N PRO B 173 -27.50 -15.62 14.49
CA PRO B 173 -28.45 -16.69 14.29
C PRO B 173 -27.83 -17.62 13.27
N GLY B 174 -27.77 -18.91 13.61
CA GLY B 174 -27.19 -19.86 12.67
C GLY B 174 -28.17 -20.11 11.53
N VAL B 175 -27.80 -20.96 10.58
CA VAL B 175 -28.68 -21.25 9.45
C VAL B 175 -29.96 -21.89 9.99
N LYS B 176 -31.12 -21.37 9.56
CA LYS B 176 -32.43 -21.83 10.01
C LYS B 176 -32.58 -21.68 11.53
N GLY B 177 -31.74 -20.84 12.14
CA GLY B 177 -31.80 -20.71 13.60
C GLY B 177 -32.26 -19.31 14.09
N GLY B 178 -33.05 -18.62 13.28
CA GLY B 178 -33.51 -17.31 13.65
C GLY B 178 -34.78 -17.29 14.46
N TYR B 179 -35.48 -18.42 14.59
CA TYR B 179 -36.74 -18.39 15.33
C TYR B 179 -36.58 -18.19 16.85
N PHE B 180 -36.50 -16.89 17.16
CA PHE B 180 -36.67 -16.18 18.46
C PHE B 180 -35.49 -16.04 19.44
N PRO B 181 -34.24 -16.44 19.16
CA PRO B 181 -33.25 -16.07 20.15
C PRO B 181 -33.34 -14.63 20.56
N VAL B 182 -33.36 -14.35 21.85
CA VAL B 182 -33.44 -12.93 22.25
C VAL B 182 -32.15 -12.19 21.88
N PRO B 183 -32.21 -10.86 21.86
CA PRO B 183 -31.01 -10.08 21.55
C PRO B 183 -29.93 -10.48 22.56
N PRO B 184 -28.67 -10.28 22.21
CA PRO B 184 -28.19 -9.74 20.93
C PRO B 184 -28.19 -10.64 19.71
N VAL B 185 -28.56 -11.92 19.85
CA VAL B 185 -28.58 -12.78 18.66
C VAL B 185 -29.52 -12.16 17.65
N ASP B 186 -30.67 -11.71 18.13
CA ASP B 186 -31.64 -11.03 17.27
C ASP B 186 -31.21 -9.58 17.30
N SER B 187 -30.74 -9.07 16.18
CA SER B 187 -30.26 -7.69 16.12
C SER B 187 -31.29 -6.70 15.67
N ALA B 188 -32.51 -7.15 15.41
CA ALA B 188 -33.51 -6.24 14.86
C ALA B 188 -34.72 -5.85 15.69
N GLN B 189 -34.61 -5.89 17.01
CA GLN B 189 -35.75 -5.52 17.82
C GLN B 189 -36.13 -4.07 17.62
N ASP B 190 -35.19 -3.16 17.83
CA ASP B 190 -35.51 -1.73 17.68
C ASP B 190 -36.07 -1.40 16.30
N ILE B 191 -35.51 -2.00 15.27
CA ILE B 191 -35.99 -1.69 13.94
C ILE B 191 -37.38 -2.26 13.67
N ARG B 192 -37.64 -3.49 14.13
CA ARG B 192 -38.97 -4.04 13.92
C ARG B 192 -40.01 -3.17 14.62
N SER B 193 -39.69 -2.63 15.78
CA SER B 193 -40.68 -1.78 16.42
C SER B 193 -40.91 -0.45 15.76
N GLU B 194 -39.85 0.17 15.22
CA GLU B 194 -40.03 1.43 14.52
C GLU B 194 -40.96 1.14 13.36
N MET B 195 -40.73 0.02 12.67
CA MET B 195 -41.58 -0.33 11.55
C MET B 195 -43.03 -0.43 12.02
N CYS B 196 -43.23 -1.00 13.20
CA CYS B 196 -44.56 -1.14 13.75
C CYS B 196 -45.18 0.22 14.04
N LEU B 197 -44.48 1.04 14.80
CA LEU B 197 -44.99 2.36 15.13
C LEU B 197 -45.34 3.14 13.88
N VAL B 198 -44.45 3.12 12.90
CA VAL B 198 -44.68 3.86 11.68
C VAL B 198 -45.84 3.28 10.90
N MET B 199 -45.94 1.96 10.86
CA MET B 199 -47.03 1.33 10.14
C MET B 199 -48.35 1.80 10.72
N GLU B 200 -48.40 1.87 12.04
CA GLU B 200 -49.63 2.31 12.69
C GLU B 200 -49.90 3.78 12.46
N GLN B 201 -48.85 4.59 12.41
CA GLN B 201 -49.05 6.01 12.14
C GLN B 201 -49.65 6.14 10.75
N MET B 202 -49.48 5.11 9.94
CA MET B 202 -50.01 5.13 8.60
C MET B 202 -51.31 4.35 8.43
N GLY B 203 -51.95 4.03 9.54
CA GLY B 203 -53.24 3.36 9.47
C GLY B 203 -53.30 1.85 9.58
N LEU B 204 -52.16 1.21 9.65
CA LEU B 204 -52.17 -0.23 9.78
C LEU B 204 -52.32 -0.56 11.25
N VAL B 205 -52.74 -1.78 11.54
CA VAL B 205 -52.87 -2.22 12.92
C VAL B 205 -51.98 -3.43 13.06
N VAL B 206 -51.01 -3.31 13.95
CA VAL B 206 -50.02 -4.34 14.14
C VAL B 206 -50.40 -5.34 15.21
N GLU B 207 -50.21 -6.61 14.92
CA GLU B 207 -50.53 -7.66 15.87
C GLU B 207 -49.29 -8.23 16.53
N ALA B 208 -48.19 -8.28 15.79
CA ALA B 208 -46.95 -8.80 16.35
C ALA B 208 -45.76 -8.61 15.44
N HIS B 209 -44.57 -8.75 16.01
CA HIS B 209 -43.37 -8.68 15.22
C HIS B 209 -42.33 -9.61 15.83
N HIS B 210 -41.57 -10.22 14.94
CA HIS B 210 -40.58 -11.16 15.40
C HIS B 210 -39.56 -11.47 14.30
N HIS B 211 -38.45 -12.03 14.72
CA HIS B 211 -37.42 -12.45 13.80
C HIS B 211 -37.95 -13.71 13.13
N GLU B 212 -37.60 -13.97 11.88
CA GLU B 212 -38.08 -15.18 11.24
C GLU B 212 -37.00 -16.26 11.30
N VAL B 213 -37.18 -17.36 10.57
CA VAL B 213 -36.27 -18.48 10.64
C VAL B 213 -34.86 -18.30 10.10
N ALA B 214 -34.73 -17.71 8.94
CA ALA B 214 -33.42 -17.61 8.30
C ALA B 214 -32.39 -16.75 9.00
N THR B 215 -31.13 -17.11 8.82
CA THR B 215 -30.02 -16.33 9.35
C THR B 215 -30.01 -15.07 8.48
N ALA B 216 -29.15 -14.13 8.80
CA ALA B 216 -29.00 -12.98 7.96
C ALA B 216 -30.23 -12.05 7.85
N GLY B 217 -30.98 -11.87 8.92
CA GLY B 217 -32.06 -10.88 8.93
C GLY B 217 -33.45 -11.17 8.36
N GLN B 218 -33.92 -12.40 8.45
CA GLN B 218 -35.30 -12.56 8.01
C GLN B 218 -36.17 -12.07 9.14
N ASN B 219 -37.19 -11.28 8.84
CA ASN B 219 -38.04 -10.72 9.88
C ASN B 219 -39.48 -10.68 9.42
N GLU B 220 -40.40 -10.40 10.35
CA GLU B 220 -41.81 -10.31 10.02
C GLU B 220 -42.60 -9.39 10.94
N VAL B 221 -43.46 -8.57 10.35
CA VAL B 221 -44.39 -7.71 11.06
C VAL B 221 -45.77 -8.18 10.67
N ALA B 222 -46.51 -8.67 11.65
CA ALA B 222 -47.86 -9.16 11.42
C ALA B 222 -48.88 -8.07 11.65
N THR B 223 -49.70 -7.84 10.64
CA THR B 223 -50.73 -6.82 10.74
C THR B 223 -52.14 -7.42 10.68
N ARG B 224 -53.12 -6.71 11.25
CA ARG B 224 -54.51 -7.14 11.25
C ARG B 224 -55.07 -7.11 9.84
N PHE B 225 -55.96 -8.08 9.60
CA PHE B 225 -56.60 -8.23 8.30
C PHE B 225 -57.44 -6.98 8.05
N ASN B 226 -58.06 -6.93 6.88
CA ASN B 226 -58.92 -5.83 6.47
C ASN B 226 -59.64 -6.29 5.21
N THR B 227 -60.55 -5.47 4.70
CA THR B 227 -61.26 -5.86 3.49
C THR B 227 -60.25 -5.91 2.37
N MET B 228 -60.46 -6.82 1.44
CA MET B 228 -59.51 -7.07 0.34
C MET B 228 -58.78 -5.84 -0.22
N THR B 229 -59.49 -4.94 -0.92
CA THR B 229 -58.77 -3.81 -1.52
C THR B 229 -58.03 -2.92 -0.51
N LYS B 230 -58.60 -2.70 0.66
CA LYS B 230 -57.94 -1.87 1.65
C LYS B 230 -56.66 -2.59 2.15
N LYS B 231 -56.69 -3.92 2.14
CA LYS B 231 -55.53 -4.68 2.61
C LYS B 231 -54.38 -4.61 1.62
N ALA B 232 -54.70 -4.67 0.33
CA ALA B 232 -53.67 -4.58 -0.69
C ALA B 232 -53.03 -3.19 -0.58
N ASP B 233 -53.84 -2.19 -0.25
CA ASP B 233 -53.32 -0.84 -0.06
C ASP B 233 -52.34 -0.96 1.11
N GLU B 234 -52.80 -1.60 2.19
CA GLU B 234 -51.95 -1.77 3.36
C GLU B 234 -50.64 -2.50 3.06
N ILE B 235 -50.67 -3.46 2.13
CA ILE B 235 -49.46 -4.19 1.77
C ILE B 235 -48.47 -3.23 1.16
N GLN B 236 -48.94 -2.38 0.26
CA GLN B 236 -48.09 -1.38 -0.38
C GLN B 236 -47.43 -0.44 0.64
N ILE B 237 -48.23 -0.02 1.62
CA ILE B 237 -47.75 0.86 2.68
C ILE B 237 -46.77 0.08 3.54
N TYR B 238 -47.13 -1.12 3.81
CA TYR B 238 -46.30 -2.01 4.59
C TYR B 238 -44.91 -2.11 3.99
N LYS B 239 -44.87 -2.43 2.70
CA LYS B 239 -43.60 -2.54 2.00
C LYS B 239 -42.85 -1.22 2.04
N TYR B 240 -43.58 -0.14 1.84
CA TYR B 240 -42.99 1.17 1.83
C TYR B 240 -42.34 1.45 3.17
N VAL B 241 -43.04 1.16 4.25
CA VAL B 241 -42.49 1.41 5.56
C VAL B 241 -41.27 0.55 5.79
N VAL B 242 -41.38 -0.74 5.48
CA VAL B 242 -40.26 -1.65 5.66
C VAL B 242 -39.03 -1.17 4.88
N HIS B 243 -39.21 -0.88 3.60
CA HIS B 243 -38.12 -0.43 2.75
C HIS B 243 -37.47 0.83 3.27
N ASN B 244 -38.28 1.79 3.65
CA ASN B 244 -37.75 3.05 4.10
C ASN B 244 -37.22 3.11 5.52
N VAL B 245 -37.80 2.35 6.43
CA VAL B 245 -37.26 2.34 7.79
C VAL B 245 -35.90 1.65 7.71
N ALA B 246 -35.83 0.59 6.91
CA ALA B 246 -34.58 -0.14 6.75
C ALA B 246 -33.51 0.82 6.22
N HIS B 247 -33.85 1.56 5.18
CA HIS B 247 -32.94 2.52 4.56
C HIS B 247 -32.47 3.51 5.60
N ARG B 248 -33.39 4.02 6.41
CA ARG B 248 -33.01 4.99 7.42
C ARG B 248 -32.13 4.39 8.50
N PHE B 249 -32.19 3.09 8.69
CA PHE B 249 -31.35 2.43 9.70
C PHE B 249 -30.05 1.92 9.12
N GLY B 250 -29.80 2.22 7.86
CA GLY B 250 -28.56 1.75 7.26
C GLY B 250 -28.66 0.33 6.74
N LYS B 251 -29.88 -0.15 6.53
CA LYS B 251 -30.05 -1.49 6.00
C LYS B 251 -30.73 -1.41 4.63
N THR B 252 -31.03 -2.57 4.08
CA THR B 252 -31.72 -2.63 2.80
C THR B 252 -32.61 -3.83 2.91
N ALA B 253 -33.90 -3.65 2.67
CA ALA B 253 -34.84 -4.76 2.77
C ALA B 253 -35.29 -5.29 1.45
N THR B 254 -35.57 -6.58 1.41
CA THR B 254 -36.10 -7.17 0.19
C THR B 254 -37.25 -8.14 0.47
N PHE B 255 -38.24 -8.10 -0.42
CA PHE B 255 -39.37 -8.99 -0.31
C PHE B 255 -39.23 -10.13 -1.31
N MET B 256 -38.05 -10.31 -1.88
CA MET B 256 -37.81 -11.42 -2.82
C MET B 256 -38.17 -12.68 -2.08
N PRO B 257 -38.75 -13.66 -2.79
CA PRO B 257 -39.10 -14.89 -2.09
C PRO B 257 -37.96 -15.82 -1.65
N LYS B 258 -36.91 -15.95 -2.44
CA LYS B 258 -35.80 -16.85 -2.04
C LYS B 258 -34.47 -16.22 -2.37
N PRO B 259 -33.94 -15.35 -1.48
CA PRO B 259 -32.64 -14.76 -1.80
C PRO B 259 -31.48 -15.70 -1.54
N MET B 260 -31.69 -16.70 -0.69
CA MET B 260 -30.62 -17.63 -0.39
C MET B 260 -30.96 -19.10 -0.50
N PHE B 261 -30.06 -19.83 -1.13
CA PHE B 261 -30.25 -21.25 -1.23
C PHE B 261 -29.79 -21.83 0.11
N GLY B 262 -30.57 -22.71 0.74
CA GLY B 262 -30.08 -23.29 1.97
C GLY B 262 -30.72 -22.78 3.24
N ASP B 263 -31.53 -21.75 3.12
CA ASP B 263 -32.24 -21.25 4.28
C ASP B 263 -33.59 -20.80 3.79
N ASN B 264 -34.47 -20.53 4.75
CA ASN B 264 -35.83 -20.11 4.50
C ASN B 264 -36.04 -19.07 3.43
N GLY B 265 -37.15 -19.18 2.74
CA GLY B 265 -37.50 -18.16 1.76
C GLY B 265 -38.50 -17.29 2.49
N SER B 266 -39.07 -16.30 1.81
CA SER B 266 -40.05 -15.46 2.45
C SER B 266 -41.38 -15.74 1.78
N GLY B 267 -42.40 -16.02 2.58
CA GLY B 267 -43.71 -16.29 2.03
C GLY B 267 -44.70 -15.23 2.45
N MET B 268 -45.89 -15.28 1.87
CA MET B 268 -46.93 -14.34 2.24
C MET B 268 -48.23 -15.12 2.33
N HIS B 269 -48.38 -15.85 3.43
CA HIS B 269 -49.59 -16.62 3.66
C HIS B 269 -50.78 -15.68 3.61
N CYS B 270 -51.88 -16.17 3.07
CA CYS B 270 -53.08 -15.36 3.00
C CYS B 270 -54.28 -16.01 3.69
N HIS B 271 -54.69 -15.38 4.78
CA HIS B 271 -55.85 -15.83 5.54
C HIS B 271 -57.03 -15.15 4.88
N MET B 272 -58.08 -15.93 4.62
CA MET B 272 -59.28 -15.39 3.99
C MET B 272 -60.56 -15.94 4.62
N SER B 273 -61.63 -15.17 4.45
CA SER B 273 -62.95 -15.54 4.94
C SER B 273 -63.94 -14.56 4.32
N LEU B 274 -65.20 -14.97 4.22
CA LEU B 274 -66.23 -14.12 3.64
C LEU B 274 -67.24 -13.73 4.71
N ALA B 275 -67.99 -12.67 4.45
CA ALA B 275 -68.98 -12.24 5.40
C ALA B 275 -70.18 -11.53 4.78
N LYS B 276 -71.30 -11.60 5.49
CA LYS B 276 -72.53 -10.94 5.08
C LYS B 276 -73.24 -10.46 6.35
N ASN B 277 -73.64 -9.20 6.34
CA ASN B 277 -74.33 -8.55 7.45
C ASN B 277 -73.70 -8.97 8.77
N GLY B 278 -72.39 -8.77 8.86
CA GLY B 278 -71.68 -9.10 10.09
C GLY B 278 -71.47 -10.54 10.52
N THR B 279 -72.00 -11.51 9.78
CA THR B 279 -71.78 -12.90 10.18
C THR B 279 -70.72 -13.56 9.31
N ASN B 280 -69.91 -14.42 9.91
CA ASN B 280 -68.84 -15.11 9.19
C ASN B 280 -69.33 -16.31 8.38
N LEU B 281 -69.52 -16.09 7.09
CA LEU B 281 -69.98 -17.15 6.19
C LEU B 281 -69.11 -18.40 6.10
N PHE B 282 -67.99 -18.41 6.82
CA PHE B 282 -67.09 -19.56 6.80
C PHE B 282 -67.20 -20.50 7.99
N SER B 283 -67.93 -20.11 9.04
CA SER B 283 -68.09 -21.00 10.20
C SER B 283 -69.25 -21.95 9.94
N GLY B 284 -69.11 -23.17 10.41
CA GLY B 284 -70.15 -24.17 10.21
C GLY B 284 -69.94 -25.42 11.03
N ASP B 285 -70.66 -26.48 10.67
CA ASP B 285 -70.58 -27.77 11.37
C ASP B 285 -69.67 -28.78 10.68
N LYS B 286 -69.25 -28.46 9.46
CA LYS B 286 -68.37 -29.33 8.67
C LYS B 286 -66.95 -29.34 9.27
N TYR B 287 -66.00 -29.94 8.56
CA TYR B 287 -64.60 -30.05 9.02
C TYR B 287 -63.98 -28.84 9.71
N ALA B 288 -63.36 -29.09 10.87
CA ALA B 288 -62.70 -28.06 11.64
C ALA B 288 -63.46 -26.76 11.93
N GLY B 289 -64.79 -26.81 11.86
CA GLY B 289 -65.59 -25.63 12.15
C GLY B 289 -65.96 -24.82 10.93
N LEU B 290 -65.77 -25.42 9.75
CA LEU B 290 -66.06 -24.76 8.48
C LEU B 290 -67.48 -24.88 7.94
N SER B 291 -67.86 -23.90 7.11
CA SER B 291 -69.16 -23.89 6.45
C SER B 291 -68.92 -24.66 5.14
N GLU B 292 -69.98 -25.09 4.46
CA GLU B 292 -69.75 -25.81 3.22
C GLU B 292 -69.31 -24.82 2.16
N GLN B 293 -69.57 -23.54 2.43
CA GLN B 293 -69.19 -22.46 1.52
C GLN B 293 -67.66 -22.36 1.48
N ALA B 294 -67.05 -22.45 2.66
CA ALA B 294 -65.61 -22.40 2.82
C ALA B 294 -64.96 -23.51 2.01
N LEU B 295 -65.55 -24.70 2.09
CA LEU B 295 -65.04 -25.85 1.37
C LEU B 295 -65.09 -25.66 -0.13
N TYR B 296 -66.16 -25.06 -0.63
CA TYR B 296 -66.28 -24.83 -2.07
C TYR B 296 -65.22 -23.83 -2.47
N TYR B 297 -65.02 -22.84 -1.61
CA TYR B 297 -64.02 -21.81 -1.82
C TYR B 297 -62.66 -22.50 -1.97
N ILE B 298 -62.34 -23.35 -1.00
CA ILE B 298 -61.09 -24.10 -1.03
C ILE B 298 -60.97 -24.89 -2.33
N GLY B 299 -62.08 -25.51 -2.72
CA GLY B 299 -62.07 -26.29 -3.94
C GLY B 299 -61.72 -25.43 -5.11
N GLY B 300 -62.25 -24.20 -5.11
CA GLY B 300 -61.96 -23.27 -6.18
C GLY B 300 -60.48 -22.94 -6.25
N VAL B 301 -59.92 -22.59 -5.10
CA VAL B 301 -58.52 -22.25 -4.98
C VAL B 301 -57.67 -23.41 -5.48
N ILE B 302 -58.04 -24.63 -5.10
CA ILE B 302 -57.29 -25.78 -5.54
C ILE B 302 -57.43 -26.02 -7.03
N LYS B 303 -58.64 -25.83 -7.57
CA LYS B 303 -58.85 -26.05 -8.98
C LYS B 303 -58.01 -25.11 -9.81
N HIS B 304 -57.97 -23.84 -9.41
CA HIS B 304 -57.23 -22.81 -10.16
C HIS B 304 -55.86 -22.41 -9.58
N ALA B 305 -55.30 -23.26 -8.73
CA ALA B 305 -54.02 -22.98 -8.10
C ALA B 305 -52.93 -22.55 -9.08
N LYS B 306 -52.65 -23.37 -10.08
CA LYS B 306 -51.61 -23.02 -11.04
C LYS B 306 -51.81 -21.64 -11.70
N ALA B 307 -53.04 -21.24 -11.92
CA ALA B 307 -53.26 -19.94 -12.53
C ALA B 307 -53.06 -18.86 -11.48
N ILE B 308 -53.47 -19.13 -10.25
CA ILE B 308 -53.28 -18.15 -9.18
C ILE B 308 -51.80 -17.91 -8.97
N ASN B 309 -51.02 -18.97 -9.13
CA ASN B 309 -49.57 -18.90 -8.98
C ASN B 309 -48.97 -17.78 -9.81
N ALA B 310 -49.48 -17.59 -11.01
CA ALA B 310 -48.98 -16.56 -11.91
C ALA B 310 -49.11 -15.18 -11.31
N LEU B 311 -49.91 -15.05 -10.27
CA LEU B 311 -50.10 -13.76 -9.61
C LEU B 311 -49.59 -13.75 -8.19
N ALA B 312 -49.63 -14.91 -7.55
CA ALA B 312 -49.20 -15.03 -6.17
C ALA B 312 -47.73 -15.41 -6.02
N ASN B 313 -47.14 -15.83 -7.13
CA ASN B 313 -45.73 -16.26 -7.18
C ASN B 313 -45.35 -15.85 -8.59
N PRO B 314 -45.29 -14.54 -8.85
CA PRO B 314 -44.98 -13.97 -10.15
C PRO B 314 -43.54 -13.83 -10.58
N THR B 315 -42.63 -14.49 -9.89
CA THR B 315 -41.22 -14.36 -10.24
C THR B 315 -40.61 -15.74 -10.40
N THR B 316 -39.56 -15.87 -11.20
CA THR B 316 -38.89 -17.16 -11.34
C THR B 316 -38.35 -17.55 -9.96
N ASN B 317 -37.91 -16.54 -9.22
CA ASN B 317 -37.36 -16.74 -7.88
C ASN B 317 -38.38 -17.40 -6.97
N SER B 318 -39.66 -17.08 -7.18
CA SER B 318 -40.74 -17.63 -6.36
C SER B 318 -40.69 -19.14 -6.29
N TYR B 319 -40.26 -19.75 -7.42
CA TYR B 319 -40.22 -21.20 -7.54
C TYR B 319 -38.95 -21.76 -6.91
N LYS B 320 -38.13 -20.95 -6.34
CA LYS B 320 -36.97 -21.50 -5.68
C LYS B 320 -37.31 -21.73 -4.22
N ARG B 321 -38.47 -21.20 -3.83
CA ARG B 321 -39.03 -21.35 -2.48
C ARG B 321 -40.01 -22.55 -2.49
N LEU B 322 -40.75 -22.66 -3.59
CA LEU B 322 -41.71 -23.73 -3.79
C LEU B 322 -41.01 -24.90 -4.49
N VAL B 323 -40.27 -25.64 -3.70
CA VAL B 323 -39.54 -26.79 -4.22
C VAL B 323 -39.77 -27.94 -3.28
N PRO B 324 -39.75 -29.16 -3.86
CA PRO B 324 -39.92 -30.32 -3.01
C PRO B 324 -39.05 -30.27 -1.77
N GLY B 325 -39.59 -29.62 -0.74
CA GLY B 325 -38.92 -29.52 0.54
C GLY B 325 -39.89 -30.04 1.57
N TYR B 326 -39.52 -30.06 2.84
CA TYR B 326 -40.46 -30.62 3.83
C TYR B 326 -41.63 -29.70 4.11
N GLU B 327 -41.30 -28.48 4.49
CA GLU B 327 -42.29 -27.47 4.84
C GLU B 327 -42.80 -26.69 3.63
N ALA B 328 -42.35 -27.06 2.44
CA ALA B 328 -42.78 -26.42 1.22
C ALA B 328 -44.29 -26.54 1.05
N PRO B 329 -45.00 -25.40 1.08
CA PRO B 329 -46.46 -25.29 0.95
C PRO B 329 -46.86 -25.59 -0.47
N VAL B 330 -46.43 -26.73 -0.99
CA VAL B 330 -46.75 -27.07 -2.37
C VAL B 330 -47.84 -28.09 -2.67
N MET B 331 -48.30 -28.83 -1.66
CA MET B 331 -49.34 -29.83 -1.86
C MET B 331 -50.70 -29.17 -1.85
N LEU B 332 -51.41 -29.27 -2.97
CA LEU B 332 -52.75 -28.69 -3.10
C LEU B 332 -53.79 -29.45 -2.29
N ALA B 333 -53.82 -29.18 -0.99
CA ALA B 333 -54.75 -29.82 -0.10
C ALA B 333 -54.97 -28.99 1.15
N TYR B 334 -55.95 -29.38 1.95
CA TYR B 334 -56.22 -28.67 3.19
C TYR B 334 -56.09 -29.57 4.39
N SER B 335 -55.86 -28.96 5.54
CA SER B 335 -55.69 -29.67 6.80
C SER B 335 -55.54 -28.63 7.88
N ALA B 336 -55.80 -29.05 9.12
CA ALA B 336 -55.69 -28.16 10.26
C ALA B 336 -54.38 -28.39 10.96
N ARG B 337 -53.64 -29.38 10.49
CA ARG B 337 -52.37 -29.73 11.09
C ARG B 337 -51.23 -29.88 10.09
N ASN B 338 -51.37 -30.85 9.19
CA ASN B 338 -50.36 -31.12 8.18
C ASN B 338 -49.80 -29.88 7.50
N ARG B 339 -48.63 -29.41 7.94
CA ARG B 339 -48.04 -28.22 7.34
C ARG B 339 -47.22 -28.56 6.09
N SER B 340 -47.82 -29.44 5.28
CA SER B 340 -47.29 -29.88 4.00
C SER B 340 -48.31 -29.32 3.03
N ALA B 341 -49.52 -29.17 3.56
CA ALA B 341 -50.68 -28.68 2.86
C ALA B 341 -50.57 -27.17 2.66
N SER B 342 -50.79 -26.75 1.41
CA SER B 342 -50.72 -25.34 1.06
C SER B 342 -51.92 -24.58 1.59
N ILE B 343 -52.90 -25.30 2.14
CA ILE B 343 -54.08 -24.67 2.73
C ILE B 343 -54.25 -25.16 4.17
N ARG B 344 -53.91 -24.29 5.14
CA ARG B 344 -54.08 -24.65 6.54
C ARG B 344 -55.41 -24.13 7.03
N ILE B 345 -55.97 -24.86 7.97
CA ILE B 345 -57.20 -24.42 8.60
C ILE B 345 -56.85 -24.13 10.03
N PRO B 346 -56.79 -22.84 10.38
CA PRO B 346 -56.46 -22.39 11.73
C PRO B 346 -57.49 -22.96 12.66
N VAL B 347 -57.04 -23.50 13.79
CA VAL B 347 -57.99 -24.03 14.75
C VAL B 347 -58.14 -22.91 15.76
N VAL B 348 -59.34 -22.34 15.79
CA VAL B 348 -59.64 -21.25 16.68
C VAL B 348 -61.00 -21.50 17.36
N ALA B 349 -61.19 -20.92 18.55
CA ALA B 349 -62.44 -21.11 19.30
C ALA B 349 -63.64 -20.37 18.74
N SER B 350 -63.58 -19.04 18.78
CA SER B 350 -64.68 -18.22 18.28
C SER B 350 -65.00 -18.50 16.82
N PRO B 351 -66.24 -18.90 16.52
CA PRO B 351 -66.59 -19.18 15.13
C PRO B 351 -66.53 -17.89 14.30
N LYS B 352 -66.47 -16.75 14.99
CA LYS B 352 -66.38 -15.46 14.33
C LYS B 352 -65.04 -15.29 13.61
N ALA B 353 -64.06 -16.08 14.04
CA ALA B 353 -62.71 -16.03 13.48
C ALA B 353 -62.33 -17.22 12.58
N ARG B 354 -63.32 -18.02 12.17
CA ARG B 354 -63.07 -19.18 11.31
C ARG B 354 -62.65 -18.65 9.92
N ARG B 355 -61.62 -19.27 9.34
CA ARG B 355 -61.10 -18.84 8.03
C ARG B 355 -60.13 -19.87 7.45
N ILE B 356 -59.63 -19.62 6.23
CA ILE B 356 -58.64 -20.52 5.63
C ILE B 356 -57.33 -19.78 5.41
N GLU B 357 -56.23 -20.51 5.40
CA GLU B 357 -54.92 -19.91 5.16
C GLU B 357 -54.25 -20.51 3.95
N VAL B 358 -54.22 -19.77 2.85
CA VAL B 358 -53.55 -20.25 1.65
C VAL B 358 -52.08 -19.86 1.80
N ARG B 359 -51.24 -20.85 1.92
CA ARG B 359 -49.83 -20.65 2.20
C ARG B 359 -48.82 -20.40 1.06
N PHE B 360 -49.17 -20.67 -0.20
CA PHE B 360 -48.11 -20.57 -1.23
C PHE B 360 -47.74 -19.18 -1.77
N PRO B 361 -48.62 -18.22 -1.66
CA PRO B 361 -48.24 -16.84 -2.07
C PRO B 361 -46.91 -16.32 -1.54
N ASP B 362 -46.21 -15.42 -2.24
CA ASP B 362 -45.00 -14.84 -1.69
C ASP B 362 -45.14 -13.32 -1.77
N PRO B 363 -44.32 -12.57 -1.04
CA PRO B 363 -44.42 -11.11 -1.06
C PRO B 363 -44.16 -10.40 -2.36
N ALA B 364 -43.68 -11.11 -3.38
CA ALA B 364 -43.43 -10.47 -4.67
C ALA B 364 -44.73 -10.23 -5.41
N ALA B 365 -45.76 -10.92 -4.96
CA ALA B 365 -47.05 -10.82 -5.61
C ALA B 365 -47.67 -9.45 -5.56
N ASN B 366 -48.29 -9.07 -6.66
CA ASN B 366 -49.05 -7.83 -6.75
C ASN B 366 -50.22 -7.98 -5.75
N PRO B 367 -50.36 -7.08 -4.76
CA PRO B 367 -51.46 -7.29 -3.78
C PRO B 367 -52.80 -7.56 -4.42
N TYR B 368 -53.11 -6.53 -5.16
CA TYR B 368 -54.35 -6.46 -5.87
C TYR B 368 -54.65 -7.68 -6.71
N LEU B 369 -53.78 -7.95 -7.67
CA LEU B 369 -54.05 -9.07 -8.54
C LEU B 369 -54.02 -10.41 -7.84
N CYS B 370 -53.15 -10.54 -6.84
CA CYS B 370 -53.04 -11.81 -6.12
C CYS B 370 -54.30 -12.05 -5.32
N PHE B 371 -54.70 -11.06 -4.55
CA PHE B 371 -55.91 -11.19 -3.75
C PHE B 371 -57.12 -11.44 -4.64
N ALA B 372 -57.26 -10.65 -5.70
CA ALA B 372 -58.38 -10.80 -6.62
C ALA B 372 -58.47 -12.21 -7.19
N ALA B 373 -57.36 -12.73 -7.68
CA ALA B 373 -57.33 -14.08 -8.25
C ALA B 373 -57.71 -15.12 -7.21
N LEU B 374 -57.33 -14.89 -5.97
CA LEU B 374 -57.67 -15.82 -4.91
C LEU B 374 -59.19 -15.84 -4.72
N LEU B 375 -59.80 -14.65 -4.73
CA LEU B 375 -61.24 -14.49 -4.55
C LEU B 375 -62.00 -15.15 -5.67
N MET B 376 -61.74 -14.72 -6.90
CA MET B 376 -62.40 -15.25 -8.07
C MET B 376 -62.34 -16.77 -8.14
N ALA B 377 -61.22 -17.35 -7.73
CA ALA B 377 -61.10 -18.80 -7.74
C ALA B 377 -62.02 -19.36 -6.67
N GLY B 378 -62.10 -18.67 -5.54
CA GLY B 378 -62.96 -19.12 -4.45
C GLY B 378 -64.43 -19.08 -4.85
N LEU B 379 -64.84 -17.97 -5.47
CA LEU B 379 -66.21 -17.79 -5.92
C LEU B 379 -66.60 -18.83 -6.94
N ASP B 380 -65.71 -19.07 -7.89
CA ASP B 380 -65.98 -20.08 -8.91
C ASP B 380 -66.08 -21.44 -8.24
N GLY B 381 -65.49 -21.58 -7.07
CA GLY B 381 -65.53 -22.85 -6.36
C GLY B 381 -66.89 -23.01 -5.74
N ILE B 382 -67.47 -21.87 -5.36
CA ILE B 382 -68.78 -21.82 -4.76
C ILE B 382 -69.87 -21.97 -5.81
N LYS B 383 -69.91 -21.02 -6.74
CA LYS B 383 -70.90 -21.03 -7.83
C LYS B 383 -71.03 -22.44 -8.41
N ASN B 384 -69.91 -23.15 -8.54
CA ASN B 384 -69.93 -24.48 -9.11
C ASN B 384 -69.78 -25.62 -8.09
N LYS B 385 -70.07 -25.31 -6.82
CA LYS B 385 -70.01 -26.28 -5.73
C LYS B 385 -68.90 -27.32 -5.88
N ILE B 386 -67.69 -26.82 -6.10
CA ILE B 386 -66.53 -27.66 -6.30
C ILE B 386 -66.07 -28.25 -4.98
N HIS B 387 -66.32 -29.54 -4.80
CA HIS B 387 -65.91 -30.16 -3.56
C HIS B 387 -64.42 -30.48 -3.58
N PRO B 388 -63.85 -30.03 -2.47
CA PRO B 388 -62.45 -30.22 -1.97
C PRO B 388 -61.87 -31.62 -1.91
N GLY B 389 -62.75 -32.57 -1.64
CA GLY B 389 -62.36 -33.92 -1.44
C GLY B 389 -62.07 -33.96 0.05
N GLU B 390 -61.34 -34.99 0.49
CA GLU B 390 -61.02 -35.12 1.90
C GLU B 390 -59.66 -34.47 2.25
N PRO B 391 -59.53 -34.00 3.52
CA PRO B 391 -58.33 -33.33 4.02
C PRO B 391 -57.13 -34.28 4.11
N MET B 392 -55.94 -33.76 3.79
CA MET B 392 -54.71 -34.56 3.88
C MET B 392 -54.14 -34.35 5.27
N ASP B 393 -54.04 -35.43 6.04
CA ASP B 393 -53.50 -35.35 7.40
C ASP B 393 -52.29 -36.28 7.55
N LYS B 394 -51.88 -36.90 6.44
CA LYS B 394 -50.75 -37.83 6.41
C LYS B 394 -49.37 -37.14 6.50
N ASN B 395 -48.76 -36.89 5.34
CA ASN B 395 -47.45 -36.23 5.28
C ASN B 395 -47.21 -35.51 3.94
N LEU B 396 -46.01 -34.89 3.81
CA LEU B 396 -45.69 -33.95 2.74
C LEU B 396 -45.28 -34.66 1.43
N TYR B 397 -44.22 -34.14 0.90
CA TYR B 397 -43.72 -34.68 -0.38
C TYR B 397 -42.73 -35.78 -0.22
N ASP B 398 -42.17 -35.98 0.92
CA ASP B 398 -41.17 -37.04 0.87
C ASP B 398 -41.77 -38.12 1.72
N LEU B 399 -41.78 -39.35 1.26
CA LEU B 399 -42.41 -40.24 2.15
C LEU B 399 -43.49 -39.50 2.86
N PRO B 400 -44.64 -39.37 2.27
CA PRO B 400 -45.28 -40.21 1.31
C PRO B 400 -44.37 -40.97 0.32
N PRO B 401 -44.10 -40.49 -0.95
CA PRO B 401 -43.48 -41.11 -2.09
C PRO B 401 -43.93 -42.58 -2.33
N GLU B 402 -45.07 -42.97 -1.82
CA GLU B 402 -45.71 -44.32 -1.89
C GLU B 402 -46.30 -44.56 -3.27
N GLU B 403 -47.36 -43.83 -3.58
CA GLU B 403 -48.07 -43.88 -4.86
C GLU B 403 -47.42 -42.83 -5.78
N ALA B 404 -46.11 -42.59 -5.57
CA ALA B 404 -45.30 -41.59 -6.29
C ALA B 404 -45.86 -40.22 -5.85
N LYS B 405 -46.83 -40.30 -4.94
CA LYS B 405 -47.58 -39.19 -4.34
C LYS B 405 -47.96 -38.04 -5.27
N GLU B 406 -48.40 -38.38 -6.47
CA GLU B 406 -48.79 -37.36 -7.43
C GLU B 406 -50.23 -36.90 -7.19
N ILE B 407 -50.38 -36.10 -6.14
CA ILE B 407 -51.66 -35.48 -5.79
C ILE B 407 -51.53 -34.06 -6.36
N PRO B 408 -52.52 -33.22 -6.22
CA PRO B 408 -52.38 -31.85 -6.72
C PRO B 408 -51.13 -31.05 -6.42
N GLN B 409 -50.52 -30.38 -7.34
CA GLN B 409 -49.51 -29.48 -6.79
C GLN B 409 -49.47 -28.12 -7.48
N VAL B 410 -48.90 -27.12 -6.79
CA VAL B 410 -48.77 -25.78 -7.35
C VAL B 410 -47.79 -25.84 -8.53
N ALA B 411 -47.82 -24.81 -9.36
CA ALA B 411 -46.95 -24.76 -10.53
C ALA B 411 -45.49 -24.93 -10.11
N GLY B 412 -44.67 -25.56 -10.95
CA GLY B 412 -43.28 -25.77 -10.60
C GLY B 412 -42.30 -24.79 -11.22
N SER B 413 -42.83 -23.86 -12.01
CA SER B 413 -42.00 -22.87 -12.66
C SER B 413 -42.92 -21.73 -13.05
N LEU B 414 -42.34 -20.56 -13.28
CA LEU B 414 -43.14 -19.41 -13.67
C LEU B 414 -43.87 -19.61 -14.98
N GLU B 415 -43.17 -20.16 -15.97
CA GLU B 415 -43.74 -20.38 -17.29
C GLU B 415 -44.98 -21.24 -17.21
N GLU B 416 -44.88 -22.30 -16.42
CA GLU B 416 -45.97 -23.23 -16.22
C GLU B 416 -47.16 -22.48 -15.64
N ALA B 417 -46.88 -21.61 -14.67
CA ALA B 417 -47.93 -20.83 -14.03
C ALA B 417 -48.54 -19.86 -15.02
N LEU B 418 -47.71 -19.24 -15.85
CA LEU B 418 -48.20 -18.28 -16.82
C LEU B 418 -49.07 -19.01 -17.80
N ASN B 419 -48.63 -20.19 -18.22
CA ASN B 419 -49.41 -20.96 -19.17
C ASN B 419 -50.77 -21.35 -18.58
N ALA B 420 -50.78 -21.73 -17.32
CA ALA B 420 -52.03 -22.09 -16.64
C ALA B 420 -52.96 -20.90 -16.65
N LEU B 421 -52.41 -19.73 -16.32
CA LEU B 421 -53.20 -18.52 -16.30
C LEU B 421 -53.77 -18.29 -17.68
N ASP B 422 -52.99 -18.59 -18.71
CA ASP B 422 -53.45 -18.38 -20.09
C ASP B 422 -54.70 -19.19 -20.36
N LEU B 423 -54.57 -20.50 -20.18
CA LEU B 423 -55.64 -21.45 -20.42
C LEU B 423 -56.82 -21.35 -19.47
N ASP B 424 -56.52 -21.28 -18.19
CA ASP B 424 -57.54 -21.24 -17.15
C ASP B 424 -58.00 -19.85 -16.74
N ARG B 425 -58.18 -18.98 -17.73
CA ARG B 425 -58.59 -17.60 -17.45
C ARG B 425 -60.07 -17.30 -17.26
N GLU B 426 -60.95 -18.22 -17.61
CA GLU B 426 -62.38 -17.93 -17.48
C GLU B 426 -62.82 -17.44 -16.11
N PHE B 427 -62.44 -18.16 -15.06
CA PHE B 427 -62.85 -17.78 -13.72
C PHE B 427 -62.46 -16.36 -13.32
N LEU B 428 -61.47 -15.80 -14.02
CA LEU B 428 -61.00 -14.44 -13.75
C LEU B 428 -61.78 -13.40 -14.55
N LYS B 429 -62.21 -13.79 -15.75
CA LYS B 429 -62.98 -12.91 -16.62
C LYS B 429 -64.44 -12.73 -16.16
N ALA B 430 -64.86 -13.65 -15.28
CA ALA B 430 -66.20 -13.61 -14.70
C ALA B 430 -66.47 -12.22 -14.16
N GLY B 431 -67.69 -11.74 -14.39
CA GLY B 431 -68.06 -10.43 -13.91
C GLY B 431 -67.31 -9.31 -14.59
N GLY B 432 -66.54 -9.62 -15.63
CA GLY B 432 -65.77 -8.61 -16.35
C GLY B 432 -64.66 -7.96 -15.52
N VAL B 433 -64.24 -8.67 -14.48
CA VAL B 433 -63.17 -8.23 -13.57
C VAL B 433 -61.84 -8.16 -14.30
N PHE B 434 -61.42 -9.28 -14.88
CA PHE B 434 -60.19 -9.34 -15.68
C PHE B 434 -60.53 -9.43 -17.16
N THR B 435 -59.90 -8.60 -17.98
CA THR B 435 -60.14 -8.67 -19.41
C THR B 435 -59.02 -9.52 -20.03
N ASP B 436 -59.24 -10.05 -21.22
CA ASP B 436 -58.24 -10.86 -21.89
C ASP B 436 -56.98 -10.01 -22.10
N GLU B 437 -57.19 -8.78 -22.53
CA GLU B 437 -56.08 -7.86 -22.79
C GLU B 437 -55.20 -7.67 -21.58
N ALA B 438 -55.82 -7.48 -20.42
CA ALA B 438 -55.09 -7.30 -19.19
C ALA B 438 -54.26 -8.54 -18.92
N ILE B 439 -54.92 -9.68 -18.94
CA ILE B 439 -54.26 -10.95 -18.71
C ILE B 439 -53.10 -11.21 -19.68
N ASP B 440 -53.34 -10.97 -20.95
CA ASP B 440 -52.31 -11.20 -21.95
C ASP B 440 -51.10 -10.27 -21.78
N ALA B 441 -51.38 -9.06 -21.32
CA ALA B 441 -50.35 -8.05 -21.11
C ALA B 441 -49.49 -8.43 -19.92
N TYR B 442 -50.14 -8.89 -18.86
CA TYR B 442 -49.47 -9.32 -17.66
C TYR B 442 -48.54 -10.47 -18.01
N ILE B 443 -49.08 -11.44 -18.72
CA ILE B 443 -48.31 -12.60 -19.12
C ILE B 443 -47.09 -12.20 -19.95
N ALA B 444 -47.27 -11.21 -20.82
CA ALA B 444 -46.17 -10.78 -21.66
C ALA B 444 -45.07 -10.12 -20.84
N LEU B 445 -45.45 -9.36 -19.82
CA LEU B 445 -44.49 -8.70 -18.96
C LEU B 445 -43.63 -9.72 -18.25
N ARG B 446 -44.29 -10.74 -17.72
CA ARG B 446 -43.59 -11.77 -16.98
C ARG B 446 -42.78 -12.71 -17.86
N ARG B 447 -43.18 -12.89 -19.10
CA ARG B 447 -42.44 -13.80 -19.97
C ARG B 447 -41.08 -13.26 -20.34
N GLU B 448 -41.03 -11.94 -20.37
CA GLU B 448 -39.84 -11.18 -20.69
C GLU B 448 -38.88 -11.38 -19.51
N GLU B 449 -39.42 -11.38 -18.31
CA GLU B 449 -38.62 -11.61 -17.11
C GLU B 449 -38.17 -13.06 -17.09
N ASP B 450 -39.10 -13.97 -17.34
CA ASP B 450 -38.76 -15.39 -17.35
C ASP B 450 -37.63 -15.66 -18.35
N ASP B 451 -37.62 -14.92 -19.45
CA ASP B 451 -36.60 -15.11 -20.47
C ASP B 451 -35.20 -14.76 -20.05
N ARG B 452 -35.07 -13.69 -19.29
CA ARG B 452 -33.77 -13.25 -18.81
C ARG B 452 -33.14 -14.37 -18.02
N VAL B 453 -33.93 -14.95 -17.13
CA VAL B 453 -33.41 -16.01 -16.31
C VAL B 453 -33.15 -17.29 -17.11
N ARG B 454 -34.02 -17.61 -18.06
CA ARG B 454 -33.83 -18.82 -18.84
C ARG B 454 -32.64 -18.74 -19.78
N MET B 455 -32.39 -17.54 -20.29
CA MET B 455 -31.32 -17.34 -21.25
C MET B 455 -29.93 -17.02 -20.71
N THR B 456 -29.83 -16.54 -19.47
CA THR B 456 -28.54 -16.17 -18.91
C THR B 456 -27.87 -17.32 -18.18
N PRO B 457 -26.63 -17.65 -18.58
CA PRO B 457 -25.93 -18.76 -17.90
C PRO B 457 -25.93 -18.57 -16.40
N HIS B 458 -26.14 -19.65 -15.68
CA HIS B 458 -26.18 -19.63 -14.23
C HIS B 458 -24.85 -20.07 -13.66
N PRO B 459 -24.35 -19.37 -12.63
CA PRO B 459 -23.09 -19.72 -11.99
C PRO B 459 -22.93 -21.21 -11.74
N VAL B 460 -24.01 -21.83 -11.26
CA VAL B 460 -23.99 -23.27 -10.95
C VAL B 460 -23.75 -24.14 -12.19
N GLU B 461 -24.11 -23.61 -13.35
CA GLU B 461 -23.91 -24.38 -14.57
C GLU B 461 -22.45 -24.57 -14.84
N PHE B 462 -21.62 -23.63 -14.35
CA PHE B 462 -20.16 -23.74 -14.52
C PHE B 462 -19.61 -24.83 -13.61
N GLU B 463 -20.10 -24.84 -12.39
CA GLU B 463 -19.70 -25.82 -11.43
C GLU B 463 -20.02 -27.20 -11.98
N LEU B 464 -21.23 -27.33 -12.49
CA LEU B 464 -21.76 -28.59 -13.04
C LEU B 464 -21.21 -28.96 -14.41
N TYR B 465 -21.02 -28.01 -15.33
CA TYR B 465 -20.62 -28.40 -16.67
C TYR B 465 -19.35 -27.75 -17.25
N TYR B 466 -18.58 -26.92 -16.56
CA TYR B 466 -17.41 -26.32 -17.21
C TYR B 466 -16.42 -27.38 -17.75
N SER B 467 -16.23 -28.46 -16.99
CA SER B 467 -15.29 -29.52 -17.34
C SER B 467 -15.88 -30.65 -18.16
N VAL B 468 -17.03 -30.38 -18.74
CA VAL B 468 -17.74 -31.35 -19.54
C VAL B 468 -16.92 -31.79 -20.76
N SER C 1 -50.91 -10.96 39.35
CA SER C 1 -51.93 -9.97 39.08
C SER C 1 -51.84 -9.46 37.66
N ALA C 2 -52.97 -9.62 37.00
CA ALA C 2 -53.15 -9.16 35.66
C ALA C 2 -53.50 -7.67 35.67
N GLU C 3 -53.92 -7.18 36.83
CA GLU C 3 -54.28 -5.75 36.99
C GLU C 3 -53.05 -4.89 37.21
N HIS C 4 -52.09 -5.48 37.92
CA HIS C 4 -50.82 -4.83 38.20
C HIS C 4 -50.13 -4.58 36.87
N VAL C 5 -50.29 -5.55 35.98
CA VAL C 5 -49.71 -5.46 34.66
C VAL C 5 -50.34 -4.33 33.88
N LEU C 6 -51.68 -4.27 33.87
CA LEU C 6 -52.37 -3.22 33.14
C LEU C 6 -52.05 -1.82 33.65
N THR C 7 -51.59 -1.72 34.91
CA THR C 7 -51.22 -0.41 35.44
C THR C 7 -49.78 -0.09 35.09
N MET C 8 -48.94 -1.13 34.99
CA MET C 8 -47.53 -0.95 34.61
C MET C 8 -47.49 -0.46 33.18
N LEU C 9 -48.48 -0.87 32.38
CA LEU C 9 -48.57 -0.45 30.99
C LEU C 9 -48.80 1.05 30.88
N ASN C 10 -49.59 1.60 31.78
CA ASN C 10 -49.87 3.03 31.77
C ASN C 10 -48.81 3.87 32.46
N GLU C 11 -48.29 3.32 33.54
CA GLU C 11 -47.28 3.96 34.37
C GLU C 11 -45.98 4.19 33.61
N HIS C 12 -45.63 3.24 32.75
CA HIS C 12 -44.40 3.33 31.96
C HIS C 12 -44.68 3.66 30.48
N GLU C 13 -45.95 3.97 30.15
CA GLU C 13 -46.35 4.30 28.78
C GLU C 13 -45.77 3.28 27.80
N VAL C 14 -46.01 2.02 28.11
CA VAL C 14 -45.53 0.91 27.33
C VAL C 14 -46.14 0.85 25.94
N LYS C 15 -45.29 0.65 24.94
CA LYS C 15 -45.73 0.54 23.57
C LYS C 15 -45.74 -0.92 23.11
N PHE C 16 -44.90 -1.75 23.74
CA PHE C 16 -44.84 -3.17 23.38
C PHE C 16 -44.69 -4.10 24.55
N VAL C 17 -45.07 -5.35 24.31
CA VAL C 17 -44.96 -6.39 25.31
C VAL C 17 -44.15 -7.48 24.65
N ASP C 18 -43.04 -7.81 25.29
CA ASP C 18 -42.13 -8.82 24.78
C ASP C 18 -42.36 -10.11 25.55
N LEU C 19 -42.95 -11.07 24.86
CA LEU C 19 -43.27 -12.37 25.41
C LEU C 19 -42.06 -13.28 25.37
N ARG C 20 -41.62 -13.75 26.52
CA ARG C 20 -40.45 -14.62 26.55
C ARG C 20 -40.62 -16.02 27.09
N PHE C 21 -39.80 -16.90 26.53
CA PHE C 21 -39.79 -18.28 26.95
C PHE C 21 -38.44 -18.92 26.62
N THR C 22 -38.23 -20.15 27.11
CA THR C 22 -36.97 -20.86 26.90
C THR C 22 -37.16 -22.15 26.14
N ASP C 23 -36.19 -22.48 25.29
CA ASP C 23 -36.30 -23.72 24.53
C ASP C 23 -35.60 -24.81 25.29
N THR C 24 -35.62 -26.01 24.72
CA THR C 24 -35.00 -27.14 25.37
C THR C 24 -33.52 -26.93 25.69
N LYS C 25 -32.77 -26.31 24.77
CA LYS C 25 -31.35 -26.08 25.00
C LYS C 25 -31.08 -25.10 26.11
N GLY C 26 -32.06 -24.26 26.41
CA GLY C 26 -31.92 -23.31 27.50
C GLY C 26 -31.86 -21.86 27.08
N LYS C 27 -32.06 -21.65 25.78
CA LYS C 27 -31.97 -20.31 25.22
C LYS C 27 -33.27 -19.57 25.26
N GLU C 28 -33.24 -18.38 25.84
CA GLU C 28 -34.43 -17.54 25.94
C GLU C 28 -34.87 -17.11 24.55
N GLN C 29 -36.17 -17.17 24.31
CA GLN C 29 -36.75 -16.81 23.01
C GLN C 29 -37.77 -15.73 23.24
N HIS C 30 -38.19 -15.05 22.17
CA HIS C 30 -39.17 -13.99 22.34
C HIS C 30 -39.94 -13.63 21.08
N VAL C 31 -41.07 -13.00 21.30
CA VAL C 31 -41.94 -12.51 20.25
C VAL C 31 -42.59 -11.27 20.88
N THR C 32 -42.88 -10.27 20.05
CA THR C 32 -43.41 -9.02 20.56
C THR C 32 -44.77 -8.67 20.00
N ILE C 33 -45.61 -8.08 20.85
CA ILE C 33 -46.94 -7.62 20.43
C ILE C 33 -47.12 -6.22 20.98
N PRO C 34 -47.88 -5.39 20.26
CA PRO C 34 -48.14 -4.01 20.69
C PRO C 34 -48.87 -4.08 22.01
N ALA C 35 -48.66 -3.09 22.87
CA ALA C 35 -49.34 -3.09 24.16
C ALA C 35 -50.87 -3.19 24.01
N HIS C 36 -51.39 -2.54 22.96
CA HIS C 36 -52.84 -2.56 22.71
C HIS C 36 -53.43 -3.93 22.41
N GLN C 37 -52.59 -4.96 22.33
CA GLN C 37 -53.06 -6.31 22.07
C GLN C 37 -53.26 -7.07 23.38
N VAL C 38 -52.92 -6.40 24.48
CA VAL C 38 -53.06 -6.96 25.82
C VAL C 38 -54.43 -6.62 26.39
N ASN C 39 -55.24 -7.66 26.54
CA ASN C 39 -56.60 -7.54 27.04
C ASN C 39 -56.86 -8.62 28.06
N ALA C 40 -58.11 -8.72 28.50
CA ALA C 40 -58.50 -9.72 29.48
C ALA C 40 -58.26 -11.13 28.94
N GLU C 41 -58.66 -11.35 27.71
CA GLU C 41 -58.48 -12.66 27.05
C GLU C 41 -57.06 -13.16 27.15
N PHE C 42 -56.14 -12.30 26.72
CA PHE C 42 -54.71 -12.54 26.75
C PHE C 42 -54.23 -13.34 27.96
N PHE C 43 -54.64 -12.93 29.16
CA PHE C 43 -54.25 -13.62 30.37
C PHE C 43 -54.89 -14.96 30.65
N GLU C 44 -56.14 -15.12 30.23
CA GLU C 44 -56.83 -16.38 30.49
C GLU C 44 -56.59 -17.42 29.43
N GLU C 45 -56.46 -16.99 28.18
CA GLU C 45 -56.24 -17.94 27.11
C GLU C 45 -54.91 -17.84 26.33
N GLY C 46 -54.09 -16.86 26.70
CA GLY C 46 -52.81 -16.67 26.03
C GLY C 46 -52.89 -16.36 24.55
N LYS C 47 -51.78 -16.57 23.84
CA LYS C 47 -51.69 -16.34 22.40
C LYS C 47 -51.17 -17.60 21.73
N MET C 48 -51.60 -17.82 20.49
CA MET C 48 -51.21 -18.99 19.71
C MET C 48 -49.94 -18.80 18.92
N PHE C 49 -49.15 -19.86 18.82
CA PHE C 49 -47.93 -19.82 18.02
C PHE C 49 -47.56 -21.20 17.52
N ASP C 50 -46.72 -21.22 16.49
CA ASP C 50 -46.26 -22.43 15.85
C ASP C 50 -45.23 -23.19 16.68
N GLY C 51 -45.59 -24.39 17.09
CA GLY C 51 -44.69 -25.22 17.87
C GLY C 51 -43.54 -25.75 17.04
N SER C 52 -43.84 -26.29 15.87
CA SER C 52 -42.84 -26.88 14.97
C SER C 52 -41.57 -26.10 14.68
N SER C 53 -41.58 -24.82 15.02
CA SER C 53 -40.43 -23.92 14.77
C SER C 53 -39.25 -24.03 15.74
N ILE C 54 -39.53 -24.45 16.98
CA ILE C 54 -38.52 -24.61 18.01
C ILE C 54 -37.91 -26.02 17.93
N GLY C 55 -36.60 -26.10 18.10
CA GLY C 55 -35.95 -27.40 18.02
C GLY C 55 -36.39 -28.37 19.08
N GLY C 56 -36.67 -29.61 18.68
CA GLY C 56 -37.07 -30.64 19.61
C GLY C 56 -38.49 -30.54 20.15
N TRP C 57 -39.34 -29.76 19.47
CA TRP C 57 -40.69 -29.64 19.97
C TRP C 57 -41.67 -30.43 19.11
N LYS C 58 -42.85 -29.88 18.81
CA LYS C 58 -43.87 -30.59 18.01
C LYS C 58 -43.34 -30.90 16.60
N GLY C 59 -43.75 -32.03 16.04
CA GLY C 59 -43.29 -32.40 14.72
C GLY C 59 -44.25 -31.97 13.61
N ILE C 60 -44.31 -32.83 12.59
CA ILE C 60 -45.11 -32.65 11.38
C ILE C 60 -46.60 -32.39 11.56
N ASN C 61 -47.24 -32.95 12.55
CA ASN C 61 -48.69 -32.84 12.56
C ASN C 61 -49.37 -31.93 13.53
N GLU C 62 -48.78 -31.80 14.70
CA GLU C 62 -49.35 -31.03 15.82
C GLU C 62 -48.69 -29.72 16.11
N SER C 63 -48.45 -28.90 15.12
CA SER C 63 -47.74 -27.65 15.32
C SER C 63 -48.24 -26.67 16.37
N ASP C 64 -49.52 -26.31 16.30
CA ASP C 64 -49.96 -25.25 17.19
C ASP C 64 -50.09 -25.50 18.69
N MET C 65 -49.58 -24.48 19.41
CA MET C 65 -49.50 -24.45 20.86
C MET C 65 -49.78 -23.07 21.46
N VAL C 66 -49.88 -23.04 22.80
CA VAL C 66 -50.20 -21.82 23.52
C VAL C 66 -49.11 -21.15 24.38
N LEU C 67 -49.01 -19.84 24.25
CA LEU C 67 -48.09 -19.02 25.03
C LEU C 67 -48.90 -18.42 26.16
N MET C 68 -48.68 -18.89 27.37
CA MET C 68 -49.45 -18.39 28.49
C MET C 68 -48.68 -17.39 29.34
N PRO C 69 -49.04 -16.11 29.24
CA PRO C 69 -48.34 -15.09 30.02
C PRO C 69 -48.47 -15.32 31.51
N ASP C 70 -47.36 -15.19 32.21
CA ASP C 70 -47.32 -15.34 33.66
C ASP C 70 -47.16 -13.92 34.16
N ALA C 71 -48.29 -13.33 34.56
CA ALA C 71 -48.33 -11.97 35.04
C ALA C 71 -47.41 -11.61 36.20
N SER C 72 -46.91 -12.61 36.91
CA SER C 72 -46.02 -12.32 38.03
C SER C 72 -44.62 -11.89 37.57
N THR C 73 -44.28 -12.24 36.33
CA THR C 73 -42.97 -11.96 35.76
C THR C 73 -42.77 -10.62 35.06
N ALA C 74 -43.81 -9.81 34.99
CA ALA C 74 -43.70 -8.52 34.31
C ALA C 74 -42.56 -7.61 34.76
N VAL C 75 -41.71 -7.24 33.80
CA VAL C 75 -40.59 -6.35 34.07
C VAL C 75 -40.23 -5.62 32.78
N ILE C 76 -39.89 -4.35 32.95
CA ILE C 76 -39.51 -3.47 31.85
C ILE C 76 -38.15 -3.85 31.25
N ASP C 77 -38.04 -3.78 29.92
CA ASP C 77 -36.77 -4.08 29.27
C ASP C 77 -35.97 -2.78 29.33
N PRO C 78 -34.75 -2.84 29.87
CA PRO C 78 -33.88 -1.68 30.01
C PRO C 78 -33.03 -1.31 28.82
N PHE C 79 -33.13 -2.09 27.75
CA PHE C 79 -32.33 -1.84 26.55
C PHE C 79 -33.10 -1.37 25.34
N PHE C 80 -34.27 -1.95 25.08
CA PHE C 80 -35.07 -1.58 23.91
C PHE C 80 -35.33 -0.06 23.88
N ALA C 81 -35.37 0.50 22.68
CA ALA C 81 -35.57 1.93 22.47
C ALA C 81 -36.94 2.48 22.81
N ASP C 82 -37.96 1.68 22.54
CA ASP C 82 -39.36 2.01 22.78
C ASP C 82 -39.74 1.28 24.05
N SER C 83 -40.49 1.92 24.94
CA SER C 83 -40.91 1.30 26.19
C SER C 83 -41.57 -0.05 26.00
N THR C 84 -40.95 -1.10 26.54
CA THR C 84 -41.55 -2.41 26.39
C THR C 84 -41.46 -3.25 27.63
N LEU C 85 -42.54 -3.99 27.85
CA LEU C 85 -42.67 -4.81 29.02
C LEU C 85 -42.47 -6.26 28.70
N ILE C 86 -41.61 -6.88 29.47
CA ILE C 86 -41.32 -8.30 29.29
C ILE C 86 -42.24 -9.12 30.17
N ILE C 87 -42.81 -10.17 29.60
CA ILE C 87 -43.66 -11.09 30.33
C ILE C 87 -43.27 -12.49 29.93
N ARG C 88 -42.77 -13.23 30.91
CA ARG C 88 -42.35 -14.60 30.72
C ARG C 88 -43.62 -15.41 30.52
N CYS C 89 -43.56 -16.46 29.72
CA CYS C 89 -44.74 -17.27 29.43
C CYS C 89 -44.46 -18.73 29.60
N ASP C 90 -45.49 -19.55 29.82
CA ASP C 90 -45.29 -21.00 29.89
C ASP C 90 -45.88 -21.47 28.57
N ILE C 91 -45.53 -22.68 28.17
CA ILE C 91 -46.03 -23.24 26.93
C ILE C 91 -47.05 -24.30 27.31
N LEU C 92 -48.30 -24.06 26.93
CA LEU C 92 -49.37 -24.99 27.25
C LEU C 92 -49.90 -25.69 26.04
N GLU C 93 -50.42 -26.90 26.26
CA GLU C 93 -51.02 -27.71 25.20
C GLU C 93 -52.38 -27.01 24.94
N PRO C 94 -52.77 -26.83 23.67
CA PRO C 94 -54.05 -26.16 23.36
C PRO C 94 -55.28 -26.92 23.85
N GLY C 95 -56.29 -26.17 24.26
CA GLY C 95 -57.52 -26.78 24.75
C GLY C 95 -57.34 -27.24 26.18
N THR C 96 -56.52 -28.28 26.35
CA THR C 96 -56.25 -28.81 27.68
C THR C 96 -55.59 -27.74 28.56
N LEU C 97 -54.81 -26.86 27.93
CA LEU C 97 -54.10 -25.79 28.62
C LEU C 97 -53.28 -26.37 29.77
N GLN C 98 -52.71 -27.54 29.51
CA GLN C 98 -52.01 -28.26 30.57
C GLN C 98 -50.59 -27.82 30.91
N GLY C 99 -49.73 -27.79 29.94
CA GLY C 99 -48.35 -27.51 30.18
C GLY C 99 -47.61 -28.56 29.42
N TYR C 100 -47.03 -28.11 28.32
CA TYR C 100 -46.30 -28.94 27.40
C TYR C 100 -45.23 -29.79 28.08
N ASP C 101 -45.21 -31.07 27.75
CA ASP C 101 -44.25 -32.02 28.30
C ASP C 101 -42.83 -31.58 28.10
N ARG C 102 -42.59 -30.96 26.95
CA ARG C 102 -41.26 -30.50 26.59
C ARG C 102 -40.93 -29.06 26.99
N ASP C 103 -41.86 -28.35 27.62
CA ASP C 103 -41.61 -26.97 28.07
C ASP C 103 -40.80 -27.03 29.37
N PRO C 104 -39.55 -26.59 29.33
CA PRO C 104 -38.66 -26.59 30.49
C PRO C 104 -39.17 -25.83 31.67
N ARG C 105 -39.99 -24.81 31.45
CA ARG C 105 -40.46 -24.07 32.61
C ARG C 105 -41.58 -24.87 33.26
N SER C 106 -42.40 -25.51 32.45
CA SER C 106 -43.50 -26.33 32.96
C SER C 106 -42.91 -27.48 33.76
N ILE C 107 -41.84 -28.06 33.22
CA ILE C 107 -41.14 -29.17 33.86
C ILE C 107 -40.59 -28.78 35.22
N ALA C 108 -40.05 -27.57 35.31
CA ALA C 108 -39.49 -27.11 36.55
C ALA C 108 -40.60 -26.85 37.53
N LYS C 109 -41.74 -26.35 37.06
CA LYS C 109 -42.87 -26.09 37.95
C LYS C 109 -43.38 -27.42 38.48
N ARG C 110 -43.51 -28.41 37.59
CA ARG C 110 -43.98 -29.74 37.97
C ARG C 110 -43.13 -30.33 39.08
N ALA C 111 -41.83 -30.06 38.99
CA ALA C 111 -40.89 -30.57 39.96
C ALA C 111 -41.07 -29.89 41.31
N GLU C 112 -41.45 -28.62 41.31
CA GLU C 112 -41.66 -27.92 42.57
C GLU C 112 -42.94 -28.44 43.20
N ASP C 113 -43.90 -28.78 42.34
CA ASP C 113 -45.18 -29.33 42.78
C ASP C 113 -44.93 -30.66 43.47
N TYR C 114 -44.28 -31.58 42.75
CA TYR C 114 -43.97 -32.91 43.28
C TYR C 114 -43.24 -32.86 44.62
N LEU C 115 -42.49 -31.79 44.86
CA LEU C 115 -41.76 -31.62 46.11
C LEU C 115 -42.80 -31.47 47.21
N ARG C 116 -43.70 -30.52 47.03
CA ARG C 116 -44.76 -30.27 48.00
C ARG C 116 -45.64 -31.50 48.19
N ALA C 117 -45.93 -32.20 47.08
CA ALA C 117 -46.74 -33.40 47.12
C ALA C 117 -46.17 -34.50 48.02
N THR C 118 -44.89 -34.84 47.84
CA THR C 118 -44.26 -35.88 48.66
C THR C 118 -44.26 -35.43 50.10
N GLY C 119 -44.52 -34.14 50.30
CA GLY C 119 -44.52 -33.57 51.63
C GLY C 119 -43.13 -33.50 52.26
N ILE C 120 -42.08 -33.83 51.49
CA ILE C 120 -40.73 -33.77 52.02
C ILE C 120 -40.33 -32.36 52.44
N ALA C 121 -40.84 -31.36 51.72
CA ALA C 121 -40.59 -29.93 52.01
C ALA C 121 -41.60 -29.14 51.19
N ASP C 122 -41.69 -27.84 51.44
CA ASP C 122 -42.63 -27.03 50.68
C ASP C 122 -42.03 -26.06 49.66
N THR C 123 -40.72 -25.85 49.75
CA THR C 123 -39.99 -24.97 48.82
C THR C 123 -38.53 -25.40 48.68
N VAL C 124 -37.98 -25.26 47.46
CA VAL C 124 -36.57 -25.58 47.18
C VAL C 124 -35.81 -24.29 46.96
N LEU C 125 -34.60 -24.20 47.51
CA LEU C 125 -33.82 -23.00 47.34
C LEU C 125 -32.57 -23.20 46.50
N PHE C 126 -32.46 -22.39 45.44
CA PHE C 126 -31.32 -22.46 44.52
C PHE C 126 -30.54 -21.18 44.47
N GLY C 127 -29.23 -21.32 44.63
CA GLY C 127 -28.33 -20.18 44.57
C GLY C 127 -27.21 -20.51 43.62
N PRO C 128 -27.45 -20.40 42.29
CA PRO C 128 -26.40 -20.70 41.31
C PRO C 128 -25.43 -19.53 41.15
N GLU C 129 -24.19 -19.85 40.79
CA GLU C 129 -23.14 -18.83 40.63
C GLU C 129 -22.57 -18.90 39.24
N PRO C 130 -23.30 -18.38 38.25
CA PRO C 130 -22.75 -18.44 36.90
C PRO C 130 -21.63 -17.43 36.69
N GLU C 131 -20.57 -17.92 36.06
CA GLU C 131 -19.40 -17.11 35.72
C GLU C 131 -19.46 -16.87 34.21
N PHE C 132 -18.74 -15.88 33.71
CA PHE C 132 -18.74 -15.63 32.27
C PHE C 132 -17.51 -14.89 31.81
N PHE C 133 -17.35 -14.79 30.49
CA PHE C 133 -16.22 -14.07 29.91
C PHE C 133 -16.68 -12.90 29.09
N LEU C 134 -15.87 -11.84 29.12
CA LEU C 134 -16.14 -10.63 28.34
C LEU C 134 -14.98 -10.41 27.37
N PHE C 135 -15.24 -10.52 26.07
CA PHE C 135 -14.20 -10.33 25.06
C PHE C 135 -14.48 -9.13 24.20
N ASP C 136 -13.54 -8.82 23.32
CA ASP C 136 -13.66 -7.71 22.38
C ASP C 136 -13.94 -8.26 20.98
N ASP C 137 -13.35 -9.42 20.68
CA ASP C 137 -13.45 -10.02 19.36
C ASP C 137 -13.53 -11.53 19.50
N ILE C 138 -14.47 -12.14 18.79
CA ILE C 138 -14.62 -13.58 18.77
C ILE C 138 -14.90 -13.94 17.33
N ARG C 139 -14.05 -14.80 16.77
CA ARG C 139 -14.13 -15.23 15.38
C ARG C 139 -14.02 -16.72 15.32
N PHE C 140 -14.81 -17.36 14.49
CA PHE C 140 -14.70 -18.79 14.32
C PHE C 140 -15.41 -19.24 13.06
N GLY C 141 -15.10 -20.46 12.64
CA GLY C 141 -15.71 -21.00 11.45
C GLY C 141 -15.23 -22.42 11.22
N ALA C 142 -15.88 -23.11 10.30
CA ALA C 142 -15.52 -24.46 9.96
C ALA C 142 -16.15 -24.76 8.62
N SER C 143 -15.32 -25.24 7.71
CA SER C 143 -15.76 -25.59 6.38
C SER C 143 -14.93 -26.79 5.98
N ILE C 144 -15.11 -27.24 4.75
CA ILE C 144 -14.38 -28.41 4.32
C ILE C 144 -12.87 -28.27 4.42
N SER C 145 -12.36 -27.08 4.12
CA SER C 145 -10.92 -26.89 4.12
C SER C 145 -10.28 -26.52 5.43
N GLY C 146 -11.05 -26.53 6.51
CA GLY C 146 -10.45 -26.22 7.80
C GLY C 146 -11.43 -25.70 8.81
N SER C 147 -10.91 -25.12 9.86
CA SER C 147 -11.73 -24.56 10.93
C SER C 147 -10.85 -23.74 11.85
N HIS C 148 -11.46 -22.89 12.64
CA HIS C 148 -10.68 -22.09 13.56
C HIS C 148 -11.51 -21.35 14.56
N VAL C 149 -10.84 -20.83 15.58
CA VAL C 149 -11.44 -19.99 16.60
C VAL C 149 -10.36 -19.08 17.10
N ALA C 150 -10.72 -17.82 17.13
CA ALA C 150 -9.79 -16.80 17.59
C ALA C 150 -10.43 -15.91 18.62
N ILE C 151 -9.85 -15.81 19.78
CA ILE C 151 -10.43 -14.98 20.85
C ILE C 151 -9.58 -13.76 21.07
N ASP C 152 -10.20 -12.64 21.39
CA ASP C 152 -9.38 -11.49 21.66
C ASP C 152 -10.04 -10.55 22.65
N ASP C 153 -9.23 -10.04 23.56
CA ASP C 153 -9.69 -9.09 24.54
C ASP C 153 -8.53 -8.24 24.99
N ILE C 154 -8.85 -7.01 25.36
CA ILE C 154 -7.81 -6.10 25.79
C ILE C 154 -7.07 -6.59 27.04
N GLU C 155 -7.70 -7.49 27.78
CA GLU C 155 -7.10 -8.04 29.00
C GLU C 155 -6.26 -9.26 28.73
N GLY C 156 -6.45 -9.88 27.58
CA GLY C 156 -5.70 -11.09 27.30
C GLY C 156 -4.22 -10.93 27.50
N ALA C 157 -3.61 -11.83 28.25
CA ALA C 157 -2.18 -11.74 28.51
C ALA C 157 -1.35 -11.69 27.24
N TRP C 158 -1.84 -12.36 26.19
CA TRP C 158 -1.14 -12.41 24.93
C TRP C 158 -0.95 -11.04 24.28
N ASN C 159 -1.77 -10.08 24.68
CA ASN C 159 -1.67 -8.74 24.12
C ASN C 159 -0.59 -7.90 24.77
N SER C 160 0.22 -8.50 25.62
CA SER C 160 1.29 -7.75 26.26
C SER C 160 2.26 -7.25 25.18
N SER C 161 2.25 -7.92 24.04
CA SER C 161 3.13 -7.56 22.93
C SER C 161 2.46 -6.85 21.76
N THR C 162 1.15 -6.69 21.81
CA THR C 162 0.40 -6.08 20.73
C THR C 162 0.58 -4.58 20.56
N LYS C 163 0.70 -4.14 19.31
CA LYS C 163 0.84 -2.71 19.04
C LYS C 163 -0.56 -2.14 18.95
N TYR C 164 -0.79 -1.05 19.67
CA TYR C 164 -2.09 -0.40 19.68
C TYR C 164 -1.94 1.00 19.12
N GLU C 165 -3.02 1.48 18.50
CA GLU C 165 -3.08 2.80 17.90
C GLU C 165 -2.54 3.88 18.84
N GLY C 166 -3.14 3.97 20.04
CA GLY C 166 -2.69 4.97 20.99
C GLY C 166 -1.68 4.49 22.01
N GLY C 167 -0.98 3.40 21.69
CA GLY C 167 0.00 2.84 22.59
C GLY C 167 -0.60 1.73 23.47
N ASN C 168 0.22 0.73 23.78
CA ASN C 168 -0.19 -0.38 24.64
C ASN C 168 0.01 0.10 26.07
N LYS C 169 -1.06 0.18 26.86
CA LYS C 169 -1.00 0.69 28.23
C LYS C 169 -0.64 -0.38 29.27
N GLY C 170 -0.48 -1.53 28.72
CA GLY C 170 -0.15 -2.76 29.35
C GLY C 170 -0.30 -2.98 30.85
N HIS C 171 -1.52 -3.07 31.40
CA HIS C 171 -1.71 -3.58 32.77
C HIS C 171 -2.74 -4.66 32.65
N ARG C 172 -2.28 -5.86 32.41
CA ARG C 172 -3.18 -6.96 32.16
C ARG C 172 -3.04 -8.10 33.13
N PRO C 173 -4.13 -8.82 33.36
CA PRO C 173 -4.15 -9.95 34.26
C PRO C 173 -3.42 -11.07 33.53
N GLY C 174 -2.43 -11.66 34.17
CA GLY C 174 -1.71 -12.76 33.54
C GLY C 174 -2.57 -14.00 33.54
N VAL C 175 -2.05 -15.10 32.98
CA VAL C 175 -2.82 -16.34 32.93
C VAL C 175 -3.11 -16.79 34.37
N LYS C 176 -4.37 -17.11 34.66
CA LYS C 176 -4.82 -17.51 36.00
C LYS C 176 -4.54 -16.40 37.03
N GLY C 177 -4.32 -15.18 36.57
CA GLY C 177 -3.99 -14.10 37.51
C GLY C 177 -5.07 -12.99 37.61
N GLY C 178 -6.31 -13.36 37.36
CA GLY C 178 -7.38 -12.38 37.41
C GLY C 178 -8.00 -12.20 38.77
N TYR C 179 -7.69 -13.08 39.74
CA TYR C 179 -8.34 -12.93 41.06
C TYR C 179 -7.87 -11.72 41.86
N PHE C 180 -8.58 -10.62 41.52
CA PHE C 180 -8.75 -9.31 42.23
C PHE C 180 -7.72 -8.19 42.03
N PRO C 181 -6.70 -8.25 41.17
CA PRO C 181 -5.95 -7.02 41.02
C PRO C 181 -6.84 -5.81 40.81
N VAL C 182 -6.63 -4.75 41.57
CA VAL C 182 -7.49 -3.57 41.36
C VAL C 182 -7.22 -2.94 40.00
N PRO C 183 -8.14 -2.10 39.52
CA PRO C 183 -7.93 -1.42 38.23
C PRO C 183 -6.62 -0.65 38.33
N PRO C 184 -5.99 -0.38 37.19
CA PRO C 184 -6.43 -0.75 35.85
C PRO C 184 -6.22 -2.19 35.38
N VAL C 185 -5.60 -3.04 36.18
CA VAL C 185 -5.40 -4.43 35.75
C VAL C 185 -6.79 -5.01 35.47
N ASP C 186 -7.72 -4.75 36.38
CA ASP C 186 -9.09 -5.20 36.22
C ASP C 186 -9.75 -4.08 35.42
N SER C 187 -10.12 -4.37 34.18
CA SER C 187 -10.71 -3.36 33.31
C SER C 187 -12.22 -3.35 33.33
N ALA C 188 -12.84 -4.21 34.13
CA ALA C 188 -14.29 -4.31 34.11
C ALA C 188 -15.11 -3.86 35.30
N GLN C 189 -14.59 -2.94 36.10
CA GLN C 189 -15.35 -2.50 37.25
C GLN C 189 -16.64 -1.80 36.84
N ASP C 190 -16.53 -0.77 36.01
CA ASP C 190 -17.73 -0.04 35.59
C ASP C 190 -18.78 -0.94 34.95
N ILE C 191 -18.32 -1.87 34.12
CA ILE C 191 -19.28 -2.74 33.46
C ILE C 191 -19.93 -3.73 34.41
N ARG C 192 -19.16 -4.29 35.34
CA ARG C 192 -19.75 -5.22 36.29
C ARG C 192 -20.84 -4.49 37.11
N SER C 193 -20.59 -3.24 37.46
CA SER C 193 -21.63 -2.55 38.21
C SER C 193 -22.87 -2.20 37.44
N GLU C 194 -22.73 -1.84 36.16
CA GLU C 194 -23.90 -1.56 35.35
C GLU C 194 -24.71 -2.83 35.31
N MET C 195 -24.04 -3.97 35.14
CA MET C 195 -24.75 -5.24 35.10
C MET C 195 -25.51 -5.42 36.40
N CYS C 196 -24.89 -5.06 37.51
CA CYS C 196 -25.55 -5.18 38.80
C CYS C 196 -26.77 -4.29 38.90
N LEU C 197 -26.59 -3.00 38.62
CA LEU C 197 -27.70 -2.09 38.68
C LEU C 197 -28.85 -2.53 37.82
N VAL C 198 -28.54 -2.94 36.59
CA VAL C 198 -29.58 -3.37 35.67
C VAL C 198 -30.24 -4.65 36.15
N MET C 199 -29.45 -5.57 36.68
CA MET C 199 -30.00 -6.82 37.16
C MET C 199 -31.01 -6.53 38.25
N GLU C 200 -30.69 -5.59 39.12
CA GLU C 200 -31.61 -5.24 40.18
C GLU C 200 -32.83 -4.51 39.67
N GLN C 201 -32.68 -3.69 38.65
CA GLN C 201 -33.82 -3.00 38.07
C GLN C 201 -34.76 -4.07 37.52
N MET C 202 -34.22 -5.25 37.26
CA MET C 202 -35.03 -6.33 36.72
C MET C 202 -35.46 -7.35 37.75
N GLY C 203 -35.33 -7.00 39.03
CA GLY C 203 -35.78 -7.90 40.09
C GLY C 203 -34.80 -8.82 40.75
N LEU C 204 -33.57 -8.83 40.29
CA LEU C 204 -32.59 -9.70 40.92
C LEU C 204 -32.01 -8.94 42.09
N VAL C 205 -31.39 -9.67 43.01
CA VAL C 205 -30.76 -9.05 44.16
C VAL C 205 -29.31 -9.47 44.10
N VAL C 206 -28.45 -8.47 44.00
CA VAL C 206 -27.04 -8.71 43.86
C VAL C 206 -26.30 -8.74 45.18
N GLU C 207 -25.42 -9.73 45.33
CA GLU C 207 -24.63 -9.86 46.55
C GLU C 207 -23.21 -9.38 46.37
N ALA C 208 -22.65 -9.59 45.18
CA ALA C 208 -21.29 -9.16 44.92
C ALA C 208 -20.91 -9.29 43.46
N HIS C 209 -19.81 -8.61 43.10
CA HIS C 209 -19.29 -8.73 41.76
C HIS C 209 -17.78 -8.59 41.82
N HIS C 210 -17.14 -9.36 40.96
CA HIS C 210 -15.69 -9.37 40.96
C HIS C 210 -15.14 -9.99 39.67
N HIS C 211 -13.89 -9.74 39.42
CA HIS C 211 -13.20 -10.32 38.30
C HIS C 211 -12.95 -11.76 38.68
N GLU C 212 -12.94 -12.69 37.72
CA GLU C 212 -12.66 -14.08 38.08
C GLU C 212 -11.19 -14.39 37.80
N VAL C 213 -10.83 -15.68 37.85
CA VAL C 213 -9.44 -16.09 37.71
C VAL C 213 -8.78 -15.90 36.35
N ALA C 214 -9.45 -16.26 35.29
CA ALA C 214 -8.82 -16.24 33.97
C ALA C 214 -8.47 -14.87 33.43
N THR C 215 -7.42 -14.83 32.62
CA THR C 215 -7.02 -13.61 31.94
C THR C 215 -8.10 -13.38 30.89
N ALA C 216 -8.03 -12.27 30.18
CA ALA C 216 -8.97 -12.05 29.11
C ALA C 216 -10.45 -11.92 29.51
N GLY C 217 -10.74 -11.30 30.65
CA GLY C 217 -12.13 -10.97 31.00
C GLY C 217 -13.06 -11.98 31.65
N GLN C 218 -12.55 -12.87 32.48
CA GLN C 218 -13.53 -13.71 33.17
C GLN C 218 -14.08 -12.88 34.29
N ASN C 219 -15.40 -12.89 34.47
CA ASN C 219 -16.01 -12.07 35.51
C ASN C 219 -17.16 -12.81 36.14
N GLU C 220 -17.67 -12.28 37.26
CA GLU C 220 -18.81 -12.89 37.95
C GLU C 220 -19.65 -11.91 38.72
N VAL C 221 -20.97 -12.05 38.60
CA VAL C 221 -21.95 -11.28 39.37
C VAL C 221 -22.71 -12.29 40.20
N ALA C 222 -22.57 -12.16 41.51
CA ALA C 222 -23.24 -13.06 42.43
C ALA C 222 -24.59 -12.51 42.85
N THR C 223 -25.61 -13.31 42.66
CA THR C 223 -26.96 -12.90 43.02
C THR C 223 -27.54 -13.77 44.14
N ARG C 224 -28.50 -13.22 44.89
CA ARG C 224 -29.16 -13.94 45.97
C ARG C 224 -30.02 -15.06 45.41
N PHE C 225 -30.06 -16.15 46.20
CA PHE C 225 -30.81 -17.33 45.83
C PHE C 225 -32.28 -16.95 45.75
N ASN C 226 -33.11 -17.91 45.40
CA ASN C 226 -34.55 -17.74 45.28
C ASN C 226 -35.13 -19.14 45.10
N THR C 227 -36.45 -19.24 45.08
CA THR C 227 -37.07 -20.55 44.90
C THR C 227 -36.71 -21.04 43.52
N MET C 228 -36.55 -22.35 43.39
CA MET C 228 -36.08 -22.97 42.14
C MET C 228 -36.58 -22.33 40.82
N THR C 229 -37.87 -22.43 40.51
CA THR C 229 -38.32 -21.88 39.23
C THR C 229 -38.08 -20.37 39.07
N LYS C 230 -38.24 -19.60 40.13
CA LYS C 230 -38.02 -18.17 40.02
C LYS C 230 -36.51 -17.91 39.78
N LYS C 231 -35.66 -18.79 40.27
CA LYS C 231 -34.23 -18.60 40.09
C LYS C 231 -33.80 -18.88 38.67
N ALA C 232 -34.38 -19.90 38.05
CA ALA C 232 -34.07 -20.22 36.67
C ALA C 232 -34.50 -19.03 35.81
N ASP C 233 -35.62 -18.41 36.19
CA ASP C 233 -36.09 -17.23 35.48
C ASP C 233 -34.98 -16.20 35.63
N GLU C 234 -34.52 -16.01 36.87
CA GLU C 234 -33.46 -15.05 37.14
C GLU C 234 -32.18 -15.33 36.35
N ILE C 235 -31.87 -16.60 36.13
CA ILE C 235 -30.68 -16.96 35.36
C ILE C 235 -30.82 -16.43 33.95
N GLN C 236 -31.99 -16.64 33.36
CA GLN C 236 -32.27 -16.17 32.00
C GLN C 236 -32.11 -14.64 31.89
N ILE C 237 -32.62 -13.94 32.91
CA ILE C 237 -32.55 -12.48 32.96
C ILE C 237 -31.10 -12.09 33.15
N TYR C 238 -30.46 -12.82 34.01
CA TYR C 238 -29.07 -12.59 34.30
C TYR C 238 -28.24 -12.64 33.02
N LYS C 239 -28.41 -13.73 32.28
CA LYS C 239 -27.68 -13.88 31.02
C LYS C 239 -28.03 -12.76 30.06
N TYR C 240 -29.31 -12.43 30.02
CA TYR C 240 -29.78 -11.38 29.13
C TYR C 240 -29.09 -10.07 29.47
N VAL C 241 -29.04 -9.74 30.74
CA VAL C 241 -28.41 -8.50 31.15
C VAL C 241 -26.93 -8.53 30.81
N VAL C 242 -26.27 -9.61 31.14
CA VAL C 242 -24.84 -9.74 30.86
C VAL C 242 -24.57 -9.57 29.37
N HIS C 243 -25.30 -10.33 28.55
CA HIS C 243 -25.10 -10.27 27.11
C HIS C 243 -25.32 -8.89 26.54
N ASN C 244 -26.39 -8.25 26.97
CA ASN C 244 -26.72 -6.94 26.45
C ASN C 244 -25.94 -5.77 27.01
N VAL C 245 -25.54 -5.82 28.26
CA VAL C 245 -24.74 -4.73 28.79
C VAL C 245 -23.39 -4.81 28.10
N ALA C 246 -22.89 -6.03 27.92
CA ALA C 246 -21.62 -6.22 27.25
C ALA C 246 -21.69 -5.62 25.85
N HIS C 247 -22.74 -5.97 25.13
CA HIS C 247 -22.94 -5.48 23.77
C HIS C 247 -22.95 -3.97 23.77
N ARG C 248 -23.66 -3.36 24.70
CA ARG C 248 -23.71 -1.92 24.77
C ARG C 248 -22.37 -1.28 25.10
N PHE C 249 -21.50 -2.04 25.75
CA PHE C 249 -20.18 -1.50 26.10
C PHE C 249 -19.13 -1.83 25.06
N GLY C 250 -19.56 -2.43 23.96
CA GLY C 250 -18.60 -2.76 22.92
C GLY C 250 -17.89 -4.07 23.18
N LYS C 251 -18.47 -4.92 24.02
CA LYS C 251 -17.88 -6.21 24.27
C LYS C 251 -18.83 -7.31 23.80
N THR C 252 -18.45 -8.54 24.07
CA THR C 252 -19.28 -9.67 23.71
C THR C 252 -19.06 -10.68 24.82
N ALA C 253 -20.14 -11.13 25.45
CA ALA C 253 -20.01 -12.06 26.55
C ALA C 253 -20.39 -13.46 26.18
N THR C 254 -19.74 -14.43 26.83
CA THR C 254 -20.09 -15.81 26.60
C THR C 254 -20.17 -16.62 27.89
N PHE C 255 -21.14 -17.52 27.95
CA PHE C 255 -21.29 -18.38 29.10
C PHE C 255 -20.76 -19.76 28.78
N MET C 256 -20.02 -19.91 27.69
CA MET C 256 -19.42 -21.21 27.34
C MET C 256 -18.60 -21.64 28.52
N PRO C 257 -18.57 -22.95 28.80
CA PRO C 257 -17.77 -23.37 29.94
C PRO C 257 -16.26 -23.33 29.84
N LYS C 258 -15.70 -23.62 28.66
CA LYS C 258 -14.23 -23.60 28.53
C LYS C 258 -13.83 -22.99 27.19
N PRO C 259 -13.76 -21.65 27.11
CA PRO C 259 -13.38 -21.07 25.82
C PRO C 259 -11.88 -21.15 25.57
N MET C 260 -11.09 -21.29 26.63
CA MET C 260 -9.65 -21.35 26.46
C MET C 260 -8.96 -22.50 27.17
N PHE C 261 -8.07 -23.13 26.42
CA PHE C 261 -7.28 -24.18 27.01
C PHE C 261 -6.16 -23.51 27.80
N GLY C 262 -5.91 -23.88 29.04
CA GLY C 262 -4.80 -23.26 29.74
C GLY C 262 -5.17 -22.26 30.81
N ASP C 263 -6.45 -21.92 30.89
CA ASP C 263 -6.89 -21.01 31.91
C ASP C 263 -8.27 -21.48 32.32
N ASN C 264 -8.74 -20.92 33.43
CA ASN C 264 -10.02 -21.24 34.02
C ASN C 264 -11.19 -21.35 33.07
N GLY C 265 -12.10 -22.25 33.40
CA GLY C 265 -13.31 -22.37 32.62
C GLY C 265 -14.34 -21.61 33.42
N SER C 266 -15.58 -21.61 33.00
CA SER C 266 -16.61 -20.93 33.75
C SER C 266 -17.55 -21.98 34.30
N GLY C 267 -17.80 -21.93 35.59
CA GLY C 267 -18.70 -22.90 36.21
C GLY C 267 -19.94 -22.23 36.73
N MET C 268 -20.90 -23.03 37.16
CA MET C 268 -22.10 -22.49 37.74
C MET C 268 -22.45 -23.33 38.95
N HIS C 269 -21.73 -23.11 40.05
CA HIS C 269 -21.97 -23.83 41.28
C HIS C 269 -23.41 -23.63 41.68
N CYS C 270 -24.02 -24.67 42.24
CA CYS C 270 -25.39 -24.55 42.69
C CYS C 270 -25.55 -24.87 44.18
N HIS C 271 -25.91 -23.84 44.93
CA HIS C 271 -26.16 -23.98 46.34
C HIS C 271 -27.62 -24.36 46.45
N MET C 272 -27.91 -25.37 47.27
CA MET C 272 -29.28 -25.83 47.45
C MET C 272 -29.60 -26.15 48.91
N SER C 273 -30.89 -26.10 49.22
CA SER C 273 -31.39 -26.42 50.55
C SER C 273 -32.90 -26.52 50.44
N LEU C 274 -33.52 -27.24 51.36
CA LEU C 274 -34.97 -27.40 51.35
C LEU C 274 -35.57 -26.74 52.56
N ALA C 275 -36.86 -26.45 52.49
CA ALA C 275 -37.53 -25.83 53.62
C ALA C 275 -39.00 -26.16 53.74
N LYS C 276 -39.50 -26.07 54.97
CA LYS C 276 -40.91 -26.31 55.29
C LYS C 276 -41.29 -25.35 56.40
N ASN C 277 -42.41 -24.65 56.19
CA ASN C 277 -42.95 -23.68 57.12
C ASN C 277 -41.83 -22.83 57.73
N GLY C 278 -41.03 -22.24 56.85
CA GLY C 278 -39.95 -21.38 57.29
C GLY C 278 -38.72 -21.97 57.96
N THR C 279 -38.68 -23.28 58.20
CA THR C 279 -37.48 -23.84 58.83
C THR C 279 -36.60 -24.54 57.79
N ASN C 280 -35.29 -24.44 57.99
CA ASN C 280 -34.34 -25.05 57.07
C ASN C 280 -34.14 -26.54 57.30
N LEU C 281 -34.81 -27.36 56.50
CA LEU C 281 -34.72 -28.82 56.60
C LEU C 281 -33.33 -29.41 56.44
N PHE C 282 -32.33 -28.57 56.16
CA PHE C 282 -30.97 -29.06 55.98
C PHE C 282 -30.05 -28.89 57.19
N SER C 283 -30.47 -28.14 58.21
CA SER C 283 -29.63 -27.97 59.40
C SER C 283 -29.87 -29.13 60.35
N GLY C 284 -28.81 -29.57 61.02
CA GLY C 284 -28.94 -30.69 61.95
C GLY C 284 -27.71 -30.88 62.80
N ASP C 285 -27.61 -32.06 63.44
CA ASP C 285 -26.49 -32.38 64.32
C ASP C 285 -25.42 -33.23 63.64
N LYS C 286 -25.74 -33.73 62.44
CA LYS C 286 -24.81 -34.57 61.67
C LYS C 286 -23.64 -33.71 61.13
N TYR C 287 -22.81 -34.30 60.26
CA TYR C 287 -21.65 -33.62 59.67
C TYR C 287 -21.80 -32.16 59.27
N ALA C 288 -20.85 -31.34 59.72
CA ALA C 288 -20.84 -29.92 59.39
C ALA C 288 -22.12 -29.11 59.60
N GLY C 289 -23.01 -29.60 60.46
CA GLY C 289 -24.24 -28.89 60.74
C GLY C 289 -25.42 -29.31 59.88
N LEU C 290 -25.28 -30.45 59.22
CA LEU C 290 -26.30 -30.98 58.33
C LEU C 290 -27.36 -31.87 58.96
N SER C 291 -28.52 -31.93 58.30
CA SER C 291 -29.63 -32.79 58.73
C SER C 291 -29.38 -34.12 58.00
N GLU C 292 -30.03 -35.20 58.43
CA GLU C 292 -29.80 -36.45 57.73
C GLU C 292 -30.49 -36.39 56.39
N GLN C 293 -31.42 -35.45 56.25
CA GLN C 293 -32.16 -35.26 55.01
C GLN C 293 -31.19 -34.74 53.94
N ALA C 294 -30.36 -33.79 54.34
CA ALA C 294 -29.36 -33.20 53.47
C ALA C 294 -28.44 -34.28 52.92
N LEU C 295 -28.02 -35.18 53.80
CA LEU C 295 -27.14 -36.27 53.42
C LEU C 295 -27.78 -37.21 52.41
N TYR C 296 -29.07 -37.49 52.57
CA TYR C 296 -29.75 -38.36 51.62
C TYR C 296 -29.82 -37.65 50.28
N TYR C 297 -30.06 -36.35 50.35
CA TYR C 297 -30.12 -35.51 49.16
C TYR C 297 -28.79 -35.64 48.43
N ILE C 298 -27.70 -35.43 49.17
CA ILE C 298 -26.36 -35.55 48.60
C ILE C 298 -26.17 -36.92 47.96
N GLY C 299 -26.65 -37.94 48.66
CA GLY C 299 -26.51 -39.29 48.16
C GLY C 299 -27.22 -39.42 46.85
N GLY C 300 -28.38 -38.78 46.74
CA GLY C 300 -29.14 -38.83 45.51
C GLY C 300 -28.38 -38.19 44.36
N VAL C 301 -27.85 -37.00 44.62
CA VAL C 301 -27.08 -36.26 43.63
C VAL C 301 -25.90 -37.10 43.17
N ILE C 302 -25.23 -37.74 44.12
CA ILE C 302 -24.10 -38.57 43.77
C ILE C 302 -24.51 -39.80 42.98
N LYS C 303 -25.63 -40.40 43.35
CA LYS C 303 -26.07 -41.60 42.66
C LYS C 303 -26.39 -41.30 41.21
N HIS C 304 -27.08 -40.18 40.96
CA HIS C 304 -27.48 -39.79 39.61
C HIS C 304 -26.63 -38.70 38.93
N ALA C 305 -25.41 -38.49 39.43
CA ALA C 305 -24.53 -37.47 38.88
C ALA C 305 -24.38 -37.53 37.37
N LYS C 306 -23.97 -38.67 36.84
CA LYS C 306 -23.79 -38.77 35.40
C LYS C 306 -25.04 -38.38 34.59
N ALA C 307 -26.23 -38.66 35.11
CA ALA C 307 -27.42 -38.29 34.38
C ALA C 307 -27.65 -36.80 34.53
N ILE C 308 -27.37 -36.26 35.70
CA ILE C 308 -27.55 -34.83 35.92
C ILE C 308 -26.63 -34.06 34.98
N ASN C 309 -25.45 -34.63 34.74
CA ASN C 309 -24.46 -34.03 33.86
C ASN C 309 -25.04 -33.67 32.51
N ALA C 310 -25.90 -34.54 32.00
CA ALA C 310 -26.53 -34.32 30.70
C ALA C 310 -27.34 -33.05 30.66
N LEU C 311 -27.64 -32.49 31.83
CA LEU C 311 -28.41 -31.25 31.90
C LEU C 311 -27.62 -30.11 32.48
N ALA C 312 -26.68 -30.43 33.36
CA ALA C 312 -25.87 -29.44 34.02
C ALA C 312 -24.58 -29.13 33.29
N ASN C 313 -24.23 -29.98 32.32
CA ASN C 313 -23.02 -29.85 31.52
C ASN C 313 -23.47 -30.44 30.20
N PRO C 314 -24.38 -29.74 29.50
CA PRO C 314 -24.95 -30.16 28.24
C PRO C 314 -24.21 -29.92 26.96
N THR C 315 -22.93 -29.59 27.05
CA THR C 315 -22.15 -29.31 25.83
C THR C 315 -20.88 -30.13 25.84
N THR C 316 -20.33 -30.43 24.67
CA THR C 316 -19.09 -31.17 24.62
C THR C 316 -18.01 -30.31 25.30
N ASN C 317 -18.15 -28.99 25.13
CA ASN C 317 -17.21 -28.04 25.71
C ASN C 317 -17.19 -28.15 27.22
N SER C 318 -18.33 -28.49 27.81
CA SER C 318 -18.45 -28.63 29.26
C SER C 318 -17.38 -29.54 29.83
N TYR C 319 -17.06 -30.59 29.04
CA TYR C 319 -16.11 -31.61 29.47
C TYR C 319 -14.68 -31.15 29.25
N LYS C 320 -14.48 -29.97 28.77
CA LYS C 320 -13.11 -29.52 28.64
C LYS C 320 -12.73 -28.75 29.91
N ARG C 321 -13.74 -28.51 30.73
CA ARG C 321 -13.60 -27.86 32.05
C ARG C 321 -13.48 -28.95 33.12
N LEU C 322 -14.26 -30.01 32.94
CA LEU C 322 -14.27 -31.16 33.83
C LEU C 322 -13.25 -32.17 33.35
N VAL C 323 -11.99 -31.89 33.65
CA VAL C 323 -10.92 -32.78 33.26
C VAL C 323 -10.02 -32.95 34.44
N PRO C 324 -9.38 -34.15 34.51
CA PRO C 324 -8.45 -34.37 35.60
C PRO C 324 -7.52 -33.22 35.81
N GLY C 325 -7.97 -32.24 36.60
CA GLY C 325 -7.18 -31.09 36.96
C GLY C 325 -7.17 -31.03 38.46
N TYR C 326 -6.50 -30.05 39.05
CA TYR C 326 -6.46 -30.03 40.53
C TYR C 326 -7.78 -29.59 41.16
N GLU C 327 -8.25 -28.42 40.73
CA GLU C 327 -9.47 -27.85 41.24
C GLU C 327 -10.71 -28.32 40.51
N ALA C 328 -10.53 -29.25 39.57
CA ALA C 328 -11.64 -29.79 38.80
C ALA C 328 -12.65 -30.45 39.75
N PRO C 329 -13.87 -29.92 39.80
CA PRO C 329 -14.98 -30.39 40.65
C PRO C 329 -15.50 -31.70 40.11
N VAL C 330 -14.62 -32.66 39.90
CA VAL C 330 -15.05 -33.93 39.33
C VAL C 330 -15.23 -35.15 40.24
N MET C 331 -14.73 -35.08 41.47
CA MET C 331 -14.84 -36.20 42.40
C MET C 331 -16.20 -36.18 43.07
N LEU C 332 -16.98 -37.24 42.84
CA LEU C 332 -18.31 -37.38 43.42
C LEU C 332 -18.27 -37.64 44.93
N ALA C 333 -18.06 -36.58 45.69
CA ALA C 333 -17.97 -36.67 47.13
C ALA C 333 -18.29 -35.34 47.78
N TYR C 334 -18.43 -35.35 49.10
CA TYR C 334 -18.70 -34.11 49.81
C TYR C 334 -17.63 -33.84 50.84
N SER C 335 -17.51 -32.58 51.22
CA SER C 335 -16.54 -32.12 52.19
C SER C 335 -16.77 -30.65 52.42
N ALA C 336 -16.28 -30.15 53.55
CA ALA C 336 -16.44 -28.75 53.88
C ALA C 336 -15.16 -28.00 53.57
N ARG C 337 -14.15 -28.75 53.14
CA ARG C 337 -12.87 -28.16 52.81
C ARG C 337 -12.31 -28.59 51.47
N ASN C 338 -12.04 -29.89 51.33
CA ASN C 338 -11.49 -30.45 50.10
C ASN C 338 -12.16 -29.93 48.83
N ARG C 339 -11.52 -28.96 48.17
CA ARG C 339 -12.09 -28.41 46.95
C ARG C 339 -11.71 -29.24 45.73
N SER C 340 -11.80 -30.55 45.91
CA SER C 340 -11.55 -31.56 44.88
C SER C 340 -12.93 -32.19 44.71
N ALA C 341 -13.67 -32.09 45.81
CA ALA C 341 -15.02 -32.61 45.94
C ALA C 341 -16.00 -31.73 45.18
N SER C 342 -16.82 -32.39 44.35
CA SER C 342 -17.82 -31.68 43.56
C SER C 342 -18.97 -31.19 44.42
N ILE C 343 -18.99 -31.60 45.69
CA ILE C 343 -20.01 -31.14 46.62
C ILE C 343 -19.35 -30.53 47.85
N ARG C 344 -19.39 -29.20 47.94
CA ARG C 344 -18.82 -28.51 49.10
C ARG C 344 -19.91 -28.24 50.11
N ILE C 345 -19.53 -28.25 51.36
CA ILE C 345 -20.46 -27.91 52.43
C ILE C 345 -19.94 -26.62 53.01
N PRO C 346 -20.64 -25.53 52.73
CA PRO C 346 -20.29 -24.20 53.22
C PRO C 346 -20.31 -24.26 54.73
N VAL C 347 -19.29 -23.69 55.37
CA VAL C 347 -19.28 -23.67 56.81
C VAL C 347 -19.81 -22.29 57.15
N VAL C 348 -20.99 -22.28 57.76
CA VAL C 348 -21.64 -21.03 58.13
C VAL C 348 -22.19 -21.16 59.57
N ALA C 349 -22.32 -20.03 60.26
CA ALA C 349 -22.80 -20.02 61.64
C ALA C 349 -24.29 -20.29 61.79
N SER C 350 -25.12 -19.38 61.28
CA SER C 350 -26.57 -19.53 61.39
C SER C 350 -27.06 -20.82 60.75
N PRO C 351 -27.74 -21.67 61.52
CA PRO C 351 -28.24 -22.93 60.96
C PRO C 351 -29.30 -22.62 59.89
N LYS C 352 -29.79 -21.39 59.88
CA LYS C 352 -30.80 -20.97 58.91
C LYS C 352 -30.23 -20.94 57.50
N ALA C 353 -28.90 -20.86 57.42
CA ALA C 353 -28.18 -20.79 56.14
C ALA C 353 -27.43 -22.06 55.74
N ARG C 354 -27.70 -23.18 56.43
CA ARG C 354 -27.05 -24.45 56.13
C ARG C 354 -27.54 -24.94 54.76
N ARG C 355 -26.62 -25.41 53.92
CA ARG C 355 -26.97 -25.87 52.56
C ARG C 355 -25.81 -26.65 51.92
N ILE C 356 -26.02 -27.16 50.71
CA ILE C 356 -24.94 -27.86 50.00
C ILE C 356 -24.61 -27.12 48.71
N GLU C 357 -23.37 -27.25 48.24
CA GLU C 357 -22.96 -26.61 47.01
C GLU C 357 -22.49 -27.65 45.99
N VAL C 358 -23.30 -27.90 44.98
CA VAL C 358 -22.91 -28.84 43.92
C VAL C 358 -22.12 -28.02 42.91
N ARG C 359 -20.85 -28.31 42.79
CA ARG C 359 -19.93 -27.54 41.98
C ARG C 359 -19.77 -27.86 40.48
N PHE C 360 -20.24 -29.01 39.98
CA PHE C 360 -19.91 -29.32 38.57
C PHE C 360 -20.75 -28.66 37.46
N PRO C 361 -21.94 -28.23 37.76
CA PRO C 361 -22.72 -27.49 36.72
C PRO C 361 -21.99 -26.38 36.00
N ASP C 362 -22.33 -26.05 34.76
CA ASP C 362 -21.71 -24.91 34.10
C ASP C 362 -22.84 -24.02 33.57
N PRO C 363 -22.53 -22.77 33.22
CA PRO C 363 -23.57 -21.86 32.74
C PRO C 363 -24.27 -22.20 31.45
N ALA C 364 -23.80 -23.22 30.75
CA ALA C 364 -24.45 -23.61 29.48
C ALA C 364 -25.73 -24.38 29.78
N ALA C 365 -25.85 -24.84 31.01
CA ALA C 365 -26.99 -25.62 31.41
C ALA C 365 -28.30 -24.89 31.34
N ASN C 366 -29.34 -25.59 30.89
CA ASN C 366 -30.70 -25.07 30.88
C ASN C 366 -31.07 -24.85 32.36
N PRO C 367 -31.46 -23.62 32.77
CA PRO C 367 -31.75 -23.43 34.20
C PRO C 367 -32.70 -24.47 34.78
N TYR C 368 -33.81 -24.40 34.11
CA TYR C 368 -34.94 -25.23 34.44
C TYR C 368 -34.60 -26.69 34.55
N LEU C 369 -34.13 -27.26 33.45
CA LEU C 369 -33.86 -28.68 33.47
C LEU C 369 -32.72 -29.06 34.40
N CYS C 370 -31.73 -28.19 34.53
CA CYS C 370 -30.60 -28.50 35.40
C CYS C 370 -31.04 -28.50 36.84
N PHE C 371 -31.73 -27.44 37.24
CA PHE C 371 -32.20 -27.35 38.61
C PHE C 371 -33.14 -28.51 38.93
N ALA C 372 -34.10 -28.75 38.04
CA ALA C 372 -35.06 -29.84 38.23
C ALA C 372 -34.36 -31.19 38.44
N ALA C 373 -33.43 -31.52 37.57
CA ALA C 373 -32.71 -32.79 37.69
C ALA C 373 -31.95 -32.88 39.01
N LEU C 374 -31.45 -31.74 39.48
CA LEU C 374 -30.73 -31.73 40.74
C LEU C 374 -31.69 -32.09 41.87
N LEU C 375 -32.88 -31.50 41.84
CA LEU C 375 -33.92 -31.73 42.84
C LEU C 375 -34.36 -33.18 42.86
N MET C 376 -34.86 -33.64 41.72
CA MET C 376 -35.32 -35.01 41.59
C MET C 376 -34.31 -36.04 42.07
N ALA C 377 -33.03 -35.79 41.81
CA ALA C 377 -31.99 -36.70 42.26
C ALA C 377 -31.91 -36.63 43.78
N GLY C 378 -32.07 -35.42 44.31
CA GLY C 378 -32.01 -35.23 45.75
C GLY C 378 -33.16 -35.94 46.45
N LEU C 379 -34.37 -35.76 45.92
CA LEU C 379 -35.57 -36.38 46.45
C LEU C 379 -35.47 -37.89 46.43
N ASP C 380 -35.00 -38.42 45.31
CA ASP C 380 -34.86 -39.86 45.20
C ASP C 380 -33.81 -40.34 46.21
N GLY C 381 -32.94 -39.43 46.62
CA GLY C 381 -31.91 -39.79 47.58
C GLY C 381 -32.54 -39.89 48.95
N ILE C 382 -33.56 -39.06 49.17
CA ILE C 382 -34.30 -39.03 50.41
C ILE C 382 -35.28 -40.20 50.49
N LYS C 383 -36.23 -40.23 49.55
CA LYS C 383 -37.23 -41.28 49.51
C LYS C 383 -36.57 -42.64 49.74
N ASN C 384 -35.39 -42.84 49.17
CA ASN C 384 -34.70 -44.12 49.32
C ASN C 384 -33.54 -44.12 50.30
N LYS C 385 -33.53 -43.13 51.20
CA LYS C 385 -32.50 -43.00 52.24
C LYS C 385 -31.11 -43.43 51.78
N ILE C 386 -30.69 -42.88 50.66
CA ILE C 386 -29.39 -43.21 50.07
C ILE C 386 -28.28 -42.54 50.85
N HIS C 387 -27.54 -43.34 51.60
CA HIS C 387 -26.47 -42.77 52.37
C HIS C 387 -25.25 -42.52 51.49
N PRO C 388 -24.80 -41.29 51.68
CA PRO C 388 -23.56 -40.63 51.15
C PRO C 388 -22.22 -41.32 51.32
N GLY C 389 -22.11 -42.03 52.42
CA GLY C 389 -20.90 -42.65 52.80
C GLY C 389 -20.19 -41.57 53.60
N GLU C 390 -18.88 -41.71 53.78
CA GLU C 390 -18.12 -40.72 54.53
C GLU C 390 -17.52 -39.63 53.63
N PRO C 391 -17.33 -38.42 54.19
CA PRO C 391 -16.80 -37.25 53.48
C PRO C 391 -15.33 -37.43 53.10
N MET C 392 -14.95 -36.95 51.91
CA MET C 392 -13.56 -37.03 51.45
C MET C 392 -12.87 -35.75 51.91
N ASP C 393 -11.85 -35.90 52.74
CA ASP C 393 -11.11 -34.74 53.24
C ASP C 393 -9.62 -34.86 52.88
N LYS C 394 -9.29 -35.91 52.11
CA LYS C 394 -7.90 -36.19 51.69
C LYS C 394 -7.40 -35.24 50.58
N ASN C 395 -7.51 -35.68 49.32
CA ASN C 395 -7.06 -34.88 48.18
C ASN C 395 -7.81 -35.25 46.88
N LEU C 396 -7.44 -34.56 45.78
CA LEU C 396 -8.18 -34.60 44.51
C LEU C 396 -7.84 -35.83 43.65
N TYR C 397 -7.64 -35.52 42.40
CA TYR C 397 -7.35 -36.60 41.46
C TYR C 397 -5.89 -36.90 41.30
N ASP C 398 -5.02 -36.07 41.74
CA ASP C 398 -3.66 -36.48 41.44
C ASP C 398 -3.09 -36.80 42.80
N LEU C 399 -2.42 -37.91 42.96
CA LEU C 399 -1.98 -38.09 44.29
C LEU C 399 -2.98 -37.46 45.19
N PRO C 400 -4.04 -38.13 45.52
CA PRO C 400 -4.23 -39.54 45.62
C PRO C 400 -3.41 -40.44 44.67
N PRO C 401 -3.96 -40.92 43.47
CA PRO C 401 -3.48 -41.92 42.55
C PRO C 401 -2.90 -43.18 43.22
N GLU C 402 -3.26 -43.44 44.47
CA GLU C 402 -2.82 -44.56 45.34
C GLU C 402 -3.50 -45.87 44.92
N GLU C 403 -4.81 -45.92 45.16
CA GLU C 403 -5.65 -47.06 44.81
C GLU C 403 -6.21 -46.82 43.38
N ALA C 404 -5.41 -46.10 42.58
CA ALA C 404 -5.74 -45.69 41.20
C ALA C 404 -6.89 -44.66 41.34
N LYS C 405 -7.21 -44.39 42.61
CA LYS C 405 -8.26 -43.48 43.08
C LYS C 405 -9.57 -43.48 42.30
N GLU C 406 -10.03 -44.68 41.93
CA GLU C 406 -11.27 -44.79 41.19
C GLU C 406 -12.47 -44.77 42.13
N ILE C 407 -12.77 -43.57 42.62
CA ILE C 407 -13.93 -43.33 43.47
C ILE C 407 -14.97 -42.74 42.48
N PRO C 408 -16.16 -42.42 42.92
CA PRO C 408 -17.12 -41.82 41.99
C PRO C 408 -16.71 -40.69 41.07
N GLN C 409 -17.02 -40.71 39.81
CA GLN C 409 -16.76 -39.42 39.16
C GLN C 409 -17.84 -38.99 38.19
N VAL C 410 -17.89 -37.69 37.89
CA VAL C 410 -18.86 -37.14 36.94
C VAL C 410 -18.54 -37.70 35.56
N ALA C 411 -19.49 -37.60 34.64
CA ALA C 411 -19.30 -38.10 33.29
C ALA C 411 -18.06 -37.47 32.67
N GLY C 412 -17.37 -38.21 31.81
CA GLY C 412 -16.16 -37.66 31.20
C GLY C 412 -16.33 -37.14 29.78
N SER C 413 -17.55 -37.25 29.27
CA SER C 413 -17.86 -36.79 27.93
C SER C 413 -19.35 -36.59 27.84
N LEU C 414 -19.80 -35.80 26.89
CA LEU C 414 -21.23 -35.56 26.75
C LEU C 414 -22.01 -36.84 26.45
N GLU C 415 -21.48 -37.66 25.54
CA GLU C 415 -22.14 -38.89 25.14
C GLU C 415 -22.40 -39.77 26.32
N GLU C 416 -21.39 -39.90 27.16
CA GLU C 416 -21.45 -40.71 28.36
C GLU C 416 -22.57 -40.19 29.25
N ALA C 417 -22.65 -38.87 29.38
CA ALA C 417 -23.68 -38.25 30.19
C ALA C 417 -25.05 -38.48 29.60
N LEU C 418 -25.15 -38.39 28.28
CA LEU C 418 -26.42 -38.58 27.62
C LEU C 418 -26.85 -40.01 27.82
N ASN C 419 -25.91 -40.93 27.69
CA ASN C 419 -26.23 -42.34 27.88
C ASN C 419 -26.71 -42.61 29.30
N ALA C 420 -26.07 -41.98 30.28
CA ALA C 420 -26.47 -42.15 31.67
C ALA C 420 -27.89 -41.67 31.83
N LEU C 421 -28.17 -40.51 31.27
CA LEU C 421 -29.50 -39.94 31.34
C LEU C 421 -30.49 -40.92 30.75
N ASP C 422 -30.09 -41.58 29.66
CA ASP C 422 -30.97 -42.54 28.99
C ASP C 422 -31.38 -43.64 29.94
N LEU C 423 -30.37 -44.34 30.45
CA LEU C 423 -30.55 -45.46 31.36
C LEU C 423 -31.12 -45.11 32.73
N ASP C 424 -30.55 -44.09 33.34
CA ASP C 424 -30.94 -43.67 34.68
C ASP C 424 -32.04 -42.62 34.72
N ARG C 425 -33.06 -42.79 33.89
CA ARG C 425 -34.15 -41.82 33.83
C ARG C 425 -35.30 -41.95 34.81
N GLU C 426 -35.41 -43.07 35.51
CA GLU C 426 -36.53 -43.24 36.43
C GLU C 426 -36.72 -42.11 37.43
N PHE C 427 -35.66 -41.74 38.14
CA PHE C 427 -35.76 -40.70 39.15
C PHE C 427 -36.31 -39.37 38.62
N LEU C 428 -36.22 -39.17 37.30
CA LEU C 428 -36.71 -37.95 36.66
C LEU C 428 -38.18 -38.08 36.27
N LYS C 429 -38.60 -39.29 35.93
CA LYS C 429 -39.98 -39.55 35.53
C LYS C 429 -40.93 -39.57 36.73
N ALA C 430 -40.35 -39.69 37.92
CA ALA C 430 -41.10 -39.69 39.17
C ALA C 430 -42.03 -38.50 39.20
N GLY C 431 -43.25 -38.73 39.67
CA GLY C 431 -44.21 -37.64 39.74
C GLY C 431 -44.66 -37.14 38.39
N GLY C 432 -44.25 -37.83 37.31
CA GLY C 432 -44.64 -37.42 35.96
C GLY C 432 -44.04 -36.09 35.53
N VAL C 433 -42.95 -35.68 36.19
CA VAL C 433 -42.22 -34.45 35.92
C VAL C 433 -41.59 -34.49 34.52
N PHE C 434 -40.75 -35.49 34.29
CA PHE C 434 -40.13 -35.69 32.98
C PHE C 434 -40.78 -36.88 32.27
N THR C 435 -41.16 -36.69 31.01
CA THR C 435 -41.72 -37.81 30.26
C THR C 435 -40.59 -38.44 29.44
N ASP C 436 -40.78 -39.68 29.00
CA ASP C 436 -39.76 -40.35 28.19
C ASP C 436 -39.54 -39.56 26.92
N GLU C 437 -40.63 -39.10 26.31
CA GLU C 437 -40.56 -38.34 25.08
C GLU C 437 -39.70 -37.10 25.21
N ALA C 438 -39.89 -36.37 26.30
CA ALA C 438 -39.11 -35.18 26.57
C ALA C 438 -37.63 -35.54 26.64
N ILE C 439 -37.34 -36.52 27.49
CA ILE C 439 -35.98 -36.97 27.68
C ILE C 439 -35.33 -37.45 26.37
N ASP C 440 -36.05 -38.25 25.61
CA ASP C 440 -35.51 -38.76 24.36
C ASP C 440 -35.26 -37.66 23.34
N ALA C 441 -36.10 -36.63 23.37
CA ALA C 441 -35.99 -35.51 22.45
C ALA C 441 -34.79 -34.67 22.80
N TYR C 442 -34.58 -34.45 24.10
CA TYR C 442 -33.46 -33.69 24.59
C TYR C 442 -32.18 -34.39 24.18
N ILE C 443 -32.14 -35.69 24.42
CA ILE C 443 -30.97 -36.49 24.08
C ILE C 443 -30.68 -36.41 22.59
N ALA C 444 -31.72 -36.41 21.78
CA ALA C 444 -31.51 -36.37 20.35
C ALA C 444 -30.95 -35.03 19.90
N LEU C 445 -31.39 -33.95 20.55
CA LEU C 445 -30.89 -32.63 20.21
C LEU C 445 -29.41 -32.54 20.49
N ARG C 446 -29.01 -33.05 21.66
CA ARG C 446 -27.62 -32.99 22.04
C ARG C 446 -26.72 -33.96 21.28
N ARG C 447 -27.28 -35.06 20.80
CA ARG C 447 -26.44 -36.02 20.09
C ARG C 447 -26.00 -35.49 18.75
N GLU C 448 -26.84 -34.64 18.21
CA GLU C 448 -26.63 -33.98 16.93
C GLU C 448 -25.47 -33.01 17.13
N GLU C 449 -25.46 -32.34 18.29
CA GLU C 449 -24.38 -31.42 18.62
C GLU C 449 -23.11 -32.22 18.86
N ASP C 450 -23.22 -33.28 19.66
CA ASP C 450 -22.06 -34.11 19.96
C ASP C 450 -21.42 -34.62 18.66
N ASP C 451 -22.26 -34.89 17.66
CA ASP C 451 -21.76 -35.40 16.38
C ASP C 451 -20.91 -34.44 15.61
N ARG C 452 -21.28 -33.17 15.63
CA ARG C 452 -20.53 -32.15 14.91
C ARG C 452 -19.11 -32.14 15.42
N VAL C 453 -18.98 -32.15 16.74
CA VAL C 453 -17.68 -32.12 17.33
C VAL C 453 -16.91 -33.42 17.10
N ARG C 454 -17.59 -34.56 17.17
CA ARG C 454 -16.91 -35.84 16.99
C ARG C 454 -16.46 -36.06 15.56
N MET C 455 -17.23 -35.54 14.63
CA MET C 455 -16.93 -35.74 13.21
C MET C 455 -16.04 -34.73 12.53
N THR C 456 -15.89 -33.53 13.10
CA THR C 456 -15.08 -32.50 12.47
C THR C 456 -13.63 -32.53 12.92
N PRO C 457 -12.68 -32.64 11.98
CA PRO C 457 -11.26 -32.68 12.35
C PRO C 457 -10.93 -31.52 13.26
N HIS C 458 -10.11 -31.80 14.27
CA HIS C 458 -9.71 -30.81 15.24
C HIS C 458 -8.31 -30.27 14.90
N PRO C 459 -8.11 -28.96 14.99
CA PRO C 459 -6.82 -28.36 14.68
C PRO C 459 -5.65 -29.11 15.30
N VAL C 460 -5.82 -29.53 16.55
CA VAL C 460 -4.77 -30.24 17.28
C VAL C 460 -4.42 -31.59 16.64
N GLU C 461 -5.38 -32.16 15.93
CA GLU C 461 -5.13 -33.43 15.28
C GLU C 461 -4.09 -33.29 14.20
N PHE C 462 -3.99 -32.08 13.63
CA PHE C 462 -2.98 -31.81 12.59
C PHE C 462 -1.60 -31.73 13.22
N GLU C 463 -1.54 -31.04 14.35
CA GLU C 463 -0.30 -30.91 15.07
C GLU C 463 0.21 -32.28 15.43
N LEU C 464 -0.69 -33.11 15.95
CA LEU C 464 -0.41 -34.46 16.41
C LEU C 464 -0.22 -35.49 15.29
N TYR C 465 -1.01 -35.43 14.21
CA TYR C 465 -0.90 -36.48 13.21
C TYR C 465 -0.65 -36.07 11.76
N TYR C 466 -0.45 -34.80 11.40
CA TYR C 466 -0.26 -34.49 9.98
C TYR C 466 0.95 -35.25 9.36
N SER C 467 2.02 -35.37 10.13
CA SER C 467 3.26 -36.01 9.68
C SER C 467 3.34 -37.50 9.94
N VAL C 468 2.19 -38.09 10.23
CA VAL C 468 2.09 -39.49 10.52
C VAL C 468 2.56 -40.37 9.36
N SER D 1 -15.21 3.94 63.28
CA SER D 1 -16.65 4.11 63.40
C SER D 1 -17.37 3.51 62.21
N ALA D 2 -18.27 2.60 62.59
CA ALA D 2 -19.12 1.95 61.66
C ALA D 2 -20.33 2.84 61.34
N GLU D 3 -20.56 3.82 62.20
CA GLU D 3 -21.68 4.76 62.01
C GLU D 3 -21.32 5.86 61.03
N HIS D 4 -20.05 6.25 61.09
CA HIS D 4 -19.52 7.28 60.20
C HIS D 4 -19.62 6.74 58.78
N VAL D 5 -19.39 5.43 58.66
CA VAL D 5 -19.48 4.77 57.37
C VAL D 5 -20.91 4.81 56.86
N LEU D 6 -21.87 4.43 57.71
CA LEU D 6 -23.25 4.41 57.29
C LEU D 6 -23.78 5.80 56.90
N THR D 7 -23.12 6.86 57.39
CA THR D 7 -23.54 8.20 57.02
C THR D 7 -22.87 8.63 55.72
N MET D 8 -21.66 8.13 55.48
CA MET D 8 -20.92 8.42 54.25
C MET D 8 -21.67 7.78 53.09
N LEU D 9 -22.35 6.66 53.37
CA LEU D 9 -23.14 5.97 52.36
C LEU D 9 -24.30 6.82 51.88
N ASN D 10 -24.91 7.56 52.79
CA ASN D 10 -26.04 8.42 52.45
C ASN D 10 -25.64 9.76 51.90
N GLU D 11 -24.56 10.30 52.47
CA GLU D 11 -24.02 11.59 52.10
C GLU D 11 -23.52 11.63 50.66
N HIS D 12 -22.93 10.52 50.23
CA HIS D 12 -22.41 10.42 48.86
C HIS D 12 -23.29 9.56 47.96
N GLU D 13 -24.46 9.14 48.46
CA GLU D 13 -25.40 8.30 47.69
C GLU D 13 -24.66 7.13 47.04
N VAL D 14 -23.91 6.43 47.87
CA VAL D 14 -23.10 5.31 47.45
C VAL D 14 -23.93 4.14 46.96
N LYS D 15 -23.53 3.59 45.82
CA LYS D 15 -24.22 2.45 45.24
C LYS D 15 -23.42 1.17 45.50
N PHE D 16 -22.11 1.30 45.66
CA PHE D 16 -21.26 0.12 45.91
C PHE D 16 -20.16 0.35 46.93
N VAL D 17 -19.71 -0.76 47.48
CA VAL D 17 -18.63 -0.74 48.45
C VAL D 17 -17.57 -1.66 47.88
N ASP D 18 -16.38 -1.10 47.70
CA ASP D 18 -15.26 -1.84 47.15
C ASP D 18 -14.34 -2.25 48.27
N LEU D 19 -14.35 -3.54 48.56
CA LEU D 19 -13.54 -4.14 49.62
C LEU D 19 -12.14 -4.39 49.12
N ARG D 20 -11.15 -3.79 49.77
CA ARG D 20 -9.78 -3.98 49.34
C ARG D 20 -8.81 -4.60 50.33
N PHE D 21 -7.85 -5.31 49.75
CA PHE D 21 -6.82 -5.94 50.52
C PHE D 21 -5.57 -6.18 49.66
N THR D 22 -4.48 -6.59 50.29
CA THR D 22 -3.21 -6.82 49.60
C THR D 22 -2.75 -8.25 49.69
N ASP D 23 -2.14 -8.75 48.63
CA ASP D 23 -1.66 -10.12 48.66
C ASP D 23 -0.22 -10.12 49.10
N THR D 24 0.36 -11.31 49.18
CA THR D 24 1.73 -11.43 49.62
C THR D 24 2.71 -10.62 48.78
N LYS D 25 2.53 -10.60 47.45
CA LYS D 25 3.44 -9.86 46.58
C LYS D 25 3.34 -8.36 46.78
N GLY D 26 2.21 -7.90 47.31
CA GLY D 26 2.06 -6.49 47.58
C GLY D 26 1.01 -5.79 46.73
N LYS D 27 0.32 -6.59 45.94
CA LYS D 27 -0.67 -6.07 45.01
C LYS D 27 -2.04 -5.94 45.60
N GLU D 28 -2.60 -4.74 45.54
CA GLU D 28 -3.93 -4.48 46.07
C GLU D 28 -4.95 -5.28 45.28
N GLN D 29 -5.90 -5.89 46.00
CA GLN D 29 -6.95 -6.70 45.40
C GLN D 29 -8.29 -6.15 45.83
N HIS D 30 -9.36 -6.55 45.15
CA HIS D 30 -10.66 -6.04 45.51
C HIS D 30 -11.83 -6.88 45.05
N VAL D 31 -12.95 -6.66 45.71
CA VAL D 31 -14.21 -7.31 45.40
C VAL D 31 -15.25 -6.27 45.79
N THR D 32 -16.36 -6.26 45.07
CA THR D 32 -17.38 -5.25 45.28
C THR D 32 -18.73 -5.80 45.68
N ILE D 33 -19.42 -5.10 46.57
CA ILE D 33 -20.77 -5.50 47.00
C ILE D 33 -21.62 -4.24 46.96
N PRO D 34 -22.91 -4.41 46.68
CA PRO D 34 -23.85 -3.28 46.61
C PRO D 34 -23.89 -2.65 47.99
N ALA D 35 -24.11 -1.35 48.06
CA ALA D 35 -24.15 -0.67 49.36
C ALA D 35 -25.19 -1.31 50.28
N HIS D 36 -26.31 -1.76 49.71
CA HIS D 36 -27.36 -2.38 50.50
C HIS D 36 -26.98 -3.68 51.20
N GLN D 37 -25.78 -4.16 50.97
CA GLN D 37 -25.30 -5.39 51.61
C GLN D 37 -24.52 -5.06 52.88
N VAL D 38 -24.37 -3.76 53.13
CA VAL D 38 -23.66 -3.26 54.32
C VAL D 38 -24.65 -3.07 55.47
N ASN D 39 -24.48 -3.91 56.48
CA ASN D 39 -25.34 -3.90 57.65
C ASN D 39 -24.48 -4.01 58.91
N ALA D 40 -25.14 -4.17 60.04
CA ALA D 40 -24.44 -4.28 61.31
C ALA D 40 -23.54 -5.51 61.32
N GLU D 41 -24.05 -6.62 60.85
CA GLU D 41 -23.31 -7.89 60.79
C GLU D 41 -21.97 -7.71 60.10
N PHE D 42 -22.04 -7.16 58.90
CA PHE D 42 -20.88 -6.85 58.07
C PHE D 42 -19.65 -6.41 58.85
N PHE D 43 -19.81 -5.44 59.75
CA PHE D 43 -18.69 -4.96 60.55
C PHE D 43 -18.18 -5.86 61.64
N GLU D 44 -19.06 -6.64 62.26
CA GLU D 44 -18.64 -7.51 63.34
C GLU D 44 -18.16 -8.85 62.87
N GLU D 45 -18.74 -9.37 61.81
CA GLU D 45 -18.31 -10.67 61.30
C GLU D 45 -17.72 -10.72 59.89
N GLY D 46 -17.67 -9.56 59.23
CA GLY D 46 -17.12 -9.50 57.88
C GLY D 46 -17.86 -10.32 56.83
N LYS D 47 -17.18 -10.61 55.73
CA LYS D 47 -17.74 -11.40 54.62
C LYS D 47 -16.78 -12.55 54.32
N MET D 48 -17.34 -13.66 53.86
CA MET D 48 -16.56 -14.86 53.52
C MET D 48 -16.06 -14.87 52.10
N PHE D 49 -14.87 -15.42 51.91
CA PHE D 49 -14.30 -15.55 50.57
C PHE D 49 -13.31 -16.70 50.50
N ASP D 50 -13.05 -17.14 49.28
CA ASP D 50 -12.16 -18.24 49.01
C ASP D 50 -10.69 -17.87 49.15
N GLY D 51 -10.03 -18.50 50.12
CA GLY D 51 -8.61 -18.24 50.34
C GLY D 51 -7.74 -18.80 49.23
N SER D 52 -7.99 -20.06 48.86
CA SER D 52 -7.20 -20.75 47.84
C SER D 52 -6.92 -20.03 46.51
N SER D 53 -7.67 -18.95 46.26
CA SER D 53 -7.53 -18.18 45.02
C SER D 53 -6.32 -17.22 44.93
N ILE D 54 -5.86 -16.74 46.08
CA ILE D 54 -4.72 -15.84 46.16
C ILE D 54 -3.42 -16.64 46.22
N GLY D 55 -2.39 -16.18 45.49
CA GLY D 55 -1.13 -16.90 45.50
C GLY D 55 -0.46 -16.96 46.85
N GLY D 56 0.01 -18.15 47.23
CA GLY D 56 0.72 -18.32 48.48
C GLY D 56 -0.16 -18.32 49.72
N TRP D 57 -1.46 -18.52 49.55
CA TRP D 57 -2.32 -18.52 50.72
C TRP D 57 -2.75 -19.93 51.09
N LYS D 58 -4.02 -20.12 51.47
CA LYS D 58 -4.51 -21.46 51.87
C LYS D 58 -4.40 -22.47 50.71
N GLY D 59 -4.14 -23.71 51.03
CA GLY D 59 -4.01 -24.73 50.00
C GLY D 59 -5.30 -25.49 49.73
N ILE D 60 -5.12 -26.79 49.43
CA ILE D 60 -6.17 -27.72 49.08
C ILE D 60 -7.32 -27.88 50.09
N ASN D 61 -7.07 -27.78 51.37
CA ASN D 61 -8.14 -28.15 52.29
C ASN D 61 -8.88 -27.09 53.03
N GLU D 62 -8.18 -26.03 53.37
CA GLU D 62 -8.72 -24.94 54.20
C GLU D 62 -9.02 -23.65 53.47
N SER D 63 -9.71 -23.72 52.36
CA SER D 63 -9.95 -22.52 51.55
C SER D 63 -10.60 -21.32 52.21
N ASP D 64 -11.73 -21.52 52.87
CA ASP D 64 -12.45 -20.34 53.35
C ASP D 64 -11.89 -19.53 54.53
N MET D 65 -11.96 -18.20 54.28
CA MET D 65 -11.46 -17.18 55.18
C MET D 65 -12.35 -15.93 55.25
N VAL D 66 -12.01 -15.04 56.18
CA VAL D 66 -12.80 -13.83 56.42
C VAL D 66 -12.19 -12.48 56.02
N LEU D 67 -13.03 -11.65 55.38
CA LEU D 67 -12.67 -10.29 54.98
C LEU D 67 -13.25 -9.37 56.04
N MET D 68 -12.40 -8.78 56.87
CA MET D 68 -12.90 -7.93 57.92
C MET D 68 -12.74 -6.46 57.61
N PRO D 69 -13.85 -5.78 57.29
CA PRO D 69 -13.78 -4.36 56.98
C PRO D 69 -13.24 -3.53 58.13
N ASP D 70 -12.33 -2.63 57.82
CA ASP D 70 -11.74 -1.73 58.79
C ASP D 70 -12.39 -0.39 58.50
N ALA D 71 -13.42 -0.08 59.28
CA ALA D 71 -14.19 1.14 59.12
C ALA D 71 -13.41 2.45 59.15
N SER D 72 -12.19 2.42 59.65
CA SER D 72 -11.39 3.65 59.69
C SER D 72 -10.86 4.05 58.32
N THR D 73 -10.79 3.09 57.42
CA THR D 73 -10.26 3.28 56.07
C THR D 73 -11.22 3.76 54.98
N ALA D 74 -12.49 3.94 55.32
CA ALA D 74 -13.46 4.36 54.33
C ALA D 74 -13.14 5.62 53.54
N VAL D 75 -13.10 5.47 52.21
CA VAL D 75 -12.82 6.59 51.32
C VAL D 75 -13.45 6.32 49.98
N ILE D 76 -13.99 7.38 49.39
CA ILE D 76 -14.65 7.33 48.09
C ILE D 76 -13.67 7.09 46.95
N ASP D 77 -14.07 6.26 45.97
CA ASP D 77 -13.21 6.02 44.82
C ASP D 77 -13.48 7.16 43.86
N PRO D 78 -12.42 7.86 43.44
CA PRO D 78 -12.53 9.00 42.52
C PRO D 78 -12.58 8.70 41.06
N PHE D 79 -12.48 7.42 40.70
CA PHE D 79 -12.49 7.02 39.29
C PHE D 79 -13.72 6.26 38.82
N PHE D 80 -14.22 5.36 39.65
CA PHE D 80 -15.39 4.55 39.26
C PHE D 80 -16.57 5.45 38.85
N ALA D 81 -17.34 4.99 37.88
CA ALA D 81 -18.47 5.75 37.34
C ALA D 81 -19.66 5.93 38.26
N ASP D 82 -19.94 4.89 39.05
CA ASP D 82 -21.03 4.86 40.00
C ASP D 82 -20.42 5.11 41.36
N SER D 83 -21.06 5.91 42.21
CA SER D 83 -20.54 6.22 43.53
C SER D 83 -20.18 4.99 44.34
N THR D 84 -18.90 4.86 44.67
CA THR D 84 -18.51 3.70 45.44
C THR D 84 -17.50 4.00 46.51
N LEU D 85 -17.70 3.34 47.64
CA LEU D 85 -16.88 3.54 48.80
C LEU D 85 -15.91 2.41 48.99
N ILE D 86 -14.65 2.80 49.17
CA ILE D 86 -13.59 1.83 49.38
C ILE D 86 -13.41 1.59 50.87
N ILE D 87 -13.29 0.33 51.25
CA ILE D 87 -13.05 -0.05 52.64
C ILE D 87 -12.01 -1.13 52.63
N ARG D 88 -10.87 -0.79 53.22
CA ARG D 88 -9.74 -1.72 53.32
C ARG D 88 -10.16 -2.77 54.33
N CYS D 89 -9.69 -4.01 54.15
CA CYS D 89 -10.08 -5.10 55.03
C CYS D 89 -8.89 -5.88 55.50
N ASP D 90 -8.99 -6.58 56.62
CA ASP D 90 -7.89 -7.44 57.08
C ASP D 90 -8.41 -8.83 56.77
N ILE D 91 -7.52 -9.81 56.72
CA ILE D 91 -7.91 -11.17 56.44
C ILE D 91 -7.79 -11.93 57.75
N LEU D 92 -8.92 -12.41 58.23
CA LEU D 92 -8.96 -13.14 59.49
C LEU D 92 -9.26 -14.60 59.30
N GLU D 93 -8.77 -15.41 60.23
CA GLU D 93 -8.99 -16.86 60.23
C GLU D 93 -10.47 -16.98 60.69
N PRO D 94 -11.26 -17.86 60.04
CA PRO D 94 -12.68 -18.00 60.44
C PRO D 94 -12.88 -18.56 61.85
N GLY D 95 -13.93 -18.09 62.51
CA GLY D 95 -14.23 -18.54 63.86
C GLY D 95 -13.33 -17.83 64.85
N THR D 96 -12.04 -18.14 64.82
CA THR D 96 -11.07 -17.50 65.70
C THR D 96 -11.03 -16.00 65.46
N LEU D 97 -11.28 -15.60 64.20
CA LEU D 97 -11.25 -14.19 63.79
C LEU D 97 -9.94 -13.55 64.23
N GLN D 98 -8.88 -14.33 64.11
CA GLN D 98 -7.58 -13.87 64.61
C GLN D 98 -6.79 -12.91 63.74
N GLY D 99 -6.53 -13.29 62.53
CA GLY D 99 -5.67 -12.51 61.68
C GLY D 99 -4.73 -13.50 61.09
N TYR D 100 -4.98 -13.76 59.82
CA TYR D 100 -4.23 -14.72 59.04
C TYR D 100 -2.72 -14.49 59.09
N ASP D 101 -1.98 -15.57 59.33
CA ASP D 101 -0.54 -15.52 59.42
C ASP D 101 0.10 -14.93 58.18
N ARG D 102 -0.51 -15.23 57.04
CA ARG D 102 -0.01 -14.76 55.77
C ARG D 102 -0.59 -13.43 55.28
N ASP D 103 -1.48 -12.81 56.05
CA ASP D 103 -2.07 -11.52 55.66
C ASP D 103 -1.05 -10.42 56.01
N PRO D 104 -0.48 -9.76 55.00
CA PRO D 104 0.50 -8.70 55.17
C PRO D 104 0.03 -7.54 56.00
N ARG D 105 -1.26 -7.27 56.03
CA ARG D 105 -1.68 -6.14 56.84
C ARG D 105 -1.73 -6.56 58.28
N SER D 106 -2.15 -7.81 58.53
CA SER D 106 -2.20 -8.33 59.88
C SER D 106 -0.79 -8.38 60.44
N ILE D 107 0.15 -8.80 59.61
CA ILE D 107 1.55 -8.89 59.98
C ILE D 107 2.12 -7.54 60.36
N ALA D 108 1.73 -6.52 59.62
CA ALA D 108 2.21 -5.18 59.90
C ALA D 108 1.61 -4.68 61.19
N LYS D 109 0.35 -5.02 61.43
CA LYS D 109 -0.31 -4.59 62.66
C LYS D 109 0.37 -5.28 63.85
N ARG D 110 0.63 -6.58 63.71
CA ARG D 110 1.29 -7.35 64.75
C ARG D 110 2.63 -6.72 65.14
N ALA D 111 3.32 -6.21 64.13
CA ALA D 111 4.61 -5.59 64.35
C ALA D 111 4.47 -4.27 65.10
N GLU D 112 3.39 -3.55 64.88
CA GLU D 112 3.21 -2.29 65.58
C GLU D 112 2.85 -2.60 67.03
N ASP D 113 2.14 -3.71 67.23
CA ASP D 113 1.76 -4.17 68.55
C ASP D 113 3.02 -4.51 69.34
N TYR D 114 3.83 -5.41 68.79
CA TYR D 114 5.08 -5.84 69.40
C TYR D 114 5.98 -4.66 69.80
N LEU D 115 5.88 -3.56 69.06
CA LEU D 115 6.68 -2.37 69.35
C LEU D 115 6.23 -1.84 70.70
N ARG D 116 4.92 -1.61 70.82
CA ARG D 116 4.34 -1.11 72.06
C ARG D 116 4.61 -2.07 73.22
N ALA D 117 4.50 -3.37 72.94
CA ALA D 117 4.73 -4.41 73.94
C ALA D 117 6.13 -4.35 74.56
N THR D 118 7.17 -4.30 73.73
CA THR D 118 8.54 -4.23 74.23
C THR D 118 8.72 -2.96 75.02
N GLY D 119 7.76 -2.04 74.84
CA GLY D 119 7.83 -0.76 75.51
C GLY D 119 8.94 0.14 74.98
N ILE D 120 9.62 -0.27 73.92
CA ILE D 120 10.69 0.53 73.35
C ILE D 120 10.18 1.88 72.85
N ALA D 121 8.95 1.91 72.34
CA ALA D 121 8.29 3.12 71.83
C ALA D 121 6.82 2.79 71.66
N ASP D 122 5.99 3.80 71.41
CA ASP D 122 4.57 3.52 71.23
C ASP D 122 4.02 3.66 69.81
N THR D 123 4.82 4.26 68.92
CA THR D 123 4.45 4.44 67.51
C THR D 123 5.70 4.51 66.61
N VAL D 124 5.59 3.95 65.41
CA VAL D 124 6.68 3.97 64.41
C VAL D 124 6.29 4.91 63.29
N LEU D 125 7.25 5.71 62.83
CA LEU D 125 6.95 6.64 61.75
C LEU D 125 7.66 6.31 60.45
N PHE D 126 6.88 6.16 59.39
CA PHE D 126 7.41 5.85 58.07
C PHE D 126 7.10 6.91 57.04
N GLY D 127 8.14 7.33 56.34
CA GLY D 127 8.00 8.32 55.30
C GLY D 127 8.68 7.79 54.05
N PRO D 128 8.01 6.90 53.29
CA PRO D 128 8.60 6.34 52.07
C PRO D 128 8.48 7.31 50.90
N GLU D 129 9.41 7.23 49.96
CA GLU D 129 9.42 8.13 48.81
C GLU D 129 9.41 7.32 47.52
N PRO D 130 8.26 6.76 47.17
CA PRO D 130 8.24 5.98 45.95
C PRO D 130 8.29 6.85 44.70
N GLU D 131 9.12 6.43 43.77
CA GLU D 131 9.30 7.09 42.47
C GLU D 131 8.61 6.20 41.44
N PHE D 132 8.31 6.74 40.26
CA PHE D 132 7.68 5.93 39.24
C PHE D 132 7.90 6.48 37.84
N PHE D 133 7.51 5.70 36.84
CA PHE D 133 7.64 6.12 35.43
C PHE D 133 6.30 6.21 34.76
N LEU D 134 6.17 7.19 33.86
CA LEU D 134 4.96 7.36 33.08
C LEU D 134 5.29 7.21 31.60
N PHE D 135 4.76 6.18 30.96
CA PHE D 135 5.04 5.93 29.55
C PHE D 135 3.78 6.06 28.72
N ASP D 136 3.95 5.96 27.40
CA ASP D 136 2.84 6.02 26.46
C ASP D 136 2.56 4.61 25.93
N ASP D 137 3.62 3.81 25.77
CA ASP D 137 3.51 2.48 25.20
C ASP D 137 4.49 1.55 25.89
N ILE D 138 4.00 0.38 26.27
CA ILE D 138 4.83 -0.63 26.88
C ILE D 138 4.40 -1.95 26.25
N ARG D 139 5.37 -2.64 25.64
CA ARG D 139 5.15 -3.89 24.94
C ARG D 139 6.16 -4.89 25.37
N PHE D 140 5.77 -6.13 25.59
CA PHE D 140 6.71 -7.16 25.94
C PHE D 140 6.11 -8.53 25.74
N GLY D 141 6.98 -9.52 25.71
CA GLY D 141 6.53 -10.89 25.53
C GLY D 141 7.70 -11.83 25.58
N ALA D 142 7.40 -13.12 25.66
CA ALA D 142 8.42 -14.15 25.70
C ALA D 142 7.76 -15.45 25.34
N SER D 143 8.35 -16.12 24.37
CA SER D 143 7.83 -17.40 23.92
C SER D 143 9.06 -18.21 23.56
N ILE D 144 8.83 -19.41 23.03
CA ILE D 144 9.95 -20.26 22.71
C ILE D 144 10.93 -19.64 21.72
N SER D 145 10.42 -18.89 20.75
CA SER D 145 11.29 -18.32 19.73
C SER D 145 11.90 -16.98 20.04
N GLY D 146 11.73 -16.49 21.26
CA GLY D 146 12.36 -15.23 21.61
C GLY D 146 11.68 -14.49 22.72
N SER D 147 12.00 -13.23 22.85
CA SER D 147 11.41 -12.39 23.88
C SER D 147 11.79 -10.95 23.61
N HIS D 148 11.06 -10.03 24.22
CA HIS D 148 11.38 -8.63 24.00
C HIS D 148 10.65 -7.71 24.94
N VAL D 149 11.12 -6.46 24.98
CA VAL D 149 10.47 -5.40 25.74
C VAL D 149 10.78 -4.12 25.02
N ALA D 150 9.74 -3.38 24.81
CA ALA D 150 9.86 -2.10 24.13
C ALA D 150 9.18 -1.01 24.89
N ILE D 151 9.88 0.04 25.24
CA ILE D 151 9.30 1.14 26.02
C ILE D 151 9.16 2.36 25.16
N ASP D 152 8.11 3.13 25.36
CA ASP D 152 8.01 4.34 24.57
C ASP D 152 7.26 5.43 25.30
N ASP D 153 7.79 6.64 25.18
CA ASP D 153 7.17 7.79 25.78
C ASP D 153 7.56 9.02 25.00
N ILE D 154 6.67 9.99 25.01
CA ILE D 154 6.92 11.21 24.27
C ILE D 154 8.14 11.96 24.79
N GLU D 155 8.55 11.67 26.02
CA GLU D 155 9.70 12.33 26.62
C GLU D 155 10.99 11.59 26.35
N GLY D 156 10.90 10.33 25.95
CA GLY D 156 12.10 9.57 25.72
C GLY D 156 13.09 10.28 24.82
N ALA D 157 14.33 10.37 25.24
CA ALA D 157 15.33 11.05 24.44
C ALA D 157 15.47 10.47 23.04
N TRP D 158 15.22 9.16 22.93
CA TRP D 158 15.34 8.49 21.64
C TRP D 158 14.37 9.01 20.60
N ASN D 159 13.31 9.67 21.04
CA ASN D 159 12.34 10.20 20.11
C ASN D 159 12.73 11.54 19.51
N SER D 160 13.96 11.97 19.77
CA SER D 160 14.41 13.24 19.21
C SER D 160 14.41 13.13 17.68
N SER D 161 14.47 11.91 17.17
CA SER D 161 14.48 11.66 15.74
C SER D 161 13.18 11.13 15.15
N THR D 162 12.20 10.86 15.99
CA THR D 162 10.93 10.31 15.54
C THR D 162 10.02 11.25 14.76
N LYS D 163 9.43 10.73 13.70
CA LYS D 163 8.51 11.53 12.89
C LYS D 163 7.15 11.41 13.55
N TYR D 164 6.51 12.55 13.77
CA TYR D 164 5.19 12.60 14.39
C TYR D 164 4.20 13.20 13.41
N GLU D 165 2.95 12.76 13.53
CA GLU D 165 1.85 13.22 12.68
C GLU D 165 1.83 14.74 12.55
N GLY D 166 1.74 15.42 13.70
CA GLY D 166 1.71 16.89 13.66
C GLY D 166 3.06 17.57 13.85
N GLY D 167 4.13 16.84 13.58
CA GLY D 167 5.46 17.38 13.74
C GLY D 167 6.06 17.05 15.11
N ASN D 168 7.36 16.86 15.16
CA ASN D 168 8.09 16.57 16.40
C ASN D 168 8.38 17.94 17.02
N LYS D 169 7.84 18.19 18.22
CA LYS D 169 8.00 19.48 18.89
C LYS D 169 9.27 19.59 19.74
N GLY D 170 9.94 18.50 19.69
CA GLY D 170 11.18 18.22 20.34
C GLY D 170 11.70 19.04 21.52
N HIS D 171 11.10 18.98 22.71
CA HIS D 171 11.74 19.52 23.92
C HIS D 171 11.70 18.40 24.92
N ARG D 172 12.71 17.58 24.90
CA ARG D 172 12.72 16.40 25.73
C ARG D 172 13.88 16.35 26.69
N PRO D 173 13.67 15.69 27.83
CA PRO D 173 14.69 15.54 28.85
C PRO D 173 15.67 14.53 28.31
N GLY D 174 16.95 14.88 28.30
CA GLY D 174 17.95 13.94 27.81
C GLY D 174 18.16 12.84 28.83
N VAL D 175 19.05 11.89 28.54
CA VAL D 175 19.32 10.80 29.47
C VAL D 175 19.88 11.40 30.77
N LYS D 176 19.30 10.99 31.90
CA LYS D 176 19.69 11.49 33.23
C LYS D 176 19.50 13.01 33.32
N GLY D 177 18.70 13.59 32.42
CA GLY D 177 18.53 15.04 32.41
C GLY D 177 17.11 15.52 32.79
N GLY D 178 16.39 14.72 33.57
CA GLY D 178 15.05 15.07 33.95
C GLY D 178 14.95 15.93 35.18
N TYR D 179 16.03 16.09 35.94
CA TYR D 179 15.92 16.89 37.18
C TYR D 179 15.72 18.39 36.95
N PHE D 180 14.41 18.68 36.79
CA PHE D 180 13.67 19.97 36.88
C PHE D 180 13.59 20.90 35.66
N PRO D 181 14.05 20.59 34.45
CA PRO D 181 13.72 21.54 33.40
C PRO D 181 12.26 21.93 33.40
N VAL D 182 11.95 23.21 33.37
CA VAL D 182 10.53 23.58 33.36
C VAL D 182 9.87 23.16 32.05
N PRO D 183 8.53 23.11 32.03
CA PRO D 183 7.82 22.75 30.80
C PRO D 183 8.25 23.73 29.71
N PRO D 184 8.14 23.33 28.46
CA PRO D 184 7.65 22.03 28.00
C PRO D 184 8.58 20.83 28.08
N VAL D 185 9.83 21.00 28.52
CA VAL D 185 10.71 19.84 28.62
C VAL D 185 10.05 18.85 29.56
N ASP D 186 9.53 19.35 30.67
CA ASP D 186 8.82 18.51 31.63
C ASP D 186 7.38 18.51 31.12
N SER D 187 6.92 17.36 30.67
CA SER D 187 5.58 17.26 30.11
C SER D 187 4.54 16.82 31.11
N ALA D 188 4.93 16.60 32.35
CA ALA D 188 3.98 16.07 33.32
C ALA D 188 3.52 16.93 34.49
N GLN D 189 3.53 18.24 34.33
CA GLN D 189 3.09 19.08 35.42
C GLN D 189 1.62 18.87 35.74
N ASP D 190 0.75 19.03 34.75
CA ASP D 190 -0.68 18.86 34.99
C ASP D 190 -1.02 17.50 35.58
N ILE D 191 -0.36 16.46 35.09
CA ILE D 191 -0.68 15.14 35.60
C ILE D 191 -0.18 14.93 37.02
N ARG D 192 1.02 15.43 37.33
CA ARG D 192 1.51 15.27 38.70
C ARG D 192 0.57 15.98 39.67
N SER D 193 0.03 17.12 39.28
CA SER D 193 -0.88 17.77 40.19
C SER D 193 -2.22 17.09 40.38
N GLU D 194 -2.76 16.52 39.31
CA GLU D 194 -4.03 15.79 39.44
C GLU D 194 -3.76 14.66 40.43
N MET D 195 -2.62 14.00 40.28
CA MET D 195 -2.29 12.90 41.19
C MET D 195 -2.28 13.42 42.62
N CYS D 196 -1.73 14.63 42.80
CA CYS D 196 -1.69 15.22 44.13
C CYS D 196 -3.08 15.51 44.67
N LEU D 197 -3.87 16.22 43.90
CA LEU D 197 -5.22 16.53 44.33
C LEU D 197 -5.99 15.29 44.68
N VAL D 198 -5.91 14.29 43.82
CA VAL D 198 -6.65 13.05 44.05
C VAL D 198 -6.12 12.32 45.27
N MET D 199 -4.80 12.31 45.44
CA MET D 199 -4.21 11.65 46.59
C MET D 199 -4.75 12.26 47.85
N GLU D 200 -4.86 13.58 47.86
CA GLU D 200 -5.38 14.26 49.03
C GLU D 200 -6.85 14.01 49.24
N GLN D 201 -7.61 13.91 48.15
CA GLN D 201 -9.04 13.63 48.29
C GLN D 201 -9.17 12.25 48.93
N MET D 202 -8.11 11.45 48.84
CA MET D 202 -8.14 10.12 49.40
C MET D 202 -7.43 10.01 50.75
N GLY D 203 -7.16 11.16 51.37
CA GLY D 203 -6.55 11.14 52.70
C GLY D 203 -5.06 11.28 52.83
N LEU D 204 -4.36 11.33 51.72
CA LEU D 204 -2.92 11.50 51.80
C LEU D 204 -2.63 12.97 51.92
N VAL D 205 -1.43 13.30 52.39
CA VAL D 205 -1.03 14.69 52.50
C VAL D 205 0.22 14.82 51.67
N VAL D 206 0.14 15.68 50.66
CA VAL D 206 1.22 15.86 49.74
C VAL D 206 2.17 16.95 50.13
N GLU D 207 3.46 16.67 50.02
CA GLU D 207 4.48 17.67 50.36
C GLU D 207 5.09 18.30 49.12
N ALA D 208 5.23 17.53 48.05
CA ALA D 208 5.80 18.05 46.82
C ALA D 208 5.68 17.09 45.66
N HIS D 209 5.88 17.63 44.46
CA HIS D 209 5.89 16.80 43.28
C HIS D 209 6.85 17.40 42.27
N HIS D 210 7.52 16.50 41.57
CA HIS D 210 8.51 16.94 40.62
C HIS D 210 8.89 15.82 39.66
N HIS D 211 9.51 16.20 38.56
CA HIS D 211 9.99 15.26 37.59
C HIS D 211 11.23 14.63 38.21
N GLU D 212 11.54 13.37 37.91
CA GLU D 212 12.74 12.78 38.48
C GLU D 212 13.86 12.83 37.45
N VAL D 213 14.96 12.12 37.71
CA VAL D 213 16.14 12.18 36.87
C VAL D 213 16.04 11.59 35.47
N ALA D 214 15.47 10.42 35.34
CA ALA D 214 15.46 9.73 34.05
C ALA D 214 14.63 10.38 32.96
N THR D 215 15.07 10.17 31.73
CA THR D 215 14.34 10.65 30.56
C THR D 215 13.09 9.76 30.50
N ALA D 216 12.19 10.03 29.58
CA ALA D 216 11.06 9.15 29.42
C ALA D 216 10.08 9.07 30.59
N GLY D 217 9.84 10.16 31.31
CA GLY D 217 8.80 10.19 32.32
C GLY D 217 9.03 9.68 33.74
N GLN D 218 10.22 9.80 34.28
CA GLN D 218 10.32 9.41 35.68
C GLN D 218 9.76 10.56 36.48
N ASN D 219 8.92 10.28 37.47
CA ASN D 219 8.29 11.32 38.25
C ASN D 219 8.18 10.91 39.70
N GLU D 220 7.85 11.88 40.56
CA GLU D 220 7.69 11.58 41.99
C GLU D 220 6.72 12.51 42.69
N VAL D 221 5.86 11.93 43.53
CA VAL D 221 4.94 12.66 44.38
C VAL D 221 5.34 12.32 45.81
N ALA D 222 5.76 13.34 46.53
CA ALA D 222 6.18 13.16 47.92
C ALA D 222 5.04 13.40 48.87
N THR D 223 4.79 12.42 49.71
CA THR D 223 3.71 12.52 50.68
C THR D 223 4.24 12.53 52.12
N ARG D 224 3.46 13.12 53.04
CA ARG D 224 3.83 13.17 54.45
C ARG D 224 3.79 11.78 55.06
N PHE D 225 4.72 11.57 56.00
CA PHE D 225 4.85 10.31 56.69
C PHE D 225 3.56 10.05 57.47
N ASN D 226 3.50 8.92 58.13
CA ASN D 226 2.36 8.51 58.94
C ASN D 226 2.81 7.28 59.72
N THR D 227 1.96 6.78 60.61
CA THR D 227 2.32 5.61 61.38
C THR D 227 2.45 4.46 60.41
N MET D 228 3.37 3.55 60.70
CA MET D 228 3.70 2.42 59.81
C MET D 228 2.51 1.81 59.04
N THR D 229 1.58 1.12 59.72
CA THR D 229 0.51 0.48 58.97
C THR D 229 -0.36 1.45 58.14
N LYS D 230 -0.63 2.64 58.66
CA LYS D 230 -1.45 3.59 57.91
C LYS D 230 -0.66 4.05 56.67
N LYS D 231 0.66 4.06 56.76
CA LYS D 231 1.46 4.52 55.63
C LYS D 231 1.48 3.49 54.51
N ALA D 232 1.54 2.21 54.87
CA ALA D 232 1.52 1.15 53.88
C ALA D 232 0.17 1.22 53.16
N ASP D 233 -0.87 1.55 53.91
CA ASP D 233 -2.20 1.70 53.32
C ASP D 233 -2.06 2.84 52.31
N GLU D 234 -1.46 3.95 52.75
CA GLU D 234 -1.26 5.09 51.88
C GLU D 234 -0.47 4.76 50.62
N ILE D 235 0.52 3.86 50.74
CA ILE D 235 1.32 3.47 49.58
C ILE D 235 0.42 2.81 48.55
N GLN D 236 -0.44 1.91 49.01
CA GLN D 236 -1.38 1.22 48.13
C GLN D 236 -2.29 2.20 47.40
N ILE D 237 -2.77 3.20 48.13
CA ILE D 237 -3.65 4.23 47.58
C ILE D 237 -2.84 5.07 46.61
N TYR D 238 -1.65 5.37 47.02
CA TYR D 238 -0.74 6.15 46.22
C TYR D 238 -0.56 5.50 44.86
N LYS D 239 -0.21 4.21 44.87
CA LYS D 239 -0.02 3.48 43.63
C LYS D 239 -1.30 3.46 42.82
N TYR D 240 -2.40 3.27 43.50
CA TYR D 240 -3.69 3.22 42.84
C TYR D 240 -3.96 4.53 42.13
N VAL D 241 -3.74 5.63 42.81
CA VAL D 241 -3.97 6.92 42.20
C VAL D 241 -3.05 7.13 41.02
N VAL D 242 -1.77 6.84 41.20
CA VAL D 242 -0.80 7.00 40.13
C VAL D 242 -1.20 6.17 38.90
N HIS D 243 -1.48 4.90 39.12
CA HIS D 243 -1.85 4.02 38.03
C HIS D 243 -3.08 4.48 37.29
N ASN D 244 -4.09 4.87 38.05
CA ASN D 244 -5.34 5.28 37.42
C ASN D 244 -5.38 6.67 36.85
N VAL D 245 -4.67 7.62 37.44
CA VAL D 245 -4.66 8.95 36.85
C VAL D 245 -3.89 8.85 35.54
N ALA D 246 -2.82 8.07 35.54
CA ALA D 246 -2.03 7.88 34.34
C ALA D 246 -2.92 7.29 33.24
N HIS D 247 -3.65 6.25 33.59
CA HIS D 247 -4.55 5.58 32.65
C HIS D 247 -5.54 6.59 32.09
N ARG D 248 -6.12 7.41 32.95
CA ARG D 248 -7.08 8.41 32.49
C ARG D 248 -6.46 9.47 31.59
N PHE D 249 -5.15 9.67 31.72
CA PHE D 249 -4.47 10.67 30.90
C PHE D 249 -3.88 10.07 29.64
N GLY D 250 -4.14 8.79 29.41
CA GLY D 250 -3.60 8.16 28.22
C GLY D 250 -2.18 7.67 28.42
N LYS D 251 -1.76 7.51 29.66
CA LYS D 251 -0.42 7.01 29.92
C LYS D 251 -0.52 5.67 30.64
N THR D 252 0.63 5.15 31.03
CA THR D 252 0.67 3.89 31.76
C THR D 252 1.84 4.04 32.71
N ALA D 253 1.59 3.85 33.99
CA ALA D 253 2.64 4.01 34.98
C ALA D 253 3.17 2.71 35.51
N THR D 254 4.45 2.70 35.86
CA THR D 254 5.04 1.51 36.45
C THR D 254 5.93 1.84 37.64
N PHE D 255 5.86 0.99 38.66
CA PHE D 255 6.69 1.16 39.82
C PHE D 255 7.85 0.18 39.79
N MET D 256 8.10 -0.43 38.63
CA MET D 256 9.23 -1.36 38.49
C MET D 256 10.47 -0.59 38.89
N PRO D 257 11.42 -1.26 39.53
CA PRO D 257 12.62 -0.52 39.93
C PRO D 257 13.60 -0.09 38.83
N LYS D 258 13.81 -0.91 37.81
CA LYS D 258 14.74 -0.53 36.74
C LYS D 258 14.19 -0.91 35.38
N PRO D 259 13.35 -0.07 34.79
CA PRO D 259 12.82 -0.43 33.47
C PRO D 259 13.83 -0.20 32.35
N MET D 260 14.79 0.68 32.58
CA MET D 260 15.78 0.96 31.55
C MET D 260 17.23 0.89 31.97
N PHE D 261 18.00 0.24 31.13
CA PHE D 261 19.43 0.18 31.41
C PHE D 261 20.00 1.51 30.93
N GLY D 262 20.83 2.19 31.72
CA GLY D 262 21.41 3.42 31.23
C GLY D 262 20.85 4.69 31.81
N ASP D 263 19.78 4.58 32.57
CA ASP D 263 19.21 5.75 33.20
C ASP D 263 18.71 5.29 34.55
N ASN D 264 18.37 6.27 35.37
CA ASN D 264 17.89 6.06 36.72
C ASN D 264 16.86 4.99 36.90
N GLY D 265 16.92 4.33 38.05
CA GLY D 265 15.91 3.34 38.37
C GLY D 265 14.96 4.09 39.30
N SER D 266 13.97 3.41 39.85
CA SER D 266 13.06 4.07 40.76
C SER D 266 13.28 3.44 42.12
N GLY D 267 13.49 4.28 43.12
CA GLY D 267 13.70 3.78 44.46
C GLY D 267 12.58 4.21 45.39
N MET D 268 12.58 3.67 46.59
CA MET D 268 11.58 4.05 47.57
C MET D 268 12.28 4.21 48.90
N HIS D 269 12.99 5.32 49.07
CA HIS D 269 13.68 5.60 50.29
C HIS D 269 12.69 5.57 51.44
N CYS D 270 13.13 5.08 52.59
CA CYS D 270 12.25 5.04 53.73
C CYS D 270 12.83 5.78 54.93
N HIS D 271 12.16 6.87 55.29
CA HIS D 271 12.53 7.66 56.43
C HIS D 271 11.80 7.04 57.60
N MET D 272 12.53 6.83 58.70
CA MET D 272 11.94 6.24 59.89
C MET D 272 12.40 6.91 61.18
N SER D 273 11.59 6.76 62.21
CA SER D 273 11.87 7.31 63.54
C SER D 273 10.86 6.69 64.48
N LEU D 274 11.20 6.65 65.76
CA LEU D 274 10.30 6.09 66.77
C LEU D 274 9.86 7.17 67.73
N ALA D 275 8.75 6.91 68.42
CA ALA D 275 8.25 7.90 69.36
C ALA D 275 7.50 7.30 70.54
N LYS D 276 7.49 8.05 71.64
CA LYS D 276 6.77 7.67 72.85
C LYS D 276 6.24 8.94 73.48
N ASN D 277 4.96 8.92 73.83
CA ASN D 277 4.25 10.04 74.44
C ASN D 277 4.67 11.35 73.79
N GLY D 278 4.55 11.40 72.46
CA GLY D 278 4.89 12.60 71.73
C GLY D 278 6.33 13.05 71.58
N THR D 279 7.29 12.35 72.19
CA THR D 279 8.68 12.77 72.03
C THR D 279 9.41 11.87 71.03
N ASN D 280 10.30 12.47 70.26
CA ASN D 280 11.05 11.74 69.25
C ASN D 280 12.25 10.97 69.83
N LEU D 281 12.05 9.67 70.04
CA LEU D 281 13.09 8.80 70.59
C LEU D 281 14.39 8.72 69.79
N PHE D 282 14.44 9.40 68.65
CA PHE D 282 15.64 9.37 67.81
C PHE D 282 16.55 10.59 67.93
N SER D 283 16.10 11.65 68.60
CA SER D 283 16.95 12.83 68.76
C SER D 283 17.84 12.63 69.99
N GLY D 284 19.08 13.11 69.90
CA GLY D 284 20.02 12.97 70.99
C GLY D 284 21.26 13.81 70.83
N ASP D 285 22.29 13.49 71.60
CA ASP D 285 23.56 14.22 71.57
C ASP D 285 24.63 13.51 70.74
N LYS D 286 24.36 12.27 70.34
CA LYS D 286 25.29 11.48 69.53
C LYS D 286 25.37 12.03 68.11
N TYR D 287 26.04 11.30 67.20
CA TYR D 287 26.21 11.71 65.80
C TYR D 287 25.02 12.37 65.09
N ALA D 288 25.28 13.51 64.45
CA ALA D 288 24.27 14.24 63.70
C ALA D 288 22.93 14.52 64.40
N GLY D 289 22.91 14.50 65.73
CA GLY D 289 21.69 14.79 66.45
C GLY D 289 20.87 13.56 66.82
N LEU D 290 21.50 12.39 66.71
CA LEU D 290 20.85 11.12 67.00
C LEU D 290 20.91 10.63 68.43
N SER D 291 19.93 9.80 68.80
CA SER D 291 19.86 9.17 70.11
C SER D 291 20.66 7.88 69.97
N GLU D 292 21.05 7.24 71.06
CA GLU D 292 21.80 6.01 70.91
C GLU D 292 20.86 4.92 70.46
N GLN D 293 19.55 5.16 70.65
CA GLN D 293 18.52 4.22 70.23
C GLN D 293 18.50 4.13 68.71
N ALA D 294 18.60 5.30 68.07
CA ALA D 294 18.63 5.40 66.62
C ALA D 294 19.78 4.59 66.06
N LEU D 295 20.93 4.72 66.70
CA LEU D 295 22.12 4.01 66.27
C LEU D 295 21.96 2.50 66.37
N TYR D 296 21.31 2.03 67.43
CA TYR D 296 21.11 0.59 67.58
C TYR D 296 20.16 0.13 66.48
N TYR D 297 19.18 0.97 66.19
CA TYR D 297 18.20 0.70 65.15
C TYR D 297 18.97 0.52 63.85
N ILE D 298 19.82 1.50 63.54
CA ILE D 298 20.64 1.45 62.33
C ILE D 298 21.45 0.15 62.29
N GLY D 299 22.01 -0.19 63.44
CA GLY D 299 22.82 -1.38 63.52
C GLY D 299 21.99 -2.59 63.16
N GLY D 300 20.74 -2.59 63.62
CA GLY D 300 19.84 -3.70 63.33
C GLY D 300 19.60 -3.82 61.84
N VAL D 301 19.26 -2.68 61.22
CA VAL D 301 19.00 -2.63 59.79
C VAL D 301 20.21 -3.14 59.02
N ILE D 302 21.39 -2.71 59.45
CA ILE D 302 22.60 -3.16 58.77
C ILE D 302 22.85 -4.64 58.98
N LYS D 303 22.60 -5.13 60.19
CA LYS D 303 22.85 -6.53 60.46
C LYS D 303 21.96 -7.42 59.60
N HIS D 304 20.69 -7.05 59.48
CA HIS D 304 19.72 -7.83 58.71
C HIS D 304 19.38 -7.30 57.30
N ALA D 305 20.24 -6.45 56.76
CA ALA D 305 20.02 -5.88 55.44
C ALA D 305 19.66 -6.89 54.37
N LYS D 306 20.51 -7.90 54.17
CA LYS D 306 20.23 -8.90 53.15
C LYS D 306 18.86 -9.57 53.29
N ALA D 307 18.39 -9.76 54.51
CA ALA D 307 17.09 -10.39 54.68
C ALA D 307 16.02 -9.36 54.37
N ILE D 308 16.24 -8.11 54.76
CA ILE D 308 15.25 -7.08 54.50
C ILE D 308 15.09 -6.91 52.99
N ASN D 309 16.19 -7.09 52.27
CA ASN D 309 16.20 -6.99 50.82
C ASN D 309 15.12 -7.84 50.19
N ALA D 310 14.93 -9.04 50.73
CA ALA D 310 13.95 -9.97 50.21
C ALA D 310 12.54 -9.40 50.24
N LEU D 311 12.35 -8.33 51.00
CA LEU D 311 11.04 -7.70 51.10
C LEU D 311 11.02 -6.29 50.54
N ALA D 312 12.17 -5.62 50.62
CA ALA D 312 12.30 -4.26 50.15
C ALA D 312 12.76 -4.15 48.71
N ASN D 313 13.23 -5.27 48.17
CA ASN D 313 13.72 -5.36 46.80
C ASN D 313 13.37 -6.79 46.43
N PRO D 314 12.07 -7.08 46.32
CA PRO D 314 11.54 -8.40 46.02
C PRO D 314 11.48 -8.88 44.60
N THR D 315 12.17 -8.21 43.70
CA THR D 315 12.13 -8.61 42.29
C THR D 315 13.54 -8.75 41.76
N THR D 316 13.73 -9.58 40.74
CA THR D 316 15.07 -9.72 40.16
C THR D 316 15.45 -8.36 39.59
N ASN D 317 14.46 -7.63 39.07
CA ASN D 317 14.66 -6.32 38.48
C ASN D 317 15.25 -5.36 39.51
N SER D 318 14.87 -5.54 40.77
CA SER D 318 15.35 -4.68 41.86
C SER D 318 16.85 -4.57 41.87
N TYR D 319 17.51 -5.70 41.52
CA TYR D 319 18.96 -5.80 41.57
C TYR D 319 19.58 -5.20 40.31
N LYS D 320 18.78 -4.68 39.42
CA LYS D 320 19.40 -4.05 38.27
C LYS D 320 19.58 -2.57 38.57
N ARG D 321 18.99 -2.14 39.69
CA ARG D 321 19.09 -0.78 40.22
C ARG D 321 20.22 -0.74 41.25
N LEU D 322 20.31 -1.81 42.04
CA LEU D 322 21.34 -1.96 43.05
C LEU D 322 22.55 -2.65 42.44
N VAL D 323 23.33 -1.88 41.71
CA VAL D 323 24.52 -2.40 41.07
C VAL D 323 25.63 -1.42 41.33
N PRO D 324 26.86 -1.99 41.38
CA PRO D 324 28.01 -1.10 41.58
C PRO D 324 27.97 0.10 40.67
N GLY D 325 27.27 1.15 41.14
CA GLY D 325 27.19 2.40 40.43
C GLY D 325 27.64 3.47 41.39
N TYR D 326 27.66 4.72 40.97
CA TYR D 326 28.15 5.75 41.91
C TYR D 326 27.16 6.06 43.03
N GLU D 327 25.94 6.40 42.62
CA GLU D 327 24.89 6.76 43.55
C GLU D 327 24.10 5.56 44.06
N ALA D 328 24.53 4.36 43.66
CA ALA D 328 23.87 3.14 44.09
C ALA D 328 23.92 3.02 45.62
N PRO D 329 22.74 3.05 46.26
CA PRO D 329 22.55 2.97 47.71
C PRO D 329 22.87 1.57 48.18
N VAL D 330 24.04 1.06 47.83
CA VAL D 330 24.38 -0.31 48.21
C VAL D 330 25.35 -0.55 49.37
N MET D 331 26.04 0.49 49.83
CA MET D 331 26.99 0.33 50.92
C MET D 331 26.26 0.38 52.25
N LEU D 332 26.34 -0.71 53.00
CA LEU D 332 25.70 -0.82 54.31
C LEU D 332 26.38 0.05 55.37
N ALA D 333 26.08 1.34 55.33
CA ALA D 333 26.67 2.28 56.26
C ALA D 333 25.79 3.51 56.40
N TYR D 334 26.13 4.36 57.37
CA TYR D 334 25.37 5.59 57.55
C TYR D 334 26.26 6.80 57.44
N SER D 335 25.64 7.94 57.15
CA SER D 335 26.33 9.19 56.96
C SER D 335 25.30 10.26 56.73
N ALA D 336 25.67 11.51 56.96
CA ALA D 336 24.76 12.63 56.77
C ALA D 336 25.06 13.29 55.44
N ARG D 337 26.10 12.81 54.78
CA ARG D 337 26.49 13.38 53.51
C ARG D 337 26.73 12.34 52.42
N ASN D 338 27.70 11.47 52.63
CA ASN D 338 28.05 10.42 51.67
C ASN D 338 26.85 9.71 51.07
N ARG D 339 26.43 10.10 49.87
CA ARG D 339 25.28 9.46 49.23
C ARG D 339 25.69 8.19 48.48
N SER D 340 26.55 7.42 49.15
CA SER D 340 27.04 6.12 48.69
C SER D 340 26.44 5.18 49.71
N ALA D 341 26.23 5.75 50.88
CA ALA D 341 25.67 5.09 52.05
C ALA D 341 24.19 4.84 51.86
N SER D 342 23.78 3.60 52.10
CA SER D 342 22.38 3.22 51.97
C SER D 342 21.55 3.77 53.12
N ILE D 343 22.21 4.37 54.10
CA ILE D 343 21.50 4.98 55.23
C ILE D 343 21.96 6.43 55.37
N ARG D 344 21.10 7.37 54.96
CA ARG D 344 21.41 8.79 55.11
C ARG D 344 20.82 9.32 56.38
N ILE D 345 21.50 10.28 56.96
CA ILE D 345 20.98 10.95 58.14
C ILE D 345 20.69 12.36 57.71
N PRO D 346 19.40 12.68 57.58
CA PRO D 346 18.94 14.01 57.18
C PRO D 346 19.44 14.99 58.21
N VAL D 347 19.98 16.11 57.75
CA VAL D 347 20.45 17.11 58.69
C VAL D 347 19.29 18.10 58.75
N VAL D 348 18.67 18.16 59.92
CA VAL D 348 17.54 19.05 60.13
C VAL D 348 17.71 19.77 61.48
N ALA D 349 17.10 20.95 61.60
CA ALA D 349 17.22 21.74 62.82
C ALA D 349 16.41 21.20 64.00
N SER D 350 15.08 21.21 63.88
CA SER D 350 14.22 20.74 64.95
C SER D 350 14.52 19.30 65.33
N PRO D 351 14.86 19.05 66.60
CA PRO D 351 15.13 17.67 67.01
C PRO D 351 13.86 16.82 66.91
N LYS D 352 12.72 17.49 66.77
CA LYS D 352 11.45 16.79 66.64
C LYS D 352 11.36 16.03 65.31
N ALA D 353 12.20 16.44 64.36
CA ALA D 353 12.23 15.84 63.04
C ALA D 353 13.45 14.96 62.74
N ARG D 354 14.21 14.60 63.78
CA ARG D 354 15.39 13.74 63.63
C ARG D 354 14.92 12.33 63.23
N ARG D 355 15.60 11.73 62.25
CA ARG D 355 15.21 10.39 61.76
C ARG D 355 16.31 9.80 60.86
N ILE D 356 16.11 8.57 60.39
CA ILE D 356 17.07 7.95 59.48
C ILE D 356 16.41 7.66 58.13
N GLU D 357 17.19 7.64 57.06
CA GLU D 357 16.66 7.35 55.74
C GLU D 357 17.33 6.12 55.15
N VAL D 358 16.61 5.01 55.11
CA VAL D 358 17.14 3.78 54.50
C VAL D 358 16.83 3.88 53.01
N ARG D 359 17.85 4.00 52.22
CA ARG D 359 17.73 4.24 50.79
C ARG D 359 17.56 3.06 49.82
N PHE D 360 17.82 1.81 50.22
CA PHE D 360 17.79 0.74 49.20
C PHE D 360 16.43 0.17 48.76
N PRO D 361 15.43 0.29 49.59
CA PRO D 361 14.08 -0.16 49.15
C PRO D 361 13.62 0.32 47.77
N ASP D 362 12.78 -0.42 47.06
CA ASP D 362 12.25 0.08 45.80
C ASP D 362 10.73 -0.04 45.86
N PRO D 363 10.00 0.65 44.98
CA PRO D 363 8.55 0.61 45.01
C PRO D 363 7.88 -0.70 44.76
N ALA D 364 8.63 -1.72 44.35
CA ALA D 364 8.02 -3.03 44.09
C ALA D 364 7.73 -3.74 45.41
N ALA D 365 8.35 -3.24 46.46
CA ALA D 365 8.20 -3.85 47.76
C ALA D 365 6.80 -3.81 48.32
N ASN D 366 6.39 -4.90 48.95
CA ASN D 366 5.12 -4.98 49.65
C ASN D 366 5.20 -3.95 50.79
N PRO D 367 4.28 -2.96 50.85
CA PRO D 367 4.40 -1.95 51.92
C PRO D 367 4.62 -2.54 53.30
N TYR D 368 3.59 -3.28 53.57
CA TYR D 368 3.46 -3.96 54.83
C TYR D 368 4.67 -4.77 55.23
N LEU D 369 5.01 -5.74 54.40
CA LEU D 369 6.13 -6.60 54.76
C LEU D 369 7.46 -5.86 54.78
N CYS D 370 7.62 -4.89 53.89
CA CYS D 370 8.87 -4.16 53.82
C CYS D 370 9.04 -3.31 55.06
N PHE D 371 8.01 -2.54 55.38
CA PHE D 371 8.06 -1.70 56.57
C PHE D 371 8.27 -2.54 57.82
N ALA D 372 7.48 -3.60 57.95
CA ALA D 372 7.59 -4.50 59.11
C ALA D 372 9.01 -5.03 59.29
N ALA D 373 9.60 -5.55 58.23
CA ALA D 373 10.94 -6.10 58.29
C ALA D 373 11.96 -5.02 58.69
N LEU D 374 11.72 -3.79 58.26
CA LEU D 374 12.61 -2.71 58.60
C LEU D 374 12.54 -2.47 60.12
N LEU D 375 11.33 -2.48 60.66
CA LEU D 375 11.09 -2.26 62.09
C LEU D 375 11.73 -3.34 62.92
N MET D 376 11.33 -4.58 62.68
CA MET D 376 11.85 -5.73 63.40
C MET D 376 13.37 -5.77 63.44
N ALA D 377 14.00 -5.38 62.32
CA ALA D 377 15.46 -5.36 62.28
C ALA D 377 15.95 -4.26 63.20
N GLY D 378 15.24 -3.14 63.20
CA GLY D 378 15.62 -2.02 64.04
C GLY D 378 15.51 -2.36 65.51
N LEU D 379 14.39 -2.99 65.89
CA LEU D 379 14.14 -3.40 67.27
C LEU D 379 15.18 -4.40 67.74
N ASP D 380 15.49 -5.36 66.90
CA ASP D 380 16.49 -6.35 67.26
C ASP D 380 17.84 -5.66 67.41
N GLY D 381 17.99 -4.50 66.78
CA GLY D 381 19.24 -3.76 66.86
C GLY D 381 19.31 -3.10 68.22
N ILE D 382 18.15 -2.71 68.72
CA ILE D 382 18.01 -2.07 70.02
C ILE D 382 18.12 -3.09 71.13
N LYS D 383 17.19 -4.04 71.17
CA LYS D 383 17.17 -5.09 72.18
C LYS D 383 18.57 -5.64 72.40
N ASN D 384 19.34 -5.79 71.32
CA ASN D 384 20.69 -6.33 71.44
C ASN D 384 21.81 -5.30 71.32
N LYS D 385 21.47 -4.03 71.54
CA LYS D 385 22.43 -2.91 71.50
C LYS D 385 23.52 -3.09 70.45
N ILE D 386 23.09 -3.36 69.22
CA ILE D 386 23.99 -3.57 68.11
C ILE D 386 24.58 -2.26 67.65
N HIS D 387 25.85 -2.05 67.95
CA HIS D 387 26.47 -0.81 67.54
C HIS D 387 26.86 -0.87 66.07
N PRO D 388 26.43 0.21 65.44
CA PRO D 388 26.68 0.67 64.03
C PRO D 388 28.11 0.74 63.52
N GLY D 389 29.00 1.05 64.44
CA GLY D 389 30.37 1.26 64.12
C GLY D 389 30.41 2.75 63.78
N GLU D 390 31.46 3.18 63.10
CA GLU D 390 31.59 4.59 62.72
C GLU D 390 30.99 4.88 61.33
N PRO D 391 30.53 6.13 61.13
CA PRO D 391 29.90 6.58 59.88
C PRO D 391 30.92 6.65 58.73
N MET D 392 30.47 6.28 57.53
CA MET D 392 31.31 6.34 56.34
C MET D 392 31.13 7.72 55.71
N ASP D 393 32.20 8.50 55.65
CA ASP D 393 32.11 9.84 55.06
C ASP D 393 33.10 9.97 53.89
N LYS D 394 33.76 8.86 53.55
CA LYS D 394 34.75 8.80 52.47
C LYS D 394 34.14 8.84 51.06
N ASN D 395 33.94 7.66 50.47
CA ASN D 395 33.36 7.54 49.13
C ASN D 395 32.67 6.19 48.90
N LEU D 396 32.12 6.01 47.67
CA LEU D 396 31.21 4.89 47.35
C LEU D 396 31.98 3.59 47.02
N TYR D 397 31.51 3.01 45.95
CA TYR D 397 32.10 1.74 45.53
C TYR D 397 33.25 1.88 44.59
N ASP D 398 33.46 3.00 44.00
CA ASP D 398 34.57 2.94 43.05
C ASP D 398 35.60 3.83 43.69
N LEU D 399 36.83 3.40 43.77
CA LEU D 399 37.67 4.33 44.42
C LEU D 399 36.87 5.05 45.44
N PRO D 400 36.69 4.51 46.59
CA PRO D 400 37.51 3.58 47.31
C PRO D 400 38.35 2.57 46.48
N PRO D 401 37.89 1.28 46.22
CA PRO D 401 38.57 0.13 45.68
C PRO D 401 40.01 -0.06 46.21
N GLU D 402 40.34 0.50 47.35
CA GLU D 402 41.65 0.49 48.06
C GLU D 402 41.89 -0.88 48.70
N GLU D 403 41.10 -1.15 49.74
CA GLU D 403 41.15 -2.42 50.49
C GLU D 403 40.14 -3.40 49.82
N ALA D 404 39.97 -3.22 48.50
CA ALA D 404 39.02 -3.98 47.67
C ALA D 404 37.62 -3.55 48.12
N LYS D 405 37.63 -2.61 49.08
CA LYS D 405 36.46 -2.01 49.74
C LYS D 405 35.31 -2.95 50.09
N GLU D 406 35.66 -4.13 50.58
CA GLU D 406 34.64 -5.09 50.96
C GLU D 406 34.10 -4.82 52.36
N ILE D 407 33.27 -3.77 52.43
CA ILE D 407 32.58 -3.40 53.67
C ILE D 407 31.17 -4.00 53.48
N PRO D 408 30.28 -3.85 54.43
CA PRO D 408 28.93 -4.37 54.23
C PRO D 408 28.19 -4.13 52.93
N GLN D 409 27.57 -5.09 52.31
CA GLN D 409 26.71 -4.60 51.25
C GLN D 409 25.37 -5.31 51.15
N VAL D 410 24.40 -4.65 50.51
CA VAL D 410 23.07 -5.24 50.32
C VAL D 410 23.21 -6.45 49.40
N ALA D 411 22.19 -7.30 49.39
CA ALA D 411 22.21 -8.50 48.56
C ALA D 411 22.45 -8.12 47.11
N GLY D 412 23.13 -8.98 46.36
CA GLY D 412 23.41 -8.66 44.96
C GLY D 412 22.50 -9.34 43.95
N SER D 413 21.56 -10.13 44.45
CA SER D 413 20.62 -10.83 43.61
C SER D 413 19.44 -11.21 44.46
N LEU D 414 18.31 -11.49 43.84
CA LEU D 414 17.12 -11.86 44.59
C LEU D 414 17.31 -13.15 45.37
N GLU D 415 17.92 -14.14 44.74
CA GLU D 415 18.13 -15.44 45.36
C GLU D 415 18.92 -15.31 46.64
N GLU D 416 19.97 -14.51 46.56
CA GLU D 416 20.83 -14.25 47.70
C GLU D 416 20.01 -13.64 48.82
N ALA D 417 19.14 -12.71 48.47
CA ALA D 417 18.29 -12.05 49.46
C ALA D 417 17.30 -13.03 50.05
N LEU D 418 16.75 -13.89 49.21
CA LEU D 418 15.79 -14.87 49.69
C LEU D 418 16.48 -15.82 50.63
N ASN D 419 17.70 -16.22 50.27
CA ASN D 419 18.44 -17.13 51.12
C ASN D 419 18.76 -16.49 52.47
N ALA D 420 19.10 -15.21 52.46
CA ALA D 420 19.38 -14.49 53.70
C ALA D 420 18.14 -14.49 54.56
N LEU D 421 17.01 -14.20 53.95
CA LEU D 421 15.75 -14.18 54.67
C LEU D 421 15.51 -15.55 55.28
N ASP D 422 15.87 -16.60 54.55
CA ASP D 422 15.67 -17.96 55.04
C ASP D 422 16.41 -18.17 56.34
N LEU D 423 17.72 -17.98 56.27
CA LEU D 423 18.62 -18.16 57.40
C LEU D 423 18.44 -17.17 58.54
N ASP D 424 18.37 -15.90 58.19
CA ASP D 424 18.26 -14.84 59.17
C ASP D 424 16.83 -14.44 59.54
N ARG D 425 15.97 -15.44 59.71
CA ARG D 425 14.57 -15.18 60.04
C ARG D 425 14.18 -14.94 61.49
N GLU D 426 15.07 -15.25 62.44
CA GLU D 426 14.69 -15.07 63.84
C GLU D 426 14.16 -13.70 64.20
N PHE D 427 14.88 -12.65 63.84
CA PHE D 427 14.44 -11.30 64.18
C PHE D 427 13.05 -10.95 63.69
N LEU D 428 12.55 -11.69 62.71
CA LEU D 428 11.21 -11.46 62.16
C LEU D 428 10.16 -12.25 62.92
N LYS D 429 10.54 -13.43 63.40
CA LYS D 429 9.63 -14.29 64.15
C LYS D 429 9.38 -13.78 65.57
N ALA D 430 10.24 -12.88 66.02
CA ALA D 430 10.13 -12.25 67.34
C ALA D 430 8.72 -11.73 67.52
N GLY D 431 8.18 -11.94 68.71
CA GLY D 431 6.84 -11.46 68.99
C GLY D 431 5.77 -12.20 68.21
N GLY D 432 6.15 -13.26 67.50
CA GLY D 432 5.19 -14.02 66.70
C GLY D 432 4.59 -13.25 65.53
N VAL D 433 5.30 -12.19 65.10
CA VAL D 433 4.90 -11.33 63.99
C VAL D 433 4.91 -12.11 62.68
N PHE D 434 6.07 -12.68 62.34
CA PHE D 434 6.21 -13.51 61.14
C PHE D 434 6.30 -14.98 61.54
N THR D 435 5.52 -15.84 60.90
CA THR D 435 5.61 -17.27 61.18
C THR D 435 6.53 -17.89 60.13
N ASP D 436 7.06 -19.07 60.42
CA ASP D 436 7.93 -19.76 59.48
C ASP D 436 7.16 -20.03 58.20
N GLU D 437 5.92 -20.48 58.35
CA GLU D 437 5.07 -20.79 57.21
C GLU D 437 4.91 -19.60 56.28
N ALA D 438 4.66 -18.43 56.85
CA ALA D 438 4.49 -17.23 56.06
C ALA D 438 5.78 -16.96 55.29
N ILE D 439 6.89 -16.94 56.01
CA ILE D 439 8.18 -16.70 55.40
C ILE D 439 8.52 -17.70 54.30
N ASP D 440 8.29 -18.98 54.56
CA ASP D 440 8.59 -20.01 53.58
C ASP D 440 7.72 -19.89 52.33
N ALA D 441 6.48 -19.44 52.52
CA ALA D 441 5.54 -19.29 51.44
C ALA D 441 5.94 -18.12 50.57
N TYR D 442 6.34 -17.04 51.20
CA TYR D 442 6.79 -15.84 50.50
C TYR D 442 7.99 -16.20 49.65
N ILE D 443 8.95 -16.88 50.27
CA ILE D 443 10.16 -17.28 49.56
C ILE D 443 9.83 -18.15 48.37
N ALA D 444 8.85 -19.03 48.52
CA ALA D 444 8.50 -19.92 47.43
C ALA D 444 7.87 -19.15 46.27
N LEU D 445 7.08 -18.13 46.58
CA LEU D 445 6.45 -17.32 45.55
C LEU D 445 7.51 -16.62 44.73
N ARG D 446 8.48 -16.05 45.42
CA ARG D 446 9.53 -15.32 44.74
C ARG D 446 10.52 -16.19 44.01
N ARG D 447 10.71 -17.43 44.46
CA ARG D 447 11.68 -18.29 43.81
C ARG D 447 11.21 -18.73 42.43
N GLU D 448 9.90 -18.77 42.31
CA GLU D 448 9.21 -19.15 41.09
C GLU D 448 9.44 -18.01 40.11
N GLU D 449 9.39 -16.78 40.61
CA GLU D 449 9.64 -15.60 39.78
C GLU D 449 11.11 -15.58 39.41
N ASP D 450 11.97 -15.77 40.40
CA ASP D 450 13.41 -15.77 40.13
C ASP D 450 13.76 -16.78 39.06
N ASP D 451 13.05 -17.91 39.03
CA ASP D 451 13.31 -18.96 38.07
C ASP D 451 13.02 -18.59 36.64
N ARG D 452 11.94 -17.85 36.43
CA ARG D 452 11.56 -17.43 35.08
C ARG D 452 12.70 -16.64 34.49
N VAL D 453 13.23 -15.72 35.28
CA VAL D 453 14.30 -14.88 34.79
C VAL D 453 15.59 -15.66 34.62
N ARG D 454 15.89 -16.59 35.53
CA ARG D 454 17.12 -17.35 35.44
C ARG D 454 17.12 -18.33 34.28
N MET D 455 15.95 -18.87 33.98
CA MET D 455 15.82 -19.87 32.93
C MET D 455 15.57 -19.38 31.52
N THR D 456 15.07 -18.16 31.35
CA THR D 456 14.77 -17.65 30.03
C THR D 456 15.93 -16.91 29.39
N PRO D 457 16.34 -17.34 28.18
CA PRO D 457 17.46 -16.67 27.52
C PRO D 457 17.24 -15.18 27.47
N HIS D 458 18.31 -14.42 27.70
CA HIS D 458 18.25 -12.98 27.69
C HIS D 458 18.75 -12.44 26.36
N PRO D 459 18.07 -11.43 25.81
CA PRO D 459 18.48 -10.85 24.53
C PRO D 459 19.97 -10.56 24.45
N VAL D 460 20.53 -10.05 25.54
CA VAL D 460 21.94 -9.70 25.58
C VAL D 460 22.85 -10.92 25.43
N GLU D 461 22.34 -12.08 25.80
CA GLU D 461 23.11 -13.30 25.69
C GLU D 461 23.40 -13.61 24.25
N PHE D 462 22.50 -13.16 23.36
CA PHE D 462 22.69 -13.38 21.90
C PHE D 462 23.78 -12.47 21.38
N GLU D 463 23.74 -11.23 21.83
CA GLU D 463 24.74 -10.27 21.45
C GLU D 463 26.10 -10.78 21.86
N LEU D 464 26.18 -11.24 23.10
CA LEU D 464 27.41 -11.76 23.71
C LEU D 464 27.85 -13.14 23.23
N TYR D 465 26.91 -14.08 23.01
CA TYR D 465 27.34 -15.42 22.67
C TYR D 465 26.78 -16.06 21.40
N TYR D 466 25.99 -15.41 20.57
CA TYR D 466 25.46 -16.11 19.40
C TYR D 466 26.58 -16.66 18.48
N SER D 467 27.64 -15.88 18.32
CA SER D 467 28.76 -16.24 17.45
C SER D 467 29.87 -17.02 18.13
N VAL D 468 29.56 -17.57 19.28
CA VAL D 468 30.50 -18.33 20.05
C VAL D 468 31.01 -19.55 19.31
N SER E 1 7.50 41.26 49.92
CA SER E 1 6.45 41.02 50.90
C SER E 1 5.96 39.58 50.82
N ALA E 2 6.06 38.97 51.98
CA ALA E 2 5.61 37.63 52.18
C ALA E 2 4.10 37.64 52.44
N GLU E 3 3.56 38.80 52.79
CA GLU E 3 2.12 38.94 53.05
C GLU E 3 1.34 39.12 51.78
N HIS E 4 1.96 39.80 50.83
CA HIS E 4 1.39 40.04 49.52
C HIS E 4 1.20 38.68 48.86
N VAL E 5 2.17 37.80 49.11
CA VAL E 5 2.12 36.46 48.57
C VAL E 5 0.96 35.69 49.17
N LEU E 6 0.84 35.73 50.48
CA LEU E 6 -0.25 35.01 51.15
C LEU E 6 -1.64 35.49 50.72
N THR E 7 -1.72 36.73 50.22
CA THR E 7 -3.02 37.24 49.75
C THR E 7 -3.25 36.83 48.31
N MET E 8 -2.16 36.72 47.53
CA MET E 8 -2.26 36.29 46.13
C MET E 8 -2.72 34.84 46.10
N LEU E 9 -2.36 34.09 47.15
CA LEU E 9 -2.78 32.70 47.27
C LEU E 9 -4.29 32.57 47.41
N ASN E 10 -4.89 33.50 48.14
CA ASN E 10 -6.34 33.49 48.33
C ASN E 10 -7.12 34.13 47.20
N GLU E 11 -6.55 35.19 46.67
CA GLU E 11 -7.14 35.98 45.60
C GLU E 11 -7.29 35.17 44.33
N HIS E 12 -6.30 34.31 44.05
CA HIS E 12 -6.32 33.48 42.86
C HIS E 12 -6.65 32.01 43.16
N GLU E 13 -7.02 31.72 44.42
CA GLU E 13 -7.36 30.36 44.85
C GLU E 13 -6.30 29.37 44.36
N VAL E 14 -5.07 29.71 44.66
CA VAL E 14 -3.92 28.91 44.27
C VAL E 14 -3.87 27.55 44.94
N LYS E 15 -3.61 26.53 44.13
CA LYS E 15 -3.53 25.17 44.62
C LYS E 15 -2.07 24.74 44.74
N PHE E 16 -1.20 25.35 43.93
CA PHE E 16 0.24 25.01 43.96
C PHE E 16 1.16 26.18 43.83
N VAL E 17 2.38 25.96 44.29
CA VAL E 17 3.42 26.97 44.20
C VAL E 17 4.57 26.30 43.48
N ASP E 18 4.96 26.91 42.37
CA ASP E 18 6.02 26.39 41.54
C ASP E 18 7.29 27.18 41.81
N LEU E 19 8.22 26.52 42.48
CA LEU E 19 9.50 27.09 42.87
C LEU E 19 10.46 27.02 41.71
N ARG E 20 10.95 28.16 41.25
CA ARG E 20 11.89 28.17 40.13
C ARG E 20 13.27 28.71 40.37
N PHE E 21 14.20 28.16 39.62
CA PHE E 21 15.58 28.58 39.67
C PHE E 21 16.30 28.22 38.38
N THR E 22 17.53 28.72 38.22
CA THR E 22 18.32 28.47 37.01
C THR E 22 19.60 27.73 37.30
N ASP E 23 20.00 26.86 36.39
CA ASP E 23 21.23 26.13 36.59
C ASP E 23 22.37 26.87 35.93
N THR E 24 23.56 26.32 36.03
CA THR E 24 24.71 26.96 35.46
C THR E 24 24.58 27.22 33.96
N LYS E 25 24.02 26.27 33.22
CA LYS E 25 23.89 26.45 31.77
C LYS E 25 22.90 27.55 31.40
N GLY E 26 22.00 27.86 32.34
CA GLY E 26 21.05 28.94 32.10
C GLY E 26 19.62 28.49 31.96
N LYS E 27 19.40 27.21 32.19
CA LYS E 27 18.08 26.62 32.05
C LYS E 27 17.26 26.69 33.31
N GLU E 28 16.07 27.26 33.19
CA GLU E 28 15.16 27.39 34.32
C GLU E 28 14.72 26.01 34.78
N GLN E 29 14.70 25.81 36.09
CA GLN E 29 14.33 24.53 36.70
C GLN E 29 13.19 24.78 37.65
N HIS E 30 12.49 23.73 38.06
CA HIS E 30 11.38 23.91 38.98
C HIS E 30 11.00 22.67 39.75
N VAL E 31 10.29 22.92 40.84
CA VAL E 31 9.76 21.89 41.71
C VAL E 31 8.49 22.52 42.28
N THR E 32 7.47 21.70 42.53
CA THR E 32 6.19 22.21 42.97
C THR E 32 5.76 21.70 44.33
N ILE E 33 5.12 22.56 45.11
CA ILE E 33 4.59 22.18 46.41
C ILE E 33 3.17 22.72 46.50
N PRO E 34 2.31 22.01 47.23
CA PRO E 34 0.91 22.43 47.39
C PRO E 34 0.92 23.78 48.08
N ALA E 35 -0.07 24.62 47.79
CA ALA E 35 -0.11 25.94 48.43
C ALA E 35 -0.11 25.83 49.95
N HIS E 36 -0.77 24.80 50.48
CA HIS E 36 -0.83 24.60 51.92
C HIS E 36 0.51 24.34 52.61
N GLN E 37 1.58 24.24 51.83
CA GLN E 37 2.91 24.01 52.39
C GLN E 37 3.64 25.34 52.58
N VAL E 38 2.97 26.41 52.17
CA VAL E 38 3.52 27.77 52.29
C VAL E 38 3.10 28.38 53.62
N ASN E 39 4.08 28.56 54.49
CA ASN E 39 3.86 29.11 55.82
C ASN E 39 4.93 30.15 56.12
N ALA E 40 4.95 30.63 57.35
CA ALA E 40 5.92 31.64 57.76
C ALA E 40 7.34 31.11 57.63
N GLU E 41 7.56 29.89 58.07
CA GLU E 41 8.87 29.24 58.00
C GLU E 41 9.46 29.29 56.60
N PHE E 42 8.66 28.83 55.65
CA PHE E 42 8.98 28.81 54.24
C PHE E 42 9.79 30.02 53.77
N PHE E 43 9.34 31.22 54.11
CA PHE E 43 10.04 32.43 53.72
C PHE E 43 11.34 32.75 54.43
N GLU E 44 11.44 32.37 55.70
CA GLU E 44 12.65 32.68 56.44
C GLU E 44 13.70 31.62 56.31
N GLU E 45 13.30 30.36 56.19
CA GLU E 45 14.29 29.30 56.05
C GLU E 45 14.26 28.47 54.76
N GLY E 46 13.33 28.79 53.87
CA GLY E 46 13.22 28.09 52.60
C GLY E 46 12.92 26.60 52.71
N LYS E 47 13.21 25.87 51.64
CA LYS E 47 12.99 24.41 51.59
C LYS E 47 14.29 23.74 51.18
N MET E 48 14.50 22.52 51.65
CA MET E 48 15.70 21.75 51.36
C MET E 48 15.58 20.91 50.10
N PHE E 49 16.70 20.78 49.39
CA PHE E 49 16.73 19.96 48.19
C PHE E 49 18.14 19.45 47.92
N ASP E 50 18.21 18.40 47.11
CA ASP E 50 19.46 17.76 46.75
C ASP E 50 20.26 18.56 45.73
N GLY E 51 21.44 19.00 46.16
CA GLY E 51 22.31 19.77 45.28
C GLY E 51 22.93 18.91 44.19
N SER E 52 23.45 17.74 44.57
CA SER E 52 24.12 16.83 43.63
C SER E 52 23.40 16.48 42.32
N SER E 53 22.11 16.79 42.24
CA SER E 53 21.30 16.50 41.06
C SER E 53 21.47 17.44 39.85
N ILE E 54 21.85 18.69 40.11
CA ILE E 54 22.06 19.69 39.09
C ILE E 54 23.49 19.60 38.55
N GLY E 55 23.66 19.73 37.25
CA GLY E 55 24.99 19.64 36.68
C GLY E 55 25.93 20.74 37.13
N GLY E 56 27.16 20.35 37.51
CA GLY E 56 28.15 21.31 37.93
C GLY E 56 27.96 21.89 39.31
N TRP E 57 27.15 21.24 40.14
CA TRP E 57 26.93 21.78 41.47
C TRP E 57 27.68 20.95 42.52
N LYS E 58 27.06 20.70 43.68
CA LYS E 58 27.72 19.94 44.76
C LYS E 58 28.08 18.52 44.30
N GLY E 59 29.17 18.00 44.79
CA GLY E 59 29.59 16.65 44.40
C GLY E 59 29.12 15.57 45.36
N ILE E 60 29.98 14.56 45.52
CA ILE E 60 29.78 13.38 46.34
C ILE E 60 29.42 13.60 47.81
N ASN E 61 29.93 14.63 48.45
CA ASN E 61 29.75 14.68 49.89
C ASN E 61 28.78 15.67 50.48
N GLU E 62 28.67 16.81 49.85
CA GLU E 62 27.86 17.94 50.34
C GLU E 62 26.58 18.20 49.58
N SER E 63 25.79 17.19 49.34
CA SER E 63 24.58 17.35 48.55
C SER E 63 23.57 18.39 48.95
N ASP E 64 23.14 18.38 50.20
CA ASP E 64 22.03 19.26 50.56
C ASP E 64 22.26 20.77 50.66
N MET E 65 21.27 21.46 50.06
CA MET E 65 21.24 22.90 49.93
C MET E 65 19.83 23.50 50.11
N VAL E 66 19.78 24.83 50.17
CA VAL E 66 18.53 25.56 50.38
C VAL E 66 17.93 26.36 49.23
N LEU E 67 16.62 26.22 49.06
CA LEU E 67 15.86 26.95 48.06
C LEU E 67 15.19 28.11 48.79
N MET E 68 15.66 29.32 48.55
CA MET E 68 15.11 30.46 49.27
C MET E 68 14.15 31.27 48.42
N PRO E 69 12.85 31.16 48.69
CA PRO E 69 11.87 31.91 47.92
C PRO E 69 12.07 33.40 48.01
N ASP E 70 12.00 34.06 46.86
CA ASP E 70 12.13 35.50 46.78
C ASP E 70 10.71 36.00 46.53
N ALA E 71 10.06 36.42 47.60
CA ALA E 71 8.69 36.89 47.56
C ALA E 71 8.38 38.00 46.58
N SER E 72 9.40 38.71 46.11
CA SER E 72 9.15 39.80 45.16
C SER E 72 8.80 39.28 43.76
N THR E 73 9.19 38.05 43.49
CA THR E 73 8.99 37.42 42.18
C THR E 73 7.68 36.70 41.93
N ALA E 74 6.80 36.66 42.91
CA ALA E 74 5.53 35.96 42.76
C ALA E 74 4.67 36.36 41.55
N VAL E 75 4.38 35.36 40.72
CA VAL E 75 3.55 35.58 39.54
C VAL E 75 2.86 34.28 39.18
N ILE E 76 1.60 34.41 38.76
CA ILE E 76 0.76 33.29 38.36
C ILE E 76 1.21 32.65 37.06
N ASP E 77 1.17 31.32 36.99
CA ASP E 77 1.54 30.63 35.76
C ASP E 77 0.30 30.64 34.88
N PRO E 78 0.44 31.14 33.65
CA PRO E 78 -0.67 31.24 32.71
C PRO E 78 -0.99 30.03 31.89
N PHE E 79 -0.21 28.97 32.06
CA PHE E 79 -0.40 27.74 31.30
C PHE E 79 -0.90 26.54 32.08
N PHE E 80 -0.39 26.34 33.29
CA PHE E 80 -0.79 25.19 34.10
C PHE E 80 -2.32 25.15 34.28
N ALA E 81 -2.86 23.94 34.32
CA ALA E 81 -4.31 23.72 34.44
C ALA E 81 -4.95 24.10 35.77
N ASP E 82 -4.20 23.88 36.85
CA ASP E 82 -4.62 24.16 38.21
C ASP E 82 -3.92 25.44 38.60
N SER E 83 -4.61 26.35 39.27
CA SER E 83 -4.03 27.63 39.69
C SER E 83 -2.71 27.48 40.43
N THR E 84 -1.64 28.01 39.85
CA THR E 84 -0.36 27.89 40.52
C THR E 84 0.47 29.15 40.45
N LEU E 85 1.13 29.40 41.55
CA LEU E 85 1.93 30.58 41.70
C LEU E 85 3.40 30.27 41.60
N ILE E 86 4.07 31.02 40.74
CA ILE E 86 5.50 30.85 40.54
C ILE E 86 6.25 31.77 41.47
N ILE E 87 7.28 31.23 42.13
CA ILE E 87 8.13 32.02 43.00
C ILE E 87 9.56 31.61 42.71
N ARG E 88 10.32 32.59 42.22
CA ARG E 88 11.72 32.39 41.87
C ARG E 88 12.44 32.25 43.20
N CYS E 89 13.52 31.46 43.23
CA CYS E 89 14.25 31.22 44.47
C CYS E 89 15.73 31.39 44.27
N ASP E 90 16.48 31.65 45.34
CA ASP E 90 17.94 31.74 45.22
C ASP E 90 18.40 30.45 45.89
N ILE E 91 19.62 30.04 45.61
CA ILE E 91 20.17 28.84 46.19
C ILE E 91 21.15 29.25 47.25
N LEU E 92 20.85 28.92 48.50
CA LEU E 92 21.71 29.30 49.61
C LEU E 92 22.40 28.11 50.22
N GLU E 93 23.56 28.36 50.81
CA GLU E 93 24.35 27.34 51.48
C GLU E 93 23.58 27.10 52.81
N PRO E 94 23.40 25.84 53.23
CA PRO E 94 22.65 25.58 54.47
C PRO E 94 23.33 26.12 55.74
N GLY E 95 22.51 26.56 56.69
CA GLY E 95 23.04 27.09 57.93
C GLY E 95 23.51 28.52 57.72
N THR E 96 24.58 28.68 56.97
CA THR E 96 25.12 30.00 56.67
C THR E 96 24.08 30.84 55.92
N LEU E 97 23.25 30.17 55.13
CA LEU E 97 22.22 30.83 54.32
C LEU E 97 22.84 31.96 53.52
N GLN E 98 24.04 31.69 53.01
CA GLN E 98 24.79 32.74 52.31
C GLN E 98 24.42 33.02 50.86
N GLY E 99 24.46 32.02 50.04
CA GLY E 99 24.25 32.21 48.64
C GLY E 99 25.36 31.45 47.99
N TYR E 100 24.96 30.33 47.42
CA TYR E 100 25.84 29.39 46.77
C TYR E 100 26.73 30.04 45.73
N ASP E 101 28.02 29.71 45.79
CA ASP E 101 29.01 30.26 44.88
C ASP E 101 28.67 29.99 43.43
N ARG E 102 28.07 28.84 43.20
CA ARG E 102 27.69 28.42 41.86
C ARG E 102 26.26 28.79 41.43
N ASP E 103 25.50 29.45 42.30
CA ASP E 103 24.13 29.87 41.95
C ASP E 103 24.23 31.15 41.11
N PRO E 104 23.86 31.07 39.83
CA PRO E 104 23.90 32.18 38.90
C PRO E 104 23.09 33.38 39.33
N ARG E 105 22.03 33.18 40.10
CA ARG E 105 21.27 34.34 40.49
C ARG E 105 21.98 35.04 41.62
N SER E 106 22.58 34.25 42.51
CA SER E 106 23.33 34.82 43.63
C SER E 106 24.51 35.62 43.08
N ILE E 107 25.15 35.04 42.07
CA ILE E 107 26.29 35.68 41.42
C ILE E 107 25.92 37.00 40.79
N ALA E 108 24.75 37.05 40.19
CA ALA E 108 24.30 38.27 39.56
C ALA E 108 23.97 39.30 40.62
N LYS E 109 23.41 38.85 41.75
CA LYS E 109 23.08 39.77 42.82
C LYS E 109 24.38 40.34 43.40
N ARG E 110 25.36 39.47 43.61
CA ARG E 110 26.66 39.87 44.14
C ARG E 110 27.28 40.97 43.28
N ALA E 111 27.10 40.83 41.98
CA ALA E 111 27.64 41.78 41.04
C ALA E 111 26.94 43.12 41.13
N GLU E 112 25.65 43.12 41.45
CA GLU E 112 24.93 44.38 41.55
C GLU E 112 25.37 45.06 42.85
N ASP E 113 25.67 44.24 43.86
CA ASP E 113 26.13 44.73 45.15
C ASP E 113 27.47 45.42 44.96
N TYR E 114 28.43 44.69 44.39
CA TYR E 114 29.76 45.22 44.13
C TYR E 114 29.75 46.54 43.35
N LEU E 115 28.73 46.74 42.53
CA LEU E 115 28.58 47.97 41.76
C LEU E 115 28.36 49.11 42.74
N ARG E 116 27.36 48.94 43.59
CA ARG E 116 27.03 49.93 44.61
C ARG E 116 28.22 50.16 45.54
N ALA E 117 28.90 49.09 45.91
CA ALA E 117 30.07 49.16 46.79
C ALA E 117 31.18 50.05 46.25
N THR E 118 31.60 49.84 45.00
CA THR E 118 32.66 50.65 44.41
C THR E 118 32.19 52.08 44.33
N GLY E 119 30.89 52.28 44.50
CA GLY E 119 30.31 53.60 44.43
C GLY E 119 30.31 54.18 43.02
N ILE E 120 30.71 53.38 42.03
CA ILE E 120 30.72 53.85 40.65
C ILE E 120 29.33 54.25 40.16
N ALA E 121 28.32 53.54 40.63
CA ALA E 121 26.90 53.80 40.28
C ALA E 121 26.06 53.01 41.27
N ASP E 122 24.74 53.24 41.29
CA ASP E 122 23.89 52.50 42.21
C ASP E 122 22.97 51.45 41.58
N THR E 123 22.84 51.49 40.25
CA THR E 123 22.02 50.53 39.51
C THR E 123 22.54 50.35 38.08
N VAL E 124 22.43 49.11 37.57
CA VAL E 124 22.84 48.78 36.19
C VAL E 124 21.60 48.53 35.36
N LEU E 125 21.58 49.04 34.14
CA LEU E 125 20.43 48.83 33.29
C LEU E 125 20.71 47.93 32.08
N PHE E 126 19.92 46.87 31.96
CA PHE E 126 20.06 45.91 30.87
C PHE E 126 18.82 45.82 30.01
N GLY E 127 19.04 45.95 28.70
CA GLY E 127 17.96 45.84 27.75
C GLY E 127 18.37 44.84 26.69
N PRO E 128 18.25 43.53 26.95
CA PRO E 128 18.62 42.51 25.98
C PRO E 128 17.52 42.32 24.93
N GLU E 129 17.92 41.91 23.73
CA GLU E 129 16.96 41.71 22.63
C GLU E 129 17.07 40.30 22.11
N PRO E 130 16.52 39.33 22.84
CA PRO E 130 16.63 37.97 22.35
C PRO E 130 15.69 37.71 21.18
N GLU E 131 16.23 37.04 20.16
CA GLU E 131 15.50 36.65 18.96
C GLU E 131 15.27 35.14 19.06
N PHE E 132 14.34 34.61 18.30
CA PHE E 132 14.10 33.17 18.34
C PHE E 132 13.45 32.66 17.08
N PHE E 133 13.36 31.33 16.96
CA PHE E 133 12.72 30.70 15.81
C PHE E 133 11.53 29.89 16.22
N LEU E 134 10.52 29.87 15.36
CA LEU E 134 9.30 29.09 15.58
C LEU E 134 9.16 28.08 14.45
N PHE E 135 9.26 26.79 14.76
CA PHE E 135 9.15 25.74 13.76
C PHE E 135 7.94 24.87 13.99
N ASP E 136 7.70 23.96 13.05
CA ASP E 136 6.59 23.02 13.14
C ASP E 136 7.14 21.63 13.50
N ASP E 137 8.34 21.33 13.00
CA ASP E 137 8.94 20.02 13.18
C ASP E 137 10.45 20.18 13.33
N ILE E 138 11.01 19.50 14.34
CA ILE E 138 12.44 19.51 14.57
C ILE E 138 12.80 18.07 14.92
N ARG E 139 13.71 17.51 14.14
CA ARG E 139 14.14 16.12 14.28
C ARG E 139 15.64 16.07 14.27
N PHE E 140 16.24 15.28 15.13
CA PHE E 140 17.68 15.13 15.11
C PHE E 140 18.09 13.89 15.88
N GLY E 141 19.34 13.49 15.66
CA GLY E 141 19.85 12.33 16.33
C GLY E 141 21.29 12.10 15.94
N ALA E 142 21.95 11.20 16.67
CA ALA E 142 23.34 10.86 16.40
C ALA E 142 23.61 9.56 17.08
N SER E 143 24.15 8.62 16.31
CA SER E 143 24.48 7.31 16.83
C SER E 143 25.73 6.90 16.08
N ILE E 144 26.19 5.69 16.32
CA ILE E 144 27.40 5.24 15.69
C ILE E 144 27.34 5.29 14.17
N SER E 145 26.20 4.96 13.59
CA SER E 145 26.08 4.90 12.15
C SER E 145 25.74 6.19 11.45
N GLY E 146 25.69 7.29 12.18
CA GLY E 146 25.41 8.56 11.52
C GLY E 146 24.81 9.60 12.43
N SER E 147 24.26 10.62 11.84
CA SER E 147 23.64 11.70 12.60
C SER E 147 22.87 12.60 11.63
N HIS E 148 21.97 13.40 12.17
CA HIS E 148 21.21 14.26 11.31
C HIS E 148 20.41 15.29 12.06
N VAL E 149 19.93 16.29 11.32
CA VAL E 149 19.05 17.31 11.84
C VAL E 149 18.18 17.76 10.70
N ALA E 150 16.90 17.79 10.98
CA ALA E 150 15.94 18.21 9.98
C ALA E 150 15.01 19.24 10.53
N ILE E 151 14.92 20.39 9.91
CA ILE E 151 14.06 21.46 10.39
C ILE E 151 12.89 21.64 9.47
N ASP E 152 11.73 21.97 10.01
CA ASP E 152 10.62 22.20 9.12
C ASP E 152 9.63 23.19 9.69
N ASP E 153 9.17 24.07 8.82
CA ASP E 153 8.18 25.05 9.19
C ASP E 153 7.39 25.46 7.97
N ILE E 154 6.15 25.82 8.20
CA ILE E 154 5.29 26.20 7.10
C ILE E 154 5.81 27.42 6.36
N GLU E 155 6.66 28.20 7.00
CA GLU E 155 7.23 29.40 6.40
C GLU E 155 8.51 29.13 5.64
N GLY E 156 9.13 28.00 5.91
CA GLY E 156 10.38 27.71 5.23
C GLY E 156 10.30 27.86 3.73
N ALA E 157 11.23 28.59 3.16
CA ALA E 157 11.21 28.81 1.73
C ALA E 157 11.23 27.50 0.93
N TRP E 158 11.87 26.48 1.49
CA TRP E 158 11.99 25.19 0.84
C TRP E 158 10.64 24.53 0.60
N ASN E 159 9.63 24.93 1.34
CA ASN E 159 8.30 24.35 1.18
C ASN E 159 7.51 24.95 0.04
N SER E 160 8.16 25.80 -0.77
CA SER E 160 7.47 26.39 -1.90
C SER E 160 7.02 25.27 -2.85
N SER E 161 7.71 24.14 -2.78
CA SER E 161 7.41 23.00 -3.63
C SER E 161 6.67 21.84 -2.96
N THR E 162 6.45 21.93 -1.67
CA THR E 162 5.80 20.87 -0.91
C THR E 162 4.32 20.68 -1.17
N LYS E 163 3.89 19.42 -1.28
CA LYS E 163 2.48 19.13 -1.50
C LYS E 163 1.84 19.08 -0.13
N TYR E 164 0.73 19.79 0.02
CA TYR E 164 0.00 19.84 1.27
C TYR E 164 -1.39 19.25 1.06
N GLU E 165 -1.92 18.67 2.13
CA GLU E 165 -3.25 18.05 2.13
C GLU E 165 -4.29 18.96 1.50
N GLY E 166 -4.43 20.17 2.05
CA GLY E 166 -5.42 21.10 1.51
C GLY E 166 -4.89 22.10 0.50
N GLY E 167 -3.76 21.76 -0.12
CA GLY E 167 -3.14 22.64 -1.09
C GLY E 167 -2.09 23.54 -0.47
N ASN E 168 -1.04 23.85 -1.23
CA ASN E 168 0.04 24.73 -0.79
C ASN E 168 -0.45 26.15 -1.07
N LYS E 169 -0.59 26.96 -0.03
CA LYS E 169 -1.11 28.34 -0.17
C LYS E 169 -0.04 29.37 -0.51
N GLY E 170 1.12 28.83 -0.57
CA GLY E 170 2.37 29.46 -0.86
C GLY E 170 2.56 30.98 -0.75
N HIS E 171 2.58 31.57 0.46
CA HIS E 171 3.06 32.94 0.63
C HIS E 171 4.08 32.87 1.72
N ARG E 172 5.31 32.63 1.34
CA ARG E 172 6.35 32.43 2.31
C ARG E 172 7.49 33.40 2.20
N PRO E 173 8.13 33.68 3.32
CA PRO E 173 9.26 34.59 3.38
C PRO E 173 10.43 33.85 2.75
N GLY E 174 11.07 34.46 1.77
CA GLY E 174 12.21 33.82 1.13
C GLY E 174 13.41 33.86 2.07
N VAL E 175 14.53 33.31 1.63
CA VAL E 175 15.73 33.31 2.47
C VAL E 175 16.15 34.76 2.73
N LYS E 176 16.39 35.09 4.00
CA LYS E 176 16.75 36.45 4.43
C LYS E 176 15.65 37.45 4.05
N GLY E 177 14.45 36.98 3.78
CA GLY E 177 13.38 37.88 3.35
C GLY E 177 12.21 38.01 4.36
N GLY E 178 12.50 37.80 5.63
CA GLY E 178 11.47 37.87 6.64
C GLY E 178 11.24 39.27 7.21
N TYR E 179 12.12 40.23 6.91
CA TYR E 179 11.93 41.55 7.51
C TYR E 179 10.74 42.34 6.94
N PHE E 180 9.59 42.02 7.59
CA PHE E 180 8.28 42.70 7.66
C PHE E 180 7.21 42.45 6.58
N PRO E 181 7.35 41.56 5.60
CA PRO E 181 6.16 41.37 4.78
C PRO E 181 4.91 41.18 5.60
N VAL E 182 3.85 41.92 5.32
CA VAL E 182 2.63 41.72 6.10
C VAL E 182 2.03 40.34 5.84
N PRO E 183 1.13 39.89 6.73
CA PRO E 183 0.49 38.58 6.52
C PRO E 183 -0.21 38.63 5.17
N PRO E 184 -0.44 37.46 4.57
CA PRO E 184 -0.07 36.14 5.08
C PRO E 184 1.38 35.68 4.96
N VAL E 185 2.26 36.48 4.36
CA VAL E 185 3.66 36.06 4.26
C VAL E 185 4.16 35.83 5.69
N ASP E 186 3.84 36.77 6.57
CA ASP E 186 4.21 36.66 7.97
C ASP E 186 3.07 35.86 8.59
N SER E 187 3.35 34.65 9.02
CA SER E 187 2.32 33.80 9.58
C SER E 187 2.21 33.86 11.09
N ALA E 188 3.02 34.69 11.73
CA ALA E 188 3.04 34.71 13.18
C ALA E 188 2.53 35.93 13.93
N GLN E 189 1.64 36.69 13.33
CA GLN E 189 1.14 37.87 14.02
C GLN E 189 0.37 37.49 15.28
N ASP E 190 -0.65 36.65 15.15
CA ASP E 190 -1.45 36.26 16.31
C ASP E 190 -0.59 35.66 17.43
N ILE E 191 0.38 34.83 17.06
CA ILE E 191 1.18 34.21 18.08
C ILE E 191 2.13 35.20 18.76
N ARG E 192 2.72 36.11 17.99
CA ARG E 192 3.61 37.09 18.61
C ARG E 192 2.81 37.93 19.61
N SER E 193 1.57 38.26 19.29
CA SER E 193 0.82 39.04 20.26
C SER E 193 0.40 38.31 21.51
N GLU E 194 0.07 37.03 21.38
CA GLU E 194 -0.29 36.25 22.57
C GLU E 194 0.95 36.26 23.46
N MET E 195 2.13 36.07 22.85
CA MET E 195 3.36 36.06 23.63
C MET E 195 3.48 37.39 24.36
N CYS E 196 3.12 38.48 23.68
CA CYS E 196 3.20 39.79 24.30
C CYS E 196 2.24 39.92 25.46
N LEU E 197 0.97 39.62 25.22
CA LEU E 197 -0.01 39.72 26.28
C LEU E 197 0.39 38.88 27.48
N VAL E 198 0.82 37.66 27.22
CA VAL E 198 1.20 36.77 28.32
C VAL E 198 2.43 37.29 29.04
N MET E 199 3.39 37.80 28.28
CA MET E 199 4.60 38.33 28.90
C MET E 199 4.24 39.44 29.86
N GLU E 200 3.31 40.28 29.44
CA GLU E 200 2.90 41.37 30.30
C GLU E 200 2.10 40.90 31.50
N GLN E 201 1.30 39.85 31.32
CA GLN E 201 0.56 39.31 32.46
C GLN E 201 1.58 38.81 33.48
N MET E 202 2.79 38.55 33.00
CA MET E 202 3.83 38.04 33.90
C MET E 202 4.81 39.10 34.35
N GLY E 203 4.46 40.36 34.15
CA GLY E 203 5.31 41.46 34.62
C GLY E 203 6.28 42.09 33.68
N LEU E 204 6.37 41.59 32.46
CA LEU E 204 7.28 42.19 31.51
C LEU E 204 6.55 43.34 30.85
N VAL E 205 7.31 44.25 30.25
CA VAL E 205 6.71 45.36 29.54
C VAL E 205 7.22 45.26 28.12
N VAL E 206 6.28 45.12 27.21
CA VAL E 206 6.59 44.95 25.81
C VAL E 206 6.66 46.23 25.04
N GLU E 207 7.69 46.37 24.21
CA GLU E 207 7.85 47.56 23.39
C GLU E 207 7.46 47.33 21.95
N ALA E 208 7.71 46.12 21.46
CA ALA E 208 7.36 45.81 20.08
C ALA E 208 7.52 44.34 19.75
N HIS E 209 6.92 43.94 18.63
CA HIS E 209 7.08 42.58 18.16
C HIS E 209 7.03 42.58 16.64
N HIS E 210 7.85 41.71 16.08
CA HIS E 210 7.94 41.67 14.64
C HIS E 210 8.61 40.38 14.17
N HIS E 211 8.43 40.08 12.91
CA HIS E 211 9.06 38.94 12.30
C HIS E 211 10.52 39.32 12.12
N GLU E 212 11.45 38.38 12.19
CA GLU E 212 12.84 38.75 11.97
C GLU E 212 13.25 38.42 10.55
N VAL E 213 14.56 38.47 10.26
CA VAL E 213 15.04 38.30 8.90
C VAL E 213 14.91 36.91 8.27
N ALA E 214 15.25 35.87 8.99
CA ALA E 214 15.28 34.54 8.41
C ALA E 214 13.92 33.97 8.00
N THR E 215 13.96 33.11 6.99
CA THR E 215 12.77 32.42 6.53
C THR E 215 12.49 31.40 7.64
N ALA E 216 11.39 30.69 7.53
CA ALA E 216 11.13 29.63 8.49
C ALA E 216 10.90 30.09 9.94
N GLY E 217 10.26 31.22 10.17
CA GLY E 217 9.84 31.61 11.52
C GLY E 217 10.80 32.31 12.48
N GLN E 218 11.71 33.13 12.00
CA GLN E 218 12.49 33.86 12.99
C GLN E 218 11.61 35.00 13.46
N ASN E 219 11.54 35.22 14.76
CA ASN E 219 10.68 36.26 15.30
C ASN E 219 11.33 36.95 16.47
N GLU E 220 10.77 38.07 16.90
CA GLU E 220 11.30 38.81 18.05
C GLU E 220 10.26 39.60 18.81
N VAL E 221 10.33 39.52 20.14
CA VAL E 221 9.49 40.30 21.04
C VAL E 221 10.45 41.18 21.83
N ALA E 222 10.32 42.48 21.65
CA ALA E 222 11.17 43.43 22.33
C ALA E 222 10.54 43.90 23.62
N THR E 223 11.28 43.75 24.71
CA THR E 223 10.79 44.14 26.01
C THR E 223 11.61 45.30 26.61
N ARG E 224 11.00 46.08 27.51
CA ARG E 224 11.66 47.18 28.17
C ARG E 224 12.74 46.67 29.11
N PHE E 225 13.81 47.47 29.18
CA PHE E 225 14.96 47.14 30.01
C PHE E 225 14.50 47.11 31.46
N ASN E 226 15.40 46.79 32.36
CA ASN E 226 15.16 46.72 33.79
C ASN E 226 16.52 46.58 34.46
N THR E 227 16.54 46.60 35.79
CA THR E 227 17.81 46.47 36.48
C THR E 227 18.34 45.08 36.19
N MET E 228 19.66 44.95 36.11
CA MET E 228 20.32 43.69 35.72
C MET E 228 19.66 42.40 36.22
N THR E 229 19.70 42.13 37.54
CA THR E 229 19.13 40.85 37.99
C THR E 229 17.65 40.67 37.67
N LYS E 230 16.84 41.73 37.76
CA LYS E 230 15.43 41.59 37.45
C LYS E 230 15.25 41.29 35.95
N LYS E 231 16.19 41.77 35.13
CA LYS E 231 16.07 41.54 33.69
C LYS E 231 16.40 40.10 33.33
N ALA E 232 17.39 39.53 33.99
CA ALA E 232 17.75 38.14 33.75
C ALA E 232 16.54 37.27 34.14
N ASP E 233 15.86 37.68 35.20
CA ASP E 233 14.65 36.97 35.63
C ASP E 233 13.68 37.08 34.46
N GLU E 234 13.52 38.30 33.94
CA GLU E 234 12.62 38.52 32.82
C GLU E 234 12.98 37.68 31.60
N ILE E 235 14.27 37.47 31.36
CA ILE E 235 14.70 36.67 30.21
C ILE E 235 14.18 35.25 30.38
N GLN E 236 14.33 34.71 31.58
CA GLN E 236 13.86 33.36 31.87
C GLN E 236 12.34 33.23 31.64
N ILE E 237 11.61 34.24 32.06
CA ILE E 237 10.15 34.28 31.91
C ILE E 237 9.85 34.42 30.43
N TYR E 238 10.59 35.26 29.80
CA TYR E 238 10.45 35.50 28.39
C TYR E 238 10.56 34.20 27.62
N LYS E 239 11.64 33.47 27.87
CA LYS E 239 11.85 32.19 27.20
C LYS E 239 10.72 31.24 27.52
N TYR E 240 10.31 31.23 28.77
CA TYR E 240 9.25 30.35 29.21
C TYR E 240 7.98 30.64 28.44
N VAL E 241 7.63 31.91 28.32
CA VAL E 241 6.44 32.28 27.61
C VAL E 241 6.55 31.89 26.14
N VAL E 242 7.68 32.22 25.53
CA VAL E 242 7.88 31.89 24.14
C VAL E 242 7.76 30.38 23.90
N HIS E 243 8.46 29.60 24.69
CA HIS E 243 8.43 28.15 24.56
C HIS E 243 7.05 27.58 24.71
N ASN E 244 6.34 28.03 25.73
CA ASN E 244 5.02 27.51 25.99
C ASN E 244 3.89 28.01 25.14
N VAL E 245 3.96 29.26 24.70
CA VAL E 245 2.90 29.75 23.82
C VAL E 245 3.08 29.02 22.49
N ALA E 246 4.32 28.84 22.07
CA ALA E 246 4.59 28.13 20.84
C ALA E 246 4.01 26.73 20.92
N HIS E 247 4.30 26.04 22.02
CA HIS E 247 3.82 24.68 22.24
C HIS E 247 2.31 24.66 22.15
N ARG E 248 1.65 25.62 22.79
CA ARG E 248 0.20 25.67 22.76
C ARG E 248 -0.35 25.95 21.38
N PHE E 249 0.43 26.57 20.52
CA PHE E 249 -0.02 26.88 19.16
C PHE E 249 0.38 25.80 18.18
N GLY E 250 0.96 24.72 18.66
CA GLY E 250 1.36 23.66 17.77
C GLY E 250 2.71 23.90 17.13
N LYS E 251 3.51 24.78 17.73
CA LYS E 251 4.83 25.03 17.20
C LYS E 251 5.88 24.60 18.24
N THR E 252 7.13 24.88 17.92
CA THR E 252 8.21 24.56 18.82
C THR E 252 9.21 25.67 18.62
N ALA E 253 9.59 26.34 19.70
CA ALA E 253 10.53 27.44 19.59
C ALA E 253 11.90 27.11 20.06
N THR E 254 12.90 27.74 19.45
CA THR E 254 14.27 27.54 19.90
C THR E 254 15.05 28.85 19.97
N PHE E 255 15.88 28.96 20.98
CA PHE E 255 16.73 30.11 21.15
C PHE E 255 18.15 29.79 20.71
N MET E 256 18.35 28.69 20.01
CA MET E 256 19.68 28.32 19.51
C MET E 256 20.16 29.49 18.67
N PRO E 257 21.45 29.78 18.71
CA PRO E 257 21.91 30.91 17.90
C PRO E 257 21.97 30.74 16.39
N LYS E 258 22.30 29.56 15.88
CA LYS E 258 22.36 29.37 14.42
C LYS E 258 21.78 28.01 14.04
N PRO E 259 20.45 27.91 13.89
CA PRO E 259 19.91 26.60 13.52
C PRO E 259 20.08 26.30 12.04
N MET E 260 20.24 27.34 11.23
CA MET E 260 20.41 27.12 9.79
C MET E 260 21.58 27.81 9.14
N PHE E 261 22.27 27.05 8.32
CA PHE E 261 23.36 27.63 7.58
C PHE E 261 22.75 28.37 6.39
N GLY E 262 23.12 29.61 6.13
CA GLY E 262 22.55 30.26 4.96
C GLY E 262 21.53 31.33 5.23
N ASP E 263 21.11 31.44 6.49
CA ASP E 263 20.17 32.48 6.84
C ASP E 263 20.55 32.94 8.23
N ASN E 264 19.96 34.05 8.62
CA ASN E 264 20.19 34.68 9.90
C ASN E 264 20.25 33.78 11.10
N GLY E 265 21.09 34.15 12.05
CA GLY E 265 21.14 33.40 13.29
C GLY E 265 20.32 34.24 14.25
N SER E 266 20.25 33.86 15.51
CA SER E 266 19.50 34.64 16.47
C SER E 266 20.50 35.22 17.45
N GLY E 267 20.41 36.54 17.66
CA GLY E 267 21.32 37.18 18.58
C GLY E 267 20.57 37.74 19.76
N MET E 268 21.31 38.22 20.75
CA MET E 268 20.70 38.83 21.90
C MET E 268 21.51 40.06 22.26
N HIS E 269 21.32 41.13 21.49
CA HIS E 269 22.01 42.37 21.73
C HIS E 269 21.72 42.83 23.14
N CYS E 270 22.71 43.41 23.79
CA CYS E 270 22.51 43.90 25.13
C CYS E 270 22.81 45.40 25.26
N HIS E 271 21.75 46.15 25.53
CA HIS E 271 21.85 47.58 25.74
C HIS E 271 22.15 47.74 27.22
N MET E 272 23.14 48.57 27.53
CA MET E 272 23.51 48.81 28.92
C MET E 272 23.80 50.28 29.21
N SER E 273 23.67 50.64 30.47
CA SER E 273 23.95 51.99 30.96
C SER E 273 23.97 51.93 32.47
N LEU E 274 24.63 52.88 33.10
CA LEU E 274 24.71 52.92 34.56
C LEU E 274 24.01 54.15 35.08
N ALA E 275 23.64 54.12 36.36
CA ALA E 275 22.96 55.26 36.94
C ALA E 275 23.22 55.43 38.43
N LYS E 276 23.08 56.68 38.88
CA LYS E 276 23.23 57.04 40.27
C LYS E 276 22.23 58.15 40.57
N ASN E 277 21.48 57.97 41.66
CA ASN E 277 20.46 58.92 42.11
C ASN E 277 19.68 59.47 40.92
N GLY E 278 19.15 58.55 40.12
CA GLY E 278 18.35 58.95 38.97
C GLY E 278 19.01 59.59 37.75
N THR E 279 20.31 59.85 37.78
CA THR E 279 20.94 60.44 36.60
C THR E 279 21.70 59.39 35.79
N ASN E 280 21.67 59.53 34.48
CA ASN E 280 22.34 58.58 33.60
C ASN E 280 23.85 58.83 33.48
N LEU E 281 24.63 58.07 34.23
CA LEU E 281 26.07 58.18 34.21
C LEU E 281 26.76 57.98 32.86
N PHE E 282 25.99 57.67 31.82
CA PHE E 282 26.56 57.44 30.50
C PHE E 282 26.42 58.60 29.52
N SER E 283 25.64 59.63 29.87
CA SER E 283 25.51 60.79 28.98
C SER E 283 26.64 61.77 29.26
N GLY E 284 27.14 62.40 28.21
CA GLY E 284 28.23 63.34 28.37
C GLY E 284 28.49 64.17 27.12
N ASP E 285 29.66 64.81 27.07
CA ASP E 285 30.05 65.66 25.94
C ASP E 285 30.97 64.95 24.95
N LYS E 286 31.45 63.77 25.33
CA LYS E 286 32.35 62.98 24.48
C LYS E 286 31.58 62.39 23.28
N TYR E 287 32.22 61.50 22.52
CA TYR E 287 31.62 60.87 21.34
C TYR E 287 30.14 60.45 21.42
N ALA E 288 29.38 60.85 20.41
CA ALA E 288 27.97 60.51 20.32
C ALA E 288 27.08 60.75 21.56
N GLY E 289 27.52 61.65 22.44
CA GLY E 289 26.72 61.96 23.62
C GLY E 289 27.08 61.15 24.84
N LEU E 290 28.24 60.49 24.79
CA LEU E 290 28.72 59.65 25.88
C LEU E 290 29.54 60.33 26.96
N SER E 291 29.54 59.71 28.15
CA SER E 291 30.33 60.18 29.29
C SER E 291 31.66 59.47 29.14
N GLU E 292 32.71 59.92 29.84
CA GLU E 292 33.97 59.23 29.70
C GLU E 292 33.89 57.91 30.43
N GLN E 293 32.90 57.80 31.32
CA GLN E 293 32.68 56.58 32.09
C GLN E 293 32.23 55.47 31.13
N ALA E 294 31.33 55.83 30.22
CA ALA E 294 30.80 54.92 29.21
C ALA E 294 31.94 54.35 28.39
N LEU E 295 32.86 55.23 27.99
CA LEU E 295 34.00 54.83 27.19
C LEU E 295 34.90 53.86 27.92
N TYR E 296 35.12 54.06 29.22
CA TYR E 296 35.96 53.15 29.98
C TYR E 296 35.25 51.81 30.05
N TYR E 297 33.94 51.86 30.20
CA TYR E 297 33.11 50.67 30.26
C TYR E 297 33.33 49.90 28.97
N ILE E 298 33.18 50.59 27.84
CA ILE E 298 33.38 49.98 26.54
C ILE E 298 34.76 49.36 26.45
N GLY E 299 35.75 50.08 26.95
CA GLY E 299 37.10 49.60 26.92
C GLY E 299 37.21 48.30 27.67
N GLY E 300 36.51 48.23 28.79
CA GLY E 300 36.52 47.03 29.60
C GLY E 300 35.94 45.85 28.84
N VAL E 301 34.77 46.07 28.25
CA VAL E 301 34.09 45.05 27.46
C VAL E 301 35.01 44.57 26.35
N ILE E 302 35.67 45.49 25.68
CA ILE E 302 36.57 45.12 24.61
C ILE E 302 37.79 44.35 25.13
N LYS E 303 38.32 44.77 26.26
CA LYS E 303 39.50 44.10 26.80
C LYS E 303 39.19 42.66 27.15
N HIS E 304 38.04 42.44 27.78
CA HIS E 304 37.63 41.10 28.20
C HIS E 304 36.61 40.37 27.31
N ALA E 305 36.46 40.83 26.07
CA ALA E 305 35.50 40.24 25.14
C ALA E 305 35.58 38.72 25.05
N LYS E 306 36.75 38.19 24.73
CA LYS E 306 36.88 36.74 24.61
C LYS E 306 36.42 35.97 25.86
N ALA E 307 36.63 36.54 27.05
CA ALA E 307 36.21 35.84 28.24
C ALA E 307 34.69 35.98 28.38
N ILE E 308 34.16 37.14 28.02
CA ILE E 308 32.72 37.33 28.11
C ILE E 308 32.01 36.36 27.18
N ASN E 309 32.64 36.10 26.05
CA ASN E 309 32.11 35.18 25.05
C ASN E 309 31.74 33.84 25.66
N ALA E 310 32.56 33.36 26.59
CA ALA E 310 32.32 32.08 27.24
C ALA E 310 31.00 32.05 27.98
N LEU E 311 30.42 33.22 28.20
CA LEU E 311 29.14 33.31 28.91
C LEU E 311 28.03 33.84 28.03
N ALA E 312 28.41 34.70 27.08
CA ALA E 312 27.46 35.33 26.19
C ALA E 312 27.23 34.54 24.90
N ASN E 313 28.10 33.58 24.64
CA ASN E 313 28.06 32.73 23.45
C ASN E 313 28.62 31.43 23.98
N PRO E 314 27.89 30.76 24.87
CA PRO E 314 28.29 29.51 25.51
C PRO E 314 28.10 28.21 24.80
N THR E 315 27.85 28.25 23.50
CA THR E 315 27.63 27.02 22.75
C THR E 315 28.51 26.99 21.53
N THR E 316 28.86 25.80 21.05
CA THR E 316 29.67 25.72 19.84
C THR E 316 28.86 26.35 18.70
N ASN E 317 27.55 26.17 18.76
CA ASN E 317 26.64 26.70 17.75
C ASN E 317 26.75 28.22 17.68
N SER E 318 27.01 28.85 18.82
CA SER E 318 27.13 30.31 18.90
C SER E 318 28.09 30.85 17.88
N TYR E 319 29.16 30.07 17.63
CA TYR E 319 30.23 30.48 16.74
C TYR E 319 29.86 30.21 15.29
N LYS E 320 28.70 29.70 15.04
CA LYS E 320 28.33 29.52 13.65
C LYS E 320 27.58 30.76 13.18
N ARG E 321 27.26 31.62 14.15
CA ARG E 321 26.62 32.91 13.93
C ARG E 321 27.70 34.00 13.84
N LEU E 322 28.71 33.85 14.68
CA LEU E 322 29.85 34.77 14.72
C LEU E 322 30.92 34.26 13.78
N VAL E 323 30.72 34.52 12.50
CA VAL E 323 31.66 34.10 11.49
C VAL E 323 31.88 35.26 10.56
N PRO E 324 33.11 35.31 9.99
CA PRO E 324 33.37 36.38 9.05
C PRO E 324 32.27 36.55 8.03
N GLY E 325 31.26 37.34 8.40
CA GLY E 325 30.16 37.65 7.53
C GLY E 325 30.08 39.16 7.47
N TYR E 326 29.14 39.71 6.73
CA TYR E 326 29.10 41.19 6.64
C TYR E 326 28.59 41.85 7.91
N GLU E 327 27.40 41.42 8.32
CA GLU E 327 26.74 41.97 9.49
C GLU E 327 27.15 41.28 10.78
N ALA E 328 28.09 40.34 10.69
CA ALA E 328 28.59 39.62 11.85
C ALA E 328 29.18 40.62 12.86
N PRO E 329 28.58 40.71 14.04
CA PRO E 329 28.96 41.59 15.15
C PRO E 329 30.24 41.08 15.77
N VAL E 330 31.27 40.86 14.95
CA VAL E 330 32.52 40.32 15.48
C VAL E 330 33.71 41.25 15.69
N MET E 331 33.66 42.46 15.14
CA MET E 331 34.77 43.41 15.29
C MET E 331 34.67 44.12 16.62
N LEU E 332 35.67 43.94 17.47
CA LEU E 332 35.72 44.56 18.79
C LEU E 332 35.97 46.07 18.70
N ALA E 333 34.91 46.80 18.41
CA ALA E 333 35.00 48.25 18.27
C ALA E 333 33.64 48.89 18.50
N TYR E 334 33.63 50.21 18.59
CA TYR E 334 32.37 50.92 18.76
C TYR E 334 32.15 51.91 17.64
N SER E 335 30.90 52.27 17.44
CA SER E 335 30.49 53.21 16.40
C SER E 335 29.01 53.42 16.55
N ALA E 336 28.52 54.52 15.99
CA ALA E 336 27.11 54.85 16.05
C ALA E 336 26.44 54.48 14.75
N ARG E 337 27.25 54.03 13.80
CA ARG E 337 26.74 53.66 12.50
C ARG E 337 27.23 52.29 12.02
N ASN E 338 28.53 52.16 11.83
CA ASN E 338 29.14 50.92 11.36
C ASN E 338 28.59 49.66 12.03
N ARG E 339 27.66 48.98 11.36
CA ARG E 339 27.10 47.76 11.94
C ARG E 339 27.96 46.53 11.65
N SER E 340 29.26 46.75 11.81
CA SER E 340 30.29 45.73 11.66
C SER E 340 30.84 45.62 13.07
N ALA E 341 30.69 46.73 13.77
CA ALA E 341 31.12 46.91 15.14
C ALA E 341 30.21 46.17 16.09
N SER E 342 30.82 45.38 16.98
CA SER E 342 30.06 44.61 17.96
C SER E 342 29.49 45.51 19.05
N ILE E 343 29.88 46.78 19.04
CA ILE E 343 29.36 47.73 20.01
C ILE E 343 28.78 48.93 19.28
N ARG E 344 27.44 49.01 19.24
CA ARG E 344 26.78 50.15 18.59
C ARG E 344 26.44 51.18 19.63
N ILE E 345 26.46 52.42 19.19
CA ILE E 345 26.06 53.51 20.07
C ILE E 345 24.80 54.07 19.46
N PRO E 346 23.65 53.80 20.10
CA PRO E 346 22.35 54.26 19.66
C PRO E 346 22.38 55.76 19.63
N VAL E 347 21.88 56.36 18.57
CA VAL E 347 21.84 57.80 18.50
C VAL E 347 20.43 58.15 18.94
N VAL E 348 20.34 58.79 20.10
CA VAL E 348 19.06 59.18 20.65
C VAL E 348 19.14 60.63 21.16
N ALA E 349 17.99 61.31 21.21
CA ALA E 349 17.94 62.71 21.64
C ALA E 349 18.13 62.91 23.13
N SER E 350 17.18 62.42 23.92
CA SER E 350 17.23 62.57 25.38
C SER E 350 18.50 61.96 25.96
N PRO E 351 19.31 62.77 26.66
CA PRO E 351 20.53 62.23 27.26
C PRO E 351 20.19 61.21 28.33
N LYS E 352 18.92 61.20 28.76
CA LYS E 352 18.45 60.26 29.77
C LYS E 352 18.47 58.82 29.24
N ALA E 353 18.46 58.70 27.91
CA ALA E 353 18.45 57.40 27.25
C ALA E 353 19.77 57.00 26.58
N ARG E 354 20.87 57.70 26.89
CA ARG E 354 22.17 57.39 26.31
C ARG E 354 22.65 56.04 26.89
N ARG E 355 23.19 55.19 26.02
CA ARG E 355 23.63 53.85 26.44
C ARG E 355 24.49 53.17 25.36
N ILE E 356 25.00 51.98 25.64
CA ILE E 356 25.76 51.24 24.63
C ILE E 356 25.07 49.93 24.29
N GLU E 357 25.27 49.42 23.08
CA GLU E 357 24.67 48.16 22.68
C GLU E 357 25.74 47.15 22.31
N VAL E 358 25.96 46.16 23.17
CA VAL E 358 26.93 45.11 22.87
C VAL E 358 26.17 44.06 22.06
N ARG E 359 26.53 43.91 20.82
CA ARG E 359 25.82 43.05 19.88
C ARG E 359 26.16 41.56 19.79
N PHE E 360 27.29 41.08 20.34
CA PHE E 360 27.64 39.66 20.08
C PHE E 360 26.95 38.57 20.92
N PRO E 361 26.43 38.91 22.07
CA PRO E 361 25.66 37.89 22.84
C PRO E 361 24.60 37.13 22.07
N ASP E 362 24.28 35.90 22.43
CA ASP E 362 23.18 35.20 21.77
C ASP E 362 22.22 34.70 22.86
N PRO E 363 21.00 34.33 22.50
CA PRO E 363 20.04 33.87 23.50
C PRO E 363 20.35 32.62 24.27
N ALA E 364 21.40 31.90 23.88
CA ALA E 364 21.77 30.68 24.59
C ALA E 364 22.45 31.01 25.90
N ALA E 365 22.89 32.25 26.00
CA ALA E 365 23.61 32.69 27.17
C ALA E 365 22.79 32.67 28.45
N ASN E 366 23.44 32.26 29.53
CA ASN E 366 22.85 32.29 30.87
C ASN E 366 22.60 33.78 31.17
N PRO E 367 21.33 34.18 31.46
CA PRO E 367 21.10 35.63 31.70
C PRO E 367 22.08 36.25 32.68
N TYR E 368 21.96 35.62 33.82
CA TYR E 368 22.72 35.99 34.98
C TYR E 368 24.20 36.12 34.73
N LEU E 369 24.81 35.00 34.33
CA LEU E 369 26.24 35.03 34.14
C LEU E 369 26.67 35.94 32.99
N CYS E 370 25.87 36.02 31.95
CA CYS E 370 26.22 36.84 30.81
C CYS E 370 26.18 38.31 31.20
N PHE E 371 25.08 38.71 31.81
CA PHE E 371 24.95 40.10 32.23
C PHE E 371 26.05 40.46 33.23
N ALA E 372 26.25 39.61 34.22
CA ALA E 372 27.28 39.84 35.24
C ALA E 372 28.66 40.05 34.62
N ALA E 373 29.06 39.15 33.73
CA ALA E 373 30.36 39.25 33.08
C ALA E 373 30.49 40.55 32.28
N LEU E 374 29.38 40.99 31.70
CA LEU E 374 29.38 42.22 30.93
C LEU E 374 29.67 43.39 31.88
N LEU E 375 29.03 43.38 33.04
CA LEU E 375 29.18 44.43 34.05
C LEU E 375 30.60 44.49 34.57
N MET E 376 31.06 43.38 35.13
CA MET E 376 32.39 43.27 35.69
C MET E 376 33.47 43.73 34.72
N ALA E 377 33.29 43.42 33.44
CA ALA E 377 34.26 43.85 32.43
C ALA E 377 34.17 45.36 32.30
N GLY E 378 32.95 45.89 32.36
CA GLY E 378 32.76 47.32 32.26
C GLY E 378 33.38 48.07 33.42
N LEU E 379 33.15 47.57 34.63
CA LEU E 379 33.69 48.16 35.85
C LEU E 379 35.20 48.15 35.84
N ASP E 380 35.77 47.02 35.43
CA ASP E 380 37.21 46.92 35.37
C ASP E 380 37.74 47.90 34.33
N GLY E 381 36.88 48.29 33.39
CA GLY E 381 37.29 49.21 32.35
C GLY E 381 37.34 50.60 32.94
N ILE E 382 36.46 50.84 33.90
CA ILE E 382 36.36 52.10 34.60
C ILE E 382 37.47 52.23 35.63
N LYS E 383 37.46 51.33 36.62
CA LYS E 383 38.45 51.33 37.67
C LYS E 383 39.85 51.55 37.10
N ASN E 384 40.12 50.95 35.95
CA ASN E 384 41.44 51.09 35.32
C ASN E 384 41.49 52.03 34.13
N LYS E 385 40.51 52.92 34.03
CA LYS E 385 40.41 53.91 32.96
C LYS E 385 40.93 53.42 31.61
N ILE E 386 40.42 52.26 31.20
CA ILE E 386 40.82 51.64 29.95
C ILE E 386 40.22 52.38 28.78
N HIS E 387 41.05 53.12 28.06
CA HIS E 387 40.54 53.84 26.92
C HIS E 387 40.37 52.93 25.73
N PRO E 388 39.16 53.08 25.20
CA PRO E 388 38.58 52.50 23.94
C PRO E 388 39.35 52.63 22.64
N GLY E 389 40.05 53.74 22.53
CA GLY E 389 40.75 54.08 21.34
C GLY E 389 39.69 54.84 20.56
N GLU E 390 39.90 54.99 19.25
CA GLU E 390 38.96 55.70 18.40
C GLU E 390 37.91 54.76 17.77
N PRO E 391 36.71 55.30 17.50
CA PRO E 391 35.58 54.56 16.92
C PRO E 391 35.85 54.14 15.47
N MET E 392 35.41 52.93 15.12
CA MET E 392 35.55 52.42 13.75
C MET E 392 34.32 52.84 12.97
N ASP E 393 34.52 53.65 11.93
CA ASP E 393 33.40 54.09 11.11
C ASP E 393 33.62 53.69 9.64
N LYS E 394 34.69 52.92 9.39
CA LYS E 394 35.05 52.45 8.05
C LYS E 394 34.15 51.32 7.52
N ASN E 395 34.60 50.07 7.71
CA ASN E 395 33.83 48.91 7.25
C ASN E 395 34.18 47.63 8.06
N LEU E 396 33.52 46.51 7.69
CA LEU E 396 33.52 45.27 8.48
C LEU E 396 34.79 44.42 8.24
N TYR E 397 34.51 43.16 8.06
CA TYR E 397 35.61 42.21 7.87
C TYR E 397 35.99 42.02 6.43
N ASP E 398 35.21 42.42 5.51
CA ASP E 398 35.70 42.08 4.18
C ASP E 398 36.04 43.43 3.59
N LEU E 399 37.19 43.57 2.98
CA LEU E 399 37.37 44.89 2.51
C LEU E 399 36.68 45.81 3.44
N PRO E 400 37.28 46.20 4.51
CA PRO E 400 38.68 46.32 4.78
C PRO E 400 39.63 45.34 4.06
N PRO E 401 40.09 44.17 4.66
CA PRO E 401 41.13 43.25 4.28
C PRO E 401 42.41 43.92 3.76
N GLU E 402 42.64 45.19 4.08
CA GLU E 402 43.77 46.05 3.68
C GLU E 402 45.04 45.66 4.45
N GLU E 403 45.02 45.94 5.74
CA GLU E 403 46.11 45.64 6.67
C GLU E 403 45.85 44.23 7.26
N ALA E 404 45.19 43.39 6.44
CA ALA E 404 44.76 42.02 6.80
C ALA E 404 43.67 42.19 7.87
N LYS E 405 43.38 43.46 8.15
CA LYS E 405 42.40 43.96 9.12
C LYS E 405 42.33 43.22 10.46
N GLU E 406 43.51 42.88 10.99
CA GLU E 406 43.56 42.19 12.26
C GLU E 406 43.46 43.16 13.44
N ILE E 407 42.23 43.65 13.65
CA ILE E 407 41.91 44.53 14.76
C ILE E 407 41.29 43.57 15.79
N PRO E 408 40.89 44.04 16.94
CA PRO E 408 40.23 43.14 17.90
C PRO E 408 39.15 42.19 17.45
N GLN E 409 39.15 40.95 17.81
CA GLN E 409 37.89 40.28 17.50
C GLN E 409 37.41 39.33 18.59
N VAL E 410 36.11 39.03 18.57
CA VAL E 410 35.53 38.10 19.54
C VAL E 410 36.11 36.71 19.30
N ALA E 411 35.96 35.83 20.28
CA ALA E 411 36.49 34.47 20.16
C ALA E 411 35.94 33.80 18.91
N GLY E 412 36.73 32.93 18.28
CA GLY E 412 36.25 32.27 17.08
C GLY E 412 35.74 30.86 17.26
N SER E 413 35.78 30.38 18.49
CA SER E 413 35.32 29.05 18.83
C SER E 413 35.04 29.02 20.31
N LEU E 414 34.24 28.06 20.75
CA LEU E 414 33.91 27.98 22.16
C LEU E 414 35.14 27.71 23.03
N GLU E 415 36.00 26.80 22.58
CA GLU E 415 37.20 26.43 23.32
C GLU E 415 38.06 27.64 23.59
N GLU E 416 38.23 28.45 22.55
CA GLU E 416 39.01 29.65 22.63
C GLU E 416 38.43 30.58 23.67
N ALA E 417 37.11 30.69 23.68
CA ALA E 417 36.41 31.53 24.65
C ALA E 417 36.58 30.98 26.05
N LEU E 418 36.49 29.67 26.18
CA LEU E 418 36.61 29.05 27.49
C LEU E 418 38.01 29.29 28.00
N ASN E 419 38.99 29.15 27.11
CA ASN E 419 40.37 29.35 27.51
C ASN E 419 40.60 30.79 27.95
N ALA E 420 40.01 31.74 27.24
CA ALA E 420 40.13 33.15 27.60
C ALA E 420 39.57 33.36 28.98
N LEU E 421 38.40 32.78 29.23
CA LEU E 421 37.76 32.90 30.51
C LEU E 421 38.68 32.35 31.57
N ASP E 422 39.37 31.25 31.25
CA ASP E 422 40.28 30.63 32.21
C ASP E 422 41.35 31.61 32.64
N LEU E 423 42.10 32.09 31.66
CA LEU E 423 43.20 33.02 31.88
C LEU E 423 42.80 34.40 32.38
N ASP E 424 41.81 34.98 31.72
CA ASP E 424 41.35 36.32 32.05
C ASP E 424 40.24 36.39 33.09
N ARG E 425 40.37 35.59 34.14
CA ARG E 425 39.33 35.56 35.18
C ARG E 425 39.38 36.58 36.30
N GLU E 426 40.49 37.30 36.45
CA GLU E 426 40.58 38.26 37.55
C GLU E 426 39.43 39.26 37.63
N PHE E 427 39.12 39.91 36.53
CA PHE E 427 38.06 40.92 36.54
C PHE E 427 36.72 40.39 37.02
N LEU E 428 36.54 39.07 36.96
CA LEU E 428 35.29 38.43 37.40
C LEU E 428 35.33 38.10 38.89
N LYS E 429 36.52 37.78 39.39
CA LYS E 429 36.71 37.43 40.80
C LYS E 429 36.66 38.66 41.71
N ALA E 430 36.80 39.84 41.10
CA ALA E 430 36.75 41.11 41.81
C ALA E 430 35.50 41.15 42.66
N GLY E 431 35.65 41.67 43.88
CA GLY E 431 34.52 41.75 44.76
C GLY E 431 34.01 40.42 45.23
N GLY E 432 34.72 39.33 44.91
CA GLY E 432 34.30 37.99 45.31
C GLY E 432 33.01 37.52 44.65
N VAL E 433 32.68 38.14 43.52
CA VAL E 433 31.48 37.83 42.73
C VAL E 433 31.57 36.41 42.15
N PHE E 434 32.62 36.17 41.38
CA PHE E 434 32.87 34.84 40.81
C PHE E 434 34.03 34.17 41.55
N THR E 435 33.84 32.91 41.96
CA THR E 435 34.93 32.19 42.61
C THR E 435 35.62 31.35 41.55
N ASP E 436 36.86 30.93 41.82
CA ASP E 436 37.59 30.10 40.88
C ASP E 436 36.83 28.81 40.66
N GLU E 437 36.32 28.23 41.73
CA GLU E 437 35.57 26.98 41.67
C GLU E 437 34.39 27.08 40.73
N ALA E 438 33.65 28.17 40.84
CA ALA E 438 32.48 28.38 39.99
C ALA E 438 32.94 28.42 38.53
N ILE E 439 33.92 29.26 38.27
CA ILE E 439 34.45 29.40 36.93
C ILE E 439 34.98 28.10 36.36
N ASP E 440 35.75 27.37 37.15
CA ASP E 440 36.30 26.11 36.68
C ASP E 440 35.23 25.06 36.40
N ALA E 441 34.15 25.11 37.17
CA ALA E 441 33.04 24.17 37.03
C ALA E 441 32.28 24.47 35.76
N TYR E 442 32.05 25.75 35.51
CA TYR E 442 31.35 26.20 34.33
C TYR E 442 32.13 25.75 33.11
N ILE E 443 33.43 26.02 33.13
CA ILE E 443 34.29 25.64 32.01
C ILE E 443 34.25 24.15 31.78
N ALA E 444 34.20 23.37 32.85
CA ALA E 444 34.18 21.93 32.69
C ALA E 444 32.89 21.46 32.06
N LEU E 445 31.78 22.09 32.41
CA LEU E 445 30.49 21.72 31.86
C LEU E 445 30.47 21.96 30.36
N ARG E 446 31.00 23.11 29.96
CA ARG E 446 31.03 23.46 28.55
C ARG E 446 32.04 22.68 27.74
N ARG E 447 33.12 22.23 28.37
CA ARG E 447 34.14 21.50 27.61
C ARG E 447 33.65 20.14 27.19
N GLU E 448 32.75 19.62 28.00
CA GLU E 448 32.12 18.33 27.79
C GLU E 448 31.22 18.48 26.57
N GLU E 449 30.54 19.62 26.48
CA GLU E 449 29.67 19.91 25.35
C GLU E 449 30.54 20.12 24.12
N ASP E 450 31.58 20.93 24.26
CA ASP E 450 32.48 21.19 23.15
C ASP E 450 33.04 19.88 22.57
N ASP E 451 33.27 18.92 23.45
CA ASP E 451 33.83 17.64 23.04
C ASP E 451 32.92 16.81 22.16
N ARG E 452 31.63 16.83 22.46
CA ARG E 452 30.66 16.07 21.68
C ARG E 452 30.74 16.54 20.25
N VAL E 453 30.74 17.86 20.07
CA VAL E 453 30.78 18.40 18.74
C VAL E 453 32.13 18.17 18.07
N ARG E 454 33.22 18.27 18.80
CA ARG E 454 34.54 18.08 18.20
C ARG E 454 34.80 16.64 17.81
N MET E 455 34.25 15.72 18.59
CA MET E 455 34.49 14.30 18.36
C MET E 455 33.53 13.58 17.42
N THR E 456 32.34 14.12 17.19
CA THR E 456 31.36 13.45 16.33
C THR E 456 31.47 13.86 14.88
N PRO E 457 31.65 12.88 13.97
CA PRO E 457 31.76 13.22 12.55
C PRO E 457 30.61 14.11 12.11
N HIS E 458 30.93 15.09 11.29
CA HIS E 458 29.95 16.03 10.78
C HIS E 458 29.51 15.64 9.38
N PRO E 459 28.20 15.70 9.09
CA PRO E 459 27.68 15.34 7.77
C PRO E 459 28.49 15.94 6.64
N VAL E 460 28.89 17.19 6.79
CA VAL E 460 29.66 17.89 5.75
C VAL E 460 31.02 17.25 5.50
N GLU E 461 31.55 16.58 6.53
CA GLU E 461 32.84 15.95 6.37
C GLU E 461 32.76 14.83 5.36
N PHE E 462 31.58 14.24 5.21
CA PHE E 462 31.38 13.17 4.21
C PHE E 462 31.37 13.75 2.82
N GLU E 463 30.67 14.86 2.67
CA GLU E 463 30.60 15.55 1.41
C GLU E 463 32.01 15.91 0.97
N LEU E 464 32.76 16.47 1.90
CA LEU E 464 34.13 16.92 1.68
C LEU E 464 35.17 15.82 1.58
N TYR E 465 35.08 14.76 2.41
CA TYR E 465 36.16 13.77 2.39
C TYR E 465 35.77 12.30 2.17
N TYR E 466 34.52 11.92 1.90
CA TYR E 466 34.24 10.49 1.75
C TYR E 466 35.07 9.84 0.61
N SER E 467 35.24 10.58 -0.48
CA SER E 467 35.96 10.09 -1.67
C SER E 467 37.45 10.38 -1.66
N VAL E 468 37.96 10.71 -0.50
CA VAL E 468 39.36 11.03 -0.33
C VAL E 468 40.27 9.86 -0.70
N SER F 1 -5.65 63.79 12.64
CA SER F 1 -5.88 63.97 14.06
C SER F 1 -5.29 62.82 14.85
N ALA F 2 -4.45 63.25 15.77
CA ALA F 2 -3.80 62.36 16.68
C ALA F 2 -4.75 62.07 17.86
N GLU F 3 -5.76 62.91 18.02
CA GLU F 3 -6.74 62.74 19.10
C GLU F 3 -7.80 61.74 18.74
N HIS F 4 -8.14 61.73 17.44
CA HIS F 4 -9.11 60.80 16.89
C HIS F 4 -8.56 59.40 17.08
N VAL F 5 -7.25 59.30 16.91
CA VAL F 5 -6.56 58.03 17.07
C VAL F 5 -6.64 57.57 18.52
N LEU F 6 -6.33 58.47 19.45
CA LEU F 6 -6.37 58.10 20.86
C LEU F 6 -7.77 57.69 21.33
N THR F 7 -8.81 58.13 20.61
CA THR F 7 -10.17 57.74 20.99
C THR F 7 -10.54 56.42 20.35
N MET F 8 -9.97 56.15 19.17
CA MET F 8 -10.21 54.88 18.46
C MET F 8 -9.58 53.76 19.28
N LEU F 9 -8.50 54.09 20.00
CA LEU F 9 -7.82 53.13 20.85
C LEU F 9 -8.71 52.67 21.99
N ASN F 10 -9.50 53.60 22.54
CA ASN F 10 -10.40 53.27 23.64
C ASN F 10 -11.72 52.67 23.19
N GLU F 11 -12.21 53.19 22.08
CA GLU F 11 -13.47 52.79 21.48
C GLU F 11 -13.46 51.33 21.04
N HIS F 12 -12.32 50.89 20.53
CA HIS F 12 -12.17 49.51 20.06
C HIS F 12 -11.32 48.66 21.01
N GLU F 13 -10.97 49.21 22.17
CA GLU F 13 -10.16 48.51 23.18
C GLU F 13 -8.96 47.85 22.52
N VAL F 14 -8.23 48.65 21.77
CA VAL F 14 -7.07 48.23 21.03
C VAL F 14 -5.92 47.81 21.93
N LYS F 15 -5.33 46.66 21.61
CA LYS F 15 -4.21 46.13 22.36
C LYS F 15 -2.91 46.38 21.62
N PHE F 16 -2.98 46.51 20.29
CA PHE F 16 -1.77 46.75 19.48
C PHE F 16 -1.97 47.72 18.35
N VAL F 17 -0.85 48.28 17.91
CA VAL F 17 -0.83 49.21 16.81
C VAL F 17 0.14 48.62 15.81
N ASP F 18 -0.35 48.39 14.60
CA ASP F 18 0.45 47.81 13.55
C ASP F 18 0.87 48.91 12.59
N LEU F 19 2.16 49.23 12.65
CA LEU F 19 2.76 50.26 11.84
C LEU F 19 3.09 49.73 10.47
N ARG F 20 2.53 50.32 9.43
CA ARG F 20 2.79 49.85 8.08
C ARG F 20 3.44 50.81 7.11
N PHE F 21 4.19 50.22 6.20
CA PHE F 21 4.86 50.96 5.17
C PHE F 21 5.18 50.07 3.98
N THR F 22 5.62 50.67 2.87
CA THR F 22 5.92 49.93 1.65
C THR F 22 7.37 50.04 1.25
N ASP F 23 7.93 48.96 0.70
CA ASP F 23 9.31 49.01 0.28
C ASP F 23 9.38 49.40 -1.17
N THR F 24 10.58 49.48 -1.70
CA THR F 24 10.76 49.88 -3.08
C THR F 24 10.01 48.97 -4.06
N LYS F 25 10.01 47.66 -3.83
CA LYS F 25 9.33 46.75 -4.74
C LYS F 25 7.82 46.91 -4.72
N GLY F 26 7.30 47.47 -3.63
CA GLY F 26 5.87 47.71 -3.55
C GLY F 26 5.15 46.88 -2.52
N LYS F 27 5.93 46.13 -1.75
CA LYS F 27 5.38 45.24 -0.76
C LYS F 27 5.18 45.88 0.59
N GLU F 28 3.96 45.81 1.09
CA GLU F 28 3.62 46.38 2.39
C GLU F 28 4.40 45.65 3.48
N GLN F 29 4.95 46.41 4.42
CA GLN F 29 5.73 45.87 5.53
C GLN F 29 5.09 46.33 6.82
N HIS F 30 5.45 45.70 7.93
CA HIS F 30 4.88 46.09 9.21
C HIS F 30 5.68 45.69 10.41
N VAL F 31 5.39 46.39 11.50
CA VAL F 31 6.00 46.14 12.80
C VAL F 31 4.90 46.55 13.79
N THR F 32 4.85 45.86 14.92
CA THR F 32 3.79 46.09 15.89
C THR F 32 4.27 46.55 17.24
N ILE F 33 3.52 47.45 17.86
CA ILE F 33 3.84 47.93 19.20
C ILE F 33 2.56 47.90 20.00
N PRO F 34 2.66 47.67 21.31
CA PRO F 34 1.50 47.62 22.20
C PRO F 34 0.84 48.98 22.15
N ALA F 35 -0.48 49.03 22.32
CA ALA F 35 -1.17 50.31 22.29
C ALA F 35 -0.60 51.28 23.31
N HIS F 36 -0.19 50.77 24.46
CA HIS F 36 0.36 51.60 25.53
C HIS F 36 1.66 52.32 25.18
N GLN F 37 2.20 52.06 24.00
CA GLN F 37 3.43 52.70 23.55
C GLN F 37 3.11 53.94 22.72
N VAL F 38 1.82 54.16 22.49
CA VAL F 38 1.34 55.31 21.72
C VAL F 38 1.07 56.48 22.65
N ASN F 39 1.90 57.51 22.50
CA ASN F 39 1.83 58.71 23.30
C ASN F 39 1.95 59.93 22.42
N ALA F 40 2.05 61.10 23.03
CA ALA F 40 2.18 62.35 22.29
C ALA F 40 3.44 62.36 21.44
N GLU F 41 4.54 61.92 22.03
CA GLU F 41 5.84 61.86 21.35
C GLU F 41 5.74 61.12 20.03
N PHE F 42 5.21 59.91 20.11
CA PHE F 42 4.97 59.03 18.98
C PHE F 42 4.57 59.76 17.69
N PHE F 43 3.58 60.64 17.78
CA PHE F 43 3.13 61.39 16.61
C PHE F 43 4.03 62.49 16.10
N GLU F 44 4.76 63.15 16.99
CA GLU F 44 5.63 64.23 16.58
C GLU F 44 7.00 63.78 16.16
N GLU F 45 7.51 62.74 16.81
CA GLU F 45 8.84 62.25 16.46
C GLU F 45 8.94 60.82 15.93
N GLY F 46 7.80 60.13 15.84
CA GLY F 46 7.79 58.76 15.35
C GLY F 46 8.60 57.76 16.16
N LYS F 47 8.93 56.64 15.54
CA LYS F 47 9.73 55.58 16.18
C LYS F 47 10.92 55.25 15.28
N MET F 48 12.02 54.84 15.90
CA MET F 48 13.25 54.51 15.18
C MET F 48 13.31 53.06 14.75
N PHE F 49 13.92 52.84 13.58
CA PHE F 49 14.11 51.49 13.08
C PHE F 49 15.30 51.42 12.15
N ASP F 50 15.78 50.19 11.96
CA ASP F 50 16.92 49.91 11.12
C ASP F 50 16.62 50.00 9.63
N GLY F 51 17.27 50.95 8.96
CA GLY F 51 17.07 51.11 7.54
C GLY F 51 17.69 49.99 6.72
N SER F 52 18.94 49.66 7.03
CA SER F 52 19.69 48.62 6.32
C SER F 52 19.01 47.27 6.08
N SER F 53 17.91 47.02 6.77
CA SER F 53 17.16 45.77 6.64
C SER F 53 16.26 45.60 5.40
N ILE F 54 15.78 46.72 4.87
CA ILE F 54 14.93 46.74 3.69
C ILE F 54 15.78 46.78 2.42
N GLY F 55 15.40 46.01 1.41
CA GLY F 55 16.17 45.98 0.18
C GLY F 55 16.23 47.31 -0.55
N GLY F 56 17.44 47.69 -0.97
CA GLY F 56 17.62 48.92 -1.72
C GLY F 56 17.55 50.19 -0.88
N TRP F 57 17.70 50.07 0.44
CA TRP F 57 17.63 51.27 1.24
C TRP F 57 19.01 51.69 1.73
N LYS F 58 19.14 52.12 3.00
CA LYS F 58 20.44 52.56 3.52
C LYS F 58 21.48 51.43 3.51
N GLY F 59 22.73 51.76 3.29
CA GLY F 59 23.77 50.75 3.24
C GLY F 59 24.48 50.54 4.59
N ILE F 60 25.77 50.26 4.46
CA ILE F 60 26.68 49.98 5.58
C ILE F 60 26.77 51.03 6.69
N ASN F 61 26.64 52.29 6.39
CA ASN F 61 26.95 53.26 7.43
C ASN F 61 25.84 54.00 8.10
N GLU F 62 24.81 54.30 7.34
CA GLU F 62 23.67 55.11 7.80
C GLU F 62 22.39 54.37 8.07
N SER F 63 22.45 53.30 8.79
CA SER F 63 21.26 52.47 9.02
C SER F 63 20.01 53.12 9.59
N ASP F 64 20.14 53.83 10.70
CA ASP F 64 18.92 54.32 11.35
C ASP F 64 18.12 55.44 10.71
N MET F 65 16.79 55.17 10.72
CA MET F 65 15.78 56.03 10.15
C MET F 65 14.49 56.10 10.97
N VAL F 66 13.59 57.00 10.57
CA VAL F 66 12.34 57.24 11.29
C VAL F 66 11.02 56.80 10.63
N LEU F 67 10.18 56.17 11.46
CA LEU F 67 8.85 55.73 11.05
C LEU F 67 7.88 56.78 11.55
N MET F 68 7.32 57.57 10.64
CA MET F 68 6.42 58.62 11.06
C MET F 68 4.96 58.26 10.85
N PRO F 69 4.24 57.98 11.94
CA PRO F 69 2.83 57.63 11.81
C PRO F 69 2.01 58.75 11.20
N ASP F 70 1.16 58.38 10.25
CA ASP F 70 0.27 59.31 9.59
C ASP F 70 -1.09 59.02 10.19
N ALA F 71 -1.47 59.83 11.17
CA ALA F 71 -2.72 59.67 11.88
C ALA F 71 -3.99 59.64 11.06
N SER F 72 -3.92 60.10 9.82
CA SER F 72 -5.11 60.09 8.96
C SER F 72 -5.46 58.69 8.47
N THR F 73 -4.47 57.80 8.48
CA THR F 73 -4.61 56.44 7.98
C THR F 73 -5.12 55.37 8.96
N ALA F 74 -5.37 55.75 10.21
CA ALA F 74 -5.81 54.79 11.20
C ALA F 74 -7.04 53.96 10.84
N VAL F 75 -6.87 52.64 10.86
CA VAL F 75 -7.94 51.72 10.56
C VAL F 75 -7.68 50.39 11.26
N ILE F 76 -8.75 49.80 11.77
CA ILE F 76 -8.70 48.53 12.48
C ILE F 76 -8.40 47.35 11.56
N ASP F 77 -7.57 46.42 12.02
CA ASP F 77 -7.26 45.23 11.22
C ASP F 77 -8.40 44.26 11.47
N PRO F 78 -9.03 43.78 10.40
CA PRO F 78 -10.16 42.86 10.49
C PRO F 78 -9.84 41.39 10.61
N PHE F 79 -8.54 41.06 10.59
CA PHE F 79 -8.11 39.67 10.66
C PHE F 79 -7.41 39.26 11.93
N PHE F 80 -6.54 40.12 12.45
CA PHE F 80 -5.79 39.80 13.67
C PHE F 80 -6.73 39.41 14.81
N ALA F 81 -6.29 38.47 15.65
CA ALA F 81 -7.09 37.96 16.77
C ALA F 81 -7.34 38.92 17.91
N ASP F 82 -6.33 39.74 18.20
CA ASP F 82 -6.37 40.73 19.26
C ASP F 82 -6.62 42.06 18.59
N SER F 83 -7.46 42.91 19.16
CA SER F 83 -7.78 44.21 18.58
C SER F 83 -6.55 45.03 18.25
N THR F 84 -6.36 45.32 16.96
CA THR F 84 -5.20 46.11 16.59
C THR F 84 -5.49 47.13 15.54
N LEU F 85 -4.85 48.28 15.72
CA LEU F 85 -5.04 49.40 14.84
C LEU F 85 -3.87 49.59 13.92
N ILE F 86 -4.20 49.70 12.65
CA ILE F 86 -3.19 49.89 11.63
C ILE F 86 -2.97 51.38 11.40
N ILE F 87 -1.71 51.79 11.32
CA ILE F 87 -1.35 53.17 11.06
C ILE F 87 -0.23 53.15 10.06
N ARG F 88 -0.51 53.69 8.88
CA ARG F 88 0.45 53.77 7.80
C ARG F 88 1.47 54.81 8.23
N CYS F 89 2.72 54.66 7.81
CA CYS F 89 3.78 55.58 8.22
C CYS F 89 4.61 56.01 7.05
N ASP F 90 5.28 57.15 7.15
CA ASP F 90 6.19 57.59 6.07
C ASP F 90 7.56 57.33 6.67
N ILE F 91 8.56 57.26 5.82
CA ILE F 91 9.92 57.03 6.27
C ILE F 91 10.65 58.35 6.15
N LEU F 92 11.08 58.89 7.29
CA LEU F 92 11.77 60.16 7.31
C LEU F 92 13.22 60.01 7.68
N GLU F 93 14.03 60.94 7.19
CA GLU F 93 15.46 60.98 7.48
C GLU F 93 15.52 61.50 8.94
N PRO F 94 16.36 60.90 9.80
CA PRO F 94 16.44 61.35 11.20
C PRO F 94 16.96 62.77 11.37
N GLY F 95 16.43 63.46 12.38
CA GLY F 95 16.83 64.83 12.64
C GLY F 95 16.14 65.77 11.68
N THR F 96 16.52 65.70 10.41
CA THR F 96 15.91 66.53 9.39
C THR F 96 14.41 66.26 9.28
N LEU F 97 14.03 65.00 9.56
CA LEU F 97 12.63 64.56 9.48
C LEU F 97 12.04 64.94 8.14
N GLN F 98 12.87 64.79 7.10
CA GLN F 98 12.46 65.24 5.78
C GLN F 98 11.55 64.32 4.96
N GLY F 99 11.97 63.11 4.77
CA GLY F 99 11.25 62.21 3.92
C GLY F 99 12.29 61.61 3.03
N TYR F 100 12.58 60.35 3.35
CA TYR F 100 13.58 59.57 2.68
C TYR F 100 13.42 59.56 1.16
N ASP F 101 14.53 59.80 0.46
CA ASP F 101 14.55 59.84 -0.99
C ASP F 101 14.01 58.57 -1.61
N ARG F 102 14.30 57.45 -0.95
CA ARG F 102 13.88 56.15 -1.42
C ARG F 102 12.53 55.65 -0.88
N ASP F 103 11.86 56.44 -0.04
CA ASP F 103 10.55 56.05 0.49
C ASP F 103 9.49 56.34 -0.58
N PRO F 104 8.89 55.29 -1.15
CA PRO F 104 7.87 55.41 -2.18
C PRO F 104 6.68 56.23 -1.80
N ARG F 105 6.34 56.30 -0.52
CA ARG F 105 5.17 57.09 -0.18
C ARG F 105 5.57 58.55 -0.16
N SER F 106 6.78 58.84 0.30
CA SER F 106 7.29 60.20 0.33
C SER F 106 7.38 60.72 -1.10
N ILE F 107 7.86 59.86 -1.99
CA ILE F 107 8.01 60.18 -3.40
C ILE F 107 6.67 60.51 -4.04
N ALA F 108 5.65 59.77 -3.67
CA ALA F 108 4.33 59.99 -4.23
C ALA F 108 3.78 61.30 -3.69
N LYS F 109 4.07 61.59 -2.42
CA LYS F 109 3.58 62.83 -1.83
C LYS F 109 4.27 64.00 -2.52
N ARG F 110 5.58 63.88 -2.72
CA ARG F 110 6.36 64.93 -3.39
C ARG F 110 5.78 65.25 -4.75
N ALA F 111 5.32 64.20 -5.44
CA ALA F 111 4.77 64.36 -6.76
C ALA F 111 3.43 65.09 -6.71
N GLU F 112 2.65 64.89 -5.65
CA GLU F 112 1.38 65.58 -5.56
C GLU F 112 1.64 67.04 -5.25
N ASP F 113 2.71 67.29 -4.49
CA ASP F 113 3.13 68.64 -4.14
C ASP F 113 3.51 69.38 -5.41
N TYR F 114 4.47 68.82 -6.16
CA TYR F 114 4.93 69.40 -7.40
C TYR F 114 3.79 69.73 -8.37
N LEU F 115 2.71 68.98 -8.30
CA LEU F 115 1.54 69.21 -9.16
C LEU F 115 0.97 70.57 -8.78
N ARG F 116 0.67 70.73 -7.50
CA ARG F 116 0.12 71.98 -6.98
C ARG F 116 1.07 73.14 -7.24
N ALA F 117 2.37 72.90 -7.06
CA ALA F 117 3.40 73.91 -7.29
C ALA F 117 3.40 74.48 -8.71
N THR F 118 3.41 73.62 -9.72
CA THR F 118 3.40 74.06 -11.11
C THR F 118 2.11 74.81 -11.38
N GLY F 119 1.15 74.66 -10.47
CA GLY F 119 -0.13 75.30 -10.61
C GLY F 119 -0.98 74.70 -11.73
N ILE F 120 -0.50 73.62 -12.35
CA ILE F 120 -1.25 73.00 -13.44
C ILE F 120 -2.61 72.49 -12.98
N ALA F 121 -2.69 72.03 -11.73
CA ALA F 121 -3.92 71.51 -11.11
C ALA F 121 -3.65 71.41 -9.62
N ASP F 122 -4.69 71.16 -8.82
CA ASP F 122 -4.47 71.04 -7.38
C ASP F 122 -4.61 69.63 -6.80
N THR F 123 -5.16 68.71 -7.59
CA THR F 123 -5.32 67.30 -7.18
C THR F 123 -5.32 66.37 -8.39
N VAL F 124 -4.74 65.17 -8.21
CA VAL F 124 -4.70 64.14 -9.26
C VAL F 124 -5.64 63.02 -8.88
N LEU F 125 -6.38 62.50 -9.85
CA LEU F 125 -7.29 61.42 -9.56
C LEU F 125 -6.91 60.11 -10.21
N PHE F 126 -6.77 59.07 -9.37
CA PHE F 126 -6.40 57.74 -9.84
C PHE F 126 -7.46 56.69 -9.54
N GLY F 127 -7.82 55.95 -10.58
CA GLY F 127 -8.79 54.89 -10.44
C GLY F 127 -8.20 53.63 -11.06
N PRO F 128 -7.33 52.92 -10.32
CA PRO F 128 -6.72 51.70 -10.84
C PRO F 128 -7.68 50.51 -10.71
N GLU F 129 -7.54 49.54 -11.61
CA GLU F 129 -8.40 48.36 -11.61
C GLU F 129 -7.57 47.10 -11.52
N PRO F 130 -7.06 46.79 -10.33
CA PRO F 130 -6.25 45.59 -10.23
C PRO F 130 -7.10 44.32 -10.27
N GLU F 131 -6.61 43.37 -11.05
CA GLU F 131 -7.24 42.06 -11.21
C GLU F 131 -6.36 41.07 -10.45
N PHE F 132 -6.90 39.89 -10.13
CA PHE F 132 -6.09 38.91 -9.42
C PHE F 132 -6.61 37.49 -9.62
N PHE F 133 -5.83 36.52 -9.15
CA PHE F 133 -6.21 35.11 -9.25
C PHE F 133 -6.35 34.49 -7.89
N LEU F 134 -7.31 33.57 -7.78
CA LEU F 134 -7.54 32.83 -6.54
C LEU F 134 -7.34 31.34 -6.81
N PHE F 135 -6.32 30.74 -6.22
CA PHE F 135 -6.03 29.33 -6.42
C PHE F 135 -6.20 28.53 -5.15
N ASP F 136 -6.06 27.22 -5.27
CA ASP F 136 -6.15 26.32 -4.13
C ASP F 136 -4.76 25.83 -3.76
N ASP F 137 -3.90 25.65 -4.77
CA ASP F 137 -2.57 25.10 -4.58
C ASP F 137 -1.61 25.78 -5.54
N ILE F 138 -0.47 26.21 -5.02
CA ILE F 138 0.58 26.81 -5.82
C ILE F 138 1.88 26.22 -5.31
N ARG F 139 2.62 25.60 -6.22
CA ARG F 139 3.89 24.93 -5.92
C ARG F 139 4.91 25.35 -6.90
N PHE F 140 6.13 25.60 -6.46
CA PHE F 140 7.20 25.94 -7.38
C PHE F 140 8.54 25.79 -6.71
N GLY F 141 9.57 25.76 -7.52
CA GLY F 141 10.92 25.62 -7.01
C GLY F 141 11.92 25.65 -8.14
N ALA F 142 13.18 25.77 -7.78
CA ALA F 142 14.27 25.80 -8.76
C ALA F 142 15.53 25.49 -8.01
N SER F 143 16.26 24.51 -8.54
CA SER F 143 17.52 24.11 -7.95
C SER F 143 18.39 23.72 -9.12
N ILE F 144 19.58 23.23 -8.82
CA ILE F 144 20.49 22.88 -9.89
C ILE F 144 19.93 21.84 -10.85
N SER F 145 19.19 20.88 -10.35
CA SER F 145 18.68 19.82 -11.20
C SER F 145 17.36 20.08 -11.89
N GLY F 146 16.84 21.29 -11.78
CA GLY F 146 15.60 21.59 -12.48
C GLY F 146 14.81 22.70 -11.87
N SER F 147 13.57 22.80 -12.25
CA SER F 147 12.67 23.84 -11.73
C SER F 147 11.26 23.51 -12.18
N HIS F 148 10.29 24.13 -11.51
CA HIS F 148 8.91 23.87 -11.89
C HIS F 148 7.95 24.82 -11.24
N VAL F 149 6.72 24.82 -11.76
CA VAL F 149 5.62 25.57 -11.20
C VAL F 149 4.37 24.82 -11.54
N ALA F 150 3.58 24.63 -10.51
CA ALA F 150 2.32 23.91 -10.68
C ALA F 150 1.19 24.68 -10.08
N ILE F 151 0.16 24.98 -10.83
CA ILE F 151 -0.97 25.75 -10.33
C ILE F 151 -2.18 24.87 -10.21
N ASP F 152 -3.01 25.09 -9.20
CA ASP F 152 -4.20 24.28 -9.14
C ASP F 152 -5.34 25.01 -8.47
N ASP F 153 -6.52 24.85 -9.05
CA ASP F 153 -7.71 25.44 -8.50
C ASP F 153 -8.91 24.63 -8.91
N ILE F 154 -9.92 24.64 -8.07
CA ILE F 154 -11.11 23.86 -8.36
C ILE F 154 -11.81 24.32 -9.63
N GLU F 155 -11.53 25.55 -10.05
CA GLU F 155 -12.14 26.09 -11.27
C GLU F 155 -11.34 25.79 -12.51
N GLY F 156 -10.08 25.43 -12.34
CA GLY F 156 -9.26 25.16 -13.51
C GLY F 156 -9.90 24.22 -14.49
N ALA F 157 -9.95 24.59 -15.75
CA ALA F 157 -10.55 23.74 -16.75
C ALA F 157 -9.94 22.35 -16.80
N TRP F 158 -8.65 22.28 -16.49
CA TRP F 158 -7.94 21.00 -16.53
C TRP F 158 -8.49 19.98 -15.55
N ASN F 159 -9.20 20.44 -14.54
CA ASN F 159 -9.77 19.54 -13.55
C ASN F 159 -11.08 18.90 -13.99
N SER F 160 -11.45 19.11 -15.25
CA SER F 160 -12.69 18.50 -15.74
C SER F 160 -12.55 16.98 -15.66
N SER F 161 -11.31 16.50 -15.66
CA SER F 161 -11.03 15.06 -15.60
C SER F 161 -10.55 14.53 -14.26
N THR F 162 -10.34 15.42 -13.30
CA THR F 162 -9.85 15.02 -11.99
C THR F 162 -10.81 14.25 -11.10
N LYS F 163 -10.30 13.22 -10.44
CA LYS F 163 -11.13 12.44 -9.53
C LYS F 163 -11.09 13.15 -8.19
N TYR F 164 -12.26 13.36 -7.62
CA TYR F 164 -12.37 14.02 -6.32
C TYR F 164 -12.99 13.07 -5.32
N GLU F 165 -12.63 13.25 -4.06
CA GLU F 165 -13.11 12.43 -2.96
C GLU F 165 -14.63 12.27 -3.00
N GLY F 166 -15.34 13.39 -2.99
CA GLY F 166 -16.80 13.34 -3.02
C GLY F 166 -17.43 13.46 -4.40
N GLY F 167 -16.64 13.16 -5.43
CA GLY F 167 -17.12 13.27 -6.79
C GLY F 167 -16.80 14.62 -7.41
N ASN F 168 -16.54 14.62 -8.72
CA ASN F 168 -16.25 15.85 -9.47
C ASN F 168 -17.62 16.43 -9.84
N LYS F 169 -17.91 17.64 -9.36
CA LYS F 169 -19.21 18.28 -9.60
C LYS F 169 -19.28 19.07 -10.91
N GLY F 170 -18.16 19.04 -11.54
CA GLY F 170 -17.82 19.64 -12.77
C GLY F 170 -18.66 20.77 -13.38
N HIS F 171 -18.64 21.99 -12.82
CA HIS F 171 -19.17 23.17 -13.53
C HIS F 171 -18.07 24.18 -13.47
N ARG F 172 -17.21 24.16 -14.45
CA ARG F 172 -16.05 25.00 -14.44
C ARG F 172 -15.96 25.93 -15.62
N PRO F 173 -15.34 27.09 -15.42
CA PRO F 173 -15.17 28.08 -16.47
C PRO F 173 -14.10 27.52 -17.38
N GLY F 174 -14.38 27.45 -18.69
CA GLY F 174 -13.39 26.95 -19.62
C GLY F 174 -12.30 27.99 -19.82
N VAL F 175 -11.31 27.68 -20.65
CA VAL F 175 -10.23 28.63 -20.90
C VAL F 175 -10.82 29.89 -21.53
N LYS F 176 -10.47 31.06 -20.99
CA LYS F 176 -10.98 32.36 -21.45
C LYS F 176 -12.51 32.42 -21.32
N GLY F 177 -13.10 31.53 -20.52
CA GLY F 177 -14.56 31.51 -20.42
C GLY F 177 -15.10 31.92 -19.03
N GLY F 178 -14.37 32.75 -18.32
CA GLY F 178 -14.78 33.17 -17.00
C GLY F 178 -15.67 34.38 -16.98
N TYR F 179 -15.80 35.10 -18.11
CA TYR F 179 -16.62 36.32 -18.07
C TYR F 179 -18.13 36.07 -17.93
N PHE F 180 -18.47 35.95 -16.63
CA PHE F 180 -19.79 36.04 -15.95
C PHE F 180 -20.71 34.80 -15.86
N PRO F 181 -20.35 33.58 -16.27
CA PRO F 181 -21.29 32.53 -15.95
C PRO F 181 -21.75 32.57 -14.51
N VAL F 182 -23.04 32.53 -14.26
CA VAL F 182 -23.48 32.56 -12.85
C VAL F 182 -23.07 31.28 -12.13
N PRO F 183 -23.08 31.31 -10.78
CA PRO F 183 -22.72 30.11 -10.02
C PRO F 183 -23.66 29.00 -10.45
N PRO F 184 -23.24 27.75 -10.27
CA PRO F 184 -21.96 27.33 -9.71
C PRO F 184 -20.72 27.41 -10.59
N VAL F 185 -20.84 27.79 -11.85
CA VAL F 185 -19.64 27.89 -12.69
C VAL F 185 -18.69 28.87 -12.01
N ASP F 186 -19.24 29.99 -11.57
CA ASP F 186 -18.46 31.00 -10.86
C ASP F 186 -18.51 30.54 -9.40
N SER F 187 -17.37 30.13 -8.87
CA SER F 187 -17.33 29.63 -7.51
C SER F 187 -16.95 30.67 -6.48
N ALA F 188 -16.74 31.90 -6.91
CA ALA F 188 -16.28 32.92 -5.98
C ALA F 188 -17.18 34.08 -5.59
N GLN F 189 -18.49 33.89 -5.66
CA GLN F 189 -19.37 34.97 -5.30
C GLN F 189 -19.23 35.36 -3.83
N ASP F 190 -19.41 34.39 -2.93
CA ASP F 190 -19.32 34.68 -1.51
C ASP F 190 -17.98 35.32 -1.13
N ILE F 191 -16.90 34.82 -1.72
CA ILE F 191 -15.61 35.38 -1.36
C ILE F 191 -15.40 36.78 -1.91
N ARG F 192 -15.84 37.04 -3.13
CA ARG F 192 -15.70 38.38 -3.67
C ARG F 192 -16.47 39.38 -2.79
N SER F 193 -17.63 38.98 -2.30
CA SER F 193 -18.34 39.91 -1.45
C SER F 193 -17.73 40.17 -0.10
N GLU F 194 -17.15 39.13 0.51
CA GLU F 194 -16.49 39.32 1.80
C GLU F 194 -15.37 40.32 1.55
N MET F 195 -14.65 40.15 0.45
CA MET F 195 -13.56 41.07 0.14
C MET F 195 -14.11 42.48 0.05
N CYS F 196 -15.29 42.62 -0.55
CA CYS F 196 -15.91 43.93 -0.67
C CYS F 196 -16.26 44.52 0.68
N LEU F 197 -17.01 43.75 1.47
CA LEU F 197 -17.39 44.23 2.78
C LEU F 197 -16.19 44.63 3.60
N VAL F 198 -15.16 43.79 3.59
CA VAL F 198 -13.97 44.08 4.38
C VAL F 198 -13.24 45.29 3.84
N MET F 199 -13.18 45.41 2.52
CA MET F 199 -12.51 46.55 1.92
C MET F 199 -13.17 47.83 2.38
N GLU F 200 -14.50 47.81 2.42
CA GLU F 200 -15.21 48.99 2.87
C GLU F 200 -15.05 49.25 4.35
N GLN F 201 -14.96 48.20 5.15
CA GLN F 201 -14.73 48.38 6.58
C GLN F 201 -13.38 49.06 6.75
N MET F 202 -12.54 48.94 5.73
CA MET F 202 -11.22 49.55 5.80
C MET F 202 -11.11 50.87 5.05
N GLY F 203 -12.24 51.45 4.71
CA GLY F 203 -12.23 52.75 4.05
C GLY F 203 -12.30 52.84 2.56
N LEU F 204 -12.30 51.70 1.88
CA LEU F 204 -12.39 51.73 0.44
C LEU F 204 -13.86 51.80 0.08
N VAL F 205 -14.14 52.22 -1.15
CA VAL F 205 -15.52 52.29 -1.62
C VAL F 205 -15.57 51.41 -2.84
N VAL F 206 -16.41 50.39 -2.76
CA VAL F 206 -16.52 49.42 -3.81
C VAL F 206 -17.58 49.75 -4.82
N GLU F 207 -17.24 49.60 -6.10
CA GLU F 207 -18.19 49.88 -7.16
C GLU F 207 -18.77 48.61 -7.77
N ALA F 208 -17.97 47.56 -7.83
CA ALA F 208 -18.44 46.29 -8.38
C ALA F 208 -17.47 45.16 -8.17
N HIS F 209 -17.97 43.94 -8.35
CA HIS F 209 -17.12 42.78 -8.28
C HIS F 209 -17.65 41.71 -9.23
N HIS F 210 -16.71 41.02 -9.83
CA HIS F 210 -17.08 40.03 -10.81
C HIS F 210 -15.93 39.08 -11.09
N HIS F 211 -16.26 37.95 -11.69
CA HIS F 211 -15.27 36.98 -12.09
C HIS F 211 -14.61 37.57 -13.32
N GLU F 212 -13.32 37.29 -13.55
CA GLU F 212 -12.70 37.82 -14.75
C GLU F 212 -12.66 36.75 -15.84
N VAL F 213 -11.91 37.00 -16.92
CA VAL F 213 -11.90 36.10 -18.06
C VAL F 213 -11.29 34.72 -17.88
N ALA F 214 -10.14 34.64 -17.26
CA ALA F 214 -9.42 33.37 -17.17
C ALA F 214 -10.09 32.29 -16.33
N THR F 215 -9.84 31.04 -16.72
CA THR F 215 -10.33 29.90 -15.96
C THR F 215 -9.50 29.91 -14.68
N ALA F 216 -9.79 29.01 -13.76
CA ALA F 216 -8.97 28.91 -12.58
C ALA F 216 -8.95 30.12 -11.64
N GLY F 217 -10.06 30.82 -11.48
CA GLY F 217 -10.16 31.87 -10.48
C GLY F 217 -9.67 33.29 -10.73
N GLN F 218 -9.75 33.78 -11.95
CA GLN F 218 -9.38 35.19 -12.08
C GLN F 218 -10.57 35.98 -11.61
N ASN F 219 -10.35 37.00 -10.79
CA ASN F 219 -11.44 37.78 -10.24
C ASN F 219 -11.06 39.25 -10.17
N GLU F 220 -12.05 40.11 -9.91
CA GLU F 220 -11.81 41.54 -9.78
C GLU F 220 -12.79 42.26 -8.88
N VAL F 221 -12.26 43.14 -8.03
CA VAL F 221 -13.05 44.01 -7.18
C VAL F 221 -12.72 45.42 -7.62
N ALA F 222 -13.72 46.11 -8.12
CA ALA F 222 -13.56 47.48 -8.58
C ALA F 222 -13.87 48.46 -7.49
N THR F 223 -12.92 49.34 -7.22
CA THR F 223 -13.09 50.35 -6.19
C THR F 223 -13.11 51.77 -6.76
N ARG F 224 -13.74 52.69 -6.05
CA ARG F 224 -13.81 54.09 -6.47
C ARG F 224 -12.43 54.74 -6.39
N PHE F 225 -12.21 55.65 -7.34
CA PHE F 225 -10.95 56.36 -7.45
C PHE F 225 -10.77 57.19 -6.18
N ASN F 226 -9.65 57.87 -6.09
CA ASN F 226 -9.32 58.74 -4.96
C ASN F 226 -8.08 59.53 -5.38
N THR F 227 -7.64 60.45 -4.54
CA THR F 227 -6.47 61.23 -4.88
C THR F 227 -5.29 60.29 -4.92
N MET F 228 -4.34 60.57 -5.80
CA MET F 228 -3.19 59.68 -6.04
C MET F 228 -2.61 58.97 -4.80
N THR F 229 -1.98 59.69 -3.87
CA THR F 229 -1.38 59.00 -2.74
C THR F 229 -2.37 58.19 -1.90
N LYS F 230 -3.58 58.69 -1.69
CA LYS F 230 -4.55 57.95 -0.90
C LYS F 230 -4.96 56.67 -1.65
N LYS F 231 -4.91 56.72 -2.98
CA LYS F 231 -5.30 55.55 -3.76
C LYS F 231 -4.25 54.45 -3.69
N ALA F 232 -2.97 54.84 -3.71
CA ALA F 232 -1.90 53.87 -3.60
C ALA F 232 -2.02 53.20 -2.23
N ASP F 233 -2.41 53.97 -1.23
CA ASP F 233 -2.61 53.43 0.11
C ASP F 233 -3.72 52.39 -0.04
N GLU F 234 -4.81 52.78 -0.72
CA GLU F 234 -5.93 51.88 -0.93
C GLU F 234 -5.53 50.61 -1.67
N ILE F 235 -4.60 50.70 -2.60
CA ILE F 235 -4.14 49.53 -3.33
C ILE F 235 -3.51 48.55 -2.38
N GLN F 236 -2.66 49.05 -1.50
CA GLN F 236 -1.99 48.23 -0.50
C GLN F 236 -3.00 47.51 0.40
N ILE F 237 -4.03 48.23 0.80
CA ILE F 237 -5.09 47.68 1.65
C ILE F 237 -5.87 46.67 0.85
N TYR F 238 -6.12 47.04 -0.37
CA TYR F 238 -6.84 46.18 -1.29
C TYR F 238 -6.15 44.83 -1.38
N LYS F 239 -4.86 44.86 -1.67
CA LYS F 239 -4.09 43.63 -1.78
C LYS F 239 -4.12 42.87 -0.48
N TYR F 240 -3.98 43.60 0.61
CA TYR F 240 -3.98 42.97 1.92
C TYR F 240 -5.29 42.25 2.16
N VAL F 241 -6.40 42.90 1.85
CA VAL F 241 -7.69 42.28 2.05
C VAL F 241 -7.83 41.05 1.16
N VAL F 242 -7.48 41.19 -0.11
CA VAL F 242 -7.58 40.08 -1.03
C VAL F 242 -6.75 38.89 -0.56
N HIS F 243 -5.49 39.15 -0.23
CA HIS F 243 -4.60 38.08 0.22
C HIS F 243 -5.10 37.39 1.46
N ASN F 244 -5.55 38.16 2.42
CA ASN F 244 -6.01 37.58 3.67
C ASN F 244 -7.40 36.97 3.68
N VAL F 245 -8.32 37.52 2.90
CA VAL F 245 -9.64 36.91 2.85
C VAL F 245 -9.48 35.57 2.13
N ALA F 246 -8.64 35.56 1.10
CA ALA F 246 -8.39 34.33 0.36
C ALA F 246 -7.83 33.27 1.32
N HIS F 247 -6.83 33.67 2.09
CA HIS F 247 -6.19 32.77 3.05
C HIS F 247 -7.22 32.23 4.00
N ARG F 248 -8.09 33.10 4.52
CA ARG F 248 -9.12 32.64 5.44
C ARG F 248 -10.13 31.71 4.80
N PHE F 249 -10.28 31.79 3.49
CA PHE F 249 -11.24 30.91 2.80
C PHE F 249 -10.57 29.64 2.29
N GLY F 250 -9.31 29.46 2.61
CA GLY F 250 -8.63 28.27 2.14
C GLY F 250 -8.08 28.42 0.74
N LYS F 251 -7.92 29.65 0.28
CA LYS F 251 -7.37 29.87 -1.04
C LYS F 251 -6.03 30.62 -0.91
N THR F 252 -5.48 30.99 -2.05
CA THR F 252 -4.24 31.73 -2.06
C THR F 252 -4.36 32.63 -3.27
N ALA F 253 -4.20 33.94 -3.05
CA ALA F 253 -4.32 34.88 -4.15
C ALA F 253 -3.02 35.41 -4.64
N THR F 254 -2.96 35.72 -5.93
CA THR F 254 -1.76 36.32 -6.47
C THR F 254 -2.07 37.47 -7.43
N PHE F 255 -1.24 38.50 -7.36
CA PHE F 255 -1.39 39.64 -8.24
C PHE F 255 -0.36 39.59 -9.35
N MET F 256 0.29 38.43 -9.53
CA MET F 256 1.27 38.26 -10.61
C MET F 256 0.55 38.60 -11.90
N PRO F 257 1.24 39.23 -12.84
CA PRO F 257 0.55 39.56 -14.09
C PRO F 257 0.20 38.42 -15.05
N LYS F 258 1.05 37.41 -15.18
CA LYS F 258 0.74 36.31 -16.09
C LYS F 258 1.11 34.97 -15.47
N PRO F 259 0.24 34.39 -14.65
CA PRO F 259 0.61 33.10 -14.05
C PRO F 259 0.45 31.94 -15.02
N MET F 260 -0.39 32.11 -16.04
CA MET F 260 -0.60 31.05 -17.00
C MET F 260 -0.48 31.42 -18.46
N PHE F 261 0.22 30.57 -19.18
CA PHE F 261 0.35 30.79 -20.59
C PHE F 261 -0.95 30.26 -21.22
N GLY F 262 -1.59 31.01 -22.10
CA GLY F 262 -2.80 30.47 -22.73
C GLY F 262 -4.10 31.04 -22.24
N ASP F 263 -4.05 31.84 -21.19
CA ASP F 263 -5.27 32.47 -20.71
C ASP F 263 -4.85 33.84 -20.23
N ASN F 264 -5.86 34.66 -19.97
CA ASN F 264 -5.71 36.02 -19.52
C ASN F 264 -4.68 36.27 -18.46
N GLY F 265 -4.05 37.43 -18.53
CA GLY F 265 -3.11 37.81 -17.49
C GLY F 265 -3.93 38.75 -16.62
N SER F 266 -3.30 39.34 -15.61
CA SER F 266 -4.02 40.28 -14.77
C SER F 266 -3.41 41.65 -15.00
N GLY F 267 -4.26 42.62 -15.29
CA GLY F 267 -3.77 43.97 -15.52
C GLY F 267 -4.27 44.91 -14.46
N MET F 268 -3.76 46.14 -14.48
CA MET F 268 -4.21 47.14 -13.54
C MET F 268 -4.36 48.44 -14.30
N HIS F 269 -5.44 48.55 -15.05
CA HIS F 269 -5.72 49.76 -15.81
C HIS F 269 -5.76 50.93 -14.86
N CYS F 270 -5.26 52.07 -15.32
CA CYS F 270 -5.29 53.26 -14.48
C CYS F 270 -6.02 54.41 -15.14
N HIS F 271 -7.15 54.77 -14.53
CA HIS F 271 -7.95 55.88 -14.98
C HIS F 271 -7.38 57.09 -14.27
N MET F 272 -7.17 58.16 -15.02
CA MET F 272 -6.62 59.39 -14.46
C MET F 272 -7.29 60.64 -14.99
N SER F 273 -7.21 61.71 -14.21
CA SER F 273 -7.77 63.01 -14.57
C SER F 273 -7.21 64.00 -13.57
N LEU F 274 -7.18 65.28 -13.96
CA LEU F 274 -6.69 66.32 -13.07
C LEU F 274 -7.80 67.27 -12.71
N ALA F 275 -7.62 68.02 -11.62
CA ALA F 275 -8.64 68.95 -11.20
C ALA F 275 -8.10 70.16 -10.46
N LYS F 276 -8.87 71.25 -10.52
CA LYS F 276 -8.55 72.49 -9.84
C LYS F 276 -9.86 73.11 -9.39
N ASN F 277 -9.90 73.50 -8.11
CA ASN F 277 -11.06 74.12 -7.49
C ASN F 277 -12.34 73.41 -7.94
N GLY F 278 -12.37 72.10 -7.77
CA GLY F 278 -13.54 71.33 -8.14
C GLY F 278 -13.92 71.12 -9.60
N THR F 279 -13.19 71.71 -10.54
CA THR F 279 -13.54 71.49 -11.94
C THR F 279 -12.59 70.48 -12.59
N ASN F 280 -13.13 69.67 -13.49
CA ASN F 280 -12.34 68.65 -14.17
C ASN F 280 -11.53 69.20 -15.33
N LEU F 281 -10.25 69.46 -15.09
CA LEU F 281 -9.35 69.99 -16.11
C LEU F 281 -9.19 69.13 -17.37
N PHE F 282 -9.84 67.98 -17.42
CA PHE F 282 -9.74 67.09 -18.58
C PHE F 282 -10.92 67.16 -19.54
N SER F 283 -12.00 67.82 -19.17
CA SER F 283 -13.15 67.93 -20.08
C SER F 283 -12.94 69.12 -21.01
N GLY F 284 -13.36 68.98 -22.26
CA GLY F 284 -13.19 70.04 -23.23
C GLY F 284 -13.97 69.81 -24.50
N ASP F 285 -13.62 70.56 -25.55
CA ASP F 285 -14.28 70.47 -26.85
C ASP F 285 -13.52 69.61 -27.86
N LYS F 286 -12.29 69.25 -27.51
CA LYS F 286 -11.43 68.43 -28.37
C LYS F 286 -11.95 66.98 -28.42
N TYR F 287 -11.17 66.07 -29.02
CA TYR F 287 -11.55 64.66 -29.16
C TYR F 287 -12.25 63.98 -27.97
N ALA F 288 -13.35 63.32 -28.27
CA ALA F 288 -14.12 62.58 -27.26
C ALA F 288 -14.48 63.31 -25.97
N GLY F 289 -14.49 64.64 -26.00
CA GLY F 289 -14.84 65.41 -24.81
C GLY F 289 -13.66 65.83 -23.97
N LEU F 290 -12.47 65.72 -24.53
CA LEU F 290 -11.24 66.06 -23.83
C LEU F 290 -10.76 67.51 -23.92
N SER F 291 -9.99 67.92 -22.92
CA SER F 291 -9.39 69.25 -22.87
C SER F 291 -8.06 69.10 -23.60
N GLU F 292 -7.43 70.20 -24.01
CA GLU F 292 -6.16 70.05 -24.70
C GLU F 292 -5.10 69.66 -23.69
N GLN F 293 -5.41 69.88 -22.41
CA GLN F 293 -4.52 69.53 -21.31
C GLN F 293 -4.39 68.01 -21.23
N ALA F 294 -5.54 67.34 -21.35
CA ALA F 294 -5.62 65.88 -21.33
C ALA F 294 -4.74 65.30 -22.43
N LEU F 295 -4.83 65.89 -23.61
CA LEU F 295 -4.05 65.44 -24.75
C LEU F 295 -2.55 65.59 -24.53
N TYR F 296 -2.13 66.67 -23.89
CA TYR F 296 -0.71 66.86 -23.63
C TYR F 296 -0.27 65.81 -22.62
N TYR F 297 -1.15 65.54 -21.67
CA TYR F 297 -0.91 64.53 -20.64
C TYR F 297 -0.67 63.21 -21.36
N ILE F 298 -1.60 62.84 -22.23
CA ILE F 298 -1.48 61.60 -23.00
C ILE F 298 -0.16 61.57 -23.75
N GLY F 299 0.19 62.70 -24.35
CA GLY F 299 1.42 62.78 -25.11
C GLY F 299 2.59 62.48 -24.20
N GLY F 300 2.53 62.98 -22.97
CA GLY F 300 3.60 62.75 -22.02
C GLY F 300 3.73 61.27 -21.71
N VAL F 301 2.61 60.64 -21.40
CA VAL F 301 2.56 59.23 -21.09
C VAL F 301 3.14 58.43 -22.24
N ILE F 302 2.76 58.80 -23.46
CA ILE F 302 3.28 58.09 -24.62
C ILE F 302 4.76 58.32 -24.82
N LYS F 303 5.22 59.54 -24.59
CA LYS F 303 6.63 59.84 -24.78
C LYS F 303 7.49 59.03 -23.82
N HIS F 304 7.06 58.96 -22.57
CA HIS F 304 7.81 58.24 -21.53
C HIS F 304 7.30 56.83 -21.16
N ALA F 305 6.50 56.23 -22.04
CA ALA F 305 5.94 54.92 -21.79
C ALA F 305 6.96 53.88 -21.36
N LYS F 306 8.00 53.67 -22.15
CA LYS F 306 9.01 52.68 -21.80
C LYS F 306 9.61 52.88 -20.39
N ALA F 307 9.76 54.13 -19.97
CA ALA F 307 10.32 54.35 -18.66
C ALA F 307 9.26 54.07 -17.61
N ILE F 308 8.01 54.43 -17.90
CA ILE F 308 6.94 54.17 -16.95
C ILE F 308 6.80 52.67 -16.75
N ASN F 309 7.03 51.92 -17.81
CA ASN F 309 6.96 50.46 -17.77
C ASN F 309 7.78 49.88 -16.63
N ALA F 310 8.96 50.46 -16.41
CA ALA F 310 9.85 49.99 -15.36
C ALA F 310 9.22 50.06 -13.98
N LEU F 311 8.12 50.80 -13.88
CA LEU F 311 7.43 50.94 -12.60
C LEU F 311 6.04 50.35 -12.63
N ALA F 312 5.42 50.38 -13.80
CA ALA F 312 4.07 49.88 -13.98
C ALA F 312 4.02 48.41 -14.37
N ASN F 313 5.16 47.88 -14.78
CA ASN F 313 5.31 46.49 -15.22
C ASN F 313 6.73 46.17 -14.79
N PRO F 314 6.95 46.11 -13.47
CA PRO F 314 8.26 45.86 -12.88
C PRO F 314 8.76 44.45 -12.74
N THR F 315 8.14 43.51 -13.43
CA THR F 315 8.57 42.12 -13.32
C THR F 315 8.78 41.54 -14.70
N THR F 316 9.64 40.54 -14.82
CA THR F 316 9.86 39.90 -16.12
C THR F 316 8.52 39.29 -16.55
N ASN F 317 7.77 38.80 -15.57
CA ASN F 317 6.47 38.18 -15.81
C ASN F 317 5.53 39.16 -16.47
N SER F 318 5.66 40.44 -16.13
CA SER F 318 4.79 41.48 -16.69
C SER F 318 4.77 41.43 -18.20
N TYR F 319 5.93 41.09 -18.79
CA TYR F 319 6.09 41.09 -20.23
C TYR F 319 5.55 39.79 -20.84
N LYS F 320 5.01 38.92 -20.04
CA LYS F 320 4.43 37.74 -20.63
C LYS F 320 2.95 38.00 -20.89
N ARG F 321 2.48 39.14 -20.36
CA ARG F 321 1.12 39.63 -20.54
C ARG F 321 1.10 40.62 -21.72
N LEU F 322 2.16 41.42 -21.78
CA LEU F 322 2.34 42.40 -22.84
C LEU F 322 3.10 41.76 -23.99
N VAL F 323 2.37 40.99 -24.79
CA VAL F 323 2.96 40.32 -25.92
C VAL F 323 2.04 40.51 -27.08
N PRO F 324 2.65 40.54 -28.29
CA PRO F 324 1.82 40.68 -29.47
C PRO F 324 0.64 39.74 -29.46
N GLY F 325 -0.45 40.21 -28.83
CA GLY F 325 -1.69 39.48 -28.78
C GLY F 325 -2.76 40.39 -29.32
N TYR F 326 -4.00 39.96 -29.37
CA TYR F 326 -5.02 40.86 -29.94
C TYR F 326 -5.40 42.00 -29.01
N GLU F 327 -5.80 41.62 -27.80
CA GLU F 327 -6.22 42.58 -26.80
C GLU F 327 -5.06 43.14 -25.98
N ALA F 328 -3.85 42.76 -26.33
CA ALA F 328 -2.65 43.25 -25.63
C ALA F 328 -2.58 44.77 -25.74
N PRO F 329 -2.67 45.45 -24.59
CA PRO F 329 -2.63 46.91 -24.45
C PRO F 329 -1.22 47.40 -24.72
N VAL F 330 -0.65 47.01 -25.85
CA VAL F 330 0.73 47.41 -26.14
C VAL F 330 0.99 48.55 -27.13
N MET F 331 -0.03 48.95 -27.89
CA MET F 331 0.15 50.01 -28.88
C MET F 331 0.05 51.36 -28.20
N LEU F 332 1.12 52.14 -28.25
CA LEU F 332 1.18 53.47 -27.65
C LEU F 332 0.31 54.48 -28.42
N ALA F 333 -0.99 54.43 -28.18
CA ALA F 333 -1.92 55.32 -28.84
C ALA F 333 -3.20 55.47 -28.03
N TYR F 334 -4.05 56.41 -28.44
CA TYR F 334 -5.31 56.59 -27.74
C TYR F 334 -6.47 56.41 -28.68
N SER F 335 -7.63 56.12 -28.11
CA SER F 335 -8.85 55.89 -28.86
C SER F 335 -9.95 55.66 -27.85
N ALA F 336 -11.19 55.85 -28.29
CA ALA F 336 -12.34 55.67 -27.43
C ALA F 336 -12.97 54.32 -27.70
N ARG F 337 -12.43 53.63 -28.70
CA ARG F 337 -12.95 52.33 -29.07
C ARG F 337 -11.89 51.26 -29.22
N ASN F 338 -10.97 51.45 -30.16
CA ASN F 338 -9.89 50.50 -30.42
C ASN F 338 -9.22 49.96 -29.16
N ARG F 339 -9.61 48.77 -28.72
CA ARG F 339 -9.01 48.18 -27.53
C ARG F 339 -7.71 47.45 -27.85
N SER F 340 -6.91 48.10 -28.70
CA SER F 340 -5.59 47.65 -29.11
C SER F 340 -4.69 48.71 -28.51
N ALA F 341 -5.30 49.88 -28.37
CA ALA F 341 -4.68 51.08 -27.83
C ALA F 341 -4.50 50.95 -26.32
N SER F 342 -3.28 51.23 -25.87
CA SER F 342 -2.96 51.17 -24.44
C SER F 342 -3.58 52.32 -23.69
N ILE F 343 -4.16 53.27 -24.40
CA ILE F 343 -4.83 54.40 -23.77
C ILE F 343 -6.26 54.51 -24.30
N ARG F 344 -7.23 54.12 -23.46
CA ARG F 344 -8.64 54.21 -23.85
C ARG F 344 -9.22 55.49 -23.32
N ILE F 345 -10.16 56.03 -24.07
CA ILE F 345 -10.87 57.21 -23.62
C ILE F 345 -12.29 56.77 -23.39
N PRO F 346 -12.66 56.68 -22.11
CA PRO F 346 -14.01 56.26 -21.70
C PRO F 346 -14.98 57.25 -22.28
N VAL F 347 -16.06 56.75 -22.85
CA VAL F 347 -17.06 57.64 -23.39
C VAL F 347 -18.10 57.73 -22.30
N VAL F 348 -18.22 58.92 -21.71
CA VAL F 348 -19.16 59.15 -20.63
C VAL F 348 -19.90 60.47 -20.88
N ALA F 349 -21.11 60.60 -20.33
CA ALA F 349 -21.93 61.79 -20.52
C ALA F 349 -21.45 63.01 -19.75
N SER F 350 -21.51 62.93 -18.43
CA SER F 350 -21.10 64.05 -17.57
C SER F 350 -19.66 64.45 -17.81
N PRO F 351 -19.41 65.71 -18.19
CA PRO F 351 -18.04 66.14 -18.42
C PRO F 351 -17.24 66.09 -17.12
N LYS F 352 -17.96 65.98 -16.00
CA LYS F 352 -17.32 65.92 -14.68
C LYS F 352 -16.54 64.61 -14.52
N ALA F 353 -16.89 63.62 -15.33
CA ALA F 353 -16.26 62.31 -15.29
C ALA F 353 -15.32 62.00 -16.46
N ARG F 354 -14.94 63.01 -17.24
CA ARG F 354 -14.03 62.83 -18.37
C ARG F 354 -12.64 62.48 -17.83
N ARG F 355 -11.99 61.49 -18.43
CA ARG F 355 -10.66 61.04 -17.98
C ARG F 355 -9.99 60.12 -19.02
N ILE F 356 -8.77 59.69 -18.74
CA ILE F 356 -8.09 58.75 -19.64
C ILE F 356 -7.81 57.44 -18.91
N GLU F 357 -7.72 56.34 -19.66
CA GLU F 357 -7.43 55.05 -19.06
C GLU F 357 -6.16 54.46 -19.65
N VAL F 358 -5.08 54.46 -18.88
CA VAL F 358 -3.83 53.87 -19.33
C VAL F 358 -3.91 52.39 -18.97
N ARG F 359 -3.96 51.55 -19.97
CA ARG F 359 -4.18 50.14 -19.80
C ARG F 359 -2.99 49.19 -19.54
N PHE F 360 -1.74 49.61 -19.76
CA PHE F 360 -0.65 48.61 -19.65
C PHE F 360 -0.13 48.24 -18.25
N PRO F 361 -0.32 49.09 -17.29
CA PRO F 361 0.08 48.72 -15.90
C PRO F 361 -0.38 47.35 -15.41
N ASP F 362 0.32 46.68 -14.52
CA ASP F 362 -0.18 45.44 -13.95
C ASP F 362 -0.14 45.55 -12.43
N PRO F 363 -0.83 44.68 -11.72
CA PRO F 363 -0.87 44.76 -10.25
C PRO F 363 0.43 44.55 -9.52
N ALA F 364 1.49 44.15 -10.20
CA ALA F 364 2.77 43.95 -9.54
C ALA F 364 3.43 45.29 -9.26
N ALA F 365 2.95 46.31 -9.95
CA ALA F 365 3.53 47.62 -9.82
C ALA F 365 3.41 48.23 -8.44
N ASN F 366 4.47 48.90 -8.01
CA ASN F 366 4.47 49.64 -6.76
C ASN F 366 3.41 50.75 -6.93
N PRO F 367 2.39 50.83 -6.05
CA PRO F 367 1.36 51.87 -6.26
C PRO F 367 1.94 53.25 -6.49
N TYR F 368 2.63 53.58 -5.45
CA TYR F 368 3.27 54.86 -5.33
C TYR F 368 4.12 55.23 -6.53
N LEU F 369 5.14 54.42 -6.79
CA LEU F 369 6.03 54.75 -7.88
C LEU F 369 5.36 54.70 -9.24
N CYS F 370 4.41 53.78 -9.40
CA CYS F 370 3.74 53.66 -10.69
C CYS F 370 2.87 54.88 -10.94
N PHE F 371 2.05 55.21 -9.96
CA PHE F 371 1.20 56.37 -10.10
C PHE F 371 2.02 57.64 -10.32
N ALA F 372 3.04 57.83 -9.49
CA ALA F 372 3.91 58.99 -9.60
C ALA F 372 4.51 59.14 -10.99
N ALA F 373 5.09 58.06 -11.52
CA ALA F 373 5.69 58.09 -12.85
C ALA F 373 4.65 58.43 -13.91
N LEU F 374 3.42 57.98 -13.71
CA LEU F 374 2.37 58.27 -14.67
C LEU F 374 2.10 59.78 -14.67
N LEU F 375 2.04 60.37 -13.48
CA LEU F 375 1.79 61.80 -13.31
C LEU F 375 2.88 62.63 -13.92
N MET F 376 4.10 62.43 -13.45
CA MET F 376 5.25 63.16 -13.95
C MET F 376 5.36 63.13 -15.47
N ALA F 377 5.03 62.00 -16.07
CA ALA F 377 5.08 61.90 -17.53
C ALA F 377 3.98 62.77 -18.10
N GLY F 378 2.82 62.79 -17.44
CA GLY F 378 1.71 63.58 -17.90
C GLY F 378 2.02 65.07 -17.83
N LEU F 379 2.58 65.50 -16.70
CA LEU F 379 2.95 66.88 -16.48
C LEU F 379 3.99 67.35 -17.49
N ASP F 380 4.99 66.51 -17.73
CA ASP F 380 6.01 66.86 -18.69
C ASP F 380 5.38 66.95 -20.07
N GLY F 381 4.24 66.29 -20.26
CA GLY F 381 3.57 66.31 -21.54
C GLY F 381 2.88 67.65 -21.69
N ILE F 382 2.43 68.18 -20.57
CA ILE F 382 1.76 69.46 -20.51
C ILE F 382 2.76 70.61 -20.61
N LYS F 383 3.66 70.68 -19.64
CA LYS F 383 4.68 71.72 -19.61
C LYS F 383 5.28 71.91 -20.99
N ASN F 384 5.51 70.80 -21.72
CA ASN F 384 6.10 70.88 -23.04
C ASN F 384 5.13 70.70 -24.21
N LYS F 385 3.84 70.91 -23.93
CA LYS F 385 2.78 70.80 -24.93
C LYS F 385 3.02 69.72 -25.98
N ILE F 386 3.29 68.52 -25.48
CA ILE F 386 3.57 67.38 -26.34
C ILE F 386 2.29 66.86 -26.97
N HIS F 387 2.13 67.12 -28.26
CA HIS F 387 0.94 66.66 -28.91
C HIS F 387 1.05 65.18 -29.26
N PRO F 388 -0.05 64.54 -28.85
CA PRO F 388 -0.46 63.11 -29.07
C PRO F 388 -0.46 62.55 -30.48
N GLY F 389 -0.74 63.43 -31.42
CA GLY F 389 -0.89 63.06 -32.78
C GLY F 389 -2.37 62.68 -32.87
N GLU F 390 -2.73 61.95 -33.91
CA GLU F 390 -4.12 61.55 -34.09
C GLU F 390 -4.41 60.17 -33.46
N PRO F 391 -5.68 59.96 -33.04
CA PRO F 391 -6.13 58.72 -32.40
C PRO F 391 -6.14 57.53 -33.37
N MET F 392 -5.76 56.36 -32.86
CA MET F 392 -5.77 55.13 -33.67
C MET F 392 -7.13 54.49 -33.51
N ASP F 393 -7.87 54.36 -34.62
CA ASP F 393 -9.19 53.76 -34.57
C ASP F 393 -9.25 52.55 -35.52
N LYS F 394 -8.11 52.21 -36.12
CA LYS F 394 -7.99 51.09 -37.07
C LYS F 394 -8.02 49.71 -36.40
N ASN F 395 -6.83 49.15 -36.13
CA ASN F 395 -6.72 47.83 -35.50
C ASN F 395 -5.39 47.66 -34.74
N LEU F 396 -5.21 46.46 -34.14
CA LEU F 396 -4.13 46.19 -33.17
C LEU F 396 -2.79 45.86 -33.85
N TYR F 397 -2.22 44.82 -33.33
CA TYR F 397 -0.91 44.41 -33.85
C TYR F 397 -0.97 43.42 -34.96
N ASP F 398 -2.08 42.80 -35.20
CA ASP F 398 -1.95 41.82 -36.26
C ASP F 398 -2.80 42.40 -37.37
N LEU F 399 -2.31 42.44 -38.58
CA LEU F 399 -3.21 43.05 -39.48
C LEU F 399 -3.99 44.07 -38.75
N PRO F 400 -3.48 45.25 -38.59
CA PRO F 400 -2.54 45.95 -39.40
C PRO F 400 -1.47 45.12 -40.15
N PRO F 401 -0.20 44.90 -39.64
CA PRO F 401 0.99 44.37 -40.24
C PRO F 401 1.24 44.84 -41.68
N GLU F 402 0.67 45.97 -42.08
CA GLU F 402 0.73 46.63 -43.41
C GLU F 402 2.10 47.29 -43.61
N GLU F 403 2.32 48.36 -42.86
CA GLU F 403 3.56 49.13 -42.86
C GLU F 403 4.50 48.52 -41.80
N ALA F 404 4.35 47.20 -41.58
CA ALA F 404 5.08 46.42 -40.57
C ALA F 404 4.58 46.93 -39.20
N LYS F 405 3.62 47.85 -39.29
CA LYS F 405 2.94 48.54 -38.19
C LYS F 405 3.82 48.95 -37.01
N GLU F 406 5.02 49.45 -37.31
CA GLU F 406 5.92 49.90 -36.27
C GLU F 406 5.59 51.31 -35.80
N ILE F 407 4.52 51.39 -35.01
CA ILE F 407 4.08 52.63 -34.39
C ILE F 407 4.62 52.51 -32.94
N PRO F 408 4.41 53.48 -32.10
CA PRO F 408 4.87 53.35 -30.72
C PRO F 408 4.62 52.08 -29.95
N GLN F 409 5.56 51.50 -29.27
CA GLN F 409 5.05 50.45 -28.39
C GLN F 409 5.70 50.42 -27.01
N VAL F 410 5.02 49.81 -26.05
CA VAL F 410 5.55 49.67 -24.69
C VAL F 410 6.78 48.78 -24.74
N ALA F 411 7.58 48.82 -23.69
CA ALA F 411 8.80 48.01 -23.62
C ALA F 411 8.46 46.54 -23.82
N GLY F 412 9.36 45.79 -24.44
CA GLY F 412 9.09 44.38 -24.67
C GLY F 412 9.73 43.42 -23.70
N SER F 413 10.47 43.97 -22.74
CA SER F 413 11.16 43.17 -21.74
C SER F 413 11.46 44.08 -20.57
N LEU F 414 11.70 43.50 -19.41
CA LEU F 414 11.99 44.31 -18.24
C LEU F 414 13.29 45.11 -18.39
N GLU F 415 14.32 44.47 -18.93
CA GLU F 415 15.61 45.11 -19.12
C GLU F 415 15.49 46.36 -19.94
N GLU F 416 14.73 46.23 -21.03
CA GLU F 416 14.49 47.33 -21.94
C GLU F 416 13.83 48.47 -21.19
N ALA F 417 12.86 48.12 -20.36
CA ALA F 417 12.14 49.13 -19.58
C ALA F 417 13.07 49.78 -18.56
N LEU F 418 13.92 48.98 -17.95
CA LEU F 418 14.83 49.51 -16.95
C LEU F 418 15.80 50.45 -17.65
N ASN F 419 16.27 50.05 -18.82
CA ASN F 419 17.18 50.89 -19.56
C ASN F 419 16.54 52.22 -19.94
N ALA F 420 15.28 52.17 -20.35
CA ALA F 420 14.55 53.38 -20.71
C ALA F 420 14.48 54.30 -19.50
N LEU F 421 14.15 53.71 -18.36
CA LEU F 421 14.05 54.47 -17.14
C LEU F 421 15.39 55.13 -16.86
N ASP F 422 16.48 54.41 -17.13
CA ASP F 422 17.82 54.93 -16.90
C ASP F 422 18.03 56.21 -17.68
N LEU F 423 17.91 56.09 -18.99
CA LEU F 423 18.11 57.19 -19.92
C LEU F 423 17.10 58.32 -19.83
N ASP F 424 15.83 57.94 -19.80
CA ASP F 424 14.73 58.90 -19.77
C ASP F 424 14.26 59.31 -18.38
N ARG F 425 15.22 59.53 -17.49
CA ARG F 425 14.89 59.91 -16.11
C ARG F 425 14.60 61.37 -15.79
N GLU F 426 14.93 62.28 -16.69
CA GLU F 426 14.72 63.69 -16.37
C GLU F 426 13.31 64.04 -15.92
N PHE F 427 12.30 63.63 -16.67
CA PHE F 427 10.92 63.96 -16.32
C PHE F 427 10.51 63.52 -14.92
N LEU F 428 11.25 62.57 -14.35
CA LEU F 428 10.98 62.06 -13.01
C LEU F 428 11.70 62.88 -11.94
N LYS F 429 12.89 63.37 -12.29
CA LYS F 429 13.70 64.18 -11.38
C LYS F 429 13.14 65.59 -11.19
N ALA F 430 12.26 65.98 -12.11
CA ALA F 430 11.62 67.29 -12.08
C ALA F 430 11.03 67.52 -10.71
N GLY F 431 11.18 68.73 -10.20
CA GLY F 431 10.65 69.05 -8.89
C GLY F 431 11.34 68.32 -7.77
N GLY F 432 12.43 67.61 -8.07
CA GLY F 432 13.16 66.88 -7.04
C GLY F 432 12.38 65.71 -6.43
N VAL F 433 11.37 65.23 -7.17
CA VAL F 433 10.51 64.12 -6.78
C VAL F 433 11.32 62.83 -6.70
N PHE F 434 11.96 62.46 -7.82
CA PHE F 434 12.81 61.27 -7.88
C PHE F 434 14.27 61.70 -7.92
N THR F 435 15.11 61.11 -7.08
CA THR F 435 16.54 61.41 -7.11
C THR F 435 17.22 60.35 -7.96
N ASP F 436 18.42 60.64 -8.45
CA ASP F 436 19.16 59.69 -9.26
C ASP F 436 19.42 58.44 -8.42
N GLU F 437 19.81 58.64 -7.17
CA GLU F 437 20.11 57.54 -6.26
C GLU F 437 18.93 56.59 -6.13
N ALA F 438 17.75 57.14 -5.95
CA ALA F 438 16.55 56.34 -5.82
C ALA F 438 16.36 55.51 -7.08
N ILE F 439 16.38 56.20 -8.21
CA ILE F 439 16.21 55.53 -9.49
C ILE F 439 17.24 54.44 -9.74
N ASP F 440 18.51 54.75 -9.47
CA ASP F 440 19.56 53.77 -9.68
C ASP F 440 19.43 52.55 -8.78
N ALA F 441 18.92 52.78 -7.57
CA ALA F 441 18.74 51.72 -6.59
C ALA F 441 17.63 50.81 -7.01
N TYR F 442 16.54 51.42 -7.48
CA TYR F 442 15.38 50.67 -7.96
C TYR F 442 15.80 49.79 -9.11
N ILE F 443 16.52 50.38 -10.06
CA ILE F 443 16.99 49.65 -11.23
C ILE F 443 17.87 48.48 -10.81
N ALA F 444 18.70 48.68 -9.80
CA ALA F 444 19.59 47.63 -9.36
C ALA F 444 18.81 46.47 -8.74
N LEU F 445 17.76 46.79 -8.00
CA LEU F 445 16.95 45.76 -7.38
C LEU F 445 16.30 44.90 -8.43
N ARG F 446 15.76 45.54 -9.46
CA ARG F 446 15.09 44.80 -10.52
C ARG F 446 16.04 44.05 -11.43
N ARG F 447 17.27 44.53 -11.58
CA ARG F 447 18.19 43.85 -12.49
C ARG F 447 18.62 42.51 -11.94
N GLU F 448 18.61 42.44 -10.63
CA GLU F 448 18.98 41.26 -9.88
C GLU F 448 17.87 40.23 -10.12
N GLU F 449 16.63 40.71 -10.15
CA GLU F 449 15.49 39.85 -10.41
C GLU F 449 15.53 39.42 -11.88
N ASP F 450 15.75 40.39 -12.77
CA ASP F 450 15.82 40.07 -14.19
C ASP F 450 16.87 38.99 -14.45
N ASP F 451 17.96 39.04 -13.68
CA ASP F 451 19.05 38.07 -13.86
C ASP F 451 18.69 36.65 -13.54
N ARG F 452 17.91 36.46 -12.49
CA ARG F 452 17.50 35.13 -12.08
C ARG F 452 16.77 34.48 -13.23
N VAL F 453 15.86 35.22 -13.82
CA VAL F 453 15.09 34.68 -14.92
C VAL F 453 15.93 34.49 -16.17
N ARG F 454 16.84 35.40 -16.45
CA ARG F 454 17.66 35.28 -17.66
C ARG F 454 18.66 34.15 -17.56
N MET F 455 19.16 33.90 -16.35
CA MET F 455 20.17 32.88 -16.15
C MET F 455 19.70 31.47 -15.86
N THR F 456 18.46 31.29 -15.41
CA THR F 456 17.96 29.96 -15.08
C THR F 456 17.30 29.27 -16.25
N PRO F 457 17.76 28.05 -16.60
CA PRO F 457 17.16 27.34 -17.72
C PRO F 457 15.66 27.26 -17.57
N HIS F 458 14.95 27.45 -18.68
CA HIS F 458 13.50 27.41 -18.69
C HIS F 458 13.01 26.05 -19.17
N PRO F 459 11.99 25.49 -18.51
CA PRO F 459 11.45 24.19 -18.89
C PRO F 459 11.23 24.05 -20.38
N VAL F 460 10.71 25.11 -21.01
CA VAL F 460 10.44 25.09 -22.45
C VAL F 460 11.71 24.95 -23.29
N GLU F 461 12.84 25.35 -22.73
CA GLU F 461 14.09 25.23 -23.46
C GLU F 461 14.44 23.79 -23.67
N PHE F 462 13.97 22.93 -22.75
CA PHE F 462 14.23 21.48 -22.89
C PHE F 462 13.38 20.90 -24.00
N GLU F 463 12.13 21.32 -24.04
CA GLU F 463 11.23 20.87 -25.06
C GLU F 463 11.79 21.25 -26.42
N LEU F 464 12.23 22.50 -26.52
CA LEU F 464 12.79 23.07 -27.75
C LEU F 464 14.19 22.60 -28.09
N TYR F 465 15.10 22.44 -27.11
CA TYR F 465 16.47 22.12 -27.48
C TYR F 465 17.10 20.89 -26.83
N TYR F 466 16.43 20.06 -26.04
CA TYR F 466 17.13 18.92 -25.43
C TYR F 466 17.76 17.98 -26.50
N SER F 467 17.02 17.77 -27.59
CA SER F 467 17.45 16.86 -28.66
C SER F 467 18.27 17.51 -29.76
N VAL F 468 18.78 18.69 -29.45
CA VAL F 468 19.57 19.45 -30.39
C VAL F 468 20.83 18.72 -30.81
N SER G 1 0.10 -21.96 -61.32
CA SER G 1 0.51 -23.35 -61.32
C SER G 1 0.19 -24.01 -59.99
N ALA G 2 -0.56 -25.09 -60.16
CA ALA G 2 -0.96 -25.91 -59.06
C ALA G 2 0.17 -26.90 -58.75
N GLU G 3 1.09 -27.07 -59.69
CA GLU G 3 2.24 -27.98 -59.50
C GLU G 3 3.34 -27.31 -58.72
N HIS G 4 3.49 -26.01 -58.95
CA HIS G 4 4.48 -25.20 -58.26
C HIS G 4 4.13 -25.22 -56.78
N VAL G 5 2.82 -25.21 -56.51
CA VAL G 5 2.33 -25.25 -55.16
C VAL G 5 2.67 -26.58 -54.51
N LEU G 6 2.39 -27.68 -55.20
CA LEU G 6 2.69 -28.99 -54.65
C LEU G 6 4.18 -29.21 -54.37
N THR G 7 5.04 -28.45 -55.06
CA THR G 7 6.48 -28.58 -54.82
C THR G 7 6.89 -27.69 -53.66
N MET G 8 6.20 -26.56 -53.49
CA MET G 8 6.48 -25.64 -52.38
C MET G 8 6.12 -26.34 -51.08
N LEU G 9 5.12 -27.23 -51.14
CA LEU G 9 4.69 -28.00 -49.98
C LEU G 9 5.79 -28.92 -49.50
N ASN G 10 6.53 -29.51 -50.43
CA ASN G 10 7.62 -30.42 -50.08
C ASN G 10 8.92 -29.72 -49.75
N GLU G 11 9.18 -28.65 -50.48
CA GLU G 11 10.38 -27.85 -50.35
C GLU G 11 10.48 -27.18 -48.99
N HIS G 12 9.34 -26.74 -48.47
CA HIS G 12 9.28 -26.08 -47.17
C HIS G 12 8.69 -26.98 -46.07
N GLU G 13 8.45 -28.25 -46.39
CA GLU G 13 7.89 -29.23 -45.44
C GLU G 13 6.68 -28.61 -44.73
N VAL G 14 5.77 -28.12 -45.53
CA VAL G 14 4.56 -27.47 -45.05
C VAL G 14 3.63 -28.42 -44.36
N LYS G 15 3.14 -27.99 -43.19
CA LYS G 15 2.20 -28.79 -42.41
C LYS G 15 0.77 -28.26 -42.58
N PHE G 16 0.64 -26.98 -42.90
CA PHE G 16 -0.68 -26.38 -43.08
C PHE G 16 -0.78 -25.41 -44.22
N VAL G 17 -2.01 -25.21 -44.68
CA VAL G 17 -2.29 -24.28 -45.74
C VAL G 17 -3.33 -23.33 -45.18
N ASP G 18 -2.99 -22.05 -45.20
CA ASP G 18 -3.86 -21.03 -44.67
C ASP G 18 -4.55 -20.33 -45.82
N LEU G 19 -5.84 -20.60 -45.94
CA LEU G 19 -6.68 -20.04 -46.99
C LEU G 19 -7.14 -18.65 -46.62
N ARG G 20 -6.79 -17.66 -47.43
CA ARG G 20 -7.20 -16.30 -47.13
C ARG G 20 -8.10 -15.58 -48.12
N PHE G 21 -8.90 -14.70 -47.56
CA PHE G 21 -9.79 -13.89 -48.35
C PHE G 21 -10.17 -12.62 -47.60
N THR G 22 -10.84 -11.70 -48.29
CA THR G 22 -11.22 -10.42 -47.70
C THR G 22 -12.72 -10.22 -47.65
N ASP G 23 -13.22 -9.58 -46.60
CA ASP G 23 -14.64 -9.36 -46.51
C ASP G 23 -14.97 -8.01 -47.09
N THR G 24 -16.24 -7.65 -47.08
CA THR G 24 -16.65 -6.39 -47.65
C THR G 24 -15.96 -5.19 -47.01
N LYS G 25 -15.77 -5.20 -45.69
CA LYS G 25 -15.13 -4.08 -45.02
C LYS G 25 -13.66 -3.93 -45.39
N GLY G 26 -13.06 -5.02 -45.86
CA GLY G 26 -11.67 -4.96 -46.28
C GLY G 26 -10.72 -5.75 -45.42
N LYS G 27 -11.28 -6.47 -44.46
CA LYS G 27 -10.49 -7.23 -43.52
C LYS G 27 -10.17 -8.62 -43.99
N GLU G 28 -8.89 -8.95 -44.02
CA GLU G 28 -8.44 -10.27 -44.43
C GLU G 28 -8.94 -11.32 -43.45
N GLN G 29 -9.44 -12.43 -43.98
CA GLN G 29 -9.99 -13.52 -43.18
C GLN G 29 -9.24 -14.78 -43.54
N HIS G 30 -9.35 -15.82 -42.71
CA HIS G 30 -8.64 -17.06 -42.99
C HIS G 30 -9.21 -18.28 -42.32
N VAL G 31 -8.85 -19.42 -42.87
CA VAL G 31 -9.23 -20.72 -42.36
C VAL G 31 -8.05 -21.62 -42.77
N THR G 32 -7.75 -22.61 -41.94
CA THR G 32 -6.60 -23.46 -42.18
C THR G 32 -6.93 -24.91 -42.37
N ILE G 33 -6.20 -25.57 -43.27
CA ILE G 33 -6.39 -27.01 -43.50
C ILE G 33 -5.00 -27.62 -43.53
N PRO G 34 -4.89 -28.89 -43.10
CA PRO G 34 -3.60 -29.60 -43.08
C PRO G 34 -3.12 -29.69 -44.52
N ALA G 35 -1.81 -29.68 -44.73
CA ALA G 35 -1.28 -29.77 -46.08
C ALA G 35 -1.81 -31.02 -46.81
N HIS G 36 -1.99 -32.11 -46.08
CA HIS G 36 -2.47 -33.35 -46.67
C HIS G 36 -3.88 -33.29 -47.24
N GLN G 37 -4.56 -32.16 -47.08
CA GLN G 37 -5.92 -31.98 -47.60
C GLN G 37 -5.87 -31.33 -48.98
N VAL G 38 -4.65 -30.98 -49.40
CA VAL G 38 -4.42 -30.36 -50.70
C VAL G 38 -4.18 -31.42 -51.76
N ASN G 39 -5.13 -31.54 -52.67
CA ASN G 39 -5.08 -32.51 -53.74
C ASN G 39 -5.48 -31.85 -55.06
N ALA G 40 -5.62 -32.66 -56.10
CA ALA G 40 -6.01 -32.16 -57.40
C ALA G 40 -7.38 -31.49 -57.35
N GLU G 41 -8.32 -32.13 -56.70
CA GLU G 41 -9.68 -31.61 -56.55
C GLU G 41 -9.69 -30.18 -56.03
N PHE G 42 -9.01 -30.01 -54.91
CA PHE G 42 -8.84 -28.73 -54.25
C PHE G 42 -8.73 -27.54 -55.19
N PHE G 43 -7.84 -27.64 -56.19
CA PHE G 43 -7.66 -26.57 -57.15
C PHE G 43 -8.75 -26.36 -58.18
N GLU G 44 -9.41 -27.43 -58.59
CA GLU G 44 -10.45 -27.30 -59.59
C GLU G 44 -11.80 -27.00 -59.02
N GLU G 45 -12.09 -27.54 -57.84
CA GLU G 45 -13.40 -27.27 -57.22
C GLU G 45 -13.40 -26.53 -55.88
N GLY G 46 -12.22 -26.20 -55.37
CA GLY G 46 -12.11 -25.48 -54.11
C GLY G 46 -12.67 -26.22 -52.90
N LYS G 47 -12.95 -25.47 -51.84
CA LYS G 47 -13.52 -26.03 -50.60
C LYS G 47 -14.77 -25.25 -50.25
N MET G 48 -15.72 -25.93 -49.60
CA MET G 48 -16.99 -25.33 -49.20
C MET G 48 -16.95 -24.67 -47.84
N PHE G 49 -17.69 -23.57 -47.71
CA PHE G 49 -17.78 -22.89 -46.43
C PHE G 49 -19.08 -22.11 -46.32
N ASP G 50 -19.43 -21.78 -45.08
CA ASP G 50 -20.65 -21.07 -44.77
C ASP G 50 -20.58 -19.58 -45.11
N GLY G 51 -21.42 -19.16 -46.05
CA GLY G 51 -21.45 -17.77 -46.44
C GLY G 51 -22.05 -16.87 -45.37
N SER G 52 -23.19 -17.29 -44.82
CA SER G 52 -23.91 -16.51 -43.80
C SER G 52 -23.11 -15.96 -42.61
N SER G 53 -21.90 -16.45 -42.43
CA SER G 53 -21.04 -16.04 -41.32
C SER G 53 -20.32 -14.68 -41.46
N ILE G 54 -20.06 -14.29 -42.70
CA ILE G 54 -19.40 -13.02 -43.02
C ILE G 54 -20.43 -11.90 -43.12
N GLY G 55 -20.09 -10.74 -42.56
CA GLY G 55 -21.04 -9.63 -42.60
C GLY G 55 -21.36 -9.15 -44.00
N GLY G 56 -22.65 -8.93 -44.27
CA GLY G 56 -23.08 -8.43 -45.55
C GLY G 56 -23.05 -9.45 -46.69
N TRP G 57 -22.99 -10.74 -46.36
CA TRP G 57 -22.94 -11.70 -47.43
C TRP G 57 -24.29 -12.43 -47.57
N LYS G 58 -24.27 -13.75 -47.79
CA LYS G 58 -25.53 -14.51 -47.96
C LYS G 58 -26.41 -14.43 -46.72
N GLY G 59 -27.71 -14.43 -46.90
CA GLY G 59 -28.61 -14.35 -45.76
C GLY G 59 -29.10 -15.72 -45.27
N ILE G 60 -30.35 -15.73 -44.83
CA ILE G 60 -31.04 -16.88 -44.27
C ILE G 60 -31.09 -18.14 -45.12
N ASN G 61 -31.17 -18.04 -46.42
CA ASN G 61 -31.43 -19.26 -47.18
C ASN G 61 -30.33 -19.90 -47.96
N GLU G 62 -29.46 -19.08 -48.51
CA GLU G 62 -28.38 -19.50 -49.40
C GLU G 62 -26.98 -19.49 -48.81
N SER G 63 -26.81 -20.04 -47.64
CA SER G 63 -25.51 -19.97 -46.98
C SER G 63 -24.28 -20.47 -47.70
N ASP G 64 -24.34 -21.70 -48.22
CA ASP G 64 -23.10 -22.26 -48.77
C ASP G 64 -22.54 -21.71 -50.07
N MET G 65 -21.20 -21.52 -50.00
CA MET G 65 -20.39 -20.96 -51.06
C MET G 65 -19.01 -21.63 -51.20
N VAL G 66 -18.30 -21.25 -52.26
CA VAL G 66 -16.99 -21.84 -52.56
C VAL G 66 -15.74 -20.96 -52.41
N LEU G 67 -14.71 -21.55 -51.79
CA LEU G 67 -13.42 -20.92 -51.61
C LEU G 67 -12.52 -21.46 -52.70
N MET G 68 -12.19 -20.62 -53.68
CA MET G 68 -11.37 -21.10 -54.79
C MET G 68 -9.93 -20.65 -54.67
N PRO G 69 -9.03 -21.57 -54.33
CA PRO G 69 -7.63 -21.22 -54.21
C PRO G 69 -7.04 -20.70 -55.50
N ASP G 70 -6.29 -19.60 -55.39
CA ASP G 70 -5.63 -19.00 -56.53
C ASP G 70 -4.16 -19.36 -56.34
N ALA G 71 -3.75 -20.41 -57.05
CA ALA G 71 -2.39 -20.92 -56.97
C ALA G 71 -1.27 -19.95 -57.24
N SER G 72 -1.58 -18.81 -57.86
CA SER G 72 -0.53 -17.83 -58.13
C SER G 72 -0.09 -17.07 -56.88
N THR G 73 -0.96 -17.06 -55.87
CA THR G 73 -0.73 -16.34 -54.63
C THR G 73 0.03 -17.06 -53.52
N ALA G 74 0.41 -18.31 -53.74
CA ALA G 74 1.11 -19.07 -52.71
C ALA G 74 2.37 -18.43 -52.13
N VAL G 75 2.35 -18.25 -50.81
CA VAL G 75 3.47 -17.68 -50.10
C VAL G 75 3.47 -18.18 -48.67
N ILE G 76 4.67 -18.45 -48.16
CA ILE G 76 4.89 -18.94 -46.81
C ILE G 76 4.59 -17.89 -45.74
N ASP G 77 3.95 -18.29 -44.65
CA ASP G 77 3.68 -17.36 -43.56
C ASP G 77 4.94 -17.30 -42.73
N PRO G 78 5.47 -16.10 -42.51
CA PRO G 78 6.70 -15.90 -41.74
C PRO G 78 6.57 -15.81 -40.25
N PHE G 79 5.34 -15.90 -39.75
CA PHE G 79 5.10 -15.79 -38.31
C PHE G 79 4.64 -17.07 -37.63
N PHE G 80 3.75 -17.82 -38.27
CA PHE G 80 3.24 -19.06 -37.68
C PHE G 80 4.38 -20.00 -37.26
N ALA G 81 4.18 -20.71 -36.16
CA ALA G 81 5.18 -21.62 -35.61
C ALA G 81 5.48 -22.88 -36.42
N ASP G 82 4.44 -23.42 -37.05
CA ASP G 82 4.51 -24.61 -37.87
C ASP G 82 4.50 -24.14 -39.29
N SER G 83 5.31 -24.73 -40.16
CA SER G 83 5.38 -24.33 -41.56
C SER G 83 4.03 -24.28 -42.25
N THR G 84 3.62 -23.11 -42.69
CA THR G 84 2.34 -23.01 -43.35
C THR G 84 2.34 -22.11 -44.55
N LEU G 85 1.61 -22.56 -45.56
CA LEU G 85 1.52 -21.87 -46.81
C LEU G 85 0.23 -21.13 -46.96
N ILE G 86 0.34 -19.86 -47.31
CA ILE G 86 -0.82 -19.03 -47.50
C ILE G 86 -1.24 -19.07 -48.96
N ILE G 87 -2.54 -19.23 -49.19
CA ILE G 87 -3.09 -19.23 -50.54
C ILE G 87 -4.34 -18.39 -50.50
N ARG G 88 -4.30 -17.29 -51.24
CA ARG G 88 -5.41 -16.36 -51.34
C ARG G 88 -6.48 -17.09 -52.16
N CYS G 89 -7.75 -16.81 -51.88
CA CYS G 89 -8.83 -17.50 -52.57
C CYS G 89 -9.86 -16.52 -53.05
N ASP G 90 -10.65 -16.89 -54.06
CA ASP G 90 -11.74 -16.01 -54.52
C ASP G 90 -12.97 -16.73 -54.00
N ILE G 91 -14.08 -16.02 -53.91
CA ILE G 91 -15.32 -16.60 -53.42
C ILE G 91 -16.22 -16.78 -54.63
N LEU G 92 -16.53 -18.03 -54.93
CA LEU G 92 -17.36 -18.34 -56.08
C LEU G 92 -18.71 -18.87 -55.68
N GLU G 93 -19.69 -18.64 -56.54
CA GLU G 93 -21.06 -19.12 -56.34
C GLU G 93 -20.96 -20.63 -56.63
N PRO G 94 -21.60 -21.48 -55.80
CA PRO G 94 -21.52 -22.93 -56.02
C PRO G 94 -22.17 -23.40 -57.32
N GLY G 95 -21.58 -24.44 -57.93
CA GLY G 95 -22.11 -24.97 -59.18
C GLY G 95 -21.68 -24.09 -60.34
N THR G 96 -22.22 -22.88 -60.39
CA THR G 96 -21.88 -21.94 -61.45
C THR G 96 -20.39 -21.60 -61.39
N LEU G 97 -19.83 -21.62 -60.19
CA LEU G 97 -18.41 -21.30 -59.96
C LEU G 97 -18.08 -19.96 -60.61
N GLN G 98 -19.02 -19.04 -60.49
CA GLN G 98 -18.87 -17.76 -61.18
C GLN G 98 -17.99 -16.70 -60.52
N GLY G 99 -18.28 -16.36 -59.31
CA GLY G 99 -17.58 -15.30 -58.65
C GLY G 99 -18.67 -14.46 -58.05
N TYR G 100 -18.75 -14.60 -56.73
CA TYR G 100 -19.75 -13.95 -55.92
C TYR G 100 -19.81 -12.44 -56.15
N ASP G 101 -21.02 -11.94 -56.33
CA ASP G 101 -21.27 -10.52 -56.57
C ASP G 101 -20.67 -9.65 -55.49
N ARG G 102 -20.72 -10.15 -54.26
CA ARG G 102 -20.23 -9.42 -53.12
C ARG G 102 -18.77 -9.70 -52.74
N ASP G 103 -18.08 -10.56 -53.48
CA ASP G 103 -16.67 -10.85 -53.21
C ASP G 103 -15.83 -9.71 -53.80
N PRO G 104 -15.18 -8.93 -52.93
CA PRO G 104 -14.35 -7.80 -53.34
C PRO G 104 -13.22 -8.16 -54.26
N ARG G 105 -12.71 -9.38 -54.18
CA ARG G 105 -11.61 -9.70 -55.07
C ARG G 105 -12.16 -9.99 -56.45
N SER G 106 -13.33 -10.64 -56.50
CA SER G 106 -13.98 -10.96 -57.76
C SER G 106 -14.34 -9.65 -58.46
N ILE G 107 -14.84 -8.71 -57.67
CA ILE G 107 -15.23 -7.40 -58.17
C ILE G 107 -14.05 -6.66 -58.77
N ALA G 108 -12.90 -6.76 -58.13
CA ALA G 108 -11.72 -6.09 -58.62
C ALA G 108 -11.26 -6.76 -59.89
N LYS G 109 -11.38 -8.09 -59.97
CA LYS G 109 -10.97 -8.81 -61.16
C LYS G 109 -11.89 -8.40 -62.31
N ARG G 110 -13.19 -8.36 -62.04
CA ARG G 110 -14.18 -7.97 -63.04
C ARG G 110 -13.84 -6.61 -63.64
N ALA G 111 -13.37 -5.71 -62.78
CA ALA G 111 -13.04 -4.37 -63.20
C ALA G 111 -11.80 -4.37 -64.09
N GLU G 112 -10.86 -5.28 -63.86
CA GLU G 112 -9.68 -5.33 -64.69
C GLU G 112 -10.07 -5.90 -66.05
N ASP G 113 -11.04 -6.81 -66.03
CA ASP G 113 -11.55 -7.43 -67.24
C ASP G 113 -12.20 -6.35 -68.10
N TYR G 114 -13.18 -5.66 -67.52
CA TYR G 114 -13.89 -4.59 -68.22
C TYR G 114 -12.96 -3.55 -68.84
N LEU G 115 -11.79 -3.36 -68.24
CA LEU G 115 -10.81 -2.41 -68.76
C LEU G 115 -10.34 -2.92 -70.11
N ARG G 116 -9.88 -4.18 -70.12
CA ARG G 116 -9.42 -4.82 -71.35
C ARG G 116 -10.53 -4.86 -72.40
N ALA G 117 -11.74 -5.16 -71.95
CA ALA G 117 -12.91 -5.23 -72.83
C ALA G 117 -13.18 -3.93 -73.59
N THR G 118 -13.23 -2.81 -72.88
CA THR G 118 -13.48 -1.52 -73.53
C THR G 118 -12.34 -1.22 -74.49
N GLY G 119 -11.26 -1.97 -74.32
CA GLY G 119 -10.09 -1.77 -75.15
C GLY G 119 -9.35 -0.46 -74.86
N ILE G 120 -9.78 0.27 -73.82
CA ILE G 120 -9.13 1.52 -73.47
C ILE G 120 -7.66 1.33 -73.10
N ALA G 121 -7.36 0.18 -72.48
CA ALA G 121 -5.99 -0.18 -72.06
C ALA G 121 -6.02 -1.66 -71.70
N ASP G 122 -4.86 -2.26 -71.49
CA ASP G 122 -4.85 -3.68 -71.13
C ASP G 122 -4.46 -4.01 -69.69
N THR G 123 -3.93 -3.01 -68.97
CA THR G 123 -3.55 -3.17 -67.56
C THR G 123 -3.62 -1.84 -66.82
N VAL G 124 -4.01 -1.90 -65.54
CA VAL G 124 -4.09 -0.69 -64.68
C VAL G 124 -2.97 -0.77 -63.65
N LEU G 125 -2.33 0.35 -63.39
CA LEU G 125 -1.25 0.36 -62.42
C LEU G 125 -1.57 1.16 -61.16
N PHE G 126 -1.46 0.49 -60.02
CA PHE G 126 -1.73 1.11 -58.72
C PHE G 126 -0.52 1.13 -57.82
N GLY G 127 -0.23 2.31 -57.28
CA GLY G 127 0.87 2.47 -56.36
C GLY G 127 0.35 3.20 -55.13
N PRO G 128 -0.32 2.49 -54.20
CA PRO G 128 -0.84 3.12 -53.00
C PRO G 128 0.25 3.30 -51.95
N GLU G 129 0.10 4.33 -51.11
CA GLU G 129 1.09 4.64 -50.07
C GLU G 129 0.44 4.63 -48.71
N PRO G 130 0.14 3.46 -48.17
CA PRO G 130 -0.49 3.45 -46.87
C PRO G 130 0.48 3.80 -45.75
N GLU G 131 0.01 4.66 -44.85
CA GLU G 131 0.76 5.11 -43.68
C GLU G 131 0.12 4.41 -42.48
N PHE G 132 0.83 4.36 -41.36
CA PHE G 132 0.27 3.72 -40.18
C PHE G 132 0.90 4.21 -38.90
N PHE G 133 0.32 3.82 -37.76
CA PHE G 133 0.86 4.19 -36.44
C PHE G 133 1.27 2.98 -35.66
N LEU G 134 2.33 3.13 -34.89
CA LEU G 134 2.83 2.07 -34.01
C LEU G 134 2.77 2.55 -32.56
N PHE G 135 1.93 1.93 -31.74
CA PHE G 135 1.78 2.33 -30.34
C PHE G 135 2.23 1.23 -29.42
N ASP G 136 2.23 1.54 -28.12
CA ASP G 136 2.60 0.60 -27.09
C ASP G 136 1.34 0.14 -26.36
N ASP G 137 0.38 1.05 -26.21
CA ASP G 137 -0.85 0.78 -25.47
C ASP G 137 -2.01 1.48 -26.13
N ILE G 138 -3.10 0.76 -26.31
CA ILE G 138 -4.32 1.32 -26.88
C ILE G 138 -5.46 0.76 -26.05
N ARG G 139 -6.24 1.65 -25.46
CA ARG G 139 -7.35 1.30 -24.59
C ARG G 139 -8.57 2.07 -24.99
N PHE G 140 -9.73 1.44 -25.01
CA PHE G 140 -10.94 2.15 -25.32
C PHE G 140 -12.14 1.34 -24.89
N GLY G 141 -13.28 2.03 -24.83
CA GLY G 141 -14.51 1.37 -24.43
C GLY G 141 -15.66 2.34 -24.49
N ALA G 142 -16.87 1.81 -24.37
CA ALA G 142 -18.07 2.63 -24.38
C ALA G 142 -19.17 1.80 -23.80
N SER G 143 -19.85 2.37 -22.82
CA SER G 143 -20.95 1.71 -22.16
C SER G 143 -21.94 2.80 -21.82
N ILE G 144 -23.00 2.44 -21.14
CA ILE G 144 -24.01 3.43 -20.82
C ILE G 144 -23.48 4.61 -20.03
N SER G 145 -22.55 4.36 -19.11
CA SER G 145 -22.06 5.43 -18.26
C SER G 145 -20.89 6.24 -18.81
N GLY G 146 -20.51 6.00 -20.05
CA GLY G 146 -19.42 6.79 -20.61
C GLY G 146 -18.69 6.11 -21.73
N SER G 147 -17.54 6.63 -22.05
CA SER G 147 -16.71 6.07 -23.12
C SER G 147 -15.35 6.73 -23.07
N HIS G 148 -14.38 6.11 -23.71
CA HIS G 148 -13.05 6.68 -23.71
C HIS G 148 -12.11 6.01 -24.67
N VAL G 149 -10.99 6.68 -24.91
CA VAL G 149 -9.91 6.15 -25.73
C VAL G 149 -8.64 6.76 -25.21
N ALA G 150 -7.69 5.89 -24.99
CA ALA G 150 -6.40 6.32 -24.49
C ALA G 150 -5.29 5.75 -25.31
N ILE G 151 -4.42 6.58 -25.87
CA ILE G 151 -3.34 6.10 -26.69
C ILE G 151 -2.03 6.28 -25.99
N ASP G 152 -1.09 5.37 -26.18
CA ASP G 152 0.18 5.58 -25.54
C ASP G 152 1.32 4.94 -26.32
N ASP G 153 2.41 5.69 -26.40
CA ASP G 153 3.59 5.21 -27.08
C ASP G 153 4.80 5.89 -26.51
N ILE G 154 5.92 5.20 -26.54
CA ILE G 154 7.13 5.75 -25.99
C ILE G 154 7.58 7.01 -26.72
N GLU G 155 7.10 7.20 -27.94
CA GLU G 155 7.46 8.37 -28.74
C GLU G 155 6.53 9.53 -28.51
N GLY G 156 5.36 9.27 -27.95
CA GLY G 156 4.41 10.34 -27.75
C GLY G 156 5.02 11.54 -27.05
N ALA G 157 4.82 12.72 -27.60
CA ALA G 157 5.38 13.91 -27.00
C ALA G 157 4.94 14.11 -25.56
N TRP G 158 3.73 13.67 -25.26
CA TRP G 158 3.17 13.82 -23.92
C TRP G 158 3.97 13.09 -22.85
N ASN G 159 4.77 12.12 -23.27
CA ASN G 159 5.57 11.37 -22.32
C ASN G 159 6.87 12.07 -21.93
N SER G 160 7.03 13.31 -22.37
CA SER G 160 8.24 14.05 -22.02
C SER G 160 8.30 14.20 -20.50
N SER G 161 7.14 14.12 -19.85
CA SER G 161 7.05 14.26 -18.40
C SER G 161 6.84 12.98 -17.62
N THR G 162 6.67 11.86 -18.31
CA THR G 162 6.41 10.58 -17.68
C THR G 162 7.58 9.96 -16.94
N LYS G 163 7.30 9.41 -15.75
CA LYS G 163 8.34 8.75 -14.97
C LYS G 163 8.41 7.32 -15.46
N TYR G 164 9.63 6.87 -15.76
CA TYR G 164 9.85 5.52 -16.24
C TYR G 164 10.72 4.77 -15.25
N GLU G 165 10.52 3.46 -15.18
CA GLU G 165 11.26 2.57 -14.29
C GLU G 165 12.76 2.83 -14.35
N GLY G 166 13.32 2.73 -15.56
CA GLY G 166 14.76 2.95 -15.71
C GLY G 166 15.15 4.35 -16.11
N GLY G 167 14.27 5.32 -15.85
CA GLY G 167 14.53 6.69 -16.23
C GLY G 167 13.97 7.04 -17.60
N ASN G 168 13.52 8.29 -17.75
CA ASN G 168 12.98 8.79 -19.02
C ASN G 168 14.19 9.23 -19.84
N LYS G 169 14.41 8.60 -20.98
CA LYS G 169 15.57 8.90 -21.83
C LYS G 169 15.36 10.06 -22.81
N GLY G 170 14.17 10.54 -22.70
CA GLY G 170 13.59 11.60 -23.43
C GLY G 170 14.18 12.12 -24.74
N HIS G 171 14.10 11.37 -25.85
CA HIS G 171 14.38 11.95 -27.19
C HIS G 171 13.20 11.59 -28.02
N ARG G 172 12.21 12.44 -28.01
CA ARG G 172 10.96 12.14 -28.68
C ARG G 172 10.59 13.14 -29.74
N PRO G 173 9.88 12.68 -30.76
CA PRO G 173 9.43 13.52 -31.86
C PRO G 173 8.31 14.37 -31.29
N GLY G 174 8.42 15.68 -31.45
CA GLY G 174 7.37 16.56 -30.96
C GLY G 174 6.14 16.45 -31.85
N VAL G 175 5.08 17.19 -31.54
CA VAL G 175 3.87 17.14 -32.34
C VAL G 175 4.21 17.64 -33.76
N LYS G 176 3.80 16.86 -34.77
CA LYS G 176 4.09 17.16 -36.18
C LYS G 176 5.60 17.24 -36.44
N GLY G 177 6.40 16.66 -35.54
CA GLY G 177 7.85 16.75 -35.70
C GLY G 177 8.54 15.39 -35.99
N GLY G 178 7.82 14.47 -36.58
CA GLY G 178 8.37 13.17 -36.86
C GLY G 178 9.10 13.05 -38.18
N TYR G 179 8.98 14.06 -39.06
CA TYR G 179 9.64 13.94 -40.36
C TYR G 179 11.18 14.02 -40.30
N PHE G 180 11.72 12.81 -40.05
CA PHE G 180 13.11 12.31 -40.23
C PHE G 180 14.17 12.53 -39.13
N PRO G 181 13.90 13.09 -37.95
CA PRO G 181 15.00 13.06 -37.00
C PRO G 181 15.64 11.70 -36.89
N VAL G 182 16.96 11.63 -37.00
CA VAL G 182 17.59 10.30 -36.89
C VAL G 182 17.45 9.75 -35.48
N PRO G 183 17.65 8.43 -35.31
CA PRO G 183 17.56 7.84 -33.98
C PRO G 183 18.55 8.56 -33.07
N PRO G 184 18.31 8.53 -31.77
CA PRO G 184 17.18 7.88 -31.11
C PRO G 184 15.83 8.56 -31.13
N VAL G 185 15.71 9.76 -31.71
CA VAL G 185 14.40 10.42 -31.75
C VAL G 185 13.45 9.48 -32.49
N ASP G 186 13.92 8.92 -33.60
CA ASP G 186 13.14 7.97 -34.37
C ASP G 186 13.46 6.62 -33.72
N SER G 187 12.47 6.03 -33.07
CA SER G 187 12.68 4.77 -32.38
C SER G 187 12.34 3.55 -33.20
N ALA G 188 11.92 3.74 -34.44
CA ALA G 188 11.48 2.60 -35.25
C ALA G 188 12.29 2.15 -36.44
N GLN G 189 13.59 2.42 -36.45
CA GLN G 189 14.37 2.00 -37.60
C GLN G 189 14.41 0.49 -37.74
N ASP G 190 14.83 -0.22 -36.68
CA ASP G 190 14.91 -1.67 -36.75
C ASP G 190 13.58 -2.32 -37.13
N ILE G 191 12.50 -1.79 -36.58
CA ILE G 191 11.21 -2.39 -36.89
C ILE G 191 10.76 -2.12 -38.32
N ARG G 192 10.99 -0.90 -38.80
CA ARG G 192 10.60 -0.61 -40.18
C ARG G 192 11.38 -1.53 -41.13
N SER G 193 12.63 -1.81 -40.84
CA SER G 193 13.34 -2.70 -41.73
C SER G 193 12.91 -4.14 -41.69
N GLU G 194 12.56 -4.64 -40.51
CA GLU G 194 12.07 -6.02 -40.42
C GLU G 194 10.82 -6.08 -41.28
N MET G 195 9.96 -5.06 -41.17
CA MET G 195 8.74 -5.05 -41.96
C MET G 195 9.10 -5.12 -43.43
N CYS G 196 10.16 -4.41 -43.82
CA CYS G 196 10.59 -4.42 -45.21
C CYS G 196 11.07 -5.79 -45.64
N LEU G 197 11.99 -6.35 -44.88
CA LEU G 197 12.51 -7.66 -45.21
C LEU G 197 11.40 -8.68 -45.32
N VAL G 198 10.49 -8.66 -44.36
CA VAL G 198 9.40 -9.63 -44.36
C VAL G 198 8.46 -9.39 -45.52
N MET G 199 8.19 -8.13 -45.82
CA MET G 199 7.31 -7.81 -46.93
C MET G 199 7.88 -8.39 -48.21
N GLU G 200 9.19 -8.26 -48.37
CA GLU G 200 9.82 -8.79 -49.56
C GLU G 200 9.84 -10.31 -49.58
N GLN G 201 10.00 -10.93 -48.42
CA GLN G 201 9.97 -12.39 -48.36
C GLN G 201 8.58 -12.83 -48.81
N MET G 202 7.61 -11.93 -48.74
CA MET G 202 6.27 -12.26 -49.13
C MET G 202 5.88 -11.75 -50.51
N GLY G 203 6.88 -11.36 -51.29
CA GLY G 203 6.61 -10.94 -52.66
C GLY G 203 6.46 -9.47 -52.97
N LEU G 204 6.50 -8.63 -51.95
CA LEU G 204 6.37 -7.22 -52.19
C LEU G 204 7.75 -6.69 -52.53
N VAL G 205 7.80 -5.52 -53.16
CA VAL G 205 9.07 -4.90 -53.48
C VAL G 205 9.04 -3.54 -52.80
N VAL G 206 10.01 -3.36 -51.91
CA VAL G 206 10.08 -2.15 -51.13
C VAL G 206 10.93 -1.09 -51.75
N GLU G 207 10.44 0.14 -51.73
CA GLU G 207 11.17 1.27 -52.29
C GLU G 207 11.80 2.13 -51.22
N ALA G 208 11.13 2.25 -50.08
CA ALA G 208 11.66 3.05 -49.00
C ALA G 208 10.87 2.92 -47.71
N HIS G 209 11.49 3.35 -46.62
CA HIS G 209 10.80 3.37 -45.35
C HIS G 209 11.31 4.54 -44.53
N HIS G 210 10.37 5.11 -43.79
CA HIS G 210 10.71 6.28 -43.01
C HIS G 210 9.66 6.57 -41.95
N HIS G 211 10.03 7.38 -40.99
CA HIS G 211 9.12 7.80 -39.96
C HIS G 211 8.22 8.83 -40.61
N GLU G 212 6.96 8.95 -40.20
CA GLU G 212 6.10 9.95 -40.81
C GLU G 212 6.04 11.18 -39.91
N VAL G 213 5.11 12.10 -40.20
CA VAL G 213 5.05 13.36 -39.49
C VAL G 213 4.63 13.34 -38.02
N ALA G 214 3.60 12.59 -37.69
CA ALA G 214 3.06 12.63 -36.34
C ALA G 214 3.98 12.07 -35.25
N THR G 215 3.81 12.61 -34.05
CA THR G 215 4.54 12.12 -32.89
C THR G 215 3.91 10.76 -32.59
N ALA G 216 4.44 10.04 -31.63
CA ALA G 216 3.82 8.80 -31.24
C ALA G 216 3.79 7.68 -32.28
N GLY G 217 4.83 7.55 -33.10
CA GLY G 217 4.94 6.41 -34.00
C GLY G 217 4.26 6.36 -35.36
N GLN G 218 4.10 7.49 -36.03
CA GLN G 218 3.55 7.34 -37.37
C GLN G 218 4.69 6.90 -38.25
N ASN G 219 4.47 5.91 -39.10
CA ASN G 219 5.53 5.38 -39.94
C ASN G 219 5.00 5.03 -41.31
N GLU G 220 5.91 4.76 -42.26
CA GLU G 220 5.51 4.37 -43.60
C GLU G 220 6.52 3.51 -44.32
N VAL G 221 6.02 2.47 -44.98
CA VAL G 221 6.82 1.58 -45.82
C VAL G 221 6.27 1.73 -47.23
N ALA G 222 7.10 2.24 -48.12
CA ALA G 222 6.70 2.45 -49.50
C ALA G 222 7.05 1.26 -50.35
N THR G 223 6.05 0.73 -51.03
CA THR G 223 6.26 -0.42 -51.89
C THR G 223 6.01 -0.08 -53.37
N ARG G 224 6.63 -0.85 -54.27
CA ARG G 224 6.46 -0.66 -55.70
C ARG G 224 5.05 -1.02 -56.14
N PHE G 225 4.59 -0.26 -57.13
CA PHE G 225 3.25 -0.43 -57.67
C PHE G 225 3.16 -1.83 -58.28
N ASN G 226 2.00 -2.17 -58.78
CA ASN G 226 1.72 -3.44 -59.41
C ASN G 226 0.36 -3.32 -60.07
N THR G 227 -0.06 -4.35 -60.80
CA THR G 227 -1.36 -4.29 -61.45
C THR G 227 -2.40 -4.25 -60.36
N MET G 228 -3.50 -3.55 -60.63
CA MET G 228 -4.56 -3.32 -59.64
C MET G 228 -4.86 -4.49 -58.68
N THR G 229 -5.43 -5.60 -59.16
CA THR G 229 -5.78 -6.66 -58.24
C THR G 229 -4.58 -7.24 -57.45
N LYS G 230 -3.43 -7.37 -58.09
CA LYS G 230 -2.28 -7.90 -57.38
C LYS G 230 -1.83 -6.91 -56.30
N LYS G 231 -2.07 -5.62 -56.52
CA LYS G 231 -1.67 -4.62 -55.55
C LYS G 231 -2.55 -4.64 -54.33
N ALA G 232 -3.86 -4.85 -54.52
CA ALA G 232 -4.78 -4.93 -53.41
C ALA G 232 -4.38 -6.14 -52.56
N ASP G 233 -3.95 -7.21 -53.24
CA ASP G 233 -3.49 -8.39 -52.54
C ASP G 233 -2.30 -7.94 -51.70
N GLU G 234 -1.37 -7.21 -52.33
CA GLU G 234 -0.20 -6.70 -51.64
C GLU G 234 -0.54 -5.84 -50.43
N ILE G 235 -1.62 -5.05 -50.54
CA ILE G 235 -2.03 -4.20 -49.43
C ILE G 235 -2.39 -5.06 -48.24
N GLN G 236 -3.16 -6.11 -48.49
CA GLN G 236 -3.57 -7.04 -47.44
C GLN G 236 -2.36 -7.68 -46.75
N ILE G 237 -1.38 -8.06 -47.55
CA ILE G 237 -0.14 -8.67 -47.04
C ILE G 237 0.63 -7.62 -46.27
N TYR G 238 0.65 -6.45 -46.84
CA TYR G 238 1.33 -5.32 -46.24
C TYR G 238 0.80 -5.10 -44.83
N LYS G 239 -0.52 -4.98 -44.72
CA LYS G 239 -1.14 -4.76 -43.42
C LYS G 239 -0.83 -5.92 -42.48
N TYR G 240 -0.89 -7.12 -43.02
CA TYR G 240 -0.63 -8.29 -42.23
C TYR G 240 0.77 -8.25 -41.66
N VAL G 241 1.74 -7.92 -42.50
CA VAL G 241 3.11 -7.85 -42.04
C VAL G 241 3.26 -6.76 -40.99
N VAL G 242 2.72 -5.59 -41.27
CA VAL G 242 2.81 -4.48 -40.33
C VAL G 242 2.21 -4.87 -38.98
N HIS G 243 0.99 -5.39 -39.00
CA HIS G 243 0.30 -5.77 -37.77
C HIS G 243 1.06 -6.80 -36.98
N ASN G 244 1.56 -7.82 -37.67
CA ASN G 244 2.26 -8.88 -36.98
C ASN G 244 3.70 -8.62 -36.58
N VAL G 245 4.42 -7.83 -37.35
CA VAL G 245 5.78 -7.52 -36.94
C VAL G 245 5.67 -6.62 -35.71
N ALA G 246 4.71 -5.71 -35.74
CA ALA G 246 4.49 -4.82 -34.60
C ALA G 246 4.21 -5.65 -33.36
N HIS G 247 3.29 -6.59 -33.49
CA HIS G 247 2.91 -7.47 -32.39
C HIS G 247 4.14 -8.19 -31.86
N ARG G 248 4.95 -8.72 -32.75
CA ARG G 248 6.15 -9.43 -32.32
C ARG G 248 7.16 -8.53 -31.64
N PHE G 249 7.11 -7.24 -31.93
CA PHE G 249 8.05 -6.29 -31.30
C PHE G 249 7.48 -5.67 -30.05
N GLY G 250 6.30 -6.11 -29.64
CA GLY G 250 5.71 -5.56 -28.44
C GLY G 250 4.95 -4.27 -28.71
N LYS G 251 4.58 -4.05 -29.97
CA LYS G 251 3.81 -2.86 -30.29
C LYS G 251 2.44 -3.28 -30.82
N THR G 252 1.68 -2.29 -31.26
CA THR G 252 0.37 -2.55 -31.82
C THR G 252 0.21 -1.51 -32.90
N ALA G 253 -0.07 -1.94 -34.12
CA ALA G 253 -0.22 -1.01 -35.22
C ALA G 253 -1.64 -0.78 -35.63
N THR G 254 -1.92 0.43 -36.11
CA THR G 254 -3.26 0.71 -36.61
C THR G 254 -3.23 1.50 -37.92
N PHE G 255 -4.14 1.16 -38.81
CA PHE G 255 -4.27 1.85 -40.07
C PHE G 255 -5.44 2.82 -40.02
N MET G 256 -5.96 3.11 -38.83
CA MET G 256 -7.06 4.07 -38.68
C MET G 256 -6.59 5.36 -39.31
N PRO G 257 -7.47 6.09 -39.95
CA PRO G 257 -7.02 7.35 -40.56
C PRO G 257 -6.68 8.51 -39.63
N LYS G 258 -7.41 8.69 -38.54
CA LYS G 258 -7.11 9.81 -37.63
C LYS G 258 -7.22 9.37 -36.18
N PRO G 259 -6.18 8.78 -35.62
CA PRO G 259 -6.30 8.35 -34.22
C PRO G 259 -6.15 9.51 -33.25
N MET G 260 -5.50 10.58 -33.68
CA MET G 260 -5.30 11.73 -32.80
C MET G 260 -5.67 13.07 -33.36
N PHE G 261 -6.37 13.82 -32.53
CA PHE G 261 -6.73 15.16 -32.93
C PHE G 261 -5.48 16.03 -32.69
N GLY G 262 -5.06 16.84 -33.65
CA GLY G 262 -3.92 17.69 -33.36
C GLY G 262 -2.62 17.29 -34.04
N ASP G 263 -2.62 16.13 -34.67
CA ASP G 263 -1.44 15.70 -35.38
C ASP G 263 -1.92 14.96 -36.60
N ASN G 264 -0.99 14.72 -37.51
CA ASN G 264 -1.25 14.03 -38.75
C ASN G 264 -2.13 12.81 -38.70
N GLY G 265 -2.90 12.62 -39.75
CA GLY G 265 -3.71 11.42 -39.84
C GLY G 265 -2.90 10.52 -40.76
N SER G 266 -3.43 9.36 -41.11
CA SER G 266 -2.72 8.46 -42.00
C SER G 266 -3.51 8.40 -43.29
N GLY G 267 -2.84 8.63 -44.41
CA GLY G 267 -3.50 8.58 -45.69
C GLY G 267 -2.97 7.45 -46.53
N MET G 268 -3.62 7.21 -47.66
CA MET G 268 -3.16 6.18 -48.56
C MET G 268 -3.28 6.73 -49.97
N HIS G 269 -2.35 7.59 -50.35
CA HIS G 269 -2.33 8.17 -51.67
C HIS G 269 -2.30 7.05 -52.69
N CYS G 270 -2.98 7.25 -53.80
CA CYS G 270 -2.98 6.25 -54.85
C CYS G 270 -2.48 6.80 -56.19
N HIS G 271 -1.33 6.29 -56.59
CA HIS G 271 -0.74 6.65 -57.86
C HIS G 271 -1.35 5.69 -58.87
N MET G 272 -1.80 6.22 -60.00
CA MET G 272 -2.39 5.40 -61.04
C MET G 272 -1.95 5.80 -62.44
N SER G 273 -2.05 4.85 -63.36
CA SER G 273 -1.71 5.06 -64.76
C SER G 273 -2.22 3.85 -65.52
N LEU G 274 -2.46 4.02 -66.81
CA LEU G 274 -2.95 2.92 -67.65
C LEU G 274 -1.90 2.55 -68.68
N ALA G 275 -2.02 1.35 -69.22
CA ALA G 275 -1.07 0.91 -70.22
C ALA G 275 -1.63 -0.08 -71.23
N LYS G 276 -1.02 -0.09 -72.41
CA LYS G 276 -1.38 -1.00 -73.47
C LYS G 276 -0.10 -1.38 -74.20
N ASN G 277 0.08 -2.68 -74.41
CA ASN G 277 1.25 -3.25 -75.08
C ASN G 277 2.51 -2.53 -74.65
N GLY G 278 2.72 -2.48 -73.34
CA GLY G 278 3.91 -1.85 -72.80
C GLY G 278 4.10 -0.34 -72.85
N THR G 279 3.18 0.40 -73.47
CA THR G 279 3.34 1.85 -73.51
C THR G 279 2.43 2.53 -72.48
N ASN G 280 2.93 3.61 -71.88
CA ASN G 280 2.17 4.34 -70.87
C ASN G 280 1.13 5.29 -71.47
N LEU G 281 -0.12 4.84 -71.50
CA LEU G 281 -1.21 5.64 -72.03
C LEU G 281 -1.45 6.99 -71.36
N PHE G 282 -0.68 7.31 -70.33
CA PHE G 282 -0.84 8.58 -69.62
C PHE G 282 0.16 9.66 -69.99
N SER G 283 1.20 9.33 -70.74
CA SER G 283 2.18 10.34 -71.13
C SER G 283 1.70 11.02 -72.40
N GLY G 284 1.95 12.33 -72.50
CA GLY G 284 1.52 13.09 -73.66
C GLY G 284 2.12 14.47 -73.73
N ASP G 285 1.53 15.33 -74.56
CA ASP G 285 2.00 16.70 -74.76
C ASP G 285 1.21 17.72 -73.95
N LYS G 286 0.09 17.29 -73.38
CA LYS G 286 -0.77 18.15 -72.58
C LYS G 286 -0.09 18.51 -71.23
N TYR G 287 -0.84 19.15 -70.33
CA TYR G 287 -0.32 19.56 -69.01
C TYR G 287 0.62 18.59 -68.27
N ALA G 288 1.73 19.13 -67.82
CA ALA G 288 2.72 18.36 -67.07
C ALA G 288 3.18 17.01 -67.64
N GLY G 289 3.02 16.83 -68.95
CA GLY G 289 3.46 15.60 -69.58
C GLY G 289 2.37 14.55 -69.70
N LEU G 290 1.12 14.97 -69.51
CA LEU G 290 -0.02 14.07 -69.57
C LEU G 290 -0.67 13.87 -70.94
N SER G 291 -1.34 12.72 -71.09
CA SER G 291 -2.07 12.39 -72.31
C SER G 291 -3.48 12.95 -72.07
N GLU G 292 -4.28 13.09 -73.13
CA GLU G 292 -5.61 13.63 -72.90
C GLU G 292 -6.45 12.57 -72.22
N GLN G 293 -5.99 11.33 -72.29
CA GLN G 293 -6.66 10.19 -71.67
C GLN G 293 -6.59 10.35 -70.15
N ALA G 294 -5.40 10.72 -69.67
CA ALA G 294 -5.15 10.94 -68.25
C ALA G 294 -6.10 12.01 -67.72
N LEU G 295 -6.26 13.08 -68.49
CA LEU G 295 -7.14 14.17 -68.10
C LEU G 295 -8.58 13.73 -67.99
N TYR G 296 -9.04 12.89 -68.91
CA TYR G 296 -10.43 12.42 -68.86
C TYR G 296 -10.57 11.55 -67.61
N TYR G 297 -9.55 10.77 -67.34
CA TYR G 297 -9.52 9.90 -66.17
C TYR G 297 -9.70 10.78 -64.94
N ILE G 298 -8.88 11.82 -64.84
CA ILE G 298 -8.95 12.75 -63.72
C ILE G 298 -10.35 13.32 -63.62
N GLY G 299 -10.92 13.68 -64.76
CA GLY G 299 -12.25 14.25 -64.77
C GLY G 299 -13.23 13.28 -64.19
N GLY G 300 -13.05 12.00 -64.51
CA GLY G 300 -13.93 10.97 -63.99
C GLY G 300 -13.84 10.89 -62.48
N VAL G 301 -12.62 10.83 -61.98
CA VAL G 301 -12.35 10.76 -60.55
C VAL G 301 -13.00 11.95 -59.86
N ILE G 302 -12.84 13.12 -60.44
CA ILE G 302 -13.44 14.31 -59.85
C ILE G 302 -14.95 14.28 -59.90
N LYS G 303 -15.51 13.79 -60.99
CA LYS G 303 -16.97 13.76 -61.12
C LYS G 303 -17.57 12.84 -60.07
N HIS G 304 -16.96 11.68 -59.87
CA HIS G 304 -17.46 10.69 -58.91
C HIS G 304 -16.73 10.62 -57.55
N ALA G 305 -16.01 11.68 -57.21
CA ALA G 305 -15.27 11.72 -55.96
C ALA G 305 -16.09 11.33 -54.73
N LYS G 306 -17.20 12.02 -54.50
CA LYS G 306 -18.02 11.70 -53.34
C LYS G 306 -18.43 10.22 -53.25
N ALA G 307 -18.65 9.58 -54.38
CA ALA G 307 -19.04 8.19 -54.34
C ALA G 307 -17.81 7.34 -54.06
N ILE G 308 -16.67 7.73 -54.62
CA ILE G 308 -15.44 6.98 -54.39
C ILE G 308 -15.10 7.04 -52.90
N ASN G 309 -15.39 8.17 -52.29
CA ASN G 309 -15.15 8.37 -50.87
C ASN G 309 -15.73 7.25 -50.02
N ALA G 310 -16.91 6.79 -50.39
CA ALA G 310 -17.58 5.73 -49.66
C ALA G 310 -16.77 4.45 -49.62
N LEU G 311 -15.77 4.36 -50.48
CA LEU G 311 -14.91 3.18 -50.52
C LEU G 311 -13.48 3.48 -50.14
N ALA G 312 -13.05 4.70 -50.43
CA ALA G 312 -11.68 5.12 -50.15
C ALA G 312 -11.52 5.75 -48.79
N ASN G 313 -12.64 6.10 -48.16
CA ASN G 313 -12.68 6.73 -46.85
C ASN G 313 -13.98 6.18 -46.27
N PRO G 314 -14.00 4.87 -45.99
CA PRO G 314 -15.16 4.17 -45.47
C PRO G 314 -15.47 4.20 -44.01
N THR G 315 -14.85 5.10 -43.27
CA THR G 315 -15.08 5.17 -41.83
C THR G 315 -15.42 6.59 -41.43
N THR G 316 -16.17 6.76 -40.35
CA THR G 316 -16.49 8.10 -39.89
C THR G 316 -15.18 8.79 -39.54
N ASN G 317 -14.23 8.00 -39.02
CA ASN G 317 -12.93 8.52 -38.62
C ASN G 317 -12.21 9.12 -39.81
N SER G 318 -12.44 8.57 -40.99
CA SER G 318 -11.80 9.04 -42.22
C SER G 318 -11.98 10.54 -42.40
N TYR G 319 -13.17 11.02 -41.98
CA TYR G 319 -13.54 12.42 -42.16
C TYR G 319 -12.94 13.28 -41.07
N LYS G 320 -12.19 12.71 -40.17
CA LYS G 320 -11.57 13.56 -39.18
C LYS G 320 -10.18 13.95 -39.68
N ARG G 321 -9.78 13.31 -40.77
CA ARG G 321 -8.53 13.58 -41.48
C ARG G 321 -8.80 14.58 -42.62
N LEU G 322 -9.95 14.38 -43.26
CA LEU G 322 -10.39 15.23 -44.35
C LEU G 322 -11.23 16.36 -43.79
N VAL G 323 -10.54 17.35 -43.24
CA VAL G 323 -11.21 18.50 -42.67
C VAL G 323 -10.49 19.73 -43.16
N PRO G 324 -11.28 20.83 -43.28
CA PRO G 324 -10.64 22.07 -43.69
C PRO G 324 -9.37 22.35 -42.95
N GLY G 325 -8.27 21.80 -43.47
CA GLY G 325 -6.96 22.03 -42.91
C GLY G 325 -6.10 22.53 -44.03
N TYR G 326 -4.83 22.81 -43.79
CA TYR G 326 -4.01 23.36 -44.90
C TYR G 326 -3.64 22.31 -45.93
N GLU G 327 -3.04 21.24 -45.45
CA GLU G 327 -2.59 20.15 -46.30
C GLU G 327 -3.67 19.11 -46.57
N ALA G 328 -4.88 19.36 -46.07
CA ALA G 328 -5.99 18.45 -46.28
C ALA G 328 -6.26 18.30 -47.78
N PRO G 329 -6.10 17.08 -48.30
CA PRO G 329 -6.29 16.70 -49.69
C PRO G 329 -7.76 16.70 -50.02
N VAL G 330 -8.45 17.81 -49.72
CA VAL G 330 -9.89 17.85 -49.96
C VAL G 330 -10.43 18.61 -51.18
N MET G 331 -9.59 19.41 -51.83
CA MET G 331 -10.03 20.18 -52.98
C MET G 331 -9.99 19.31 -54.23
N LEU G 332 -11.15 19.11 -54.84
CA LEU G 332 -11.27 18.29 -56.05
C LEU G 332 -10.66 18.98 -57.28
N ALA G 333 -9.34 18.92 -57.37
CA ALA G 333 -8.63 19.55 -58.47
C ALA G 333 -7.27 18.89 -58.67
N TYR G 334 -6.61 19.24 -59.77
CA TYR G 334 -5.29 18.68 -60.03
C TYR G 334 -4.26 19.79 -60.15
N SER G 335 -3.01 19.41 -59.94
CA SER G 335 -1.88 20.33 -60.00
C SER G 335 -0.63 19.53 -59.79
N ALA G 336 0.50 20.08 -60.21
CA ALA G 336 1.78 19.42 -60.06
C ALA G 336 2.51 19.98 -58.88
N ARG G 337 1.93 21.00 -58.27
CA ARG G 337 2.54 21.64 -57.13
C ARG G 337 1.60 21.82 -55.94
N ASN G 338 0.53 22.59 -56.14
CA ASN G 338 -0.45 22.87 -55.09
C ASN G 338 -0.86 21.64 -54.30
N ARG G 339 -0.26 21.46 -53.11
CA ARG G 339 -0.62 20.32 -52.29
C ARG G 339 -1.85 20.58 -51.43
N SER G 340 -2.84 21.20 -52.08
CA SER G 340 -4.15 21.51 -51.50
C SER G 340 -5.07 20.64 -52.34
N ALA G 341 -4.59 20.39 -53.55
CA ALA G 341 -5.26 19.58 -54.56
C ALA G 341 -5.20 18.11 -54.19
N SER G 342 -6.36 17.46 -54.22
CA SER G 342 -6.46 16.05 -53.91
C SER G 342 -5.88 15.18 -55.03
N ILE G 343 -5.53 15.81 -56.15
CA ILE G 343 -4.91 15.09 -57.25
C ILE G 343 -3.60 15.77 -57.63
N ARG G 344 -2.48 15.15 -57.26
CA ARG G 344 -1.17 15.68 -57.60
C ARG G 344 -0.67 15.03 -58.86
N ILE G 345 0.08 15.80 -59.63
CA ILE G 345 0.70 15.25 -60.82
C ILE G 345 2.18 15.28 -60.55
N PRO G 346 2.75 14.09 -60.33
CA PRO G 346 4.17 13.92 -60.06
C PRO G 346 4.93 14.45 -61.24
N VAL G 347 5.97 15.23 -60.99
CA VAL G 347 6.77 15.74 -62.08
C VAL G 347 7.94 14.78 -62.15
N VAL G 348 8.00 14.04 -63.25
CA VAL G 348 9.05 13.06 -63.45
C VAL G 348 9.59 13.19 -64.89
N ALA G 349 10.84 12.79 -65.10
CA ALA G 349 11.47 12.87 -66.41
C ALA G 349 10.97 11.86 -67.43
N SER G 350 11.23 10.58 -67.17
CA SER G 350 10.82 9.52 -68.08
C SER G 350 9.32 9.51 -68.30
N PRO G 351 8.89 9.64 -69.56
CA PRO G 351 7.44 9.62 -69.83
C PRO G 351 6.86 8.25 -69.48
N LYS G 352 7.74 7.27 -69.31
CA LYS G 352 7.31 5.91 -68.96
C LYS G 352 6.72 5.86 -67.56
N ALA G 353 7.07 6.87 -66.75
CA ALA G 353 6.60 6.95 -65.37
C ALA G 353 5.55 8.03 -65.10
N ARG G 354 4.94 8.58 -66.15
CA ARG G 354 3.91 9.61 -66.01
C ARG G 354 2.66 8.95 -65.40
N ARG G 355 2.05 9.63 -64.42
CA ARG G 355 0.87 9.09 -63.73
C ARG G 355 0.17 10.16 -62.89
N ILE G 356 -0.94 9.81 -62.25
CA ILE G 356 -1.63 10.75 -61.37
C ILE G 356 -1.65 10.22 -59.94
N GLU G 357 -1.71 11.12 -58.95
CA GLU G 357 -1.76 10.71 -57.57
C GLU G 357 -3.01 11.22 -56.89
N VAL G 358 -3.96 10.33 -56.64
CA VAL G 358 -5.19 10.71 -55.94
C VAL G 358 -4.88 10.60 -54.45
N ARG G 359 -4.87 11.73 -53.78
CA ARG G 359 -4.46 11.83 -52.40
C ARG G 359 -5.48 11.57 -51.28
N PHE G 360 -6.80 11.56 -51.55
CA PHE G 360 -7.73 11.47 -50.39
C PHE G 360 -7.99 10.10 -49.76
N PRO G 361 -7.77 9.04 -50.48
CA PRO G 361 -7.91 7.69 -49.85
C PRO G 361 -7.23 7.50 -48.51
N ASP G 362 -7.71 6.64 -47.63
CA ASP G 362 -6.99 6.36 -46.39
C ASP G 362 -6.82 4.85 -46.29
N PRO G 363 -5.92 4.37 -45.43
CA PRO G 363 -5.69 2.94 -45.30
C PRO G 363 -6.82 2.08 -44.81
N ALA G 364 -7.92 2.69 -44.36
CA ALA G 364 -9.06 1.90 -43.89
C ALA G 364 -9.83 1.33 -45.07
N ALA G 365 -9.57 1.90 -46.23
CA ALA G 365 -10.27 1.49 -47.42
C ALA G 365 -10.04 0.05 -47.83
N ASN G 366 -11.09 -0.62 -48.28
CA ASN G 366 -11.00 -1.96 -48.83
C ASN G 366 -10.12 -1.84 -50.09
N PRO G 367 -8.99 -2.59 -50.18
CA PRO G 367 -8.14 -2.41 -51.38
C PRO G 367 -8.90 -2.48 -52.68
N TYR G 368 -9.47 -3.64 -52.76
CA TYR G 368 -10.24 -4.05 -53.89
C TYR G 368 -11.28 -3.04 -54.31
N LEU G 369 -12.23 -2.79 -53.41
CA LEU G 369 -13.29 -1.88 -53.78
C LEU G 369 -12.83 -0.45 -54.02
N CYS G 370 -11.82 -0.02 -53.28
CA CYS G 370 -11.33 1.34 -53.43
C CYS G 370 -10.66 1.49 -54.78
N PHE G 371 -9.75 0.58 -55.09
CA PHE G 371 -9.06 0.63 -56.37
C PHE G 371 -10.06 0.53 -57.51
N ALA G 372 -10.97 -0.43 -57.44
CA ALA G 372 -11.98 -0.63 -58.47
C ALA G 372 -12.78 0.65 -58.73
N ALA G 373 -13.29 1.26 -57.68
CA ALA G 373 -14.08 2.48 -57.81
C ALA G 373 -13.27 3.60 -58.45
N LEU G 374 -11.98 3.63 -58.15
CA LEU G 374 -11.11 4.65 -58.72
C LEU G 374 -11.03 4.44 -60.24
N LEU G 375 -10.87 3.19 -60.64
CA LEU G 375 -10.76 2.81 -62.05
C LEU G 375 -12.02 3.16 -62.81
N MET G 376 -13.13 2.57 -62.37
CA MET G 376 -14.43 2.79 -62.99
C MET G 376 -14.75 4.27 -63.18
N ALA G 377 -14.38 5.09 -62.20
CA ALA G 377 -14.63 6.52 -62.30
C ALA G 377 -13.74 7.08 -63.40
N GLY G 378 -12.51 6.57 -63.47
CA GLY G 378 -11.57 7.03 -64.48
C GLY G 378 -12.04 6.69 -65.88
N LEU G 379 -12.48 5.44 -66.06
CA LEU G 379 -12.98 4.95 -67.34
C LEU G 379 -14.20 5.74 -67.79
N ASP G 380 -15.11 5.98 -66.86
CA ASP G 380 -16.30 6.74 -67.20
C ASP G 380 -15.89 8.16 -67.57
N GLY G 381 -14.72 8.59 -67.11
CA GLY G 381 -14.26 9.93 -67.42
C GLY G 381 -13.75 9.95 -68.84
N ILE G 382 -13.22 8.81 -69.27
CA ILE G 382 -12.69 8.64 -70.61
C ILE G 382 -13.83 8.42 -71.60
N LYS G 383 -14.59 7.34 -71.41
CA LYS G 383 -15.71 7.02 -72.28
C LYS G 383 -16.53 8.27 -72.58
N ASN G 384 -16.72 9.12 -71.57
CA ASN G 384 -17.51 10.33 -71.75
C ASN G 384 -16.69 11.62 -71.88
N LYS G 385 -15.42 11.47 -72.22
CA LYS G 385 -14.51 12.61 -72.41
C LYS G 385 -14.77 13.78 -71.47
N ILE G 386 -14.82 13.46 -70.18
CA ILE G 386 -15.08 14.45 -69.15
C ILE G 386 -13.86 15.30 -68.91
N HIS G 387 -13.92 16.55 -69.38
CA HIS G 387 -12.79 17.42 -69.18
C HIS G 387 -12.78 17.97 -67.77
N PRO G 388 -11.56 17.82 -67.24
CA PRO G 388 -11.02 18.32 -65.93
C PRO G 388 -11.16 19.79 -65.59
N GLY G 389 -11.12 20.60 -66.62
CA GLY G 389 -11.13 22.01 -66.48
C GLY G 389 -9.66 22.34 -66.32
N GLU G 390 -9.36 23.54 -65.82
CA GLU G 390 -7.97 23.95 -65.64
C GLU G 390 -7.43 23.60 -64.24
N PRO G 391 -6.09 23.38 -64.15
CA PRO G 391 -5.41 23.00 -62.91
C PRO G 391 -5.40 24.15 -61.88
N MET G 392 -5.57 23.80 -60.61
CA MET G 392 -5.53 24.79 -59.53
C MET G 392 -4.09 24.91 -59.06
N ASP G 393 -3.52 26.10 -59.21
CA ASP G 393 -2.14 26.32 -58.78
C ASP G 393 -2.08 27.45 -57.75
N LYS G 394 -3.25 27.95 -57.34
CA LYS G 394 -3.37 29.04 -56.36
C LYS G 394 -3.08 28.62 -54.92
N ASN G 395 -4.13 28.30 -54.16
CA ASN G 395 -3.98 27.87 -52.77
C ASN G 395 -5.17 26.99 -52.30
N LEU G 396 -5.11 26.57 -51.02
CA LEU G 396 -5.99 25.54 -50.47
C LEU G 396 -7.37 26.10 -50.05
N TYR G 397 -7.74 25.67 -48.87
CA TYR G 397 -9.06 26.08 -48.36
C TYR G 397 -9.03 27.34 -47.57
N ASP G 398 -7.91 27.82 -47.15
CA ASP G 398 -8.08 29.00 -46.33
C ASP G 398 -7.47 30.09 -47.17
N LEU G 399 -8.13 31.21 -47.32
CA LEU G 399 -7.45 32.11 -48.16
C LEU G 399 -6.70 31.32 -49.17
N PRO G 400 -7.31 30.91 -50.23
CA PRO G 400 -8.45 31.46 -50.91
C PRO G 400 -9.49 32.21 -50.04
N PRO G 401 -10.65 31.58 -49.58
CA PRO G 401 -11.84 32.10 -48.98
C PRO G 401 -12.36 33.41 -49.61
N GLU G 402 -11.99 33.69 -50.85
CA GLU G 402 -12.32 34.87 -51.68
C GLU G 402 -13.77 34.79 -52.16
N GLU G 403 -14.01 33.85 -53.07
CA GLU G 403 -15.33 33.58 -53.66
C GLU G 403 -16.02 32.52 -52.78
N ALA G 404 -15.68 32.53 -51.49
CA ALA G 404 -16.16 31.58 -50.46
C ALA G 404 -15.53 30.23 -50.83
N LYS G 405 -14.70 30.29 -51.89
CA LYS G 405 -13.97 29.18 -52.50
C LYS G 405 -14.70 27.84 -52.61
N GLU G 406 -15.98 27.91 -52.98
CA GLU G 406 -16.77 26.71 -53.13
C GLU G 406 -16.54 26.05 -54.49
N ILE G 407 -15.37 25.41 -54.60
CA ILE G 407 -15.00 24.65 -55.80
C ILE G 407 -15.31 23.19 -55.39
N PRO G 408 -15.10 22.23 -56.26
CA PRO G 408 -15.33 20.85 -55.86
C PRO G 408 -14.83 20.33 -54.53
N GLN G 409 -15.58 19.64 -53.74
CA GLN G 409 -14.82 19.01 -52.66
C GLN G 409 -15.26 17.59 -52.34
N VAL G 410 -14.38 16.83 -51.69
CA VAL G 410 -14.68 15.45 -51.29
C VAL G 410 -15.80 15.49 -50.25
N ALA G 411 -16.43 14.35 -50.03
CA ALA G 411 -17.51 14.26 -49.06
C ALA G 411 -17.04 14.74 -47.70
N GLY G 412 -17.92 15.35 -46.92
CA GLY G 412 -17.53 15.85 -45.61
C GLY G 412 -17.90 14.96 -44.44
N SER G 413 -18.56 13.85 -44.74
CA SER G 413 -18.98 12.92 -43.72
C SER G 413 -19.22 11.59 -44.40
N LEU G 414 -19.21 10.51 -43.62
CA LEU G 414 -19.43 9.20 -44.21
C LEU G 414 -20.81 9.06 -44.83
N GLU G 415 -21.83 9.56 -44.15
CA GLU G 415 -23.21 9.46 -44.62
C GLU G 415 -23.36 10.10 -45.97
N GLU G 416 -22.76 11.28 -46.11
CA GLU G 416 -22.79 12.02 -47.35
C GLU G 416 -22.16 11.19 -48.45
N ALA G 417 -21.04 10.54 -48.14
CA ALA G 417 -20.35 9.71 -49.10
C ALA G 417 -21.18 8.49 -49.46
N LEU G 418 -21.84 7.91 -48.47
CA LEU G 418 -22.65 6.74 -48.72
C LEU G 418 -23.81 7.15 -49.61
N ASN G 419 -24.40 8.30 -49.31
CA ASN G 419 -25.51 8.76 -50.12
C ASN G 419 -25.09 9.01 -51.56
N ALA G 420 -23.90 9.57 -51.75
CA ALA G 420 -23.38 9.82 -53.09
C ALA G 420 -23.24 8.50 -53.82
N LEU G 421 -22.68 7.52 -53.13
CA LEU G 421 -22.50 6.21 -53.71
C LEU G 421 -23.86 5.67 -54.13
N ASP G 422 -24.87 5.92 -53.31
CA ASP G 422 -26.21 5.43 -53.60
C ASP G 422 -26.70 5.96 -54.93
N LEU G 423 -26.75 7.28 -55.03
CA LEU G 423 -27.20 7.98 -56.21
C LEU G 423 -26.33 7.84 -57.44
N ASP G 424 -25.04 8.03 -57.25
CA ASP G 424 -24.08 7.99 -58.33
C ASP G 424 -23.46 6.61 -58.60
N ARG G 425 -24.29 5.58 -58.56
CA ARG G 425 -23.80 4.22 -58.77
C ARG G 425 -23.66 3.70 -60.20
N GLU G 426 -24.22 4.39 -61.18
CA GLU G 426 -24.13 3.89 -62.54
C GLU G 426 -22.73 3.56 -63.03
N PHE G 427 -21.79 4.49 -62.86
CA PHE G 427 -20.43 4.26 -63.33
C PHE G 427 -19.78 3.01 -62.76
N LEU G 428 -20.31 2.53 -61.63
CA LEU G 428 -19.77 1.33 -60.98
C LEU G 428 -20.43 0.06 -61.52
N LYS G 429 -21.70 0.17 -61.89
CA LYS G 429 -22.46 -0.95 -62.44
C LYS G 429 -22.05 -1.29 -63.87
N ALA G 430 -21.38 -0.34 -64.51
CA ALA G 430 -20.90 -0.51 -65.88
C ALA G 430 -20.14 -1.81 -65.99
N GLY G 431 -20.35 -2.53 -67.08
CA GLY G 431 -19.68 -3.79 -67.28
C GLY G 431 -20.11 -4.86 -66.31
N GLY G 432 -21.15 -4.59 -65.50
CA GLY G 432 -21.62 -5.57 -64.54
C GLY G 432 -20.63 -5.87 -63.41
N VAL G 433 -19.70 -4.95 -63.19
CA VAL G 433 -18.65 -5.04 -62.16
C VAL G 433 -19.29 -5.01 -60.77
N PHE G 434 -20.02 -3.94 -60.48
CA PHE G 434 -20.73 -3.80 -59.21
C PHE G 434 -22.23 -4.01 -59.43
N THR G 435 -22.86 -4.85 -58.61
CA THR G 435 -24.29 -5.04 -58.72
C THR G 435 -24.96 -4.12 -57.70
N ASP G 436 -26.25 -3.84 -57.89
CA ASP G 436 -26.98 -2.99 -56.96
C ASP G 436 -26.97 -3.64 -55.59
N GLU G 437 -27.19 -4.94 -55.55
CA GLU G 437 -27.23 -5.69 -54.30
C GLU G 437 -25.93 -5.53 -53.51
N ALA G 438 -24.81 -5.63 -54.21
CA ALA G 438 -23.51 -5.49 -53.56
C ALA G 438 -23.42 -4.10 -52.96
N ILE G 439 -23.68 -3.10 -53.79
CA ILE G 439 -23.62 -1.71 -53.35
C ILE G 439 -24.55 -1.43 -52.17
N ASP G 440 -25.78 -1.90 -52.25
CA ASP G 440 -26.74 -1.66 -51.18
C ASP G 440 -26.33 -2.33 -49.87
N ALA G 441 -25.68 -3.49 -50.00
CA ALA G 441 -25.24 -4.27 -48.84
C ALA G 441 -24.08 -3.55 -48.16
N TYR G 442 -23.16 -3.05 -48.98
CA TYR G 442 -22.00 -2.32 -48.49
C TYR G 442 -22.49 -1.10 -47.72
N ILE G 443 -23.40 -0.37 -48.34
CA ILE G 443 -23.95 0.84 -47.72
C ILE G 443 -24.61 0.51 -46.39
N ALA G 444 -25.30 -0.62 -46.34
CA ALA G 444 -25.99 -0.98 -45.11
C ALA G 444 -25.00 -1.31 -44.00
N LEU G 445 -23.89 -1.95 -44.35
CA LEU G 445 -22.88 -2.30 -43.37
C LEU G 445 -22.29 -1.04 -42.76
N ARG G 446 -21.99 -0.08 -43.61
CA ARG G 446 -21.40 1.17 -43.15
C ARG G 446 -22.38 2.07 -42.41
N ARG G 447 -23.66 1.98 -42.73
CA ARG G 447 -24.62 2.86 -42.06
C ARG G 447 -24.80 2.49 -40.61
N GLU G 448 -24.59 1.21 -40.35
CA GLU G 448 -24.71 0.63 -39.04
C GLU G 448 -23.53 1.17 -38.23
N GLU G 449 -22.37 1.28 -38.87
CA GLU G 449 -21.18 1.82 -38.22
C GLU G 449 -21.39 3.32 -38.00
N ASP G 450 -21.85 4.00 -39.05
CA ASP G 450 -22.09 5.43 -38.94
C ASP G 450 -23.04 5.74 -37.78
N ASP G 451 -24.00 4.84 -37.54
CA ASP G 451 -24.98 5.04 -36.48
C ASP G 451 -24.41 4.99 -35.08
N ARG G 452 -23.47 4.10 -34.87
CA ARG G 452 -22.85 3.97 -33.56
C ARG G 452 -22.22 5.29 -33.19
N VAL G 453 -21.49 5.86 -34.13
CA VAL G 453 -20.84 7.11 -33.86
C VAL G 453 -21.83 8.27 -33.73
N ARG G 454 -22.87 8.28 -34.55
CA ARG G 454 -23.84 9.38 -34.48
C ARG G 454 -24.67 9.34 -33.21
N MET G 455 -24.95 8.14 -32.74
CA MET G 455 -25.80 7.97 -31.57
C MET G 455 -25.12 7.98 -30.21
N THR G 456 -23.82 7.73 -30.14
CA THR G 456 -23.11 7.68 -28.86
C THR G 456 -22.56 9.02 -28.45
N PRO G 457 -22.92 9.50 -27.24
CA PRO G 457 -22.41 10.79 -26.79
C PRO G 457 -20.90 10.85 -26.90
N HIS G 458 -20.39 11.99 -27.33
CA HIS G 458 -18.97 12.20 -27.50
C HIS G 458 -18.39 12.94 -26.31
N PRO G 459 -17.23 12.51 -25.81
CA PRO G 459 -16.59 13.16 -24.67
C PRO G 459 -16.59 14.69 -24.77
N VAL G 460 -16.30 15.19 -25.98
CA VAL G 460 -16.24 16.63 -26.21
C VAL G 460 -17.58 17.32 -26.01
N GLU G 461 -18.66 16.56 -26.18
CA GLU G 461 -19.98 17.14 -25.98
C GLU G 461 -20.18 17.53 -24.55
N PHE G 462 -19.49 16.84 -23.64
CA PHE G 462 -19.60 17.16 -22.20
C PHE G 462 -18.85 18.46 -21.91
N GLU G 463 -17.68 18.58 -22.50
CA GLU G 463 -16.89 19.76 -22.34
C GLU G 463 -17.69 20.96 -22.83
N LEU G 464 -18.28 20.80 -24.00
CA LEU G 464 -19.08 21.84 -24.66
C LEU G 464 -20.45 22.09 -24.06
N TYR G 465 -21.18 21.03 -23.64
CA TYR G 465 -22.53 21.26 -23.17
C TYR G 465 -22.92 20.76 -21.78
N TYR G 466 -22.05 20.20 -20.96
CA TYR G 466 -22.51 19.71 -19.66
C TYR G 466 -23.16 20.82 -18.79
N SER G 467 -22.58 22.01 -18.85
CA SER G 467 -23.05 23.15 -18.06
C SER G 467 -24.10 24.02 -18.75
N VAL G 468 -24.69 23.47 -19.78
CA VAL G 468 -25.68 24.17 -20.54
C VAL G 468 -26.91 24.54 -19.71
N SER H 1 -5.20 -56.47 -32.07
CA SER H 1 -4.00 -57.26 -31.82
C SER H 1 -3.38 -56.90 -30.49
N ALA H 2 -3.25 -57.96 -29.71
CA ALA H 2 -2.64 -57.88 -28.41
C ALA H 2 -1.12 -57.97 -28.58
N GLU H 3 -0.67 -58.43 -29.73
CA GLU H 3 0.77 -58.55 -30.01
C GLU H 3 1.36 -57.24 -30.47
N HIS H 4 0.53 -56.48 -31.20
CA HIS H 4 0.91 -55.17 -31.69
C HIS H 4 1.15 -54.29 -30.48
N VAL H 5 0.32 -54.50 -29.47
CA VAL H 5 0.43 -53.76 -28.23
C VAL H 5 1.73 -54.09 -27.53
N LEU H 6 2.04 -55.37 -27.39
CA LEU H 6 3.26 -55.77 -26.73
C LEU H 6 4.53 -55.27 -27.44
N THR H 7 4.41 -54.96 -28.74
CA THR H 7 5.58 -54.44 -29.46
C THR H 7 5.65 -52.93 -29.31
N MET H 8 4.49 -52.28 -29.17
CA MET H 8 4.44 -50.83 -28.96
C MET H 8 5.05 -50.51 -27.60
N LEU H 9 4.92 -51.47 -26.67
CA LEU H 9 5.48 -51.31 -25.34
C LEU H 9 7.00 -51.25 -25.38
N ASN H 10 7.60 -52.04 -26.27
CA ASN H 10 9.06 -52.06 -26.40
C ASN H 10 9.60 -50.97 -27.30
N GLU H 11 8.85 -50.69 -28.34
CA GLU H 11 9.21 -49.69 -29.35
C GLU H 11 9.27 -48.29 -28.76
N HIS H 12 8.36 -48.01 -27.83
CA HIS H 12 8.31 -46.70 -27.19
C HIS H 12 8.82 -46.73 -25.74
N GLU H 13 9.38 -47.86 -25.32
CA GLU H 13 9.93 -48.03 -23.97
C GLU H 13 8.92 -47.52 -22.93
N VAL H 14 7.70 -48.02 -23.06
CA VAL H 14 6.61 -47.63 -22.20
C VAL H 14 6.79 -48.08 -20.76
N LYS H 15 6.55 -47.15 -19.85
CA LYS H 15 6.67 -47.43 -18.42
C LYS H 15 5.29 -47.64 -17.80
N PHE H 16 4.26 -47.05 -18.41
CA PHE H 16 2.89 -47.19 -17.89
C PHE H 16 1.83 -47.36 -18.94
N VAL H 17 0.71 -47.92 -18.51
CA VAL H 17 -0.43 -48.12 -19.38
C VAL H 17 -1.58 -47.43 -18.69
N ASP H 18 -2.18 -46.49 -19.40
CA ASP H 18 -3.28 -45.71 -18.86
C ASP H 18 -4.58 -46.26 -19.43
N LEU H 19 -5.34 -46.92 -18.57
CA LEU H 19 -6.60 -47.53 -18.93
C LEU H 19 -7.70 -46.50 -18.90
N ARG H 20 -8.36 -46.29 -20.03
CA ARG H 20 -9.44 -45.31 -20.07
C ARG H 20 -10.83 -45.79 -20.41
N PHE H 21 -11.79 -45.07 -19.85
CA PHE H 21 -13.18 -45.35 -20.09
C PHE H 21 -14.04 -44.11 -19.82
N THR H 22 -15.32 -44.18 -20.18
CA THR H 22 -16.23 -43.06 -20.03
C THR H 22 -17.38 -43.36 -19.09
N ASP H 23 -17.81 -42.37 -18.32
CA ASP H 23 -18.90 -42.59 -17.42
C ASP H 23 -20.19 -42.20 -18.10
N THR H 24 -21.30 -42.35 -17.39
CA THR H 24 -22.59 -42.04 -17.96
C THR H 24 -22.68 -40.60 -18.44
N LYS H 25 -22.13 -39.65 -17.69
CA LYS H 25 -22.20 -38.24 -18.10
C LYS H 25 -21.39 -37.94 -19.35
N GLY H 26 -20.43 -38.79 -19.63
CA GLY H 26 -19.64 -38.62 -20.84
C GLY H 26 -18.19 -38.25 -20.61
N LYS H 27 -17.81 -38.25 -19.34
CA LYS H 27 -16.47 -37.86 -18.94
C LYS H 27 -15.49 -39.01 -18.94
N GLU H 28 -14.40 -38.84 -19.67
CA GLU H 28 -13.36 -39.87 -19.75
C GLU H 28 -12.73 -40.04 -18.37
N GLN H 29 -12.51 -41.29 -17.99
CA GLN H 29 -11.92 -41.64 -16.70
C GLN H 29 -10.70 -42.49 -16.95
N HIS H 30 -9.85 -42.63 -15.94
CA HIS H 30 -8.64 -43.43 -16.12
C HIS H 30 -8.03 -43.95 -14.86
N VAL H 31 -7.22 -44.98 -15.03
CA VAL H 31 -6.47 -45.61 -13.96
C VAL H 31 -5.21 -46.11 -14.66
N THR H 32 -4.08 -46.11 -13.94
CA THR H 32 -2.81 -46.48 -14.53
C THR H 32 -2.15 -47.68 -13.89
N ILE H 33 -1.51 -48.49 -14.71
CA ILE H 33 -0.78 -49.66 -14.21
C ILE H 33 0.57 -49.66 -14.90
N PRO H 34 1.61 -50.18 -14.22
CA PRO H 34 2.95 -50.23 -14.78
C PRO H 34 2.90 -51.12 -16.00
N ALA H 35 3.74 -50.85 -16.99
CA ALA H 35 3.74 -51.68 -18.20
C ALA H 35 3.94 -53.16 -17.88
N HIS H 36 4.78 -53.43 -16.87
CA HIS H 36 5.05 -54.81 -16.47
C HIS H 36 3.86 -55.61 -15.95
N GLN H 37 2.71 -54.95 -15.82
CA GLN H 37 1.49 -55.61 -15.35
C GLN H 37 0.66 -56.10 -16.54
N VAL H 38 1.15 -55.79 -17.74
CA VAL H 38 0.49 -56.20 -18.98
C VAL H 38 1.02 -57.54 -19.44
N ASN H 39 0.14 -58.54 -19.37
CA ASN H 39 0.47 -59.90 -19.75
C ASN H 39 -0.65 -60.48 -20.60
N ALA H 40 -0.55 -61.77 -20.88
CA ALA H 40 -1.55 -62.44 -21.69
C ALA H 40 -2.92 -62.39 -21.01
N GLU H 41 -2.94 -62.66 -19.73
CA GLU H 41 -4.18 -62.64 -18.94
C GLU H 41 -4.95 -61.35 -19.12
N PHE H 42 -4.24 -60.24 -18.89
CA PHE H 42 -4.74 -58.90 -19.04
C PHE H 42 -5.73 -58.73 -20.20
N PHE H 43 -5.37 -59.19 -21.39
CA PHE H 43 -6.26 -59.09 -22.53
C PHE H 43 -7.47 -59.98 -22.59
N GLU H 44 -7.35 -61.18 -22.02
CA GLU H 44 -8.47 -62.10 -22.05
C GLU H 44 -9.42 -61.93 -20.90
N GLU H 45 -8.90 -61.56 -19.74
CA GLU H 45 -9.78 -61.38 -18.58
C GLU H 45 -9.85 -59.97 -17.97
N GLY H 46 -9.08 -59.04 -18.53
CA GLY H 46 -9.07 -57.67 -18.04
C GLY H 46 -8.60 -57.51 -16.60
N LYS H 47 -8.95 -56.37 -16.00
CA LYS H 47 -8.58 -56.08 -14.60
C LYS H 47 -9.85 -55.71 -13.84
N MET H 48 -9.86 -56.01 -12.55
CA MET H 48 -11.00 -55.74 -11.68
C MET H 48 -10.97 -54.36 -11.05
N PHE H 49 -12.15 -53.77 -10.90
CA PHE H 49 -12.26 -52.47 -10.25
C PHE H 49 -13.63 -52.29 -9.62
N ASP H 50 -13.69 -51.33 -8.70
CA ASP H 50 -14.90 -51.02 -7.97
C ASP H 50 -15.93 -50.25 -8.79
N GLY H 51 -17.08 -50.87 -9.02
CA GLY H 51 -18.12 -50.23 -9.78
C GLY H 51 -18.79 -49.10 -9.02
N SER H 52 -19.13 -49.34 -7.75
CA SER H 52 -19.82 -48.36 -6.91
C SER H 52 -19.25 -46.94 -6.85
N SER H 53 -18.03 -46.76 -7.33
CA SER H 53 -17.35 -45.47 -7.32
C SER H 53 -17.77 -44.44 -8.39
N ILE H 54 -18.24 -44.95 -9.52
CA ILE H 54 -18.70 -44.11 -10.63
C ILE H 54 -20.19 -43.76 -10.45
N GLY H 55 -20.53 -42.52 -10.74
CA GLY H 55 -21.92 -42.10 -10.57
C GLY H 55 -22.90 -42.83 -11.45
N GLY H 56 -24.01 -43.28 -10.88
CA GLY H 56 -25.04 -43.95 -11.62
C GLY H 56 -24.71 -45.38 -12.01
N TRP H 57 -23.74 -46.00 -11.35
CA TRP H 57 -23.40 -47.35 -11.73
C TRP H 57 -23.91 -48.35 -10.67
N LYS H 58 -23.11 -49.37 -10.33
CA LYS H 58 -23.54 -50.37 -9.35
C LYS H 58 -23.81 -49.75 -7.97
N GLY H 59 -24.77 -50.27 -7.25
CA GLY H 59 -25.09 -49.73 -5.95
C GLY H 59 -24.38 -50.45 -4.79
N ILE H 60 -25.11 -50.55 -3.68
CA ILE H 60 -24.65 -51.14 -2.43
C ILE H 60 -24.13 -52.57 -2.48
N ASN H 61 -24.66 -53.42 -3.33
CA ASN H 61 -24.29 -54.82 -3.19
C ASN H 61 -23.37 -55.43 -4.19
N GLU H 62 -23.46 -54.98 -5.43
CA GLU H 62 -22.72 -55.55 -6.56
C GLU H 62 -21.58 -54.70 -7.09
N SER H 63 -20.74 -54.21 -6.23
CA SER H 63 -19.68 -53.31 -6.65
C SER H 63 -18.72 -53.76 -7.75
N ASP H 64 -18.13 -54.94 -7.60
CA ASP H 64 -17.09 -55.30 -8.56
C ASP H 64 -17.46 -55.66 -10.00
N MET H 65 -16.64 -55.07 -10.88
CA MET H 65 -16.77 -55.17 -12.33
C MET H 65 -15.44 -55.27 -13.06
N VAL H 66 -15.52 -55.53 -14.37
CA VAL H 66 -14.33 -55.72 -15.20
C VAL H 66 -13.98 -54.65 -16.24
N LEU H 67 -12.70 -54.31 -16.29
CA LEU H 67 -12.16 -53.35 -17.24
C LEU H 67 -11.53 -54.18 -18.35
N MET H 68 -12.15 -54.20 -19.52
CA MET H 68 -11.62 -55.00 -20.61
C MET H 68 -10.88 -54.18 -21.64
N PRO H 69 -9.55 -54.28 -21.66
CA PRO H 69 -8.77 -53.52 -22.62
C PRO H 69 -9.11 -53.88 -24.06
N ASP H 70 -9.27 -52.85 -24.88
CA ASP H 70 -9.57 -53.02 -26.29
C ASP H 70 -8.26 -52.69 -26.98
N ALA H 71 -7.52 -53.73 -27.33
CA ALA H 71 -6.21 -53.60 -27.97
C ALA H 71 -6.15 -52.78 -29.25
N SER H 72 -7.30 -52.56 -29.87
CA SER H 72 -7.30 -51.77 -31.11
C SER H 72 -7.10 -50.27 -30.86
N THR H 73 -7.39 -49.85 -29.62
CA THR H 73 -7.30 -48.44 -29.23
C THR H 73 -5.96 -47.93 -28.72
N ALA H 74 -4.95 -48.79 -28.65
CA ALA H 74 -3.65 -48.38 -28.14
C ALA H 74 -3.02 -47.16 -28.82
N VAL H 75 -2.73 -46.16 -28.00
CA VAL H 75 -2.09 -44.93 -28.48
C VAL H 75 -1.31 -44.29 -27.34
N ILE H 76 -0.15 -43.75 -27.69
CA ILE H 76 0.74 -43.09 -26.76
C ILE H 76 0.18 -41.76 -26.26
N ASP H 77 0.35 -41.48 -24.97
CA ASP H 77 -0.10 -40.20 -24.43
C ASP H 77 1.00 -39.21 -24.71
N PRO H 78 0.65 -38.09 -25.37
CA PRO H 78 1.61 -37.05 -25.74
C PRO H 78 1.94 -36.02 -24.70
N PHE H 79 1.30 -36.11 -23.54
CA PHE H 79 1.52 -35.15 -22.47
C PHE H 79 2.25 -35.66 -21.25
N PHE H 80 1.93 -36.88 -20.81
CA PHE H 80 2.56 -37.45 -19.62
C PHE H 80 4.09 -37.43 -19.74
N ALA H 81 4.76 -37.22 -18.61
CA ALA H 81 6.22 -37.13 -18.56
C ALA H 81 6.98 -38.42 -18.82
N ASP H 82 6.42 -39.52 -18.36
CA ASP H 82 6.98 -40.85 -18.49
C ASP H 82 6.22 -41.52 -19.61
N SER H 83 6.88 -42.25 -20.49
CA SER H 83 6.24 -42.92 -21.61
C SER H 83 5.05 -43.78 -21.19
N THR H 84 3.86 -43.43 -21.66
CA THR H 84 2.71 -44.21 -21.28
C THR H 84 1.74 -44.44 -22.42
N LEU H 85 1.21 -45.64 -22.44
CA LEU H 85 0.31 -46.07 -23.48
C LEU H 85 -1.11 -46.09 -23.00
N ILE H 86 -1.96 -45.45 -23.78
CA ILE H 86 -3.37 -45.38 -23.46
C ILE H 86 -4.09 -46.54 -24.13
N ILE H 87 -4.96 -47.21 -23.39
CA ILE H 87 -5.76 -48.29 -23.91
C ILE H 87 -7.16 -48.10 -23.38
N ARG H 88 -8.09 -47.87 -24.30
CA ARG H 88 -9.49 -47.67 -24.00
C ARG H 88 -10.01 -49.03 -23.57
N CYS H 89 -10.98 -49.06 -22.67
CA CYS H 89 -11.52 -50.32 -22.15
C CYS H 89 -13.01 -50.33 -22.16
N ASP H 90 -13.63 -51.50 -22.18
CA ASP H 90 -15.10 -51.57 -22.09
C ASP H 90 -15.31 -52.07 -20.68
N ILE H 91 -16.52 -51.88 -20.17
CA ILE H 91 -16.85 -52.32 -18.81
C ILE H 91 -17.73 -53.54 -18.95
N LEU H 92 -17.23 -54.67 -18.49
CA LEU H 92 -17.96 -55.92 -18.59
C LEU H 92 -18.43 -56.41 -17.24
N GLU H 93 -19.53 -57.16 -17.26
CA GLU H 93 -20.10 -57.76 -16.06
C GLU H 93 -19.14 -58.92 -15.74
N PRO H 94 -18.77 -59.13 -14.46
CA PRO H 94 -17.84 -60.21 -14.11
C PRO H 94 -18.40 -61.62 -14.38
N GLY H 95 -17.52 -62.52 -14.77
CA GLY H 95 -17.92 -63.89 -15.05
C GLY H 95 -18.56 -63.98 -16.42
N THR H 96 -19.74 -63.37 -16.56
CA THR H 96 -20.45 -63.36 -17.83
C THR H 96 -19.62 -62.64 -18.89
N LEU H 97 -18.84 -61.66 -18.46
CA LEU H 97 -18.00 -60.85 -19.35
C LEU H 97 -18.84 -60.31 -20.50
N GLN H 98 -20.06 -59.91 -20.15
CA GLN H 98 -20.99 -59.48 -21.18
C GLN H 98 -20.87 -58.06 -21.72
N GLY H 99 -20.91 -57.10 -20.85
CA GLY H 99 -20.91 -55.73 -21.27
C GLY H 99 -22.00 -55.10 -20.48
N TYR H 100 -21.56 -54.33 -19.51
CA TYR H 100 -22.42 -53.64 -18.57
C TYR H 100 -23.52 -52.83 -19.24
N ASP H 101 -24.74 -52.99 -18.75
CA ASP H 101 -25.90 -52.30 -19.29
C ASP H 101 -25.72 -50.79 -19.29
N ARG H 102 -25.04 -50.31 -18.26
CA ARG H 102 -24.81 -48.88 -18.10
C ARG H 102 -23.50 -48.36 -18.71
N ASP H 103 -22.69 -49.22 -19.32
CA ASP H 103 -21.44 -48.79 -19.95
C ASP H 103 -21.79 -48.18 -21.31
N PRO H 104 -21.59 -46.87 -21.46
CA PRO H 104 -21.87 -46.14 -22.68
C PRO H 104 -21.15 -46.65 -23.90
N ARG H 105 -19.98 -47.26 -23.73
CA ARG H 105 -19.29 -47.73 -24.91
C ARG H 105 -19.91 -49.04 -25.35
N SER H 106 -20.30 -49.86 -24.37
CA SER H 106 -20.95 -51.13 -24.66
C SER H 106 -22.27 -50.86 -25.37
N ILE H 107 -22.98 -49.85 -24.88
CA ILE H 107 -24.26 -49.44 -25.45
C ILE H 107 -24.12 -49.00 -26.90
N ALA H 108 -23.05 -48.28 -27.18
CA ALA H 108 -22.82 -47.80 -28.52
C ALA H 108 -22.47 -48.97 -29.42
N LYS H 109 -21.72 -49.93 -28.89
CA LYS H 109 -21.33 -51.10 -29.68
C LYS H 109 -22.60 -51.91 -29.99
N ARG H 110 -23.45 -52.09 -28.97
CA ARG H 110 -24.69 -52.83 -29.13
C ARG H 110 -25.54 -52.23 -30.26
N ALA H 111 -25.52 -50.91 -30.33
CA ALA H 111 -26.29 -50.20 -31.33
C ALA H 111 -25.73 -50.42 -32.72
N GLU H 112 -24.41 -50.58 -32.84
CA GLU H 112 -23.82 -50.81 -34.15
C GLU H 112 -24.15 -52.23 -34.57
N ASP H 113 -24.22 -53.12 -33.58
CA ASP H 113 -24.55 -54.52 -33.81
C ASP H 113 -25.97 -54.60 -34.36
N TYR H 114 -26.92 -54.04 -33.60
CA TYR H 114 -28.33 -54.03 -33.99
C TYR H 114 -28.55 -53.48 -35.40
N LEU H 115 -27.68 -52.58 -35.84
CA LEU H 115 -27.78 -52.00 -37.18
C LEU H 115 -27.55 -53.12 -38.19
N ARG H 116 -26.42 -53.82 -38.03
CA ARG H 116 -26.07 -54.92 -38.90
C ARG H 116 -27.14 -56.02 -38.84
N ALA H 117 -27.65 -56.29 -37.65
CA ALA H 117 -28.68 -57.30 -37.44
C ALA H 117 -29.96 -57.05 -38.25
N THR H 118 -30.50 -55.83 -38.17
CA THR H 118 -31.71 -55.50 -38.92
C THR H 118 -31.43 -55.60 -40.40
N GLY H 119 -30.13 -55.65 -40.73
CA GLY H 119 -29.72 -55.72 -42.11
C GLY H 119 -29.96 -54.43 -42.88
N ILE H 120 -30.41 -53.38 -42.18
CA ILE H 120 -30.66 -52.10 -42.85
C ILE H 120 -29.40 -51.52 -43.49
N ALA H 121 -28.25 -51.75 -42.85
CA ALA H 121 -26.94 -51.29 -43.33
C ALA H 121 -25.89 -52.03 -42.52
N ASP H 122 -24.62 -51.93 -42.91
CA ASP H 122 -23.58 -52.62 -42.16
C ASP H 122 -22.65 -51.72 -41.33
N THR H 123 -22.70 -50.41 -41.58
CA THR H 123 -21.88 -49.44 -40.85
C THR H 123 -22.56 -48.06 -40.81
N VAL H 124 -22.40 -47.36 -39.69
CA VAL H 124 -22.96 -45.99 -39.51
C VAL H 124 -21.82 -45.00 -39.53
N LEU H 125 -22.01 -43.88 -40.21
CA LEU H 125 -20.97 -42.88 -40.27
C LEU H 125 -21.31 -41.60 -39.53
N PHE H 126 -20.44 -41.22 -38.60
CA PHE H 126 -20.63 -40.00 -37.81
C PHE H 126 -19.52 -39.00 -38.00
N GLY H 127 -19.92 -37.77 -38.28
CA GLY H 127 -18.97 -36.68 -38.44
C GLY H 127 -19.41 -35.53 -37.57
N PRO H 128 -19.11 -35.58 -36.27
CA PRO H 128 -19.51 -34.49 -35.36
C PRO H 128 -18.54 -33.32 -35.45
N GLU H 129 -19.05 -32.12 -35.18
CA GLU H 129 -18.24 -30.90 -35.26
C GLU H 129 -18.26 -30.16 -33.93
N PRO H 130 -17.53 -30.68 -32.95
CA PRO H 130 -17.55 -29.98 -31.66
C PRO H 130 -16.75 -28.68 -31.71
N GLU H 131 -17.35 -27.65 -31.13
CA GLU H 131 -16.75 -26.32 -31.01
C GLU H 131 -16.36 -26.15 -29.54
N PHE H 132 -15.48 -25.21 -29.25
CA PHE H 132 -15.09 -25.00 -27.85
C PHE H 132 -14.55 -23.60 -27.62
N PHE H 133 -14.35 -23.27 -26.35
CA PHE H 133 -13.81 -21.96 -25.97
C PHE H 133 -12.48 -22.10 -25.26
N LEU H 134 -11.61 -21.13 -25.50
CA LEU H 134 -10.30 -21.09 -24.85
C LEU H 134 -10.19 -19.80 -24.03
N PHE H 135 -10.12 -19.91 -22.71
CA PHE H 135 -10.04 -18.74 -21.85
C PHE H 135 -8.72 -18.70 -21.11
N ASP H 136 -8.51 -17.61 -20.37
CA ASP H 136 -7.31 -17.41 -19.58
C ASP H 136 -7.66 -17.61 -18.11
N ASP H 137 -8.87 -17.20 -17.72
CA ASP H 137 -9.31 -17.25 -16.34
C ASP H 137 -10.79 -17.60 -16.28
N ILE H 138 -11.13 -18.54 -15.41
CA ILE H 138 -12.50 -18.93 -15.20
C ILE H 138 -12.66 -19.09 -13.71
N ARG H 139 -13.61 -18.34 -13.13
CA ARG H 139 -13.87 -18.32 -11.70
C ARG H 139 -15.33 -18.47 -11.46
N PHE H 140 -15.73 -19.26 -10.49
CA PHE H 140 -17.13 -19.38 -10.16
C PHE H 140 -17.30 -19.99 -8.79
N GLY H 141 -18.51 -19.85 -8.27
CA GLY H 141 -18.81 -20.39 -6.96
C GLY H 141 -20.26 -20.13 -6.62
N ALA H 142 -20.72 -20.78 -5.55
CA ALA H 142 -22.08 -20.62 -5.08
C ALA H 142 -22.12 -21.12 -3.67
N SER H 143 -22.65 -20.28 -2.80
CA SER H 143 -22.77 -20.61 -1.39
C SER H 143 -24.06 -19.96 -0.94
N ILE H 144 -24.35 -20.06 0.35
CA ILE H 144 -25.58 -19.51 0.84
C ILE H 144 -25.74 -18.02 0.58
N SER H 145 -24.64 -17.27 0.67
CA SER H 145 -24.73 -15.83 0.50
C SER H 145 -24.62 -15.30 -0.91
N GLY H 146 -24.59 -16.19 -1.90
CA GLY H 146 -24.54 -15.72 -3.27
C GLY H 146 -23.94 -16.71 -4.23
N SER H 147 -23.58 -16.22 -5.38
CA SER H 147 -22.98 -17.06 -6.42
C SER H 147 -22.44 -16.18 -7.52
N HIS H 148 -21.58 -16.72 -8.35
CA HIS H 148 -21.03 -15.92 -9.43
C HIS H 148 -20.25 -16.74 -10.42
N VAL H 149 -19.98 -16.11 -11.56
CA VAL H 149 -19.14 -16.68 -12.61
C VAL H 149 -18.51 -15.53 -13.32
N ALA H 150 -17.20 -15.66 -13.47
CA ALA H 150 -16.45 -14.64 -14.14
C ALA H 150 -15.56 -15.24 -15.20
N ILE H 151 -15.68 -14.79 -16.43
CA ILE H 151 -14.88 -15.34 -17.52
C ILE H 151 -13.86 -14.33 -17.97
N ASP H 152 -12.68 -14.78 -18.37
CA ASP H 152 -11.74 -13.81 -18.85
C ASP H 152 -10.79 -14.41 -19.87
N ASP H 153 -10.55 -13.64 -20.91
CA ASP H 153 -9.62 -14.04 -21.95
C ASP H 153 -9.06 -12.83 -22.62
N ILE H 154 -7.83 -12.96 -23.11
CA ILE H 154 -7.18 -11.85 -23.74
C ILE H 154 -7.92 -11.37 -24.99
N GLU H 155 -8.76 -12.22 -25.55
CA GLU H 155 -9.53 -11.88 -26.75
C GLU H 155 -10.85 -11.25 -26.42
N GLY H 156 -11.32 -11.40 -25.20
CA GLY H 156 -12.60 -10.84 -24.85
C GLY H 156 -12.74 -9.39 -25.23
N ALA H 157 -13.82 -9.05 -25.92
CA ALA H 157 -14.01 -7.68 -26.33
C ALA H 157 -14.00 -6.70 -25.16
N TRP H 158 -14.46 -7.17 -24.01
CA TRP H 158 -14.52 -6.32 -22.82
C TRP H 158 -13.15 -5.82 -22.36
N ASN H 159 -12.10 -6.50 -22.78
CA ASN H 159 -10.75 -6.10 -22.41
C ASN H 159 -10.19 -4.97 -23.26
N SER H 160 -11.02 -4.40 -24.13
CA SER H 160 -10.56 -3.30 -24.96
C SER H 160 -10.13 -2.14 -24.05
N SER H 161 -10.68 -2.12 -22.84
CA SER H 161 -10.38 -1.05 -21.88
C SER H 161 -9.44 -1.44 -20.74
N THR H 162 -9.05 -2.70 -20.67
CA THR H 162 -8.19 -3.19 -19.61
C THR H 162 -6.75 -2.74 -19.65
N LYS H 163 -6.21 -2.37 -18.47
CA LYS H 163 -4.82 -1.97 -18.39
C LYS H 163 -3.99 -3.22 -18.23
N TYR H 164 -2.96 -3.35 -19.05
CA TYR H 164 -2.08 -4.50 -18.99
C TYR H 164 -0.68 -4.04 -18.64
N GLU H 165 0.06 -4.93 -17.97
CA GLU H 165 1.42 -4.68 -17.53
C GLU H 165 2.27 -4.08 -18.65
N GLY H 166 2.36 -4.80 -19.77
CA GLY H 166 3.16 -4.30 -20.89
C GLY H 166 2.39 -3.53 -21.94
N GLY H 167 1.24 -3.00 -21.56
CA GLY H 167 0.40 -2.26 -22.49
C GLY H 167 -0.64 -3.14 -23.15
N ASN H 168 -1.81 -2.55 -23.43
CA ASN H 168 -2.91 -3.26 -24.10
C ASN H 168 -2.61 -3.15 -25.60
N LYS H 169 -2.42 -4.29 -26.26
CA LYS H 169 -2.07 -4.31 -27.69
C LYS H 169 -3.29 -4.26 -28.63
N GLY H 170 -4.39 -4.25 -27.96
CA GLY H 170 -5.72 -4.22 -28.46
C GLY H 170 -6.05 -4.60 -29.91
N HIS H 171 -5.97 -5.87 -30.31
CA HIS H 171 -6.57 -6.31 -31.58
C HIS H 171 -7.42 -7.49 -31.21
N ARG H 172 -8.66 -7.23 -30.89
CA ARG H 172 -9.53 -8.26 -30.41
C ARG H 172 -10.77 -8.44 -31.25
N PRO H 173 -11.28 -9.66 -31.27
CA PRO H 173 -12.49 -9.99 -32.02
C PRO H 173 -13.64 -9.38 -31.24
N GLY H 174 -14.47 -8.60 -31.90
CA GLY H 174 -15.61 -8.01 -31.22
C GLY H 174 -16.67 -9.07 -30.97
N VAL H 175 -17.78 -8.70 -30.34
CA VAL H 175 -18.85 -9.66 -30.07
C VAL H 175 -19.38 -10.18 -31.41
N LYS H 176 -19.47 -11.52 -31.51
CA LYS H 176 -19.93 -12.20 -32.75
C LYS H 176 -19.00 -11.85 -33.93
N GLY H 177 -17.79 -11.36 -33.65
CA GLY H 177 -16.89 -10.96 -34.74
C GLY H 177 -15.62 -11.84 -34.86
N GLY H 178 -15.71 -13.09 -34.44
CA GLY H 178 -14.57 -13.97 -34.49
C GLY H 178 -14.42 -14.72 -35.80
N TYR H 179 -15.43 -14.69 -36.68
CA TYR H 179 -15.30 -15.45 -37.93
C TYR H 179 -14.27 -14.89 -38.92
N PHE H 180 -13.03 -15.34 -38.65
CA PHE H 180 -11.80 -15.37 -39.48
C PHE H 180 -10.87 -14.14 -39.53
N PRO H 181 -11.04 -13.06 -38.78
CA PRO H 181 -9.96 -12.08 -38.86
C PRO H 181 -8.60 -12.71 -38.71
N VAL H 182 -7.68 -12.42 -39.61
CA VAL H 182 -6.33 -13.02 -39.45
C VAL H 182 -5.63 -12.47 -38.21
N PRO H 183 -4.59 -13.17 -37.75
CA PRO H 183 -3.85 -12.69 -36.59
C PRO H 183 -3.34 -11.28 -36.91
N PRO H 184 -3.08 -10.49 -35.88
CA PRO H 184 -3.23 -10.80 -34.46
C PRO H 184 -4.61 -10.79 -33.86
N VAL H 185 -5.65 -10.44 -34.61
CA VAL H 185 -7.00 -10.43 -34.02
C VAL H 185 -7.28 -11.86 -33.54
N ASP H 186 -6.94 -12.83 -34.37
CA ASP H 186 -7.11 -14.23 -34.01
C ASP H 186 -5.81 -14.58 -33.29
N SER H 187 -5.91 -14.84 -32.00
CA SER H 187 -4.72 -15.14 -31.21
C SER H 187 -4.42 -16.60 -31.07
N ALA H 188 -5.23 -17.46 -31.69
CA ALA H 188 -5.04 -18.89 -31.50
C ALA H 188 -4.57 -19.76 -32.66
N GLN H 189 -3.85 -19.20 -33.60
CA GLN H 189 -3.40 -20.00 -34.71
C GLN H 189 -2.43 -21.09 -34.26
N ASP H 190 -1.36 -20.70 -33.58
CA ASP H 190 -0.37 -21.68 -33.14
C ASP H 190 -0.99 -22.79 -32.27
N ILE H 191 -1.91 -22.41 -31.39
CA ILE H 191 -2.51 -23.40 -30.53
C ILE H 191 -3.45 -24.33 -31.29
N ARG H 192 -4.23 -23.80 -32.21
CA ARG H 192 -5.12 -24.67 -32.98
C ARG H 192 -4.29 -25.68 -33.77
N SER H 193 -3.15 -25.27 -34.29
CA SER H 193 -2.36 -26.26 -35.00
C SER H 193 -1.72 -27.31 -34.16
N GLU H 194 -1.26 -26.95 -32.96
CA GLU H 194 -0.67 -27.95 -32.07
C GLU H 194 -1.77 -28.96 -31.80
N MET H 195 -2.99 -28.47 -31.55
CA MET H 195 -4.09 -29.39 -31.28
C MET H 195 -4.27 -30.33 -32.46
N CYS H 196 -4.12 -29.80 -33.67
CA CYS H 196 -4.25 -30.62 -34.86
C CYS H 196 -3.16 -31.67 -34.94
N LEU H 197 -1.92 -31.24 -34.84
CA LEU H 197 -0.81 -32.17 -34.91
C LEU H 197 -0.95 -33.27 -33.86
N VAL H 198 -1.28 -32.88 -32.65
CA VAL H 198 -1.42 -33.85 -31.57
C VAL H 198 -2.58 -34.78 -31.82
N MET H 199 -3.69 -34.23 -32.31
CA MET H 199 -4.85 -35.05 -32.59
C MET H 199 -4.49 -36.13 -33.59
N GLU H 200 -3.72 -35.75 -34.60
CA GLU H 200 -3.31 -36.72 -35.58
C GLU H 200 -2.32 -37.73 -35.05
N GLN H 201 -1.44 -37.30 -34.15
CA GLN H 201 -0.50 -38.23 -33.55
C GLN H 201 -1.31 -39.26 -32.78
N MET H 202 -2.54 -38.90 -32.43
CA MET H 202 -3.38 -39.82 -31.68
C MET H 202 -4.41 -40.55 -32.54
N GLY H 203 -4.22 -40.52 -33.85
CA GLY H 203 -5.11 -41.25 -34.74
C GLY H 203 -6.27 -40.54 -35.38
N LEU H 204 -6.47 -39.27 -35.05
CA LEU H 204 -7.56 -38.55 -35.67
C LEU H 204 -7.05 -37.99 -36.99
N VAL H 205 -7.97 -37.64 -37.86
CA VAL H 205 -7.59 -37.06 -39.14
C VAL H 205 -8.28 -35.70 -39.18
N VAL H 206 -7.46 -34.67 -39.29
CA VAL H 206 -7.94 -33.31 -39.27
C VAL H 206 -8.24 -32.77 -40.64
N GLU H 207 -9.37 -32.11 -40.76
CA GLU H 207 -9.78 -31.52 -42.03
C GLU H 207 -9.56 -30.01 -42.06
N ALA H 208 -9.75 -29.36 -40.92
CA ALA H 208 -9.56 -27.92 -40.85
C ALA H 208 -9.61 -27.38 -39.44
N HIS H 209 -9.12 -26.15 -39.28
CA HIS H 209 -9.20 -25.50 -38.01
C HIS H 209 -9.35 -24.00 -38.23
N HIS H 210 -10.14 -23.42 -37.35
CA HIS H 210 -10.41 -22.00 -37.50
C HIS H 210 -11.01 -21.42 -36.22
N HIS H 211 -10.97 -20.11 -36.14
CA HIS H 211 -11.55 -19.40 -35.01
C HIS H 211 -13.05 -19.45 -35.24
N GLU H 212 -13.85 -19.48 -34.19
CA GLU H 212 -15.30 -19.50 -34.40
C GLU H 212 -15.86 -18.09 -34.24
N VAL H 213 -17.19 -17.97 -34.17
CA VAL H 213 -17.83 -16.67 -34.13
C VAL H 213 -17.64 -15.81 -32.88
N ALA H 214 -17.76 -16.39 -31.72
CA ALA H 214 -17.73 -15.62 -30.48
C ALA H 214 -16.39 -14.96 -30.15
N THR H 215 -16.47 -13.84 -29.46
CA THR H 215 -15.28 -13.14 -28.99
C THR H 215 -14.75 -14.04 -27.86
N ALA H 216 -13.61 -13.69 -27.31
CA ALA H 216 -13.11 -14.44 -26.18
C ALA H 216 -12.74 -15.90 -26.44
N GLY H 217 -12.19 -16.22 -27.60
CA GLY H 217 -11.65 -17.56 -27.85
C GLY H 217 -12.53 -18.73 -28.27
N GLN H 218 -13.58 -18.49 -29.03
CA GLN H 218 -14.29 -19.68 -29.51
C GLN H 218 -13.48 -20.21 -30.67
N ASN H 219 -13.26 -21.51 -30.71
CA ASN H 219 -12.46 -22.11 -31.76
C ASN H 219 -13.02 -23.44 -32.18
N GLU H 220 -12.52 -23.99 -33.29
CA GLU H 220 -12.96 -25.28 -33.78
C GLU H 220 -11.92 -26.04 -34.58
N VAL H 221 -11.81 -27.32 -34.31
CA VAL H 221 -10.95 -28.24 -35.05
C VAL H 221 -11.87 -29.27 -35.67
N ALA H 222 -11.91 -29.28 -37.00
CA ALA H 222 -12.76 -30.21 -37.72
C ALA H 222 -12.01 -31.47 -38.06
N THR H 223 -12.57 -32.59 -37.67
CA THR H 223 -11.96 -33.88 -37.93
C THR H 223 -12.81 -34.75 -38.88
N ARG H 224 -12.16 -35.66 -39.59
CA ARG H 224 -12.85 -36.58 -40.50
C ARG H 224 -13.73 -37.53 -39.73
N PHE H 225 -14.87 -37.86 -40.36
CA PHE H 225 -15.85 -38.76 -39.79
C PHE H 225 -15.20 -40.12 -39.59
N ASN H 226 -15.94 -41.05 -39.04
CA ASN H 226 -15.49 -42.42 -38.80
C ASN H 226 -16.72 -43.22 -38.39
N THR H 227 -16.57 -44.52 -38.22
CA THR H 227 -17.71 -45.32 -37.82
C THR H 227 -18.13 -44.88 -36.44
N MET H 228 -19.42 -44.93 -36.16
CA MET H 228 -19.99 -44.44 -34.90
C MET H 228 -19.14 -44.64 -33.64
N THR H 229 -18.97 -45.89 -33.18
CA THR H 229 -18.21 -46.07 -31.93
C THR H 229 -16.78 -45.55 -31.98
N LYS H 230 -16.09 -45.72 -33.11
CA LYS H 230 -14.72 -45.22 -33.19
C LYS H 230 -14.72 -43.68 -33.14
N LYS H 231 -15.79 -43.06 -33.62
CA LYS H 231 -15.85 -41.61 -33.61
C LYS H 231 -16.07 -41.07 -32.21
N ALA H 232 -16.90 -41.73 -31.42
CA ALA H 232 -17.13 -41.31 -30.05
C ALA H 232 -15.81 -41.42 -29.30
N ASP H 233 -15.03 -42.45 -29.63
CA ASP H 233 -13.71 -42.62 -29.02
C ASP H 233 -12.92 -41.38 -29.42
N GLU H 234 -12.95 -41.04 -30.71
CA GLU H 234 -12.25 -39.86 -31.20
C GLU H 234 -12.68 -38.58 -30.52
N ILE H 235 -13.95 -38.46 -30.18
CA ILE H 235 -14.45 -37.27 -29.50
C ILE H 235 -13.76 -37.13 -28.15
N GLN H 236 -13.70 -38.24 -27.43
CA GLN H 236 -13.04 -38.28 -26.12
C GLN H 236 -11.58 -37.84 -26.21
N ILE H 237 -10.89 -38.33 -27.25
CA ILE H 237 -9.49 -38.01 -27.47
C ILE H 237 -9.39 -36.55 -27.87
N TYR H 238 -10.31 -36.16 -28.70
CA TYR H 238 -10.39 -34.79 -29.16
C TYR H 238 -10.46 -33.84 -27.97
N LYS H 239 -11.42 -34.10 -27.09
CA LYS H 239 -11.57 -33.26 -25.90
C LYS H 239 -10.31 -33.29 -25.06
N TYR H 240 -9.74 -34.48 -24.91
CA TYR H 240 -8.55 -34.63 -24.12
C TYR H 240 -7.43 -33.78 -24.68
N VAL H 241 -7.24 -33.83 -25.99
CA VAL H 241 -6.19 -33.05 -26.61
C VAL H 241 -6.46 -31.56 -26.42
N VAL H 242 -7.69 -31.15 -26.70
CA VAL H 242 -8.04 -29.75 -26.55
C VAL H 242 -7.79 -29.26 -25.12
N HIS H 243 -8.30 -30.00 -24.15
CA HIS H 243 -8.14 -29.63 -22.75
C HIS H 243 -6.69 -29.53 -22.33
N ASN H 244 -5.91 -30.52 -22.73
CA ASN H 244 -4.51 -30.54 -22.33
C ASN H 244 -3.57 -29.64 -23.10
N VAL H 245 -3.82 -29.42 -24.38
CA VAL H 245 -2.95 -28.52 -25.12
C VAL H 245 -3.22 -27.12 -24.57
N ALA H 246 -4.49 -26.83 -24.29
CA ALA H 246 -4.86 -25.53 -23.75
C ALA H 246 -4.11 -25.32 -22.43
N HIS H 247 -4.18 -26.32 -21.56
CA HIS H 247 -3.53 -26.27 -20.25
C HIS H 247 -2.05 -26.00 -20.44
N ARG H 248 -1.42 -26.70 -21.37
CA ARG H 248 0.00 -26.52 -21.60
C ARG H 248 0.33 -25.14 -22.14
N PHE H 249 -0.63 -24.49 -22.78
CA PHE H 249 -0.41 -23.15 -23.33
C PHE H 249 -0.81 -22.06 -22.37
N GLY H 250 -1.20 -22.44 -21.16
CA GLY H 250 -1.59 -21.43 -20.20
C GLY H 250 -3.04 -21.01 -20.36
N LYS H 251 -3.84 -21.84 -21.04
CA LYS H 251 -5.24 -21.51 -21.19
C LYS H 251 -6.09 -22.57 -20.49
N THR H 252 -7.39 -22.45 -20.65
CA THR H 252 -8.31 -23.41 -20.08
C THR H 252 -9.44 -23.51 -21.07
N ALA H 253 -9.73 -24.72 -21.52
CA ALA H 253 -10.79 -24.89 -22.50
C ALA H 253 -12.05 -25.47 -21.93
N THR H 254 -13.18 -25.08 -22.52
CA THR H 254 -14.45 -25.64 -22.08
C THR H 254 -15.35 -26.01 -23.27
N PHE H 255 -16.04 -27.13 -23.11
CA PHE H 255 -16.97 -27.56 -24.13
C PHE H 255 -18.40 -27.26 -23.70
N MET H 256 -18.57 -26.42 -22.68
CA MET H 256 -19.91 -26.02 -22.23
C MET H 256 -20.62 -25.44 -23.43
N PRO H 257 -21.91 -25.68 -23.55
CA PRO H 257 -22.59 -25.12 -24.72
C PRO H 257 -22.84 -23.61 -24.76
N LYS H 258 -23.11 -22.97 -23.63
CA LYS H 258 -23.34 -21.52 -23.65
C LYS H 258 -22.69 -20.86 -22.45
N PRO H 259 -21.39 -20.54 -22.55
CA PRO H 259 -20.76 -19.91 -21.38
C PRO H 259 -21.11 -18.42 -21.27
N MET H 260 -21.48 -17.82 -22.39
CA MET H 260 -21.80 -16.39 -22.36
C MET H 260 -23.13 -16.00 -22.99
N PHE H 261 -23.84 -15.16 -22.27
CA PHE H 261 -25.07 -14.65 -22.81
C PHE H 261 -24.70 -13.53 -23.78
N GLY H 262 -25.25 -13.51 -24.99
CA GLY H 262 -24.90 -12.40 -25.88
C GLY H 262 -23.97 -12.72 -27.01
N ASP H 263 -23.41 -13.92 -26.99
CA ASP H 263 -22.54 -14.32 -28.07
C ASP H 263 -22.78 -15.80 -28.28
N ASN H 264 -22.25 -16.29 -29.38
CA ASN H 264 -22.38 -17.68 -29.80
C ASN H 264 -22.18 -18.71 -28.72
N GLY H 265 -22.92 -19.80 -28.84
CA GLY H 265 -22.73 -20.91 -27.92
C GLY H 265 -21.87 -21.89 -28.72
N SER H 266 -21.60 -23.05 -28.17
CA SER H 266 -20.81 -24.03 -28.89
C SER H 266 -21.72 -25.20 -29.20
N GLY H 267 -21.75 -25.60 -30.46
CA GLY H 267 -22.60 -26.71 -30.85
C GLY H 267 -21.76 -27.87 -31.33
N MET H 268 -22.41 -29.00 -31.56
CA MET H 268 -21.70 -30.16 -32.07
C MET H 268 -22.59 -30.79 -33.12
N HIS H 269 -22.61 -30.19 -34.30
CA HIS H 269 -23.40 -30.71 -35.40
C HIS H 269 -22.97 -32.13 -35.69
N CYS H 270 -23.92 -32.97 -36.04
CA CYS H 270 -23.60 -34.34 -36.36
C CYS H 270 -24.03 -34.74 -37.77
N HIS H 271 -23.03 -35.00 -38.60
CA HIS H 271 -23.26 -35.45 -39.96
C HIS H 271 -23.37 -36.96 -39.87
N MET H 272 -24.39 -37.51 -40.51
CA MET H 272 -24.60 -38.96 -40.51
C MET H 272 -25.00 -39.50 -41.87
N SER H 273 -24.74 -40.79 -42.05
CA SER H 273 -25.08 -41.51 -43.28
C SER H 273 -24.89 -42.97 -42.99
N LEU H 274 -25.57 -43.83 -43.75
CA LEU H 274 -25.46 -45.28 -43.57
C LEU H 274 -24.82 -45.91 -44.79
N ALA H 275 -24.29 -47.11 -44.62
CA ALA H 275 -23.66 -47.78 -45.74
C ALA H 275 -23.73 -49.30 -45.66
N LYS H 276 -23.66 -49.92 -46.83
CA LYS H 276 -23.66 -51.36 -46.97
C LYS H 276 -22.76 -51.72 -48.14
N ASN H 277 -21.86 -52.66 -47.90
CA ASN H 277 -20.89 -53.13 -48.90
C ASN H 277 -20.34 -51.97 -49.71
N GLY H 278 -19.82 -50.98 -48.99
CA GLY H 278 -19.24 -49.82 -49.64
C GLY H 278 -20.11 -48.80 -50.37
N THR H 279 -21.41 -49.02 -50.45
CA THR H 279 -22.26 -48.03 -51.13
C THR H 279 -23.00 -47.17 -50.11
N ASN H 280 -23.18 -45.90 -50.44
CA ASN H 280 -23.86 -44.96 -49.57
C ASN H 280 -25.38 -45.05 -49.63
N LEU H 281 -25.96 -45.76 -48.67
CA LEU H 281 -27.41 -45.93 -48.61
C LEU H 281 -28.24 -44.66 -48.52
N PHE H 282 -27.59 -43.50 -48.46
CA PHE H 282 -28.29 -42.23 -48.36
C PHE H 282 -28.42 -41.45 -49.66
N SER H 283 -27.72 -41.86 -50.72
CA SER H 283 -27.83 -41.15 -51.99
C SER H 283 -29.01 -41.72 -52.77
N GLY H 284 -29.71 -40.84 -53.48
CA GLY H 284 -30.87 -41.28 -54.25
C GLY H 284 -31.37 -40.21 -55.21
N ASP H 285 -32.59 -40.40 -55.70
CA ASP H 285 -33.22 -39.48 -56.64
C ASP H 285 -34.18 -38.50 -55.99
N LYS H 286 -34.49 -38.74 -54.71
CA LYS H 286 -35.41 -37.89 -53.94
C LYS H 286 -34.74 -36.53 -53.64
N TYR H 287 -35.39 -35.72 -52.79
CA TYR H 287 -34.88 -34.39 -52.41
C TYR H 287 -33.37 -34.23 -52.17
N ALA H 288 -32.80 -33.22 -52.80
CA ALA H 288 -31.38 -32.91 -52.67
C ALA H 288 -30.38 -34.05 -52.84
N GLY H 289 -30.77 -35.11 -53.53
CA GLY H 289 -29.86 -36.23 -53.77
C GLY H 289 -29.98 -37.34 -52.75
N LEU H 290 -31.06 -37.32 -51.96
CA LEU H 290 -31.29 -38.31 -50.92
C LEU H 290 -32.03 -39.57 -51.32
N SER H 291 -31.79 -40.64 -50.56
CA SER H 291 -32.47 -41.92 -50.75
C SER H 291 -33.74 -41.83 -49.90
N GLU H 292 -34.71 -42.69 -50.12
CA GLU H 292 -35.91 -42.59 -49.30
C GLU H 292 -35.59 -43.10 -47.91
N GLN H 293 -34.48 -43.83 -47.80
CA GLN H 293 -34.02 -44.36 -46.52
C GLN H 293 -33.59 -43.21 -45.62
N ALA H 294 -32.86 -42.26 -46.22
CA ALA H 294 -32.39 -41.07 -45.54
C ALA H 294 -33.56 -40.30 -44.96
N LEU H 295 -34.61 -40.16 -45.76
CA LEU H 295 -35.80 -39.44 -45.35
C LEU H 295 -36.49 -40.11 -44.16
N TYR H 296 -36.54 -41.44 -44.16
CA TYR H 296 -37.18 -42.14 -43.04
C TYR H 296 -36.33 -41.92 -41.80
N TYR H 297 -35.02 -41.92 -42.01
CA TYR H 297 -34.07 -41.69 -40.92
C TYR H 297 -34.38 -40.33 -40.32
N ILE H 298 -34.45 -39.31 -41.18
CA ILE H 298 -34.75 -37.96 -40.75
C ILE H 298 -36.07 -37.94 -39.98
N GLY H 299 -37.05 -38.65 -40.50
CA GLY H 299 -38.35 -38.70 -39.85
C GLY H 299 -38.20 -39.26 -38.46
N GLY H 300 -37.35 -40.26 -38.32
CA GLY H 300 -37.13 -40.86 -37.01
C GLY H 300 -36.54 -39.86 -36.04
N VAL H 301 -35.49 -39.17 -36.50
CA VAL H 301 -34.81 -38.16 -35.69
C VAL H 301 -35.81 -37.11 -35.26
N ILE H 302 -36.66 -36.68 -36.18
CA ILE H 302 -37.65 -35.67 -35.85
C ILE H 302 -38.69 -36.19 -34.87
N LYS H 303 -39.11 -37.44 -35.06
CA LYS H 303 -40.14 -38.00 -34.18
C LYS H 303 -39.63 -38.08 -32.76
N HIS H 304 -38.39 -38.52 -32.59
CA HIS H 304 -37.78 -38.67 -31.26
C HIS H 304 -36.81 -37.56 -30.81
N ALA H 305 -36.89 -36.41 -31.45
CA ALA H 305 -36.01 -35.30 -31.12
C ALA H 305 -35.93 -34.97 -29.64
N LYS H 306 -37.08 -34.71 -29.01
CA LYS H 306 -37.07 -34.37 -27.60
C LYS H 306 -36.37 -35.42 -26.73
N ALA H 307 -36.47 -36.69 -27.07
CA ALA H 307 -35.81 -37.70 -26.28
C ALA H 307 -34.32 -37.69 -26.58
N ILE H 308 -33.96 -37.47 -27.83
CA ILE H 308 -32.56 -37.41 -28.20
C ILE H 308 -31.89 -36.26 -27.46
N ASN H 309 -32.63 -35.18 -27.29
CA ASN H 309 -32.14 -34.00 -26.59
C ASN H 309 -31.55 -34.35 -25.24
N ALA H 310 -32.19 -35.26 -24.54
CA ALA H 310 -31.73 -35.68 -23.22
C ALA H 310 -30.32 -36.24 -23.25
N LEU H 311 -29.84 -36.58 -24.44
CA LEU H 311 -28.50 -37.13 -24.58
C LEU H 311 -27.59 -36.23 -25.38
N ALA H 312 -28.17 -35.48 -26.30
CA ALA H 312 -27.41 -34.60 -27.16
C ALA H 312 -27.28 -33.18 -26.61
N ASN H 313 -28.08 -32.88 -25.59
CA ASN H 313 -28.10 -31.57 -24.94
C ASN H 313 -28.46 -31.95 -23.51
N PRO H 314 -27.54 -32.63 -22.82
CA PRO H 314 -27.71 -33.10 -21.45
C PRO H 314 -27.49 -32.18 -20.30
N THR H 315 -27.42 -30.88 -20.56
CA THR H 315 -27.16 -29.93 -19.48
C THR H 315 -28.20 -28.82 -19.52
N THR H 316 -28.48 -28.20 -18.38
CA THR H 316 -29.43 -27.10 -18.37
C THR H 316 -28.85 -25.99 -19.26
N ASN H 317 -27.53 -25.87 -19.24
CA ASN H 317 -26.83 -24.86 -20.02
C ASN H 317 -27.11 -25.04 -21.50
N SER H 318 -27.28 -26.29 -21.92
CA SER H 318 -27.53 -26.62 -23.33
C SER H 318 -28.70 -25.80 -23.89
N TYR H 319 -29.69 -25.57 -23.02
CA TYR H 319 -30.91 -24.88 -23.42
C TYR H 319 -30.71 -23.37 -23.41
N LYS H 320 -29.54 -22.91 -23.10
CA LYS H 320 -29.35 -21.48 -23.17
C LYS H 320 -28.80 -21.13 -24.54
N ARG H 321 -28.46 -22.18 -25.29
CA ARG H 321 -27.99 -22.09 -26.67
C ARG H 321 -29.18 -22.30 -27.62
N LEU H 322 -30.05 -23.22 -27.23
CA LEU H 322 -31.25 -23.54 -27.97
C LEU H 322 -32.39 -22.67 -27.47
N VAL H 323 -32.38 -21.42 -27.93
CA VAL H 323 -33.42 -20.49 -27.55
C VAL H 323 -33.87 -19.78 -28.81
N PRO H 324 -35.16 -19.38 -28.78
CA PRO H 324 -35.66 -18.65 -29.93
C PRO H 324 -34.74 -17.55 -30.37
N GLY H 325 -33.77 -17.93 -31.23
CA GLY H 325 -32.84 -17.00 -31.81
C GLY H 325 -32.93 -17.16 -33.30
N TYR H 326 -32.16 -16.40 -34.06
CA TYR H 326 -32.29 -16.56 -35.53
C TYR H 326 -31.69 -17.84 -36.06
N GLU H 327 -30.41 -18.03 -35.74
CA GLU H 327 -29.67 -19.19 -36.18
C GLU H 327 -29.83 -20.41 -35.27
N ALA H 328 -30.67 -20.27 -34.25
CA ALA H 328 -30.92 -21.36 -33.31
C ALA H 328 -31.47 -22.57 -34.06
N PRO H 329 -30.72 -23.67 -34.06
CA PRO H 329 -31.06 -24.94 -34.71
C PRO H 329 -32.18 -25.62 -33.97
N VAL H 330 -33.27 -24.91 -33.73
CA VAL H 330 -34.37 -25.48 -32.98
C VAL H 330 -35.63 -25.97 -33.71
N MET H 331 -35.77 -25.62 -34.98
CA MET H 331 -36.95 -26.05 -35.75
C MET H 331 -36.74 -27.46 -36.26
N LEU H 332 -37.60 -28.37 -35.84
CA LEU H 332 -37.54 -29.77 -36.26
C LEU H 332 -37.95 -29.96 -37.72
N ALA H 333 -37.03 -29.66 -38.62
CA ALA H 333 -37.29 -29.77 -40.04
C ALA H 333 -35.98 -29.93 -40.81
N TYR H 334 -36.10 -30.23 -42.10
CA TYR H 334 -34.91 -30.37 -42.92
C TYR H 334 -34.96 -29.41 -44.09
N SER H 335 -33.78 -29.12 -44.62
CA SER H 335 -33.62 -28.20 -45.74
C SER H 335 -32.16 -28.21 -46.12
N ALA H 336 -31.87 -27.77 -47.34
CA ALA H 336 -30.51 -27.72 -47.83
C ALA H 336 -29.99 -26.31 -47.74
N ARG H 337 -30.87 -25.40 -47.33
CA ARG H 337 -30.50 -24.00 -47.22
C ARG H 337 -30.90 -23.37 -45.89
N ASN H 338 -32.20 -23.33 -45.62
CA ASN H 338 -32.73 -22.73 -44.40
C ASN H 338 -31.96 -23.13 -43.14
N ARG H 339 -31.07 -22.26 -42.68
CA ARG H 339 -30.30 -22.57 -41.48
C ARG H 339 -31.06 -22.18 -40.21
N SER H 340 -32.34 -22.52 -40.22
CA SER H 340 -33.27 -22.33 -39.10
C SER H 340 -33.60 -23.76 -38.73
N ALA H 341 -33.49 -24.61 -39.74
CA ALA H 341 -33.74 -26.03 -39.67
C ALA H 341 -32.64 -26.74 -38.92
N SER H 342 -33.03 -27.55 -37.93
CA SER H 342 -32.08 -28.30 -37.14
C SER H 342 -31.47 -29.46 -37.93
N ILE H 343 -31.99 -29.69 -39.13
CA ILE H 343 -31.44 -30.73 -39.99
C ILE H 343 -31.10 -30.14 -41.35
N ARG H 344 -29.79 -29.95 -41.60
CA ARG H 344 -29.35 -29.42 -42.89
C ARG H 344 -28.97 -30.56 -43.80
N ILE H 345 -29.19 -30.34 -45.08
CA ILE H 345 -28.79 -31.33 -46.07
C ILE H 345 -27.69 -30.67 -46.86
N PRO H 346 -26.46 -31.13 -46.65
CA PRO H 346 -25.27 -30.61 -47.33
C PRO H 346 -25.48 -30.82 -48.80
N VAL H 347 -25.18 -29.82 -49.61
CA VAL H 347 -25.31 -29.98 -51.04
C VAL H 347 -23.90 -30.30 -51.49
N VAL H 348 -23.72 -31.52 -51.97
CA VAL H 348 -22.42 -31.99 -52.43
C VAL H 348 -22.59 -32.72 -53.77
N ALA H 349 -21.52 -32.74 -54.57
CA ALA H 349 -21.56 -33.38 -55.88
C ALA H 349 -21.56 -34.90 -55.85
N SER H 350 -20.47 -35.48 -55.37
CA SER H 350 -20.35 -36.94 -55.30
C SER H 350 -21.46 -37.56 -54.47
N PRO H 351 -22.24 -38.47 -55.05
CA PRO H 351 -23.31 -39.11 -54.29
C PRO H 351 -22.71 -39.97 -53.17
N LYS H 352 -21.42 -40.22 -53.26
CA LYS H 352 -20.72 -41.02 -52.25
C LYS H 352 -20.65 -40.27 -50.92
N ALA H 353 -20.81 -38.96 -50.98
CA ALA H 353 -20.75 -38.09 -49.81
C ALA H 353 -22.10 -37.52 -49.35
N ARG H 354 -23.20 -38.07 -49.85
CA ARG H 354 -24.54 -37.61 -49.47
C ARG H 354 -24.79 -38.01 -48.01
N ARG H 355 -25.34 -37.09 -47.22
CA ARG H 355 -25.59 -37.34 -45.79
C ARG H 355 -26.49 -36.27 -45.18
N ILE H 356 -26.84 -36.41 -43.90
CA ILE H 356 -27.65 -35.39 -43.22
C ILE H 356 -26.87 -34.78 -42.08
N GLU H 357 -27.18 -33.53 -41.72
CA GLU H 357 -26.51 -32.87 -40.61
C GLU H 357 -27.50 -32.46 -39.54
N VAL H 358 -27.50 -33.18 -38.43
CA VAL H 358 -28.38 -32.83 -37.32
C VAL H 358 -27.63 -31.78 -36.49
N ARG H 359 -28.14 -30.58 -36.47
CA ARG H 359 -27.48 -29.45 -35.87
C ARG H 359 -27.67 -29.17 -34.36
N PHE H 360 -28.65 -29.76 -33.68
CA PHE H 360 -28.88 -29.32 -32.29
C PHE H 360 -27.97 -29.88 -31.18
N PRO H 361 -27.35 -31.00 -31.40
CA PRO H 361 -26.38 -31.51 -30.39
C PRO H 361 -25.35 -30.51 -29.89
N ASP H 362 -24.85 -30.63 -28.67
CA ASP H 362 -23.78 -29.75 -28.22
C ASP H 362 -22.65 -30.63 -27.69
N PRO H 363 -21.45 -30.07 -27.53
CA PRO H 363 -20.31 -30.86 -27.05
C PRO H 363 -20.40 -31.45 -25.67
N ALA H 364 -21.40 -31.08 -24.89
CA ALA H 364 -21.52 -31.63 -23.55
C ALA H 364 -22.07 -33.05 -23.61
N ALA H 365 -22.62 -33.39 -24.75
CA ALA H 365 -23.21 -34.69 -24.92
C ALA H 365 -22.24 -35.84 -24.81
N ASN H 366 -22.69 -36.92 -24.18
CA ASN H 366 -21.93 -38.15 -24.09
C ASN H 366 -21.80 -38.67 -25.54
N PRO H 367 -20.55 -38.87 -26.05
CA PRO H 367 -20.45 -39.31 -27.46
C PRO H 367 -21.35 -40.48 -27.80
N TYR H 368 -21.00 -41.48 -27.04
CA TYR H 368 -21.64 -42.76 -27.14
C TYR H 368 -23.14 -42.71 -27.11
N LEU H 369 -23.68 -42.22 -26.00
CA LEU H 369 -25.11 -42.20 -25.88
C LEU H 369 -25.80 -41.27 -26.87
N CYS H 370 -25.14 -40.17 -27.21
CA CYS H 370 -25.74 -39.22 -28.13
C CYS H 370 -25.81 -39.83 -29.52
N PHE H 371 -24.68 -40.36 -29.98
CA PHE H 371 -24.64 -40.98 -31.29
C PHE H 371 -25.63 -42.15 -31.36
N ALA H 372 -25.61 -43.01 -30.36
CA ALA H 372 -26.51 -44.16 -30.31
C ALA H 372 -27.97 -43.74 -30.43
N ALA H 373 -28.39 -42.78 -29.63
CA ALA H 373 -29.77 -42.31 -29.66
C ALA H 373 -30.13 -41.75 -31.03
N LEU H 374 -29.17 -41.12 -31.69
CA LEU H 374 -29.42 -40.57 -33.01
C LEU H 374 -29.69 -41.72 -33.98
N LEU H 375 -28.90 -42.77 -33.88
CA LEU H 375 -29.02 -43.95 -34.75
C LEU H 375 -30.36 -44.63 -34.55
N MET H 376 -30.62 -45.07 -33.32
CA MET H 376 -31.85 -45.75 -32.97
C MET H 376 -33.08 -44.99 -33.43
N ALA H 377 -33.05 -43.67 -33.33
CA ALA H 377 -34.19 -42.86 -33.78
C ALA H 377 -34.29 -42.97 -35.29
N GLY H 378 -33.13 -42.97 -35.95
CA GLY H 378 -33.10 -43.07 -37.40
C GLY H 378 -33.64 -44.39 -37.89
N LEU H 379 -33.19 -45.48 -37.25
CA LEU H 379 -33.62 -46.83 -37.59
C LEU H 379 -35.11 -47.00 -37.39
N ASP H 380 -35.61 -46.49 -36.27
CA ASP H 380 -37.03 -46.59 -35.99
C ASP H 380 -37.79 -45.78 -37.04
N GLY H 381 -37.12 -44.81 -37.66
CA GLY H 381 -37.75 -43.99 -38.66
C GLY H 381 -37.88 -44.80 -39.94
N ILE H 382 -36.90 -45.66 -40.14
CA ILE H 382 -36.85 -46.55 -41.31
C ILE H 382 -37.81 -47.71 -41.13
N LYS H 383 -37.57 -48.53 -40.11
CA LYS H 383 -38.41 -49.69 -39.83
C LYS H 383 -39.88 -49.32 -39.97
N ASN H 384 -40.24 -48.13 -39.50
CA ASN H 384 -41.64 -47.69 -39.56
C ASN H 384 -41.95 -46.67 -40.65
N LYS H 385 -41.08 -46.61 -41.65
CA LYS H 385 -41.25 -45.71 -42.80
C LYS H 385 -41.89 -44.37 -42.45
N ILE H 386 -41.32 -43.71 -41.44
CA ILE H 386 -41.81 -42.44 -40.96
C ILE H 386 -41.46 -41.33 -41.93
N HIS H 387 -42.45 -40.85 -42.66
CA HIS H 387 -42.16 -39.78 -43.59
C HIS H 387 -42.07 -38.45 -42.88
N PRO H 388 -40.96 -37.82 -43.26
CA PRO H 388 -40.51 -36.42 -42.94
C PRO H 388 -41.45 -35.26 -43.17
N GLY H 389 -42.27 -35.42 -44.18
CA GLY H 389 -43.16 -34.38 -44.60
C GLY H 389 -42.30 -33.60 -45.59
N GLU H 390 -42.70 -32.38 -45.90
CA GLU H 390 -41.96 -31.55 -46.84
C GLU H 390 -40.91 -30.65 -46.14
N PRO H 391 -39.82 -30.33 -46.87
CA PRO H 391 -38.72 -29.51 -46.36
C PRO H 391 -39.13 -28.07 -46.12
N MET H 392 -38.61 -27.47 -45.03
CA MET H 392 -38.89 -26.07 -44.72
C MET H 392 -37.82 -25.22 -45.40
N ASP H 393 -38.24 -24.35 -46.31
CA ASP H 393 -37.30 -23.49 -47.01
C ASP H 393 -37.67 -22.02 -46.80
N LYS H 394 -38.67 -21.78 -45.95
CA LYS H 394 -39.16 -20.42 -45.64
C LYS H 394 -38.23 -19.63 -44.72
N ASN H 395 -38.50 -19.65 -43.41
CA ASN H 395 -37.69 -18.94 -42.43
C ASN H 395 -37.79 -19.57 -41.02
N LEU H 396 -37.08 -18.95 -40.05
CA LEU H 396 -36.84 -19.52 -38.73
C LEU H 396 -38.02 -19.30 -37.75
N TYR H 397 -37.63 -18.89 -36.58
CA TYR H 397 -38.64 -18.68 -35.55
C TYR H 397 -39.19 -17.29 -35.52
N ASP H 398 -38.59 -16.36 -36.14
CA ASP H 398 -39.22 -15.05 -35.93
C ASP H 398 -39.78 -14.72 -37.30
N LEU H 399 -41.01 -14.29 -37.38
CA LEU H 399 -41.39 -14.06 -38.72
C LEU H 399 -40.67 -15.03 -39.58
N PRO H 400 -41.17 -16.22 -39.72
CA PRO H 400 -42.52 -16.67 -39.63
C PRO H 400 -43.46 -15.92 -38.65
N PRO H 401 -43.70 -16.37 -37.37
CA PRO H 401 -44.68 -15.98 -36.38
C PRO H 401 -46.09 -15.72 -36.96
N GLU H 402 -46.40 -16.26 -38.12
CA GLU H 402 -47.66 -16.14 -38.89
C GLU H 402 -48.77 -16.98 -38.24
N GLU H 403 -48.60 -18.30 -38.34
CA GLU H 403 -49.52 -19.28 -37.76
C GLU H 403 -49.04 -19.60 -36.33
N ALA H 404 -48.40 -18.59 -35.70
CA ALA H 404 -47.79 -18.67 -34.35
C ALA H 404 -46.59 -19.63 -34.51
N LYS H 405 -46.39 -20.06 -35.76
CA LYS H 405 -45.36 -20.98 -36.22
C LYS H 405 -45.03 -22.17 -35.32
N GLU H 406 -46.08 -22.77 -34.75
CA GLU H 406 -45.88 -23.91 -33.89
C GLU H 406 -45.73 -25.20 -34.69
N ILE H 407 -44.55 -25.34 -35.29
CA ILE H 407 -44.17 -26.54 -36.02
C ILE H 407 -43.31 -27.33 -35.02
N PRO H 408 -42.81 -28.49 -35.38
CA PRO H 408 -41.95 -29.21 -34.43
C PRO H 408 -40.84 -28.49 -33.70
N GLN H 409 -40.67 -28.64 -32.43
CA GLN H 409 -39.39 -28.08 -31.97
C GLN H 409 -38.68 -28.94 -30.94
N VAL H 410 -37.36 -28.73 -30.81
CA VAL H 410 -36.56 -29.46 -29.83
C VAL H 410 -37.02 -29.06 -28.43
N ALA H 411 -36.65 -29.86 -27.43
CA ALA H 411 -37.04 -29.60 -26.06
C ALA H 411 -36.59 -28.20 -25.65
N GLY H 412 -37.35 -27.55 -24.79
CA GLY H 412 -36.99 -26.20 -24.38
C GLY H 412 -36.31 -26.10 -23.03
N SER H 413 -36.12 -27.24 -22.38
CA SER H 413 -35.49 -27.31 -21.08
C SER H 413 -35.01 -28.72 -20.87
N LEU H 414 -34.06 -28.90 -19.97
CA LEU H 414 -33.54 -30.24 -19.72
C LEU H 414 -34.60 -31.18 -19.18
N GLU H 415 -35.41 -30.70 -18.24
CA GLU H 415 -36.46 -31.51 -17.62
C GLU H 415 -37.40 -32.06 -18.66
N GLU H 416 -37.79 -31.19 -19.58
CA GLU H 416 -38.68 -31.55 -20.66
C GLU H 416 -38.06 -32.66 -21.48
N ALA H 417 -36.77 -32.52 -21.75
CA ALA H 417 -36.05 -33.52 -22.53
C ALA H 417 -35.95 -34.83 -21.78
N LEU H 418 -35.71 -34.74 -20.48
CA LEU H 418 -35.59 -35.93 -19.67
C LEU H 418 -36.94 -36.63 -19.65
N ASN H 419 -38.01 -35.86 -19.51
CA ASN H 419 -39.33 -36.44 -19.49
C ASN H 419 -39.66 -37.13 -20.81
N ALA H 420 -39.26 -36.52 -21.92
CA ALA H 420 -39.49 -37.11 -23.23
C ALA H 420 -38.76 -38.43 -23.31
N LEU H 421 -37.52 -38.44 -22.86
CA LEU H 421 -36.72 -39.66 -22.86
C LEU H 421 -37.43 -40.71 -22.05
N ASP H 422 -38.04 -40.31 -20.94
CA ASP H 422 -38.75 -41.24 -20.07
C ASP H 422 -39.85 -41.95 -20.84
N LEU H 423 -40.77 -41.16 -21.36
CA LEU H 423 -41.92 -41.64 -22.10
C LEU H 423 -41.61 -42.31 -23.43
N ASP H 424 -40.78 -41.64 -24.22
CA ASP H 424 -40.43 -42.12 -25.55
C ASP H 424 -39.20 -43.02 -25.61
N ARG H 425 -39.09 -43.94 -24.65
CA ARG H 425 -37.93 -44.84 -24.60
C ARG H 425 -37.94 -46.10 -25.45
N GLU H 426 -39.08 -46.48 -25.98
CA GLU H 426 -39.13 -47.73 -26.75
C GLU H 426 -38.10 -47.84 -27.86
N PHE H 427 -38.01 -46.82 -28.71
CA PHE H 427 -37.06 -46.86 -29.83
C PHE H 427 -35.61 -47.10 -29.41
N LEU H 428 -35.31 -46.81 -28.14
CA LEU H 428 -33.96 -47.00 -27.61
C LEU H 428 -33.75 -48.41 -27.06
N LYS H 429 -34.84 -48.98 -26.52
CA LYS H 429 -34.79 -50.34 -25.95
C LYS H 429 -34.75 -51.41 -27.04
N ALA H 430 -35.10 -51.01 -28.26
CA ALA H 430 -35.08 -51.91 -29.42
C ALA H 430 -33.74 -52.61 -29.49
N GLY H 431 -33.78 -53.90 -29.81
CA GLY H 431 -32.56 -54.66 -29.91
C GLY H 431 -31.85 -54.84 -28.59
N GLY H 432 -32.48 -54.43 -27.48
CA GLY H 432 -31.88 -54.56 -26.16
C GLY H 432 -30.64 -53.69 -25.95
N VAL H 433 -30.53 -52.64 -26.77
CA VAL H 433 -29.41 -51.68 -26.73
C VAL H 433 -29.44 -50.90 -25.41
N PHE H 434 -30.55 -50.23 -25.14
CA PHE H 434 -30.74 -49.47 -23.89
C PHE H 434 -31.70 -50.24 -22.99
N THR H 435 -31.34 -50.42 -21.72
CA THR H 435 -32.23 -51.07 -20.79
C THR H 435 -32.97 -49.98 -20.02
N ASP H 436 -34.10 -50.32 -19.42
CA ASP H 436 -34.87 -49.35 -18.64
C ASP H 436 -34.01 -48.83 -17.50
N GLU H 437 -33.30 -49.75 -16.84
CA GLU H 437 -32.45 -49.39 -15.73
C GLU H 437 -31.42 -48.35 -16.10
N ALA H 438 -30.78 -48.54 -17.25
CA ALA H 438 -29.78 -47.61 -17.73
C ALA H 438 -30.43 -46.23 -17.91
N ILE H 439 -31.52 -46.22 -18.66
CA ILE H 439 -32.24 -45.00 -18.93
C ILE H 439 -32.69 -44.28 -17.66
N ASP H 440 -33.26 -45.04 -16.73
CA ASP H 440 -33.73 -44.45 -15.49
C ASP H 440 -32.61 -43.87 -14.64
N ALA H 441 -31.45 -44.52 -14.70
CA ALA H 441 -30.27 -44.11 -13.95
C ALA H 441 -29.72 -42.82 -14.52
N TYR H 442 -29.68 -42.76 -15.84
CA TYR H 442 -29.19 -41.58 -16.55
C TYR H 442 -30.08 -40.40 -16.18
N ILE H 443 -31.38 -40.62 -16.27
CA ILE H 443 -32.34 -39.57 -15.96
C ILE H 443 -32.17 -39.08 -14.53
N ALA H 444 -31.90 -40.01 -13.62
CA ALA H 444 -31.75 -39.63 -12.23
C ALA H 444 -30.50 -38.77 -12.01
N LEU H 445 -29.43 -39.09 -12.74
CA LEU H 445 -28.20 -38.34 -12.62
C LEU H 445 -28.41 -36.91 -13.06
N ARG H 446 -29.10 -36.76 -14.19
CA ARG H 446 -29.35 -35.44 -14.72
C ARG H 446 -30.38 -34.64 -13.94
N ARG H 447 -31.31 -35.31 -13.29
CA ARG H 447 -32.34 -34.57 -12.55
C ARG H 447 -31.77 -33.88 -11.33
N GLU H 448 -30.71 -34.49 -10.82
CA GLU H 448 -29.99 -34.01 -9.66
C GLU H 448 -29.28 -32.73 -10.10
N GLU H 449 -28.75 -32.75 -11.32
CA GLU H 449 -28.07 -31.57 -11.88
C GLU H 449 -29.12 -30.50 -12.15
N ASP H 450 -30.22 -30.90 -12.79
CA ASP H 450 -31.27 -29.95 -13.10
C ASP H 450 -31.76 -29.25 -11.83
N ASP H 451 -31.77 -29.98 -10.73
CA ASP H 451 -32.24 -29.44 -9.45
C ASP H 451 -31.38 -28.33 -8.89
N ARG H 452 -30.08 -28.48 -9.02
CA ARG H 452 -29.14 -27.49 -8.51
C ARG H 452 -29.46 -26.16 -9.18
N VAL H 453 -29.63 -26.20 -10.48
CA VAL H 453 -29.90 -24.98 -11.20
C VAL H 453 -31.29 -24.44 -10.90
N ARG H 454 -32.28 -25.32 -10.76
CA ARG H 454 -33.64 -24.84 -10.50
C ARG H 454 -33.79 -24.27 -9.11
N MET H 455 -33.05 -24.82 -8.16
CA MET H 455 -33.16 -24.39 -6.78
C MET H 455 -32.27 -23.25 -6.32
N THR H 456 -31.18 -22.96 -7.04
CA THR H 456 -30.27 -21.91 -6.63
C THR H 456 -30.61 -20.56 -7.22
N PRO H 457 -30.81 -19.53 -6.37
CA PRO H 457 -31.15 -18.21 -6.89
C PRO H 457 -30.17 -17.78 -7.97
N HIS H 458 -30.70 -17.17 -9.01
CA HIS H 458 -29.90 -16.71 -10.13
C HIS H 458 -29.61 -15.22 -10.00
N PRO H 459 -28.37 -14.80 -10.27
CA PRO H 459 -28.00 -13.39 -10.18
C PRO H 459 -29.01 -12.46 -10.82
N VAL H 460 -29.52 -12.86 -11.98
CA VAL H 460 -30.48 -12.04 -12.73
C VAL H 460 -31.80 -11.87 -11.96
N GLU H 461 -32.10 -12.81 -11.09
CA GLU H 461 -33.32 -12.72 -10.32
C GLU H 461 -33.28 -11.54 -9.38
N PHE H 462 -32.06 -11.15 -8.98
CA PHE H 462 -31.88 -9.99 -8.09
C PHE H 462 -32.12 -8.70 -8.87
N GLU H 463 -31.58 -8.66 -10.07
CA GLU H 463 -31.75 -7.53 -10.93
C GLU H 463 -33.23 -7.32 -11.17
N LEU H 464 -33.92 -8.40 -11.49
CA LEU H 464 -35.34 -8.41 -11.80
C LEU H 464 -36.26 -8.27 -10.60
N TYR H 465 -35.95 -8.90 -9.45
CA TYR H 465 -36.90 -8.86 -8.35
C TYR H 465 -36.39 -8.36 -6.99
N TYR H 466 -35.16 -7.89 -6.81
CA TYR H 466 -34.76 -7.48 -5.46
C TYR H 466 -35.66 -6.35 -4.89
N SER H 467 -36.05 -5.41 -5.75
CA SER H 467 -36.87 -4.27 -5.35
C SER H 467 -38.36 -4.49 -5.44
N VAL H 468 -38.75 -5.74 -5.53
CA VAL H 468 -40.13 -6.12 -5.65
C VAL H 468 -40.96 -5.68 -4.44
N SER I 1 23.01 -60.81 3.20
CA SER I 1 24.42 -60.79 2.85
C SER I 1 25.04 -59.45 3.17
N ALA I 2 26.07 -59.56 3.98
CA ALA I 2 26.86 -58.44 4.39
C ALA I 2 27.90 -58.14 3.29
N GLU I 3 28.13 -59.10 2.42
CA GLU I 3 29.10 -58.94 1.32
C GLU I 3 28.48 -58.20 0.15
N HIS I 4 27.19 -58.46 -0.05
CA HIS I 4 26.42 -57.82 -1.10
C HIS I 4 26.40 -56.33 -0.79
N VAL I 5 26.31 -56.02 0.50
CA VAL I 5 26.29 -54.65 0.95
C VAL I 5 27.62 -53.98 0.65
N LEU I 6 28.72 -54.65 1.01
CA LEU I 6 30.03 -54.08 0.76
C LEU I 6 30.33 -53.85 -0.72
N THR I 7 29.62 -54.57 -1.59
CA THR I 7 29.83 -54.37 -3.03
C THR I 7 28.95 -53.25 -3.53
N MET I 8 27.77 -53.09 -2.91
CA MET I 8 26.85 -52.00 -3.27
C MET I 8 27.50 -50.67 -2.92
N LEU I 9 28.33 -50.70 -1.87
CA LEU I 9 29.06 -49.50 -1.45
C LEU I 9 30.03 -49.03 -2.51
N ASN I 10 30.68 -49.97 -3.19
CA ASN I 10 31.63 -49.64 -4.24
C ASN I 10 30.99 -49.36 -5.58
N GLU I 11 29.96 -50.13 -5.87
CA GLU I 11 29.21 -50.05 -7.12
C GLU I 11 28.53 -48.70 -7.29
N HIS I 12 28.02 -48.15 -6.19
CA HIS I 12 27.33 -46.87 -6.21
C HIS I 12 28.18 -45.74 -5.61
N GLU I 13 29.44 -46.02 -5.30
CA GLU I 13 30.37 -45.03 -4.71
C GLU I 13 29.68 -44.31 -3.57
N VAL I 14 29.14 -45.08 -2.65
CA VAL I 14 28.43 -44.59 -1.50
C VAL I 14 29.32 -43.83 -0.54
N LYS I 15 28.84 -42.66 -0.11
CA LYS I 15 29.56 -41.83 0.84
C LYS I 15 28.97 -41.97 2.24
N PHE I 16 27.68 -42.31 2.31
CA PHE I 16 27.02 -42.47 3.61
C PHE I 16 26.06 -43.63 3.69
N VAL I 17 25.81 -44.04 4.92
CA VAL I 17 24.89 -45.12 5.19
C VAL I 17 23.88 -44.55 6.15
N ASP I 18 22.62 -44.60 5.75
CA ASP I 18 21.53 -44.07 6.55
C ASP I 18 20.83 -45.22 7.24
N LEU I 19 21.03 -45.29 8.55
CA LEU I 19 20.45 -46.32 9.39
C LEU I 19 19.03 -45.96 9.76
N ARG I 20 18.08 -46.81 9.39
CA ARG I 20 16.69 -46.53 9.72
C ARG I 20 15.94 -47.50 10.60
N PHE I 21 15.00 -46.94 11.35
CA PHE I 21 14.18 -47.71 12.21
C PHE I 21 12.86 -46.98 12.51
N THR I 22 11.92 -47.67 13.15
CA THR I 22 10.61 -47.10 13.44
C THR I 22 10.34 -47.01 14.92
N ASP I 23 9.65 -45.96 15.36
CA ASP I 23 9.35 -45.82 16.76
C ASP I 23 7.99 -46.43 17.04
N THR I 24 7.57 -46.38 18.28
CA THR I 24 6.30 -46.95 18.66
C THR I 24 5.12 -46.37 17.88
N LYS I 25 5.13 -45.06 17.64
CA LYS I 25 4.02 -44.44 16.92
C LYS I 25 3.95 -44.84 15.46
N GLY I 26 5.09 -45.31 14.94
CA GLY I 26 5.11 -45.78 13.56
C GLY I 26 5.93 -44.94 12.61
N LYS I 27 6.60 -43.94 13.18
CA LYS I 27 7.38 -43.02 12.41
C LYS I 27 8.80 -43.47 12.18
N GLU I 28 9.20 -43.52 10.91
CA GLU I 28 10.55 -43.93 10.55
C GLU I 28 11.54 -42.90 11.08
N GLN I 29 12.65 -43.39 11.64
CA GLN I 29 13.69 -42.55 12.23
C GLN I 29 15.00 -42.91 11.55
N HIS I 30 16.01 -42.05 11.69
CA HIS I 30 17.28 -42.34 11.06
C HIS I 30 18.46 -41.61 11.67
N VAL I 31 19.62 -42.15 11.38
CA VAL I 31 20.90 -41.60 11.82
C VAL I 31 21.86 -42.02 10.70
N THR I 32 22.85 -41.19 10.43
CA THR I 32 23.76 -41.45 9.32
C THR I 32 25.20 -41.59 9.75
N ILE I 33 25.93 -42.50 9.08
CA ILE I 33 27.35 -42.70 9.34
C ILE I 33 28.04 -42.76 7.99
N PRO I 34 29.29 -42.30 7.94
CA PRO I 34 30.07 -42.31 6.69
C PRO I 34 30.22 -43.75 6.27
N ALA I 35 30.29 -44.00 4.97
CA ALA I 35 30.44 -45.38 4.49
C ALA I 35 31.66 -46.06 5.11
N HIS I 36 32.72 -45.30 5.31
CA HIS I 36 33.96 -45.84 5.88
C HIS I 36 33.84 -46.38 7.31
N GLN I 37 32.67 -46.21 7.91
CA GLN I 37 32.42 -46.69 9.28
C GLN I 37 31.80 -48.08 9.24
N VAL I 38 31.53 -48.56 8.02
CA VAL I 38 30.94 -49.88 7.80
C VAL I 38 32.04 -50.92 7.64
N ASN I 39 32.12 -51.80 8.63
CA ASN I 39 33.12 -52.85 8.68
C ASN I 39 32.47 -54.16 9.07
N ALA I 40 33.29 -55.17 9.30
CA ALA I 40 32.79 -56.48 9.69
C ALA I 40 32.05 -56.41 11.03
N GLU I 41 32.63 -55.71 11.98
CA GLU I 41 32.03 -55.52 13.31
C GLU I 41 30.61 -55.04 13.23
N PHE I 42 30.43 -53.94 12.50
CA PHE I 42 29.16 -53.31 12.23
C PHE I 42 27.98 -54.30 12.09
N PHE I 43 28.16 -55.31 11.25
CA PHE I 43 27.11 -56.30 11.05
C PHE I 43 26.86 -57.30 12.16
N GLU I 44 27.91 -57.66 12.89
CA GLU I 44 27.75 -58.63 13.95
C GLU I 44 27.36 -58.03 15.27
N GLU I 45 27.85 -56.82 15.55
CA GLU I 45 27.51 -56.17 16.80
C GLU I 45 26.75 -54.85 16.73
N GLY I 46 26.47 -54.40 15.52
CA GLY I 46 25.74 -53.15 15.33
C GLY I 46 26.41 -51.90 15.89
N LYS I 47 25.64 -50.85 16.10
CA LYS I 47 26.14 -49.58 16.64
C LYS I 47 25.28 -49.21 17.86
N MET I 48 25.89 -48.52 18.81
CA MET I 48 25.22 -48.08 20.03
C MET I 48 24.54 -46.75 19.91
N PHE I 49 23.40 -46.61 20.58
CA PHE I 49 22.69 -45.35 20.60
C PHE I 49 21.84 -45.21 21.86
N ASP I 50 21.47 -43.98 22.15
CA ASP I 50 20.68 -43.63 23.31
C ASP I 50 19.21 -44.00 23.18
N GLY I 51 18.76 -44.93 24.02
CA GLY I 51 17.39 -45.35 23.99
C GLY I 51 16.44 -44.29 24.51
N SER I 52 16.77 -43.69 25.65
CA SER I 52 15.94 -42.67 26.30
C SER I 52 15.41 -41.51 25.43
N SER I 53 15.96 -41.36 24.24
CA SER I 53 15.57 -40.29 23.32
C SER I 53 14.26 -40.48 22.55
N ILE I 54 13.91 -41.74 22.31
CA ILE I 54 12.69 -42.10 21.58
C ILE I 54 11.52 -42.18 22.56
N GLY I 55 10.36 -41.68 22.15
CA GLY I 55 9.20 -41.71 23.02
C GLY I 55 8.73 -43.10 23.37
N GLY I 56 8.45 -43.34 24.66
CA GLY I 56 7.95 -44.62 25.10
C GLY I 56 8.99 -45.73 25.16
N TRP I 57 10.28 -45.38 25.16
CA TRP I 57 11.27 -46.42 25.20
C TRP I 57 11.92 -46.51 26.58
N LYS I 58 13.25 -46.70 26.64
CA LYS I 58 13.94 -46.83 27.94
C LYS I 58 13.79 -45.54 28.77
N GLY I 59 13.73 -45.68 30.08
CA GLY I 59 13.58 -44.53 30.94
C GLY I 59 14.90 -43.99 31.48
N ILE I 60 14.84 -43.51 32.73
CA ILE I 60 15.94 -42.90 33.45
C ILE I 60 17.22 -43.72 33.59
N ASN I 61 17.14 -45.02 33.72
CA ASN I 61 18.36 -45.74 34.06
C ASN I 61 19.07 -46.54 33.02
N GLU I 62 18.30 -47.14 32.12
CA GLU I 62 18.81 -48.05 31.09
C GLU I 62 18.85 -47.51 29.69
N SER I 63 19.39 -46.33 29.50
CA SER I 63 19.37 -45.71 28.18
C SER I 63 19.96 -46.47 27.01
N ASP I 64 21.19 -46.95 27.13
CA ASP I 64 21.82 -47.53 25.95
C ASP I 64 21.33 -48.87 25.41
N MET I 65 21.21 -48.84 24.06
CA MET I 65 20.71 -49.94 23.25
C MET I 65 21.45 -50.10 21.92
N VAL I 66 21.14 -51.20 21.22
CA VAL I 66 21.80 -51.53 19.96
C VAL I 66 21.00 -51.42 18.65
N LEU I 67 21.63 -50.84 17.65
CA LEU I 67 21.06 -50.70 16.31
C LEU I 67 21.67 -51.82 15.48
N MET I 68 20.87 -52.82 15.15
CA MET I 68 21.41 -53.94 14.38
C MET I 68 21.03 -53.88 12.92
N PRO I 69 22.00 -53.55 12.06
CA PRO I 69 21.72 -53.48 10.63
C PRO I 69 21.25 -54.81 10.06
N ASP I 70 20.19 -54.74 9.26
CA ASP I 70 19.65 -55.92 8.60
C ASP I 70 20.09 -55.77 7.15
N ALA I 71 21.17 -56.46 6.82
CA ALA I 71 21.76 -56.41 5.49
C ALA I 71 20.85 -56.73 4.32
N SER I 72 19.71 -57.38 4.59
CA SER I 72 18.79 -57.71 3.50
C SER I 72 18.03 -56.48 2.99
N THR I 73 17.96 -55.45 3.81
CA THR I 73 17.22 -54.22 3.50
C THR I 73 17.96 -53.13 2.74
N ALA I 74 19.24 -53.33 2.44
CA ALA I 74 20.01 -52.31 1.75
C ALA I 74 19.42 -51.78 0.44
N VAL I 75 19.22 -50.46 0.41
CA VAL I 75 18.70 -49.81 -0.77
C VAL I 75 19.17 -48.36 -0.79
N ILE I 76 19.49 -47.88 -1.99
CA ILE I 76 19.97 -46.53 -2.22
C ILE I 76 18.87 -45.48 -2.01
N ASP I 77 19.22 -44.35 -1.39
CA ASP I 77 18.25 -43.29 -1.21
C ASP I 77 18.25 -42.49 -2.50
N PRO I 78 17.07 -42.32 -3.09
CA PRO I 78 16.91 -41.60 -4.35
C PRO I 78 16.79 -40.10 -4.28
N PHE I 79 16.80 -39.55 -3.06
CA PHE I 79 16.66 -38.11 -2.87
C PHE I 79 17.89 -37.39 -2.37
N PHE I 80 18.62 -37.99 -1.43
CA PHE I 80 19.81 -37.34 -0.87
C PHE I 80 20.80 -36.96 -1.97
N ALA I 81 21.48 -35.83 -1.77
CA ALA I 81 22.44 -35.30 -2.74
C ALA I 81 23.72 -36.08 -2.94
N ASP I 82 24.21 -36.66 -1.86
CA ASP I 82 25.43 -37.45 -1.84
C ASP I 82 24.98 -38.90 -1.80
N SER I 83 25.64 -39.78 -2.56
CA SER I 83 25.26 -41.19 -2.60
C SER I 83 25.16 -41.83 -1.23
N THR I 84 23.97 -42.28 -0.87
CA THR I 84 23.83 -42.90 0.43
C THR I 84 22.95 -44.12 0.42
N LEU I 85 23.37 -45.09 1.21
CA LEU I 85 22.71 -46.36 1.29
C LEU I 85 21.91 -46.49 2.55
N ILE I 86 20.65 -46.87 2.38
CA ILE I 86 19.76 -47.04 3.51
C ILE I 86 19.81 -48.48 3.98
N ILE I 87 19.90 -48.67 5.29
CA ILE I 87 19.90 -50.00 5.87
C ILE I 87 18.99 -49.94 7.08
N ARG I 88 17.92 -50.71 7.01
CA ARG I 88 16.93 -50.79 8.07
C ARG I 88 17.61 -51.55 9.20
N CYS I 89 17.27 -51.24 10.44
CA CYS I 89 17.90 -51.88 11.59
C CYS I 89 16.88 -52.35 12.58
N ASP I 90 17.23 -53.34 13.42
CA ASP I 90 16.31 -53.78 14.48
C ASP I 90 16.95 -53.20 15.73
N ILE I 91 16.17 -53.09 16.79
CA ILE I 91 16.67 -52.55 18.05
C ILE I 91 16.84 -53.73 18.99
N LEU I 92 18.08 -53.99 19.37
CA LEU I 92 18.37 -55.11 20.25
C LEU I 92 18.81 -54.65 21.62
N GLU I 93 18.55 -55.49 22.61
CA GLU I 93 18.95 -55.23 24.00
C GLU I 93 20.47 -55.49 23.99
N PRO I 94 21.27 -54.62 24.64
CA PRO I 94 22.73 -54.82 24.65
C PRO I 94 23.19 -56.09 25.36
N GLY I 95 24.26 -56.69 24.86
CA GLY I 95 24.78 -57.90 25.45
C GLY I 95 23.96 -59.09 25.01
N THR I 96 22.72 -59.15 25.49
CA THR I 96 21.82 -60.24 25.13
C THR I 96 21.57 -60.25 23.63
N LEU I 97 21.59 -59.06 23.03
CA LEU I 97 21.34 -58.88 21.60
C LEU I 97 20.04 -59.57 21.21
N GLN I 98 19.06 -59.44 22.10
CA GLN I 98 17.81 -60.16 21.90
C GLN I 98 16.78 -59.55 20.94
N GLY I 99 16.41 -58.34 21.18
CA GLY I 99 15.36 -57.73 20.40
C GLY I 99 14.47 -57.11 21.42
N TYR I 100 14.57 -55.79 21.47
CA TYR I 100 13.84 -54.96 22.40
C TYR I 100 12.34 -55.23 22.40
N ASP I 101 11.78 -55.37 23.58
CA ASP I 101 10.36 -55.65 23.75
C ASP I 101 9.50 -54.60 23.09
N ARG I 102 9.97 -53.36 23.13
CA ARG I 102 9.25 -52.24 22.55
C ARG I 102 9.59 -51.91 21.10
N ASP I 103 10.51 -52.65 20.48
CA ASP I 103 10.87 -52.42 19.08
C ASP I 103 9.79 -53.06 18.20
N PRO I 104 9.01 -52.24 17.48
CA PRO I 104 7.94 -52.69 16.60
C PRO I 104 8.38 -53.63 15.53
N ARG I 105 9.63 -53.55 15.08
CA ARG I 105 10.02 -54.47 14.03
C ARG I 105 10.31 -55.82 14.65
N SER I 106 10.90 -55.81 15.84
CA SER I 106 11.21 -57.04 16.55
C SER I 106 9.90 -57.76 16.86
N ILE I 107 8.91 -56.98 17.29
CA ILE I 107 7.59 -57.50 17.63
C ILE I 107 6.93 -58.16 16.43
N ALA I 108 7.09 -57.55 15.27
CA ALA I 108 6.48 -58.09 14.07
C ALA I 108 7.20 -59.36 13.68
N LYS I 109 8.52 -59.40 13.88
CA LYS I 109 9.29 -60.60 13.54
C LYS I 109 8.86 -61.72 14.48
N ARG I 110 8.73 -61.41 15.76
CA ARG I 110 8.32 -62.39 16.76
C ARG I 110 6.99 -63.02 16.38
N ALA I 111 6.10 -62.20 15.84
CA ALA I 111 4.79 -62.67 15.44
C ALA I 111 4.88 -63.60 14.24
N GLU I 112 5.83 -63.37 13.34
CA GLU I 112 5.95 -64.24 12.19
C GLU I 112 6.53 -65.56 12.66
N ASP I 113 7.39 -65.50 13.66
CA ASP I 113 8.00 -66.68 14.25
C ASP I 113 6.91 -67.54 14.88
N TYR I 114 6.15 -66.95 15.79
CA TYR I 114 5.06 -67.64 16.47
C TYR I 114 4.09 -68.31 15.51
N LEU I 115 3.95 -67.76 14.31
CA LEU I 115 3.06 -68.32 13.29
C LEU I 115 3.64 -69.68 12.90
N ARG I 116 4.90 -69.68 12.50
CA ARG I 116 5.59 -70.90 12.12
C ARG I 116 5.60 -71.92 13.26
N ALA I 117 5.82 -71.43 14.48
CA ALA I 117 5.85 -72.27 15.67
C ALA I 117 4.55 -73.05 15.90
N THR I 118 3.41 -72.37 15.87
CA THR I 118 2.12 -73.03 16.07
C THR I 118 1.90 -74.02 14.95
N GLY I 119 2.71 -73.89 13.90
CA GLY I 119 2.59 -74.76 12.75
C GLY I 119 1.32 -74.51 11.94
N ILE I 120 0.55 -73.48 12.29
CA ILE I 120 -0.68 -73.18 11.57
C ILE I 120 -0.41 -72.85 10.10
N ALA I 121 0.73 -72.21 9.83
CA ALA I 121 1.16 -71.83 8.48
C ALA I 121 2.62 -71.44 8.58
N ASP I 122 3.30 -71.24 7.44
CA ASP I 122 4.70 -70.86 7.49
C ASP I 122 5.01 -69.42 7.08
N THR I 123 4.04 -68.74 6.47
CA THR I 123 4.19 -67.34 6.04
C THR I 123 2.84 -66.63 6.03
N VAL I 124 2.84 -65.34 6.38
CA VAL I 124 1.63 -64.50 6.37
C VAL I 124 1.75 -63.51 5.23
N LEU I 125 0.65 -63.30 4.51
CA LEU I 125 0.68 -62.35 3.41
C LEU I 125 -0.16 -61.11 3.64
N PHE I 126 0.49 -59.95 3.53
CA PHE I 126 -0.18 -58.67 3.72
C PHE I 126 -0.14 -57.79 2.48
N GLY I 127 -1.31 -57.30 2.12
CA GLY I 127 -1.44 -56.42 0.98
C GLY I 127 -2.21 -55.19 1.42
N PRO I 128 -1.56 -54.23 2.09
CA PRO I 128 -2.24 -53.01 2.55
C PRO I 128 -2.40 -52.00 1.41
N GLU I 129 -3.43 -51.18 1.47
CA GLU I 129 -3.71 -50.19 0.44
C GLU I 129 -3.78 -48.80 1.05
N PRO I 130 -2.63 -48.23 1.38
CA PRO I 130 -2.68 -46.90 1.97
C PRO I 130 -3.00 -45.83 0.95
N GLU I 131 -3.90 -44.94 1.34
CA GLU I 131 -4.33 -43.80 0.54
C GLU I 131 -3.69 -42.56 1.17
N PHE I 132 -3.63 -41.46 0.42
CA PHE I 132 -3.04 -40.25 0.98
C PHE I 132 -3.52 -39.00 0.28
N PHE I 133 -3.19 -37.84 0.84
CA PHE I 133 -3.55 -36.56 0.24
C PHE I 133 -2.33 -35.76 -0.13
N LEU I 134 -2.45 -35.01 -1.23
CA LEU I 134 -1.38 -34.13 -1.69
C LEU I 134 -1.90 -32.69 -1.70
N PHE I 135 -1.34 -31.84 -0.86
CA PHE I 135 -1.78 -30.44 -0.77
C PHE I 135 -0.67 -29.50 -1.19
N ASP I 136 -1.00 -28.22 -1.26
CA ASP I 136 -0.06 -27.17 -1.61
C ASP I 136 0.32 -26.39 -0.35
N ASP I 137 -0.65 -26.25 0.56
CA ASP I 137 -0.46 -25.45 1.77
C ASP I 137 -1.22 -26.10 2.91
N ILE I 138 -0.54 -26.23 4.05
CA ILE I 138 -1.15 -26.77 5.25
C ILE I 138 -0.67 -25.89 6.38
N ARG I 139 -1.61 -25.29 7.11
CA ARG I 139 -1.35 -24.38 8.20
C ARG I 139 -2.17 -24.75 9.39
N PHE I 140 -1.60 -24.73 10.58
CA PHE I 140 -2.36 -25.02 11.77
C PHE I 140 -1.63 -24.53 13.00
N GLY I 141 -2.37 -24.45 14.09
CA GLY I 141 -1.79 -24.00 15.33
C GLY I 141 -2.84 -24.04 16.44
N ALA I 142 -2.36 -23.87 17.67
CA ALA I 142 -3.25 -23.87 18.82
C ALA I 142 -2.49 -23.22 19.95
N SER I 143 -3.12 -22.24 20.56
CA SER I 143 -2.53 -21.53 21.67
C SER I 143 -3.67 -21.19 22.59
N ILE I 144 -3.39 -20.45 23.64
CA ILE I 144 -4.43 -20.14 24.59
C ILE I 144 -5.60 -19.38 23.98
N SER I 145 -5.32 -18.49 23.03
CA SER I 145 -6.38 -17.68 22.45
C SER I 145 -7.11 -18.28 21.27
N GLY I 146 -6.82 -19.52 20.94
CA GLY I 146 -7.55 -20.14 19.84
C GLY I 146 -6.81 -21.27 19.17
N SER I 147 -7.26 -21.64 18.01
CA SER I 147 -6.63 -22.71 17.24
C SER I 147 -7.22 -22.72 15.86
N HIS I 148 -6.54 -23.39 14.94
CA HIS I 148 -7.04 -23.43 13.58
C HIS I 148 -6.30 -24.41 12.72
N VAL I 149 -6.91 -24.71 11.56
CA VAL I 149 -6.30 -25.55 10.54
C VAL I 149 -6.85 -25.08 9.23
N ALA I 150 -5.94 -24.87 8.32
CA ALA I 150 -6.31 -24.42 6.99
C ALA I 150 -5.66 -25.27 5.93
N ILE I 151 -6.43 -25.86 5.05
CA ILE I 151 -5.88 -26.72 4.01
C ILE I 151 -6.01 -26.05 2.67
N ASP I 152 -5.04 -26.25 1.80
CA ASP I 152 -5.19 -25.67 0.49
C ASP I 152 -4.48 -26.47 -0.59
N ASP I 153 -5.16 -26.60 -1.71
CA ASP I 153 -4.62 -27.30 -2.85
C ASP I 153 -5.24 -26.79 -4.10
N ILE I 154 -4.49 -26.84 -5.18
CA ILE I 154 -4.99 -26.34 -6.44
C ILE I 154 -6.20 -27.11 -6.93
N GLU I 155 -6.40 -28.31 -6.42
CA GLU I 155 -7.53 -29.15 -6.81
C GLU I 155 -8.74 -28.92 -5.95
N GLY I 156 -8.55 -28.32 -4.78
CA GLY I 156 -9.69 -28.11 -3.92
C GLY I 156 -10.86 -27.45 -4.60
N ALA I 157 -12.04 -28.03 -4.45
CA ALA I 157 -13.21 -27.47 -5.09
C ALA I 157 -13.46 -26.02 -4.71
N TRP I 158 -13.09 -25.67 -3.48
CA TRP I 158 -13.29 -24.32 -2.98
C TRP I 158 -12.55 -23.26 -3.77
N ASN I 159 -11.52 -23.68 -4.51
CA ASN I 159 -10.75 -22.73 -5.30
C ASN I 159 -11.39 -22.41 -6.65
N SER I 160 -12.61 -22.88 -6.86
CA SER I 160 -13.29 -22.59 -8.12
C SER I 160 -13.47 -21.07 -8.23
N SER I 161 -13.47 -20.38 -7.10
CA SER I 161 -13.64 -18.94 -7.06
C SER I 161 -12.38 -18.12 -6.81
N THR I 162 -11.27 -18.79 -6.55
CA THR I 162 -10.02 -18.11 -6.26
C THR I 162 -9.35 -17.40 -7.41
N LYS I 163 -8.84 -16.19 -7.13
CA LYS I 163 -8.14 -15.43 -8.16
C LYS I 163 -6.70 -15.89 -8.16
N TYR I 164 -6.18 -16.22 -9.33
CA TYR I 164 -4.80 -16.67 -9.46
C TYR I 164 -4.04 -15.69 -10.33
N GLU I 165 -2.73 -15.60 -10.06
CA GLU I 165 -1.83 -14.71 -10.77
C GLU I 165 -2.00 -14.83 -12.28
N GLY I 166 -1.85 -16.04 -12.81
CA GLY I 166 -1.99 -16.24 -14.24
C GLY I 166 -3.37 -16.69 -14.70
N GLY I 167 -4.38 -16.43 -13.88
CA GLY I 167 -5.73 -16.83 -14.20
C GLY I 167 -6.08 -18.19 -13.61
N ASN I 168 -7.35 -18.36 -13.22
CA ASN I 168 -7.85 -19.62 -12.66
C ASN I 168 -8.20 -20.48 -13.87
N LYS I 169 -7.55 -21.63 -14.02
CA LYS I 169 -7.76 -22.52 -15.17
C LYS I 169 -8.91 -23.51 -14.98
N GLY I 170 -9.46 -23.37 -13.82
CA GLY I 170 -10.54 -24.11 -13.28
C GLY I 170 -10.99 -25.45 -13.86
N HIS I 171 -10.23 -26.55 -13.71
CA HIS I 171 -10.77 -27.90 -13.96
C HIS I 171 -10.45 -28.69 -12.72
N ARG I 172 -11.35 -28.66 -11.79
CA ARG I 172 -11.11 -29.28 -10.51
C ARG I 172 -12.10 -30.35 -10.16
N PRO I 173 -11.66 -31.33 -9.39
CA PRO I 173 -12.50 -32.43 -8.95
C PRO I 173 -13.43 -31.85 -7.90
N GLY I 174 -14.73 -32.05 -8.07
CA GLY I 174 -15.67 -31.55 -7.08
C GLY I 174 -15.61 -32.40 -5.82
N VAL I 175 -16.40 -32.07 -4.82
CA VAL I 175 -16.41 -32.83 -3.58
C VAL I 175 -16.85 -34.27 -3.90
N LYS I 176 -16.08 -35.25 -3.41
CA LYS I 176 -16.34 -36.67 -3.67
C LYS I 176 -16.32 -36.97 -5.17
N GLY I 177 -15.73 -36.09 -5.97
CA GLY I 177 -15.74 -36.30 -7.43
C GLY I 177 -14.34 -36.57 -8.03
N GLY I 178 -13.44 -37.13 -7.24
CA GLY I 178 -12.10 -37.40 -7.71
C GLY I 178 -11.94 -38.74 -8.39
N TYR I 179 -12.93 -39.63 -8.30
CA TYR I 179 -12.74 -40.96 -8.91
C TYR I 179 -12.75 -40.95 -10.45
N PHE I 180 -11.51 -40.69 -10.94
CA PHE I 180 -10.93 -40.89 -12.28
C PHE I 180 -11.12 -39.84 -13.39
N PRO I 181 -11.71 -38.65 -13.19
CA PRO I 181 -11.64 -37.74 -14.32
C PRO I 181 -10.26 -37.63 -14.89
N VAL I 182 -10.11 -37.78 -16.20
CA VAL I 182 -8.76 -37.64 -16.77
C VAL I 182 -8.24 -36.23 -16.63
N PRO I 183 -6.91 -36.04 -16.78
CA PRO I 183 -6.35 -34.70 -16.69
C PRO I 183 -7.03 -33.84 -17.75
N PRO I 184 -7.05 -32.53 -17.55
CA PRO I 184 -6.47 -31.81 -16.41
C PRO I 184 -7.23 -31.80 -15.09
N VAL I 185 -8.41 -32.41 -15.02
CA VAL I 185 -9.14 -32.42 -13.75
C VAL I 185 -8.24 -33.11 -12.73
N ASP I 186 -7.64 -34.22 -13.13
CA ASP I 186 -6.71 -34.95 -12.28
C ASP I 186 -5.37 -34.28 -12.55
N SER I 187 -4.84 -33.59 -11.54
CA SER I 187 -3.58 -32.88 -11.72
C SER I 187 -2.37 -33.66 -11.29
N ALA I 188 -2.55 -34.89 -10.84
CA ALA I 188 -1.43 -35.65 -10.32
C ALA I 188 -0.91 -36.87 -11.06
N GLN I 189 -1.11 -36.93 -12.36
CA GLN I 189 -0.62 -38.08 -13.10
C GLN I 189 0.89 -38.19 -13.05
N ASP I 190 1.59 -37.13 -13.46
CA ASP I 190 3.05 -37.17 -13.47
C ASP I 190 3.64 -37.50 -12.09
N ILE I 191 3.04 -36.93 -11.05
CA ILE I 191 3.58 -37.17 -9.72
C ILE I 191 3.31 -38.59 -9.25
N ARG I 192 2.12 -39.12 -9.52
CA ARG I 192 1.83 -40.48 -9.10
C ARG I 192 2.81 -41.44 -9.79
N SER I 193 3.15 -41.18 -11.04
CA SER I 193 4.10 -42.08 -11.67
C SER I 193 5.51 -41.99 -11.17
N GLU I 194 5.97 -40.80 -10.83
CA GLU I 194 7.31 -40.65 -10.28
C GLU I 194 7.32 -41.48 -8.99
N MET I 195 6.27 -41.36 -8.20
CA MET I 195 6.20 -42.12 -6.96
C MET I 195 6.32 -43.60 -7.27
N CYS I 196 5.67 -44.03 -8.34
CA CYS I 196 5.73 -45.44 -8.72
C CYS I 196 7.14 -45.84 -9.11
N LEU I 197 7.73 -45.11 -10.04
CA LEU I 197 9.08 -45.42 -10.47
C LEU I 197 10.04 -45.47 -9.30
N VAL I 198 9.95 -44.48 -8.43
CA VAL I 198 10.86 -44.42 -7.29
C VAL I 198 10.59 -45.56 -6.34
N MET I 199 9.32 -45.88 -6.11
CA MET I 199 8.98 -46.97 -5.21
C MET I 199 9.61 -48.25 -5.72
N GLU I 200 9.56 -48.46 -7.03
CA GLU I 200 10.15 -49.65 -7.58
C GLU I 200 11.66 -49.64 -7.53
N GLN I 201 12.26 -48.47 -7.69
CA GLN I 201 13.72 -48.39 -7.58
C GLN I 201 14.11 -48.78 -6.16
N MET I 202 13.15 -48.69 -5.25
CA MET I 202 13.41 -49.03 -3.86
C MET I 202 12.91 -50.42 -3.47
N GLY I 203 12.59 -51.24 -4.46
CA GLY I 203 12.17 -52.61 -4.17
C GLY I 203 10.71 -52.94 -4.08
N LEU I 204 9.86 -51.94 -4.20
CA LEU I 204 8.44 -52.22 -4.15
C LEU I 204 8.00 -52.60 -5.53
N VAL I 205 6.84 -53.25 -5.62
CA VAL I 205 6.30 -53.64 -6.92
C VAL I 205 4.93 -52.98 -6.99
N VAL I 206 4.79 -52.13 -7.98
CA VAL I 206 3.57 -51.37 -8.14
C VAL I 206 2.56 -52.05 -9.03
N GLU I 207 1.30 -52.04 -8.59
CA GLU I 207 0.24 -52.64 -9.37
C GLU I 207 -0.62 -51.62 -10.08
N ALA I 208 -0.81 -50.46 -9.45
CA ALA I 208 -1.59 -49.40 -10.07
C ALA I 208 -1.52 -48.10 -9.32
N HIS I 209 -1.95 -47.03 -9.99
CA HIS I 209 -2.02 -45.75 -9.34
C HIS I 209 -3.18 -44.97 -9.94
N HIS I 210 -3.83 -44.21 -9.06
CA HIS I 210 -4.98 -43.47 -9.49
C HIS I 210 -5.35 -42.39 -8.48
N HIS I 211 -6.15 -41.45 -8.92
CA HIS I 211 -6.65 -40.41 -8.07
C HIS I 211 -7.71 -41.05 -7.20
N GLU I 212 -7.90 -40.59 -5.97
CA GLU I 212 -8.93 -41.20 -5.14
C GLU I 212 -10.19 -40.33 -5.19
N VAL I 213 -11.15 -40.61 -4.29
CA VAL I 213 -12.43 -39.92 -4.32
C VAL I 213 -12.45 -38.44 -3.94
N ALA I 214 -11.77 -38.07 -2.89
CA ALA I 214 -11.85 -36.70 -2.40
C ALA I 214 -11.28 -35.63 -3.32
N THR I 215 -11.85 -34.44 -3.23
CA THR I 215 -11.35 -33.29 -3.96
C THR I 215 -10.03 -32.94 -3.26
N ALA I 216 -9.30 -31.98 -3.79
CA ALA I 216 -8.10 -31.54 -3.11
C ALA I 216 -6.96 -32.56 -2.99
N GLY I 217 -6.77 -33.41 -4.00
CA GLY I 217 -5.60 -34.29 -4.03
C GLY I 217 -5.57 -35.62 -3.29
N GLN I 218 -6.68 -36.32 -3.18
CA GLN I 218 -6.53 -37.63 -2.57
C GLN I 218 -6.02 -38.54 -3.66
N ASN I 219 -5.02 -39.36 -3.36
CA ASN I 219 -4.43 -40.22 -4.36
C ASN I 219 -4.07 -41.57 -3.77
N GLU I 220 -3.73 -42.53 -4.63
CA GLU I 220 -3.35 -43.86 -4.17
C GLU I 220 -2.40 -44.58 -5.11
N VAL I 221 -1.38 -45.21 -4.53
CA VAL I 221 -0.44 -46.06 -5.26
C VAL I 221 -0.60 -47.45 -4.66
N ALA I 222 -1.04 -48.37 -5.50
CA ALA I 222 -1.25 -49.74 -5.06
C ALA I 222 -0.02 -50.58 -5.33
N THR I 223 0.47 -51.22 -4.28
CA THR I 223 1.64 -52.06 -4.39
C THR I 223 1.33 -53.53 -4.11
N ARG I 224 2.14 -54.43 -4.67
CA ARG I 224 1.97 -55.87 -4.47
C ARG I 224 2.26 -56.25 -3.02
N PHE I 225 1.49 -57.24 -2.56
CA PHE I 225 1.61 -57.74 -1.20
C PHE I 225 3.02 -58.30 -1.02
N ASN I 226 3.30 -58.77 0.18
CA ASN I 226 4.58 -59.35 0.54
C ASN I 226 4.40 -59.98 1.92
N THR I 227 5.42 -60.67 2.42
CA THR I 227 5.30 -61.28 3.72
C THR I 227 5.18 -60.16 4.74
N MET I 228 4.42 -60.41 5.79
CA MET I 228 4.12 -59.39 6.81
C MET I 228 5.26 -58.39 7.14
N THR I 229 6.33 -58.84 7.78
CA THR I 229 7.37 -57.88 8.15
C THR I 229 7.99 -57.12 6.96
N LYS I 230 8.19 -57.80 5.84
CA LYS I 230 8.77 -57.11 4.69
C LYS I 230 7.78 -56.06 4.16
N LYS I 231 6.49 -56.30 4.34
CA LYS I 231 5.48 -55.36 3.86
C LYS I 231 5.44 -54.11 4.70
N ALA I 232 5.58 -54.26 6.01
CA ALA I 232 5.59 -53.12 6.91
C ALA I 232 6.81 -52.28 6.55
N ASP I 233 7.90 -52.92 6.19
CA ASP I 233 9.11 -52.23 5.77
C ASP I 233 8.69 -51.43 4.53
N GLU I 234 8.02 -52.11 3.59
CA GLU I 234 7.58 -51.46 2.37
C GLU I 234 6.66 -50.27 2.62
N ILE I 235 5.83 -50.36 3.65
CA ILE I 235 4.93 -49.25 3.99
C ILE I 235 5.74 -48.03 4.36
N GLN I 236 6.75 -48.24 5.19
CA GLN I 236 7.64 -47.16 5.62
C GLN I 236 8.32 -46.49 4.42
N ILE I 237 8.78 -47.31 3.48
CA ILE I 237 9.44 -46.83 2.27
C ILE I 237 8.42 -46.11 1.42
N TYR I 238 7.27 -46.70 1.35
CA TYR I 238 6.17 -46.14 0.59
C TYR I 238 5.89 -44.72 1.07
N LYS I 239 5.70 -44.57 2.37
CA LYS I 239 5.42 -43.26 2.95
C LYS I 239 6.57 -42.31 2.66
N TYR I 240 7.78 -42.83 2.80
CA TYR I 240 8.96 -42.01 2.58
C TYR I 240 8.97 -41.49 1.16
N VAL I 241 8.71 -42.37 0.20
CA VAL I 241 8.70 -41.95 -1.19
C VAL I 241 7.60 -40.93 -1.43
N VAL I 242 6.40 -41.22 -0.94
CA VAL I 242 5.29 -40.30 -1.12
C VAL I 242 5.61 -38.92 -0.54
N HIS I 243 6.07 -38.90 0.70
CA HIS I 243 6.39 -37.64 1.36
C HIS I 243 7.44 -36.85 0.64
N ASN I 244 8.50 -37.53 0.22
CA ASN I 244 9.58 -36.84 -0.44
C ASN I 244 9.39 -36.49 -1.91
N VAL I 245 8.65 -37.30 -2.64
CA VAL I 245 8.40 -36.95 -4.03
C VAL I 245 7.49 -35.74 -4.01
N ALA I 246 6.52 -35.75 -3.10
CA ALA I 246 5.60 -34.62 -2.98
C ALA I 246 6.39 -33.36 -2.69
N HIS I 247 7.29 -33.44 -1.71
CA HIS I 247 8.12 -32.30 -1.32
C HIS I 247 8.89 -31.80 -2.52
N ARG I 248 9.48 -32.71 -3.29
CA ARG I 248 10.24 -32.30 -4.46
C ARG I 248 9.39 -31.67 -5.54
N PHE I 249 8.10 -31.99 -5.55
CA PHE I 249 7.19 -31.41 -6.55
C PHE I 249 6.51 -30.15 -6.05
N GLY I 250 6.89 -29.69 -4.87
CA GLY I 250 6.27 -28.50 -4.34
C GLY I 250 4.96 -28.78 -3.64
N LYS I 251 4.73 -30.02 -3.25
CA LYS I 251 3.52 -30.35 -2.53
C LYS I 251 3.87 -30.82 -1.12
N THR I 252 2.85 -31.26 -0.40
CA THR I 252 3.06 -31.77 0.93
C THR I 252 2.02 -32.87 1.08
N ALA I 253 2.47 -34.06 1.42
CA ALA I 253 1.55 -35.18 1.56
C ALA I 253 1.26 -35.55 2.98
N THR I 254 0.05 -36.05 3.21
CA THR I 254 -0.30 -36.51 4.54
C THR I 254 -1.06 -37.84 4.52
N PHE I 255 -0.75 -38.68 5.48
CA PHE I 255 -1.42 -39.96 5.60
C PHE I 255 -2.45 -39.90 6.72
N MET I 256 -2.79 -38.69 7.18
CA MET I 256 -3.80 -38.54 8.23
C MET I 256 -5.07 -39.20 7.70
N PRO I 257 -5.83 -39.83 8.58
CA PRO I 257 -7.04 -40.47 8.07
C PRO I 257 -8.20 -39.59 7.65
N LYS I 258 -8.45 -38.48 8.33
CA LYS I 258 -9.57 -37.61 7.94
C LYS I 258 -9.17 -36.14 8.04
N PRO I 259 -8.51 -35.60 7.00
CA PRO I 259 -8.13 -34.19 7.10
C PRO I 259 -9.31 -33.25 6.86
N MET I 260 -10.34 -33.73 6.16
CA MET I 260 -11.47 -32.88 5.87
C MET I 260 -12.83 -33.46 6.20
N PHE I 261 -13.63 -32.62 6.83
CA PHE I 261 -14.98 -33.04 7.12
C PHE I 261 -15.79 -32.85 5.82
N GLY I 262 -16.56 -33.83 5.40
CA GLY I 262 -17.35 -33.62 4.20
C GLY I 262 -16.87 -34.31 2.96
N ASP I 263 -15.70 -34.93 3.02
CA ASP I 263 -15.20 -35.67 1.89
C ASP I 263 -14.46 -36.85 2.46
N ASN I 264 -14.13 -37.78 1.58
CA ASN I 264 -13.44 -39.01 1.90
C ASN I 264 -12.28 -38.89 2.84
N GLY I 265 -12.10 -39.93 3.66
CA GLY I 265 -10.95 -39.96 4.54
C GLY I 265 -9.99 -40.88 3.81
N SER I 266 -8.84 -41.18 4.41
CA SER I 266 -7.90 -42.09 3.77
C SER I 266 -7.85 -43.35 4.60
N GLY I 267 -8.02 -44.48 3.95
CA GLY I 267 -7.99 -45.74 4.67
C GLY I 267 -6.82 -46.58 4.22
N MET I 268 -6.59 -47.68 4.93
CA MET I 268 -5.51 -48.58 4.56
C MET I 268 -6.04 -49.99 4.69
N HIS I 269 -6.84 -50.42 3.72
CA HIS I 269 -7.39 -51.75 3.71
C HIS I 269 -6.25 -52.75 3.77
N CYS I 270 -6.47 -53.84 4.48
CA CYS I 270 -5.45 -54.86 4.56
C CYS I 270 -5.94 -56.22 4.09
N HIS I 271 -5.37 -56.66 2.98
CA HIS I 271 -5.66 -57.96 2.42
C HIS I 271 -4.72 -58.92 3.09
N MET I 272 -5.25 -60.05 3.56
CA MET I 272 -4.43 -61.05 4.24
C MET I 272 -4.79 -62.47 3.82
N SER I 273 -3.83 -63.36 4.00
CA SER I 273 -4.00 -64.79 3.69
C SER I 273 -2.80 -65.50 4.30
N LEU I 274 -2.95 -66.78 4.56
CA LEU I 274 -1.87 -67.58 5.14
C LEU I 274 -1.42 -68.63 4.14
N ALA I 275 -0.21 -69.15 4.35
CA ALA I 275 0.30 -70.16 3.45
C ALA I 275 1.27 -71.13 4.10
N LYS I 276 1.34 -72.33 3.52
CA LYS I 276 2.26 -73.37 3.97
C LYS I 276 2.71 -74.14 2.73
N ASN I 277 4.03 -74.30 2.63
CA ASN I 277 4.67 -75.00 1.52
C ASN I 277 4.01 -74.63 0.20
N GLY I 278 3.94 -73.33 -0.05
CA GLY I 278 3.37 -72.84 -1.29
C GLY I 278 1.87 -72.94 -1.55
N THR I 279 1.10 -73.53 -0.65
CA THR I 279 -0.34 -73.61 -0.89
C THR I 279 -1.08 -72.57 -0.05
N ASN I 280 -2.15 -72.02 -0.62
CA ASN I 280 -2.93 -71.00 0.05
C ASN I 280 -3.93 -71.58 1.06
N LEU I 281 -3.55 -71.57 2.33
CA LEU I 281 -4.40 -72.08 3.40
C LEU I 281 -5.77 -71.43 3.55
N PHE I 282 -6.07 -70.43 2.72
CA PHE I 282 -7.36 -69.74 2.80
C PHE I 282 -8.38 -70.16 1.75
N SER I 283 -7.97 -70.94 0.75
CA SER I 283 -8.93 -71.39 -0.27
C SER I 283 -9.61 -72.65 0.23
N GLY I 284 -10.89 -72.79 -0.09
CA GLY I 284 -11.65 -73.95 0.34
C GLY I 284 -13.00 -74.07 -0.33
N ASP I 285 -13.87 -74.91 0.23
CA ASP I 285 -15.20 -75.14 -0.31
C ASP I 285 -16.29 -74.33 0.41
N LYS I 286 -15.93 -73.71 1.54
CA LYS I 286 -16.86 -72.91 2.33
C LYS I 286 -17.20 -71.60 1.59
N TYR I 287 -17.89 -70.68 2.27
CA TYR I 287 -18.30 -69.39 1.68
C TYR I 287 -17.31 -68.66 0.77
N ALA I 288 -17.79 -68.26 -0.39
CA ALA I 288 -16.99 -67.52 -1.36
C ALA I 288 -15.61 -68.08 -1.72
N GLY I 289 -15.40 -69.38 -1.52
CA GLY I 289 -14.13 -69.99 -1.87
C GLY I 289 -13.14 -70.06 -0.72
N LEU I 290 -13.63 -69.84 0.49
CA LEU I 290 -12.81 -69.84 1.69
C LEU I 290 -12.60 -71.17 2.39
N SER I 291 -11.49 -71.29 3.13
CA SER I 291 -11.18 -72.47 3.91
C SER I 291 -11.82 -72.21 5.27
N GLU I 292 -11.98 -73.23 6.11
CA GLU I 292 -12.60 -72.97 7.39
C GLU I 292 -11.59 -72.25 8.28
N GLN I 293 -10.33 -72.31 7.87
CA GLN I 293 -9.24 -71.64 8.60
C GLN I 293 -9.43 -70.13 8.47
N ALA I 294 -9.75 -69.70 7.25
CA ALA I 294 -9.98 -68.29 6.93
C ALA I 294 -11.10 -67.76 7.81
N LEU I 295 -12.16 -68.54 7.94
CA LEU I 295 -13.31 -68.14 8.74
C LEU I 295 -12.95 -67.97 10.20
N TYR I 296 -12.11 -68.87 10.73
CA TYR I 296 -11.72 -68.76 12.14
C TYR I 296 -10.89 -67.50 12.30
N TYR I 297 -10.06 -67.24 11.30
CA TYR I 297 -9.21 -66.06 11.27
C TYR I 297 -10.12 -64.84 11.37
N ILE I 298 -11.12 -64.79 10.49
CA ILE I 298 -12.08 -63.69 10.48
C ILE I 298 -12.73 -63.55 11.84
N GLY I 299 -13.09 -64.67 12.43
CA GLY I 299 -13.73 -64.66 13.72
C GLY I 299 -12.82 -64.03 14.73
N GLY I 300 -11.53 -64.33 14.63
CA GLY I 300 -10.56 -63.75 15.55
C GLY I 300 -10.50 -62.25 15.42
N VAL I 301 -10.39 -61.78 14.17
CA VAL I 301 -10.33 -60.36 13.87
C VAL I 301 -11.56 -59.67 14.44
N ILE I 302 -12.72 -60.29 14.24
CA ILE I 302 -13.95 -59.70 14.75
C ILE I 302 -13.99 -59.70 16.27
N LYS I 303 -13.52 -60.77 16.89
CA LYS I 303 -13.56 -60.85 18.34
C LYS I 303 -12.70 -59.76 18.96
N HIS I 304 -11.51 -59.56 18.40
CA HIS I 304 -10.57 -58.55 18.92
C HIS I 304 -10.49 -57.23 18.16
N ALA I 305 -11.51 -56.92 17.37
CA ALA I 305 -11.54 -55.70 16.59
C ALA I 305 -11.22 -54.44 17.37
N LYS I 306 -11.97 -54.19 18.45
CA LYS I 306 -11.72 -53.00 19.24
C LYS I 306 -10.27 -52.87 19.72
N ALA I 307 -9.61 -53.97 20.03
CA ALA I 307 -8.25 -53.89 20.48
C ALA I 307 -7.34 -53.63 19.29
N ILE I 308 -7.66 -54.24 18.15
CA ILE I 308 -6.85 -54.02 16.96
C ILE I 308 -6.91 -52.55 16.56
N ASN I 309 -8.07 -51.95 16.78
CA ASN I 309 -8.30 -50.55 16.48
C ASN I 309 -7.22 -49.65 17.08
N ALA I 310 -6.81 -49.98 18.30
CA ALA I 310 -5.81 -49.20 19.00
C ALA I 310 -4.49 -49.16 18.25
N LEU I 311 -4.33 -50.05 17.28
CA LEU I 311 -3.09 -50.10 16.50
C LEU I 311 -3.34 -49.78 15.04
N ALA I 312 -4.53 -50.09 14.56
CA ALA I 312 -4.88 -49.87 13.17
C ALA I 312 -5.52 -48.53 12.92
N ASN I 313 -5.94 -47.87 14.00
CA ASN I 313 -6.60 -46.57 13.96
C ASN I 313 -6.13 -45.95 15.26
N PRO I 314 -4.83 -45.63 15.35
CA PRO I 314 -4.20 -45.06 16.53
C PRO I 314 -4.28 -43.58 16.78
N THR I 315 -5.17 -42.89 16.09
CA THR I 315 -5.27 -41.45 16.27
C THR I 315 -6.72 -41.06 16.54
N THR I 316 -6.95 -39.96 17.23
CA THR I 316 -8.31 -39.51 17.47
C THR I 316 -8.94 -39.23 16.10
N ASN I 317 -8.12 -38.72 15.19
CA ASN I 317 -8.56 -38.38 13.85
C ASN I 317 -9.10 -39.60 13.13
N SER I 318 -8.54 -40.77 13.43
CA SER I 318 -8.95 -42.03 12.81
C SER I 318 -10.45 -42.24 12.92
N TYR I 319 -11.01 -41.79 14.07
CA TYR I 319 -12.42 -41.98 14.37
C TYR I 319 -13.27 -40.93 13.69
N LYS I 320 -12.69 -40.05 12.95
CA LYS I 320 -13.51 -39.09 12.25
C LYS I 320 -13.82 -39.64 10.86
N ARG I 321 -13.14 -40.74 10.53
CA ARG I 321 -13.33 -41.49 9.28
C ARG I 321 -14.31 -42.63 9.54
N LEU I 322 -14.17 -43.24 10.71
CA LEU I 322 -15.02 -44.34 11.15
C LEU I 322 -16.20 -43.77 11.91
N VAL I 323 -17.17 -43.26 11.15
CA VAL I 323 -18.36 -42.70 11.74
C VAL I 323 -19.54 -43.24 10.98
N PRO I 324 -20.67 -43.35 11.70
CA PRO I 324 -21.87 -43.82 11.02
C PRO I 324 -22.10 -43.12 9.72
N GLY I 325 -21.48 -43.65 8.66
CA GLY I 325 -21.65 -43.15 7.31
C GLY I 325 -22.09 -44.32 6.47
N TYR I 326 -22.31 -44.11 5.18
CA TYR I 326 -22.77 -45.25 4.38
C TYR I 326 -21.70 -46.28 4.10
N GLU I 327 -20.60 -45.80 3.54
CA GLU I 327 -19.47 -46.63 3.17
C GLU I 327 -18.49 -46.85 4.31
N ALA I 328 -18.81 -46.32 5.48
CA ALA I 328 -17.97 -46.47 6.66
C ALA I 328 -17.79 -47.95 6.99
N PRO I 329 -16.55 -48.46 6.89
CA PRO I 329 -16.16 -49.84 7.16
C PRO I 329 -16.23 -50.11 8.64
N VAL I 330 -17.37 -49.81 9.26
CA VAL I 330 -17.49 -50.02 10.69
C VAL I 330 -18.25 -51.23 11.23
N MET I 331 -18.99 -51.92 10.37
CA MET I 331 -19.77 -53.08 10.81
C MET I 331 -18.87 -54.30 10.86
N LEU I 332 -18.72 -54.88 12.05
CA LEU I 332 -17.88 -56.07 12.25
C LEU I 332 -18.52 -57.33 11.65
N ALA I 333 -18.38 -57.46 10.34
CA ALA I 333 -18.94 -58.59 9.62
C ALA I 333 -18.21 -58.83 8.32
N TYR I 334 -18.50 -59.95 7.67
CA TYR I 334 -17.88 -60.23 6.39
C TYR I 334 -18.93 -60.42 5.31
N SER I 335 -18.49 -60.23 4.07
CA SER I 335 -19.34 -60.35 2.91
C SER I 335 -18.47 -60.16 1.69
N ALA I 336 -18.97 -60.64 0.55
CA ALA I 336 -18.23 -60.52 -0.70
C ALA I 336 -18.78 -59.36 -1.51
N ARG I 337 -19.84 -58.75 -0.99
CA ARG I 337 -20.47 -57.64 -1.67
C ARG I 337 -20.72 -56.44 -0.78
N ASN I 338 -21.55 -56.62 0.24
CA ASN I 338 -21.90 -55.56 1.18
C ASN I 338 -20.71 -54.71 1.63
N ARG I 339 -20.53 -53.54 1.02
CA ARG I 339 -19.41 -52.68 1.39
C ARG I 339 -19.76 -51.80 2.59
N SER I 340 -20.42 -52.42 3.55
CA SER I 340 -20.81 -51.83 4.83
C SER I 340 -19.98 -52.61 5.81
N ALA I 341 -19.67 -53.82 5.39
CA ALA I 341 -18.88 -54.79 6.13
C ALA I 341 -17.41 -54.39 6.14
N SER I 342 -16.83 -54.38 7.34
CA SER I 342 -15.43 -54.03 7.50
C SER I 342 -14.51 -55.14 7.00
N ILE I 343 -15.10 -56.28 6.65
CA ILE I 343 -14.32 -57.40 6.11
C ILE I 343 -14.94 -57.83 4.78
N ARG I 344 -14.25 -57.48 3.68
CA ARG I 344 -14.71 -57.88 2.35
C ARG I 344 -14.01 -59.15 1.94
N ILE I 345 -14.71 -59.94 1.17
CA ILE I 345 -14.12 -61.15 0.62
C ILE I 345 -14.06 -60.93 -0.87
N PRO I 346 -12.85 -60.70 -1.39
CA PRO I 346 -12.61 -60.46 -2.80
C PRO I 346 -13.09 -61.67 -3.55
N VAL I 347 -13.82 -61.47 -4.64
CA VAL I 347 -14.26 -62.61 -5.42
C VAL I 347 -13.24 -62.70 -6.54
N VAL I 348 -12.47 -63.78 -6.52
CA VAL I 348 -11.44 -63.99 -7.51
C VAL I 348 -11.50 -65.45 -8.01
N ALA I 349 -11.02 -65.69 -9.22
CA ALA I 349 -11.06 -67.02 -9.82
C ALA I 349 -10.05 -68.00 -9.23
N SER I 350 -8.76 -67.71 -9.44
CA SER I 350 -7.70 -68.60 -8.94
C SER I 350 -7.77 -68.77 -7.44
N PRO I 351 -7.90 -70.01 -6.96
CA PRO I 351 -7.95 -70.23 -5.52
C PRO I 351 -6.63 -69.84 -4.88
N LYS I 352 -5.59 -69.68 -5.70
CA LYS I 352 -4.27 -69.30 -5.22
C LYS I 352 -4.29 -67.86 -4.67
N ALA I 353 -5.28 -67.08 -5.09
CA ALA I 353 -5.43 -65.70 -4.68
C ALA I 353 -6.56 -65.42 -3.70
N ARG I 354 -7.12 -66.47 -3.09
CA ARG I 354 -8.20 -66.31 -2.11
C ARG I 354 -7.63 -65.65 -0.86
N ARG I 355 -8.35 -64.66 -0.31
CA ARG I 355 -7.89 -63.93 0.87
C ARG I 355 -9.02 -63.08 1.48
N ILE I 356 -8.74 -62.40 2.59
CA ILE I 356 -9.74 -61.51 3.20
C ILE I 356 -9.24 -60.08 3.20
N GLU I 357 -10.15 -59.11 3.18
CA GLU I 357 -9.77 -57.71 3.21
C GLU I 357 -10.37 -57.02 4.41
N VAL I 358 -9.53 -56.71 5.40
CA VAL I 358 -10.00 -55.99 6.58
C VAL I 358 -9.91 -54.51 6.23
N ARG I 359 -11.04 -53.86 6.14
CA ARG I 359 -11.13 -52.49 5.68
C ARG I 359 -10.96 -51.33 6.67
N PHE I 360 -11.02 -51.56 8.00
CA PHE I 360 -11.01 -50.38 8.89
C PHE I 360 -9.66 -49.70 9.20
N PRO I 361 -8.57 -50.41 9.05
CA PRO I 361 -7.25 -49.74 9.26
C PRO I 361 -7.05 -48.42 8.53
N ASP I 362 -6.23 -47.51 9.03
CA ASP I 362 -5.94 -46.30 8.28
C ASP I 362 -4.42 -46.16 8.20
N PRO I 363 -3.92 -45.32 7.30
CA PRO I 363 -2.48 -45.16 7.14
C PRO I 363 -1.69 -44.62 8.30
N ALA I 364 -2.36 -44.15 9.34
CA ALA I 364 -1.64 -43.63 10.51
C ALA I 364 -1.10 -44.77 11.35
N ALA I 365 -1.63 -45.94 11.09
CA ALA I 365 -1.22 -47.11 11.86
C ALA I 365 0.22 -47.49 11.70
N ASN I 366 0.84 -47.89 12.80
CA ASN I 366 2.20 -48.42 12.81
C ASN I 366 2.15 -49.70 11.97
N PRO I 367 2.96 -49.81 10.89
CA PRO I 367 2.86 -51.04 10.06
C PRO I 367 2.91 -52.33 10.87
N TYR I 368 4.05 -52.35 11.50
CA TYR I 368 4.43 -53.46 12.32
C TYR I 368 3.38 -53.86 13.34
N LEU I 369 3.05 -52.95 14.22
CA LEU I 369 2.10 -53.29 15.26
C LEU I 369 0.71 -53.57 14.72
N CYS I 370 0.32 -52.87 13.67
CA CYS I 370 -1.01 -53.08 13.12
C CYS I 370 -1.11 -54.45 12.48
N PHE I 371 -0.14 -54.76 11.64
CA PHE I 371 -0.13 -56.06 10.99
C PHE I 371 -0.06 -57.18 12.02
N ALA I 372 0.84 -57.05 12.98
CA ALA I 372 1.01 -58.06 14.03
C ALA I 372 -0.30 -58.32 14.77
N ALA I 373 -0.95 -57.25 15.22
CA ALA I 373 -2.21 -57.39 15.95
C ALA I 373 -3.27 -58.07 15.10
N LEU I 374 -3.25 -57.82 13.80
CA LEU I 374 -4.20 -58.44 12.90
C LEU I 374 -3.96 -59.95 12.87
N LEU I 375 -2.69 -60.33 12.79
CA LEU I 375 -2.28 -61.75 12.75
C LEU I 375 -2.67 -62.46 14.02
N MET I 376 -2.16 -61.99 15.15
CA MET I 376 -2.44 -62.57 16.44
C MET I 376 -3.93 -62.77 16.69
N ALA I 377 -4.74 -61.83 16.25
CA ALA I 377 -6.18 -61.95 16.42
C ALA I 377 -6.68 -63.08 15.54
N GLY I 378 -6.11 -63.19 14.35
CA GLY I 378 -6.49 -64.24 13.42
C GLY I 378 -6.15 -65.61 13.95
N LEU I 379 -4.92 -65.75 14.46
CA LEU I 379 -4.44 -67.00 15.02
C LEU I 379 -5.27 -67.42 16.22
N ASP I 380 -5.58 -66.48 17.09
CA ASP I 380 -6.40 -66.79 18.24
C ASP I 380 -7.79 -67.21 17.78
N GLY I 381 -8.16 -66.80 16.57
CA GLY I 381 -9.46 -67.15 16.04
C GLY I 381 -9.43 -68.58 15.59
N ILE I 382 -8.26 -69.00 15.13
CA ILE I 382 -8.02 -70.36 14.66
C ILE I 382 -7.86 -71.31 15.85
N LYS I 383 -6.82 -71.06 16.64
CA LYS I 383 -6.54 -71.89 17.81
C LYS I 383 -7.82 -72.20 18.57
N ASN I 384 -8.70 -71.20 18.67
CA ASN I 384 -9.96 -71.39 19.41
C ASN I 384 -11.19 -71.57 18.54
N LYS I 385 -10.97 -71.95 17.28
CA LYS I 385 -12.06 -72.19 16.32
C LYS I 385 -13.26 -71.26 16.48
N ILE I 386 -12.96 -69.96 16.51
CA ILE I 386 -13.99 -68.95 16.69
C ILE I 386 -14.78 -68.77 15.42
N HIS I 387 -16.01 -69.26 15.43
CA HIS I 387 -16.83 -69.12 14.25
C HIS I 387 -17.41 -67.72 14.15
N PRO I 388 -17.20 -67.23 12.93
CA PRO I 388 -17.70 -65.95 12.32
C PRO I 388 -19.19 -65.63 12.37
N GLY I 389 -19.97 -66.68 12.32
CA GLY I 389 -21.39 -66.56 12.26
C GLY I 389 -21.64 -66.47 10.76
N GLU I 390 -22.82 -65.99 10.39
CA GLU I 390 -23.16 -65.87 8.97
C GLU I 390 -22.81 -64.49 8.41
N PRO I 391 -22.53 -64.44 7.08
CA PRO I 391 -22.14 -63.21 6.38
C PRO I 391 -23.29 -62.21 6.28
N MET I 392 -22.99 -60.92 6.42
CA MET I 392 -23.99 -59.86 6.30
C MET I 392 -24.05 -59.44 4.84
N ASP I 393 -25.20 -59.63 4.20
CA ASP I 393 -25.36 -59.26 2.81
C ASP I 393 -26.52 -58.25 2.64
N LYS I 394 -27.08 -57.82 3.78
CA LYS I 394 -28.19 -56.87 3.81
C LYS I 394 -27.79 -55.42 3.49
N ASN I 395 -27.53 -54.62 4.53
CA ASN I 395 -27.13 -53.23 4.37
C ASN I 395 -26.32 -52.70 5.57
N LEU I 396 -25.92 -51.41 5.50
CA LEU I 396 -24.95 -50.81 6.42
C LEU I 396 -25.59 -50.36 7.75
N TYR I 397 -25.21 -49.17 8.11
CA TYR I 397 -25.70 -48.62 9.37
C TYR I 397 -26.97 -47.85 9.26
N ASP I 398 -27.39 -47.48 8.10
CA ASP I 398 -28.60 -46.67 8.18
C ASP I 398 -29.64 -47.56 7.54
N LEU I 399 -30.79 -47.72 8.15
CA LEU I 399 -31.64 -48.61 7.45
C LEU I 399 -30.79 -49.61 6.78
N PRO I 400 -30.39 -50.65 7.45
CA PRO I 400 -30.99 -51.30 8.58
C PRO I 400 -31.81 -50.42 9.55
N PRO I 401 -31.25 -49.91 10.72
CA PRO I 401 -31.85 -49.28 11.87
C PRO I 401 -33.16 -49.92 12.34
N GLU I 402 -33.40 -51.19 11.99
CA GLU I 402 -34.58 -52.02 12.29
C GLU I 402 -34.58 -52.46 13.75
N GLU I 403 -33.62 -53.35 14.06
CA GLU I 403 -33.41 -53.89 15.41
C GLU I 403 -32.41 -52.95 16.14
N ALA I 404 -32.43 -51.67 15.75
CA ALA I 404 -31.53 -50.62 16.24
C ALA I 404 -30.13 -50.97 15.70
N LYS I 405 -30.12 -52.05 14.91
CA LYS I 405 -28.97 -52.67 14.25
C LYS I 405 -27.68 -52.72 15.07
N GLU I 406 -27.80 -53.06 16.34
CA GLU I 406 -26.63 -53.16 17.20
C GLU I 406 -25.94 -54.51 17.04
N ILE I 407 -25.24 -54.65 15.92
CA ILE I 407 -24.44 -55.83 15.64
C ILE I 407 -23.01 -55.38 16.00
N PRO I 408 -22.02 -56.24 15.87
CA PRO I 408 -20.66 -55.80 16.17
C PRO I 408 -20.14 -54.48 15.64
N GLN I 409 -19.50 -53.64 16.41
CA GLN I 409 -18.86 -52.58 15.65
C GLN I 409 -17.47 -52.22 16.15
N VAL I 410 -16.68 -51.58 15.29
CA VAL I 410 -15.33 -51.14 15.65
C VAL I 410 -15.44 -50.07 16.72
N ALA I 411 -14.35 -49.80 17.41
CA ALA I 411 -14.34 -48.80 18.47
C ALA I 411 -14.82 -47.46 17.93
N GLY I 412 -15.49 -46.66 18.75
CA GLY I 412 -16.00 -45.38 18.28
C GLY I 412 -15.16 -44.17 18.67
N SER I 413 -14.07 -44.43 19.38
CA SER I 413 -13.17 -43.37 19.83
C SER I 413 -11.85 -44.02 20.15
N LEU I 414 -10.79 -43.23 20.18
CA LEU I 414 -9.48 -43.77 20.49
C LEU I 414 -9.40 -44.35 21.89
N GLU I 415 -9.96 -43.64 22.86
CA GLU I 415 -9.94 -44.07 24.26
C GLU I 415 -10.55 -45.43 24.41
N GLU I 416 -11.69 -45.61 23.76
CA GLU I 416 -12.41 -46.87 23.78
C GLU I 416 -11.53 -47.97 23.24
N ALA I 417 -10.82 -47.67 22.16
CA ALA I 417 -9.94 -48.64 21.53
C ALA I 417 -8.77 -48.95 22.45
N LEU I 418 -8.24 -47.92 23.09
CA LEU I 418 -7.11 -48.12 23.98
C LEU I 418 -7.55 -48.98 25.14
N ASN I 419 -8.74 -48.70 25.65
CA ASN I 419 -9.25 -49.47 26.77
C ASN I 419 -9.45 -50.95 26.38
N ALA I 420 -9.94 -51.18 25.17
CA ALA I 420 -10.14 -52.53 24.69
C ALA I 420 -8.80 -53.24 24.64
N LEU I 421 -7.80 -52.55 24.11
CA LEU I 421 -6.47 -53.11 24.02
C LEU I 421 -5.99 -53.46 25.41
N ASP I 422 -6.31 -52.63 26.39
CA ASP I 422 -5.89 -52.86 27.76
C ASP I 422 -6.42 -54.19 28.26
N LEU I 423 -7.74 -54.31 28.24
CA LEU I 423 -8.44 -55.49 28.71
C LEU I 423 -8.23 -56.75 27.88
N ASP I 424 -8.35 -56.60 26.58
CA ASP I 424 -8.23 -57.72 25.65
C ASP I 424 -6.83 -57.98 25.12
N ARG I 425 -5.84 -57.89 26.00
CA ARG I 425 -4.45 -58.08 25.60
C ARG I 425 -3.90 -59.50 25.52
N GLU I 426 -4.60 -60.48 26.08
CA GLU I 426 -4.06 -61.83 26.05
C GLU I 426 -3.65 -62.36 24.69
N PHE I 427 -4.53 -62.24 23.71
CA PHE I 427 -4.22 -62.75 22.38
C PHE I 427 -2.95 -62.16 21.77
N LEU I 428 -2.52 -61.01 22.28
CA LEU I 428 -1.31 -60.36 21.79
C LEU I 428 -0.06 -60.84 22.53
N LYS I 429 -0.23 -61.18 23.81
CA LYS I 429 0.86 -61.67 24.64
C LYS I 429 1.25 -63.11 24.30
N ALA I 430 0.35 -63.79 23.60
CA ALA I 430 0.57 -65.17 23.17
C ALA I 430 1.92 -65.27 22.49
N GLY I 431 2.63 -66.35 22.78
CA GLY I 431 3.94 -66.54 22.18
C GLY I 431 4.97 -65.53 22.62
N GLY I 432 4.63 -64.70 23.61
CA GLY I 432 5.56 -63.70 24.12
C GLY I 432 5.89 -62.60 23.11
N VAL I 433 5.01 -62.43 22.11
CA VAL I 433 5.14 -61.43 21.05
C VAL I 433 5.04 -60.03 21.64
N PHE I 434 3.93 -59.74 22.30
CA PHE I 434 3.73 -58.44 22.96
C PHE I 434 3.86 -58.61 24.47
N THR I 435 4.65 -57.75 25.12
CA THR I 435 4.77 -57.81 26.56
C THR I 435 3.80 -56.79 27.15
N ASP I 436 3.45 -56.95 28.42
CA ASP I 436 2.55 -56.02 29.09
C ASP I 436 3.16 -54.63 29.05
N GLU I 437 4.46 -54.56 29.34
CA GLU I 437 5.16 -53.29 29.38
C GLU I 437 5.06 -52.55 28.06
N ALA I 438 5.25 -53.27 26.96
CA ALA I 438 5.15 -52.68 25.64
C ALA I 438 3.75 -52.10 25.45
N ILE I 439 2.76 -52.94 25.69
CA ILE I 439 1.38 -52.54 25.54
C ILE I 439 1.01 -51.34 26.42
N ASP I 440 1.42 -51.37 27.67
CA ASP I 440 1.12 -50.28 28.58
C ASP I 440 1.78 -48.97 28.16
N ALA I 441 2.97 -49.09 27.59
CA ALA I 441 3.75 -47.93 27.14
C ALA I 441 3.09 -47.31 25.93
N TYR I 442 2.65 -48.15 25.01
CA TYR I 442 1.97 -47.71 23.80
C TYR I 442 0.72 -46.97 24.20
N ILE I 443 -0.06 -47.56 25.09
CA ILE I 443 -1.30 -46.96 25.55
C ILE I 443 -1.04 -45.61 26.19
N ALA I 444 0.05 -45.51 26.93
CA ALA I 444 0.36 -44.24 27.60
C ALA I 444 0.71 -43.16 26.59
N LEU I 445 1.42 -43.54 25.53
CA LEU I 445 1.80 -42.58 24.51
C LEU I 445 0.56 -42.01 23.84
N ARG I 446 -0.37 -42.90 23.51
CA ARG I 446 -1.58 -42.47 22.84
C ARG I 446 -2.55 -41.73 23.74
N ARG I 447 -2.53 -42.00 25.04
CA ARG I 447 -3.47 -41.32 25.92
C ARG I 447 -3.15 -39.86 26.09
N GLU I 448 -1.86 -39.58 25.94
CA GLU I 448 -1.31 -38.25 26.04
C GLU I 448 -1.81 -37.48 24.81
N GLU I 449 -1.84 -38.17 23.66
CA GLU I 449 -2.33 -37.57 22.43
C GLU I 449 -3.84 -37.39 22.55
N ASP I 450 -4.53 -38.43 23.01
CA ASP I 450 -5.98 -38.34 23.17
C ASP I 450 -6.35 -37.15 24.06
N ASP I 451 -5.51 -36.88 25.06
CA ASP I 451 -5.77 -35.79 25.99
C ASP I 451 -5.74 -34.42 25.38
N ARG I 452 -4.79 -34.20 24.47
CA ARG I 452 -4.65 -32.91 23.82
C ARG I 452 -5.94 -32.59 23.12
N VAL I 453 -6.46 -33.57 22.39
CA VAL I 453 -7.68 -33.35 21.65
C VAL I 453 -8.89 -33.21 22.58
N ARG I 454 -8.94 -33.99 23.65
CA ARG I 454 -10.08 -33.92 24.55
C ARG I 454 -10.12 -32.62 25.35
N MET I 455 -8.94 -32.11 25.68
CA MET I 455 -8.85 -30.91 26.49
C MET I 455 -8.85 -29.57 25.78
N THR I 456 -8.53 -29.55 24.48
CA THR I 456 -8.47 -28.29 23.74
C THR I 456 -9.79 -27.92 23.11
N PRO I 457 -10.31 -26.72 23.40
CA PRO I 457 -11.58 -26.31 22.80
C PRO I 457 -11.55 -26.46 21.30
N HIS I 458 -12.66 -26.94 20.75
CA HIS I 458 -12.78 -27.17 19.32
C HIS I 458 -13.52 -26.01 18.66
N PRO I 459 -13.04 -25.53 17.52
CA PRO I 459 -13.68 -24.43 16.80
C PRO I 459 -15.20 -24.57 16.72
N VAL I 460 -15.66 -25.78 16.45
CA VAL I 460 -17.10 -26.05 16.32
C VAL I 460 -17.85 -25.82 17.62
N GLU I 461 -17.15 -25.94 18.74
CA GLU I 461 -17.80 -25.71 20.02
C GLU I 461 -18.23 -24.28 20.15
N PHE I 462 -17.52 -23.38 19.47
CA PHE I 462 -17.89 -21.95 19.51
C PHE I 462 -19.15 -21.71 18.68
N GLU I 463 -19.20 -22.35 17.53
CA GLU I 463 -20.33 -22.24 16.67
C GLU I 463 -21.56 -22.72 17.42
N LEU I 464 -21.41 -23.87 18.07
CA LEU I 464 -22.47 -24.53 18.83
C LEU I 464 -22.80 -23.89 20.17
N TYR I 465 -21.81 -23.42 20.94
CA TYR I 465 -22.12 -22.92 22.27
C TYR I 465 -21.65 -21.50 22.63
N TYR I 466 -21.07 -20.70 21.75
CA TYR I 466 -20.63 -19.38 22.21
C TYR I 466 -21.79 -18.52 22.77
N SER I 467 -22.96 -18.61 22.12
CA SER I 467 -24.14 -17.83 22.51
C SER I 467 -25.04 -18.50 23.52
N VAL I 468 -24.50 -19.51 24.18
CA VAL I 468 -25.23 -20.25 25.17
C VAL I 468 -25.69 -19.40 26.34
N SER J 1 56.50 -30.72 9.22
CA SER J 1 57.35 -30.50 8.05
C SER J 1 56.99 -29.21 7.36
N ALA J 2 58.04 -28.40 7.26
CA ALA J 2 57.97 -27.14 6.60
C ALA J 2 58.13 -27.35 5.10
N GLU J 3 58.65 -28.51 4.71
CA GLU J 3 58.85 -28.84 3.29
C GLU J 3 57.57 -29.34 2.66
N HIS J 4 56.79 -30.06 3.47
CA HIS J 4 55.51 -30.59 3.04
C HIS J 4 54.62 -29.41 2.72
N VAL J 5 54.77 -28.36 3.52
CA VAL J 5 54.01 -27.14 3.32
C VAL J 5 54.39 -26.49 2.01
N LEU J 6 55.68 -26.34 1.77
CA LEU J 6 56.14 -25.71 0.54
C LEU J 6 55.71 -26.47 -0.72
N THR J 7 55.43 -27.77 -0.57
CA THR J 7 54.98 -28.55 -1.73
C THR J 7 53.47 -28.42 -1.88
N MET J 8 52.76 -28.25 -0.76
CA MET J 8 51.30 -28.08 -0.80
C MET J 8 51.00 -26.75 -1.47
N LEU J 9 51.91 -25.79 -1.33
CA LEU J 9 51.77 -24.49 -1.95
C LEU J 9 51.78 -24.58 -3.46
N ASN J 10 52.63 -25.47 -3.99
CA ASN J 10 52.72 -25.65 -5.44
C ASN J 10 51.67 -26.59 -6.00
N GLU J 11 51.38 -27.62 -5.23
CA GLU J 11 50.42 -28.64 -5.60
C GLU J 11 49.01 -28.09 -5.76
N HIS J 12 48.66 -27.14 -4.89
CA HIS J 12 47.34 -26.52 -4.93
C HIS J 12 47.37 -25.10 -5.49
N GLU J 13 48.52 -24.67 -6.02
CA GLU J 13 48.70 -23.33 -6.60
C GLU J 13 48.12 -22.28 -5.65
N VAL J 14 48.55 -22.35 -4.42
CA VAL J 14 48.10 -21.46 -3.37
C VAL J 14 48.52 -20.02 -3.59
N LYS J 15 47.57 -19.12 -3.42
CA LYS J 15 47.83 -17.70 -3.57
C LYS J 15 47.96 -17.03 -2.21
N PHE J 16 47.32 -17.60 -1.18
CA PHE J 16 47.39 -17.03 0.16
C PHE J 16 47.51 -18.04 1.27
N VAL J 17 48.01 -17.57 2.40
CA VAL J 17 48.16 -18.38 3.57
C VAL J 17 47.41 -17.67 4.66
N ASP J 18 46.45 -18.37 5.25
CA ASP J 18 45.61 -17.82 6.29
C ASP J 18 46.10 -18.34 7.63
N LEU J 19 46.70 -17.44 8.38
CA LEU J 19 47.25 -17.73 9.69
C LEU J 19 46.16 -17.68 10.74
N ARG J 20 45.95 -18.79 11.43
CA ARG J 20 44.91 -18.83 12.46
C ARG J 20 45.32 -19.10 13.88
N PHE J 21 44.54 -18.53 14.78
CA PHE J 21 44.77 -18.71 16.19
C PHE J 21 43.48 -18.44 16.98
N THR J 22 43.48 -18.75 18.27
CA THR J 22 42.31 -18.59 19.11
C THR J 22 42.54 -17.61 20.23
N ASP J 23 41.51 -16.84 20.59
CA ASP J 23 41.67 -15.89 21.67
C ASP J 23 41.22 -16.54 22.96
N THR J 24 41.30 -15.79 24.04
CA THR J 24 40.92 -16.32 25.34
C THR J 24 39.49 -16.83 25.38
N LYS J 25 38.55 -16.12 24.75
CA LYS J 25 37.16 -16.55 24.76
C LYS J 25 36.92 -17.83 23.99
N GLY J 26 37.83 -18.14 23.07
CA GLY J 26 37.72 -19.38 22.31
C GLY J 26 37.42 -19.20 20.85
N LYS J 27 37.42 -17.95 20.42
CA LYS J 27 37.09 -17.61 19.06
C LYS J 27 38.29 -17.61 18.13
N GLU J 28 38.19 -18.38 17.06
CA GLU J 28 39.26 -18.49 16.08
C GLU J 28 39.45 -17.13 15.40
N GLN J 29 40.70 -16.71 15.24
CA GLN J 29 41.05 -15.44 14.62
C GLN J 29 41.96 -15.71 13.45
N HIS J 30 42.14 -14.74 12.58
CA HIS J 30 43.00 -14.95 11.42
C HIS J 30 43.53 -13.69 10.79
N VAL J 31 44.60 -13.87 10.03
CA VAL J 31 45.24 -12.82 9.28
C VAL J 31 45.83 -13.55 8.07
N THR J 32 45.87 -12.87 6.93
CA THR J 32 46.31 -13.49 5.70
C THR J 32 47.53 -12.85 5.09
N ILE J 33 48.40 -13.68 4.51
CA ILE J 33 49.59 -13.18 3.81
C ILE J 33 49.67 -13.93 2.49
N PRO J 34 50.22 -13.27 1.46
CA PRO J 34 50.36 -13.87 0.14
C PRO J 34 51.26 -15.07 0.29
N ALA J 35 51.06 -16.09 -0.53
CA ALA J 35 51.91 -17.28 -0.44
C ALA J 35 53.39 -16.93 -0.59
N HIS J 36 53.69 -15.95 -1.43
CA HIS J 36 55.07 -15.54 -1.65
C HIS J 36 55.79 -14.95 -0.45
N GLN J 37 55.08 -14.80 0.66
CA GLN J 37 55.66 -14.27 1.89
C GLN J 37 56.14 -15.42 2.79
N VAL J 38 55.87 -16.65 2.34
CA VAL J 38 56.26 -17.85 3.06
C VAL J 38 57.65 -18.30 2.61
N ASN J 39 58.59 -18.19 3.53
CA ASN J 39 59.97 -18.54 3.29
C ASN J 39 60.51 -19.34 4.46
N ALA J 40 61.81 -19.61 4.44
CA ALA J 40 62.46 -20.36 5.51
C ALA J 40 62.31 -19.64 6.85
N GLU J 41 62.56 -18.34 6.83
CA GLU J 41 62.46 -17.51 8.04
C GLU J 41 61.13 -17.70 8.75
N PHE J 42 60.07 -17.52 7.98
CA PHE J 42 58.70 -17.67 8.41
C PHE J 42 58.49 -18.80 9.44
N PHE J 43 59.01 -19.98 9.14
CA PHE J 43 58.88 -21.11 10.06
C PHE J 43 59.71 -21.09 11.32
N GLU J 44 60.90 -20.51 11.25
CA GLU J 44 61.77 -20.48 12.41
C GLU J 44 61.52 -19.31 13.31
N GLU J 45 61.16 -18.17 12.73
CA GLU J 45 60.91 -16.99 13.55
C GLU J 45 59.49 -16.40 13.53
N GLY J 46 58.61 -17.01 12.74
CA GLY J 46 57.23 -16.54 12.64
C GLY J 46 57.07 -15.13 12.10
N LYS J 47 55.91 -14.53 12.37
CA LYS J 47 55.60 -13.16 11.95
C LYS J 47 55.15 -12.36 13.17
N MET J 48 55.43 -11.07 13.14
CA MET J 48 55.08 -10.16 14.24
C MET J 48 53.70 -9.57 14.12
N PHE J 49 53.04 -9.38 15.26
CA PHE J 49 51.73 -8.76 15.27
C PHE J 49 51.46 -8.08 16.61
N ASP J 50 50.49 -7.18 16.59
CA ASP J 50 50.10 -6.42 17.76
C ASP J 50 49.30 -7.22 18.77
N GLY J 51 49.86 -7.40 19.96
CA GLY J 51 49.18 -8.13 21.00
C GLY J 51 48.01 -7.38 21.57
N SER J 52 48.20 -6.09 21.89
CA SER J 52 47.17 -5.24 22.49
C SER J 52 45.77 -5.23 21.85
N SER J 53 45.67 -5.76 20.63
CA SER J 53 44.42 -5.80 19.89
C SER J 53 43.39 -6.88 20.31
N ILE J 54 43.90 -7.99 20.84
CA ILE J 54 43.06 -9.09 21.30
C ILE J 54 42.63 -8.86 22.75
N GLY J 55 41.37 -9.17 23.04
CA GLY J 55 40.87 -8.95 24.40
C GLY J 55 41.58 -9.79 25.44
N GLY J 56 41.96 -9.16 26.56
CA GLY J 56 42.59 -9.86 27.65
C GLY J 56 44.05 -10.24 27.42
N TRP J 57 44.70 -9.60 26.44
CA TRP J 57 46.08 -9.96 26.20
C TRP J 57 47.02 -8.86 26.71
N LYS J 58 48.07 -8.53 25.95
CA LYS J 58 49.05 -7.52 26.40
C LYS J 58 48.37 -6.14 26.58
N GLY J 59 48.83 -5.37 27.54
CA GLY J 59 48.25 -4.06 27.79
C GLY J 59 48.99 -2.92 27.07
N ILE J 60 49.02 -1.78 27.76
CA ILE J 60 49.61 -0.54 27.30
C ILE J 60 51.07 -0.57 26.85
N ASN J 61 51.91 -1.39 27.45
CA ASN J 61 53.32 -1.24 27.14
C ASN J 61 54.00 -2.25 26.29
N GLU J 62 53.57 -3.50 26.41
CA GLU J 62 54.20 -4.65 25.74
C GLU J 62 53.42 -5.22 24.58
N SER J 63 52.95 -4.41 23.68
CA SER J 63 52.12 -4.89 22.58
C SER J 63 52.63 -6.01 21.70
N ASP J 64 53.83 -5.85 21.17
CA ASP J 64 54.27 -6.84 20.17
C ASP J 64 54.65 -8.25 20.62
N MET J 65 54.11 -9.18 19.80
CA MET J 65 54.23 -10.63 20.00
C MET J 65 54.42 -11.40 18.69
N VAL J 66 54.69 -12.70 18.83
CA VAL J 66 54.96 -13.57 17.68
C VAL J 66 53.93 -14.64 17.31
N LEU J 67 53.65 -14.74 16.02
CA LEU J 67 52.75 -15.74 15.47
C LEU J 67 53.63 -16.84 14.92
N MET J 68 53.63 -17.99 15.59
CA MET J 68 54.48 -19.08 15.14
C MET J 68 53.73 -20.15 14.39
N PRO J 69 53.89 -20.21 13.08
CA PRO J 69 53.20 -21.23 12.29
C PRO J 69 53.56 -22.64 12.71
N ASP J 70 52.54 -23.47 12.84
CA ASP J 70 52.72 -24.87 13.20
C ASP J 70 52.47 -25.62 11.90
N ALA J 71 53.55 -25.97 11.22
CA ALA J 71 53.49 -26.65 9.94
C ALA J 71 52.71 -27.95 9.89
N SER J 72 52.44 -28.54 11.04
CA SER J 72 51.68 -29.79 11.05
C SER J 72 50.19 -29.58 10.75
N THR J 73 49.72 -28.35 10.97
CA THR J 73 48.32 -27.98 10.81
C THR J 73 47.87 -27.54 9.42
N ALA J 74 48.78 -27.48 8.46
CA ALA J 74 48.42 -27.02 7.12
C ALA J 74 47.25 -27.74 6.45
N VAL J 75 46.25 -26.97 6.08
CA VAL J 75 45.08 -27.50 5.40
C VAL J 75 44.45 -26.40 4.56
N ILE J 76 43.98 -26.80 3.39
CA ILE J 76 43.34 -25.91 2.42
C ILE J 76 41.98 -25.42 2.89
N ASP J 77 41.68 -24.14 2.66
CA ASP J 77 40.37 -23.61 3.03
C ASP J 77 39.44 -23.96 1.89
N PRO J 78 38.33 -24.62 2.20
CA PRO J 78 37.34 -25.05 1.21
C PRO J 78 36.31 -24.05 0.80
N PHE J 79 36.34 -22.86 1.39
CA PHE J 79 35.37 -21.82 1.08
C PHE J 79 35.89 -20.61 0.35
N PHE J 80 37.08 -20.14 0.71
CA PHE J 80 37.66 -18.96 0.07
C PHE J 80 37.73 -19.13 -1.45
N ALA J 81 37.53 -18.04 -2.18
CA ALA J 81 37.52 -18.04 -3.64
C ALA J 81 38.85 -18.30 -4.33
N ASP J 82 39.91 -17.79 -3.73
CA ASP J 82 41.27 -17.92 -4.22
C ASP J 82 41.91 -18.99 -3.38
N SER J 83 42.70 -19.88 -3.99
CA SER J 83 43.36 -20.96 -3.25
C SER J 83 44.15 -20.48 -2.05
N THR J 84 43.74 -20.92 -0.86
CA THR J 84 44.46 -20.49 0.32
C THR J 84 44.65 -21.58 1.33
N LEU J 85 45.84 -21.55 1.93
CA LEU J 85 46.23 -22.55 2.88
C LEU J 85 46.17 -22.02 4.28
N ILE J 86 45.50 -22.79 5.13
CA ILE J 86 45.37 -22.42 6.53
C ILE J 86 46.49 -23.04 7.32
N ILE J 87 47.10 -22.25 8.20
CA ILE J 87 48.16 -22.72 9.08
C ILE J 87 47.88 -22.15 10.45
N ARG J 88 47.61 -23.05 11.38
CA ARG J 88 47.34 -22.69 12.77
C ARG J 88 48.67 -22.22 13.34
N CYS J 89 48.62 -21.28 14.28
CA CYS J 89 49.84 -20.72 14.85
C CYS J 89 49.77 -20.68 16.35
N ASP J 90 50.92 -20.65 17.03
CA ASP J 90 50.91 -20.51 18.49
C ASP J 90 51.37 -19.07 18.68
N ILE J 91 51.11 -18.53 19.85
CA ILE J 91 51.50 -17.17 20.16
C ILE J 91 52.68 -17.25 21.10
N LEU J 92 53.83 -16.78 20.64
CA LEU J 92 55.05 -16.82 21.45
C LEU J 92 55.48 -15.45 21.89
N GLU J 93 56.18 -15.42 23.02
CA GLU J 93 56.71 -14.18 23.59
C GLU J 93 57.92 -13.87 22.67
N PRO J 94 58.11 -12.60 22.26
CA PRO J 94 59.25 -12.27 21.38
C PRO J 94 60.62 -12.48 22.01
N GLY J 95 61.58 -12.88 21.19
CA GLY J 95 62.93 -13.12 21.68
C GLY J 95 63.00 -14.47 22.37
N THR J 96 62.35 -14.57 23.52
CA THR J 96 62.33 -15.82 24.27
C THR J 96 61.67 -16.93 23.44
N LEU J 97 60.72 -16.54 22.60
CA LEU J 97 59.97 -17.47 21.75
C LEU J 97 59.41 -18.60 22.60
N GLN J 98 58.95 -18.22 23.79
CA GLN J 98 58.50 -19.23 24.74
C GLN J 98 57.08 -19.80 24.57
N GLY J 99 56.12 -18.95 24.52
CA GLY J 99 54.75 -19.41 24.47
C GLY J 99 54.04 -18.58 25.50
N TYR J 100 53.27 -17.65 24.99
CA TYR J 100 52.53 -16.69 25.78
C TYR J 100 51.67 -17.34 26.86
N ASP J 101 51.77 -16.81 28.07
CA ASP J 101 51.02 -17.32 29.21
C ASP J 101 49.54 -17.36 28.94
N ARG J 102 49.06 -16.36 28.21
CA ARG J 102 47.65 -16.24 27.90
C ARG J 102 47.20 -16.90 26.59
N ASP J 103 48.12 -17.53 25.85
CA ASP J 103 47.77 -18.21 24.61
C ASP J 103 47.17 -19.57 24.97
N PRO J 104 45.88 -19.75 24.71
CA PRO J 104 45.15 -20.98 24.99
C PRO J 104 45.72 -22.21 24.34
N ARG J 105 46.38 -22.07 23.20
CA ARG J 105 46.92 -23.26 22.58
C ARG J 105 48.20 -23.65 23.29
N SER J 106 48.98 -22.64 23.68
CA SER J 106 50.22 -22.88 24.41
C SER J 106 49.90 -23.55 25.73
N ILE J 107 48.84 -23.06 26.38
CA ILE J 107 48.38 -23.59 27.65
C ILE J 107 47.98 -25.05 27.54
N ALA J 108 47.31 -25.39 26.45
CA ALA J 108 46.87 -26.75 26.24
C ALA J 108 48.08 -27.63 25.98
N LYS J 109 49.06 -27.10 25.26
CA LYS J 109 50.26 -27.89 24.97
C LYS J 109 51.01 -28.13 26.28
N ARG J 110 51.13 -27.08 27.09
CA ARG J 110 51.80 -27.19 28.39
C ARG J 110 51.19 -28.29 29.24
N ALA J 111 49.87 -28.39 29.16
CA ALA J 111 49.14 -29.38 29.93
C ALA J 111 49.43 -30.79 29.42
N GLU J 112 49.64 -30.94 28.12
CA GLU J 112 49.92 -32.27 27.59
C GLU J 112 51.34 -32.65 28.01
N ASP J 113 52.21 -31.64 28.09
CA ASP J 113 53.60 -31.84 28.50
C ASP J 113 53.61 -32.32 29.95
N TYR J 114 52.99 -31.55 30.83
CA TYR J 114 52.91 -31.89 32.25
C TYR J 114 52.37 -33.30 32.50
N LEU J 115 51.53 -33.79 31.59
CA LEU J 115 50.97 -35.13 31.71
C LEU J 115 52.13 -36.12 31.57
N ARG J 116 52.86 -35.99 30.49
CA ARG J 116 54.02 -36.85 30.22
C ARG J 116 55.05 -36.73 31.34
N ALA J 117 55.27 -35.51 31.82
CA ALA J 117 56.23 -35.25 32.90
C ALA J 117 55.92 -36.02 34.18
N THR J 118 54.68 -35.94 34.66
CA THR J 118 54.30 -36.66 35.88
C THR J 118 54.44 -38.15 35.65
N GLY J 119 54.56 -38.52 34.38
CA GLY J 119 54.68 -39.91 34.01
C GLY J 119 53.39 -40.69 34.23
N ILE J 120 52.31 -40.01 34.59
CA ILE J 120 51.03 -40.70 34.79
C ILE J 120 50.54 -41.39 33.53
N ALA J 121 50.81 -40.79 32.37
CA ALA J 121 50.43 -41.32 31.06
C ALA J 121 51.20 -40.53 30.02
N ASP J 122 51.18 -40.97 28.76
CA ASP J 122 51.90 -40.24 27.73
C ASP J 122 51.05 -39.47 26.73
N THR J 123 49.74 -39.74 26.72
CA THR J 123 48.79 -39.06 25.84
C THR J 123 47.39 -39.02 26.44
N VAL J 124 46.66 -37.92 26.20
CA VAL J 124 45.27 -37.75 26.69
C VAL J 124 44.34 -37.84 25.50
N LEU J 125 43.22 -38.53 25.66
CA LEU J 125 42.28 -38.65 24.57
C LEU J 125 40.95 -37.93 24.82
N PHE J 126 40.61 -37.04 23.90
CA PHE J 126 39.37 -36.26 23.99
C PHE J 126 38.44 -36.51 22.84
N GLY J 127 37.19 -36.80 23.19
CA GLY J 127 36.16 -37.03 22.19
C GLY J 127 34.97 -36.17 22.54
N PRO J 128 35.00 -34.87 22.20
CA PRO J 128 33.88 -33.96 22.51
C PRO J 128 32.76 -34.12 21.49
N GLU J 129 31.53 -33.86 21.92
CA GLU J 129 30.36 -33.99 21.05
C GLU J 129 29.60 -32.69 20.99
N PRO J 130 30.13 -31.72 20.25
CA PRO J 130 29.40 -30.45 20.19
C PRO J 130 28.15 -30.54 19.33
N GLU J 131 27.08 -29.96 19.86
CA GLU J 131 25.78 -29.89 19.19
C GLU J 131 25.61 -28.45 18.74
N PHE J 132 24.70 -28.20 17.80
CA PHE J 132 24.49 -26.83 17.35
C PHE J 132 23.12 -26.63 16.74
N PHE J 133 22.77 -25.38 16.47
CA PHE J 133 21.48 -25.05 15.84
C PHE J 133 21.68 -24.38 14.51
N LEU J 134 20.76 -24.68 13.59
CA LEU J 134 20.76 -24.07 12.25
C LEU J 134 19.47 -23.29 12.06
N PHE J 135 19.56 -21.96 11.94
CA PHE J 135 18.38 -21.12 11.77
C PHE J 135 18.39 -20.45 10.43
N ASP J 136 17.30 -19.74 10.13
CA ASP J 136 17.15 -18.99 8.90
C ASP J 136 17.30 -17.50 9.20
N ASP J 137 16.83 -17.09 10.37
CA ASP J 137 16.83 -15.68 10.76
C ASP J 137 17.09 -15.57 12.25
N ILE J 138 18.00 -14.67 12.61
CA ILE J 138 18.32 -14.40 14.00
C ILE J 138 18.44 -12.90 14.12
N ARG J 139 17.63 -12.31 14.99
CA ARG J 139 17.57 -10.87 15.21
C ARG J 139 17.64 -10.58 16.67
N PHE J 140 18.39 -9.57 17.07
CA PHE J 140 18.43 -9.19 18.46
C PHE J 140 19.00 -7.80 18.61
N GLY J 141 18.79 -7.24 19.79
CA GLY J 141 19.29 -5.91 20.08
C GLY J 141 18.96 -5.52 21.50
N ALA J 142 19.56 -4.43 21.94
CA ALA J 142 19.33 -3.92 23.28
C ALA J 142 19.79 -2.49 23.29
N SER J 143 18.92 -1.62 23.75
CA SER J 143 19.21 -0.21 23.83
C SER J 143 18.49 0.28 25.08
N ILE J 144 18.54 1.57 25.31
CA ILE J 144 17.92 2.10 26.50
C ILE J 144 16.42 1.81 26.59
N SER J 145 15.73 1.85 25.46
CA SER J 145 14.30 1.66 25.47
C SER J 145 13.81 0.23 25.39
N GLY J 146 14.72 -0.74 25.44
CA GLY J 146 14.26 -2.11 25.41
C GLY J 146 15.30 -3.08 24.91
N SER J 147 14.86 -4.27 24.56
CA SER J 147 15.75 -5.29 24.04
C SER J 147 14.91 -6.43 23.51
N HIS J 148 15.52 -7.28 22.69
CA HIS J 148 14.77 -8.40 22.15
C HIS J 148 15.64 -9.39 21.45
N VAL J 149 15.05 -10.57 21.19
CA VAL J 149 15.68 -11.62 20.42
C VAL J 149 14.59 -12.38 19.76
N ALA J 150 14.78 -12.57 18.47
CA ALA J 150 13.81 -13.29 17.67
C ALA J 150 14.47 -14.36 16.86
N ILE J 151 14.05 -15.60 17.00
CA ILE J 151 14.66 -16.70 16.27
C ILE J 151 13.71 -17.21 15.22
N ASP J 152 14.22 -17.63 14.08
CA ASP J 152 13.31 -18.18 13.11
C ASP J 152 13.98 -19.22 12.23
N ASP J 153 13.25 -20.29 11.98
CA ASP J 153 13.72 -21.35 11.12
C ASP J 153 12.54 -22.06 10.51
N ILE J 154 12.75 -22.59 9.33
CA ILE J 154 11.68 -23.27 8.64
C ILE J 154 11.19 -24.50 9.40
N GLU J 155 12.01 -25.02 10.30
CA GLU J 155 11.65 -26.19 11.09
C GLU J 155 10.95 -25.83 12.37
N GLY J 156 11.06 -24.59 12.80
CA GLY J 156 10.43 -24.21 14.04
C GLY J 156 8.97 -24.61 14.12
N ALA J 157 8.59 -25.27 15.20
CA ALA J 157 7.21 -25.70 15.35
C ALA J 157 6.21 -24.55 15.23
N TRP J 158 6.64 -23.37 15.67
CA TRP J 158 5.77 -22.20 15.64
C TRP J 158 5.33 -21.81 14.24
N ASN J 159 6.08 -22.26 13.23
CA ASN J 159 5.73 -21.93 11.86
C ASN J 159 4.66 -22.82 11.28
N SER J 160 4.06 -23.67 12.11
CA SER J 160 3.00 -24.54 11.61
C SER J 160 1.84 -23.67 11.10
N SER J 161 1.77 -22.44 11.60
CA SER J 161 0.71 -21.52 11.21
C SER J 161 1.12 -20.40 10.25
N THR J 162 2.40 -20.33 9.93
CA THR J 162 2.91 -19.28 9.06
C THR J 162 2.53 -19.38 7.59
N LYS J 163 2.18 -18.23 7.01
CA LYS J 163 1.84 -18.21 5.59
C LYS J 163 3.12 -18.05 4.82
N TYR J 164 3.32 -18.90 3.82
CA TYR J 164 4.52 -18.86 3.00
C TYR J 164 4.13 -18.56 1.57
N GLU J 165 5.04 -17.90 0.85
CA GLU J 165 4.85 -17.52 -0.54
C GLU J 165 4.32 -18.68 -1.38
N GLY J 166 5.06 -19.79 -1.38
CA GLY J 166 4.63 -20.93 -2.17
C GLY J 166 3.83 -21.98 -1.39
N GLY J 167 3.24 -21.56 -0.29
CA GLY J 167 2.48 -22.49 0.54
C GLY J 167 3.31 -23.09 1.66
N ASN J 168 2.68 -23.34 2.79
CA ASN J 168 3.34 -23.95 3.95
C ASN J 168 3.27 -25.46 3.71
N LYS J 169 4.43 -26.11 3.60
CA LYS J 169 4.49 -27.55 3.31
C LYS J 169 4.41 -28.44 4.55
N GLY J 170 4.32 -27.74 5.62
CA GLY J 170 4.24 -28.19 6.96
C GLY J 170 4.62 -29.62 7.36
N HIS J 171 5.89 -29.99 7.36
CA HIS J 171 6.33 -31.23 8.04
C HIS J 171 7.46 -30.82 8.93
N ARG J 172 7.13 -30.45 10.13
CA ARG J 172 8.11 -29.92 11.04
C ARG J 172 8.24 -30.70 12.32
N PRO J 173 9.43 -30.69 12.90
CA PRO J 173 9.72 -31.38 14.14
C PRO J 173 9.04 -30.58 15.23
N GLY J 174 8.23 -31.23 16.05
CA GLY J 174 7.56 -30.53 17.12
C GLY J 174 8.56 -30.22 18.23
N VAL J 175 8.12 -29.56 19.29
CA VAL J 175 9.01 -29.23 20.40
C VAL J 175 9.54 -30.54 21.00
N LYS J 176 10.86 -30.61 21.17
CA LYS J 176 11.55 -31.81 21.70
C LYS J 176 11.27 -33.03 20.80
N GLY J 177 10.84 -32.80 19.56
CA GLY J 177 10.52 -33.92 18.69
C GLY J 177 11.46 -34.08 17.46
N GLY J 178 12.69 -33.63 17.60
CA GLY J 178 13.63 -33.70 16.51
C GLY J 178 14.41 -35.00 16.43
N TYR J 179 14.34 -35.84 17.47
CA TYR J 179 15.14 -37.08 17.43
C TYR J 179 14.64 -38.12 16.42
N PHE J 180 15.16 -37.89 15.20
CA PHE J 180 15.26 -38.76 13.99
C PHE J 180 14.08 -38.87 13.01
N PRO J 181 12.97 -38.13 13.09
CA PRO J 181 12.06 -38.27 11.96
C PRO J 181 12.76 -38.15 10.64
N VAL J 182 12.53 -39.09 9.74
CA VAL J 182 13.20 -38.97 8.42
C VAL J 182 12.67 -37.77 7.65
N PRO J 183 13.40 -37.33 6.63
CA PRO J 183 12.93 -36.20 5.82
C PRO J 183 11.57 -36.57 5.26
N PRO J 184 10.77 -35.57 4.91
CA PRO J 184 11.06 -34.14 5.03
C PRO J 184 10.95 -33.48 6.39
N VAL J 185 10.56 -34.21 7.44
CA VAL J 185 10.48 -33.58 8.77
C VAL J 185 11.87 -33.06 9.09
N ASP J 186 12.88 -33.88 8.83
CA ASP J 186 14.26 -33.49 9.06
C ASP J 186 14.67 -32.80 7.76
N SER J 187 14.90 -31.50 7.82
CA SER J 187 15.23 -30.75 6.62
C SER J 187 16.71 -30.59 6.39
N ALA J 188 17.53 -31.16 7.26
CA ALA J 188 18.97 -30.95 7.14
C ALA J 188 19.89 -32.10 6.76
N GLN J 189 19.38 -33.09 6.05
CA GLN J 189 20.22 -34.20 5.67
C GLN J 189 21.35 -33.75 4.75
N ASP J 190 21.01 -33.12 3.63
CA ASP J 190 22.03 -32.69 2.69
C ASP J 190 23.08 -31.78 3.32
N ILE J 191 22.65 -30.88 4.19
CA ILE J 191 23.59 -29.98 4.81
C ILE J 191 24.48 -30.68 5.82
N ARG J 192 23.92 -31.59 6.61
CA ARG J 192 24.76 -32.30 7.57
C ARG J 192 25.83 -33.10 6.82
N SER J 193 25.50 -33.66 5.67
CA SER J 193 26.53 -34.38 4.97
C SER J 193 27.61 -33.54 4.34
N GLU J 194 27.24 -32.38 3.83
CA GLU J 194 28.26 -31.48 3.26
C GLU J 194 29.20 -31.15 4.40
N MET J 195 28.65 -30.87 5.57
CA MET J 195 29.50 -30.54 6.72
C MET J 195 30.46 -31.70 6.97
N CYS J 196 29.95 -32.91 6.85
CA CYS J 196 30.80 -34.09 7.07
C CYS J 196 31.90 -34.18 6.04
N LEU J 197 31.53 -34.14 4.77
CA LEU J 197 32.51 -34.22 3.71
C LEU J 197 33.58 -33.16 3.87
N VAL J 198 33.15 -31.93 4.14
CA VAL J 198 34.11 -30.84 4.28
C VAL J 198 34.97 -31.02 5.51
N MET J 199 34.37 -31.49 6.60
CA MET J 199 35.14 -31.70 7.81
C MET J 199 36.25 -32.69 7.53
N GLU J 200 35.93 -33.73 6.78
CA GLU J 200 36.94 -34.72 6.47
C GLU J 200 37.98 -34.19 5.50
N GLN J 201 37.59 -33.34 4.57
CA GLN J 201 38.56 -32.75 3.66
C GLN J 201 39.54 -31.92 4.49
N MET J 202 39.11 -31.56 5.68
CA MET J 202 39.96 -30.76 6.56
C MET J 202 40.65 -31.55 7.65
N GLY J 203 40.65 -32.87 7.51
CA GLY J 203 41.36 -33.72 8.46
C GLY J 203 40.60 -34.33 9.60
N LEU J 204 39.33 -34.02 9.72
CA LEU J 204 38.55 -34.61 10.80
C LEU J 204 38.05 -35.96 10.31
N VAL J 205 37.66 -36.81 11.24
CA VAL J 205 37.12 -38.11 10.89
C VAL J 205 35.75 -38.16 11.50
N VAL J 206 34.76 -38.32 10.62
CA VAL J 206 33.38 -38.31 11.04
C VAL J 206 32.85 -39.69 11.36
N GLU J 207 32.13 -39.78 12.47
CA GLU J 207 31.54 -41.04 12.88
C GLU J 207 30.05 -41.11 12.59
N ALA J 208 29.37 -39.98 12.71
CA ALA J 208 27.94 -39.95 12.44
C ALA J 208 27.37 -38.55 12.41
N HIS J 209 26.17 -38.43 11.86
CA HIS J 209 25.48 -37.16 11.86
C HIS J 209 23.99 -37.41 11.94
N HIS J 210 23.34 -36.53 12.67
CA HIS J 210 21.92 -36.69 12.87
C HIS J 210 21.28 -35.40 13.39
N HIS J 211 19.97 -35.34 13.28
CA HIS J 211 19.21 -34.22 13.79
C HIS J 211 19.20 -34.40 15.30
N GLU J 212 19.17 -33.32 16.06
CA GLU J 212 19.11 -33.49 17.51
C GLU J 212 17.67 -33.33 17.99
N VAL J 213 17.48 -33.21 19.31
CA VAL J 213 16.14 -33.17 19.89
C VAL J 213 15.28 -31.94 19.61
N ALA J 214 15.84 -30.77 19.72
CA ALA J 214 15.04 -29.56 19.59
C ALA J 214 14.45 -29.29 18.23
N THR J 215 13.30 -28.61 18.22
CA THR J 215 12.65 -28.20 16.98
C THR J 215 13.56 -27.07 16.45
N ALA J 216 13.26 -26.57 15.28
CA ALA J 216 14.01 -25.44 14.77
C ALA J 216 15.49 -25.68 14.49
N GLY J 217 15.87 -26.86 14.00
CA GLY J 217 17.23 -27.09 13.53
C GLY J 217 18.36 -27.46 14.49
N GLN J 218 18.09 -28.19 15.55
CA GLN J 218 19.24 -28.61 16.33
C GLN J 218 19.84 -29.79 15.60
N ASN J 219 21.16 -29.82 15.46
CA ASN J 219 21.80 -30.88 14.71
C ASN J 219 23.13 -31.25 15.36
N GLU J 220 23.71 -32.37 14.92
CA GLU J 220 24.99 -32.82 15.45
C GLU J 220 25.80 -33.64 14.48
N VAL J 221 27.10 -33.34 14.42
CA VAL J 221 28.07 -34.10 13.63
C VAL J 221 29.06 -34.67 14.63
N ALA J 222 29.09 -35.98 14.72
CA ALA J 222 30.00 -36.66 15.64
C ALA J 222 31.30 -37.00 14.96
N THR J 223 32.39 -36.56 15.57
CA THR J 223 33.70 -36.82 15.03
C THR J 223 34.55 -37.72 15.96
N ARG J 224 35.52 -38.43 15.39
CA ARG J 224 36.40 -39.29 16.15
C ARG J 224 37.30 -38.47 17.06
N PHE J 225 37.59 -39.07 18.23
CA PHE J 225 38.41 -38.43 19.23
C PHE J 225 39.81 -38.24 18.64
N ASN J 226 40.69 -37.64 19.41
CA ASN J 226 42.07 -37.38 19.03
C ASN J 226 42.79 -36.92 20.28
N THR J 227 44.10 -36.72 20.19
CA THR J 227 44.84 -36.27 21.36
C THR J 227 44.34 -34.88 21.69
N MET J 228 44.33 -34.56 22.97
CA MET J 228 43.78 -33.29 23.47
C MET J 228 44.01 -32.05 22.59
N THR J 229 45.25 -31.56 22.46
CA THR J 229 45.45 -30.35 21.68
C THR J 229 45.00 -30.46 20.21
N LYS J 230 45.22 -31.61 19.58
CA LYS J 230 44.81 -31.75 18.19
C LYS J 230 43.26 -31.73 18.11
N LYS J 231 42.60 -32.17 19.17
CA LYS J 231 41.15 -32.20 19.16
C LYS J 231 40.56 -30.81 19.30
N ALA J 232 41.17 -29.97 20.13
CA ALA J 232 40.72 -28.61 20.30
C ALA J 232 40.88 -27.90 18.95
N ASP J 233 41.95 -28.24 18.22
CA ASP J 233 42.18 -27.67 16.91
C ASP J 233 40.98 -28.13 16.07
N GLU J 234 40.67 -29.42 16.13
CA GLU J 234 39.54 -29.97 15.39
C GLU J 234 38.22 -29.29 15.72
N ILE J 235 38.03 -28.91 16.98
CA ILE J 235 36.80 -28.24 17.39
C ILE J 235 36.68 -26.92 16.65
N GLN J 236 37.77 -26.17 16.61
CA GLN J 236 37.81 -24.89 15.92
C GLN J 236 37.46 -25.04 14.43
N ILE J 237 38.00 -26.08 13.81
CA ILE J 237 37.76 -26.37 12.40
C ILE J 237 36.32 -26.80 12.25
N TYR J 238 35.89 -27.60 13.17
CA TYR J 238 34.53 -28.09 13.19
C TYR J 238 33.56 -26.92 13.17
N LYS J 239 33.75 -25.99 14.11
CA LYS J 239 32.89 -24.83 14.18
C LYS J 239 32.96 -24.02 12.91
N TYR J 240 34.17 -23.88 12.38
CA TYR J 240 34.37 -23.13 11.17
C TYR J 240 33.58 -23.75 10.03
N VAL J 241 33.67 -25.06 9.90
CA VAL J 241 32.95 -25.72 8.83
C VAL J 241 31.46 -25.56 9.01
N VAL J 242 30.99 -25.79 10.23
CA VAL J 242 29.57 -25.67 10.51
C VAL J 242 29.07 -24.26 10.17
N HIS J 243 29.76 -23.25 10.69
CA HIS J 243 29.37 -21.87 10.46
C HIS J 243 29.34 -21.50 8.99
N ASN J 244 30.37 -21.91 8.27
CA ASN J 244 30.46 -21.56 6.87
C ASN J 244 29.63 -22.39 5.90
N VAL J 245 29.41 -23.66 6.20
CA VAL J 245 28.57 -24.44 5.31
C VAL J 245 27.15 -23.91 5.50
N ALA J 246 26.79 -23.60 6.73
CA ALA J 246 25.47 -23.07 7.00
C ALA J 246 25.27 -21.78 6.22
N HIS J 247 26.25 -20.89 6.30
CA HIS J 247 26.20 -19.61 5.60
C HIS J 247 26.02 -19.85 4.11
N ARG J 248 26.77 -20.79 3.55
CA ARG J 248 26.66 -21.07 2.13
C ARG J 248 25.31 -21.66 1.75
N PHE J 249 24.63 -22.28 2.70
CA PHE J 249 23.31 -22.86 2.42
C PHE J 249 22.18 -21.91 2.75
N GLY J 250 22.52 -20.68 3.11
CA GLY J 250 21.48 -19.72 3.42
C GLY J 250 20.99 -19.84 4.85
N LYS J 251 21.77 -20.47 5.71
CA LYS J 251 21.38 -20.58 7.10
C LYS J 251 22.38 -19.84 7.97
N THR J 252 22.20 -19.95 9.28
CA THR J 252 23.10 -19.32 10.22
C THR J 252 23.16 -20.28 11.38
N ALA J 253 24.36 -20.69 11.76
CA ALA J 253 24.51 -21.63 12.86
C ALA J 253 25.00 -21.01 14.12
N THR J 254 24.57 -21.56 15.25
CA THR J 254 25.06 -21.07 16.53
C THR J 254 25.40 -22.20 17.49
N PHE J 255 26.48 -22.01 18.23
CA PHE J 255 26.88 -22.98 19.23
C PHE J 255 26.50 -22.51 20.61
N MET J 256 25.62 -21.50 20.71
CA MET J 256 25.16 -21.01 22.01
C MET J 256 24.56 -22.21 22.72
N PRO J 257 24.73 -22.28 24.04
CA PRO J 257 24.16 -23.42 24.74
C PRO J 257 22.65 -23.49 24.90
N LYS J 258 21.97 -22.37 25.10
CA LYS J 258 20.51 -22.41 25.26
C LYS J 258 19.86 -21.24 24.53
N PRO J 259 19.61 -21.39 23.21
CA PRO J 259 18.99 -20.26 22.51
C PRO J 259 17.49 -20.17 22.77
N MET J 260 16.88 -21.29 23.17
CA MET J 260 15.45 -21.28 23.41
C MET J 260 15.00 -21.87 24.74
N PHE J 261 14.10 -21.15 25.37
CA PHE J 261 13.55 -21.65 26.60
C PHE J 261 12.46 -22.65 26.21
N GLY J 262 12.44 -23.84 26.79
CA GLY J 262 11.36 -24.76 26.43
C GLY J 262 11.75 -25.93 25.56
N ASP J 263 12.98 -25.91 25.05
CA ASP J 263 13.45 -27.00 24.25
C ASP J 263 14.91 -27.17 24.57
N ASN J 264 15.45 -28.28 24.11
CA ASN J 264 16.84 -28.66 24.32
C ASN J 264 17.87 -27.58 24.14
N GLY J 265 18.92 -27.65 24.93
CA GLY J 265 20.01 -26.71 24.77
C GLY J 265 21.05 -27.52 24.00
N SER J 266 22.22 -26.95 23.76
CA SER J 266 23.25 -27.68 23.04
C SER J 266 24.37 -27.93 24.03
N GLY J 267 24.79 -29.18 24.12
CA GLY J 267 25.87 -29.52 25.03
C GLY J 267 27.08 -30.01 24.27
N MET J 268 28.18 -30.19 24.98
CA MET J 268 29.38 -30.69 24.36
C MET J 268 29.99 -31.71 25.32
N HIS J 269 29.41 -32.89 25.35
CA HIS J 269 29.91 -33.97 26.20
C HIS J 269 31.36 -34.22 25.85
N CYS J 270 32.15 -34.53 26.86
CA CYS J 270 33.55 -34.83 26.62
C CYS J 270 33.95 -36.21 27.12
N HIS J 271 34.27 -37.08 26.17
CA HIS J 271 34.73 -38.41 26.47
C HIS J 271 36.23 -38.29 26.66
N MET J 272 36.75 -38.89 27.72
CA MET J 272 38.18 -38.84 28.00
C MET J 272 38.73 -40.18 28.47
N SER J 273 40.03 -40.34 28.29
CA SER J 273 40.75 -41.54 28.71
C SER J 273 42.23 -41.22 28.58
N LEU J 274 43.05 -41.95 29.34
CA LEU J 274 44.50 -41.74 29.29
C LEU J 274 45.18 -42.97 28.73
N ALA J 275 46.41 -42.80 28.26
CA ALA J 275 47.13 -43.92 27.70
C ALA J 275 48.65 -43.81 27.84
N LYS J 276 49.29 -44.97 27.85
CA LYS J 276 50.74 -45.08 27.92
C LYS J 276 51.16 -46.27 27.08
N ASN J 277 52.15 -46.04 26.22
CA ASN J 277 52.69 -47.05 25.32
C ASN J 277 51.56 -47.91 24.74
N GLY J 278 50.59 -47.24 24.15
CA GLY J 278 49.48 -47.94 23.53
C GLY J 278 48.43 -48.65 24.37
N THR J 279 48.58 -48.68 25.69
CA THR J 279 47.56 -49.35 26.51
C THR J 279 46.64 -48.33 27.17
N ASN J 280 45.37 -48.68 27.29
CA ASN J 280 44.38 -47.79 27.89
C ASN J 280 44.39 -47.81 29.42
N LEU J 281 45.05 -46.82 30.00
CA LEU J 281 45.16 -46.69 31.45
C LEU J 281 43.84 -46.60 32.22
N PHE J 282 42.72 -46.58 31.49
CA PHE J 282 41.40 -46.49 32.14
C PHE J 282 40.64 -47.80 32.28
N SER J 283 41.11 -48.87 31.62
CA SER J 283 40.43 -50.16 31.75
C SER J 283 40.94 -50.88 32.99
N GLY J 284 40.05 -51.59 33.67
CA GLY J 284 40.43 -52.30 34.87
C GLY J 284 39.37 -53.26 35.36
N ASP J 285 39.50 -53.71 36.61
CA ASP J 285 38.56 -54.65 37.22
C ASP J 285 37.52 -53.97 38.10
N LYS J 286 37.72 -52.69 38.38
CA LYS J 286 36.81 -51.91 39.21
C LYS J 286 35.48 -51.65 38.48
N TYR J 287 34.63 -50.80 39.04
CA TYR J 287 33.32 -50.47 38.46
C TYR J 287 33.23 -50.29 36.94
N ALA J 288 32.26 -50.96 36.34
CA ALA J 288 32.03 -50.88 34.91
C ALA J 288 33.22 -51.07 33.96
N GLY J 289 34.27 -51.72 34.44
CA GLY J 289 35.42 -51.96 33.60
C GLY J 289 36.52 -50.92 33.73
N LEU J 290 36.43 -50.10 34.78
CA LEU J 290 37.39 -49.02 35.02
C LEU J 290 38.62 -49.37 35.83
N SER J 291 39.69 -48.59 35.63
CA SER J 291 40.93 -48.75 36.37
C SER J 291 40.75 -47.85 37.60
N GLU J 292 41.57 -48.01 38.64
CA GLU J 292 41.40 -47.16 39.79
C GLU J 292 41.89 -45.77 39.44
N GLN J 293 42.68 -45.68 38.37
CA GLN J 293 43.21 -44.41 37.89
C GLN J 293 42.05 -43.55 37.37
N ALA J 294 41.16 -44.19 36.62
CA ALA J 294 39.98 -43.56 36.06
C ALA J 294 39.14 -42.95 37.17
N LEU J 295 38.96 -43.71 38.24
CA LEU J 295 38.18 -43.27 39.38
C LEU J 295 38.79 -42.06 40.06
N TYR J 296 40.11 -42.02 40.18
CA TYR J 296 40.75 -40.87 40.81
C TYR J 296 40.55 -39.66 39.91
N TYR J 297 40.63 -39.91 38.60
CA TYR J 297 40.43 -38.88 37.61
C TYR J 297 39.04 -38.29 37.82
N ILE J 298 38.04 -39.17 37.88
CA ILE J 298 36.66 -38.75 38.10
C ILE J 298 36.56 -37.93 39.38
N GLY J 299 37.24 -38.40 40.41
CA GLY J 299 37.20 -37.71 41.68
C GLY J 299 37.74 -36.32 41.52
N GLY J 300 38.78 -36.18 40.71
CA GLY J 300 39.37 -34.87 40.48
C GLY J 300 38.38 -33.94 39.80
N VAL J 301 37.76 -34.45 38.74
CA VAL J 301 36.77 -33.68 37.98
C VAL J 301 35.65 -33.24 38.91
N ILE J 302 35.20 -34.14 39.76
CA ILE J 302 34.14 -33.80 40.69
C ILE J 302 34.59 -32.78 41.73
N LYS J 303 35.81 -32.92 42.22
CA LYS J 303 36.30 -32.00 43.23
C LYS J 303 36.37 -30.59 42.67
N HIS J 304 36.88 -30.45 41.45
CA HIS J 304 37.04 -29.14 40.81
C HIS J 304 35.98 -28.75 39.77
N ALA J 305 34.83 -29.41 39.82
CA ALA J 305 33.76 -29.15 38.86
C ALA J 305 33.41 -27.67 38.72
N LYS J 306 33.08 -27.01 39.82
CA LYS J 306 32.71 -25.60 39.74
C LYS J 306 33.78 -24.73 39.07
N ALA J 307 35.05 -25.05 39.24
CA ALA J 307 36.08 -24.25 38.62
C ALA J 307 36.15 -24.61 37.14
N ILE J 308 35.96 -25.88 36.82
CA ILE J 308 36.00 -26.29 35.42
C ILE J 308 34.86 -25.61 34.66
N ASN J 309 33.74 -25.43 35.35
CA ASN J 309 32.57 -24.78 34.78
C ASN J 309 32.92 -23.45 34.15
N ALA J 310 33.80 -22.70 34.81
CA ALA J 310 34.22 -21.39 34.32
C ALA J 310 34.85 -21.46 32.96
N LEU J 311 35.23 -22.65 32.53
CA LEU J 311 35.86 -22.83 31.23
C LEU J 311 35.01 -23.68 30.30
N ALA J 312 34.25 -24.60 30.87
CA ALA J 312 33.42 -25.50 30.10
C ALA J 312 32.01 -24.98 29.88
N ASN J 313 31.65 -23.94 30.63
CA ASN J 313 30.32 -23.31 30.56
C ASN J 313 30.65 -21.87 30.88
N PRO J 314 31.37 -21.20 29.97
CA PRO J 314 31.81 -19.82 30.13
C PRO J 314 30.87 -18.69 29.81
N THR J 315 29.59 -18.98 29.69
CA THR J 315 28.63 -17.93 29.35
C THR J 315 27.47 -17.95 30.33
N THR J 316 26.81 -16.82 30.53
CA THR J 316 25.67 -16.80 31.42
C THR J 316 24.61 -17.74 30.83
N ASN J 317 24.56 -17.76 29.51
CA ASN J 317 23.60 -18.58 28.78
C ASN J 317 23.79 -20.05 29.11
N SER J 318 25.04 -20.44 29.36
CA SER J 318 25.38 -21.83 29.68
C SER J 318 24.52 -22.37 30.82
N TYR J 319 24.21 -21.47 31.78
CA TYR J 319 23.47 -21.84 32.97
C TYR J 319 21.98 -21.87 32.69
N LYS J 320 21.57 -21.61 31.49
CA LYS J 320 20.15 -21.71 31.23
C LYS J 320 19.86 -23.11 30.72
N ARG J 321 20.94 -23.85 30.45
CA ARG J 321 20.90 -25.25 30.02
C ARG J 321 21.06 -26.15 31.26
N LEU J 322 21.93 -25.71 32.16
CA LEU J 322 22.20 -26.40 33.41
C LEU J 322 21.26 -25.88 34.49
N VAL J 323 20.03 -26.37 34.42
CA VAL J 323 19.03 -25.97 35.40
C VAL J 323 18.33 -27.22 35.86
N PRO J 324 17.86 -27.15 37.13
CA PRO J 324 17.13 -28.31 37.63
C PRO J 324 16.09 -28.80 36.67
N GLY J 325 16.53 -29.68 35.76
CA GLY J 325 15.66 -30.31 34.79
C GLY J 325 15.85 -31.80 34.95
N TYR J 326 15.15 -32.61 34.17
CA TYR J 326 15.31 -34.06 34.36
C TYR J 326 16.64 -34.60 33.85
N GLU J 327 16.90 -34.31 32.57
CA GLU J 327 18.10 -34.76 31.90
C GLU J 327 19.28 -33.81 32.09
N ALA J 328 19.08 -32.76 32.88
CA ALA J 328 20.14 -31.80 33.16
C ALA J 328 21.34 -32.51 33.80
N PRO J 329 22.48 -32.50 33.11
CA PRO J 329 23.74 -33.12 33.52
C PRO J 329 24.35 -32.32 34.66
N VAL J 330 23.57 -32.07 35.70
CA VAL J 330 24.07 -31.25 36.80
C VAL J 330 24.52 -31.93 38.10
N MET J 331 24.19 -33.21 38.28
CA MET J 331 24.56 -33.92 39.49
C MET J 331 26.00 -34.42 39.38
N LEU J 332 26.85 -33.94 40.27
CA LEU J 332 28.26 -34.33 40.30
C LEU J 332 28.46 -35.77 40.77
N ALA J 333 28.22 -36.72 39.87
CA ALA J 333 28.35 -38.13 40.18
C ALA J 333 28.59 -38.94 38.92
N TYR J 334 28.91 -40.21 39.10
CA TYR J 334 29.12 -41.07 37.95
C TYR J 334 28.18 -42.25 37.98
N SER J 335 27.96 -42.84 36.81
CA SER J 335 27.08 -43.98 36.65
C SER J 335 27.16 -44.40 35.21
N ALA J 336 26.76 -45.65 34.94
CA ALA J 336 26.80 -46.19 33.60
C ALA J 336 25.40 -46.14 33.00
N ARG J 337 24.44 -45.72 33.82
CA ARG J 337 23.07 -45.66 33.37
C ARG J 337 22.40 -44.33 33.69
N ASN J 338 22.27 -44.02 34.98
CA ASN J 338 21.63 -42.78 35.44
C ASN J 338 22.05 -41.54 34.65
N ARG J 339 21.21 -41.13 33.69
CA ARG J 339 21.54 -39.94 32.90
C ARG J 339 21.09 -38.66 33.58
N SER J 340 21.37 -38.63 34.89
CA SER J 340 21.10 -37.49 35.76
C SER J 340 22.51 -37.06 36.16
N ALA J 341 23.38 -38.07 36.12
CA ALA J 341 24.78 -37.95 36.45
C ALA J 341 25.54 -37.23 35.35
N SER J 342 26.31 -36.21 35.75
CA SER J 342 27.09 -35.43 34.80
C SER J 342 28.29 -36.23 34.28
N ILE J 343 28.52 -37.40 34.86
CA ILE J 343 29.60 -38.26 34.40
C ILE J 343 29.06 -39.64 34.07
N ARG J 344 28.94 -39.94 32.77
CA ARG J 344 28.46 -41.26 32.34
C ARG J 344 29.63 -42.15 32.07
N ILE J 345 29.43 -43.42 32.31
CA ILE J 345 30.45 -44.41 32.00
C ILE J 345 29.86 -45.26 30.89
N PRO J 346 30.38 -45.07 29.68
CA PRO J 346 29.94 -45.81 28.50
C PRO J 346 30.18 -47.27 28.76
N VAL J 347 29.19 -48.11 28.45
CA VAL J 347 29.38 -49.52 28.63
C VAL J 347 29.78 -50.02 27.26
N VAL J 348 31.02 -50.48 27.16
CA VAL J 348 31.55 -50.97 25.91
C VAL J 348 32.31 -52.29 26.15
N ALA J 349 32.39 -53.13 25.13
CA ALA J 349 33.05 -54.44 25.24
C ALA J 349 34.57 -54.36 25.32
N SER J 350 35.20 -53.91 24.24
CA SER J 350 36.66 -53.82 24.20
C SER J 350 37.21 -52.93 25.30
N PRO J 351 38.09 -53.48 26.15
CA PRO J 351 38.66 -52.66 27.22
C PRO J 351 39.52 -51.54 26.63
N LYS J 352 39.85 -51.67 25.34
CA LYS J 352 40.66 -50.67 24.66
C LYS J 352 39.89 -49.35 24.50
N ALA J 353 38.56 -49.45 24.60
CA ALA J 353 37.68 -48.30 24.46
C ALA J 353 37.04 -47.79 25.75
N ARG J 354 37.54 -48.25 26.90
CA ARG J 354 37.01 -47.82 28.19
C ARG J 354 37.37 -46.34 28.41
N ARG J 355 36.41 -45.55 28.89
CA ARG J 355 36.61 -44.11 29.10
C ARG J 355 35.49 -43.50 29.94
N ILE J 356 35.59 -42.20 30.24
CA ILE J 356 34.52 -41.52 30.97
C ILE J 356 33.92 -40.42 30.10
N GLU J 357 32.66 -40.08 30.35
CA GLU J 357 32.01 -39.01 29.60
C GLU J 357 31.52 -37.91 30.53
N VAL J 358 32.22 -36.78 30.52
CA VAL J 358 31.81 -35.64 31.35
C VAL J 358 30.78 -34.87 30.52
N ARG J 359 29.56 -34.86 30.96
CA ARG J 359 28.45 -34.30 30.23
C ARG J 359 28.12 -32.80 30.34
N PHE J 360 28.66 -32.07 31.33
CA PHE J 360 28.18 -30.68 31.49
C PHE J 360 28.76 -29.59 30.56
N PRO J 361 29.92 -29.81 30.01
CA PRO J 361 30.46 -28.82 29.04
C PRO J 361 29.51 -28.38 27.94
N ASP J 362 29.63 -27.18 27.40
CA ASP J 362 28.79 -26.78 26.28
C ASP J 362 29.71 -26.27 25.16
N PRO J 363 29.22 -26.17 23.94
CA PRO J 363 30.06 -25.72 22.82
C PRO J 363 30.61 -24.32 22.89
N ALA J 364 30.18 -23.52 23.85
CA ALA J 364 30.69 -22.15 23.95
C ALA J 364 32.09 -22.17 24.56
N ALA J 365 32.42 -23.28 25.17
CA ALA J 365 33.70 -23.41 25.84
C ALA J 365 34.89 -23.31 24.93
N ASN J 366 35.93 -22.64 25.39
CA ASN J 366 37.20 -22.55 24.70
C ASN J 366 37.75 -23.99 24.64
N PRO J 367 38.03 -24.55 23.43
CA PRO J 367 38.49 -25.94 23.41
C PRO J 367 39.62 -26.23 24.37
N TYR J 368 40.63 -25.47 24.06
CA TYR J 368 41.87 -25.51 24.75
C TYR J 368 41.75 -25.43 26.25
N LEU J 369 41.20 -24.31 26.72
CA LEU J 369 41.11 -24.14 28.16
C LEU J 369 40.17 -25.13 28.82
N CYS J 370 39.11 -25.51 28.12
CA CYS J 370 38.14 -26.43 28.71
C CYS J 370 38.77 -27.80 28.85
N PHE J 371 39.38 -28.29 27.77
CA PHE J 371 40.02 -29.58 27.81
C PHE J 371 41.13 -29.60 28.86
N ALA J 372 41.98 -28.58 28.84
CA ALA J 372 43.08 -28.47 29.80
C ALA J 372 42.59 -28.56 31.24
N ALA J 373 41.59 -27.75 31.58
CA ALA J 373 41.05 -27.75 32.94
C ALA J 373 40.50 -29.11 33.32
N LEU J 374 39.94 -29.83 32.35
CA LEU J 374 39.40 -31.14 32.62
C LEU J 374 40.55 -32.09 32.99
N LEU J 375 41.64 -32.00 32.25
CA LEU J 375 42.83 -32.83 32.46
C LEU J 375 43.44 -32.57 33.82
N MET J 376 43.83 -31.32 34.06
CA MET J 376 44.44 -30.92 35.30
C MET J 376 43.64 -31.34 36.52
N ALA J 377 42.31 -31.27 36.42
CA ALA J 377 41.46 -31.70 37.52
C ALA J 377 41.59 -33.20 37.68
N GLY J 378 41.66 -33.91 36.55
CA GLY J 378 41.79 -35.35 36.58
C GLY J 378 43.10 -35.79 37.20
N LEU J 379 44.19 -35.15 36.79
CA LEU J 379 45.52 -35.44 37.30
C LEU J 379 45.61 -35.18 38.79
N ASP J 380 45.05 -34.06 39.22
CA ASP J 380 45.07 -33.75 40.63
C ASP J 380 44.24 -34.76 41.39
N GLY J 381 43.33 -35.43 40.68
CA GLY J 381 42.49 -36.44 41.32
C GLY J 381 43.31 -37.68 41.52
N ILE J 382 44.24 -37.91 40.60
CA ILE J 382 45.14 -39.05 40.64
C ILE J 382 46.25 -38.82 41.65
N LYS J 383 47.06 -37.80 41.41
CA LYS J 383 48.17 -37.46 42.31
C LYS J 383 47.72 -37.54 43.75
N ASN J 384 46.51 -37.10 44.04
CA ASN J 384 46.01 -37.11 45.42
C ASN J 384 44.99 -38.21 45.72
N LYS J 385 44.99 -39.25 44.88
CA LYS J 385 44.10 -40.41 45.05
C LYS J 385 42.72 -40.06 45.60
N ILE J 386 42.09 -39.09 44.96
CA ILE J 386 40.79 -38.62 45.38
C ILE J 386 39.71 -39.61 45.00
N HIS J 387 39.19 -40.33 45.99
CA HIS J 387 38.16 -41.29 45.69
C HIS J 387 36.82 -40.61 45.50
N PRO J 388 36.25 -41.04 44.37
CA PRO J 388 34.88 -40.77 43.83
C PRO J 388 33.67 -40.99 44.72
N GLY J 389 33.80 -41.97 45.59
CA GLY J 389 32.74 -42.38 46.44
C GLY J 389 32.02 -43.42 45.58
N GLU J 390 30.77 -43.73 45.93
CA GLU J 390 30.01 -44.71 45.18
C GLU J 390 29.16 -44.07 44.07
N PRO J 391 28.90 -44.84 42.99
CA PRO J 391 28.13 -44.39 41.82
C PRO J 391 26.66 -44.15 42.16
N MET J 392 26.08 -43.11 41.57
CA MET J 392 24.66 -42.81 41.77
C MET J 392 23.88 -43.55 40.68
N ASP J 393 23.00 -44.47 41.10
CA ASP J 393 22.20 -45.22 40.13
C ASP J 393 20.71 -45.02 40.41
N LYS J 394 20.41 -44.15 41.38
CA LYS J 394 19.02 -43.84 41.78
C LYS J 394 18.25 -42.97 40.77
N ASN J 395 18.24 -41.65 41.01
CA ASN J 395 17.55 -40.71 40.13
C ASN J 395 18.15 -39.30 40.19
N LEU J 396 17.55 -38.36 39.42
CA LEU J 396 18.10 -37.04 39.16
C LEU J 396 17.82 -36.03 40.29
N TYR J 397 17.40 -34.89 39.85
CA TYR J 397 17.12 -33.81 40.82
C TYR J 397 15.70 -33.79 41.28
N ASP J 398 14.80 -34.46 40.66
CA ASP J 398 13.48 -34.26 41.22
C ASP J 398 13.14 -35.61 41.80
N LEU J 399 12.64 -35.66 43.02
CA LEU J 399 12.42 -36.99 43.44
C LEU J 399 13.45 -37.85 42.80
N PRO J 400 14.61 -37.95 43.35
CA PRO J 400 14.99 -37.80 44.73
C PRO J 400 14.16 -36.80 45.59
N PRO J 401 14.59 -35.50 45.81
CA PRO J 401 14.12 -34.50 46.73
C PRO J 401 13.80 -35.03 48.14
N GLU J 402 14.35 -36.17 48.52
CA GLU J 402 14.18 -36.90 49.81
C GLU J 402 14.95 -36.18 50.93
N GLU J 403 16.27 -36.26 50.83
CA GLU J 403 17.20 -35.63 51.78
C GLU J 403 17.52 -34.21 51.26
N ALA J 404 16.53 -33.63 50.55
CA ALA J 404 16.62 -32.30 49.90
C ALA J 404 17.63 -32.47 48.75
N LYS J 405 18.10 -33.72 48.62
CA LYS J 405 19.08 -34.21 47.65
C LYS J 405 20.27 -33.29 47.36
N GLU J 406 20.80 -32.68 48.41
CA GLU J 406 21.95 -31.80 48.25
C GLU J 406 23.25 -32.58 48.18
N ILE J 407 23.46 -33.21 47.03
CA ILE J 407 24.69 -33.94 46.75
C ILE J 407 25.51 -32.94 45.90
N PRO J 408 26.69 -33.28 45.47
CA PRO J 408 27.43 -32.36 44.60
C PRO J 408 26.76 -31.68 43.44
N GLN J 409 26.90 -30.41 43.22
CA GLN J 409 26.40 -30.02 41.91
C GLN J 409 27.28 -29.00 41.19
N VAL J 410 27.13 -28.92 39.87
CA VAL J 410 27.88 -27.95 39.07
C VAL J 410 27.44 -26.55 39.46
N ALA J 411 28.24 -25.55 39.09
CA ALA J 411 27.93 -24.17 39.42
C ALA J 411 26.55 -23.80 38.89
N GLY J 412 25.83 -22.93 39.59
CA GLY J 412 24.49 -22.56 39.14
C GLY J 412 24.40 -21.23 38.40
N SER J 413 25.54 -20.57 38.26
CA SER J 413 25.60 -19.29 37.58
C SER J 413 27.04 -19.07 37.16
N LEU J 414 27.26 -18.20 36.19
CA LEU J 414 28.61 -17.93 35.73
C LEU J 414 29.50 -17.34 36.83
N GLU J 415 28.95 -16.39 37.58
CA GLU J 415 29.69 -15.71 38.63
C GLU J 415 30.22 -16.71 39.64
N GLU J 416 29.35 -17.63 40.02
CA GLU J 416 29.69 -18.67 40.96
C GLU J 416 30.84 -19.50 40.43
N ALA J 417 30.77 -19.81 39.14
CA ALA J 417 31.81 -20.60 38.50
C ALA J 417 33.11 -19.82 38.44
N LEU J 418 33.02 -18.52 38.16
CA LEU J 418 34.21 -17.70 38.06
C LEU J 418 34.83 -17.62 39.44
N ASN J 419 34.00 -17.46 40.46
CA ASN J 419 34.51 -17.37 41.82
C ASN J 419 35.21 -18.67 42.22
N ALA J 420 34.64 -19.80 41.83
CA ALA J 420 35.24 -21.10 42.14
C ALA J 420 36.60 -21.17 41.48
N LEU J 421 36.67 -20.76 40.23
CA LEU J 421 37.92 -20.78 39.50
C LEU J 421 38.91 -19.91 40.23
N ASP J 422 38.46 -18.79 40.78
CA ASP J 422 39.35 -17.88 41.50
C ASP J 422 40.02 -18.59 42.65
N LEU J 423 39.18 -19.10 43.56
CA LEU J 423 39.62 -19.79 44.76
C LEU J 423 40.33 -21.11 44.53
N ASP J 424 39.72 -21.95 43.70
CA ASP J 424 40.24 -23.28 43.42
C ASP J 424 41.20 -23.36 42.24
N ARG J 425 42.10 -22.39 42.14
CA ARG J 425 43.05 -22.36 41.03
C ARG J 425 44.34 -23.18 41.14
N GLU J 426 44.68 -23.66 42.32
CA GLU J 426 45.92 -24.40 42.45
C GLU J 426 46.11 -25.55 41.46
N PHE J 427 45.11 -26.42 41.36
CA PHE J 427 45.23 -27.56 40.46
C PHE J 427 45.53 -27.19 39.01
N LEU J 428 45.24 -25.95 38.64
CA LEU J 428 45.48 -25.46 37.28
C LEU J 428 46.89 -24.89 37.14
N LYS J 429 47.40 -24.30 38.21
CA LYS J 429 48.74 -23.71 38.23
C LYS J 429 49.84 -24.77 38.27
N ALA J 430 49.45 -25.99 38.64
CA ALA J 430 50.36 -27.13 38.72
C ALA J 430 51.13 -27.22 37.42
N GLY J 431 52.42 -27.52 37.54
CA GLY J 431 53.24 -27.64 36.36
C GLY J 431 53.43 -26.34 35.61
N GLY J 432 52.97 -25.23 36.18
CA GLY J 432 53.11 -23.93 35.54
C GLY J 432 52.30 -23.78 34.25
N VAL J 433 51.27 -24.61 34.11
CA VAL J 433 50.37 -24.64 32.96
C VAL J 433 49.57 -23.34 32.89
N PHE J 434 48.83 -23.04 33.96
CA PHE J 434 48.06 -21.81 34.05
C PHE J 434 48.73 -20.85 35.02
N THR J 435 48.92 -19.59 34.63
CA THR J 435 49.50 -18.61 35.52
C THR J 435 48.36 -17.85 36.18
N ASP J 436 48.63 -17.20 37.30
CA ASP J 436 47.62 -16.41 37.98
C ASP J 436 47.12 -15.31 37.07
N GLU J 437 48.05 -14.66 36.38
CA GLU J 437 47.72 -13.59 35.47
C GLU J 437 46.74 -14.02 34.39
N ALA J 438 46.99 -15.18 33.81
CA ALA J 438 46.11 -15.72 32.79
C ALA J 438 44.72 -15.91 33.37
N ILE J 439 44.66 -16.63 34.48
CA ILE J 439 43.41 -16.89 35.14
C ILE J 439 42.65 -15.61 35.52
N ASP J 440 43.35 -14.66 36.10
CA ASP J 440 42.71 -13.41 36.50
C ASP J 440 42.18 -12.61 35.31
N ALA J 441 42.89 -12.70 34.19
CA ALA J 441 42.53 -12.00 32.97
C ALA J 441 41.28 -12.61 32.38
N TYR J 442 41.24 -13.94 32.37
CA TYR J 442 40.10 -14.68 31.85
C TYR J 442 38.87 -14.32 32.65
N ILE J 443 39.01 -14.35 33.97
CA ILE J 443 37.93 -14.03 34.87
C ILE J 443 37.43 -12.62 34.63
N ALA J 444 38.34 -11.70 34.36
CA ALA J 444 37.94 -10.32 34.15
C ALA J 444 37.15 -10.17 32.86
N LEU J 445 37.55 -10.92 31.83
CA LEU J 445 36.84 -10.86 30.55
C LEU J 445 35.42 -11.33 30.71
N ARG J 446 35.25 -12.43 31.43
CA ARG J 446 33.93 -12.98 31.64
C ARG J 446 33.06 -12.19 32.59
N ARG J 447 33.67 -11.48 33.54
CA ARG J 447 32.87 -10.73 34.48
C ARG J 447 32.19 -9.55 33.85
N GLU J 448 32.84 -9.06 32.80
CA GLU J 448 32.37 -7.93 32.02
C GLU J 448 31.14 -8.42 31.25
N GLU J 449 31.21 -9.66 30.77
CA GLU J 449 30.08 -10.27 30.06
C GLU J 449 28.96 -10.52 31.06
N ASP J 450 29.31 -11.13 32.20
CA ASP J 450 28.32 -11.41 33.22
C ASP J 450 27.57 -10.14 33.62
N ASP J 451 28.29 -9.01 33.63
CA ASP J 451 27.69 -7.75 34.02
C ASP J 451 26.62 -7.23 33.09
N ARG J 452 26.84 -7.41 31.79
CA ARG J 452 25.88 -6.96 30.80
C ARG J 452 24.56 -7.63 31.07
N VAL J 453 24.61 -8.93 31.29
CA VAL J 453 23.39 -9.67 31.52
C VAL J 453 22.77 -9.33 32.88
N ARG J 454 23.59 -9.14 33.91
CA ARG J 454 23.05 -8.84 35.22
C ARG J 454 22.43 -7.46 35.30
N MET J 455 23.00 -6.52 34.55
CA MET J 455 22.55 -5.14 34.59
C MET J 455 21.45 -4.74 33.63
N THR J 456 21.24 -5.50 32.56
CA THR J 456 20.21 -5.15 31.57
C THR J 456 18.87 -5.76 31.87
N PRO J 457 17.81 -4.92 31.98
CA PRO J 457 16.48 -5.46 32.27
C PRO J 457 16.14 -6.57 31.32
N HIS J 458 15.51 -7.62 31.85
CA HIS J 458 15.12 -8.77 31.07
C HIS J 458 13.64 -8.68 30.70
N PRO J 459 13.29 -9.01 29.45
CA PRO J 459 11.90 -8.95 29.00
C PRO J 459 10.93 -9.58 29.99
N VAL J 460 11.32 -10.72 30.56
CA VAL J 460 10.47 -11.43 31.50
C VAL J 460 10.21 -10.64 32.79
N GLU J 461 11.13 -9.73 33.10
CA GLU J 461 10.95 -8.92 34.30
C GLU J 461 9.76 -8.02 34.15
N PHE J 462 9.44 -7.66 32.90
CA PHE J 462 8.26 -6.80 32.63
C PHE J 462 6.98 -7.59 32.83
N GLU J 463 6.99 -8.81 32.34
CA GLU J 463 5.87 -9.69 32.48
C GLU J 463 5.58 -9.89 33.95
N LEU J 464 6.63 -10.16 34.70
CA LEU J 464 6.58 -10.41 36.14
C LEU J 464 6.36 -9.19 37.00
N TYR J 465 6.99 -8.03 36.69
CA TYR J 465 6.87 -6.90 37.59
C TYR J 465 6.39 -5.57 37.01
N TYR J 466 5.97 -5.45 35.75
CA TYR J 466 5.56 -4.13 35.28
C TYR J 466 4.37 -3.55 36.10
N SER J 467 3.44 -4.40 36.47
CA SER J 467 2.24 -4.00 37.22
C SER J 467 2.39 -4.04 38.73
N VAL J 468 3.62 -4.09 39.17
CA VAL J 468 3.93 -4.15 40.58
C VAL J 468 3.42 -2.93 41.33
N SER K 1 61.87 3.54 -19.93
CA SER K 1 61.94 3.16 -21.33
C SER K 1 60.62 3.44 -22.03
N ALA K 2 60.79 4.22 -23.08
CA ALA K 2 59.70 4.58 -23.94
C ALA K 2 59.47 3.46 -24.95
N GLU K 3 60.46 2.59 -25.11
CA GLU K 3 60.36 1.46 -26.05
C GLU K 3 59.60 0.30 -25.44
N HIS K 4 59.80 0.14 -24.14
CA HIS K 4 59.12 -0.90 -23.37
C HIS K 4 57.63 -0.61 -23.44
N VAL K 5 57.31 0.68 -23.40
CA VAL K 5 55.93 1.11 -23.47
C VAL K 5 55.34 0.76 -24.83
N LEU K 6 56.06 1.10 -25.91
CA LEU K 6 55.56 0.81 -27.24
C LEU K 6 55.37 -0.68 -27.50
N THR K 7 56.06 -1.52 -26.74
CA THR K 7 55.89 -2.97 -26.91
C THR K 7 54.72 -3.46 -26.07
N MET K 8 54.49 -2.80 -24.93
CA MET K 8 53.36 -3.15 -24.05
C MET K 8 52.07 -2.84 -24.79
N LEU K 9 52.12 -1.81 -25.65
CA LEU K 9 50.97 -1.42 -26.45
C LEU K 9 50.57 -2.52 -27.42
N ASN K 10 51.55 -3.21 -27.99
CA ASN K 10 51.28 -4.29 -28.93
C ASN K 10 50.98 -5.61 -28.28
N GLU K 11 51.70 -5.86 -27.19
CA GLU K 11 51.59 -7.09 -26.42
C GLU K 11 50.21 -7.27 -25.79
N HIS K 12 49.62 -6.15 -25.36
CA HIS K 12 48.30 -6.18 -24.73
C HIS K 12 47.21 -5.62 -25.66
N GLU K 13 47.56 -5.33 -26.92
CA GLU K 13 46.62 -4.79 -27.91
C GLU K 13 45.83 -3.63 -27.30
N VAL K 14 46.58 -2.69 -26.74
CA VAL K 14 46.02 -1.53 -26.09
C VAL K 14 45.31 -0.60 -27.05
N LYS K 15 44.11 -0.17 -26.64
CA LYS K 15 43.32 0.74 -27.44
C LYS K 15 43.40 2.16 -26.88
N PHE K 16 43.67 2.27 -25.58
CA PHE K 16 43.77 3.60 -24.95
C PHE K 16 44.88 3.72 -23.94
N VAL K 17 45.27 4.96 -23.70
CA VAL K 17 46.29 5.27 -22.72
C VAL K 17 45.65 6.26 -21.78
N ASP K 18 45.63 5.89 -20.50
CA ASP K 18 45.03 6.71 -19.47
C ASP K 18 46.13 7.44 -18.72
N LEU K 19 46.21 8.74 -18.95
CA LEU K 19 47.19 9.61 -18.35
C LEU K 19 46.75 10.02 -16.97
N ARG K 20 47.55 9.69 -15.96
CA ARG K 20 47.18 10.05 -14.60
C ARG K 20 48.11 10.97 -13.83
N PHE K 21 47.48 11.73 -12.95
CA PHE K 21 48.20 12.64 -12.10
C PHE K 21 47.40 12.95 -10.83
N THR K 22 48.02 13.63 -9.88
CA THR K 22 47.38 13.96 -8.61
C THR K 22 47.26 15.44 -8.39
N ASP K 23 46.16 15.88 -7.77
CA ASP K 23 46.00 17.29 -7.51
C ASP K 23 46.52 17.61 -6.14
N THR K 24 46.43 18.87 -5.75
CA THR K 24 46.94 19.28 -4.46
C THR K 24 46.30 18.53 -3.31
N LYS K 25 44.99 18.29 -3.36
CA LYS K 25 44.31 17.59 -2.27
C LYS K 25 44.75 16.13 -2.16
N GLY K 26 45.27 15.58 -3.24
CA GLY K 26 45.76 14.21 -3.20
C GLY K 26 44.97 13.24 -4.03
N LYS K 27 44.01 13.77 -4.77
CA LYS K 27 43.14 12.95 -5.58
C LYS K 27 43.66 12.69 -6.97
N GLU K 28 43.76 11.42 -7.33
CA GLU K 28 44.24 11.02 -8.64
C GLU K 28 43.27 11.51 -9.70
N GLN K 29 43.81 12.05 -10.79
CA GLN K 29 43.02 12.58 -11.90
C GLN K 29 43.46 11.89 -13.16
N HIS K 30 42.66 11.99 -14.22
CA HIS K 30 43.02 11.31 -15.46
C HIS K 30 42.35 11.88 -16.69
N VAL K 31 42.97 11.57 -17.82
CA VAL K 31 42.48 11.96 -19.13
C VAL K 31 42.98 10.83 -20.03
N THR K 32 42.19 10.51 -21.06
CA THR K 32 42.51 9.38 -21.93
C THR K 32 42.73 9.77 -23.37
N ILE K 33 43.68 9.09 -24.02
CA ILE K 33 43.95 9.32 -25.43
C ILE K 33 44.07 7.95 -26.08
N PRO K 34 43.69 7.86 -27.35
CA PRO K 34 43.75 6.59 -28.10
C PRO K 34 45.20 6.18 -28.15
N ALA K 35 45.48 4.88 -28.18
CA ALA K 35 46.85 4.41 -28.23
C ALA K 35 47.60 5.00 -29.43
N HIS K 36 46.90 5.17 -30.55
CA HIS K 36 47.51 5.71 -31.75
C HIS K 36 48.00 7.14 -31.65
N GLN K 37 47.78 7.79 -30.51
CA GLN K 37 48.22 9.16 -30.28
C GLN K 37 49.58 9.16 -29.58
N VAL K 38 50.06 7.96 -29.25
CA VAL K 38 51.34 7.77 -28.58
C VAL K 38 52.45 7.60 -29.62
N ASN K 39 53.32 8.59 -29.68
CA ASN K 39 54.41 8.62 -30.63
C ASN K 39 55.68 9.06 -29.91
N ALA K 40 56.75 9.27 -30.68
CA ALA K 40 58.02 9.69 -30.12
C ALA K 40 57.88 11.05 -29.42
N GLU K 41 57.21 11.97 -30.07
CA GLU K 41 56.98 13.31 -29.52
C GLU K 41 56.40 13.27 -28.12
N PHE K 42 55.32 12.53 -27.99
CA PHE K 42 54.61 12.30 -26.74
C PHE K 42 55.54 12.20 -25.52
N PHE K 43 56.57 11.37 -25.60
CA PHE K 43 57.51 11.21 -24.50
C PHE K 43 58.48 12.33 -24.23
N GLU K 44 58.88 13.05 -25.28
CA GLU K 44 59.84 14.12 -25.09
C GLU K 44 59.19 15.44 -24.78
N GLU K 45 58.02 15.68 -25.35
CA GLU K 45 57.34 16.95 -25.08
C GLU K 45 55.97 16.88 -24.39
N GLY K 46 55.51 15.66 -24.10
CA GLY K 46 54.23 15.49 -23.43
C GLY K 46 53.02 16.01 -24.19
N LYS K 47 51.92 16.23 -23.47
CA LYS K 47 50.68 16.74 -24.06
C LYS K 47 50.24 17.96 -23.26
N MET K 48 49.57 18.90 -23.94
CA MET K 48 49.10 20.14 -23.33
C MET K 48 47.72 20.01 -22.72
N PHE K 49 47.52 20.72 -21.61
CA PHE K 49 46.21 20.74 -20.97
C PHE K 49 46.02 22.02 -20.16
N ASP K 50 44.76 22.30 -19.88
CA ASP K 50 44.36 23.49 -19.14
C ASP K 50 44.66 23.40 -17.65
N GLY K 51 45.54 24.27 -17.18
CA GLY K 51 45.89 24.28 -15.77
C GLY K 51 44.77 24.81 -14.90
N SER K 52 44.18 25.93 -15.31
CA SER K 52 43.10 26.59 -14.55
C SER K 52 41.93 25.73 -14.05
N SER K 53 41.81 24.52 -14.59
CA SER K 53 40.74 23.60 -14.23
C SER K 53 40.87 22.86 -12.89
N ILE K 54 42.11 22.64 -12.45
CA ILE K 54 42.40 21.96 -11.19
C ILE K 54 42.42 22.97 -10.05
N GLY K 55 41.84 22.59 -8.91
CA GLY K 55 41.80 23.50 -7.78
C GLY K 55 43.17 23.88 -7.24
N GLY K 56 43.38 25.17 -7.00
CA GLY K 56 44.62 25.65 -6.44
C GLY K 56 45.79 25.70 -7.41
N TRP K 57 45.51 25.65 -8.71
CA TRP K 57 46.61 25.67 -9.65
C TRP K 57 46.71 27.04 -10.33
N LYS K 58 46.98 27.06 -11.65
CA LYS K 58 47.12 28.35 -12.37
C LYS K 58 45.82 29.16 -12.32
N GLY K 59 45.94 30.48 -12.28
CA GLY K 59 44.77 31.33 -12.22
C GLY K 59 44.30 31.82 -13.60
N ILE K 60 43.81 33.05 -13.59
CA ILE K 60 43.25 33.75 -14.74
C ILE K 60 44.13 33.86 -15.98
N ASN K 61 45.43 33.99 -15.84
CA ASN K 61 46.21 34.32 -17.02
C ASN K 61 47.07 33.27 -17.65
N GLU K 62 47.62 32.41 -16.84
CA GLU K 62 48.58 31.38 -17.26
C GLU K 62 48.06 29.96 -17.29
N SER K 63 46.91 29.74 -17.88
CA SER K 63 46.30 28.43 -17.87
C SER K 63 47.11 27.24 -18.38
N ASP K 64 47.66 27.34 -19.57
CA ASP K 64 48.28 26.14 -20.14
C ASP K 64 49.61 25.63 -19.56
N MET K 65 49.58 24.29 -19.41
CA MET K 65 50.66 23.50 -18.82
C MET K 65 50.87 22.16 -19.51
N VAL K 66 51.96 21.48 -19.13
CA VAL K 66 52.34 20.21 -19.73
C VAL K 66 52.20 18.93 -18.89
N LEU K 67 51.67 17.89 -19.52
CA LEU K 67 51.52 16.57 -18.93
C LEU K 67 52.68 15.74 -19.44
N MET K 68 53.64 15.43 -18.58
CA MET K 68 54.79 14.67 -19.04
C MET K 68 54.73 13.22 -18.62
N PRO K 69 54.46 12.33 -19.58
CA PRO K 69 54.40 10.91 -19.26
C PRO K 69 55.70 10.38 -18.71
N ASP K 70 55.59 9.60 -17.64
CA ASP K 70 56.73 8.97 -17.00
C ASP K 70 56.63 7.51 -17.42
N ALA K 71 57.39 7.15 -18.44
CA ALA K 71 57.38 5.80 -18.99
C ALA K 71 57.67 4.67 -18.03
N SER K 72 58.24 4.98 -16.87
CA SER K 72 58.53 3.92 -15.90
C SER K 72 57.27 3.41 -15.20
N THR K 73 56.23 4.23 -15.20
CA THR K 73 54.97 3.92 -14.53
C THR K 73 53.92 3.13 -15.31
N ALA K 74 54.20 2.79 -16.55
CA ALA K 74 53.23 2.06 -17.37
C ALA K 74 52.69 0.77 -16.77
N VAL K 75 51.37 0.72 -16.63
CA VAL K 75 50.69 -0.45 -16.11
C VAL K 75 49.28 -0.50 -16.67
N ILE K 76 48.83 -1.71 -16.97
CA ILE K 76 47.50 -1.97 -17.52
C ILE K 76 46.40 -1.75 -16.49
N ASP K 77 45.28 -1.16 -16.92
CA ASP K 77 44.16 -0.95 -16.02
C ASP K 77 43.39 -2.25 -16.02
N PRO K 78 43.15 -2.82 -14.83
CA PRO K 78 42.44 -4.08 -14.68
C PRO K 78 40.94 -4.02 -14.64
N PHE K 79 40.38 -2.83 -14.72
CA PHE K 79 38.93 -2.64 -14.66
C PHE K 79 38.27 -2.19 -15.94
N PHE K 80 38.89 -1.26 -16.67
CA PHE K 80 38.31 -0.75 -17.91
C PHE K 80 37.98 -1.87 -18.88
N ALA K 81 36.91 -1.71 -19.63
CA ALA K 81 36.43 -2.71 -20.58
C ALA K 81 37.30 -2.95 -21.81
N ASP K 82 37.89 -1.87 -22.31
CA ASP K 82 38.75 -1.87 -23.47
C ASP K 82 40.17 -1.80 -22.95
N SER K 83 41.08 -2.57 -23.54
CA SER K 83 42.48 -2.58 -23.08
C SER K 83 43.09 -1.20 -22.99
N THR K 84 43.47 -0.80 -21.79
CA THR K 84 44.07 0.51 -21.64
C THR K 84 45.24 0.54 -20.70
N LEU K 85 46.22 1.33 -21.10
CA LEU K 85 47.45 1.45 -20.36
C LEU K 85 47.52 2.74 -19.60
N ILE K 86 47.82 2.61 -18.32
CA ILE K 86 47.93 3.77 -17.45
C ILE K 86 49.38 4.24 -17.43
N ILE K 87 49.56 5.55 -17.55
CA ILE K 87 50.87 6.17 -17.50
C ILE K 87 50.75 7.39 -16.64
N ARG K 88 51.45 7.36 -15.51
CA ARG K 88 51.47 8.46 -14.56
C ARG K 88 52.26 9.57 -15.23
N CYS K 89 51.92 10.82 -14.94
CA CYS K 89 52.58 11.96 -15.57
C CYS K 89 52.98 12.98 -14.56
N ASP K 90 53.97 13.82 -14.87
CA ASP K 90 54.34 14.91 -13.96
C ASP K 90 53.79 16.14 -14.67
N ILE K 91 53.62 17.22 -13.93
CA ILE K 91 53.10 18.45 -14.50
C ILE K 91 54.27 19.41 -14.62
N LEU K 92 54.60 19.76 -15.85
CA LEU K 92 55.72 20.65 -16.11
C LEU K 92 55.27 22.00 -16.62
N GLU K 93 56.09 23.01 -16.34
CA GLU K 93 55.84 24.38 -16.79
C GLU K 93 56.17 24.32 -18.30
N PRO K 94 55.35 24.95 -19.16
CA PRO K 94 55.62 24.91 -20.61
C PRO K 94 56.91 25.63 -21.02
N GLY K 95 57.57 25.10 -22.04
CA GLY K 95 58.81 25.68 -22.51
C GLY K 95 59.96 25.29 -21.61
N THR K 96 59.94 25.81 -20.39
CA THR K 96 60.98 25.49 -19.42
C THR K 96 60.99 23.99 -19.11
N LEU K 97 59.81 23.38 -19.19
CA LEU K 97 59.63 21.95 -18.90
C LEU K 97 60.26 21.61 -17.56
N GLN K 98 60.07 22.52 -16.61
CA GLN K 98 60.72 22.37 -15.32
C GLN K 98 60.07 21.44 -14.31
N GLY K 99 58.83 21.67 -14.01
CA GLY K 99 58.18 20.92 -12.98
C GLY K 99 57.49 21.96 -12.14
N TYR K 100 56.18 21.98 -12.31
CA TYR K 100 55.31 22.92 -11.67
C TYR K 100 55.48 22.96 -10.16
N ASP K 101 55.59 24.17 -9.62
CA ASP K 101 55.77 24.38 -8.19
C ASP K 101 54.70 23.72 -7.37
N ARG K 102 53.48 23.73 -7.91
CA ARG K 102 52.34 23.17 -7.23
C ARG K 102 52.04 21.70 -7.55
N ASP K 103 52.84 21.07 -8.41
CA ASP K 103 52.64 19.65 -8.73
C ASP K 103 53.23 18.81 -7.60
N PRO K 104 52.37 18.11 -6.86
CA PRO K 104 52.77 17.27 -5.74
C PRO K 104 53.75 16.19 -6.09
N ARG K 105 53.75 15.70 -7.33
CA ARG K 105 54.70 14.65 -7.63
C ARG K 105 56.05 15.28 -7.87
N SER K 106 56.06 16.46 -8.49
CA SER K 106 57.31 17.18 -8.75
C SER K 106 57.95 17.54 -7.42
N ILE K 107 57.11 17.98 -6.48
CA ILE K 107 57.54 18.35 -5.15
C ILE K 107 58.18 17.19 -4.41
N ALA K 108 57.60 16.02 -4.57
CA ALA K 108 58.11 14.85 -3.91
C ALA K 108 59.43 14.46 -4.55
N LYS K 109 59.54 14.61 -5.86
CA LYS K 109 60.78 14.26 -6.55
C LYS K 109 61.87 15.23 -6.09
N ARG K 110 61.54 16.51 -6.02
CA ARG K 110 62.48 17.54 -5.59
C ARG K 110 63.04 17.21 -4.21
N ALA K 111 62.18 16.67 -3.36
CA ALA K 111 62.58 16.32 -2.00
C ALA K 111 63.52 15.14 -2.00
N GLU K 112 63.36 14.21 -2.94
CA GLU K 112 64.25 13.06 -2.99
C GLU K 112 65.60 13.52 -3.50
N ASP K 113 65.56 14.52 -4.39
CA ASP K 113 66.77 15.09 -4.96
C ASP K 113 67.57 15.76 -3.84
N TYR K 114 66.92 16.69 -3.14
CA TYR K 114 67.54 17.41 -2.03
C TYR K 114 68.18 16.48 -1.00
N LEU K 115 67.63 15.28 -0.85
CA LEU K 115 68.15 14.30 0.09
C LEU K 115 69.54 13.91 -0.39
N ARG K 116 69.62 13.48 -1.64
CA ARG K 116 70.89 13.09 -2.25
C ARG K 116 71.87 14.24 -2.24
N ALA K 117 71.39 15.45 -2.53
CA ALA K 117 72.22 16.65 -2.54
C ALA K 117 72.93 16.93 -1.22
N THR K 118 72.18 16.92 -0.11
CA THR K 118 72.77 17.17 1.21
C THR K 118 73.76 16.06 1.51
N GLY K 119 73.68 14.99 0.73
CA GLY K 119 74.56 13.86 0.94
C GLY K 119 74.25 13.08 2.21
N ILE K 120 73.18 13.45 2.91
CA ILE K 120 72.81 12.75 4.14
C ILE K 120 72.51 11.28 3.90
N ALA K 121 71.94 10.97 2.73
CA ALA K 121 71.61 9.59 2.32
C ALA K 121 71.29 9.64 0.84
N ASP K 122 71.16 8.49 0.20
CA ASP K 122 70.85 8.49 -1.23
C ASP K 122 69.43 8.05 -1.61
N THR K 123 68.71 7.46 -0.66
CA THR K 123 67.32 7.01 -0.87
C THR K 123 66.53 7.02 0.44
N VAL K 124 65.24 7.35 0.35
CA VAL K 124 64.33 7.37 1.51
C VAL K 124 63.36 6.21 1.38
N LEU K 125 63.09 5.52 2.48
CA LEU K 125 62.18 4.41 2.43
C LEU K 125 60.89 4.65 3.20
N PHE K 126 59.76 4.50 2.49
CA PHE K 126 58.44 4.70 3.08
C PHE K 126 57.59 3.45 3.03
N GLY K 127 57.03 3.12 4.19
CA GLY K 127 56.16 1.97 4.29
C GLY K 127 54.89 2.41 4.99
N PRO K 128 53.96 3.05 4.26
CA PRO K 128 52.70 3.51 4.86
C PRO K 128 51.69 2.36 4.99
N GLU K 129 50.82 2.45 5.99
CA GLU K 129 49.82 1.41 6.23
C GLU K 129 48.43 2.00 6.21
N PRO K 130 47.92 2.30 5.01
CA PRO K 130 46.58 2.87 4.97
C PRO K 130 45.51 1.84 5.27
N GLU K 131 44.56 2.25 6.11
CA GLU K 131 43.41 1.43 6.50
C GLU K 131 42.20 2.03 5.79
N PHE K 132 41.12 1.27 5.66
CA PHE K 132 39.93 1.80 5.01
C PHE K 132 38.66 1.09 5.44
N PHE K 133 37.52 1.63 5.02
CA PHE K 133 36.23 1.02 5.34
C PHE K 133 35.50 0.61 4.09
N LEU K 134 34.76 -0.49 4.20
CA LEU K 134 33.94 -0.99 3.09
C LEU K 134 32.48 -1.01 3.53
N PHE K 135 31.64 -0.20 2.90
CA PHE K 135 30.24 -0.12 3.26
C PHE K 135 29.36 -0.58 2.11
N ASP K 136 28.06 -0.66 2.38
CA ASP K 136 27.07 -1.05 1.39
C ASP K 136 26.30 0.19 0.93
N ASP K 137 26.09 1.12 1.86
CA ASP K 137 25.29 2.32 1.60
C ASP K 137 25.88 3.49 2.35
N ILE K 138 26.03 4.61 1.66
CA ILE K 138 26.52 5.83 2.26
C ILE K 138 25.66 6.95 1.70
N ARG K 139 25.01 7.69 2.58
CA ARG K 139 24.09 8.76 2.23
C ARG K 139 24.41 9.97 3.04
N PHE K 140 24.40 11.14 2.44
CA PHE K 140 24.63 12.36 3.18
C PHE K 140 24.17 13.56 2.38
N GLY K 141 24.04 14.68 3.09
CA GLY K 141 23.61 15.89 2.45
C GLY K 141 23.57 17.03 3.46
N ALA K 142 23.42 18.24 2.95
CA ALA K 142 23.35 19.42 3.79
C ALA K 142 22.75 20.52 2.96
N SER K 143 21.71 21.13 3.52
CA SER K 143 21.03 22.22 2.85
C SER K 143 20.61 23.16 3.96
N ILE K 144 19.89 24.21 3.60
CA ILE K 144 19.50 25.17 4.60
C ILE K 144 18.68 24.58 5.74
N SER K 145 17.82 23.62 5.44
CA SER K 145 16.97 23.06 6.47
C SER K 145 17.54 21.90 7.27
N GLY K 146 18.80 21.58 7.06
CA GLY K 146 19.39 20.51 7.85
C GLY K 146 20.56 19.84 7.19
N SER K 147 20.92 18.70 7.69
CA SER K 147 22.03 17.93 7.15
C SER K 147 22.03 16.55 7.78
N HIS K 148 22.74 15.62 7.16
CA HIS K 148 22.78 14.29 7.70
C HIS K 148 23.80 13.40 7.05
N VAL K 149 24.08 12.28 7.70
CA VAL K 149 24.95 11.25 7.16
C VAL K 149 24.48 9.95 7.74
N ALA K 150 24.33 9.01 6.83
CA ALA K 150 23.87 7.68 7.22
C ALA K 150 24.77 6.62 6.65
N ILE K 151 25.32 5.77 7.48
CA ILE K 151 26.23 4.73 7.01
C ILE K 151 25.58 3.38 7.14
N ASP K 152 25.84 2.48 6.21
CA ASP K 152 25.26 1.17 6.37
C ASP K 152 26.11 0.10 5.73
N ASP K 153 26.22 -1.01 6.46
CA ASP K 153 26.96 -2.15 5.97
C ASP K 153 26.43 -3.40 6.62
N ILE K 154 26.53 -4.50 5.89
CA ILE K 154 26.02 -5.75 6.40
C ILE K 154 26.72 -6.20 7.68
N GLU K 155 27.92 -5.66 7.91
CA GLU K 155 28.69 -6.01 9.10
C GLU K 155 28.38 -5.11 10.27
N GLY K 156 27.78 -3.97 10.03
CA GLY K 156 27.50 -3.06 11.12
C GLY K 156 26.79 -3.72 12.27
N ALA K 157 27.29 -3.53 13.47
CA ALA K 157 26.68 -4.14 14.63
C ALA K 157 25.21 -3.77 14.80
N TRP K 158 24.87 -2.56 14.37
CA TRP K 158 23.51 -2.07 14.48
C TRP K 158 22.50 -2.91 13.71
N ASN K 159 22.97 -3.66 12.72
CA ASN K 159 22.09 -4.49 11.92
C ASN K 159 21.75 -5.82 12.58
N SER K 160 22.15 -5.99 13.84
CA SER K 160 21.84 -7.23 14.53
C SER K 160 20.32 -7.36 14.64
N SER K 161 19.62 -6.24 14.56
CA SER K 161 18.16 -6.21 14.65
C SER K 161 17.41 -6.00 13.34
N THR K 162 18.13 -5.78 12.26
CA THR K 162 17.53 -5.53 10.96
C THR K 162 16.86 -6.71 10.29
N LYS K 163 15.69 -6.46 9.71
CA LYS K 163 14.98 -7.52 9.00
C LYS K 163 15.51 -7.55 7.59
N TYR K 164 15.88 -8.73 7.11
CA TYR K 164 16.42 -8.89 5.77
C TYR K 164 15.49 -9.79 4.98
N GLU K 165 15.46 -9.56 3.67
CA GLU K 165 14.63 -10.32 2.75
C GLU K 165 14.75 -11.83 2.97
N GLY K 166 15.98 -12.34 2.89
CA GLY K 166 16.19 -13.76 3.08
C GLY K 166 16.56 -14.17 4.50
N GLY K 167 16.24 -13.33 5.47
CA GLY K 167 16.58 -13.60 6.85
C GLY K 167 17.91 -12.98 7.26
N ASN K 168 18.00 -12.56 8.52
CA ASN K 168 19.23 -11.97 9.07
C ASN K 168 20.08 -13.15 9.51
N LYS K 169 21.27 -13.31 8.92
CA LYS K 169 22.16 -14.44 9.22
C LYS K 169 23.08 -14.21 10.41
N GLY K 170 22.90 -13.04 10.92
CA GLY K 170 23.57 -12.45 12.03
C GLY K 170 24.89 -12.99 12.57
N HIS K 171 26.02 -12.85 11.87
CA HIS K 171 27.34 -13.08 12.47
C HIS K 171 28.13 -11.84 12.17
N ARG K 172 28.05 -10.88 13.04
CA ARG K 172 28.67 -9.60 12.80
C ARG K 172 29.68 -9.21 13.84
N PRO K 173 30.68 -8.43 13.42
CA PRO K 173 31.72 -7.96 14.31
C PRO K 173 31.08 -6.89 15.17
N GLY K 174 31.21 -7.02 16.49
CA GLY K 174 30.63 -6.01 17.36
C GLY K 174 31.47 -4.75 17.31
N VAL K 175 31.09 -3.72 18.07
CA VAL K 175 31.83 -2.47 18.08
C VAL K 175 33.24 -2.76 18.60
N LYS K 176 34.27 -2.29 17.87
CA LYS K 176 35.68 -2.51 18.21
C LYS K 176 36.00 -4.01 18.26
N GLY K 177 35.16 -4.84 17.65
CA GLY K 177 35.38 -6.28 17.71
C GLY K 177 35.74 -6.94 16.35
N GLY K 178 36.34 -6.16 15.46
CA GLY K 178 36.69 -6.67 14.15
C GLY K 178 38.04 -7.33 14.07
N TYR K 179 38.87 -7.20 15.12
CA TYR K 179 40.21 -7.80 15.02
C TYR K 179 40.23 -9.33 15.06
N PHE K 180 40.03 -9.86 13.84
CA PHE K 180 40.29 -11.22 13.30
C PHE K 180 39.24 -12.33 13.47
N PRO K 181 38.02 -12.13 13.99
CA PRO K 181 37.13 -13.27 13.90
C PRO K 181 37.11 -13.89 12.53
N VAL K 182 37.27 -15.20 12.43
CA VAL K 182 37.22 -15.81 11.09
C VAL K 182 35.82 -15.71 10.49
N PRO K 183 35.72 -15.89 9.16
CA PRO K 183 34.41 -15.84 8.52
C PRO K 183 33.53 -16.89 9.19
N PRO K 184 32.21 -16.71 9.12
CA PRO K 184 31.51 -15.60 8.47
C PRO K 184 31.46 -14.26 9.19
N VAL K 185 31.99 -14.15 10.41
CA VAL K 185 31.95 -12.85 11.10
C VAL K 185 32.68 -11.85 10.20
N ASP K 186 33.82 -12.26 9.68
CA ASP K 186 34.59 -11.42 8.76
C ASP K 186 34.00 -11.73 7.40
N SER K 187 33.32 -10.76 6.80
CA SER K 187 32.68 -10.98 5.51
C SER K 187 33.52 -10.57 4.33
N ALA K 188 34.74 -10.10 4.57
CA ALA K 188 35.56 -9.60 3.48
C ALA K 188 36.81 -10.34 3.05
N GLN K 189 36.88 -11.64 3.28
CA GLN K 189 38.06 -12.36 2.89
C GLN K 189 38.25 -12.36 1.38
N ASP K 190 37.24 -12.80 0.64
CA ASP K 190 37.36 -12.85 -0.82
C ASP K 190 37.71 -11.50 -1.42
N ILE K 191 37.09 -10.44 -0.89
CA ILE K 191 37.35 -9.13 -1.45
C ILE K 191 38.75 -8.63 -1.12
N ARG K 192 39.21 -8.86 0.10
CA ARG K 192 40.56 -8.42 0.46
C ARG K 192 41.57 -9.12 -0.45
N SER K 193 41.35 -10.38 -0.77
CA SER K 193 42.30 -11.03 -1.65
C SER K 193 42.29 -10.56 -3.08
N GLU K 194 41.10 -10.26 -3.61
CA GLU K 194 41.03 -9.75 -4.98
C GLU K 194 41.84 -8.45 -4.99
N MET K 195 41.66 -7.63 -3.95
CA MET K 195 42.39 -6.38 -3.88
C MET K 195 43.88 -6.66 -3.91
N CYS K 196 44.30 -7.72 -3.21
CA CYS K 196 45.71 -8.09 -3.18
C CYS K 196 46.20 -8.51 -4.55
N LEU K 197 45.50 -9.45 -5.15
CA LEU K 197 45.90 -9.93 -6.47
C LEU K 197 45.99 -8.78 -7.45
N VAL K 198 44.98 -7.93 -7.45
CA VAL K 198 44.96 -6.82 -8.40
C VAL K 198 46.08 -5.83 -8.09
N MET K 199 46.32 -5.58 -6.81
CA MET K 199 47.38 -4.65 -6.45
C MET K 199 48.70 -5.15 -6.99
N GLU K 200 48.92 -6.45 -6.89
CA GLU K 200 50.15 -7.02 -7.39
C GLU K 200 50.22 -7.00 -8.90
N GLN K 201 49.09 -7.19 -9.57
CA GLN K 201 49.08 -7.13 -11.03
C GLN K 201 49.48 -5.72 -11.43
N MET K 202 49.32 -4.78 -10.50
CA MET K 202 49.67 -3.41 -10.78
C MET K 202 51.01 -2.97 -10.23
N GLY K 203 51.83 -3.94 -9.83
CA GLY K 203 53.17 -3.62 -9.36
C GLY K 203 53.42 -3.49 -7.88
N LEU K 204 52.37 -3.59 -7.07
CA LEU K 204 52.57 -3.49 -5.65
C LEU K 204 52.95 -4.87 -5.14
N VAL K 205 53.54 -4.91 -3.95
CA VAL K 205 53.90 -6.18 -3.35
C VAL K 205 53.17 -6.22 -2.02
N VAL K 206 52.33 -7.22 -1.89
CA VAL K 206 51.51 -7.36 -0.71
C VAL K 206 52.13 -8.21 0.36
N GLU K 207 52.06 -7.74 1.60
CA GLU K 207 52.62 -8.48 2.72
C GLU K 207 51.54 -9.18 3.53
N ALA K 208 50.37 -8.56 3.63
CA ALA K 208 49.28 -9.17 4.39
C ALA K 208 47.98 -8.43 4.23
N HIS K 209 46.88 -9.11 4.61
CA HIS K 209 45.59 -8.48 4.59
C HIS K 209 44.75 -9.05 5.73
N HIS K 210 43.96 -8.17 6.30
CA HIS K 210 43.16 -8.57 7.43
C HIS K 210 42.04 -7.56 7.70
N HIS K 211 41.08 -8.00 8.47
CA HIS K 211 39.99 -7.15 8.88
C HIS K 211 40.57 -6.24 9.95
N GLU K 212 40.10 -5.00 10.08
CA GLU K 212 40.62 -4.14 11.12
C GLU K 212 39.69 -4.15 12.33
N VAL K 213 39.90 -3.24 13.27
CA VAL K 213 39.14 -3.23 14.51
C VAL K 213 37.66 -2.88 14.44
N ALA K 214 37.32 -1.85 13.71
CA ALA K 214 35.94 -1.38 13.71
C ALA K 214 34.92 -2.33 13.10
N THR K 215 33.69 -2.23 13.60
CA THR K 215 32.57 -3.00 13.06
C THR K 215 32.29 -2.34 11.70
N ALA K 216 31.39 -2.90 10.94
CA ALA K 216 31.00 -2.27 9.70
C ALA K 216 32.09 -2.17 8.62
N GLY K 217 32.96 -3.16 8.49
CA GLY K 217 33.89 -3.21 7.38
C GLY K 217 35.23 -2.46 7.40
N GLN K 218 35.84 -2.30 8.54
CA GLN K 218 37.17 -1.68 8.46
C GLN K 218 38.11 -2.78 8.02
N ASN K 219 38.98 -2.50 7.06
CA ASN K 219 39.88 -3.50 6.54
C ASN K 219 41.24 -2.90 6.24
N GLU K 220 42.24 -3.76 5.99
CA GLU K 220 43.58 -3.29 5.66
C GLU K 220 44.36 -4.25 4.79
N VAL K 221 45.03 -3.70 3.79
CA VAL K 221 45.94 -4.43 2.91
C VAL K 221 47.31 -3.82 3.13
N ALA K 222 48.22 -4.62 3.65
CA ALA K 222 49.58 -4.17 3.91
C ALA K 222 50.48 -4.46 2.74
N THR K 223 51.14 -3.41 2.26
CA THR K 223 52.04 -3.55 1.14
C THR K 223 53.50 -3.24 1.53
N ARG K 224 54.45 -3.80 0.78
CA ARG K 224 55.86 -3.58 1.02
C ARG K 224 56.24 -2.14 0.71
N PHE K 225 57.19 -1.65 1.51
CA PHE K 225 57.67 -0.29 1.39
C PHE K 225 58.31 -0.13 0.02
N ASN K 226 58.78 1.06 -0.28
CA ASN K 226 59.43 1.39 -1.54
C ASN K 226 60.03 2.78 -1.35
N THR K 227 60.77 3.26 -2.36
CA THR K 227 61.36 4.58 -2.24
C THR K 227 60.22 5.57 -2.22
N MET K 228 60.41 6.66 -1.48
CA MET K 228 59.37 7.67 -1.27
C MET K 228 58.43 7.95 -2.45
N THR K 229 58.93 8.58 -3.54
CA THR K 229 58.02 8.90 -4.63
C THR K 229 57.32 7.68 -5.25
N LYS K 230 58.02 6.56 -5.39
CA LYS K 230 57.38 5.39 -5.97
C LYS K 230 56.28 4.87 -5.02
N LYS K 231 56.45 5.10 -3.73
CA LYS K 231 55.46 4.63 -2.76
C LYS K 231 54.20 5.46 -2.80
N ALA K 232 54.34 6.77 -2.98
CA ALA K 232 53.19 7.64 -3.07
C ALA K 232 52.41 7.24 -4.33
N ASP K 233 53.13 6.86 -5.38
CA ASP K 233 52.50 6.40 -6.60
C ASP K 233 51.70 5.16 -6.19
N GLU K 234 52.36 4.25 -5.47
CA GLU K 234 51.69 3.03 -5.01
C GLU K 234 50.45 3.30 -4.17
N ILE K 235 50.48 4.35 -3.37
CA ILE K 235 49.32 4.69 -2.54
C ILE K 235 48.15 5.03 -3.44
N GLN K 236 48.40 5.83 -4.46
CA GLN K 236 47.37 6.22 -5.41
C GLN K 236 46.74 4.99 -6.09
N ILE K 237 47.60 4.05 -6.48
CA ILE K 237 47.17 2.82 -7.13
C ILE K 237 46.41 1.99 -6.13
N TYR K 238 46.94 1.95 -4.94
CA TYR K 238 46.32 1.23 -3.85
C TYR K 238 44.89 1.69 -3.66
N LYS K 239 44.72 3.00 -3.52
CA LYS K 239 43.38 3.56 -3.33
C LYS K 239 42.51 3.23 -4.52
N TYR K 240 43.07 3.34 -5.70
CA TYR K 240 42.33 3.08 -6.92
C TYR K 240 41.83 1.65 -6.91
N VAL K 241 42.70 0.71 -6.58
CA VAL K 241 42.30 -0.67 -6.56
C VAL K 241 41.23 -0.91 -5.51
N VAL K 242 41.44 -0.38 -4.32
CA VAL K 242 40.47 -0.53 -3.25
C VAL K 242 39.10 0.01 -3.66
N HIS K 243 39.09 1.24 -4.15
CA HIS K 243 37.84 1.88 -4.56
C HIS K 243 37.12 1.10 -5.63
N ASN K 244 37.86 0.67 -6.63
CA ASN K 244 37.24 -0.04 -7.74
C ASN K 244 36.90 -1.49 -7.52
N VAL K 245 37.68 -2.20 -6.71
CA VAL K 245 37.32 -3.59 -6.46
C VAL K 245 36.06 -3.55 -5.60
N ALA K 246 36.01 -2.61 -4.67
CA ALA K 246 34.84 -2.48 -3.81
C ALA K 246 33.61 -2.23 -4.68
N HIS K 247 33.74 -1.28 -5.60
CA HIS K 247 32.64 -0.93 -6.50
C HIS K 247 32.20 -2.16 -7.27
N ARG K 248 33.14 -2.93 -7.78
CA ARG K 248 32.78 -4.12 -8.53
C ARG K 248 32.13 -5.19 -7.67
N PHE K 249 32.37 -5.15 -6.37
CA PHE K 249 31.75 -6.14 -5.47
C PHE K 249 30.46 -5.63 -4.88
N GLY K 250 30.01 -4.47 -5.31
CA GLY K 250 28.78 -3.94 -4.77
C GLY K 250 28.97 -3.20 -3.48
N LYS K 251 30.19 -2.79 -3.20
CA LYS K 251 30.44 -2.03 -1.98
C LYS K 251 30.92 -0.63 -2.34
N THR K 252 31.29 0.13 -1.32
CA THR K 252 31.80 1.47 -1.54
C THR K 252 32.84 1.65 -0.46
N ALA K 253 34.06 2.00 -0.85
CA ALA K 253 35.12 2.17 0.13
C ALA K 253 35.45 3.60 0.40
N THR K 254 35.87 3.88 1.63
CA THR K 254 36.30 5.23 1.96
C THR K 254 37.59 5.24 2.79
N PHE K 255 38.45 6.21 2.50
CA PHE K 255 39.68 6.37 3.24
C PHE K 255 39.54 7.51 4.22
N MET K 256 38.32 7.97 4.48
CA MET K 256 38.10 9.04 5.47
C MET K 256 38.69 8.56 6.77
N PRO K 257 39.28 9.47 7.54
CA PRO K 257 39.85 9.00 8.80
C PRO K 257 38.91 8.60 9.93
N LYS K 258 37.79 9.27 10.10
CA LYS K 258 36.85 8.90 11.17
C LYS K 258 35.41 8.97 10.69
N PRO K 259 34.92 7.91 10.05
CA PRO K 259 33.53 7.99 9.58
C PRO K 259 32.53 7.76 10.70
N MET K 260 32.95 7.10 11.77
CA MET K 260 32.04 6.84 12.88
C MET K 260 32.54 7.21 14.25
N PHE K 261 31.66 7.84 14.98
CA PHE K 261 32.00 8.19 16.35
C PHE K 261 31.78 6.91 17.17
N GLY K 262 32.73 6.52 18.02
CA GLY K 262 32.48 5.34 18.83
C GLY K 262 33.22 4.09 18.42
N ASP K 263 33.89 4.14 17.29
CA ASP K 263 34.67 3.00 16.86
C ASP K 263 35.89 3.56 16.17
N ASN K 264 36.85 2.68 15.93
CA ASN K 264 38.11 3.00 15.30
C ASN K 264 38.04 3.91 14.09
N GLY K 265 39.07 4.73 13.95
CA GLY K 265 39.16 5.58 12.78
C GLY K 265 40.14 4.83 11.89
N SER K 266 40.50 5.41 10.76
CA SER K 266 41.46 4.75 9.88
C SER K 266 42.71 5.61 9.87
N GLY K 267 43.84 4.97 10.13
CA GLY K 267 45.10 5.70 10.14
C GLY K 267 46.00 5.24 9.02
N MET K 268 47.10 5.94 8.83
CA MET K 268 48.07 5.55 7.82
C MET K 268 49.45 5.72 8.43
N HIS K 269 49.84 4.77 9.28
CA HIS K 269 51.14 4.81 9.89
C HIS K 269 52.19 4.85 8.82
N CYS K 270 53.27 5.58 9.07
CA CYS K 270 54.34 5.64 8.11
C CYS K 270 55.69 5.20 8.68
N HIS K 271 56.16 4.08 8.16
CA HIS K 271 57.45 3.54 8.56
C HIS K 271 58.45 4.22 7.64
N MET K 272 59.54 4.70 8.22
CA MET K 272 60.58 5.36 7.44
C MET K 272 61.98 4.97 7.89
N SER K 273 62.93 5.14 6.97
CA SER K 273 64.34 4.86 7.23
C SER K 273 65.11 5.43 6.05
N LEU K 274 66.39 5.73 6.27
CA LEU K 274 67.23 6.28 5.21
C LEU K 274 68.32 5.30 4.85
N ALA K 275 68.90 5.46 3.67
CA ALA K 275 69.95 4.56 3.25
C ALA K 275 70.97 5.20 2.30
N LYS K 276 72.17 4.64 2.31
CA LYS K 276 73.26 5.06 1.45
C LYS K 276 74.05 3.83 1.07
N ASN K 277 74.31 3.70 -0.23
CA ASN K 277 75.06 2.57 -0.80
C ASN K 277 74.65 1.27 -0.13
N GLY K 278 73.35 1.00 -0.13
CA GLY K 278 72.85 -0.23 0.46
C GLY K 278 72.86 -0.44 1.97
N THR K 279 73.41 0.48 2.75
CA THR K 279 73.41 0.30 4.20
C THR K 279 72.32 1.14 4.86
N ASN K 280 71.71 0.59 5.90
CA ASN K 280 70.64 1.29 6.61
C ASN K 280 71.16 2.32 7.61
N LEU K 281 71.15 3.58 7.19
CA LEU K 281 71.61 4.68 8.03
C LEU K 281 70.88 4.85 9.37
N PHE K 282 69.87 4.03 9.64
CA PHE K 282 69.12 4.13 10.88
C PHE K 282 69.49 3.12 11.95
N SER K 283 70.30 2.12 11.62
CA SER K 283 70.71 1.14 12.63
C SER K 283 71.93 1.66 13.37
N GLY K 284 72.00 1.38 14.66
CA GLY K 284 73.11 1.85 15.47
C GLY K 284 73.16 1.22 16.84
N ASP K 285 73.94 1.82 17.74
CA ASP K 285 74.11 1.32 19.10
C ASP K 285 73.24 2.06 20.12
N LYS K 286 72.63 3.16 19.69
CA LYS K 286 71.76 3.97 20.54
C LYS K 286 70.44 3.22 20.83
N TYR K 287 69.48 3.91 21.46
CA TYR K 287 68.18 3.32 21.82
C TYR K 287 67.52 2.38 20.81
N ALA K 288 67.10 1.23 21.30
CA ALA K 288 66.41 0.23 20.49
C ALA K 288 67.06 -0.18 19.15
N GLY K 289 68.36 0.04 19.02
CA GLY K 289 69.04 -0.33 17.80
C GLY K 289 69.15 0.78 16.77
N LEU K 290 68.89 2.00 17.22
CA LEU K 290 68.93 3.18 16.34
C LEU K 290 70.26 3.89 16.20
N SER K 291 70.42 4.59 15.08
CA SER K 291 71.62 5.39 14.81
C SER K 291 71.30 6.76 15.39
N GLU K 292 72.31 7.61 15.59
CA GLU K 292 72.00 8.92 16.14
C GLU K 292 71.32 9.75 15.08
N GLN K 293 71.46 9.32 13.83
CA GLN K 293 70.84 10.00 12.70
C GLN K 293 69.32 9.85 12.80
N ALA K 294 68.88 8.64 13.13
CA ALA K 294 67.48 8.32 13.29
C ALA K 294 66.86 9.22 14.36
N LEU K 295 67.59 9.38 15.45
CA LEU K 295 67.12 10.21 16.56
C LEU K 295 66.96 11.66 16.15
N TYR K 296 67.89 12.19 15.35
CA TYR K 296 67.78 13.58 14.90
C TYR K 296 66.57 13.70 14.00
N TYR K 297 66.36 12.66 13.18
CA TYR K 297 65.23 12.60 12.27
C TYR K 297 63.97 12.71 13.11
N ILE K 298 63.87 11.86 14.14
CA ILE K 298 62.72 11.86 15.04
C ILE K 298 62.52 13.24 15.64
N GLY K 299 63.63 13.85 16.04
CA GLY K 299 63.56 15.16 16.64
C GLY K 299 62.97 16.14 15.67
N GLY K 300 63.34 16.01 14.39
CA GLY K 300 62.82 16.88 13.37
C GLY K 300 61.31 16.73 13.23
N VAL K 301 60.87 15.49 13.13
CA VAL K 301 59.46 15.16 13.00
C VAL K 301 58.69 15.74 14.18
N ILE K 302 59.25 15.60 15.38
CA ILE K 302 58.59 16.13 16.55
C ILE K 302 58.57 17.65 16.56
N LYS K 303 59.66 18.27 16.12
CA LYS K 303 59.71 19.72 16.12
C LYS K 303 58.67 20.30 15.19
N HIS K 304 58.54 19.71 14.00
CA HIS K 304 57.59 20.18 13.00
C HIS K 304 56.27 19.40 12.87
N ALA K 305 55.92 18.64 13.90
CA ALA K 305 54.70 17.84 13.87
C ALA K 305 53.46 18.61 13.47
N LYS K 306 53.15 19.69 14.16
CA LYS K 306 51.96 20.47 13.83
C LYS K 306 51.91 20.90 12.36
N ALA K 307 53.06 21.21 11.76
CA ALA K 307 53.04 21.62 10.38
C ALA K 307 52.84 20.40 9.49
N ILE K 308 53.44 19.28 9.87
CA ILE K 308 53.29 18.06 9.09
C ILE K 308 51.82 17.65 9.09
N ASN K 309 51.16 17.88 10.21
CA ASN K 309 49.74 17.56 10.36
C ASN K 309 48.91 18.13 9.22
N ALA K 310 49.24 19.35 8.80
CA ALA K 310 48.51 20.01 7.72
C ALA K 310 48.55 19.23 6.44
N LEU K 311 49.46 18.26 6.34
CA LEU K 311 49.58 17.44 5.15
C LEU K 311 49.26 15.99 5.40
N ALA K 312 49.53 15.54 6.63
CA ALA K 312 49.30 14.16 7.01
C ALA K 312 47.91 13.92 7.59
N ASN K 313 47.23 15.00 7.94
CA ASN K 313 45.89 14.96 8.53
C ASN K 313 45.27 16.24 7.98
N PRO K 314 45.04 16.28 6.68
CA PRO K 314 44.49 17.44 5.97
C PRO K 314 43.00 17.68 5.96
N THR K 315 42.28 17.00 6.83
CA THR K 315 40.83 17.17 6.85
C THR K 315 40.37 17.46 8.27
N THR K 316 39.23 18.15 8.41
CA THR K 316 38.72 18.42 9.75
C THR K 316 38.41 17.07 10.39
N ASN K 317 37.96 16.14 9.57
CA ASN K 317 37.61 14.79 10.03
C ASN K 317 38.81 14.12 10.67
N SER K 318 40.00 14.41 10.15
CA SER K 318 41.25 13.82 10.66
C SER K 318 41.36 13.97 12.16
N TYR K 319 40.87 15.13 12.66
CA TYR K 319 40.99 15.47 14.07
C TYR K 319 39.90 14.80 14.88
N LYS K 320 39.06 14.02 14.27
CA LYS K 320 38.07 13.35 15.07
C LYS K 320 38.62 11.97 15.45
N ARG K 321 39.75 11.64 14.83
CA ARG K 321 40.51 10.41 15.10
C ARG K 321 41.59 10.71 16.14
N LEU K 322 42.19 11.88 15.99
CA LEU K 322 43.23 12.36 16.88
C LEU K 322 42.59 13.14 18.02
N VAL K 323 42.04 12.40 18.97
CA VAL K 323 41.41 13.02 20.12
C VAL K 323 41.89 12.30 21.34
N PRO K 324 41.93 13.07 22.45
CA PRO K 324 42.34 12.42 23.70
C PRO K 324 41.65 11.12 23.94
N GLY K 325 42.22 10.05 23.37
CA GLY K 325 41.73 8.71 23.55
C GLY K 325 42.87 7.89 24.07
N TYR K 326 42.67 6.60 24.31
CA TYR K 326 43.80 5.83 24.88
C TYR K 326 44.89 5.52 23.87
N GLU K 327 44.47 4.93 22.76
CA GLU K 327 45.37 4.54 21.69
C GLU K 327 45.63 5.66 20.69
N ALA K 328 45.06 6.84 20.95
CA ALA K 328 45.25 7.98 20.08
C ALA K 328 46.74 8.33 19.98
N PRO K 329 47.30 8.21 18.76
CA PRO K 329 48.71 8.48 18.44
C PRO K 329 48.96 9.97 18.49
N VAL K 330 48.59 10.61 19.59
CA VAL K 330 48.77 12.05 19.68
C VAL K 330 49.93 12.63 20.50
N MET K 331 50.59 11.79 21.30
CA MET K 331 51.70 12.27 22.11
C MET K 331 52.98 12.31 21.28
N LEU K 332 53.54 13.50 21.12
CA LEU K 332 54.77 13.70 20.36
C LEU K 332 56.00 13.12 21.08
N ALA K 333 56.16 11.82 20.98
CA ALA K 333 57.26 11.14 21.63
C ALA K 333 57.56 9.81 20.95
N TYR K 334 58.66 9.19 21.32
CA TYR K 334 59.00 7.89 20.75
C TYR K 334 59.13 6.85 21.84
N SER K 335 59.00 5.59 21.43
CA SER K 335 59.08 4.45 22.32
C SER K 335 58.95 3.21 21.48
N ALA K 336 59.40 2.09 22.03
CA ALA K 336 59.34 0.82 21.33
C ALA K 336 58.17 0.02 21.84
N ARG K 337 57.50 0.56 22.85
CA ARG K 337 56.37 -0.12 23.43
C ARG K 337 55.13 0.76 23.60
N ASN K 338 55.26 1.82 24.40
CA ASN K 338 54.17 2.73 24.67
C ASN K 338 53.39 3.14 23.41
N ARG K 339 52.23 2.51 23.18
CA ARG K 339 51.44 2.84 22.01
C ARG K 339 50.52 4.03 22.28
N SER K 340 51.10 5.03 22.94
CA SER K 340 50.45 6.30 23.26
C SER K 340 51.27 7.28 22.44
N ALA K 341 52.52 6.87 22.21
CA ALA K 341 53.51 7.59 21.46
C ALA K 341 53.19 7.56 19.98
N SER K 342 53.20 8.73 19.36
CA SER K 342 52.93 8.85 17.93
C SER K 342 54.09 8.35 17.10
N ILE K 343 55.21 8.03 17.75
CA ILE K 343 56.37 7.48 17.07
C ILE K 343 56.78 6.18 17.72
N ARG K 344 56.48 5.05 17.06
CA ARG K 344 56.87 3.74 17.58
C ARG K 344 58.17 3.32 16.96
N ILE K 345 58.94 2.59 17.73
CA ILE K 345 60.18 2.03 17.22
C ILE K 345 59.99 0.54 17.20
N PRO K 346 59.83 -0.01 15.99
CA PRO K 346 59.63 -1.44 15.78
C PRO K 346 60.82 -2.16 16.34
N VAL K 347 60.59 -3.23 17.09
CA VAL K 347 61.71 -3.98 17.61
C VAL K 347 61.86 -5.13 16.63
N VAL K 348 62.99 -5.12 15.93
CA VAL K 348 63.27 -6.13 14.93
C VAL K 348 64.73 -6.61 15.10
N ALA K 349 65.00 -7.84 14.67
CA ALA K 349 66.34 -8.41 14.79
C ALA K 349 67.37 -7.84 13.82
N SER K 350 67.16 -8.09 12.53
CA SER K 350 68.09 -7.61 11.50
C SER K 350 68.24 -6.10 11.54
N PRO K 351 69.47 -5.61 11.72
CA PRO K 351 69.67 -4.15 11.75
C PRO K 351 69.35 -3.56 10.38
N LYS K 352 69.24 -4.41 9.36
CA LYS K 352 68.93 -3.98 8.01
C LYS K 352 67.50 -3.45 7.93
N ALA K 353 66.68 -3.86 8.90
CA ALA K 353 65.27 -3.46 8.95
C ALA K 353 64.92 -2.44 10.04
N ARG K 354 65.92 -1.81 10.63
CA ARG K 354 65.70 -0.81 11.68
C ARG K 354 65.05 0.43 11.03
N ARG K 355 64.03 0.98 11.68
CA ARG K 355 63.30 2.14 11.15
C ARG K 355 62.39 2.77 12.21
N ILE K 356 61.72 3.87 11.86
CA ILE K 356 60.77 4.49 12.79
C ILE K 356 59.36 4.46 12.21
N GLU K 357 58.35 4.45 13.08
CA GLU K 357 56.97 4.44 12.62
C GLU K 357 56.22 5.66 13.13
N VAL K 358 55.96 6.62 12.26
CA VAL K 358 55.19 7.80 12.65
C VAL K 358 53.72 7.43 12.48
N ARG K 359 53.02 7.36 13.58
CA ARG K 359 51.66 6.89 13.61
C ARG K 359 50.49 7.86 13.35
N PHE K 360 50.69 9.19 13.39
CA PHE K 360 49.50 10.06 13.28
C PHE K 360 48.91 10.33 11.88
N PRO K 361 49.68 10.16 10.84
CA PRO K 361 49.08 10.31 9.49
C PRO K 361 47.78 9.57 9.24
N ASP K 362 46.91 10.03 8.35
CA ASP K 362 45.72 9.26 8.01
C ASP K 362 45.67 9.13 6.50
N PRO K 363 44.87 8.20 5.97
CA PRO K 363 44.79 8.00 4.53
C PRO K 363 44.29 9.14 3.68
N ALA K 364 43.77 10.19 4.29
CA ALA K 364 43.27 11.32 3.52
C ALA K 364 44.43 12.16 3.01
N ALA K 365 45.58 11.94 3.62
CA ALA K 365 46.75 12.71 3.25
C ALA K 365 47.21 12.52 1.83
N ASN K 366 47.64 13.61 1.21
CA ASN K 366 48.23 13.58 -0.13
C ASN K 366 49.54 12.76 0.01
N PRO K 367 49.70 11.65 -0.75
CA PRO K 367 50.93 10.85 -0.56
C PRO K 367 52.19 11.67 -0.56
N TYR K 368 52.29 12.27 -1.71
CA TYR K 368 53.40 13.10 -2.06
C TYR K 368 53.73 14.14 -1.02
N LEU K 369 52.79 15.03 -0.77
CA LEU K 369 53.07 16.09 0.17
C LEU K 369 53.28 15.61 1.59
N CYS K 370 52.58 14.55 1.98
CA CYS K 370 52.71 14.04 3.33
C CYS K 370 54.08 13.43 3.52
N PHE K 371 54.46 12.56 2.60
CA PHE K 371 55.77 11.93 2.68
C PHE K 371 56.87 12.97 2.64
N ALA K 372 56.78 13.90 1.70
CA ALA K 372 57.78 14.96 1.56
C ALA K 372 57.96 15.75 2.85
N ALA K 373 56.86 16.20 3.44
CA ALA K 373 56.92 16.97 4.68
C ALA K 373 57.55 16.15 5.80
N LEU K 374 57.31 14.85 5.80
CA LEU K 374 57.89 13.99 6.82
C LEU K 374 59.41 13.97 6.66
N LEU K 375 59.87 13.86 5.41
CA LEU K 375 61.30 13.83 5.08
C LEU K 375 61.98 15.11 5.47
N MET K 376 61.51 16.22 4.90
CA MET K 376 62.07 17.53 5.18
C MET K 376 62.18 17.83 6.66
N ALA K 377 61.20 17.39 7.44
CA ALA K 377 61.24 17.61 8.89
C ALA K 377 62.36 16.76 9.46
N GLY K 378 62.50 15.55 8.93
CA GLY K 378 63.54 14.65 9.40
C GLY K 378 64.93 15.19 9.11
N LEU K 379 65.12 15.66 7.89
CA LEU K 379 66.39 16.23 7.45
C LEU K 379 66.76 17.45 8.27
N ASP K 380 65.79 18.32 8.51
CA ASP K 380 66.04 19.50 9.31
C ASP K 380 66.39 19.08 10.73
N GLY K 381 65.97 17.88 11.11
CA GLY K 381 66.25 17.39 12.45
C GLY K 381 67.70 16.96 12.51
N ILE K 382 68.19 16.47 11.38
CA ILE K 382 69.55 16.01 11.23
C ILE K 382 70.50 17.20 11.08
N LYS K 383 70.31 17.97 10.01
CA LYS K 383 71.14 19.14 9.75
C LYS K 383 71.36 19.94 11.02
N ASN K 384 70.31 20.06 11.84
CA ASN K 384 70.42 20.83 13.07
C ASN K 384 70.54 19.99 14.35
N LYS K 385 70.95 18.74 14.19
CA LYS K 385 71.15 17.80 15.31
C LYS K 385 70.15 18.00 16.44
N ILE K 386 68.87 18.00 16.09
CA ILE K 386 67.80 18.19 17.05
C ILE K 386 67.60 16.94 17.87
N HIS K 387 68.01 16.99 19.12
CA HIS K 387 67.84 15.83 19.96
C HIS K 387 66.41 15.74 20.47
N PRO K 388 65.95 14.51 20.26
CA PRO K 388 64.65 13.90 20.72
C PRO K 388 64.25 13.99 22.17
N GLY K 389 65.25 13.98 23.02
CA GLY K 389 65.06 13.94 24.43
C GLY K 389 64.97 12.46 24.72
N GLU K 390 64.43 12.10 25.88
CA GLU K 390 64.31 10.70 26.27
C GLU K 390 62.95 10.11 25.86
N PRO K 391 62.93 8.78 25.60
CA PRO K 391 61.73 8.05 25.17
C PRO K 391 60.68 7.97 26.27
N MET K 392 59.40 8.08 25.89
CA MET K 392 58.29 7.98 26.84
C MET K 392 57.89 6.51 26.92
N ASP K 393 58.01 5.91 28.09
CA ASP K 393 57.65 4.51 28.27
C ASP K 393 56.58 4.38 29.37
N LYS K 394 56.12 5.52 29.88
CA LYS K 394 55.10 5.57 30.94
C LYS K 394 53.68 5.22 30.47
N ASN K 395 52.89 6.24 30.13
CA ASN K 395 51.51 6.05 29.66
C ASN K 395 51.02 7.22 28.79
N LEU K 396 49.75 7.12 28.32
CA LEU K 396 49.20 8.01 27.29
C LEU K 396 48.70 9.35 27.86
N TYR K 397 47.52 9.68 27.41
CA TYR K 397 46.94 10.95 27.83
C TYR K 397 46.10 10.86 29.06
N ASP K 398 45.72 9.71 29.49
CA ASP K 398 44.86 9.82 30.66
C ASP K 398 45.69 9.22 31.76
N LEU K 399 45.77 9.85 32.90
CA LEU K 399 46.62 9.20 33.81
C LEU K 399 47.69 8.51 33.05
N PRO K 400 48.73 9.19 32.69
CA PRO K 400 49.33 10.33 33.28
C PRO K 400 48.40 11.33 34.02
N PRO K 401 47.91 12.47 33.40
CA PRO K 401 47.23 13.62 33.93
C PRO K 401 47.80 14.14 35.28
N GLU K 402 49.04 13.81 35.58
CA GLU K 402 49.81 14.15 36.80
C GLU K 402 50.24 15.63 36.77
N GLU K 403 51.17 15.93 35.86
CA GLU K 403 51.70 17.26 35.64
C GLU K 403 50.82 17.95 34.56
N ALA K 404 49.53 17.56 34.53
CA ALA K 404 48.53 18.00 33.56
C ALA K 404 48.97 17.43 32.21
N LYS K 405 50.06 16.66 32.28
CA LYS K 405 50.74 15.97 31.18
C LYS K 405 50.86 16.75 29.86
N GLU K 406 51.17 18.03 29.97
CA GLU K 406 51.32 18.85 28.79
C GLU K 406 52.71 18.71 28.17
N ILE K 407 52.90 17.56 27.51
CA ILE K 407 54.13 17.27 26.79
C ILE K 407 53.76 17.59 25.32
N PRO K 408 54.67 17.43 24.39
CA PRO K 408 54.30 17.69 23.00
C PRO K 408 53.02 17.13 22.42
N GLN K 409 52.22 17.87 21.72
CA GLN K 409 51.20 17.07 21.04
C GLN K 409 50.90 17.53 19.62
N VAL K 410 50.32 16.64 18.81
CA VAL K 410 49.95 16.95 17.43
C VAL K 410 48.85 18.02 17.46
N ALA K 411 48.65 18.67 16.33
CA ALA K 411 47.64 19.72 16.23
C ALA K 411 46.28 19.16 16.66
N GLY K 412 45.44 20.00 17.26
CA GLY K 412 44.14 19.53 17.70
C GLY K 412 42.98 19.88 16.79
N SER K 413 43.28 20.56 15.70
CA SER K 413 42.27 20.97 14.74
C SER K 413 42.98 21.27 13.44
N LEU K 414 42.25 21.25 12.34
CA LEU K 414 42.86 21.53 11.05
C LEU K 414 43.43 22.94 10.96
N GLU K 415 42.68 23.91 11.46
CA GLU K 415 43.09 25.31 11.42
C GLU K 415 44.42 25.50 12.09
N GLU K 416 44.54 24.89 13.26
CA GLU K 416 45.76 24.95 14.05
C GLU K 416 46.91 24.39 13.25
N ALA K 417 46.66 23.28 12.56
CA ALA K 417 47.68 22.65 11.74
C ALA K 417 48.06 23.53 10.57
N LEU K 418 47.05 24.15 9.96
CA LEU K 418 47.30 25.01 8.82
C LEU K 418 48.12 26.19 9.28
N ASN K 419 47.76 26.73 10.43
CA ASN K 419 48.50 27.88 10.95
C ASN K 419 49.96 27.51 11.24
N ALA K 420 50.18 26.32 11.79
CA ALA K 420 51.53 25.86 12.07
C ALA K 420 52.31 25.79 10.77
N LEU K 421 51.68 25.22 9.75
CA LEU K 421 52.32 25.09 8.45
C LEU K 421 52.68 26.47 7.96
N ASP K 422 51.81 27.45 8.21
CA ASP K 422 52.05 28.81 7.75
C ASP K 422 53.35 29.34 8.33
N LEU K 423 53.39 29.36 9.67
CA LEU K 423 54.53 29.87 10.41
C LEU K 423 55.80 29.05 10.29
N ASP K 424 55.66 27.75 10.45
CA ASP K 424 56.80 26.83 10.43
C ASP K 424 57.13 26.27 9.05
N ARG K 425 57.09 27.12 8.03
CA ARG K 425 57.37 26.68 6.67
C ARG K 425 58.82 26.60 6.20
N GLU K 426 59.75 27.20 6.93
CA GLU K 426 61.13 27.18 6.47
C GLU K 426 61.68 25.81 6.13
N PHE K 427 61.54 24.85 7.04
CA PHE K 427 62.08 23.52 6.80
C PHE K 427 61.57 22.87 5.51
N LEU K 428 60.45 23.34 5.00
CA LEU K 428 59.86 22.81 3.77
C LEU K 428 60.41 23.52 2.53
N LYS K 429 60.72 24.81 2.68
CA LYS K 429 61.26 25.62 1.59
C LYS K 429 62.73 25.29 1.29
N ALA K 430 63.37 24.61 2.25
CA ALA K 430 64.75 24.20 2.12
C ALA K 430 64.94 23.48 0.80
N GLY K 431 66.05 23.76 0.13
CA GLY K 431 66.32 23.13 -1.13
C GLY K 431 65.37 23.54 -2.23
N GLY K 432 64.50 24.53 -1.97
CA GLY K 432 63.55 24.99 -2.97
C GLY K 432 62.49 23.96 -3.33
N VAL K 433 62.27 22.99 -2.43
CA VAL K 433 61.30 21.91 -2.59
C VAL K 433 59.88 22.47 -2.59
N PHE K 434 59.52 23.17 -1.51
CA PHE K 434 58.22 23.82 -1.39
C PHE K 434 58.37 25.32 -1.57
N THR K 435 57.55 25.93 -2.41
CA THR K 435 57.60 27.38 -2.58
C THR K 435 56.52 27.98 -1.68
N ASP K 436 56.64 29.27 -1.37
CA ASP K 436 55.66 29.94 -0.53
C ASP K 436 54.30 29.87 -1.22
N GLU K 437 54.30 30.13 -2.52
CA GLU K 437 53.08 30.12 -3.31
C GLU K 437 52.34 28.79 -3.20
N ALA K 438 53.08 27.70 -3.31
CA ALA K 438 52.50 26.38 -3.21
C ALA K 438 51.86 26.22 -1.84
N ILE K 439 52.64 26.50 -0.81
CA ILE K 439 52.16 26.38 0.55
C ILE K 439 50.93 27.25 0.82
N ASP K 440 50.97 28.49 0.38
CA ASP K 440 49.85 29.39 0.60
C ASP K 440 48.59 28.95 -0.13
N ALA K 441 48.78 28.33 -1.29
CA ALA K 441 47.67 27.85 -2.12
C ALA K 441 47.02 26.66 -1.45
N TYR K 442 47.86 25.76 -0.94
CA TYR K 442 47.40 24.57 -0.26
C TYR K 442 46.57 24.98 0.95
N ILE K 443 47.12 25.90 1.72
CA ILE K 443 46.44 26.39 2.91
C ILE K 443 45.11 27.00 2.56
N ALA K 444 45.05 27.71 1.45
CA ALA K 444 43.81 28.35 1.05
C ALA K 444 42.75 27.33 0.66
N LEU K 445 43.18 26.26 0.01
CA LEU K 445 42.25 25.20 -0.39
C LEU K 445 41.63 24.56 0.84
N ARG K 446 42.46 24.27 1.83
CA ARG K 446 41.98 23.63 3.03
C ARG K 446 41.17 24.55 3.94
N ARG K 447 41.43 25.86 3.88
CA ARG K 447 40.69 26.76 4.76
C ARG K 447 39.25 26.89 4.35
N GLU K 448 39.04 26.70 3.06
CA GLU K 448 37.74 26.77 2.43
C GLU K 448 36.97 25.55 2.93
N GLU K 449 37.66 24.41 3.02
CA GLU K 449 37.05 23.18 3.52
C GLU K 449 36.78 23.34 5.01
N ASP K 450 37.78 23.83 5.75
CA ASP K 450 37.60 24.03 7.17
C ASP K 450 36.39 24.92 7.46
N ASP K 451 36.15 25.89 6.58
CA ASP K 451 35.03 26.81 6.76
C ASP K 451 33.67 26.18 6.66
N ARG K 452 33.52 25.25 5.73
CA ARG K 452 32.25 24.58 5.54
C ARG K 452 31.86 23.91 6.84
N VAL K 453 32.82 23.21 7.43
CA VAL K 453 32.54 22.51 8.65
C VAL K 453 32.33 23.47 9.82
N ARG K 454 33.09 24.55 9.89
CA ARG K 454 32.94 25.49 10.99
C ARG K 454 31.65 26.26 10.94
N MET K 455 31.19 26.54 9.73
CA MET K 455 29.99 27.34 9.54
C MET K 455 28.67 26.60 9.48
N THR K 456 28.66 25.30 9.21
CA THR K 456 27.43 24.55 9.10
C THR K 456 26.99 23.94 10.41
N PRO K 457 25.76 24.23 10.86
CA PRO K 457 25.28 23.67 12.12
C PRO K 457 25.46 22.17 12.15
N HIS K 458 25.88 21.66 13.29
CA HIS K 458 26.11 20.24 13.47
C HIS K 458 24.93 19.59 14.16
N PRO K 459 24.49 18.42 13.69
CA PRO K 459 23.36 17.71 14.29
C PRO K 459 23.42 17.68 15.82
N VAL K 460 24.61 17.43 16.35
CA VAL K 460 24.80 17.34 17.80
C VAL K 460 24.51 18.66 18.51
N GLU K 461 24.66 19.76 17.78
CA GLU K 461 24.39 21.06 18.38
C GLU K 461 22.93 21.19 18.73
N PHE K 462 22.08 20.47 17.98
CA PHE K 462 20.62 20.50 18.27
C PHE K 462 20.33 19.71 19.54
N GLU K 463 20.97 18.57 19.65
CA GLU K 463 20.80 17.75 20.81
C GLU K 463 21.22 18.53 22.04
N LEU K 464 22.36 19.19 21.94
CA LEU K 464 22.95 19.98 23.01
C LEU K 464 22.28 21.33 23.26
N TYR K 465 21.85 22.06 22.23
CA TYR K 465 21.33 23.39 22.47
C TYR K 465 19.94 23.72 21.92
N TYR K 466 19.18 22.82 21.32
CA TYR K 466 17.88 23.24 20.79
C TYR K 466 16.94 23.82 21.89
N SER K 467 16.97 23.22 23.07
CA SER K 467 16.13 23.63 24.19
C SER K 467 16.74 24.68 25.10
N VAL K 468 17.77 25.33 24.61
CA VAL K 468 18.46 26.35 25.34
C VAL K 468 17.57 27.52 25.72
N SER L 1 33.59 8.01 -55.27
CA SER L 1 33.43 6.82 -56.09
C SER L 1 32.13 6.11 -55.77
N ALA L 2 31.39 5.95 -56.86
CA ALA L 2 30.13 5.27 -56.84
C ALA L 2 30.38 3.76 -56.93
N GLU L 3 31.57 3.38 -57.36
CA GLU L 3 31.94 1.96 -57.49
C GLU L 3 32.39 1.39 -56.17
N HIS L 4 33.04 2.24 -55.39
CA HIS L 4 33.52 1.87 -54.06
C HIS L 4 32.29 1.56 -53.23
N VAL L 5 31.24 2.32 -53.46
CA VAL L 5 29.99 2.14 -52.75
C VAL L 5 29.38 0.79 -53.12
N LEU L 6 29.30 0.51 -54.42
CA LEU L 6 28.72 -0.75 -54.85
C LEU L 6 29.48 -1.98 -54.35
N THR L 7 30.76 -1.80 -54.00
CA THR L 7 31.54 -2.92 -53.47
C THR L 7 31.33 -3.03 -51.97
N MET L 8 31.11 -1.89 -51.31
CA MET L 8 30.85 -1.87 -49.86
C MET L 8 29.52 -2.56 -49.60
N LEU L 9 28.61 -2.47 -50.57
CA LEU L 9 27.31 -3.12 -50.47
C LEU L 9 27.44 -4.62 -50.43
N ASN L 10 28.38 -5.16 -51.20
CA ASN L 10 28.60 -6.60 -51.24
C ASN L 10 29.48 -7.12 -50.13
N GLU L 11 30.49 -6.31 -49.80
CA GLU L 11 31.47 -6.63 -48.77
C GLU L 11 30.84 -6.75 -47.39
N HIS L 12 29.86 -5.89 -47.12
CA HIS L 12 29.17 -5.89 -45.84
C HIS L 12 27.76 -6.49 -45.92
N GLU L 13 27.41 -7.06 -47.08
CA GLU L 13 26.09 -7.67 -47.30
C GLU L 13 24.99 -6.73 -46.81
N VAL L 14 25.06 -5.50 -47.28
CA VAL L 14 24.13 -4.47 -46.91
C VAL L 14 22.72 -4.72 -47.40
N LYS L 15 21.76 -4.54 -46.50
CA LYS L 15 20.36 -4.74 -46.84
C LYS L 15 19.66 -3.39 -47.05
N PHE L 16 20.19 -2.34 -46.42
CA PHE L 16 19.60 -1.00 -46.56
C PHE L 16 20.60 0.12 -46.68
N VAL L 17 20.13 1.22 -47.24
CA VAL L 17 20.93 2.41 -47.39
C VAL L 17 20.15 3.51 -46.71
N ASP L 18 20.80 4.14 -45.74
CA ASP L 18 20.19 5.19 -44.97
C ASP L 18 20.70 6.54 -45.48
N LEU L 19 19.82 7.25 -46.16
CA LEU L 19 20.12 8.54 -46.74
C LEU L 19 19.99 9.62 -45.70
N ARG L 20 21.08 10.35 -45.44
CA ARG L 20 21.04 11.41 -44.45
C ARG L 20 21.31 12.83 -44.89
N PHE L 21 20.67 13.74 -44.18
CA PHE L 21 20.83 15.14 -44.43
C PHE L 21 20.49 15.96 -43.20
N THR L 22 20.78 17.26 -43.23
CA THR L 22 20.53 18.14 -42.09
C THR L 22 19.55 19.24 -42.42
N ASP L 23 18.72 19.61 -41.46
CA ASP L 23 17.77 20.67 -41.69
C ASP L 23 18.36 21.98 -41.26
N THR L 24 17.60 23.04 -41.42
CA THR L 24 18.08 24.36 -41.06
C THR L 24 18.52 24.47 -39.60
N LYS L 25 17.77 23.85 -38.68
CA LYS L 25 18.12 23.93 -37.27
C LYS L 25 19.41 23.19 -36.94
N GLY L 26 19.77 22.25 -37.80
CA GLY L 26 21.02 21.52 -37.59
C GLY L 26 20.86 20.06 -37.25
N LYS L 27 19.61 19.62 -37.30
CA LYS L 27 19.29 18.25 -36.94
C LYS L 27 19.36 17.29 -38.10
N GLU L 28 20.15 16.24 -37.93
CA GLU L 28 20.32 15.22 -38.95
C GLU L 28 18.99 14.51 -39.19
N GLN L 29 18.66 14.29 -40.45
CA GLN L 29 17.41 13.64 -40.85
C GLN L 29 17.76 12.44 -41.70
N HIS L 30 16.80 11.54 -41.89
CA HIS L 30 17.08 10.36 -42.70
C HIS L 30 15.86 9.68 -43.28
N VAL L 31 16.12 8.90 -44.30
CA VAL L 31 15.11 8.10 -44.98
C VAL L 31 15.90 6.89 -45.47
N THR L 32 15.24 5.73 -45.51
CA THR L 32 15.91 4.50 -45.88
C THR L 32 15.34 3.82 -47.11
N ILE L 33 16.23 3.23 -47.91
CA ILE L 33 15.80 2.49 -49.10
C ILE L 33 16.57 1.19 -49.09
N PRO L 34 15.97 0.12 -49.63
CA PRO L 34 16.61 -1.19 -49.69
C PRO L 34 17.84 -1.06 -50.54
N ALA L 35 18.87 -1.84 -50.26
CA ALA L 35 20.10 -1.76 -51.05
C ALA L 35 19.83 -1.96 -52.54
N HIS L 36 18.89 -2.83 -52.86
CA HIS L 36 18.55 -3.11 -54.25
C HIS L 36 17.98 -1.94 -55.04
N GLN L 37 17.78 -0.82 -54.38
CA GLN L 37 17.26 0.38 -55.03
C GLN L 37 18.41 1.28 -55.47
N VAL L 38 19.63 0.86 -55.13
CA VAL L 38 20.83 1.60 -55.49
C VAL L 38 21.37 1.12 -56.83
N ASN L 39 21.29 2.00 -57.81
CA ASN L 39 21.72 1.71 -59.17
C ASN L 39 22.52 2.88 -59.70
N ALA L 40 22.86 2.82 -60.98
CA ALA L 40 23.63 3.88 -61.62
C ALA L 40 22.87 5.21 -61.57
N GLU L 41 21.60 5.16 -61.88
CA GLU L 41 20.74 6.35 -61.87
C GLU L 41 20.83 7.11 -60.56
N PHE L 42 20.61 6.38 -59.48
CA PHE L 42 20.70 6.86 -58.11
C PHE L 42 21.78 7.92 -57.90
N PHE L 43 23.00 7.63 -58.34
CA PHE L 43 24.10 8.57 -58.18
C PHE L 43 24.11 9.80 -59.06
N GLU L 44 23.59 9.67 -60.27
CA GLU L 44 23.59 10.80 -61.18
C GLU L 44 22.38 11.68 -61.03
N GLU L 45 21.24 11.10 -60.70
CA GLU L 45 20.03 11.90 -60.55
C GLU L 45 19.37 11.91 -59.16
N GLY L 46 19.95 11.17 -58.21
CA GLY L 46 19.40 11.10 -56.87
C GLY L 46 18.00 10.56 -56.76
N LYS L 47 17.33 10.86 -55.64
CA LYS L 47 15.96 10.41 -55.39
C LYS L 47 15.12 11.63 -55.03
N MET L 48 13.83 11.57 -55.37
CA MET L 48 12.89 12.65 -55.11
C MET L 48 12.22 12.57 -53.75
N PHE L 49 11.99 13.73 -53.15
CA PHE L 49 11.29 13.78 -51.88
C PHE L 49 10.59 15.11 -51.69
N ASP L 50 9.63 15.11 -50.77
CA ASP L 50 8.81 16.27 -50.47
C ASP L 50 9.56 17.32 -49.66
N GLY L 51 9.75 18.49 -50.25
CA GLY L 51 10.43 19.58 -49.57
C GLY L 51 9.59 20.18 -48.46
N SER L 52 8.33 20.45 -48.74
CA SER L 52 7.41 21.08 -47.77
C SER L 52 7.33 20.49 -46.36
N SER L 53 7.89 19.29 -46.18
CA SER L 53 7.87 18.59 -44.90
C SER L 53 8.88 19.06 -43.84
N ILE L 54 10.01 19.60 -44.30
CA ILE L 54 11.06 20.12 -43.42
C ILE L 54 10.78 21.57 -43.06
N GLY L 55 11.01 21.91 -41.80
CA GLY L 55 10.74 23.28 -41.37
C GLY L 55 11.60 24.33 -42.05
N GLY L 56 10.97 25.40 -42.51
CA GLY L 56 11.68 26.49 -43.15
C GLY L 56 12.14 26.21 -44.57
N TRP L 57 11.56 25.20 -45.22
CA TRP L 57 11.99 24.91 -46.56
C TRP L 57 10.94 25.38 -47.59
N LYS L 58 10.67 24.57 -48.63
CA LYS L 58 9.69 24.97 -49.67
C LYS L 58 8.29 25.14 -49.07
N GLY L 59 7.53 26.07 -49.61
CA GLY L 59 6.19 26.31 -49.11
C GLY L 59 5.11 25.54 -49.87
N ILE L 60 3.96 26.21 -49.99
CA ILE L 60 2.74 25.70 -50.63
C ILE L 60 2.87 25.20 -52.06
N ASN L 61 3.71 25.79 -52.88
CA ASN L 61 3.66 25.43 -54.29
C ASN L 61 4.72 24.57 -54.88
N GLU L 62 5.93 24.74 -54.39
CA GLU L 62 7.12 24.07 -54.93
C GLU L 62 7.69 22.95 -54.09
N SER L 63 6.85 22.05 -53.63
CA SER L 63 7.31 20.99 -52.74
C SER L 63 8.48 20.12 -53.16
N ASP L 64 8.40 19.53 -54.35
CA ASP L 64 9.43 18.55 -54.69
C ASP L 64 10.84 19.01 -55.00
N MET L 65 11.77 18.23 -54.39
CA MET L 65 13.20 18.45 -54.44
C MET L 65 14.01 17.15 -54.54
N VAL L 66 15.31 17.31 -54.76
CA VAL L 66 16.23 16.18 -54.94
C VAL L 66 17.24 15.87 -53.83
N LEU L 67 17.35 14.58 -53.51
CA LEU L 67 18.31 14.07 -52.53
C LEU L 67 19.47 13.53 -53.33
N MET L 68 20.60 14.22 -53.30
CA MET L 68 21.75 13.77 -54.08
C MET L 68 22.79 13.06 -53.24
N PRO L 69 22.89 11.74 -53.36
CA PRO L 69 23.88 11.00 -52.58
C PRO L 69 25.30 11.43 -52.89
N ASP L 70 26.08 11.62 -51.83
CA ASP L 70 27.47 12.00 -51.95
C ASP L 70 28.23 10.72 -51.61
N ALA L 71 28.65 10.02 -52.65
CA ALA L 71 29.35 8.75 -52.51
C ALA L 71 30.60 8.76 -51.66
N SER L 72 31.16 9.93 -51.39
CA SER L 72 32.36 9.99 -50.57
C SER L 72 32.07 9.74 -49.08
N THR L 73 30.82 9.96 -48.70
CA THR L 73 30.38 9.82 -47.31
C THR L 73 29.94 8.45 -46.83
N ALA L 74 29.95 7.46 -47.70
CA ALA L 74 29.51 6.12 -47.32
C ALA L 74 30.17 5.51 -46.10
N VAL L 75 29.34 5.15 -45.12
CA VAL L 75 29.83 4.54 -43.90
C VAL L 75 28.72 3.68 -43.30
N ILE L 76 29.12 2.54 -42.76
CA ILE L 76 28.21 1.58 -42.15
C ILE L 76 27.64 2.09 -40.82
N ASP L 77 26.35 1.84 -40.58
CA ASP L 77 25.74 2.25 -39.32
C ASP L 77 26.06 1.15 -38.33
N PRO L 78 26.66 1.51 -37.20
CA PRO L 78 27.05 0.56 -36.16
C PRO L 78 26.00 0.16 -35.16
N PHE L 79 24.80 0.73 -35.28
CA PHE L 79 23.72 0.44 -34.35
C PHE L 79 22.56 -0.34 -34.92
N PHE L 80 22.15 -0.03 -36.14
CA PHE L 80 21.01 -0.72 -36.76
C PHE L 80 21.21 -2.23 -36.76
N ALA L 81 20.12 -2.97 -36.60
CA ALA L 81 20.15 -4.44 -36.52
C ALA L 81 20.50 -5.16 -37.82
N ASP L 82 20.04 -4.61 -38.92
CA ASP L 82 20.25 -5.15 -40.26
C ASP L 82 21.33 -4.30 -40.88
N SER L 83 22.27 -4.92 -41.59
CA SER L 83 23.37 -4.19 -42.22
C SER L 83 22.91 -3.03 -43.07
N THR L 84 23.31 -1.82 -42.69
CA THR L 84 22.89 -0.68 -43.47
C THR L 84 23.98 0.35 -43.64
N LEU L 85 24.00 0.91 -44.84
CA LEU L 85 25.00 1.87 -45.22
C LEU L 85 24.44 3.26 -45.24
N ILE L 86 25.16 4.14 -44.56
CA ILE L 86 24.75 5.54 -44.49
C ILE L 86 25.42 6.31 -45.61
N ILE L 87 24.64 7.15 -46.29
CA ILE L 87 25.16 7.99 -47.35
C ILE L 87 24.55 9.36 -47.17
N ARG L 88 25.41 10.32 -46.88
CA ARG L 88 25.01 11.71 -46.68
C ARG L 88 24.60 12.23 -48.04
N CYS L 89 23.65 13.14 -48.09
CA CYS L 89 23.14 13.67 -49.36
C CYS L 89 23.07 15.16 -49.34
N ASP L 90 23.09 15.80 -50.51
CA ASP L 90 22.93 17.26 -50.56
C ASP L 90 21.51 17.41 -51.10
N ILE L 91 20.93 18.58 -50.91
CA ILE L 91 19.58 18.84 -51.39
C ILE L 91 19.71 19.75 -52.60
N LEU L 92 19.30 19.24 -53.75
CA LEU L 92 19.41 19.99 -54.99
C LEU L 92 18.05 20.39 -55.51
N GLU L 93 18.03 21.51 -56.24
CA GLU L 93 16.82 22.02 -56.87
C GLU L 93 16.59 21.05 -58.06
N PRO L 94 15.34 20.62 -58.31
CA PRO L 94 15.08 19.69 -59.42
C PRO L 94 15.35 20.27 -60.81
N GLY L 95 15.83 19.43 -61.71
CA GLY L 95 16.13 19.88 -63.05
C GLY L 95 17.47 20.59 -63.08
N THR L 96 17.51 21.77 -62.47
CA THR L 96 18.74 22.54 -62.41
C THR L 96 19.82 21.76 -61.67
N LEU L 97 19.40 20.94 -60.70
CA LEU L 97 20.31 20.15 -59.88
C LEU L 97 21.40 21.03 -59.29
N GLN L 98 20.97 22.22 -58.88
CA GLN L 98 21.93 23.21 -58.42
C GLN L 98 22.44 23.10 -56.98
N GLY L 99 21.54 23.07 -56.05
CA GLY L 99 21.91 23.08 -54.66
C GLY L 99 21.03 24.12 -54.05
N TYR L 100 20.07 23.62 -53.30
CA TYR L 100 19.06 24.41 -52.64
C TYR L 100 19.65 25.53 -51.79
N ASP L 101 19.11 26.73 -51.95
CA ASP L 101 19.55 27.90 -51.23
C ASP L 101 19.51 27.69 -49.73
N ARG L 102 18.51 26.95 -49.28
CA ARG L 102 18.31 26.69 -47.87
C ARG L 102 18.97 25.41 -47.34
N ASP L 103 19.65 24.66 -48.20
CA ASP L 103 20.35 23.43 -47.76
C ASP L 103 21.67 23.84 -47.11
N PRO L 104 21.78 23.63 -45.79
CA PRO L 104 22.97 23.97 -45.02
C PRO L 104 24.24 23.32 -45.51
N ARG L 105 24.15 22.15 -46.13
CA ARG L 105 25.39 21.54 -46.58
C ARG L 105 25.82 22.20 -47.86
N SER L 106 24.85 22.57 -48.70
CA SER L 106 25.15 23.24 -49.97
C SER L 106 25.77 24.60 -49.65
N ILE L 107 25.21 25.26 -48.64
CA ILE L 107 25.70 26.57 -48.20
C ILE L 107 27.13 26.49 -47.72
N ALA L 108 27.45 25.43 -47.00
CA ALA L 108 28.79 25.28 -46.48
C ALA L 108 29.74 24.99 -47.63
N LYS L 109 29.28 24.22 -48.62
CA LYS L 109 30.13 23.90 -49.76
C LYS L 109 30.39 25.19 -50.54
N ARG L 110 29.34 25.99 -50.74
CA ARG L 110 29.45 27.25 -51.46
C ARG L 110 30.51 28.15 -50.82
N ALA L 111 30.54 28.12 -49.49
CA ALA L 111 31.48 28.93 -48.75
C ALA L 111 32.90 28.44 -48.93
N GLU L 112 33.10 27.14 -49.09
CA GLU L 112 34.45 26.63 -49.29
C GLU L 112 34.89 27.00 -50.70
N ASP L 113 33.93 27.03 -51.62
CA ASP L 113 34.19 27.40 -53.01
C ASP L 113 34.66 28.85 -53.05
N TYR L 114 33.83 29.75 -52.50
CA TYR L 114 34.13 31.17 -52.46
C TYR L 114 35.52 31.46 -51.85
N LEU L 115 35.98 30.60 -50.96
CA LEU L 115 37.28 30.77 -50.33
C LEU L 115 38.33 30.61 -51.42
N ARG L 116 38.26 29.49 -52.13
CA ARG L 116 39.18 29.21 -53.23
C ARG L 116 39.11 30.28 -54.31
N ALA L 117 37.89 30.73 -54.61
CA ALA L 117 37.66 31.76 -55.61
C ALA L 117 38.39 33.07 -55.31
N THR L 118 38.24 33.60 -54.10
CA THR L 118 38.91 34.85 -53.73
C THR L 118 40.41 34.64 -53.78
N GLY L 119 40.80 33.38 -53.84
CA GLY L 119 42.21 33.03 -53.86
C GLY L 119 42.92 33.30 -52.54
N ILE L 120 42.18 33.70 -51.51
CA ILE L 120 42.79 33.96 -50.21
C ILE L 120 43.48 32.72 -49.63
N ALA L 121 42.91 31.55 -49.90
CA ALA L 121 43.44 30.26 -49.44
C ALA L 121 42.72 29.18 -50.22
N ASP L 122 43.18 27.93 -50.12
CA ASP L 122 42.51 26.86 -50.85
C ASP L 122 41.71 25.86 -50.00
N THR L 123 41.91 25.91 -48.68
CA THR L 123 41.19 25.05 -47.73
C THR L 123 41.07 25.71 -46.35
N VAL L 124 39.94 25.47 -45.69
CA VAL L 124 39.70 25.99 -44.33
C VAL L 124 39.75 24.84 -43.34
N LEU L 125 40.38 25.06 -42.20
CA LEU L 125 40.47 24.00 -41.21
C LEU L 125 39.67 24.28 -39.95
N PHE L 126 38.78 23.35 -39.61
CA PHE L 126 37.94 23.48 -38.42
C PHE L 126 38.16 22.36 -37.43
N GLY L 127 38.37 22.77 -36.18
CA GLY L 127 38.56 21.81 -35.11
C GLY L 127 37.63 22.19 -33.98
N PRO L 128 36.34 21.81 -34.06
CA PRO L 128 35.38 22.14 -33.01
C PRO L 128 35.49 21.17 -31.84
N GLU L 129 35.16 21.64 -30.64
CA GLU L 129 35.25 20.80 -29.43
C GLU L 129 33.90 20.75 -28.75
N PRO L 130 32.98 19.97 -29.29
CA PRO L 130 31.67 19.91 -28.64
C PRO L 130 31.71 19.10 -27.36
N GLU L 131 31.07 19.65 -26.34
CA GLU L 131 30.94 19.03 -25.02
C GLU L 131 29.50 18.55 -24.90
N PHE L 132 29.22 17.64 -23.97
CA PHE L 132 27.85 17.17 -23.82
C PHE L 132 27.60 16.61 -22.43
N PHE L 133 26.33 16.32 -22.14
CA PHE L 133 25.94 15.74 -20.87
C PHE L 133 25.31 14.39 -21.04
N LEU L 134 25.57 13.50 -20.08
CA LEU L 134 24.99 12.16 -20.07
C LEU L 134 24.14 11.99 -18.81
N PHE L 135 22.83 11.85 -18.96
CA PHE L 135 21.93 11.70 -17.82
C PHE L 135 21.28 10.34 -17.82
N ASP L 136 20.53 10.08 -16.76
CA ASP L 136 19.78 8.84 -16.61
C ASP L 136 18.30 9.10 -16.84
N ASP L 137 17.83 10.28 -16.44
CA ASP L 137 16.44 10.64 -16.52
C ASP L 137 16.31 12.11 -16.85
N ILE L 138 15.45 12.42 -17.81
CA ILE L 138 15.17 13.79 -18.19
C ILE L 138 13.68 13.87 -18.40
N ARG L 139 13.04 14.77 -17.67
CA ARG L 139 11.59 14.95 -17.68
C ARG L 139 11.28 16.40 -17.81
N PHE L 140 10.30 16.76 -18.63
CA PHE L 140 9.90 18.14 -18.74
C PHE L 140 8.54 18.24 -19.39
N GLY L 141 7.95 19.42 -19.26
CA GLY L 141 6.65 19.65 -19.83
C GLY L 141 6.20 21.08 -19.57
N ALA L 142 5.14 21.48 -20.25
CA ALA L 142 4.59 22.82 -20.09
C ALA L 142 3.18 22.78 -20.63
N SER L 143 2.26 23.25 -19.81
CA SER L 143 0.87 23.30 -20.18
C SER L 143 0.33 24.54 -19.53
N ILE L 144 -0.97 24.77 -19.66
CA ILE L 144 -1.55 25.97 -19.11
C ILE L 144 -1.34 26.12 -17.61
N SER L 145 -1.40 25.00 -16.88
CA SER L 145 -1.28 25.08 -15.44
C SER L 145 0.12 25.03 -14.87
N GLY L 146 1.14 25.08 -15.72
CA GLY L 146 2.49 25.10 -15.20
C GLY L 146 3.51 24.56 -16.17
N SER L 147 4.67 24.26 -15.65
CA SER L 147 5.77 23.73 -16.47
C SER L 147 6.86 23.25 -15.55
N HIS L 148 7.76 22.43 -16.09
CA HIS L 148 8.84 21.94 -15.26
C HIS L 148 9.90 21.23 -16.05
N VAL L 149 11.04 21.02 -15.39
CA VAL L 149 12.14 20.24 -15.94
C VAL L 149 12.86 19.64 -14.77
N ALA L 150 13.08 18.35 -14.93
CA ALA L 150 13.77 17.60 -13.89
C ALA L 150 14.88 16.79 -14.46
N ILE L 151 16.09 16.96 -13.98
CA ILE L 151 17.24 16.23 -14.50
C ILE L 151 17.72 15.23 -13.50
N ASP L 152 18.18 14.08 -13.94
CA ASP L 152 18.70 13.15 -12.97
C ASP L 152 19.79 12.27 -13.55
N ASP L 153 20.82 12.07 -12.74
CA ASP L 153 21.92 11.22 -13.13
C ASP L 153 22.58 10.67 -11.91
N ILE L 154 23.14 9.48 -12.04
CA ILE L 154 23.78 8.85 -10.91
C ILE L 154 24.96 9.65 -10.38
N GLU L 155 25.51 10.53 -11.21
CA GLU L 155 26.64 11.35 -10.82
C GLU L 155 26.22 12.65 -10.19
N GLY L 156 24.98 13.05 -10.37
CA GLY L 156 24.54 14.31 -9.81
C GLY L 156 24.87 14.44 -8.34
N ALA L 157 25.48 15.55 -7.96
CA ALA L 157 25.84 15.76 -6.57
C ALA L 157 24.64 15.66 -5.63
N TRP L 158 23.48 16.05 -6.12
CA TRP L 158 22.26 16.03 -5.32
C TRP L 158 21.88 14.64 -4.86
N ASN L 159 22.38 13.62 -5.53
CA ASN L 159 22.07 12.25 -5.17
C ASN L 159 22.92 11.72 -4.03
N SER L 160 23.71 12.59 -3.40
CA SER L 160 24.53 12.15 -2.30
C SER L 160 23.61 11.66 -1.16
N SER L 161 22.38 12.14 -1.17
CA SER L 161 21.40 11.76 -0.15
C SER L 161 20.33 10.77 -0.58
N THR L 162 20.32 10.40 -1.85
CA THR L 162 19.33 9.49 -2.38
C THR L 162 19.42 8.05 -1.95
N LYS L 163 18.28 7.45 -1.63
CA LYS L 163 18.26 6.04 -1.24
C LYS L 163 18.18 5.23 -2.50
N TYR L 164 19.06 4.23 -2.63
CA TYR L 164 19.10 3.37 -3.79
C TYR L 164 18.80 1.95 -3.37
N GLU L 165 18.21 1.20 -4.28
CA GLU L 165 17.83 -0.19 -4.07
C GLU L 165 18.97 -1.00 -3.45
N GLY L 166 20.13 -1.00 -4.12
CA GLY L 166 21.27 -1.75 -3.61
C GLY L 166 22.25 -0.93 -2.79
N GLY L 167 21.79 0.18 -2.25
CA GLY L 167 22.65 1.06 -1.47
C GLY L 167 23.28 2.16 -2.32
N ASN L 168 23.47 3.32 -1.72
CA ASN L 168 24.09 4.48 -2.38
C ASN L 168 25.60 4.26 -2.23
N LYS L 169 26.32 4.12 -3.34
CA LYS L 169 27.77 3.86 -3.32
C LYS L 169 28.63 5.12 -3.23
N GLY L 170 27.90 6.18 -3.22
CA GLY L 170 28.33 7.52 -3.15
C GLY L 170 29.76 7.95 -3.48
N HIS L 171 30.20 7.91 -4.74
CA HIS L 171 31.46 8.58 -5.14
C HIS L 171 31.08 9.44 -6.31
N ARG L 172 30.68 10.64 -6.04
CA ARG L 172 30.18 11.51 -7.08
C ARG L 172 30.95 12.79 -7.21
N PRO L 173 30.99 13.33 -8.43
CA PRO L 173 31.68 14.57 -8.72
C PRO L 173 30.81 15.67 -8.13
N GLY L 174 31.41 16.53 -7.31
CA GLY L 174 30.64 17.62 -6.73
C GLY L 174 30.37 18.68 -7.77
N VAL L 175 29.67 19.74 -7.41
CA VAL L 175 29.37 20.81 -8.37
C VAL L 175 30.69 21.41 -8.84
N LYS L 176 30.83 21.54 -10.16
CA LYS L 176 32.06 22.08 -10.79
C LYS L 176 33.27 21.21 -10.43
N GLY L 177 33.05 19.98 -9.97
CA GLY L 177 34.17 19.14 -9.56
C GLY L 177 34.39 17.90 -10.44
N GLY L 178 34.01 17.98 -11.70
CA GLY L 178 34.15 16.85 -12.60
C GLY L 178 35.50 16.78 -13.30
N TYR L 179 36.30 17.84 -13.22
CA TYR L 179 37.58 17.79 -13.96
C TYR L 179 38.62 16.82 -13.36
N PHE L 180 38.44 15.57 -13.85
CA PHE L 180 39.33 14.39 -13.86
C PHE L 180 39.39 13.44 -12.65
N PRO L 181 38.60 13.55 -11.58
CA PRO L 181 38.71 12.46 -10.63
C PRO L 181 38.66 11.11 -11.28
N VAL L 182 39.60 10.23 -10.97
CA VAL L 182 39.53 8.89 -11.59
C VAL L 182 38.32 8.12 -11.10
N PRO L 183 37.94 7.07 -11.82
CA PRO L 183 36.80 6.25 -11.39
C PRO L 183 37.11 5.74 -9.98
N PRO L 184 36.08 5.41 -9.22
CA PRO L 184 34.66 5.48 -9.59
C PRO L 184 33.98 6.84 -9.57
N VAL L 185 34.66 7.91 -9.17
CA VAL L 185 34.00 9.22 -9.17
C VAL L 185 33.56 9.50 -10.60
N ASP L 186 34.43 9.22 -11.55
CA ASP L 186 34.11 9.39 -12.97
C ASP L 186 33.47 8.06 -13.35
N SER L 187 32.18 8.08 -13.66
CA SER L 187 31.47 6.86 -13.99
C SER L 187 31.39 6.57 -15.47
N ALA L 188 31.99 7.43 -16.29
CA ALA L 188 31.86 7.26 -17.73
C ALA L 188 33.06 6.86 -18.57
N GLN L 189 34.03 6.19 -17.98
CA GLN L 189 35.19 5.80 -18.76
C GLN L 189 34.83 4.83 -19.87
N ASP L 190 34.19 3.71 -19.53
CA ASP L 190 33.84 2.73 -20.54
C ASP L 190 32.98 3.32 -21.65
N ILE L 191 32.04 4.17 -21.29
CA ILE L 191 31.18 4.73 -22.31
C ILE L 191 31.90 5.73 -23.20
N ARG L 192 32.77 6.56 -22.62
CA ARG L 192 33.51 7.50 -23.44
C ARG L 192 34.37 6.73 -24.46
N SER L 193 34.95 5.62 -24.05
CA SER L 193 35.73 4.88 -25.02
C SER L 193 34.96 4.21 -26.12
N GLU L 194 33.78 3.68 -25.79
CA GLU L 194 32.95 3.06 -26.83
C GLU L 194 32.66 4.16 -27.83
N MET L 195 32.32 5.35 -27.34
CA MET L 195 32.02 6.45 -28.24
C MET L 195 33.22 6.70 -29.15
N CYS L 196 34.41 6.61 -28.57
CA CYS L 196 35.62 6.83 -29.35
C CYS L 196 35.79 5.76 -30.42
N LEU L 197 35.75 4.51 -30.01
CA LEU L 197 35.91 3.42 -30.95
C LEU L 197 34.90 3.52 -32.08
N VAL L 198 33.65 3.77 -31.73
CA VAL L 198 32.60 3.86 -32.73
C VAL L 198 32.81 5.06 -33.64
N MET L 199 33.22 6.18 -33.05
CA MET L 199 33.46 7.38 -33.85
C MET L 199 34.51 7.07 -34.90
N GLU L 200 35.55 6.36 -34.50
CA GLU L 200 36.59 6.02 -35.44
C GLU L 200 36.14 5.02 -36.48
N GLN L 201 35.28 4.08 -36.10
CA GLN L 201 34.77 3.12 -37.06
C GLN L 201 33.97 3.91 -38.11
N MET L 202 33.55 5.11 -37.75
CA MET L 202 32.79 5.93 -38.66
C MET L 202 33.60 7.01 -39.35
N GLY L 203 34.93 6.89 -39.28
CA GLY L 203 35.78 7.84 -39.97
C GLY L 203 36.35 9.02 -39.22
N LEU L 204 35.96 9.18 -37.97
CA LEU L 204 36.49 10.29 -37.21
C LEU L 204 37.81 9.84 -36.62
N VAL L 205 38.63 10.81 -36.23
CA VAL L 205 39.91 10.50 -35.61
C VAL L 205 39.87 11.15 -34.24
N VAL L 206 39.99 10.33 -33.22
CA VAL L 206 39.91 10.79 -31.86
C VAL L 206 41.23 11.16 -31.27
N GLU L 207 41.28 12.30 -30.59
CA GLU L 207 42.50 12.74 -29.95
C GLU L 207 42.50 12.52 -28.45
N ALA L 208 41.32 12.63 -27.83
CA ALA L 208 41.23 12.41 -26.40
C ALA L 208 39.79 12.37 -25.90
N HIS L 209 39.63 11.86 -24.69
CA HIS L 209 38.31 11.86 -24.07
C HIS L 209 38.50 12.00 -22.57
N HIS L 210 37.56 12.74 -21.99
CA HIS L 210 37.64 12.99 -20.57
C HIS L 210 36.31 13.50 -20.03
N HIS L 211 36.18 13.44 -18.72
CA HIS L 211 35.02 13.94 -18.04
C HIS L 211 35.16 15.46 -18.07
N GLU L 212 34.06 16.21 -18.12
CA GLU L 212 34.21 17.66 -18.11
C GLU L 212 33.96 18.19 -16.71
N VAL L 213 33.81 19.51 -16.56
CA VAL L 213 33.69 20.13 -15.25
C VAL L 213 32.43 19.86 -14.44
N ALA L 214 31.28 19.92 -15.07
CA ALA L 214 30.03 19.80 -14.32
C ALA L 214 29.75 18.45 -13.70
N THR L 215 29.02 18.47 -12.60
CA THR L 215 28.60 17.26 -11.93
C THR L 215 27.54 16.67 -12.87
N ALA L 216 27.03 15.50 -12.55
CA ALA L 216 25.96 14.95 -13.34
C ALA L 216 26.28 14.61 -14.80
N GLY L 217 27.48 14.13 -15.09
CA GLY L 217 27.80 13.62 -16.43
C GLY L 217 28.21 14.54 -17.57
N GLN L 218 28.90 15.63 -17.30
CA GLN L 218 29.37 16.38 -18.46
C GLN L 218 30.59 15.65 -18.96
N ASN L 219 30.69 15.46 -20.27
CA ASN L 219 31.80 14.71 -20.85
C ASN L 219 32.23 15.32 -22.16
N GLU L 220 33.38 14.89 -22.66
CA GLU L 220 33.89 15.39 -23.94
C GLU L 220 34.77 14.40 -24.67
N VAL L 221 34.55 14.29 -25.98
CA VAL L 221 35.36 13.48 -26.88
C VAL L 221 35.96 14.46 -27.88
N ALA L 222 37.28 14.57 -27.85
CA ALA L 222 37.99 15.47 -28.74
C ALA L 222 38.41 14.76 -30.00
N THR L 223 38.03 15.31 -31.13
CA THR L 223 38.36 14.73 -32.41
C THR L 223 39.28 15.65 -33.23
N ARG L 224 40.06 15.06 -34.15
CA ARG L 224 40.95 15.82 -35.01
C ARG L 224 40.16 16.66 -35.99
N PHE L 225 40.74 17.84 -36.27
CA PHE L 225 40.14 18.80 -37.18
C PHE L 225 40.03 18.16 -38.56
N ASN L 226 39.46 18.89 -39.50
CA ASN L 226 39.29 18.44 -40.87
C ASN L 226 38.84 19.67 -41.66
N THR L 227 38.72 19.52 -42.98
CA THR L 227 38.28 20.65 -43.79
C THR L 227 36.86 20.97 -43.37
N MET L 228 36.52 22.26 -43.42
CA MET L 228 35.21 22.75 -42.95
C MET L 228 34.00 21.83 -43.22
N THR L 229 33.58 21.66 -44.48
CA THR L 229 32.40 20.83 -44.70
C THR L 229 32.51 19.39 -44.20
N LYS L 230 33.68 18.78 -44.34
CA LYS L 230 33.83 17.40 -43.87
C LYS L 230 33.72 17.38 -42.32
N LYS L 231 34.12 18.47 -41.68
CA LYS L 231 34.07 18.51 -40.22
C LYS L 231 32.65 18.64 -39.72
N ALA L 232 31.83 19.42 -40.41
CA ALA L 232 30.43 19.58 -40.03
C ALA L 232 29.76 18.21 -40.18
N ASP L 233 30.16 17.47 -41.20
CA ASP L 233 29.64 16.13 -41.41
C ASP L 233 30.04 15.34 -40.16
N GLU L 234 31.32 15.44 -39.79
CA GLU L 234 31.81 14.75 -38.61
C GLU L 234 31.07 15.12 -37.34
N ILE L 235 30.65 16.37 -37.21
CA ILE L 235 29.91 16.81 -36.04
C ILE L 235 28.60 16.05 -35.96
N GLN L 236 27.91 15.95 -37.09
CA GLN L 236 26.65 15.23 -37.16
C GLN L 236 26.81 13.77 -36.75
N ILE L 237 27.88 13.15 -37.22
CA ILE L 237 28.19 11.75 -36.91
C ILE L 237 28.54 11.66 -35.44
N TYR L 238 29.31 12.62 -35.00
CA TYR L 238 29.72 12.70 -33.63
C TYR L 238 28.50 12.69 -32.71
N LYS L 239 27.57 13.60 -32.99
CA LYS L 239 26.35 13.68 -32.20
C LYS L 239 25.58 12.37 -32.26
N TYR L 240 25.51 11.81 -33.45
CA TYR L 240 24.80 10.58 -33.65
C TYR L 240 25.39 9.48 -32.79
N VAL L 241 26.71 9.37 -32.81
CA VAL L 241 27.35 8.34 -32.02
C VAL L 241 27.11 8.57 -30.54
N VAL L 242 27.29 9.81 -30.10
CA VAL L 242 27.08 10.14 -28.70
C VAL L 242 25.66 9.79 -28.27
N HIS L 243 24.68 10.26 -29.03
CA HIS L 243 23.28 10.02 -28.70
C HIS L 243 22.95 8.54 -28.64
N ASN L 244 23.41 7.80 -29.63
CA ASN L 244 23.10 6.39 -29.67
C ASN L 244 23.89 5.47 -28.77
N VAL L 245 25.16 5.80 -28.50
CA VAL L 245 25.90 4.95 -27.58
C VAL L 245 25.30 5.17 -26.20
N ALA L 246 24.95 6.42 -25.90
CA ALA L 246 24.34 6.73 -24.62
C ALA L 246 23.05 5.92 -24.46
N HIS L 247 22.21 5.95 -25.48
CA HIS L 247 20.95 5.23 -25.49
C HIS L 247 21.21 3.76 -25.24
N ARG L 248 22.19 3.18 -25.92
CA ARG L 248 22.50 1.78 -25.74
C ARG L 248 23.02 1.45 -24.35
N PHE L 249 23.58 2.45 -23.66
CA PHE L 249 24.10 2.22 -22.32
C PHE L 249 23.08 2.56 -21.25
N GLY L 250 21.87 2.89 -21.66
CA GLY L 250 20.85 3.22 -20.69
C GLY L 250 20.92 4.66 -20.24
N LYS L 251 21.57 5.52 -21.03
CA LYS L 251 21.64 6.92 -20.67
C LYS L 251 20.93 7.74 -21.74
N THR L 252 21.01 9.05 -21.60
CA THR L 252 20.42 9.94 -22.57
C THR L 252 21.35 11.13 -22.62
N ALA L 253 21.82 11.47 -23.82
CA ALA L 253 22.74 12.58 -23.95
C ALA L 253 22.12 13.82 -24.52
N THR L 254 22.63 14.97 -24.10
CA THR L 254 22.14 16.21 -24.66
C THR L 254 23.28 17.19 -24.98
N PHE L 255 23.13 17.89 -26.09
CA PHE L 255 24.10 18.89 -26.48
C PHE L 255 23.58 20.28 -26.16
N MET L 256 22.53 20.38 -25.35
CA MET L 256 21.99 21.69 -24.96
C MET L 256 23.14 22.45 -24.33
N PRO L 257 23.19 23.76 -24.55
CA PRO L 257 24.29 24.49 -23.94
C PRO L 257 24.29 24.71 -22.43
N LYS L 258 23.12 24.92 -21.81
CA LYS L 258 23.08 25.12 -20.37
C LYS L 258 21.89 24.40 -19.75
N PRO L 259 22.05 23.09 -19.45
CA PRO L 259 20.90 22.40 -18.86
C PRO L 259 20.73 22.71 -17.38
N MET L 260 21.81 23.14 -16.73
CA MET L 260 21.72 23.44 -15.30
C MET L 260 22.26 24.79 -14.88
N PHE L 261 21.47 25.44 -14.04
CA PHE L 261 21.93 26.70 -13.51
C PHE L 261 22.88 26.37 -12.35
N GLY L 262 24.06 26.97 -12.29
CA GLY L 262 24.92 26.67 -11.16
C GLY L 262 26.12 25.81 -11.46
N ASP L 263 26.17 25.26 -12.66
CA ASP L 263 27.31 24.46 -13.05
C ASP L 263 27.55 24.73 -14.51
N ASN L 264 28.70 24.28 -14.97
CA ASN L 264 29.15 24.45 -16.34
C ASN L 264 28.13 24.20 -17.42
N GLY L 265 28.23 24.96 -18.49
CA GLY L 265 27.36 24.75 -19.63
C GLY L 265 28.23 23.95 -20.59
N SER L 266 27.73 23.66 -21.78
CA SER L 266 28.53 22.92 -22.75
C SER L 266 28.82 23.87 -23.88
N GLY L 267 30.09 23.98 -24.25
CA GLY L 267 30.48 24.86 -25.33
C GLY L 267 31.03 24.06 -26.49
N MET L 268 31.26 24.74 -27.60
CA MET L 268 31.85 24.08 -28.76
C MET L 268 32.87 25.04 -29.34
N HIS L 269 34.02 25.12 -28.70
CA HIS L 269 35.10 25.97 -29.17
C HIS L 269 35.44 25.58 -30.59
N CYS L 270 35.78 26.57 -31.41
CA CYS L 270 36.15 26.28 -32.77
C CYS L 270 37.54 26.80 -33.12
N HIS L 271 38.43 25.85 -33.36
CA HIS L 271 39.79 26.17 -33.76
C HIS L 271 39.74 26.29 -35.27
N MET L 272 40.35 27.34 -35.80
CA MET L 272 40.37 27.58 -37.24
C MET L 272 41.73 28.06 -37.74
N SER L 273 41.97 27.84 -39.02
CA SER L 273 43.19 28.26 -39.69
C SER L 273 42.96 28.07 -41.17
N LEU L 274 43.70 28.80 -41.99
CA LEU L 274 43.58 28.71 -43.44
C LEU L 274 44.85 28.14 -44.04
N ALA L 275 44.75 27.62 -45.25
CA ALA L 275 45.92 27.07 -45.90
C ALA L 275 45.89 27.15 -47.42
N LYS L 276 47.09 27.17 -48.00
CA LYS L 276 47.27 27.20 -49.44
C LYS L 276 48.50 26.37 -49.76
N ASN L 277 48.34 25.46 -50.73
CA ASN L 277 49.39 24.56 -51.19
C ASN L 277 50.20 24.04 -50.00
N GLY L 278 49.49 23.46 -49.04
CA GLY L 278 50.14 22.90 -47.88
C GLY L 278 50.78 23.80 -46.82
N THR L 279 50.80 25.10 -47.02
CA THR L 279 51.39 25.97 -46.00
C THR L 279 50.30 26.65 -45.15
N ASN L 280 50.59 26.82 -43.86
CA ASN L 280 49.64 27.43 -42.95
C ASN L 280 49.63 28.96 -43.02
N LEU L 281 48.67 29.50 -43.76
CA LEU L 281 48.52 30.94 -43.92
C LEU L 281 48.34 31.75 -42.63
N PHE L 282 48.28 31.07 -41.48
CA PHE L 282 48.11 31.76 -40.21
C PHE L 282 49.37 31.95 -39.38
N SER L 283 50.48 31.30 -39.77
CA SER L 283 51.73 31.47 -39.02
C SER L 283 52.45 32.71 -39.55
N GLY L 284 53.10 33.43 -38.63
CA GLY L 284 53.81 34.64 -39.03
C GLY L 284 54.70 35.18 -37.93
N ASP L 285 55.13 36.43 -38.08
CA ASP L 285 56.01 37.09 -37.12
C ASP L 285 55.27 38.00 -36.14
N LYS L 286 53.99 38.25 -36.43
CA LYS L 286 53.14 39.10 -35.59
C LYS L 286 52.83 38.40 -34.25
N TYR L 287 51.92 38.98 -33.47
CA TYR L 287 51.53 38.44 -32.15
C TYR L 287 51.38 36.92 -32.02
N ALA L 288 52.01 36.37 -31.00
CA ALA L 288 51.94 34.94 -30.71
C ALA L 288 52.20 33.95 -31.86
N GLY L 289 52.91 34.41 -32.90
CA GLY L 289 53.23 33.54 -34.01
C GLY L 289 52.24 33.60 -35.15
N LEU L 290 51.40 34.63 -35.14
CA LEU L 290 50.37 34.82 -36.17
C LEU L 290 50.77 35.60 -37.40
N SER L 291 50.06 35.35 -38.50
CA SER L 291 50.26 36.05 -39.77
C SER L 291 49.33 37.27 -39.68
N GLU L 292 49.52 38.27 -40.53
CA GLU L 292 48.63 39.42 -40.44
C GLU L 292 47.28 39.03 -40.99
N GLN L 293 47.25 37.92 -41.74
CA GLN L 293 46.02 37.41 -42.32
C GLN L 293 45.11 36.91 -41.19
N ALA L 294 45.72 36.20 -40.24
CA ALA L 294 45.03 35.67 -39.08
C ALA L 294 44.36 36.80 -38.31
N LEU L 295 45.09 37.88 -38.13
CA LEU L 295 44.60 39.04 -37.41
C LEU L 295 43.40 39.67 -38.10
N TYR L 296 43.43 39.75 -39.44
CA TYR L 296 42.30 40.33 -40.17
C TYR L 296 41.10 39.41 -39.99
N TYR L 297 41.38 38.11 -40.01
CA TYR L 297 40.35 37.09 -39.83
C TYR L 297 39.69 37.35 -38.48
N ILE L 298 40.51 37.46 -37.44
CA ILE L 298 40.02 37.73 -36.10
C ILE L 298 39.17 38.99 -36.08
N GLY L 299 39.65 40.00 -36.77
CA GLY L 299 38.95 41.26 -36.81
C GLY L 299 37.58 41.06 -37.42
N GLY L 300 37.51 40.21 -38.44
CA GLY L 300 36.25 39.92 -39.08
C GLY L 300 35.27 39.26 -38.12
N VAL L 301 35.77 38.24 -37.43
CA VAL L 301 34.97 37.49 -36.46
C VAL L 301 34.45 38.46 -35.40
N ILE L 302 35.31 39.35 -34.93
CA ILE L 302 34.89 40.30 -33.92
C ILE L 302 33.88 41.30 -34.47
N LYS L 303 34.07 41.75 -35.70
CA LYS L 303 33.16 42.72 -36.27
C LYS L 303 31.77 42.14 -36.40
N HIS L 304 31.69 40.89 -36.87
CA HIS L 304 30.40 40.23 -37.07
C HIS L 304 29.96 39.21 -35.99
N ALA L 305 30.57 39.31 -34.82
CA ALA L 305 30.27 38.39 -33.73
C ALA L 305 28.77 38.23 -33.44
N LYS L 306 28.07 39.33 -33.19
CA LYS L 306 26.65 39.23 -32.90
C LYS L 306 25.85 38.50 -33.99
N ALA L 307 26.24 38.65 -35.24
CA ALA L 307 25.50 37.96 -36.29
C ALA L 307 25.88 36.49 -36.29
N ILE L 308 27.16 36.21 -36.02
CA ILE L 308 27.60 34.82 -35.99
C ILE L 308 26.87 34.09 -34.86
N ASN L 309 26.61 34.81 -33.78
CA ASN L 309 25.92 34.26 -32.63
C ASN L 309 24.61 33.60 -33.02
N ALA L 310 23.89 34.21 -33.96
CA ALA L 310 22.62 33.69 -34.42
C ALA L 310 22.75 32.29 -35.00
N LEU L 311 23.97 31.88 -35.31
CA LEU L 311 24.20 30.56 -35.87
C LEU L 311 25.02 29.67 -34.95
N ALA L 312 25.89 30.30 -34.17
CA ALA L 312 26.76 29.58 -33.26
C ALA L 312 26.17 29.40 -31.88
N ASN L 313 25.11 30.13 -31.59
CA ASN L 313 24.41 30.10 -30.31
C ASN L 313 22.97 30.38 -30.73
N PRO L 314 22.36 29.43 -31.44
CA PRO L 314 21.00 29.54 -31.96
C PRO L 314 19.83 29.24 -31.07
N THR L 315 20.06 29.16 -29.76
CA THR L 315 18.97 28.83 -28.85
C THR L 315 18.91 29.86 -27.74
N THR L 316 17.74 30.06 -27.15
CA THR L 316 17.64 30.99 -26.03
C THR L 316 18.53 30.46 -24.90
N ASN L 317 18.58 29.13 -24.80
CA ASN L 317 19.36 28.46 -23.77
C ASN L 317 20.83 28.81 -23.91
N SER L 318 21.29 29.03 -25.14
CA SER L 318 22.68 29.37 -25.41
C SER L 318 23.15 30.54 -24.57
N TYR L 319 22.22 31.49 -24.35
CA TYR L 319 22.53 32.72 -23.63
C TYR L 319 22.48 32.49 -22.13
N LYS L 320 22.22 31.30 -21.69
CA LYS L 320 22.25 31.10 -20.26
C LYS L 320 23.65 30.62 -19.88
N ARG L 321 24.45 30.33 -20.91
CA ARG L 321 25.86 29.93 -20.78
C ARG L 321 26.73 31.18 -20.94
N LEU L 322 26.32 32.04 -21.86
CA LEU L 322 27.01 33.30 -22.14
C LEU L 322 26.42 34.38 -21.27
N VAL L 323 26.84 34.38 -20.01
CA VAL L 323 26.38 35.38 -19.07
C VAL L 323 27.58 35.89 -18.32
N PRO L 324 27.46 37.18 -17.90
CA PRO L 324 28.56 37.73 -17.13
C PRO L 324 29.02 36.82 -16.03
N GLY L 325 29.94 35.90 -16.40
CA GLY L 325 30.53 34.99 -15.46
C GLY L 325 32.03 35.17 -15.58
N TYR L 326 32.81 34.43 -14.81
CA TYR L 326 34.27 34.65 -14.91
C TYR L 326 34.88 34.09 -16.18
N GLU L 327 34.63 32.80 -16.40
CA GLU L 327 35.15 32.10 -17.55
C GLU L 327 34.27 32.23 -18.78
N ALA L 328 33.21 33.01 -18.68
CA ALA L 328 32.29 33.22 -19.79
C ALA L 328 33.05 33.84 -20.98
N PRO L 329 33.12 33.10 -22.09
CA PRO L 329 33.79 33.49 -23.33
C PRO L 329 33.01 34.58 -24.01
N VAL L 330 32.70 35.65 -23.29
CA VAL L 330 31.89 36.72 -23.88
C VAL L 330 32.57 38.01 -24.34
N MET L 331 33.82 38.22 -23.94
CA MET L 331 34.53 39.44 -24.32
C MET L 331 35.10 39.29 -25.71
N LEU L 332 34.65 40.14 -26.63
CA LEU L 332 35.12 40.12 -28.02
C LEU L 332 36.56 40.62 -28.15
N ALA L 333 37.51 39.75 -27.84
CA ALA L 333 38.91 40.08 -27.90
C ALA L 333 39.76 38.83 -28.05
N TYR L 334 41.05 39.02 -28.31
CA TYR L 334 41.94 37.88 -28.44
C TYR L 334 43.07 37.97 -27.43
N SER L 335 43.66 36.83 -27.15
CA SER L 335 44.76 36.71 -26.21
C SER L 335 45.21 35.28 -26.20
N ALA L 336 46.43 35.06 -25.74
CA ALA L 336 47.00 33.72 -25.69
C ALA L 336 46.90 33.17 -24.29
N ARG L 337 46.41 34.02 -23.39
CA ARG L 337 46.27 33.62 -22.00
C ARG L 337 44.91 33.93 -21.40
N ASN L 338 44.56 35.21 -21.35
CA ASN L 338 43.30 35.67 -20.78
C ASN L 338 42.09 34.84 -21.23
N ARG L 339 41.66 33.90 -20.39
CA ARG L 339 40.50 33.08 -20.75
C ARG L 339 39.18 33.75 -20.39
N SER L 340 39.14 35.05 -20.72
CA SER L 340 37.97 35.91 -20.55
C SER L 340 37.62 36.25 -21.99
N ALA L 341 38.67 36.20 -22.80
CA ALA L 341 38.62 36.47 -24.23
C ALA L 341 37.96 35.33 -24.97
N SER L 342 36.97 35.68 -25.80
CA SER L 342 36.26 34.69 -26.60
C SER L 342 37.12 34.15 -27.73
N ILE L 343 38.30 34.73 -27.92
CA ILE L 343 39.22 34.26 -28.95
C ILE L 343 40.57 33.98 -28.31
N ARG L 344 40.89 32.69 -28.13
CA ARG L 344 42.18 32.31 -27.57
C ARG L 344 43.15 32.01 -28.68
N ILE L 345 44.41 32.29 -28.42
CA ILE L 345 45.46 31.96 -29.37
C ILE L 345 46.29 30.90 -28.70
N PRO L 346 46.15 29.66 -29.18
CA PRO L 346 46.89 28.50 -28.67
C PRO L 346 48.35 28.79 -28.84
N VAL L 347 49.14 28.53 -27.80
CA VAL L 347 50.57 28.74 -27.92
C VAL L 347 51.10 27.36 -28.25
N VAL L 348 51.63 27.23 -29.45
CA VAL L 348 52.18 25.96 -29.91
C VAL L 348 53.53 26.21 -30.60
N ALA L 349 54.39 25.20 -30.62
CA ALA L 349 55.72 25.32 -31.21
C ALA L 349 55.73 25.34 -32.73
N SER L 350 55.34 24.23 -33.35
CA SER L 350 55.32 24.14 -34.80
C SER L 350 54.44 25.20 -35.44
N PRO L 351 55.01 26.03 -36.32
CA PRO L 351 54.21 27.06 -36.96
C PRO L 351 53.15 26.42 -37.86
N LYS L 352 53.32 25.12 -38.14
CA LYS L 352 52.38 24.39 -38.97
C LYS L 352 51.03 24.24 -38.27
N ALA L 353 51.04 24.39 -36.94
CA ALA L 353 49.85 24.24 -36.13
C ALA L 353 49.29 25.55 -35.55
N ARG L 354 49.75 26.69 -36.07
CA ARG L 354 49.28 28.00 -35.61
C ARG L 354 47.82 28.17 -36.05
N ARG L 355 46.97 28.67 -35.15
CA ARG L 355 45.54 28.83 -35.44
C ARG L 355 44.85 29.70 -34.38
N ILE L 356 43.55 29.97 -34.56
CA ILE L 356 42.80 30.73 -33.55
C ILE L 356 41.68 29.87 -32.99
N GLU L 357 41.28 30.14 -31.75
CA GLU L 357 40.19 29.40 -31.12
C GLU L 357 39.05 30.33 -30.74
N VAL L 358 37.95 30.27 -31.49
CA VAL L 358 36.79 31.09 -31.17
C VAL L 358 35.97 30.27 -30.16
N ARG L 359 35.89 30.76 -28.96
CA ARG L 359 35.28 30.05 -27.85
C ARG L 359 33.77 30.15 -27.60
N PHE L 360 33.04 31.10 -28.21
CA PHE L 360 31.62 31.26 -27.81
C PHE L 360 30.58 30.28 -28.42
N PRO L 361 30.89 29.69 -29.55
CA PRO L 361 29.94 28.67 -30.10
C PRO L 361 29.47 27.61 -29.12
N ASP L 362 28.28 27.05 -29.29
CA ASP L 362 27.87 25.93 -28.44
C ASP L 362 27.43 24.79 -29.35
N PRO L 363 27.32 23.58 -28.81
CA PRO L 363 26.93 22.42 -29.63
C PRO L 363 25.57 22.44 -30.27
N ALA L 364 24.73 23.40 -29.91
CA ALA L 364 23.39 23.46 -30.50
C ALA L 364 23.46 24.02 -31.91
N ALA L 365 24.59 24.64 -32.20
CA ALA L 365 24.77 25.26 -33.50
C ALA L 365 24.75 24.31 -34.66
N ASN L 366 24.12 24.72 -35.75
CA ASN L 366 24.12 23.98 -37.00
C ASN L 366 25.58 23.94 -37.46
N PRO L 367 26.18 22.73 -37.67
CA PRO L 367 27.60 22.72 -38.06
C PRO L 367 27.93 23.65 -39.21
N TYR L 368 27.22 23.28 -40.24
CA TYR L 368 27.33 23.94 -41.51
C TYR L 368 27.20 25.44 -41.43
N LEU L 369 26.06 25.90 -40.97
CA LEU L 369 25.85 27.33 -40.93
C LEU L 369 26.78 28.05 -39.97
N CYS L 370 27.12 27.40 -38.87
CA CYS L 370 27.98 28.04 -37.87
C CYS L 370 29.37 28.19 -38.44
N PHE L 371 29.91 27.09 -38.98
CA PHE L 371 31.23 27.15 -39.56
C PHE L 371 31.29 28.15 -40.70
N ALA L 372 30.32 28.08 -41.60
CA ALA L 372 30.25 28.99 -42.74
C ALA L 372 30.28 30.45 -42.30
N ALA L 373 29.43 30.82 -41.35
CA ALA L 373 29.36 32.19 -40.87
C ALA L 373 30.69 32.61 -40.25
N LEU L 374 31.39 31.68 -39.62
CA LEU L 374 32.68 31.99 -39.02
C LEU L 374 33.66 32.34 -40.13
N LEU L 375 33.65 31.56 -41.21
CA LEU L 375 34.53 31.76 -42.36
C LEU L 375 34.28 33.08 -43.03
N MET L 376 33.06 33.28 -43.50
CA MET L 376 32.66 34.50 -44.17
C MET L 376 33.03 35.75 -43.38
N ALA L 377 32.89 35.69 -42.06
CA ALA L 377 33.24 36.84 -41.23
C ALA L 377 34.75 37.02 -41.29
N GLY L 378 35.48 35.90 -41.28
CA GLY L 378 36.92 35.95 -41.33
C GLY L 378 37.43 36.53 -42.64
N LEU L 379 36.85 36.07 -43.74
CA LEU L 379 37.20 36.55 -45.08
C LEU L 379 36.91 38.03 -45.23
N ASP L 380 35.76 38.45 -44.75
CA ASP L 380 35.42 39.85 -44.84
C ASP L 380 36.38 40.66 -43.99
N GLY L 381 37.02 40.01 -43.02
CA GLY L 381 37.95 40.68 -42.15
C GLY L 381 39.24 40.89 -42.91
N ILE L 382 39.53 39.94 -43.79
CA ILE L 382 40.72 39.97 -44.63
C ILE L 382 40.53 40.93 -45.78
N LYS L 383 39.56 40.65 -46.65
CA LYS L 383 39.26 41.49 -47.80
C LYS L 383 39.30 42.96 -47.40
N ASN L 384 38.78 43.28 -46.22
CA ASN L 384 38.74 44.67 -45.77
C ASN L 384 39.78 45.03 -44.71
N LYS L 385 40.83 44.21 -44.63
CA LYS L 385 41.94 44.44 -43.68
C LYS L 385 41.51 45.03 -42.35
N ILE L 386 40.52 44.39 -41.74
CA ILE L 386 39.97 44.84 -40.47
C ILE L 386 40.92 44.52 -39.34
N HIS L 387 41.58 45.55 -38.81
CA HIS L 387 42.49 45.30 -37.73
C HIS L 387 41.74 45.14 -36.42
N PRO L 388 42.17 44.05 -35.79
CA PRO L 388 41.83 43.55 -34.42
C PRO L 388 41.97 44.49 -33.22
N GLY L 389 42.94 45.37 -33.34
CA GLY L 389 43.28 46.26 -32.28
C GLY L 389 44.29 45.46 -31.49
N GLU L 390 44.54 45.86 -30.25
CA GLU L 390 45.49 45.15 -29.40
C GLU L 390 44.82 44.06 -28.54
N PRO L 391 45.60 43.00 -28.21
CA PRO L 391 45.13 41.85 -27.42
C PRO L 391 44.81 42.23 -25.97
N MET L 392 43.75 41.65 -25.43
CA MET L 392 43.38 41.88 -24.03
C MET L 392 44.09 40.85 -23.17
N ASP L 393 44.95 41.31 -22.27
CA ASP L 393 45.67 40.40 -21.40
C ASP L 393 45.39 40.72 -19.93
N LYS L 394 44.48 41.67 -19.70
CA LYS L 394 44.10 42.12 -18.35
C LYS L 394 43.20 41.13 -17.59
N ASN L 395 41.89 41.33 -17.66
CA ASN L 395 40.92 40.45 -16.99
C ASN L 395 39.54 40.48 -17.66
N LEU L 396 38.59 39.70 -17.09
CA LEU L 396 37.30 39.40 -17.71
C LEU L 396 36.27 40.53 -17.50
N TYR L 397 35.10 40.07 -17.14
CA TYR L 397 34.00 41.02 -16.94
C TYR L 397 33.89 41.54 -15.55
N ASP L 398 34.53 40.96 -14.59
CA ASP L 398 34.25 41.56 -13.30
C ASP L 398 35.56 42.18 -12.92
N LEU L 399 35.57 43.41 -12.47
CA LEU L 399 36.87 43.87 -12.18
C LEU L 399 37.80 43.22 -13.14
N PRO L 400 37.95 43.73 -14.31
CA PRO L 400 37.80 45.09 -14.74
C PRO L 400 36.75 45.96 -14.01
N PRO L 401 35.46 46.13 -14.51
CA PRO L 401 34.42 47.05 -14.14
C PRO L 401 34.90 48.48 -13.84
N GLU L 402 36.06 48.87 -14.34
CA GLU L 402 36.76 50.16 -14.18
C GLU L 402 36.07 51.25 -15.02
N GLU L 403 36.21 51.11 -16.34
CA GLU L 403 35.62 52.01 -17.32
C GLU L 403 34.23 51.45 -17.70
N ALA L 404 33.61 50.76 -16.72
CA ALA L 404 32.31 50.08 -16.85
C ALA L 404 32.55 48.91 -17.82
N LYS L 405 33.82 48.79 -18.21
CA LYS L 405 34.37 47.79 -19.13
C LYS L 405 33.52 47.44 -20.35
N GLU L 406 32.93 48.46 -20.95
CA GLU L 406 32.11 48.24 -22.13
C GLU L 406 32.95 48.15 -23.40
N ILE L 407 33.62 47.00 -23.53
CA ILE L 407 34.42 46.69 -24.71
C ILE L 407 33.48 45.78 -25.55
N PRO L 408 33.89 45.32 -26.70
CA PRO L 408 33.04 44.41 -27.46
C PRO L 408 32.34 43.26 -26.77
N GLN L 409 31.08 43.02 -26.97
CA GLN L 409 30.69 41.71 -26.45
C GLN L 409 29.73 40.95 -27.34
N VAL L 410 29.66 39.63 -27.16
CA VAL L 410 28.75 38.78 -27.93
C VAL L 410 27.32 39.16 -27.57
N ALA L 411 26.38 38.75 -28.42
CA ALA L 411 24.97 39.06 -28.19
C ALA L 411 24.54 38.56 -26.80
N GLY L 412 23.62 39.27 -26.16
CA GLY L 412 23.18 38.86 -24.84
C GLY L 412 21.87 38.10 -24.79
N SER L 413 21.28 37.90 -25.95
CA SER L 413 20.01 37.20 -26.07
C SER L 413 19.88 36.72 -27.49
N LEU L 414 19.03 35.73 -27.72
CA LEU L 414 18.85 35.21 -29.07
C LEU L 414 18.28 36.27 -30.01
N GLU L 415 17.29 37.01 -29.55
CA GLU L 415 16.64 38.03 -30.37
C GLU L 415 17.64 39.03 -30.87
N GLU L 416 18.51 39.46 -29.97
CA GLU L 416 19.54 40.42 -30.28
C GLU L 416 20.44 39.86 -31.37
N ALA L 417 20.77 38.59 -31.25
CA ALA L 417 21.63 37.93 -32.22
C ALA L 417 20.92 37.81 -33.56
N LEU L 418 19.63 37.50 -33.52
CA LEU L 418 18.87 37.36 -34.75
C LEU L 418 18.79 38.70 -35.42
N ASN L 419 18.57 39.75 -34.63
CA ASN L 419 18.49 41.08 -35.20
C ASN L 419 19.82 41.49 -35.85
N ALA L 420 20.93 41.14 -35.20
CA ALA L 420 22.24 41.45 -35.74
C ALA L 420 22.41 40.75 -37.08
N LEU L 421 22.03 39.49 -37.12
CA LEU L 421 22.11 38.71 -38.34
C LEU L 421 21.29 39.39 -39.41
N ASP L 422 20.14 39.93 -39.03
CA ASP L 422 19.27 40.60 -39.99
C ASP L 422 19.99 41.75 -40.65
N LEU L 423 20.43 42.69 -39.84
CA LEU L 423 21.12 43.89 -40.28
C LEU L 423 22.49 43.66 -40.90
N ASP L 424 23.31 42.87 -40.23
CA ASP L 424 24.66 42.60 -40.67
C ASP L 424 24.82 41.39 -41.57
N ARG L 425 23.90 41.23 -42.52
CA ARG L 425 23.94 40.09 -43.44
C ARG L 425 24.82 40.17 -44.68
N GLU L 426 25.31 41.35 -45.04
CA GLU L 426 26.11 41.45 -46.25
C GLU L 426 27.28 40.48 -46.33
N PHE L 427 28.10 40.43 -45.29
CA PHE L 427 29.26 39.55 -45.31
C PHE L 427 28.94 38.09 -45.58
N LEU L 428 27.68 37.70 -45.35
CA LEU L 428 27.23 36.33 -45.56
C LEU L 428 26.74 36.13 -46.99
N LYS L 429 26.16 37.17 -47.57
CA LYS L 429 25.64 37.12 -48.94
C LYS L 429 26.76 37.15 -49.99
N ALA L 430 27.95 37.56 -49.54
CA ALA L 430 29.12 37.63 -50.40
C ALA L 430 29.30 36.31 -51.12
N GLY L 431 29.65 36.38 -52.39
CA GLY L 431 29.85 35.17 -53.16
C GLY L 431 28.56 34.40 -53.39
N GLY L 432 27.41 34.96 -53.01
CA GLY L 432 26.14 34.28 -53.19
C GLY L 432 25.97 33.02 -52.35
N VAL L 433 26.76 32.94 -51.27
CA VAL L 433 26.75 31.82 -50.33
C VAL L 433 25.41 31.75 -49.59
N PHE L 434 25.06 32.84 -48.91
CA PHE L 434 23.79 32.94 -48.21
C PHE L 434 22.84 33.87 -48.97
N THR L 435 21.61 33.43 -49.20
CA THR L 435 20.65 34.28 -49.87
C THR L 435 19.80 34.97 -48.79
N ASP L 436 19.14 36.07 -49.14
CA ASP L 436 18.30 36.77 -48.18
C ASP L 436 17.20 35.85 -47.71
N GLU L 437 16.61 35.12 -48.66
CA GLU L 437 15.53 34.20 -48.35
C GLU L 437 15.93 33.16 -47.31
N ALA L 438 17.12 32.60 -47.48
CA ALA L 438 17.62 31.61 -46.54
C ALA L 438 17.73 32.25 -45.16
N ILE L 439 18.42 33.38 -45.11
CA ILE L 439 18.61 34.10 -43.86
C ILE L 439 17.29 34.47 -43.19
N ASP L 440 16.35 35.00 -43.96
CA ASP L 440 15.07 35.40 -43.41
C ASP L 440 14.26 34.20 -42.87
N ALA L 441 14.43 33.06 -43.53
CA ALA L 441 13.71 31.84 -43.16
C ALA L 441 14.27 31.31 -41.87
N TYR L 442 15.60 31.33 -41.76
CA TYR L 442 16.29 30.87 -40.56
C TYR L 442 15.85 31.71 -39.39
N ILE L 443 15.86 33.03 -39.58
CA ILE L 443 15.46 33.96 -38.53
C ILE L 443 14.04 33.70 -38.09
N ALA L 444 13.18 33.39 -39.05
CA ALA L 444 11.78 33.16 -38.72
C ALA L 444 11.60 31.88 -37.88
N LEU L 445 12.39 30.86 -38.20
CA LEU L 445 12.32 29.61 -37.47
C LEU L 445 12.71 29.83 -36.02
N ARG L 446 13.79 30.57 -35.83
CA ARG L 446 14.27 30.84 -34.48
C ARG L 446 13.41 31.82 -33.70
N ARG L 447 12.72 32.71 -34.38
CA ARG L 447 11.91 33.68 -33.64
C ARG L 447 10.70 33.04 -33.00
N GLU L 448 10.27 31.96 -33.64
CA GLU L 448 9.14 31.17 -33.21
C GLU L 448 9.57 30.47 -31.92
N GLU L 449 10.82 30.01 -31.91
CA GLU L 449 11.37 29.35 -30.73
C GLU L 449 11.56 30.39 -29.64
N ASP L 450 12.15 31.53 -29.99
CA ASP L 450 12.38 32.58 -29.03
C ASP L 450 11.05 32.99 -28.36
N ASP L 451 9.98 32.94 -29.13
CA ASP L 451 8.66 33.34 -28.61
C ASP L 451 8.10 32.43 -27.54
N ARG L 452 8.32 31.13 -27.70
CA ARG L 452 7.84 30.16 -26.74
C ARG L 452 8.43 30.49 -25.39
N VAL L 453 9.72 30.73 -25.38
CA VAL L 453 10.39 31.02 -24.14
C VAL L 453 10.01 32.39 -23.59
N ARG L 454 9.84 33.39 -24.46
CA ARG L 454 9.48 34.72 -23.97
C ARG L 454 8.07 34.79 -23.43
N MET L 455 7.18 34.01 -24.03
CA MET L 455 5.78 34.03 -23.64
C MET L 455 5.33 33.10 -22.53
N THR L 456 6.10 32.05 -22.25
CA THR L 456 5.72 31.09 -21.21
C THR L 456 6.24 31.46 -19.84
N PRO L 457 5.35 31.58 -18.83
CA PRO L 457 5.82 31.93 -17.49
C PRO L 457 6.93 31.01 -17.04
N HIS L 458 7.92 31.59 -16.38
CA HIS L 458 9.07 30.84 -15.90
C HIS L 458 8.91 30.53 -14.43
N PRO L 459 9.23 29.29 -14.02
CA PRO L 459 9.12 28.90 -12.61
C PRO L 459 9.67 29.93 -11.65
N VAL L 460 10.83 30.50 -12.00
CA VAL L 460 11.48 31.49 -11.15
C VAL L 460 10.64 32.77 -10.98
N GLU L 461 9.78 33.04 -11.95
CA GLU L 461 8.94 34.21 -11.86
C GLU L 461 7.97 34.09 -10.72
N PHE L 462 7.63 32.85 -10.36
CA PHE L 462 6.71 32.61 -9.23
C PHE L 462 7.43 32.86 -7.92
N GLU L 463 8.66 32.40 -7.84
CA GLU L 463 9.47 32.59 -6.68
C GLU L 463 9.63 34.09 -6.44
N LEU L 464 9.94 34.80 -7.51
CA LEU L 464 10.17 36.25 -7.49
C LEU L 464 8.91 37.10 -7.37
N TYR L 465 7.81 36.73 -8.04
CA TYR L 465 6.65 37.61 -8.03
C TYR L 465 5.31 37.02 -7.58
N TYR L 466 5.19 35.78 -7.13
CA TYR L 466 3.86 35.30 -6.76
C TYR L 466 3.18 36.14 -5.65
N SER L 467 3.99 36.57 -4.68
CA SER L 467 3.51 37.35 -3.53
C SER L 467 3.53 38.85 -3.73
N VAL L 468 3.64 39.25 -4.98
CA VAL L 468 3.68 40.65 -5.32
C VAL L 468 2.43 41.40 -4.92
#